data_4FMJ
#
_entry.id   4FMJ
#
_cell.length_a   84.660
_cell.length_b   130.150
_cell.length_c   165.530
_cell.angle_alpha   98.04
_cell.angle_beta   101.02
_cell.angle_gamma   105.81
#
_symmetry.space_group_name_H-M   'P 1'
#
loop_
_entity.id
_entity.type
_entity.pdbx_description
1 polymer VP1
2 branched 'N-acetyl-alpha-neuraminic acid-(2-3)-beta-D-galactopyranose'
3 non-polymer GLYCEROL
4 non-polymer 'CHLORIDE ION'
5 non-polymer 'N-acetyl-alpha-neuraminic acid'
6 water water
#
_entity_poly.entity_id   1
_entity_poly.type   'polypeptide(L)'
_entity_poly.pdbx_seq_one_letter_code
;GSHMLEGGVEVLSVVTGEDSITQIELYLNPRMGVNSPDLPTTSNWYTYTYDLQPKGSSPDQPIKENLPAYSVARVSLPML
NEDITCDTLQMWEAISVKTEVVGISSLINVHYWDMKRVHDYGAGIPVSGVNYHMFAIGGEPLDLQGLVLDYQTQYPKTTN
GGPITIETVLGRKMTPKNQGLDPQAKAKLDKDGNYPIEVWCPDPSKNENSRYYGSIQTGSQTPTVLQFSNTLTTVLLDEN
GVGPLCKGDGLFISCADIVGFLFKTSGKMALHGLPRYFNVTLRKRWVKN
;
_entity_poly.pdbx_strand_id   A,B,C,D,E,F,G,H,I,J,K,L,M,N,O,P,Q,R,S,T
#
# COMPACT_ATOMS: atom_id res chain seq x y z
N GLU A 10 36.53 -62.27 28.64
CA GLU A 10 36.18 -61.59 29.91
C GLU A 10 37.37 -60.80 30.46
N VAL A 11 37.12 -59.54 30.80
CA VAL A 11 38.18 -58.58 31.18
C VAL A 11 38.58 -58.64 32.66
N LEU A 12 39.88 -58.76 32.90
CA LEU A 12 40.42 -58.71 34.25
C LEU A 12 41.08 -57.36 34.56
N SER A 13 42.20 -57.40 35.27
CA SER A 13 42.84 -56.18 35.78
C SER A 13 43.90 -55.61 34.84
N VAL A 14 44.05 -54.29 34.88
CA VAL A 14 45.10 -53.57 34.17
C VAL A 14 46.48 -54.02 34.68
N VAL A 15 47.38 -54.29 33.74
CA VAL A 15 48.73 -54.73 34.07
C VAL A 15 49.55 -53.59 34.68
N THR A 16 50.04 -53.82 35.90
CA THR A 16 50.91 -52.86 36.56
C THR A 16 52.36 -53.30 36.37
N GLY A 17 53.10 -52.50 35.59
CA GLY A 17 54.48 -52.82 35.24
C GLY A 17 55.22 -51.63 34.69
N GLU A 18 56.51 -51.82 34.38
CA GLU A 18 57.36 -50.75 33.89
C GLU A 18 56.93 -50.27 32.50
N ASP A 19 56.92 -51.20 31.55
CA ASP A 19 56.68 -50.88 30.15
C ASP A 19 55.26 -51.27 29.72
N SER A 20 54.26 -50.89 30.51
CA SER A 20 52.89 -51.32 30.24
C SER A 20 52.08 -50.36 29.36
N ILE A 21 52.65 -49.20 29.04
CA ILE A 21 52.01 -48.19 28.19
C ILE A 21 52.78 -47.96 26.88
N THR A 22 52.06 -47.85 25.76
CA THR A 22 52.69 -47.61 24.43
C THR A 22 51.96 -46.54 23.57
N GLN A 23 52.64 -46.07 22.53
CA GLN A 23 52.13 -45.01 21.65
C GLN A 23 52.22 -45.40 20.18
N ILE A 24 51.09 -45.37 19.48
CA ILE A 24 51.06 -45.68 18.04
C ILE A 24 50.78 -44.40 17.24
N GLU A 25 51.67 -44.09 16.30
CA GLU A 25 51.58 -42.87 15.51
C GLU A 25 51.62 -43.14 13.98
N LEU A 26 50.59 -42.67 13.28
CA LEU A 26 50.47 -42.84 11.81
C LEU A 26 49.57 -41.78 11.15
N TYR A 27 49.58 -41.77 9.82
CA TYR A 27 48.65 -40.97 9.02
C TYR A 27 48.05 -41.81 7.91
N LEU A 28 46.89 -41.39 7.42
CA LEU A 28 46.22 -42.02 6.29
C LEU A 28 45.84 -40.97 5.24
N ASN A 29 46.47 -41.07 4.08
CA ASN A 29 46.15 -40.21 2.94
C ASN A 29 44.76 -40.56 2.37
N PRO A 30 44.03 -39.55 1.84
CA PRO A 30 42.64 -39.77 1.42
C PRO A 30 42.51 -40.61 0.16
N ARG A 31 41.39 -41.31 0.04
CA ARG A 31 41.12 -42.19 -1.10
C ARG A 31 39.83 -41.76 -1.80
N MET A 32 39.94 -40.72 -2.63
CA MET A 32 38.77 -40.09 -3.26
C MET A 32 38.31 -40.72 -4.57
N GLY A 33 39.17 -41.51 -5.21
CA GLY A 33 38.92 -42.07 -6.54
C GLY A 33 40.22 -42.21 -7.30
N VAL A 34 40.94 -41.11 -7.42
CA VAL A 34 42.34 -41.16 -7.83
C VAL A 34 43.13 -41.43 -6.55
N ASN A 35 43.48 -42.70 -6.35
CA ASN A 35 44.01 -43.19 -5.05
C ASN A 35 45.54 -43.24 -4.89
N SER A 36 46.28 -43.26 -5.99
CA SER A 36 47.74 -43.34 -5.92
C SER A 36 48.40 -42.05 -6.42
N PRO A 37 49.56 -41.68 -5.85
CA PRO A 37 50.27 -40.48 -6.33
C PRO A 37 51.32 -40.75 -7.41
N ASP A 38 51.54 -42.01 -7.76
CA ASP A 38 52.55 -42.37 -8.77
C ASP A 38 52.01 -43.28 -9.89
N LEU A 39 51.26 -42.66 -10.81
CA LEU A 39 50.71 -43.33 -11.97
C LEU A 39 51.08 -42.55 -13.24
N PRO A 40 50.91 -43.19 -14.43
CA PRO A 40 51.10 -42.49 -15.70
C PRO A 40 50.18 -41.28 -15.87
N THR A 42 47.33 -39.07 -15.13
CA THR A 42 46.47 -39.87 -14.26
C THR A 42 46.53 -39.36 -12.81
N SER A 43 47.67 -39.57 -12.16
CA SER A 43 47.91 -39.18 -10.76
C SER A 43 47.86 -37.67 -10.48
N ASN A 44 47.63 -36.87 -11.53
CA ASN A 44 47.57 -35.42 -11.35
CA ASN A 44 47.51 -35.41 -11.42
C ASN A 44 46.37 -34.99 -10.50
N TRP A 45 45.38 -35.88 -10.36
CA TRP A 45 44.19 -35.62 -9.57
C TRP A 45 44.16 -36.39 -8.24
N TYR A 46 45.34 -36.77 -7.77
CA TYR A 46 45.50 -37.44 -6.47
C TYR A 46 44.87 -36.57 -5.37
N THR A 47 43.98 -37.21 -4.59
CA THR A 47 43.14 -36.59 -3.53
C THR A 47 41.83 -35.94 -4.01
N TYR A 48 41.51 -36.17 -5.28
CA TYR A 48 40.24 -35.73 -5.87
C TYR A 48 39.48 -36.86 -6.57
N THR A 49 38.21 -36.62 -6.87
CA THR A 49 37.44 -37.47 -7.79
C THR A 49 37.63 -36.97 -9.23
N TYR A 50 37.05 -37.67 -10.19
CA TYR A 50 36.85 -37.07 -11.51
C TYR A 50 35.61 -36.16 -11.43
N ASP A 51 35.11 -35.70 -12.57
CA ASP A 51 33.95 -34.81 -12.58
C ASP A 51 32.64 -35.53 -12.25
N LEU A 52 31.90 -34.99 -11.29
CA LEU A 52 30.62 -35.56 -10.86
C LEU A 52 29.49 -34.81 -11.55
N GLN A 53 28.66 -35.57 -12.26
CA GLN A 53 27.68 -35.01 -13.18
C GLN A 53 26.57 -36.03 -13.44
N PRO A 54 25.35 -35.73 -12.95
CA PRO A 54 24.19 -36.57 -13.24
C PRO A 54 23.93 -36.61 -14.76
N LYS A 55 23.85 -37.82 -15.32
CA LYS A 55 23.74 -38.03 -16.76
C LYS A 55 22.51 -37.37 -17.37
N GLY A 56 21.35 -37.62 -16.77
CA GLY A 56 20.09 -37.10 -17.28
C GLY A 56 19.13 -38.20 -17.75
N SER A 57 19.68 -39.39 -18.01
CA SER A 57 18.85 -40.57 -18.29
C SER A 57 19.46 -41.83 -17.67
N SER A 58 18.61 -42.82 -17.38
CA SER A 58 18.96 -43.99 -16.55
C SER A 58 19.50 -45.17 -17.36
N PRO A 59 20.17 -46.14 -16.68
CA PRO A 59 20.57 -46.15 -15.27
C PRO A 59 21.92 -45.49 -15.03
N ASP A 60 22.20 -45.13 -13.78
CA ASP A 60 23.50 -44.62 -13.39
C ASP A 60 24.52 -45.75 -13.39
N GLN A 61 25.66 -45.52 -14.04
CA GLN A 61 26.78 -46.46 -14.01
C GLN A 61 28.07 -45.71 -13.65
N PRO A 62 28.29 -45.44 -12.34
CA PRO A 62 29.42 -44.64 -11.87
C PRO A 62 30.79 -45.29 -12.08
N ILE A 63 31.79 -44.48 -12.43
CA ILE A 63 33.16 -44.96 -12.55
C ILE A 63 33.88 -44.95 -11.20
N LYS A 64 34.87 -45.83 -11.03
CA LYS A 64 35.53 -45.99 -9.74
C LYS A 64 36.24 -44.71 -9.25
N GLU A 65 36.52 -43.79 -10.17
CA GLU A 65 37.20 -42.53 -9.85
C GLU A 65 36.23 -41.50 -9.29
N ASN A 66 34.93 -41.84 -9.31
CA ASN A 66 33.89 -40.99 -8.76
C ASN A 66 33.27 -41.60 -7.49
N LEU A 67 34.02 -42.50 -6.86
CA LEU A 67 33.57 -43.16 -5.63
C LEU A 67 34.61 -43.04 -4.51
N PRO A 68 34.57 -41.92 -3.74
CA PRO A 68 35.39 -41.82 -2.53
C PRO A 68 35.16 -42.99 -1.59
N ALA A 69 36.25 -43.54 -1.06
CA ALA A 69 36.22 -44.74 -0.24
C ALA A 69 36.90 -44.52 1.12
N TYR A 70 36.63 -45.42 2.06
CA TYR A 70 37.25 -45.36 3.39
C TYR A 70 38.74 -45.66 3.35
N SER A 71 39.48 -44.99 4.24
CA SER A 71 40.86 -45.33 4.51
C SER A 71 40.88 -46.30 5.68
N VAL A 72 41.82 -47.25 5.65
CA VAL A 72 42.04 -48.17 6.75
C VAL A 72 43.47 -48.70 6.78
N ALA A 73 43.98 -48.96 7.97
CA ALA A 73 45.28 -49.59 8.17
C ALA A 73 45.28 -50.44 9.42
N ARG A 74 45.93 -51.60 9.33
CA ARG A 74 46.16 -52.48 10.48
C ARG A 74 47.57 -52.27 10.99
N VAL A 75 47.73 -51.90 12.26
CA VAL A 75 49.05 -51.68 12.83
C VAL A 75 49.42 -52.87 13.74
N SER A 76 50.60 -53.44 13.50
CA SER A 76 51.11 -54.56 14.30
C SER A 76 51.65 -54.06 15.62
N LEU A 77 51.24 -54.73 16.70
CA LEU A 77 51.64 -54.34 18.05
C LEU A 77 52.66 -55.31 18.63
N PRO A 78 53.58 -54.80 19.48
CA PRO A 78 54.55 -55.68 20.15
C PRO A 78 53.86 -56.92 20.74
N MET A 79 54.40 -58.10 20.40
CA MET A 79 53.81 -59.37 20.83
C MET A 79 53.90 -59.48 22.35
N LEU A 80 52.87 -60.06 22.96
CA LEU A 80 52.75 -60.09 24.42
C LEU A 80 52.86 -61.48 25.05
N ASN A 81 52.55 -62.51 24.27
CA ASN A 81 52.59 -63.89 24.78
C ASN A 81 53.42 -64.83 23.89
N THR A 88 44.13 -67.23 29.75
CA THR A 88 44.45 -65.96 30.39
C THR A 88 45.76 -65.36 29.84
N LEU A 89 45.61 -64.26 29.11
CA LEU A 89 46.71 -63.62 28.40
C LEU A 89 46.69 -62.10 28.62
N GLN A 90 47.74 -61.42 28.18
CA GLN A 90 47.75 -59.96 28.10
C GLN A 90 47.29 -59.49 26.71
N MET A 91 46.54 -58.40 26.67
CA MET A 91 46.11 -57.77 25.41
C MET A 91 46.34 -56.27 25.46
N TRP A 92 46.67 -55.67 24.32
CA TRP A 92 46.73 -54.22 24.24
C TRP A 92 45.31 -53.66 24.23
N GLU A 93 45.10 -52.59 25.01
CA GLU A 93 43.83 -51.91 25.13
C GLU A 93 44.02 -50.44 24.79
N ALA A 94 43.27 -49.95 23.80
CA ALA A 94 43.33 -48.55 23.41
C ALA A 94 42.51 -47.72 24.38
N ILE A 95 43.11 -46.66 24.91
CA ILE A 95 42.44 -45.86 25.95
C ILE A 95 42.17 -44.42 25.54
N SER A 96 42.95 -43.90 24.59
CA SER A 96 42.74 -42.53 24.11
C SER A 96 43.44 -42.24 22.78
N VAL A 97 42.96 -41.22 22.08
CA VAL A 97 43.54 -40.82 20.81
C VAL A 97 43.57 -39.29 20.62
N LYS A 98 44.67 -38.80 20.03
CA LYS A 98 44.72 -37.46 19.47
C LYS A 98 44.70 -37.58 17.94
N THR A 99 43.69 -36.98 17.32
CA THR A 99 43.55 -37.06 15.87
C THR A 99 43.30 -35.66 15.28
N GLU A 100 43.73 -35.46 14.04
CA GLU A 100 43.74 -34.13 13.42
C GLU A 100 43.72 -34.25 11.90
N VAL A 101 42.90 -33.42 11.26
CA VAL A 101 42.87 -33.34 9.80
C VAL A 101 44.00 -32.41 9.32
N VAL A 102 44.84 -32.93 8.43
CA VAL A 102 46.05 -32.23 8.00
C VAL A 102 45.84 -31.48 6.69
N GLY A 103 46.35 -30.26 6.64
CA GLY A 103 46.33 -29.46 5.42
C GLY A 103 45.06 -28.62 5.28
N ILE A 104 44.42 -28.36 6.41
CA ILE A 104 43.22 -27.54 6.43
C ILE A 104 43.55 -26.15 5.87
N SER A 105 44.73 -25.63 6.22
CA SER A 105 45.16 -24.32 5.73
C SER A 105 45.26 -24.21 4.18
N SER A 106 45.32 -25.35 3.49
CA SER A 106 45.52 -25.33 2.05
C SER A 106 44.28 -24.81 1.35
N LEU A 107 43.14 -24.90 2.04
CA LEU A 107 41.85 -24.53 1.44
C LEU A 107 41.59 -23.02 1.36
N ILE A 108 42.57 -22.21 1.73
CA ILE A 108 42.44 -20.76 1.51
C ILE A 108 42.78 -20.38 0.06
N ASN A 109 43.28 -21.34 -0.72
CA ASN A 109 43.64 -21.12 -2.12
C ASN A 109 42.40 -20.79 -2.95
N VAL A 110 42.31 -19.54 -3.40
CA VAL A 110 41.20 -19.08 -4.24
C VAL A 110 41.68 -18.63 -5.61
N HIS A 111 42.82 -19.18 -6.04
CA HIS A 111 43.43 -18.85 -7.32
C HIS A 111 43.97 -20.10 -8.02
N TYR A 112 43.21 -21.20 -8.00
CA TYR A 112 43.55 -22.34 -8.84
C TYR A 112 43.33 -21.97 -10.31
N TRP A 113 44.27 -22.32 -11.18
CA TRP A 113 44.29 -21.83 -12.58
C TRP A 113 42.95 -21.98 -13.32
N ASP A 114 42.30 -23.14 -13.13
CA ASP A 114 41.03 -23.45 -13.77
C ASP A 114 39.87 -23.40 -12.77
N MET A 115 39.86 -22.37 -11.93
CA MET A 115 38.83 -22.24 -10.89
C MET A 115 37.71 -21.36 -11.42
N LYS A 116 36.48 -21.84 -11.29
CA LYS A 116 35.31 -21.01 -11.59
C LYS A 116 35.29 -19.76 -10.71
N ARG A 117 35.10 -18.60 -11.33
CA ARG A 117 35.02 -17.34 -10.60
C ARG A 117 33.68 -17.18 -9.90
N VAL A 118 33.69 -16.43 -8.80
CA VAL A 118 32.46 -16.11 -8.05
C VAL A 118 31.60 -15.15 -8.87
N HIS A 119 32.26 -14.19 -9.54
CA HIS A 119 31.67 -13.29 -10.51
C HIS A 119 32.81 -12.79 -11.40
N ASP A 120 32.49 -12.04 -12.44
CA ASP A 120 33.51 -11.58 -13.40
C ASP A 120 34.59 -10.74 -12.72
N TYR A 121 35.84 -11.08 -13.02
CA TYR A 121 37.05 -10.44 -12.45
C TYR A 121 37.30 -10.77 -10.96
N GLY A 122 36.42 -11.60 -10.38
CA GLY A 122 36.55 -12.01 -8.99
C GLY A 122 37.43 -13.22 -8.79
N ALA A 123 37.59 -13.63 -7.54
CA ALA A 123 38.43 -14.77 -7.18
C ALA A 123 37.68 -16.08 -7.47
N GLY A 124 38.36 -17.20 -7.25
CA GLY A 124 37.71 -18.50 -7.43
C GLY A 124 36.74 -18.79 -6.30
N ILE A 125 35.79 -19.66 -6.58
CA ILE A 125 34.89 -20.19 -5.56
C ILE A 125 35.73 -21.17 -4.78
N PRO A 126 35.83 -20.99 -3.45
CA PRO A 126 36.69 -21.88 -2.66
C PRO A 126 36.09 -23.26 -2.46
N VAL A 127 36.92 -24.21 -2.07
CA VAL A 127 36.46 -25.56 -1.78
C VAL A 127 35.41 -25.51 -0.68
N SER A 128 34.20 -25.91 -1.04
CA SER A 128 33.05 -25.82 -0.15
C SER A 128 31.96 -26.77 -0.63
N GLY A 129 30.91 -26.94 0.15
CA GLY A 129 29.83 -27.83 -0.19
C GLY A 129 29.81 -29.02 0.73
N VAL A 130 29.55 -30.18 0.15
CA VAL A 130 29.47 -31.46 0.86
C VAL A 130 30.74 -31.75 1.68
N ASN A 131 30.56 -31.96 2.98
CA ASN A 131 31.60 -32.41 3.89
C ASN A 131 31.18 -33.74 4.52
N TYR A 132 32.13 -34.65 4.68
CA TYR A 132 31.85 -35.91 5.39
C TYR A 132 33.10 -36.27 6.18
N HIS A 133 32.96 -36.45 7.49
CA HIS A 133 34.10 -36.72 8.36
C HIS A 133 33.78 -37.81 9.35
N MET A 134 34.62 -38.84 9.36
CA MET A 134 34.55 -39.90 10.38
C MET A 134 35.93 -40.50 10.67
N PHE A 135 36.09 -41.01 11.89
CA PHE A 135 37.23 -41.87 12.20
C PHE A 135 36.79 -42.95 13.17
N ALA A 136 37.53 -44.06 13.18
CA ALA A 136 37.25 -45.20 14.05
C ALA A 136 38.55 -45.82 14.57
N ILE A 137 38.55 -46.22 15.84
CA ILE A 137 39.63 -46.99 16.45
C ILE A 137 39.03 -48.28 16.99
N GLY A 138 39.62 -49.42 16.64
CA GLY A 138 39.08 -50.73 17.04
C GLY A 138 40.12 -51.82 17.21
N GLY A 139 39.72 -52.92 17.82
CA GLY A 139 40.61 -54.07 18.03
C GLY A 139 40.43 -55.12 16.97
N GLU A 140 39.54 -54.82 16.02
CA GLU A 140 39.27 -55.68 14.87
C GLU A 140 38.74 -54.78 13.74
N PRO A 141 38.50 -55.33 12.54
CA PRO A 141 37.97 -54.49 11.46
C PRO A 141 36.60 -53.87 11.80
N LEU A 142 36.36 -52.65 11.32
CA LEU A 142 35.08 -51.97 11.51
C LEU A 142 33.94 -52.68 10.77
N ASP A 143 32.81 -52.88 11.45
CA ASP A 143 31.63 -53.50 10.85
C ASP A 143 30.84 -52.46 10.03
N LEU A 144 30.42 -52.84 8.83
CA LEU A 144 29.76 -51.95 7.89
C LEU A 144 28.34 -52.40 7.55
N GLN A 145 27.42 -51.45 7.44
CA GLN A 145 26.06 -51.70 6.93
C GLN A 145 25.89 -51.02 5.58
N GLY A 146 25.32 -51.73 4.60
CA GLY A 146 25.08 -51.21 3.26
C GLY A 146 23.72 -50.57 3.08
N LEU A 147 23.72 -49.34 2.57
CA LEU A 147 22.49 -48.62 2.22
C LEU A 147 22.81 -47.58 1.14
N VAL A 148 22.06 -47.63 0.04
CA VAL A 148 22.31 -46.77 -1.12
C VAL A 148 21.17 -45.79 -1.36
N LEU A 149 21.46 -44.67 -2.03
CA LEU A 149 20.43 -43.71 -2.41
C LEU A 149 19.47 -44.31 -3.45
N ASP A 150 20.02 -45.06 -4.41
CA ASP A 150 19.25 -45.65 -5.52
C ASP A 150 19.71 -47.09 -5.77
N TYR A 151 18.80 -48.04 -5.59
CA TYR A 151 19.14 -49.46 -5.71
C TYR A 151 19.46 -49.92 -7.14
N GLN A 152 19.00 -49.15 -8.13
CA GLN A 152 19.21 -49.49 -9.54
C GLN A 152 20.52 -48.93 -10.09
N THR A 153 21.44 -48.59 -9.18
CA THR A 153 22.75 -48.08 -9.56
C THR A 153 23.68 -49.22 -9.94
N GLN A 154 24.33 -49.08 -11.09
CA GLN A 154 25.23 -50.10 -11.62
C GLN A 154 26.64 -49.80 -11.16
N TYR A 155 26.98 -50.29 -9.97
CA TYR A 155 28.32 -50.14 -9.42
C TYR A 155 29.31 -51.10 -10.13
N PRO A 156 30.55 -50.64 -10.40
CA PRO A 156 31.59 -51.48 -11.03
C PRO A 156 31.76 -52.85 -10.38
N LYS A 157 31.88 -53.90 -11.19
CA LYS A 157 32.10 -55.27 -10.71
C LYS A 157 33.41 -55.43 -9.92
N THR A 158 33.57 -56.57 -9.25
CA THR A 158 34.81 -56.91 -8.55
C THR A 158 35.56 -58.00 -9.31
N GLY A 162 37.73 -54.54 -8.61
CA GLY A 162 37.52 -53.13 -8.29
C GLY A 162 36.91 -52.91 -6.91
N PRO A 163 35.94 -51.98 -6.80
CA PRO A 163 35.28 -51.67 -5.53
C PRO A 163 34.28 -52.72 -5.04
N ILE A 164 34.26 -52.94 -3.73
CA ILE A 164 33.32 -53.87 -3.09
C ILE A 164 32.03 -53.15 -2.69
N THR A 165 30.90 -53.62 -3.20
CA THR A 165 29.59 -53.05 -2.88
C THR A 165 28.60 -54.15 -2.48
N ILE A 166 27.33 -53.78 -2.33
CA ILE A 166 26.29 -54.71 -1.85
C ILE A 166 26.11 -55.92 -2.76
N GLU A 167 26.25 -55.70 -4.08
CA GLU A 167 26.19 -56.78 -5.05
C GLU A 167 27.31 -57.81 -4.81
N THR A 168 28.52 -57.32 -4.52
CA THR A 168 29.65 -58.18 -4.23
C THR A 168 29.36 -59.06 -3.03
N VAL A 169 28.81 -58.50 -1.96
CA VAL A 169 28.61 -59.29 -0.74
C VAL A 169 27.41 -60.24 -0.83
N LEU A 170 26.37 -59.82 -1.54
CA LEU A 170 25.19 -60.65 -1.70
C LEU A 170 25.39 -61.73 -2.77
N GLY A 171 26.13 -61.39 -3.82
CA GLY A 171 26.31 -62.27 -4.97
C GLY A 171 25.32 -61.97 -6.08
N ARG A 172 24.19 -61.36 -5.72
CA ARG A 172 23.14 -61.02 -6.66
C ARG A 172 22.92 -59.49 -6.76
N LYS A 173 21.98 -59.09 -7.62
CA LYS A 173 21.57 -57.70 -7.76
C LYS A 173 20.94 -57.14 -6.48
N MET A 174 20.97 -55.81 -6.35
CA MET A 174 20.25 -55.12 -5.28
C MET A 174 18.74 -55.14 -5.52
N THR A 175 17.98 -55.11 -4.43
CA THR A 175 16.52 -55.06 -4.44
C THR A 175 16.11 -53.67 -3.91
N PRO A 176 14.85 -53.24 -4.14
CA PRO A 176 14.40 -51.97 -3.55
C PRO A 176 14.64 -51.84 -2.03
N LYS A 177 14.68 -52.97 -1.32
CA LYS A 177 14.89 -52.93 0.14
C LYS A 177 16.26 -52.37 0.59
N ASN A 178 17.23 -52.33 -0.33
CA ASN A 178 18.56 -51.77 -0.05
C ASN A 178 18.61 -50.23 -0.07
N GLN A 179 17.45 -49.60 -0.28
CA GLN A 179 17.28 -48.16 -0.09
C GLN A 179 16.94 -47.91 1.38
N GLY A 180 16.63 -48.99 2.09
CA GLY A 180 16.50 -48.97 3.55
C GLY A 180 17.55 -49.88 4.21
N LEU A 181 17.25 -50.36 5.41
CA LEU A 181 18.16 -51.24 6.12
C LEU A 181 17.87 -52.70 5.81
N ASP A 182 18.77 -53.32 5.05
CA ASP A 182 18.77 -54.75 4.76
C ASP A 182 19.81 -55.46 5.64
N PRO A 183 19.34 -56.35 6.54
CA PRO A 183 20.20 -57.07 7.50
C PRO A 183 21.30 -57.90 6.85
N GLN A 184 21.09 -58.33 5.61
CA GLN A 184 22.11 -59.10 4.89
C GLN A 184 23.24 -58.23 4.31
N ALA A 185 22.97 -56.94 4.13
CA ALA A 185 23.95 -56.02 3.53
C ALA A 185 25.03 -55.59 4.52
N LYS A 186 25.82 -56.57 4.96
CA LYS A 186 26.88 -56.35 5.94
C LYS A 186 28.23 -56.74 5.41
N ALA A 187 29.27 -56.09 5.92
CA ALA A 187 30.65 -56.34 5.53
C ALA A 187 31.61 -55.81 6.59
N LYS A 188 32.92 -56.01 6.35
CA LYS A 188 33.97 -55.55 7.25
C LYS A 188 34.95 -54.70 6.48
N LEU A 189 35.36 -53.58 7.06
CA LEU A 189 36.32 -52.69 6.42
C LEU A 189 37.73 -53.23 6.58
N ASP A 190 38.16 -54.05 5.62
CA ASP A 190 39.48 -54.71 5.72
C ASP A 190 40.46 -54.31 4.61
N LYS A 191 40.02 -53.44 3.70
CA LYS A 191 40.84 -53.01 2.58
C LYS A 191 40.79 -51.50 2.39
N ASP A 192 41.97 -50.90 2.25
CA ASP A 192 42.14 -49.47 2.01
C ASP A 192 41.72 -49.10 0.57
N GLY A 193 40.84 -48.11 0.46
CA GLY A 193 40.35 -47.62 -0.83
C GLY A 193 39.47 -48.58 -1.63
N ASN A 194 38.72 -49.44 -0.94
CA ASN A 194 37.88 -50.46 -1.60
C ASN A 194 36.39 -50.49 -1.21
N TYR A 195 36.01 -49.70 -0.21
CA TYR A 195 34.62 -49.62 0.21
C TYR A 195 34.09 -48.20 0.01
N PRO A 196 33.17 -48.02 -0.95
CA PRO A 196 32.65 -46.68 -1.21
C PRO A 196 31.82 -46.17 -0.03
N ILE A 197 32.06 -44.89 0.30
CA ILE A 197 31.36 -44.19 1.36
C ILE A 197 29.85 -44.13 1.11
N GLU A 198 29.46 -43.91 -0.15
CA GLU A 198 28.03 -43.79 -0.50
C GLU A 198 27.25 -45.11 -0.42
N VAL A 199 27.96 -46.23 -0.25
CA VAL A 199 27.33 -47.55 -0.14
C VAL A 199 27.36 -48.03 1.30
N TRP A 200 28.48 -47.83 1.98
CA TRP A 200 28.67 -48.36 3.33
C TRP A 200 28.73 -47.28 4.41
N CYS A 201 28.10 -47.57 5.55
CA CYS A 201 28.24 -46.75 6.76
C CYS A 201 28.52 -47.68 7.95
N PRO A 202 29.02 -47.15 9.08
CA PRO A 202 29.31 -48.02 10.21
C PRO A 202 28.06 -48.68 10.76
N ASP A 203 28.17 -49.94 11.14
CA ASP A 203 27.01 -50.71 11.63
C ASP A 203 26.89 -50.60 13.15
N PRO A 204 25.78 -49.98 13.63
CA PRO A 204 25.55 -49.77 15.05
C PRO A 204 25.03 -51.02 15.77
N SER A 205 24.64 -52.05 15.03
CA SER A 205 24.15 -53.29 15.65
C SER A 205 25.30 -54.18 16.12
N LYS A 206 26.52 -53.81 15.73
CA LYS A 206 27.72 -54.56 16.11
C LYS A 206 28.78 -53.60 16.67
N ASN A 207 30.03 -53.69 16.20
CA ASN A 207 31.09 -52.75 16.59
C ASN A 207 31.27 -52.54 18.10
N GLU A 208 31.09 -53.60 18.89
CA GLU A 208 31.24 -53.52 20.34
C GLU A 208 32.68 -53.30 20.77
N ASN A 209 33.62 -53.74 19.92
CA ASN A 209 35.05 -53.59 20.18
C ASN A 209 35.67 -52.47 19.31
N SER A 210 34.84 -51.49 18.94
CA SER A 210 35.30 -50.30 18.24
C SER A 210 34.62 -49.04 18.75
N ARG A 211 35.28 -47.91 18.57
CA ARG A 211 34.67 -46.61 18.82
C ARG A 211 34.74 -45.80 17.53
N TYR A 212 33.58 -45.36 17.03
CA TYR A 212 33.55 -44.50 15.84
C TYR A 212 32.81 -43.17 16.08
N TYR A 213 33.20 -42.15 15.32
CA TYR A 213 32.67 -40.80 15.46
C TYR A 213 32.58 -40.16 14.06
N GLY A 214 31.40 -39.68 13.67
CA GLY A 214 31.23 -39.09 12.34
C GLY A 214 30.14 -38.06 12.18
N SER A 215 30.25 -37.27 11.09
CA SER A 215 29.22 -36.29 10.74
C SER A 215 29.12 -36.03 9.23
N ILE A 216 27.97 -35.51 8.79
CA ILE A 216 27.78 -35.06 7.42
C ILE A 216 27.32 -33.58 7.36
N GLN A 217 27.59 -32.95 6.23
CA GLN A 217 27.06 -31.64 5.90
C GLN A 217 26.77 -31.65 4.40
N THR A 218 25.51 -31.45 4.00
CA THR A 218 25.16 -31.34 2.57
C THR A 218 25.03 -29.88 2.10
N GLY A 219 24.62 -29.69 0.84
CA GLY A 219 24.65 -28.38 0.21
C GLY A 219 25.76 -28.36 -0.81
N SER A 220 25.76 -27.37 -1.71
CA SER A 220 26.76 -27.30 -2.79
C SER A 220 27.82 -26.24 -2.58
N GLN A 221 27.46 -25.16 -1.91
CA GLN A 221 28.41 -24.10 -1.57
C GLN A 221 28.47 -23.81 -0.06
N THR A 222 27.95 -24.74 0.74
CA THR A 222 27.99 -24.64 2.20
C THR A 222 29.44 -24.45 2.67
N PRO A 223 29.70 -23.42 3.50
CA PRO A 223 31.06 -23.20 3.97
C PRO A 223 31.61 -24.47 4.62
N THR A 224 32.86 -24.77 4.30
CA THR A 224 33.61 -25.78 5.00
C THR A 224 34.18 -25.09 6.25
N VAL A 225 33.81 -25.62 7.42
CA VAL A 225 34.19 -25.04 8.71
C VAL A 225 34.88 -26.08 9.57
N LEU A 226 36.19 -25.96 9.74
CA LEU A 226 36.96 -26.98 10.47
C LEU A 226 37.88 -26.41 11.54
N GLN A 227 38.12 -27.20 12.60
CA GLN A 227 39.05 -26.82 13.67
C GLN A 227 40.27 -27.74 13.71
N PHE A 228 41.38 -27.23 14.22
CA PHE A 228 42.53 -28.07 14.52
C PHE A 228 43.23 -27.57 15.79
N SER A 229 43.68 -28.51 16.60
CA SER A 229 44.43 -28.23 17.85
C SER A 229 45.14 -29.48 18.38
N ASN A 230 46.37 -29.31 18.86
CA ASN A 230 47.08 -30.43 19.50
C ASN A 230 46.77 -30.61 20.98
N THR A 231 45.68 -30.00 21.45
CA THR A 231 45.29 -30.09 22.87
C THR A 231 44.07 -30.99 23.09
N LEU A 232 43.44 -31.43 22.00
CA LEU A 232 42.21 -32.21 22.05
C LEU A 232 42.47 -33.71 22.08
N THR A 233 41.88 -34.38 23.06
CA THR A 233 42.01 -35.82 23.24
C THR A 233 40.63 -36.46 23.31
N THR A 234 40.47 -37.59 22.64
CA THR A 234 39.26 -38.41 22.77
C THR A 234 39.55 -39.61 23.66
N VAL A 235 38.79 -39.73 24.74
CA VAL A 235 38.87 -40.91 25.61
C VAL A 235 38.09 -42.07 24.96
N LEU A 236 38.73 -43.23 24.85
CA LEU A 236 38.16 -44.39 24.13
C LEU A 236 37.50 -45.46 25.00
N LEU A 237 37.53 -45.25 26.33
CA LEU A 237 36.91 -46.17 27.29
C LEU A 237 35.39 -46.13 27.22
N ASP A 238 34.75 -47.29 27.38
CA ASP A 238 33.29 -47.34 27.51
C ASP A 238 32.82 -47.07 28.93
N GLU A 239 31.54 -47.35 29.20
CA GLU A 239 30.93 -47.08 30.52
C GLU A 239 31.53 -47.91 31.65
N ASN A 240 32.03 -49.11 31.33
CA ASN A 240 32.66 -49.99 32.32
C ASN A 240 34.17 -49.77 32.47
N GLY A 241 34.68 -48.69 31.88
CA GLY A 241 36.10 -48.34 31.94
C GLY A 241 36.99 -49.16 31.02
N VAL A 242 36.42 -49.67 29.93
CA VAL A 242 37.12 -50.58 29.05
C VAL A 242 37.26 -50.04 27.62
N GLY A 243 38.48 -50.10 27.09
CA GLY A 243 38.75 -49.68 25.72
C GLY A 243 38.61 -50.84 24.76
N PRO A 244 38.82 -50.58 23.45
CA PRO A 244 38.88 -51.68 22.48
C PRO A 244 40.06 -52.63 22.76
N LEU A 245 39.80 -53.93 22.69
CA LEU A 245 40.81 -54.95 22.95
C LEU A 245 41.35 -55.57 21.66
N CYS A 246 42.65 -55.44 21.46
CA CYS A 246 43.31 -55.87 20.23
C CYS A 246 43.61 -57.38 20.21
N LYS A 247 42.73 -58.13 19.55
CA LYS A 247 42.86 -59.59 19.41
C LYS A 247 43.84 -59.90 18.28
N GLY A 248 44.86 -60.67 18.58
CA GLY A 248 45.91 -60.96 17.59
C GLY A 248 46.83 -59.79 17.33
N ASP A 249 46.97 -58.93 18.34
CA ASP A 249 47.95 -57.83 18.35
C ASP A 249 47.87 -56.89 17.15
N GLY A 250 46.63 -56.55 16.77
CA GLY A 250 46.38 -55.63 15.67
C GLY A 250 45.41 -54.51 16.03
N LEU A 251 45.85 -53.28 15.82
CA LEU A 251 45.01 -52.08 16.02
C LEU A 251 44.51 -51.61 14.64
N PHE A 252 43.19 -51.50 14.50
CA PHE A 252 42.57 -51.04 13.26
C PHE A 252 42.15 -49.57 13.32
N ILE A 253 42.67 -48.77 12.39
CA ILE A 253 42.35 -47.35 12.31
C ILE A 253 41.70 -47.02 10.98
N SER A 254 40.52 -46.40 11.04
CA SER A 254 39.72 -46.08 9.85
C SER A 254 39.28 -44.62 9.85
N CYS A 255 39.20 -44.01 8.65
CA CYS A 255 38.67 -42.67 8.52
C CYS A 255 38.18 -42.30 7.09
N ALA A 256 37.43 -41.20 7.03
CA ALA A 256 37.03 -40.56 5.77
C ALA A 256 36.95 -39.05 6.06
N ASP A 257 37.44 -38.23 5.15
CA ASP A 257 37.41 -36.77 5.33
C ASP A 257 37.22 -36.00 4.02
N ILE A 258 35.98 -35.94 3.54
CA ILE A 258 35.63 -35.18 2.33
C ILE A 258 35.41 -33.71 2.70
N VAL A 259 36.14 -32.82 2.04
CA VAL A 259 36.09 -31.40 2.44
C VAL A 259 35.30 -30.47 1.51
N GLY A 260 34.79 -30.99 0.40
CA GLY A 260 34.01 -30.16 -0.53
C GLY A 260 34.38 -30.29 -1.99
N PHE A 261 33.77 -29.43 -2.82
CA PHE A 261 33.96 -29.46 -4.27
C PHE A 261 35.01 -28.45 -4.73
N LEU A 262 35.79 -28.85 -5.74
CA LEU A 262 36.56 -27.92 -6.55
C LEU A 262 35.72 -27.56 -7.77
N PHE A 263 35.51 -26.25 -7.96
CA PHE A 263 34.66 -25.69 -9.01
C PHE A 263 35.48 -25.26 -10.22
N LYS A 264 35.23 -25.89 -11.37
CA LYS A 264 36.02 -25.61 -12.58
C LYS A 264 35.33 -24.63 -13.52
N THR A 265 36.12 -23.97 -14.37
CA THR A 265 35.61 -22.93 -15.29
C THR A 265 34.42 -23.43 -16.09
N SER A 266 34.51 -24.68 -16.56
CA SER A 266 33.49 -25.28 -17.42
C SER A 266 32.14 -25.42 -16.75
N GLY A 267 32.13 -25.35 -15.42
CA GLY A 267 30.93 -25.64 -14.66
C GLY A 267 31.02 -26.99 -13.98
N LYS A 268 32.03 -27.77 -14.34
CA LYS A 268 32.17 -29.10 -13.74
C LYS A 268 32.73 -29.10 -12.32
N MET A 269 32.38 -30.12 -11.54
CA MET A 269 32.72 -30.20 -10.11
C MET A 269 33.28 -31.55 -9.69
N ALA A 270 34.30 -31.50 -8.82
CA ALA A 270 34.93 -32.70 -8.29
C ALA A 270 35.04 -32.63 -6.75
N LEU A 271 34.80 -33.75 -6.06
CA LEU A 271 35.04 -33.82 -4.59
C LEU A 271 36.53 -33.92 -4.22
N HIS A 272 36.89 -33.44 -3.02
CA HIS A 272 38.29 -33.35 -2.54
C HIS A 272 38.36 -33.89 -1.12
N GLY A 273 39.49 -34.50 -0.77
CA GLY A 273 39.70 -35.04 0.58
C GLY A 273 41.01 -34.55 1.20
N LEU A 274 41.14 -34.66 2.52
CA LEU A 274 42.39 -34.32 3.21
C LEU A 274 42.86 -35.51 4.07
N PRO A 275 44.17 -35.62 4.33
CA PRO A 275 44.66 -36.71 5.18
C PRO A 275 44.40 -36.49 6.68
N ARG A 276 44.37 -37.59 7.43
CA ARG A 276 44.16 -37.53 8.88
C ARG A 276 45.33 -38.14 9.65
N TYR A 277 45.75 -37.45 10.72
CA TYR A 277 46.84 -37.88 11.61
C TYR A 277 46.34 -38.55 12.89
N PHE A 278 47.07 -39.55 13.37
CA PHE A 278 46.66 -40.31 14.54
C PHE A 278 47.79 -40.51 15.56
N ASN A 279 47.42 -40.46 16.85
CA ASN A 279 48.30 -40.83 17.97
C ASN A 279 47.48 -41.53 19.04
N VAL A 280 47.52 -42.85 19.02
CA VAL A 280 46.76 -43.69 19.95
C VAL A 280 47.64 -44.07 21.16
N THR A 281 47.03 -44.10 22.35
CA THR A 281 47.70 -44.59 23.56
C THR A 281 47.08 -45.91 23.98
N LEU A 282 47.95 -46.89 24.24
CA LEU A 282 47.50 -48.22 24.67
C LEU A 282 48.17 -48.66 25.97
N ARG A 283 47.45 -49.47 26.75
CA ARG A 283 48.00 -50.10 27.96
C ARG A 283 47.74 -51.61 27.95
N LYS A 284 48.56 -52.37 28.67
CA LYS A 284 48.40 -53.82 28.79
C LYS A 284 47.25 -54.18 29.74
N ARG A 285 46.49 -55.22 29.40
CA ARG A 285 45.31 -55.62 30.16
C ARG A 285 45.16 -57.15 30.21
N TRP A 286 44.90 -57.69 31.39
CA TRP A 286 44.67 -59.12 31.55
C TRP A 286 43.26 -59.51 31.09
N VAL A 287 43.17 -60.63 30.37
CA VAL A 287 41.88 -61.15 29.86
C VAL A 287 41.77 -62.67 30.03
N LYS A 288 40.53 -63.14 30.19
CA LYS A 288 40.26 -64.56 30.44
C LYS A 288 40.09 -65.34 29.14
N VAL B 9 65.13 -35.08 29.11
CA VAL B 9 64.53 -33.94 29.88
C VAL B 9 63.64 -34.47 31.01
N GLU B 10 63.96 -34.11 32.24
CA GLU B 10 63.10 -34.43 33.39
C GLU B 10 62.59 -33.17 34.04
N VAL B 11 61.27 -33.03 34.05
CA VAL B 11 60.61 -31.89 34.67
C VAL B 11 60.52 -32.13 36.17
N LEU B 12 61.06 -31.20 36.94
CA LEU B 12 60.97 -31.30 38.39
C LEU B 12 59.87 -30.37 38.94
N SER B 13 60.09 -29.80 40.12
CA SER B 13 59.06 -29.02 40.80
C SER B 13 59.05 -27.54 40.41
N VAL B 14 57.91 -26.91 40.64
CA VAL B 14 57.77 -25.48 40.42
C VAL B 14 58.62 -24.70 41.42
N VAL B 15 59.34 -23.71 40.93
CA VAL B 15 60.12 -22.81 41.77
C VAL B 15 59.20 -21.98 42.66
N THR B 16 59.44 -22.06 43.97
CA THR B 16 58.74 -21.24 44.95
C THR B 16 59.62 -20.05 45.34
N GLY B 17 59.05 -18.85 45.28
CA GLY B 17 59.79 -17.63 45.59
C GLY B 17 59.07 -16.34 45.28
N GLU B 18 59.83 -15.25 45.32
CA GLU B 18 59.30 -13.89 45.13
C GLU B 18 58.97 -13.62 43.66
N ASP B 19 60.00 -13.35 42.85
CA ASP B 19 59.82 -13.02 41.44
C ASP B 19 59.74 -14.30 40.59
N SER B 20 58.87 -15.23 40.98
CA SER B 20 58.76 -16.51 40.28
C SER B 20 57.78 -16.49 39.10
N ILE B 21 56.96 -15.45 39.01
CA ILE B 21 55.96 -15.30 37.94
C ILE B 21 56.17 -14.00 37.16
N THR B 22 56.22 -14.11 35.83
CA THR B 22 56.34 -12.95 34.96
C THR B 22 55.30 -12.91 33.82
N GLN B 23 54.97 -11.71 33.38
CA GLN B 23 54.03 -11.47 32.29
C GLN B 23 54.78 -10.98 31.06
N ILE B 24 54.29 -11.38 29.88
CA ILE B 24 54.89 -11.00 28.60
C ILE B 24 53.80 -10.48 27.64
N GLU B 25 53.92 -9.20 27.28
CA GLU B 25 52.98 -8.52 26.39
C GLU B 25 53.58 -8.26 25.03
N LEU B 26 52.76 -8.45 23.98
CA LEU B 26 53.13 -8.08 22.61
C LEU B 26 51.96 -8.18 21.64
N TYR B 27 52.19 -7.68 20.43
CA TYR B 27 51.24 -7.73 19.35
C TYR B 27 51.96 -8.04 18.04
N LEU B 28 51.24 -8.67 17.11
CA LEU B 28 51.78 -8.99 15.79
C LEU B 28 50.85 -8.49 14.69
N ASN B 29 51.35 -7.61 13.83
CA ASN B 29 50.60 -7.13 12.67
C ASN B 29 50.59 -8.18 11.56
N PRO B 30 49.48 -8.26 10.79
CA PRO B 30 49.31 -9.36 9.85
C PRO B 30 50.27 -9.28 8.68
N ARG B 31 50.58 -10.44 8.07
CA ARG B 31 51.46 -10.52 6.91
C ARG B 31 50.73 -11.06 5.69
N MET B 32 49.89 -10.22 5.08
CA MET B 32 48.96 -10.67 4.05
C MET B 32 49.53 -10.67 2.64
N GLY B 33 50.63 -9.96 2.44
CA GLY B 33 51.21 -9.85 1.11
C GLY B 33 51.96 -8.55 0.95
N VAL B 34 51.25 -7.44 1.19
CA VAL B 34 51.88 -6.15 1.37
C VAL B 34 52.20 -6.07 2.87
N ASN B 35 53.48 -6.29 3.20
CA ASN B 35 53.88 -6.55 4.59
C ASN B 35 54.55 -5.40 5.34
N SER B 36 54.96 -4.36 4.63
CA SER B 36 55.50 -3.16 5.27
C SER B 36 54.61 -1.94 5.03
N PRO B 37 54.58 -0.98 5.98
CA PRO B 37 53.90 0.30 5.76
C PRO B 37 54.84 1.46 5.42
N ASP B 38 56.14 1.16 5.26
CA ASP B 38 57.17 2.17 5.03
C ASP B 38 57.56 2.34 3.56
N LEU B 39 57.12 1.41 2.72
CA LEU B 39 57.44 1.42 1.28
C LEU B 39 56.81 2.59 0.52
N PRO B 40 57.50 3.08 -0.54
CA PRO B 40 57.16 4.31 -1.27
C PRO B 40 55.69 4.48 -1.66
N THR B 41 55.14 3.55 -2.45
CA THR B 41 53.83 3.74 -3.07
C THR B 41 52.80 2.62 -2.81
N THR B 42 53.25 1.36 -2.86
CA THR B 42 52.37 0.20 -2.74
C THR B 42 51.90 -0.07 -1.30
N SER B 43 52.48 0.67 -0.34
CA SER B 43 52.16 0.51 1.08
C SER B 43 50.77 0.97 1.49
N ASN B 44 49.98 1.41 0.51
CA ASN B 44 48.59 1.76 0.74
CA ASN B 44 48.59 1.76 0.74
C ASN B 44 47.71 0.52 0.91
N TRP B 45 48.25 -0.64 0.56
CA TRP B 45 47.55 -1.91 0.71
C TRP B 45 48.09 -2.79 1.83
N TYR B 46 48.82 -2.16 2.76
CA TYR B 46 49.27 -2.81 3.99
C TYR B 46 48.08 -3.46 4.73
N THR B 47 48.29 -4.73 5.13
CA THR B 47 47.28 -5.62 5.75
C THR B 47 46.30 -6.24 4.73
N TYR B 48 46.61 -6.07 3.44
CA TYR B 48 45.84 -6.66 2.32
C TYR B 48 46.74 -7.42 1.35
N THR B 49 46.13 -8.30 0.57
CA THR B 49 46.78 -8.88 -0.60
C THR B 49 46.54 -7.97 -1.80
N TYR B 50 47.04 -8.38 -2.97
CA TYR B 50 46.63 -7.79 -4.23
C TYR B 50 45.36 -8.53 -4.65
N ASP B 51 44.97 -8.39 -5.91
CA ASP B 51 43.74 -9.01 -6.41
C ASP B 51 43.93 -10.49 -6.79
N LEU B 52 43.16 -11.35 -6.13
CA LEU B 52 43.26 -12.79 -6.32
C LEU B 52 42.34 -13.26 -7.44
N GLN B 53 42.90 -14.02 -8.36
CA GLN B 53 42.12 -14.58 -9.48
C GLN B 53 42.80 -15.78 -10.14
N PRO B 54 42.00 -16.66 -10.77
CA PRO B 54 42.54 -17.73 -11.60
C PRO B 54 43.16 -17.16 -12.88
N LYS B 55 44.33 -17.69 -13.25
CA LYS B 55 45.07 -17.23 -14.42
C LYS B 55 44.29 -17.51 -15.70
N GLY B 56 43.61 -18.67 -15.74
CA GLY B 56 42.89 -19.12 -16.94
C GLY B 56 43.63 -20.26 -17.60
N SER B 57 44.95 -20.21 -17.56
CA SER B 57 45.78 -21.25 -18.18
C SER B 57 46.89 -21.78 -17.26
N SER B 58 47.29 -23.03 -17.51
CA SER B 58 48.38 -23.70 -16.79
C SER B 58 49.76 -23.06 -17.04
N PRO B 59 50.61 -23.03 -16.00
CA PRO B 59 50.28 -23.33 -14.62
C PRO B 59 50.03 -22.04 -13.84
N ASP B 60 49.61 -22.14 -12.58
CA ASP B 60 49.49 -20.96 -11.74
C ASP B 60 50.89 -20.45 -11.43
N GLN B 61 51.05 -19.13 -11.52
CA GLN B 61 52.31 -18.48 -11.13
C GLN B 61 51.99 -17.29 -10.21
N PRO B 62 51.63 -17.57 -8.94
CA PRO B 62 51.19 -16.51 -8.03
C PRO B 62 52.34 -15.59 -7.59
N ILE B 63 52.03 -14.31 -7.35
CA ILE B 63 53.03 -13.35 -6.87
C ILE B 63 53.10 -13.28 -5.32
N LYS B 64 54.20 -12.72 -4.81
CA LYS B 64 54.40 -12.52 -3.36
C LYS B 64 53.21 -11.86 -2.68
N GLU B 65 52.72 -10.78 -3.28
CA GLU B 65 51.64 -9.96 -2.71
C GLU B 65 50.32 -10.71 -2.59
N ASN B 66 50.21 -11.86 -3.25
CA ASN B 66 48.98 -12.66 -3.21
C ASN B 66 49.09 -13.87 -2.30
N LEU B 67 50.09 -13.84 -1.42
CA LEU B 67 50.38 -14.97 -0.54
C LEU B 67 50.46 -14.61 0.96
N PRO B 68 49.31 -14.62 1.66
CA PRO B 68 49.27 -14.41 3.12
C PRO B 68 50.14 -15.43 3.88
N ALA B 69 50.94 -14.91 4.80
CA ALA B 69 51.88 -15.73 5.55
C ALA B 69 51.62 -15.64 7.05
N TYR B 70 52.20 -16.57 7.81
CA TYR B 70 52.10 -16.57 9.28
C TYR B 70 52.95 -15.45 9.89
N SER B 71 52.48 -14.90 11.00
CA SER B 71 53.27 -13.95 11.79
C SER B 71 53.97 -14.71 12.92
N VAL B 72 55.18 -14.25 13.27
CA VAL B 72 56.00 -14.89 14.31
C VAL B 72 57.01 -13.93 14.95
N ALA B 73 57.26 -14.14 16.25
CA ALA B 73 58.29 -13.43 16.99
C ALA B 73 58.87 -14.34 18.06
N ARG B 74 60.19 -14.23 18.26
CA ARG B 74 60.85 -14.81 19.42
C ARG B 74 61.03 -13.69 20.42
N VAL B 75 60.67 -13.93 21.68
CA VAL B 75 60.80 -12.94 22.74
C VAL B 75 61.83 -13.41 23.76
N SER B 76 62.83 -12.56 24.03
CA SER B 76 63.91 -12.84 24.97
C SER B 76 63.46 -12.73 26.42
N LEU B 77 63.68 -13.81 27.17
CA LEU B 77 63.33 -13.86 28.60
C LEU B 77 64.55 -13.57 29.48
N PRO B 78 64.32 -12.97 30.66
CA PRO B 78 65.36 -12.82 31.70
C PRO B 78 66.09 -14.14 32.01
N MET B 79 67.42 -14.09 32.00
CA MET B 79 68.24 -15.27 32.28
C MET B 79 68.15 -15.68 33.75
N LEU B 80 68.11 -16.99 33.98
CA LEU B 80 67.77 -17.53 35.29
C LEU B 80 68.96 -18.07 36.07
N ASN B 81 69.87 -18.73 35.36
CA ASN B 81 71.00 -19.41 35.98
C ASN B 81 72.29 -18.62 35.88
N GLU B 82 73.13 -18.72 36.92
CA GLU B 82 74.48 -18.13 36.88
C GLU B 82 75.54 -19.20 36.61
N ASP B 83 75.10 -20.37 36.12
CA ASP B 83 75.97 -21.49 35.76
C ASP B 83 75.25 -22.47 34.83
N ILE B 84 75.71 -22.54 33.58
CA ILE B 84 75.08 -23.37 32.54
C ILE B 84 75.52 -24.85 32.57
N THR B 85 76.67 -25.11 33.18
CA THR B 85 77.26 -26.45 33.25
C THR B 85 76.45 -27.43 34.11
N CYS B 86 75.62 -26.88 35.01
CA CYS B 86 74.78 -27.67 35.93
C CYS B 86 73.85 -28.60 35.18
N ASP B 87 73.62 -29.78 35.73
CA ASP B 87 72.70 -30.74 35.12
C ASP B 87 71.24 -30.30 35.36
N THR B 88 71.02 -29.57 36.44
CA THR B 88 69.68 -29.13 36.84
C THR B 88 69.58 -27.59 36.79
N LEU B 89 68.56 -27.09 36.10
CA LEU B 89 68.43 -25.65 35.84
C LEU B 89 66.99 -25.13 35.96
N GLN B 90 66.86 -23.84 36.19
CA GLN B 90 65.57 -23.15 36.12
C GLN B 90 65.26 -22.83 34.65
N MET B 91 64.03 -23.10 34.23
CA MET B 91 63.53 -22.76 32.89
C MET B 91 62.18 -22.04 33.01
N TRP B 92 61.93 -21.10 32.12
CA TRP B 92 60.62 -20.44 32.07
C TRP B 92 59.57 -21.36 31.46
N GLU B 93 58.38 -21.38 32.07
CA GLU B 93 57.28 -22.26 31.69
C GLU B 93 56.00 -21.46 31.48
N ALA B 94 55.44 -21.49 30.27
CA ALA B 94 54.21 -20.77 29.96
C ALA B 94 53.00 -21.56 30.42
N ILE B 95 52.14 -20.91 31.20
CA ILE B 95 51.06 -21.64 31.86
C ILE B 95 49.68 -21.23 31.37
N SER B 96 49.56 -19.97 30.94
CA SER B 96 48.30 -19.41 30.45
C SER B 96 48.54 -18.24 29.52
N VAL B 97 47.53 -17.93 28.71
CA VAL B 97 47.59 -16.79 27.81
C VAL B 97 46.23 -16.10 27.61
N LYS B 98 46.28 -14.78 27.60
CA LYS B 98 45.18 -13.98 27.09
C LYS B 98 45.55 -13.52 25.68
N THR B 99 44.65 -13.74 24.73
CA THR B 99 44.90 -13.34 23.35
C THR B 99 43.64 -12.79 22.69
N GLU B 100 43.81 -11.78 21.83
CA GLU B 100 42.68 -11.09 21.22
C GLU B 100 43.03 -10.57 19.82
N VAL B 101 42.07 -10.61 18.91
CA VAL B 101 42.23 -10.02 17.58
C VAL B 101 41.86 -8.52 17.66
N VAL B 102 42.74 -7.68 17.13
CA VAL B 102 42.60 -6.21 17.30
C VAL B 102 42.00 -5.52 16.06
N GLY B 103 40.98 -4.70 16.27
CA GLY B 103 40.40 -3.89 15.20
C GLY B 103 39.18 -4.52 14.56
N ILE B 104 38.53 -5.41 15.30
CA ILE B 104 37.34 -6.10 14.78
C ILE B 104 36.26 -5.09 14.39
N SER B 105 36.12 -4.04 15.19
CA SER B 105 35.13 -2.97 14.95
C SER B 105 35.28 -2.26 13.60
N SER B 106 36.51 -2.17 13.11
CA SER B 106 36.77 -1.49 11.84
C SER B 106 36.01 -2.12 10.68
N LEU B 107 35.66 -3.40 10.81
CA LEU B 107 34.96 -4.12 9.77
C LEU B 107 33.47 -3.73 9.58
N ILE B 108 32.96 -2.82 10.41
CA ILE B 108 31.61 -2.28 10.21
C ILE B 108 31.59 -1.24 9.08
N ASN B 109 32.77 -0.88 8.57
CA ASN B 109 32.88 0.11 7.48
C ASN B 109 32.37 -0.46 6.16
N VAL B 110 31.21 0.01 5.73
CA VAL B 110 30.63 -0.39 4.44
C VAL B 110 30.60 0.77 3.42
N HIS B 111 31.54 1.70 3.56
CA HIS B 111 31.60 2.89 2.70
C HIS B 111 33.02 3.19 2.24
N TYR B 112 33.83 2.13 2.07
CA TYR B 112 35.09 2.28 1.36
C TYR B 112 34.75 2.82 -0.04
N TRP B 113 35.52 3.81 -0.50
CA TRP B 113 35.15 4.57 -1.70
C TRP B 113 35.03 3.73 -2.98
N ASP B 114 35.71 2.59 -3.01
CA ASP B 114 35.76 1.72 -4.18
C ASP B 114 35.19 0.33 -3.88
N MET B 115 34.23 0.28 -2.93
CA MET B 115 33.51 -0.94 -2.59
C MET B 115 32.41 -1.25 -3.61
N LYS B 116 32.35 -2.51 -4.04
CA LYS B 116 31.23 -3.03 -4.79
C LYS B 116 29.98 -2.95 -3.92
N ARG B 117 28.86 -2.53 -4.51
CA ARG B 117 27.58 -2.43 -3.79
C ARG B 117 26.87 -3.78 -3.75
N VAL B 118 26.06 -3.98 -2.71
CA VAL B 118 25.24 -5.20 -2.62
C VAL B 118 24.21 -5.21 -3.75
N HIS B 119 23.61 -4.04 -3.99
CA HIS B 119 22.72 -3.77 -5.14
C HIS B 119 22.74 -2.27 -5.43
N ASP B 120 22.11 -1.86 -6.52
CA ASP B 120 22.12 -0.46 -6.95
C ASP B 120 21.67 0.49 -5.84
N TYR B 121 22.46 1.54 -5.62
CA TYR B 121 22.21 2.57 -4.58
C TYR B 121 22.47 2.10 -3.13
N GLY B 122 22.77 0.82 -2.95
CA GLY B 122 22.98 0.25 -1.61
C GLY B 122 24.36 0.51 -1.06
N ALA B 123 24.57 0.08 0.19
CA ALA B 123 25.88 0.14 0.83
C ALA B 123 26.84 -0.87 0.21
N GLY B 124 28.13 -0.74 0.52
CA GLY B 124 29.14 -1.70 0.05
C GLY B 124 29.02 -3.06 0.69
N ILE B 125 29.51 -4.10 0.01
CA ILE B 125 29.56 -5.42 0.60
C ILE B 125 30.64 -5.43 1.69
N PRO B 126 30.26 -5.81 2.92
CA PRO B 126 31.20 -5.85 4.05
C PRO B 126 32.25 -6.93 3.90
N VAL B 127 33.40 -6.74 4.57
CA VAL B 127 34.48 -7.72 4.59
C VAL B 127 33.92 -9.04 5.12
N SER B 128 34.01 -10.09 4.30
CA SER B 128 33.33 -11.35 4.54
C SER B 128 33.91 -12.41 3.63
N GLY B 129 33.48 -13.65 3.78
CA GLY B 129 34.04 -14.75 3.00
C GLY B 129 35.07 -15.55 3.77
N VAL B 130 36.18 -15.88 3.13
CA VAL B 130 37.18 -16.79 3.69
C VAL B 130 37.80 -16.24 4.97
N ASN B 131 37.73 -17.04 6.03
CA ASN B 131 38.42 -16.74 7.29
C ASN B 131 39.39 -17.85 7.66
N TYR B 132 40.53 -17.47 8.22
CA TYR B 132 41.45 -18.44 8.77
C TYR B 132 42.10 -17.86 10.03
N HIS B 133 41.90 -18.54 11.15
CA HIS B 133 42.42 -18.06 12.43
C HIS B 133 43.22 -19.13 13.16
N MET B 134 44.45 -18.78 13.53
CA MET B 134 45.30 -19.63 14.37
C MET B 134 46.22 -18.81 15.27
N PHE B 135 46.59 -19.42 16.40
CA PHE B 135 47.71 -18.93 17.21
C PHE B 135 48.42 -20.10 17.88
N ALA B 136 49.70 -19.90 18.16
CA ALA B 136 50.50 -20.88 18.88
C ALA B 136 51.46 -20.20 19.88
N ILE B 137 51.65 -20.88 21.01
CA ILE B 137 52.64 -20.52 22.04
C ILE B 137 53.55 -21.74 22.26
N GLY B 138 54.85 -21.53 22.15
CA GLY B 138 55.81 -22.62 22.31
C GLY B 138 57.18 -22.26 22.87
N GLY B 139 57.93 -23.28 23.27
CA GLY B 139 59.27 -23.09 23.83
C GLY B 139 60.36 -23.19 22.75
N GLU B 140 59.92 -23.30 21.50
CA GLU B 140 60.78 -23.41 20.32
C GLU B 140 59.94 -23.07 19.06
N PRO B 141 60.57 -22.98 17.88
CA PRO B 141 59.78 -22.70 16.67
C PRO B 141 58.71 -23.75 16.41
N LEU B 142 57.55 -23.29 15.93
CA LEU B 142 56.43 -24.17 15.56
C LEU B 142 56.78 -25.11 14.40
N ASP B 143 56.47 -26.39 14.56
CA ASP B 143 56.69 -27.39 13.53
C ASP B 143 55.61 -27.34 12.44
N LEU B 144 56.04 -27.39 11.17
CA LEU B 144 55.14 -27.24 10.01
C LEU B 144 55.12 -28.44 9.06
N GLN B 145 53.95 -28.71 8.48
CA GLN B 145 53.77 -29.73 7.47
C GLN B 145 53.33 -29.06 6.15
N GLY B 146 54.05 -29.31 5.05
CA GLY B 146 53.65 -28.76 3.75
C GLY B 146 52.52 -29.55 3.10
N LEU B 147 51.54 -28.84 2.55
CA LEU B 147 50.50 -29.45 1.70
C LEU B 147 49.78 -28.40 0.85
N VAL B 148 49.61 -28.70 -0.44
CA VAL B 148 49.05 -27.75 -1.39
C VAL B 148 47.81 -28.28 -2.12
N LEU B 149 46.99 -27.35 -2.61
CA LEU B 149 45.84 -27.69 -3.45
C LEU B 149 46.26 -28.34 -4.78
N ASP B 150 47.28 -27.75 -5.42
CA ASP B 150 47.73 -28.15 -6.75
C ASP B 150 49.26 -28.16 -6.81
N TYR B 151 49.84 -29.34 -6.97
CA TYR B 151 51.30 -29.54 -6.92
C TYR B 151 52.07 -28.85 -8.04
N GLN B 152 51.36 -28.54 -9.15
CA GLN B 152 51.94 -27.92 -10.33
C GLN B 152 52.10 -26.41 -10.17
N THR B 153 51.63 -25.88 -9.04
CA THR B 153 51.78 -24.46 -8.75
C THR B 153 53.27 -24.08 -8.70
N GLN B 154 53.63 -23.05 -9.47
CA GLN B 154 55.00 -22.58 -9.49
C GLN B 154 55.14 -21.34 -8.61
N TYR B 155 55.54 -21.57 -7.36
CA TYR B 155 55.71 -20.48 -6.40
C TYR B 155 57.02 -19.74 -6.69
N PRO B 156 57.05 -18.41 -6.44
CA PRO B 156 58.31 -17.67 -6.66
C PRO B 156 59.46 -18.27 -5.86
N LYS B 157 60.58 -18.52 -6.53
CA LYS B 157 61.77 -19.09 -5.88
C LYS B 157 62.27 -18.19 -4.76
N THR B 158 62.55 -18.80 -3.61
CA THR B 158 63.08 -18.09 -2.42
C THR B 158 64.35 -17.31 -2.74
N THR B 159 65.14 -17.81 -3.68
CA THR B 159 66.35 -17.13 -4.14
C THR B 159 66.03 -15.81 -4.85
N ASN B 160 64.90 -15.75 -5.56
CA ASN B 160 64.50 -14.53 -6.28
C ASN B 160 63.80 -13.49 -5.39
N GLY B 161 63.86 -13.70 -4.07
CA GLY B 161 63.21 -12.81 -3.11
C GLY B 161 61.85 -13.31 -2.67
N GLY B 162 61.54 -14.54 -3.04
CA GLY B 162 60.24 -15.14 -2.74
C GLY B 162 60.13 -15.72 -1.33
N PRO B 163 58.96 -16.30 -1.00
CA PRO B 163 58.73 -17.00 0.25
C PRO B 163 59.33 -18.40 0.21
N ILE B 164 59.25 -19.11 1.34
CA ILE B 164 59.74 -20.47 1.49
C ILE B 164 58.59 -21.47 1.30
N THR B 165 58.70 -22.32 0.28
CA THR B 165 57.66 -23.31 0.00
C THR B 165 58.24 -24.73 -0.01
N ILE B 166 57.45 -25.72 -0.43
CA ILE B 166 57.88 -27.13 -0.40
C ILE B 166 59.11 -27.41 -1.28
N GLU B 167 59.11 -26.89 -2.50
CA GLU B 167 60.28 -27.02 -3.38
C GLU B 167 61.54 -26.54 -2.68
N THR B 168 61.43 -25.40 -1.98
CA THR B 168 62.56 -24.81 -1.26
C THR B 168 63.20 -25.77 -0.28
N VAL B 169 62.40 -26.59 0.38
CA VAL B 169 62.95 -27.51 1.37
C VAL B 169 63.32 -28.87 0.76
N LEU B 170 62.76 -29.18 -0.40
CA LEU B 170 63.08 -30.44 -1.08
C LEU B 170 64.29 -30.38 -2.01
N GLY B 171 64.65 -29.18 -2.46
CA GLY B 171 65.73 -28.99 -3.43
C GLY B 171 65.29 -29.19 -4.88
N ARG B 172 64.06 -29.65 -5.05
CA ARG B 172 63.50 -29.98 -6.36
C ARG B 172 61.99 -29.74 -6.41
N LYS B 173 61.42 -29.94 -7.60
CA LYS B 173 60.00 -29.73 -7.86
C LYS B 173 59.10 -30.65 -7.03
N MET B 174 57.89 -30.16 -6.76
CA MET B 174 56.83 -30.93 -6.08
C MET B 174 56.33 -32.06 -6.98
N THR B 175 55.79 -33.12 -6.38
CA THR B 175 55.18 -34.21 -7.13
C THR B 175 53.74 -34.40 -6.66
N PRO B 176 52.93 -35.23 -7.37
CA PRO B 176 51.52 -35.44 -7.01
C PRO B 176 51.27 -35.81 -5.56
N LYS B 177 52.29 -36.33 -4.88
CA LYS B 177 52.14 -36.71 -3.47
C LYS B 177 52.03 -35.51 -2.51
N ASN B 178 52.54 -34.34 -2.91
CA ASN B 178 52.42 -33.10 -2.13
C ASN B 178 51.01 -32.49 -2.12
N GLN B 179 50.05 -33.19 -2.73
CA GLN B 179 48.64 -32.88 -2.54
C GLN B 179 48.11 -33.68 -1.35
N GLY B 180 48.86 -34.70 -0.96
CA GLY B 180 48.64 -35.45 0.28
C GLY B 180 49.70 -35.13 1.33
N LEU B 181 49.76 -35.92 2.39
CA LEU B 181 50.81 -35.77 3.42
C LEU B 181 52.09 -36.47 2.96
N ASP B 182 53.16 -35.68 2.79
CA ASP B 182 54.48 -36.20 2.44
C ASP B 182 55.44 -35.93 3.60
N PRO B 183 55.93 -37.01 4.24
CA PRO B 183 56.82 -36.97 5.39
C PRO B 183 58.04 -36.05 5.21
N GLN B 184 58.50 -35.90 3.98
CA GLN B 184 59.66 -35.06 3.71
C GLN B 184 59.37 -33.55 3.66
N ALA B 185 58.11 -33.17 3.56
CA ALA B 185 57.76 -31.74 3.39
C ALA B 185 57.53 -31.06 4.74
N LYS B 186 58.61 -30.87 5.47
CA LYS B 186 58.53 -30.28 6.81
C LYS B 186 59.44 -29.08 6.94
N ALA B 187 59.06 -28.16 7.84
CA ALA B 187 59.81 -26.92 8.09
C ALA B 187 59.49 -26.36 9.46
N LYS B 188 60.04 -25.19 9.76
CA LYS B 188 59.90 -24.57 11.07
C LYS B 188 59.64 -23.08 10.93
N LEU B 189 58.64 -22.59 11.64
CA LEU B 189 58.25 -21.20 11.54
C LEU B 189 59.24 -20.27 12.26
N ASP B 190 60.23 -19.75 11.51
CA ASP B 190 61.32 -18.92 12.07
C ASP B 190 61.52 -17.53 11.42
N LYS B 191 60.72 -17.24 10.39
CA LYS B 191 60.74 -15.93 9.72
C LYS B 191 59.33 -15.37 9.56
N ASP B 192 59.18 -14.08 9.90
CA ASP B 192 57.89 -13.38 9.84
C ASP B 192 57.52 -13.01 8.40
N GLY B 193 56.40 -13.54 7.93
CA GLY B 193 55.96 -13.31 6.54
C GLY B 193 56.84 -13.97 5.48
N ASN B 194 57.08 -15.27 5.64
CA ASN B 194 57.92 -16.04 4.72
C ASN B 194 57.37 -17.43 4.46
N TYR B 195 56.46 -17.89 5.33
CA TYR B 195 55.82 -19.20 5.16
C TYR B 195 54.34 -19.04 4.80
N PRO B 196 53.99 -19.28 3.52
CA PRO B 196 52.62 -19.11 3.07
C PRO B 196 51.64 -20.06 3.75
N ILE B 197 50.52 -19.48 4.19
CA ILE B 197 49.46 -20.20 4.88
C ILE B 197 48.89 -21.33 4.01
N GLU B 198 48.78 -21.08 2.71
CA GLU B 198 48.19 -22.07 1.79
C GLU B 198 49.12 -23.24 1.48
N VAL B 199 50.37 -23.13 1.92
CA VAL B 199 51.37 -24.19 1.75
C VAL B 199 51.60 -24.93 3.05
N TRP B 200 51.75 -24.19 4.15
CA TRP B 200 52.12 -24.78 5.47
C TRP B 200 51.02 -24.75 6.55
N CYS B 201 50.73 -25.91 7.13
CA CYS B 201 49.90 -26.04 8.33
C CYS B 201 50.76 -26.57 9.51
N PRO B 202 50.26 -26.46 10.76
CA PRO B 202 51.04 -26.98 11.89
C PRO B 202 51.16 -28.52 11.87
N ASP B 203 52.35 -29.02 12.16
CA ASP B 203 52.63 -30.46 12.11
C ASP B 203 52.17 -31.18 13.39
N PRO B 204 51.13 -32.03 13.29
CA PRO B 204 50.60 -32.72 14.47
C PRO B 204 51.45 -33.90 14.94
N SER B 205 52.46 -34.26 14.17
CA SER B 205 53.31 -35.39 14.54
C SER B 205 54.47 -34.97 15.43
N LYS B 206 54.65 -33.65 15.56
CA LYS B 206 55.69 -33.07 16.40
C LYS B 206 55.02 -32.10 17.39
N ASN B 207 55.61 -30.92 17.58
CA ASN B 207 55.02 -29.83 18.38
C ASN B 207 54.67 -30.18 19.83
N GLU B 208 55.43 -31.08 20.44
CA GLU B 208 55.17 -31.46 21.83
C GLU B 208 55.50 -30.36 22.84
N ASN B 209 56.36 -29.42 22.46
CA ASN B 209 56.71 -28.27 23.30
C ASN B 209 56.07 -26.94 22.81
N SER B 210 54.96 -27.06 22.09
CA SER B 210 54.14 -25.91 21.64
C SER B 210 52.66 -26.25 21.78
N ARG B 211 51.82 -25.22 21.93
CA ARG B 211 50.37 -25.40 21.93
C ARG B 211 49.77 -24.58 20.80
N TYR B 212 48.98 -25.22 19.93
CA TYR B 212 48.34 -24.47 18.81
C TYR B 212 46.81 -24.67 18.73
N TYR B 213 46.11 -23.62 18.30
CA TYR B 213 44.65 -23.63 18.19
C TYR B 213 44.26 -22.93 16.90
N GLY B 214 43.43 -23.58 16.09
CA GLY B 214 43.02 -22.96 14.82
C GLY B 214 41.72 -23.42 14.18
N SER B 215 41.26 -22.65 13.19
CA SER B 215 40.06 -23.00 12.41
C SER B 215 40.05 -22.36 11.02
N ILE B 216 39.22 -22.92 10.14
CA ILE B 216 38.95 -22.33 8.82
C ILE B 216 37.46 -22.15 8.53
N GLN B 217 37.17 -21.17 7.67
CA GLN B 217 35.84 -20.92 7.14
C GLN B 217 35.96 -20.56 5.65
N THR B 218 35.41 -21.43 4.79
CA THR B 218 35.35 -21.18 3.33
C THR B 218 34.03 -20.54 2.90
N GLY B 219 33.78 -20.44 1.60
CA GLY B 219 32.65 -19.68 1.07
C GLY B 219 33.10 -18.28 0.67
N SER B 220 32.30 -17.58 -0.14
CA SER B 220 32.77 -16.29 -0.71
C SER B 220 32.25 -15.03 -0.01
N GLN B 221 31.04 -15.11 0.54
CA GLN B 221 30.44 -13.97 1.27
C GLN B 221 29.92 -14.43 2.64
N THR B 222 30.50 -15.52 3.13
CA THR B 222 30.16 -16.07 4.43
C THR B 222 30.46 -15.01 5.50
N PRO B 223 29.51 -14.79 6.43
CA PRO B 223 29.69 -13.81 7.50
C PRO B 223 30.96 -14.06 8.29
N THR B 224 31.73 -13.00 8.53
CA THR B 224 32.80 -13.03 9.50
C THR B 224 32.20 -12.87 10.90
N VAL B 225 32.26 -13.95 11.68
CA VAL B 225 31.76 -13.93 13.07
C VAL B 225 32.89 -14.10 14.11
N LEU B 226 33.18 -13.01 14.84
CA LEU B 226 34.32 -12.96 15.77
C LEU B 226 33.96 -12.37 17.14
N GLN B 227 34.62 -12.86 18.19
CA GLN B 227 34.41 -12.39 19.58
C GLN B 227 35.65 -11.77 20.18
N PHE B 228 35.45 -10.86 21.13
CA PHE B 228 36.55 -10.26 21.88
C PHE B 228 36.13 -9.94 23.32
N SER B 229 36.97 -10.33 24.28
CA SER B 229 36.73 -10.07 25.69
C SER B 229 38.02 -10.28 26.50
N ASN B 230 38.36 -9.33 27.36
CA ASN B 230 39.54 -9.46 28.21
C ASN B 230 39.31 -10.36 29.43
N THR B 231 38.27 -11.17 29.40
CA THR B 231 38.00 -12.11 30.49
C THR B 231 38.31 -13.56 30.10
N LEU B 232 38.72 -13.77 28.84
CA LEU B 232 38.98 -15.13 28.34
C LEU B 232 40.45 -15.52 28.50
N THR B 233 40.68 -16.74 28.99
CA THR B 233 42.01 -17.24 29.30
C THR B 233 42.15 -18.66 28.78
N THR B 234 43.24 -18.92 28.07
CA THR B 234 43.57 -20.24 27.58
C THR B 234 44.65 -20.84 28.47
N VAL B 235 44.29 -21.90 29.19
CA VAL B 235 45.26 -22.66 29.98
C VAL B 235 46.20 -23.42 29.05
N LEU B 236 47.50 -23.28 29.26
CA LEU B 236 48.51 -23.87 28.37
C LEU B 236 49.14 -25.16 28.90
N LEU B 237 48.68 -25.63 30.06
CA LEU B 237 49.21 -26.87 30.65
C LEU B 237 48.72 -28.10 29.89
N ASP B 238 49.57 -29.11 29.75
CA ASP B 238 49.14 -30.39 29.16
C ASP B 238 48.45 -31.26 30.20
N GLU B 239 48.13 -32.49 29.84
CA GLU B 239 47.40 -33.41 30.76
C GLU B 239 48.18 -33.81 32.01
N ASN B 240 49.47 -33.51 32.02
CA ASN B 240 50.32 -33.74 33.18
C ASN B 240 50.66 -32.47 33.95
N GLY B 241 50.00 -31.37 33.62
CA GLY B 241 50.21 -30.10 34.32
C GLY B 241 51.55 -29.46 34.00
N VAL B 242 52.00 -29.61 32.76
CA VAL B 242 53.24 -29.00 32.30
C VAL B 242 53.01 -28.18 31.03
N GLY B 243 53.33 -26.90 31.08
CA GLY B 243 53.26 -26.02 29.91
C GLY B 243 54.53 -26.08 29.07
N PRO B 244 54.55 -25.39 27.92
CA PRO B 244 55.75 -25.30 27.08
C PRO B 244 56.94 -24.77 27.87
N LEU B 245 58.10 -25.40 27.66
CA LEU B 245 59.33 -25.04 28.38
C LEU B 245 60.33 -24.34 27.45
N CYS B 246 60.74 -23.14 27.86
CA CYS B 246 61.53 -22.25 27.01
C CYS B 246 63.03 -22.54 27.01
N LYS B 247 63.43 -23.40 26.07
CA LYS B 247 64.83 -23.69 25.79
C LYS B 247 65.47 -22.44 25.20
N GLY B 248 66.69 -22.15 25.64
CA GLY B 248 67.42 -20.98 25.16
C GLY B 248 66.82 -19.65 25.61
N ASP B 249 65.95 -19.71 26.62
CA ASP B 249 65.32 -18.53 27.23
C ASP B 249 64.53 -17.67 26.23
N GLY B 250 64.00 -18.33 25.21
CA GLY B 250 63.19 -17.68 24.19
C GLY B 250 61.79 -18.26 24.09
N LEU B 251 60.81 -17.37 24.02
CA LEU B 251 59.41 -17.77 23.85
C LEU B 251 58.96 -17.43 22.44
N PHE B 252 58.41 -18.42 21.75
CA PHE B 252 57.94 -18.26 20.38
C PHE B 252 56.43 -18.08 20.31
N ILE B 253 56.01 -17.05 19.59
CA ILE B 253 54.61 -16.72 19.44
C ILE B 253 54.30 -16.65 17.95
N SER B 254 53.28 -17.41 17.53
CA SER B 254 52.86 -17.48 16.13
C SER B 254 51.36 -17.21 15.97
N CYS B 255 50.96 -16.67 14.82
CA CYS B 255 49.53 -16.49 14.50
C CYS B 255 49.25 -16.20 13.04
N ALA B 256 47.97 -16.09 12.72
CA ALA B 256 47.44 -15.84 11.40
C ALA B 256 45.96 -15.52 11.60
N ASP B 257 45.51 -14.41 11.02
CA ASP B 257 44.11 -13.98 11.16
C ASP B 257 43.59 -13.33 9.88
N ILE B 258 43.15 -14.15 8.94
CA ILE B 258 42.50 -13.68 7.71
C ILE B 258 41.01 -13.50 7.98
N VAL B 259 40.49 -12.30 7.72
CA VAL B 259 39.11 -11.96 8.10
C VAL B 259 38.09 -11.78 6.97
N GLY B 260 38.48 -12.06 5.73
CA GLY B 260 37.55 -11.92 4.61
C GLY B 260 38.07 -11.11 3.43
N PHE B 261 37.22 -10.98 2.41
CA PHE B 261 37.55 -10.26 1.18
C PHE B 261 37.05 -8.82 1.22
N LEU B 262 37.87 -7.91 0.71
CA LEU B 262 37.43 -6.57 0.34
C LEU B 262 36.95 -6.61 -1.12
N PHE B 263 35.69 -6.26 -1.35
CA PHE B 263 35.07 -6.35 -2.68
C PHE B 263 35.10 -5.00 -3.39
N LYS B 264 35.91 -4.92 -4.44
CA LYS B 264 36.13 -3.69 -5.19
C LYS B 264 35.09 -3.51 -6.30
N THR B 265 34.86 -2.24 -6.68
CA THR B 265 33.79 -1.89 -7.62
C THR B 265 33.77 -2.72 -8.91
N SER B 266 34.96 -2.95 -9.47
CA SER B 266 35.12 -3.70 -10.72
C SER B 266 34.76 -5.20 -10.61
N GLY B 267 34.69 -5.70 -9.38
CA GLY B 267 34.48 -7.13 -9.16
C GLY B 267 35.74 -7.85 -8.68
N LYS B 268 36.86 -7.12 -8.62
CA LYS B 268 38.12 -7.67 -8.10
C LYS B 268 38.12 -7.75 -6.58
N MET B 269 38.87 -8.71 -6.06
CA MET B 269 38.77 -9.13 -4.65
C MET B 269 40.14 -9.30 -4.00
N ALA B 270 40.30 -8.74 -2.80
CA ALA B 270 41.52 -8.93 -2.01
C ALA B 270 41.23 -9.44 -0.59
N LEU B 271 42.07 -10.35 -0.09
CA LEU B 271 41.98 -10.80 1.29
C LEU B 271 42.50 -9.73 2.25
N HIS B 272 42.00 -9.75 3.48
CA HIS B 272 42.33 -8.77 4.50
C HIS B 272 42.65 -9.48 5.80
N GLY B 273 43.50 -8.89 6.63
CA GLY B 273 43.83 -9.48 7.94
C GLY B 273 43.97 -8.47 9.06
N LEU B 274 43.85 -8.95 10.29
CA LEU B 274 43.90 -8.09 11.48
C LEU B 274 45.06 -8.47 12.42
N PRO B 275 45.53 -7.50 13.24
CA PRO B 275 46.62 -7.82 14.18
C PRO B 275 46.14 -8.60 15.40
N ARG B 276 47.07 -9.22 16.12
CA ARG B 276 46.72 -10.03 17.29
C ARG B 276 47.55 -9.64 18.52
N TYR B 277 46.89 -9.52 19.67
CA TYR B 277 47.55 -9.22 20.94
C TYR B 277 47.69 -10.47 21.80
N PHE B 278 48.79 -10.51 22.56
CA PHE B 278 49.09 -11.59 23.50
C PHE B 278 49.57 -11.05 24.85
N ASN B 279 49.03 -11.61 25.93
CA ASN B 279 49.64 -11.50 27.26
C ASN B 279 49.85 -12.90 27.87
N VAL B 280 51.11 -13.34 27.91
CA VAL B 280 51.47 -14.68 28.37
C VAL B 280 52.03 -14.65 29.79
N THR B 281 51.46 -15.49 30.66
CA THR B 281 51.96 -15.69 32.02
C THR B 281 52.94 -16.87 32.07
N LEU B 282 54.13 -16.63 32.64
CA LEU B 282 55.14 -17.69 32.81
C LEU B 282 55.66 -17.83 34.25
N ARG B 283 55.91 -19.07 34.66
CA ARG B 283 56.51 -19.36 35.97
C ARG B 283 57.87 -20.04 35.84
N LYS B 284 58.67 -20.05 36.90
CA LYS B 284 59.97 -20.70 36.89
C LYS B 284 59.82 -22.19 37.26
N ARG B 285 60.55 -23.06 36.57
CA ARG B 285 60.43 -24.51 36.78
C ARG B 285 61.81 -25.17 36.75
N TRP B 286 62.07 -26.08 37.69
CA TRP B 286 63.31 -26.87 37.71
C TRP B 286 63.25 -27.99 36.68
N VAL B 287 64.35 -28.18 35.97
CA VAL B 287 64.50 -29.27 35.00
C VAL B 287 65.88 -29.94 35.14
N LYS B 288 65.94 -31.23 34.82
CA LYS B 288 67.16 -32.03 34.96
C LYS B 288 68.00 -32.12 33.67
N GLU C 10 47.08 -2.10 46.64
CA GLU C 10 46.90 -3.46 47.24
C GLU C 10 45.47 -3.67 47.75
N VAL C 11 44.82 -4.71 47.24
CA VAL C 11 43.43 -5.00 47.57
C VAL C 11 43.37 -5.78 48.88
N LEU C 12 42.59 -5.27 49.82
CA LEU C 12 42.45 -5.90 51.14
C LEU C 12 41.07 -6.55 51.23
N SER C 13 40.50 -6.61 52.44
CA SER C 13 39.26 -7.36 52.67
C SER C 13 37.95 -6.64 52.33
N VAL C 14 36.92 -7.44 52.07
CA VAL C 14 35.56 -6.94 51.84
C VAL C 14 35.03 -6.31 53.12
N VAL C 15 34.56 -5.08 53.02
CA VAL C 15 33.98 -4.37 54.16
C VAL C 15 32.67 -5.04 54.58
N THR C 16 32.63 -5.51 55.83
CA THR C 16 31.44 -6.17 56.39
C THR C 16 30.57 -5.20 57.20
N GLY C 17 29.27 -5.18 56.89
CA GLY C 17 28.34 -4.32 57.61
C GLY C 17 26.89 -4.42 57.15
N GLU C 18 26.10 -3.43 57.51
CA GLU C 18 24.68 -3.36 57.15
C GLU C 18 24.50 -2.96 55.69
N ASP C 19 25.02 -1.79 55.34
CA ASP C 19 24.84 -1.23 54.00
C ASP C 19 26.11 -1.31 53.16
N SER C 20 26.71 -2.49 53.10
CA SER C 20 27.95 -2.71 52.35
C SER C 20 27.71 -3.07 50.87
N ILE C 21 26.44 -3.31 50.51
CA ILE C 21 26.08 -3.66 49.13
C ILE C 21 25.10 -2.65 48.53
N THR C 22 25.43 -2.14 47.33
CA THR C 22 24.51 -1.26 46.59
C THR C 22 24.22 -1.80 45.18
N GLN C 23 23.15 -1.31 44.58
CA GLN C 23 22.79 -1.65 43.21
C GLN C 23 22.60 -0.39 42.37
N ILE C 24 23.21 -0.37 41.18
CA ILE C 24 23.07 0.77 40.26
C ILE C 24 22.37 0.40 38.95
N GLU C 25 21.33 1.18 38.63
CA GLU C 25 20.42 0.94 37.51
C GLU C 25 20.52 2.07 36.46
N LEU C 26 20.49 1.71 35.18
CA LEU C 26 20.44 2.70 34.09
C LEU C 26 20.29 2.07 32.70
N TYR C 27 19.93 2.92 31.74
CA TYR C 27 19.87 2.53 30.33
C TYR C 27 20.70 3.48 29.49
N LEU C 28 21.13 3.02 28.32
CA LEU C 28 21.78 3.90 27.34
C LEU C 28 21.13 3.80 25.95
N ASN C 29 20.74 4.96 25.41
CA ASN C 29 20.19 5.04 24.04
C ASN C 29 21.31 5.06 23.00
N PRO C 30 21.07 4.46 21.80
CA PRO C 30 22.13 4.28 20.81
C PRO C 30 22.59 5.59 20.18
N ARG C 31 23.83 5.61 19.71
CA ARG C 31 24.40 6.76 19.03
C ARG C 31 24.82 6.36 17.62
N MET C 32 23.84 6.29 16.72
CA MET C 32 24.05 5.76 15.37
C MET C 32 24.50 6.81 14.36
N GLY C 33 24.28 8.08 14.67
CA GLY C 33 24.61 9.18 13.76
C GLY C 33 23.66 10.34 13.99
N VAL C 34 22.37 10.01 14.07
CA VAL C 34 21.35 10.95 14.51
C VAL C 34 21.12 10.61 15.98
N ASN C 35 21.69 11.43 16.86
CA ASN C 35 21.85 11.09 18.28
C ASN C 35 20.90 11.78 19.27
N SER C 36 20.19 12.80 18.78
CA SER C 36 19.18 13.47 19.60
C SER C 36 17.80 13.26 19.01
N PRO C 37 16.78 13.10 19.88
CA PRO C 37 15.38 13.08 19.45
C PRO C 37 14.72 14.47 19.45
N ASP C 38 15.52 15.52 19.67
CA ASP C 38 14.99 16.88 19.91
C ASP C 38 15.19 17.82 18.71
N LEU C 39 14.68 17.43 17.55
CA LEU C 39 14.74 18.23 16.32
C LEU C 39 13.54 17.96 15.40
N THR C 42 14.91 16.68 11.67
CA THR C 42 15.88 15.66 11.29
C THR C 42 15.91 14.49 12.28
N SER C 43 15.38 14.72 13.48
CA SER C 43 15.28 13.68 14.50
C SER C 43 14.36 12.52 14.12
N ASN C 44 13.77 12.59 12.93
CA ASN C 44 12.95 11.51 12.42
CA ASN C 44 12.96 11.52 12.35
C ASN C 44 13.77 10.23 12.23
N TRP C 45 15.08 10.37 12.07
CA TRP C 45 15.97 9.22 11.90
C TRP C 45 16.84 8.89 13.12
N TYR C 46 16.36 9.27 14.31
CA TYR C 46 17.04 8.96 15.57
C TYR C 46 17.08 7.44 15.81
N THR C 47 18.27 6.95 16.15
CA THR C 47 18.63 5.51 16.25
C THR C 47 18.96 4.87 14.90
N TYR C 48 19.22 5.71 13.90
CA TYR C 48 19.67 5.27 12.57
C TYR C 48 20.84 6.13 12.12
N THR C 49 21.61 5.62 11.15
CA THR C 49 22.57 6.43 10.40
C THR C 49 21.80 7.16 9.29
N TYR C 50 22.51 7.86 8.40
CA TYR C 50 21.91 8.25 7.11
C TYR C 50 22.10 7.10 6.12
N ASP C 51 22.02 7.41 4.82
CA ASP C 51 22.24 6.40 3.79
C ASP C 51 23.73 6.12 3.59
N LEU C 52 24.09 4.85 3.48
CA LEU C 52 25.49 4.45 3.38
C LEU C 52 25.81 3.99 1.96
N GLN C 53 26.80 4.67 1.35
CA GLN C 53 27.14 4.48 -0.06
C GLN C 53 28.63 4.61 -0.29
N PRO C 54 29.23 3.66 -1.03
CA PRO C 54 30.59 3.91 -1.52
C PRO C 54 30.59 5.16 -2.40
N LYS C 55 31.50 6.09 -2.11
CA LYS C 55 31.57 7.38 -2.81
C LYS C 55 31.82 7.25 -4.32
N GLY C 56 32.50 6.18 -4.73
CA GLY C 56 32.79 5.96 -6.14
C GLY C 56 34.11 6.55 -6.61
N SER C 57 34.60 7.56 -5.88
CA SER C 57 35.89 8.19 -6.19
C SER C 57 36.68 8.54 -4.92
N SER C 58 38.00 8.52 -5.04
CA SER C 58 38.92 8.82 -3.95
C SER C 58 38.94 10.33 -3.63
N PRO C 59 39.12 10.69 -2.34
CA PRO C 59 39.08 9.82 -1.16
C PRO C 59 37.72 9.90 -0.45
N ASP C 60 37.49 9.01 0.51
CA ASP C 60 36.26 9.01 1.29
C ASP C 60 36.18 10.21 2.25
N GLN C 61 35.03 10.88 2.23
CA GLN C 61 34.81 12.05 3.08
C GLN C 61 33.46 11.93 3.78
N PRO C 62 33.36 11.02 4.78
CA PRO C 62 32.07 10.68 5.38
C PRO C 62 31.53 11.71 6.37
N ILE C 63 30.22 11.94 6.31
CA ILE C 63 29.52 12.83 7.26
C ILE C 63 29.26 12.15 8.61
N LYS C 64 29.18 12.96 9.67
CA LYS C 64 29.05 12.45 11.03
C LYS C 64 27.80 11.58 11.25
N GLU C 65 26.80 11.74 10.39
CA GLU C 65 25.55 11.00 10.48
C GLU C 65 25.73 9.57 9.98
N ASN C 66 26.90 9.28 9.40
CA ASN C 66 27.22 7.96 8.89
C ASN C 66 28.25 7.21 9.73
N LEU C 67 28.47 7.69 10.95
CA LEU C 67 29.45 7.11 11.87
C LEU C 67 28.83 6.78 13.23
N PRO C 68 28.26 5.55 13.37
CA PRO C 68 27.82 5.07 14.68
C PRO C 68 28.96 5.15 15.71
N ALA C 69 28.62 5.52 16.94
CA ALA C 69 29.61 5.77 17.99
C ALA C 69 29.25 5.02 19.28
N TYR C 70 30.23 4.91 20.19
CA TYR C 70 30.03 4.24 21.47
C TYR C 70 29.22 5.11 22.43
N SER C 71 28.30 4.47 23.16
CA SER C 71 27.61 5.10 24.29
C SER C 71 28.41 4.94 25.57
N VAL C 72 28.36 5.94 26.44
CA VAL C 72 29.07 5.89 27.73
C VAL C 72 28.43 6.80 28.77
N ALA C 73 28.47 6.36 30.01
CA ALA C 73 28.03 7.18 31.15
C ALA C 73 28.87 6.94 32.40
N ARG C 74 29.21 8.03 33.11
CA ARG C 74 29.80 7.94 34.43
C ARG C 74 28.67 8.01 35.46
N VAL C 75 28.71 7.16 36.47
CA VAL C 75 27.69 7.20 37.52
C VAL C 75 28.33 7.53 38.86
N SER C 76 27.81 8.57 39.51
CA SER C 76 28.27 8.99 40.84
C SER C 76 27.78 8.04 41.94
N LEU C 77 28.73 7.48 42.68
CA LEU C 77 28.41 6.55 43.76
C LEU C 77 28.48 7.26 45.13
N PRO C 78 27.76 6.73 46.14
CA PRO C 78 27.82 7.31 47.49
C PRO C 78 29.27 7.53 47.96
N MET C 79 29.50 8.69 48.58
CA MET C 79 30.80 9.02 49.16
C MET C 79 31.11 8.04 50.29
N LEU C 80 32.34 7.55 50.32
CA LEU C 80 32.71 6.53 51.30
C LEU C 80 33.74 7.02 52.33
N ASN C 81 34.82 7.62 51.84
CA ASN C 81 35.88 8.08 52.71
C ASN C 81 35.61 9.50 53.18
N GLU C 82 35.43 9.64 54.49
CA GLU C 82 35.14 10.95 55.09
C GLU C 82 36.44 11.64 55.54
N ASP C 83 37.46 11.50 54.71
CA ASP C 83 38.78 12.09 54.94
C ASP C 83 39.46 12.40 53.61
N THR C 85 42.27 10.99 50.84
CA THR C 85 43.68 11.38 50.95
C THR C 85 44.41 10.65 52.08
N CYS C 86 43.99 9.41 52.35
CA CYS C 86 44.67 8.53 53.29
C CYS C 86 45.44 7.43 52.53
N ASP C 87 46.04 6.52 53.28
CA ASP C 87 46.78 5.40 52.71
C ASP C 87 45.81 4.25 52.37
N THR C 88 45.04 3.83 53.38
CA THR C 88 44.00 2.82 53.21
C THR C 88 42.63 3.49 53.08
N LEU C 89 41.84 3.04 52.11
CA LEU C 89 40.50 3.60 51.88
C LEU C 89 39.48 2.53 51.48
N GLN C 90 38.20 2.89 51.61
CA GLN C 90 37.11 2.09 51.11
C GLN C 90 36.78 2.49 49.66
N MET C 91 36.61 1.49 48.81
CA MET C 91 36.25 1.71 47.41
C MET C 91 35.12 0.78 47.00
N TRP C 92 34.22 1.29 46.16
CA TRP C 92 33.19 0.48 45.56
C TRP C 92 33.79 -0.49 44.55
N GLU C 93 33.35 -1.75 44.61
CA GLU C 93 33.87 -2.83 43.79
C GLU C 93 32.70 -3.50 43.05
N ALA C 94 32.72 -3.42 41.72
CA ALA C 94 31.68 -4.02 40.87
C ALA C 94 31.85 -5.54 40.80
N ILE C 95 30.83 -6.30 41.18
CA ILE C 95 30.97 -7.76 41.31
C ILE C 95 30.11 -8.57 40.33
N SER C 96 29.00 -7.98 39.89
CA SER C 96 28.11 -8.61 38.91
C SER C 96 27.23 -7.59 38.17
N VAL C 97 26.71 -8.00 37.00
CA VAL C 97 25.84 -7.17 36.19
C VAL C 97 24.76 -8.00 35.48
N LYS C 98 23.54 -7.48 35.46
CA LYS C 98 22.50 -7.96 34.54
C LYS C 98 22.34 -6.90 33.46
N THR C 99 22.43 -7.32 32.20
CA THR C 99 22.36 -6.41 31.07
C THR C 99 21.49 -6.99 29.96
N GLU C 100 20.96 -6.13 29.10
CA GLU C 100 19.95 -6.58 28.13
C GLU C 100 19.74 -5.53 27.05
N VAL C 101 19.65 -6.00 25.82
CA VAL C 101 19.27 -5.11 24.70
C VAL C 101 17.76 -4.91 24.72
N VAL C 102 17.33 -3.66 24.61
CA VAL C 102 15.92 -3.30 24.75
C VAL C 102 15.29 -3.05 23.39
N GLY C 103 14.06 -3.55 23.22
CA GLY C 103 13.30 -3.32 21.99
C GLY C 103 13.60 -4.28 20.85
N ILE C 104 14.01 -5.50 21.21
CA ILE C 104 14.32 -6.55 20.24
C ILE C 104 13.05 -6.90 19.46
N SER C 105 11.93 -6.98 20.16
CA SER C 105 10.65 -7.34 19.55
C SER C 105 10.19 -6.38 18.44
N SER C 106 10.65 -5.13 18.48
CA SER C 106 10.30 -4.15 17.46
C SER C 106 10.73 -4.55 16.05
N LEU C 107 11.73 -5.43 15.96
CA LEU C 107 12.27 -5.85 14.68
C LEU C 107 11.43 -6.93 13.96
N ILE C 108 10.29 -7.31 14.52
CA ILE C 108 9.37 -8.16 13.74
C ILE C 108 8.59 -7.36 12.68
N ASN C 109 8.66 -6.01 12.78
CA ASN C 109 8.04 -5.10 11.83
C ASN C 109 8.54 -5.30 10.38
N VAL C 110 7.69 -5.91 9.56
CA VAL C 110 8.00 -6.15 8.15
C VAL C 110 7.05 -5.39 7.20
N HIS C 111 6.40 -4.35 7.72
CA HIS C 111 5.44 -3.57 6.93
C HIS C 111 5.72 -2.06 6.94
N TYR C 112 6.86 -1.64 7.47
CA TYR C 112 7.26 -0.23 7.38
C TYR C 112 7.10 0.25 5.94
N TRP C 113 6.50 1.43 5.77
CA TRP C 113 6.01 1.85 4.45
C TRP C 113 7.09 1.96 3.39
N ASP C 114 8.33 2.19 3.82
CA ASP C 114 9.46 2.49 2.92
C ASP C 114 10.40 1.29 2.82
N MET C 115 9.98 0.17 3.40
CA MET C 115 10.79 -1.05 3.43
C MET C 115 10.74 -1.74 2.07
N LYS C 116 11.91 -1.96 1.47
CA LYS C 116 12.02 -2.69 0.20
C LYS C 116 11.40 -4.07 0.31
N ARG C 117 10.52 -4.40 -0.64
CA ARG C 117 9.84 -5.72 -0.69
C ARG C 117 10.84 -6.81 -1.07
N VAL C 118 10.77 -7.95 -0.38
CA VAL C 118 11.68 -9.08 -0.66
C VAL C 118 11.61 -9.52 -2.12
N HIS C 119 10.38 -9.72 -2.60
CA HIS C 119 10.10 -9.92 -4.02
C HIS C 119 8.81 -9.16 -4.33
N ASP C 120 8.41 -9.10 -5.61
CA ASP C 120 7.18 -8.41 -6.02
C ASP C 120 5.99 -8.81 -5.15
N TYR C 121 5.38 -7.81 -4.50
CA TYR C 121 4.17 -7.97 -3.70
C TYR C 121 4.33 -8.64 -2.32
N GLY C 122 5.58 -8.90 -1.92
CA GLY C 122 5.85 -9.53 -0.63
C GLY C 122 6.14 -8.58 0.51
N ALA C 123 6.41 -9.13 1.69
CA ALA C 123 6.76 -8.34 2.87
C ALA C 123 8.12 -7.66 2.69
N GLY C 124 8.42 -6.69 3.55
CA GLY C 124 9.72 -6.04 3.54
C GLY C 124 10.84 -6.97 4.01
N ILE C 125 12.05 -6.69 3.58
CA ILE C 125 13.24 -7.31 4.12
C ILE C 125 13.44 -6.81 5.55
N PRO C 126 13.44 -7.72 6.55
CA PRO C 126 13.60 -7.33 7.95
C PRO C 126 14.94 -6.65 8.24
N VAL C 127 15.06 -6.03 9.41
CA VAL C 127 16.35 -5.49 9.82
C VAL C 127 17.30 -6.66 10.04
N SER C 128 18.41 -6.64 9.32
CA SER C 128 19.34 -7.76 9.26
C SER C 128 20.62 -7.26 8.61
N GLY C 129 21.67 -8.09 8.64
CA GLY C 129 22.97 -7.70 8.10
C GLY C 129 24.02 -7.52 9.19
N VAL C 130 24.83 -6.48 9.03
CA VAL C 130 25.89 -6.13 9.94
C VAL C 130 25.39 -5.94 11.39
N ASN C 131 25.95 -6.73 12.30
CA ASN C 131 25.74 -6.56 13.74
C ASN C 131 27.04 -6.30 14.47
N TYR C 132 26.96 -5.44 15.48
CA TYR C 132 28.09 -5.18 16.40
C TYR C 132 27.53 -4.99 17.81
N HIS C 133 27.93 -5.87 18.74
CA HIS C 133 27.48 -5.78 20.13
C HIS C 133 28.62 -5.80 21.15
N MET C 134 28.74 -4.73 21.92
CA MET C 134 29.71 -4.71 23.02
C MET C 134 29.15 -4.04 24.28
N PHE C 135 29.58 -4.51 25.45
CA PHE C 135 29.33 -3.76 26.68
C PHE C 135 30.53 -3.84 27.61
N ALA C 136 30.76 -2.78 28.37
CA ALA C 136 31.85 -2.76 29.34
C ALA C 136 31.40 -2.20 30.69
N ILE C 137 32.09 -2.63 31.75
CA ILE C 137 31.91 -2.10 33.11
C ILE C 137 33.30 -1.84 33.67
N GLY C 138 33.53 -0.65 34.22
CA GLY C 138 34.85 -0.28 34.74
C GLY C 138 34.86 0.75 35.86
N GLY C 139 36.02 0.90 36.50
CA GLY C 139 36.24 1.91 37.54
C GLY C 139 36.93 3.16 37.03
N GLU C 140 37.14 3.19 35.71
CA GLU C 140 37.73 4.33 35.01
C GLU C 140 37.28 4.27 33.53
N PRO C 141 37.57 5.31 32.72
CA PRO C 141 37.17 5.24 31.30
C PRO C 141 37.73 4.00 30.59
N LEU C 142 37.02 3.51 29.57
CA LEU C 142 37.49 2.37 28.80
C LEU C 142 38.62 2.81 27.86
N ASP C 143 39.71 2.04 27.84
CA ASP C 143 40.86 2.32 26.98
C ASP C 143 40.62 1.84 25.55
N LEU C 144 40.93 2.70 24.59
CA LEU C 144 40.61 2.45 23.19
C LEU C 144 41.85 2.38 22.29
N GLN C 145 41.77 1.54 21.26
CA GLN C 145 42.77 1.43 20.21
C GLN C 145 42.16 1.86 18.87
N GLY C 146 42.91 2.66 18.12
CA GLY C 146 42.49 3.07 16.79
C GLY C 146 43.07 2.18 15.70
N LEU C 147 42.19 1.79 14.77
CA LEU C 147 42.57 1.02 13.59
C LEU C 147 41.47 1.16 12.55
N VAL C 148 41.84 1.50 11.31
CA VAL C 148 40.86 1.82 10.25
C VAL C 148 41.03 0.96 9.02
N LEU C 149 39.91 0.71 8.33
CA LEU C 149 39.94 0.00 7.05
C LEU C 149 40.83 0.73 6.02
N ASP C 150 40.64 2.04 5.89
CA ASP C 150 41.35 2.85 4.90
C ASP C 150 41.96 4.08 5.56
N TYR C 151 43.29 4.17 5.54
CA TYR C 151 43.99 5.29 6.18
C TYR C 151 43.77 6.62 5.44
N GLN C 152 43.30 6.55 4.20
CA GLN C 152 43.10 7.77 3.41
C GLN C 152 41.79 8.51 3.70
N THR C 153 40.87 7.81 4.38
CA THR C 153 39.55 8.37 4.75
C THR C 153 39.68 9.70 5.49
N GLN C 154 38.88 10.68 5.09
CA GLN C 154 38.93 12.03 5.64
C GLN C 154 37.74 12.30 6.56
N TYR C 155 37.93 11.98 7.85
CA TYR C 155 36.90 12.14 8.86
C TYR C 155 36.68 13.63 9.20
N PRO C 156 35.43 14.03 9.49
CA PRO C 156 35.16 15.45 9.74
C PRO C 156 35.88 15.98 10.99
N LYS C 157 36.18 17.28 11.01
CA LYS C 157 36.90 17.89 12.12
C LYS C 157 36.04 18.01 13.39
N THR C 158 36.64 17.66 14.55
CA THR C 158 35.97 17.67 15.85
C THR C 158 35.44 19.05 16.25
N THR C 159 36.26 20.08 16.03
CA THR C 159 35.91 21.45 16.41
C THR C 159 34.84 22.07 15.50
N ASN C 160 34.46 21.36 14.44
CA ASN C 160 33.34 21.77 13.57
C ASN C 160 32.06 20.93 13.78
N GLY C 161 31.95 20.32 14.97
CA GLY C 161 30.77 19.56 15.37
C GLY C 161 30.92 18.04 15.27
N GLY C 162 32.08 17.61 14.77
CA GLY C 162 32.31 16.19 14.45
C GLY C 162 32.94 15.34 15.55
N PRO C 163 33.11 14.04 15.26
CA PRO C 163 33.62 13.04 16.19
C PRO C 163 35.13 13.09 16.37
N ILE C 164 35.59 12.46 17.45
CA ILE C 164 37.01 12.30 17.72
C ILE C 164 37.51 11.06 17.00
N THR C 165 38.52 11.24 16.16
CA THR C 165 39.16 10.14 15.44
C THR C 165 40.68 10.19 15.63
N ILE C 166 41.40 9.27 14.97
CA ILE C 166 42.86 9.17 15.10
C ILE C 166 43.58 10.49 14.83
N GLU C 167 43.16 11.21 13.79
CA GLU C 167 43.74 12.53 13.47
C GLU C 167 43.65 13.50 14.64
N THR C 168 42.51 13.49 15.33
CA THR C 168 42.27 14.35 16.50
C THR C 168 43.31 14.15 17.61
N VAL C 169 43.56 12.90 17.99
CA VAL C 169 44.49 12.60 19.09
C VAL C 169 45.95 12.56 18.67
N LEU C 170 46.21 12.50 17.37
CA LEU C 170 47.59 12.53 16.87
C LEU C 170 48.11 13.95 16.68
N GLY C 171 47.24 14.83 16.18
CA GLY C 171 47.62 16.20 15.82
C GLY C 171 48.32 16.26 14.47
N ARG C 172 48.16 15.19 13.69
CA ARG C 172 48.78 15.04 12.37
C ARG C 172 48.03 13.98 11.56
N LYS C 173 48.36 13.88 10.27
CA LYS C 173 47.62 13.03 9.34
C LYS C 173 47.92 11.53 9.47
N MET C 174 46.87 10.72 9.38
CA MET C 174 46.98 9.25 9.38
C MET C 174 47.92 8.75 8.30
N THR C 175 48.70 7.73 8.63
CA THR C 175 49.59 7.05 7.68
C THR C 175 49.20 5.57 7.56
N PRO C 176 49.78 4.83 6.58
CA PRO C 176 49.46 3.41 6.34
C PRO C 176 49.53 2.49 7.55
N LYS C 177 50.37 2.82 8.54
CA LYS C 177 50.49 1.99 9.73
C LYS C 177 49.19 1.91 10.53
N ASN C 178 48.34 2.92 10.37
CA ASN C 178 47.04 2.97 11.03
C ASN C 178 46.00 2.02 10.45
N GLN C 179 46.39 1.25 9.44
CA GLN C 179 45.59 0.12 8.99
C GLN C 179 45.98 -1.14 9.76
N GLY C 180 47.04 -1.02 10.56
CA GLY C 180 47.41 -2.05 11.54
C GLY C 180 47.44 -1.49 12.96
N LEU C 181 48.22 -2.12 13.83
CA LEU C 181 48.32 -1.66 15.20
C LEU C 181 49.46 -0.65 15.38
N ASP C 182 49.11 0.62 15.51
CA ASP C 182 50.06 1.69 15.86
C ASP C 182 49.84 2.07 17.33
N PRO C 183 50.88 1.91 18.17
CA PRO C 183 50.75 2.15 19.61
C PRO C 183 50.49 3.62 20.00
N GLN C 184 50.70 4.55 19.09
CA GLN C 184 50.50 5.98 19.39
C GLN C 184 49.04 6.42 19.26
N ALA C 185 48.21 5.57 18.65
CA ALA C 185 46.81 5.90 18.40
C ALA C 185 45.92 5.30 19.48
N LYS C 186 46.00 5.85 20.68
CA LYS C 186 45.23 5.35 21.82
C LYS C 186 44.37 6.48 22.42
N ALA C 187 43.36 6.12 23.19
CA ALA C 187 42.40 7.10 23.72
C ALA C 187 41.49 6.52 24.80
N LYS C 188 40.66 7.36 25.39
CA LYS C 188 39.75 6.96 26.47
C LYS C 188 38.31 7.28 26.12
N LEU C 189 37.41 6.35 26.41
CA LEU C 189 35.99 6.55 26.14
C LEU C 189 35.40 7.43 27.23
N ASP C 190 35.65 8.74 27.14
CA ASP C 190 35.20 9.71 28.14
C ASP C 190 34.09 10.60 27.60
N LYS C 191 33.61 10.31 26.40
CA LYS C 191 32.54 11.11 25.79
C LYS C 191 31.56 10.26 24.96
N ASP C 192 30.28 10.56 25.13
CA ASP C 192 29.20 9.85 24.44
C ASP C 192 28.93 10.46 23.07
N GLY C 193 28.83 9.61 22.05
CA GLY C 193 28.57 10.04 20.68
C GLY C 193 29.78 10.60 19.94
N ASN C 194 30.93 10.65 20.62
CA ASN C 194 32.14 11.22 20.05
C ASN C 194 33.14 10.23 19.45
N TYR C 195 33.14 8.98 19.91
CA TYR C 195 34.11 7.98 19.41
C TYR C 195 33.48 6.93 18.49
N PRO C 196 33.77 7.03 17.17
CA PRO C 196 33.16 6.12 16.18
C PRO C 196 33.63 4.69 16.32
N ILE C 197 32.70 3.76 16.14
CA ILE C 197 32.94 2.35 16.29
C ILE C 197 33.93 1.84 15.24
N GLU C 198 33.81 2.35 14.01
CA GLU C 198 34.66 1.88 12.90
C GLU C 198 36.11 2.34 13.05
N VAL C 199 36.34 3.26 13.97
CA VAL C 199 37.67 3.80 14.22
C VAL C 199 38.29 3.20 15.49
N TRP C 200 37.47 2.94 16.51
CA TRP C 200 38.01 2.58 17.83
C TRP C 200 37.53 1.21 18.31
N CYS C 201 38.44 0.39 18.81
CA CYS C 201 38.11 -0.87 19.48
C CYS C 201 38.70 -0.87 20.92
N PRO C 202 38.20 -1.74 21.81
CA PRO C 202 38.77 -1.79 23.15
C PRO C 202 40.23 -2.26 23.11
N ASP C 203 41.09 -1.57 23.86
CA ASP C 203 42.52 -1.84 23.86
C ASP C 203 42.85 -2.98 24.82
N PRO C 204 43.27 -4.14 24.28
CA PRO C 204 43.51 -5.29 25.15
C PRO C 204 44.79 -5.19 25.99
N SER C 205 45.63 -4.19 25.71
CA SER C 205 46.91 -4.00 26.43
C SER C 205 46.75 -3.16 27.69
N LYS C 206 45.54 -2.64 27.89
CA LYS C 206 45.23 -1.81 29.05
C LYS C 206 43.97 -2.40 29.72
N ASN C 207 43.02 -1.54 30.11
CA ASN C 207 41.73 -1.99 30.67
C ASN C 207 41.84 -3.02 31.80
N GLU C 208 42.94 -2.95 32.55
CA GLU C 208 43.14 -3.81 33.71
C GLU C 208 42.07 -3.58 34.77
N ASN C 209 41.48 -2.38 34.79
CA ASN C 209 40.42 -2.05 35.74
C ASN C 209 38.99 -2.07 35.12
N SER C 210 38.87 -2.55 33.88
CA SER C 210 37.54 -2.76 33.26
C SER C 210 37.33 -4.23 32.81
N ARG C 211 36.06 -4.59 32.59
CA ARG C 211 35.71 -5.86 31.96
C ARG C 211 34.87 -5.58 30.72
N TYR C 212 35.37 -5.93 29.54
CA TYR C 212 34.58 -5.79 28.29
C TYR C 212 34.23 -7.11 27.60
N TYR C 213 33.09 -7.12 26.91
CA TYR C 213 32.52 -8.29 26.22
C TYR C 213 31.91 -7.86 24.88
N GLY C 214 32.50 -8.32 23.76
CA GLY C 214 31.98 -7.96 22.43
C GLY C 214 31.92 -9.01 21.31
N SER C 215 31.23 -8.68 20.23
CA SER C 215 31.23 -9.54 19.03
C SER C 215 30.82 -8.78 17.79
N ILE C 216 31.08 -9.40 16.63
CA ILE C 216 30.68 -8.87 15.33
C ILE C 216 30.06 -9.96 14.44
N GLN C 217 29.21 -9.51 13.52
CA GLN C 217 28.68 -10.37 12.45
C GLN C 217 28.60 -9.57 11.16
N THR C 218 29.37 -9.94 10.14
CA THR C 218 29.30 -9.22 8.85
C THR C 218 28.33 -9.90 7.85
N GLY C 219 28.46 -9.62 6.56
CA GLY C 219 27.47 -10.05 5.56
C GLY C 219 26.35 -9.01 5.38
N SER C 220 25.68 -9.06 4.23
CA SER C 220 24.68 -8.02 3.90
C SER C 220 23.26 -8.30 4.41
N GLN C 221 22.85 -9.57 4.39
CA GLN C 221 21.49 -9.93 4.83
C GLN C 221 21.43 -11.00 5.92
N THR C 222 22.53 -11.12 6.65
CA THR C 222 22.65 -12.11 7.71
C THR C 222 21.54 -11.94 8.78
N PRO C 223 20.83 -13.03 9.10
CA PRO C 223 19.83 -12.99 10.18
C PRO C 223 20.37 -12.31 11.44
N THR C 224 19.57 -11.40 11.99
CA THR C 224 19.85 -10.87 13.31
C THR C 224 19.30 -11.84 14.34
N VAL C 225 20.16 -12.33 15.21
CA VAL C 225 19.78 -13.34 16.18
C VAL C 225 20.17 -12.89 17.59
N LEU C 226 19.18 -12.60 18.43
CA LEU C 226 19.44 -12.06 19.77
C LEU C 226 18.56 -12.72 20.82
N GLN C 227 19.09 -12.79 22.04
CA GLN C 227 18.37 -13.37 23.17
C GLN C 227 18.11 -12.31 24.22
N PHE C 228 17.07 -12.54 25.03
CA PHE C 228 16.77 -11.68 26.17
C PHE C 228 16.20 -12.48 27.33
N SER C 229 16.66 -12.16 28.54
CA SER C 229 16.20 -12.83 29.76
C SER C 229 16.62 -12.05 31.01
N ASN C 230 15.75 -11.99 32.02
CA ASN C 230 16.12 -11.39 33.30
C ASN C 230 16.78 -12.35 34.29
N THR C 231 17.05 -13.59 33.84
CA THR C 231 17.77 -14.59 34.64
C THR C 231 19.30 -14.62 34.38
N LEU C 232 19.77 -13.94 33.35
CA LEU C 232 21.19 -13.98 32.98
C LEU C 232 22.01 -12.97 33.79
N THR C 233 23.14 -13.43 34.34
CA THR C 233 24.06 -12.58 35.12
C THR C 233 25.51 -12.79 34.69
N THR C 234 26.23 -11.69 34.47
CA THR C 234 27.67 -11.72 34.23
C THR C 234 28.44 -11.39 35.51
N VAL C 235 29.34 -12.29 35.90
CA VAL C 235 30.21 -12.11 37.08
C VAL C 235 31.43 -11.30 36.65
N LEU C 236 31.75 -10.25 37.40
CA LEU C 236 32.79 -9.29 36.99
C LEU C 236 34.13 -9.49 37.70
N LEU C 237 34.21 -10.53 38.53
CA LEU C 237 35.44 -10.84 39.28
C LEU C 237 36.52 -11.41 38.38
N ASP C 238 37.75 -10.95 38.56
CA ASP C 238 38.89 -11.57 37.86
C ASP C 238 39.27 -12.91 38.49
N GLU C 239 40.38 -13.50 38.03
CA GLU C 239 40.81 -14.83 38.51
C GLU C 239 41.26 -14.85 39.99
N ASN C 240 41.50 -13.67 40.56
CA ASN C 240 41.85 -13.54 41.99
C ASN C 240 40.66 -13.13 42.86
N GLY C 241 39.48 -13.02 42.24
CA GLY C 241 38.25 -12.65 42.95
C GLY C 241 38.02 -11.16 43.15
N VAL C 242 38.62 -10.33 42.28
CA VAL C 242 38.51 -8.88 42.43
C VAL C 242 37.76 -8.23 41.26
N GLY C 243 36.72 -7.47 41.58
CA GLY C 243 35.99 -6.73 40.56
C GLY C 243 36.65 -5.39 40.30
N PRO C 244 36.23 -4.68 39.23
CA PRO C 244 36.72 -3.33 38.92
C PRO C 244 36.48 -2.37 40.08
N LEU C 245 37.50 -1.61 40.45
CA LEU C 245 37.42 -0.71 41.60
C LEU C 245 37.14 0.73 41.17
N CYS C 246 36.07 1.31 41.70
CA CYS C 246 35.62 2.65 41.29
C CYS C 246 36.40 3.77 42.01
N LYS C 247 37.50 4.21 41.41
CA LYS C 247 38.26 5.33 41.96
C LYS C 247 37.61 6.65 41.57
N GLY C 248 37.66 7.62 42.48
CA GLY C 248 36.91 8.87 42.30
C GLY C 248 35.42 8.65 42.45
N ASP C 249 35.05 7.48 42.98
CA ASP C 249 33.64 7.07 43.21
C ASP C 249 32.80 7.11 41.94
N GLY C 250 33.43 6.84 40.80
CA GLY C 250 32.76 6.84 39.51
C GLY C 250 32.71 5.47 38.87
N LEU C 251 31.52 5.09 38.41
CA LEU C 251 31.31 3.84 37.70
C LEU C 251 31.14 4.12 36.21
N PHE C 252 31.97 3.50 35.38
CA PHE C 252 31.91 3.70 33.94
C PHE C 252 31.22 2.54 33.23
N ILE C 253 30.19 2.87 32.47
CA ILE C 253 29.43 1.88 31.72
C ILE C 253 29.41 2.27 30.25
N SER C 254 29.82 1.35 29.38
CA SER C 254 29.94 1.62 27.95
C SER C 254 29.23 0.55 27.12
N CYS C 255 28.81 0.90 25.91
CA CYS C 255 28.19 -0.08 25.00
C CYS C 255 28.05 0.41 23.56
N ALA C 256 27.69 -0.56 22.70
CA ALA C 256 27.31 -0.34 21.31
C ALA C 256 26.42 -1.52 20.92
N ASP C 257 25.33 -1.25 20.19
CA ASP C 257 24.43 -2.31 19.70
C ASP C 257 23.83 -2.03 18.33
N ILE C 258 24.63 -2.24 17.28
CA ILE C 258 24.15 -2.20 15.89
C ILE C 258 23.40 -3.51 15.55
N VAL C 259 22.20 -3.39 15.01
CA VAL C 259 21.33 -4.58 14.82
C VAL C 259 21.02 -4.93 13.37
N GLY C 260 21.57 -4.15 12.43
CA GLY C 260 21.41 -4.44 11.02
C GLY C 260 21.02 -3.24 10.18
N PHE C 261 20.59 -3.51 8.95
CA PHE C 261 20.25 -2.49 7.99
C PHE C 261 18.76 -2.35 7.86
N LEU C 262 18.31 -1.09 7.78
CA LEU C 262 17.00 -0.79 7.24
C LEU C 262 17.13 -0.72 5.71
N PHE C 263 16.44 -1.63 5.03
CA PHE C 263 16.49 -1.71 3.57
C PHE C 263 15.35 -0.89 2.97
N LYS C 264 15.70 0.19 2.28
CA LYS C 264 14.70 1.11 1.75
C LYS C 264 14.30 0.75 0.33
N THR C 265 13.05 1.10 -0.01
CA THR C 265 12.47 0.87 -1.35
C THR C 265 13.41 1.20 -2.52
N SER C 266 14.12 2.33 -2.42
CA SER C 266 14.99 2.82 -3.49
C SER C 266 16.30 2.06 -3.65
N GLY C 267 16.60 1.16 -2.71
CA GLY C 267 17.89 0.47 -2.67
C GLY C 267 18.90 1.02 -1.66
N LYS C 268 18.64 2.23 -1.18
CA LYS C 268 19.49 2.85 -0.14
C LYS C 268 19.36 2.12 1.19
N MET C 269 20.43 2.18 2.00
CA MET C 269 20.53 1.42 3.25
C MET C 269 21.11 2.26 4.40
N ALA C 270 20.50 2.10 5.57
CA ALA C 270 20.98 2.76 6.78
C ALA C 270 21.13 1.75 7.92
N LEU C 271 22.10 1.99 8.80
CA LEU C 271 22.29 1.12 9.96
C LEU C 271 21.42 1.53 11.13
N HIS C 272 20.99 0.53 11.92
CA HIS C 272 20.05 0.76 13.03
C HIS C 272 20.66 0.26 14.36
N GLY C 273 20.33 0.93 15.46
CA GLY C 273 20.79 0.55 16.80
C GLY C 273 19.69 0.50 17.86
N LEU C 274 19.93 -0.27 18.92
CA LEU C 274 18.96 -0.45 20.00
C LEU C 274 19.56 -0.06 21.36
N PRO C 275 18.70 0.28 22.34
CA PRO C 275 19.19 0.67 23.67
C PRO C 275 19.57 -0.53 24.55
N ARG C 276 20.39 -0.25 25.56
CA ARG C 276 20.85 -1.29 26.50
C ARG C 276 20.64 -0.87 27.97
N TYR C 277 20.09 -1.81 28.75
CA TYR C 277 19.83 -1.60 30.18
C TYR C 277 20.87 -2.33 31.05
N PHE C 278 21.21 -1.73 32.19
CA PHE C 278 22.20 -2.26 33.13
C PHE C 278 21.73 -2.25 34.59
N ASN C 279 21.90 -3.38 35.25
CA ASN C 279 21.75 -3.47 36.69
C ASN C 279 23.08 -4.00 37.24
N VAL C 280 23.84 -3.13 37.89
CA VAL C 280 25.14 -3.50 38.43
C VAL C 280 25.06 -3.67 39.95
N THR C 281 25.77 -4.66 40.48
CA THR C 281 25.82 -4.86 41.91
C THR C 281 27.23 -4.55 42.38
N LEU C 282 27.34 -3.76 43.45
CA LEU C 282 28.63 -3.34 44.00
C LEU C 282 28.72 -3.56 45.51
N ARG C 283 29.93 -3.84 46.01
CA ARG C 283 30.17 -3.97 47.45
C ARG C 283 31.32 -3.05 47.86
N LYS C 284 31.45 -2.80 49.17
CA LYS C 284 32.56 -1.98 49.69
C LYS C 284 33.80 -2.83 49.93
N ARG C 285 34.95 -2.32 49.50
CA ARG C 285 36.22 -3.05 49.59
C ARG C 285 37.34 -2.15 50.14
N TRP C 286 38.08 -2.68 51.12
CA TRP C 286 39.28 -2.01 51.63
C TRP C 286 40.43 -2.14 50.63
N VAL C 287 41.02 -1.01 50.25
CA VAL C 287 42.22 -1.01 49.40
C VAL C 287 43.32 -0.11 49.98
N LYS C 288 44.57 -0.42 49.63
CA LYS C 288 45.72 0.36 50.06
C LYS C 288 46.02 1.53 49.11
N VAL D 9 7.81 -6.89 51.60
CA VAL D 9 7.40 -8.31 51.35
C VAL D 9 8.52 -9.30 51.71
N GLU D 10 8.84 -9.39 53.01
CA GLU D 10 9.94 -10.24 53.50
C GLU D 10 9.62 -11.74 53.48
N VAL D 11 10.51 -12.52 52.88
CA VAL D 11 10.32 -13.95 52.63
C VAL D 11 10.79 -14.80 53.79
N LEU D 12 9.95 -15.71 54.26
CA LEU D 12 10.33 -16.61 55.36
C LEU D 12 10.59 -18.04 54.85
N SER D 13 10.17 -19.04 55.62
CA SER D 13 10.52 -20.43 55.33
C SER D 13 9.49 -21.15 54.46
N VAL D 14 9.94 -22.21 53.81
CA VAL D 14 9.07 -23.05 53.00
C VAL D 14 8.11 -23.80 53.91
N VAL D 15 6.83 -23.78 53.57
CA VAL D 15 5.81 -24.51 54.33
C VAL D 15 6.03 -26.01 54.16
N THR D 16 6.12 -26.71 55.29
CA THR D 16 6.17 -28.17 55.29
C THR D 16 4.78 -28.70 55.59
N GLY D 17 4.45 -29.85 55.02
CA GLY D 17 3.12 -30.43 55.19
C GLY D 17 2.77 -31.41 54.08
N GLU D 18 1.53 -31.89 54.10
CA GLU D 18 1.08 -32.87 53.11
C GLU D 18 0.85 -32.20 51.75
N ASP D 19 -0.11 -31.29 51.70
CA ASP D 19 -0.44 -30.60 50.47
C ASP D 19 0.29 -29.26 50.43
N SER D 20 1.61 -29.33 50.24
CA SER D 20 2.43 -28.12 50.12
C SER D 20 2.80 -27.86 48.65
N ILE D 21 2.70 -28.90 47.83
CA ILE D 21 3.02 -28.84 46.40
C ILE D 21 1.79 -29.01 45.52
N THR D 22 1.67 -28.18 44.49
CA THR D 22 0.61 -28.32 43.48
C THR D 22 1.12 -28.11 42.05
N GLN D 23 0.36 -28.59 41.07
CA GLN D 23 0.74 -28.48 39.65
C GLN D 23 -0.33 -27.84 38.79
N ILE D 24 0.10 -26.92 37.94
CA ILE D 24 -0.79 -26.22 37.03
C ILE D 24 -0.46 -26.56 35.56
N GLU D 25 -1.39 -27.21 34.87
CA GLU D 25 -1.32 -27.46 33.44
C GLU D 25 -2.24 -26.52 32.67
N LEU D 26 -1.77 -26.04 31.51
CA LEU D 26 -2.61 -25.28 30.58
C LEU D 26 -1.92 -25.11 29.22
N TYR D 27 -2.67 -24.60 28.25
CA TYR D 27 -2.12 -24.21 26.95
C TYR D 27 -2.64 -22.84 26.56
N LEU D 28 -1.90 -22.17 25.68
CA LEU D 28 -2.37 -20.91 25.08
C LEU D 28 -2.27 -20.97 23.56
N ASN D 29 -3.38 -20.72 22.88
CA ASN D 29 -3.38 -20.60 21.42
C ASN D 29 -2.85 -19.24 20.98
N PRO D 30 -2.21 -19.16 19.80
CA PRO D 30 -1.51 -17.95 19.40
C PRO D 30 -2.46 -16.82 19.00
N ARG D 31 -1.99 -15.59 19.13
CA ARG D 31 -2.80 -14.41 18.79
C ARG D 31 -2.09 -13.57 17.73
N MET D 32 -2.16 -14.03 16.48
CA MET D 32 -1.37 -13.45 15.37
C MET D 32 -2.02 -12.25 14.68
N GLY D 33 -3.32 -12.09 14.85
CA GLY D 33 -4.07 -11.05 14.15
C GLY D 33 -5.51 -11.51 13.99
N VAL D 34 -5.67 -12.66 13.34
CA VAL D 34 -6.94 -13.36 13.30
C VAL D 34 -6.98 -14.29 14.51
N ASN D 35 -7.69 -13.85 15.55
CA ASN D 35 -7.49 -14.41 16.88
C ASN D 35 -8.51 -15.44 17.34
N SER D 36 -9.68 -15.44 16.70
CA SER D 36 -10.74 -16.39 17.06
C SER D 36 -11.04 -17.34 15.90
N PRO D 37 -11.27 -18.62 16.22
CA PRO D 37 -11.69 -19.66 15.29
C PRO D 37 -13.21 -19.72 15.10
N ASP D 38 -13.94 -18.82 15.77
CA ASP D 38 -15.40 -18.90 15.89
C ASP D 38 -16.16 -17.90 15.04
N LEU D 39 -15.45 -16.96 14.43
CA LEU D 39 -16.06 -15.98 13.53
C LEU D 39 -16.10 -16.54 12.11
N THR D 41 -17.57 -14.23 8.48
CA THR D 41 -16.75 -15.38 8.86
C THR D 41 -15.36 -15.33 8.18
N THR D 42 -14.34 -15.02 9.00
CA THR D 42 -12.96 -14.81 8.53
C THR D 42 -11.96 -15.69 9.30
N SER D 43 -12.52 -16.65 10.04
CA SER D 43 -11.75 -17.49 10.94
C SER D 43 -10.85 -18.54 10.28
N ASN D 44 -10.97 -18.73 8.98
CA ASN D 44 -10.10 -19.71 8.33
C ASN D 44 -8.62 -19.27 8.27
N TRP D 45 -8.35 -18.03 8.67
CA TRP D 45 -6.98 -17.55 8.80
C TRP D 45 -6.53 -17.46 10.26
N TYR D 46 -7.19 -18.26 11.10
CA TYR D 46 -6.86 -18.41 12.52
C TYR D 46 -5.45 -18.95 12.70
N THR D 47 -4.67 -18.21 13.48
CA THR D 47 -3.23 -18.45 13.78
C THR D 47 -2.31 -17.83 12.72
N TYR D 48 -2.87 -17.00 11.85
CA TYR D 48 -2.10 -16.26 10.85
C TYR D 48 -2.40 -14.76 10.93
N THR D 49 -1.57 -13.93 10.30
CA THR D 49 -1.93 -12.52 10.07
C THR D 49 -2.62 -12.43 8.68
N TYR D 50 -2.94 -11.22 8.26
CA TYR D 50 -3.30 -10.97 6.87
C TYR D 50 -2.00 -10.71 6.12
N ASP D 51 -2.08 -10.18 4.91
CA ASP D 51 -0.89 -10.00 4.09
C ASP D 51 -0.08 -8.78 4.52
N LEU D 52 1.21 -8.99 4.76
CA LEU D 52 2.13 -7.94 5.19
C LEU D 52 2.87 -7.40 3.96
N GLN D 53 2.64 -6.12 3.68
CA GLN D 53 3.07 -5.55 2.42
C GLN D 53 3.35 -4.05 2.54
N PRO D 54 4.64 -3.68 2.65
CA PRO D 54 5.04 -2.28 2.62
C PRO D 54 4.35 -1.52 1.50
N LYS D 55 3.69 -0.42 1.84
CA LYS D 55 2.90 0.37 0.89
C LYS D 55 3.75 1.02 -0.20
N GLY D 56 4.93 1.50 0.16
CA GLY D 56 5.78 2.22 -0.79
C GLY D 56 5.67 3.74 -0.63
N SER D 57 4.61 4.19 0.03
CA SER D 57 4.50 5.61 0.42
C SER D 57 3.87 5.77 1.82
N SER D 58 4.16 6.91 2.45
CA SER D 58 3.74 7.17 3.83
C SER D 58 2.26 7.60 3.91
N PRO D 59 1.61 7.40 5.07
CA PRO D 59 2.13 6.72 6.26
C PRO D 59 1.72 5.24 6.33
N ASP D 60 2.31 4.51 7.28
CA ASP D 60 1.92 3.13 7.55
C ASP D 60 0.76 3.17 8.53
N GLN D 61 -0.35 2.56 8.15
CA GLN D 61 -1.54 2.49 9.00
C GLN D 61 -1.94 1.02 9.12
N PRO D 62 -1.18 0.24 9.92
CA PRO D 62 -1.38 -1.21 9.94
C PRO D 62 -2.74 -1.60 10.51
N ILE D 63 -3.35 -2.61 9.91
CA ILE D 63 -4.62 -3.11 10.41
C ILE D 63 -4.39 -4.06 11.60
N LYS D 64 -5.41 -4.20 12.44
CA LYS D 64 -5.28 -5.04 13.64
C LYS D 64 -5.02 -6.52 13.34
N GLU D 65 -5.29 -6.94 12.10
CA GLU D 65 -5.00 -8.31 11.67
C GLU D 65 -3.55 -8.51 11.24
N ASN D 66 -2.79 -7.41 11.13
CA ASN D 66 -1.36 -7.48 10.83
C ASN D 66 -0.47 -7.20 12.05
N LEU D 67 -1.03 -7.33 13.25
CA LEU D 67 -0.26 -7.07 14.47
C LEU D 67 -0.38 -8.23 15.46
N PRO D 68 0.52 -9.23 15.35
CA PRO D 68 0.58 -10.32 16.32
C PRO D 68 0.82 -9.79 17.74
N ALA D 69 0.08 -10.36 18.68
CA ALA D 69 0.06 -9.88 20.07
C ALA D 69 0.48 -10.98 21.06
N TYR D 70 0.83 -10.59 22.27
CA TYR D 70 1.16 -11.54 23.34
C TYR D 70 -0.06 -12.33 23.82
N SER D 71 0.16 -13.63 24.05
CA SER D 71 -0.80 -14.51 24.72
C SER D 71 -0.63 -14.44 26.24
N VAL D 72 -1.74 -14.39 26.98
CA VAL D 72 -1.69 -14.39 28.46
C VAL D 72 -2.88 -15.05 29.13
N ALA D 73 -2.62 -15.69 30.27
CA ALA D 73 -3.65 -16.16 31.16
C ALA D 73 -3.26 -15.89 32.62
N ARG D 74 -4.26 -15.45 33.40
CA ARG D 74 -4.18 -15.42 34.84
C ARG D 74 -4.81 -16.74 35.31
N VAL D 75 -4.05 -17.55 36.04
CA VAL D 75 -4.57 -18.80 36.61
C VAL D 75 -4.96 -18.56 38.08
N SER D 76 -6.16 -18.98 38.46
CA SER D 76 -6.62 -18.91 39.84
C SER D 76 -6.10 -20.09 40.63
N LEU D 77 -5.33 -19.81 41.68
CA LEU D 77 -4.76 -20.84 42.55
C LEU D 77 -5.66 -21.05 43.78
N PRO D 78 -5.51 -22.20 44.48
CA PRO D 78 -6.31 -22.41 45.68
C PRO D 78 -6.07 -21.38 46.79
N MET D 79 -7.13 -21.07 47.52
CA MET D 79 -7.14 -20.27 48.77
C MET D 79 -6.09 -20.77 49.76
N LEU D 80 -5.40 -19.83 50.41
CA LEU D 80 -4.39 -20.22 51.40
C LEU D 80 -4.67 -19.74 52.83
N ASN D 81 -5.36 -18.61 52.94
CA ASN D 81 -5.64 -17.99 54.23
C ASN D 81 -7.15 -17.77 54.46
N ASP D 87 1.41 -8.66 59.48
CA ASP D 87 0.82 -9.99 59.49
C ASP D 87 1.59 -10.95 58.56
N THR D 88 1.57 -12.23 58.93
CA THR D 88 2.31 -13.27 58.23
C THR D 88 1.34 -14.25 57.54
N LEU D 89 1.51 -14.43 56.24
CA LEU D 89 0.61 -15.28 55.45
C LEU D 89 1.34 -16.22 54.48
N GLN D 90 0.67 -17.29 54.07
CA GLN D 90 1.18 -18.22 53.04
C GLN D 90 0.92 -17.73 51.61
N MET D 91 1.94 -17.82 50.74
CA MET D 91 1.82 -17.52 49.31
C MET D 91 2.36 -18.65 48.46
N TRP D 92 1.73 -18.86 47.30
CA TRP D 92 2.23 -19.82 46.32
C TRP D 92 3.48 -19.28 45.64
N GLU D 93 4.51 -20.10 45.59
CA GLU D 93 5.80 -19.77 44.99
C GLU D 93 6.03 -20.68 43.78
N ALA D 94 6.32 -20.10 42.63
CA ALA D 94 6.58 -20.90 41.42
C ALA D 94 8.04 -21.32 41.37
N ILE D 95 8.28 -22.63 41.35
CA ILE D 95 9.65 -23.16 41.45
C ILE D 95 10.24 -23.73 40.16
N SER D 96 9.40 -24.31 39.31
CA SER D 96 9.85 -24.86 38.04
C SER D 96 8.74 -24.95 36.99
N VAL D 97 9.15 -24.96 35.71
CA VAL D 97 8.20 -25.04 34.60
C VAL D 97 8.69 -25.96 33.49
N LYS D 98 7.76 -26.75 32.96
CA LYS D 98 7.96 -27.53 31.76
C LYS D 98 7.12 -26.91 30.66
N THR D 99 7.76 -26.50 29.58
CA THR D 99 7.06 -25.79 28.53
C THR D 99 7.49 -26.29 27.17
N GLU D 100 6.55 -26.28 26.23
CA GLU D 100 6.79 -26.84 24.91
C GLU D 100 5.95 -26.14 23.85
N VAL D 101 6.55 -25.88 22.69
CA VAL D 101 5.78 -25.40 21.52
C VAL D 101 5.04 -26.58 20.86
N VAL D 102 3.75 -26.40 20.59
CA VAL D 102 2.88 -27.48 20.11
C VAL D 102 2.62 -27.39 18.60
N GLY D 103 2.64 -28.54 17.92
CA GLY D 103 2.36 -28.60 16.49
C GLY D 103 3.53 -28.30 15.55
N ILE D 104 4.75 -28.48 16.05
CA ILE D 104 5.95 -28.16 15.26
C ILE D 104 5.97 -28.99 13.97
N SER D 105 5.47 -30.23 14.06
CA SER D 105 5.48 -31.15 12.93
C SER D 105 4.53 -30.76 11.78
N SER D 106 3.60 -29.85 12.04
CA SER D 106 2.70 -29.38 11.01
C SER D 106 3.47 -28.57 9.96
N LEU D 107 4.65 -28.08 10.34
CA LEU D 107 5.40 -27.20 9.44
C LEU D 107 6.16 -27.94 8.32
N ILE D 108 6.07 -29.27 8.30
CA ILE D 108 6.63 -30.02 7.18
C ILE D 108 5.78 -29.96 5.89
N ASN D 109 4.52 -29.52 6.02
CA ASN D 109 3.62 -29.38 4.89
C ASN D 109 4.18 -28.38 3.88
N VAL D 110 4.51 -28.88 2.70
CA VAL D 110 4.96 -28.02 1.60
C VAL D 110 4.02 -28.14 0.38
N HIS D 111 2.77 -28.46 0.64
CA HIS D 111 1.77 -28.66 -0.41
C HIS D 111 0.46 -27.98 -0.03
N TYR D 112 0.57 -26.78 0.55
CA TYR D 112 -0.58 -25.93 0.75
C TYR D 112 -1.04 -25.48 -0.65
N TRP D 113 -2.36 -25.45 -0.87
CA TRP D 113 -2.90 -25.26 -2.22
C TRP D 113 -2.46 -23.96 -2.91
N ASP D 114 -2.31 -22.88 -2.14
CA ASP D 114 -1.92 -21.58 -2.70
C ASP D 114 -0.49 -21.17 -2.34
N MET D 115 0.40 -22.16 -2.18
CA MET D 115 1.79 -21.91 -1.77
C MET D 115 2.63 -21.55 -2.99
N LYS D 116 3.44 -20.50 -2.88
CA LYS D 116 4.43 -20.17 -3.90
C LYS D 116 5.48 -21.28 -3.99
N ARG D 117 5.85 -21.65 -5.21
CA ARG D 117 6.83 -22.72 -5.44
C ARG D 117 8.27 -22.22 -5.33
N VAL D 118 9.18 -23.09 -4.89
CA VAL D 118 10.60 -22.75 -4.84
C VAL D 118 11.14 -22.46 -6.24
N HIS D 119 10.66 -23.22 -7.21
CA HIS D 119 10.93 -23.03 -8.65
C HIS D 119 9.87 -23.79 -9.43
N ASP D 120 9.89 -23.65 -10.76
CA ASP D 120 8.91 -24.34 -11.61
C ASP D 120 8.82 -25.85 -11.38
N TYR D 121 7.59 -26.32 -11.19
CA TYR D 121 7.28 -27.74 -10.94
C TYR D 121 7.68 -28.23 -9.54
N GLY D 122 8.19 -27.30 -8.72
CA GLY D 122 8.72 -27.65 -7.39
C GLY D 122 7.71 -27.63 -6.26
N ALA D 123 8.15 -28.05 -5.08
CA ALA D 123 7.37 -27.93 -3.83
C ALA D 123 7.19 -26.47 -3.42
N GLY D 124 6.23 -26.23 -2.54
CA GLY D 124 6.08 -24.91 -1.94
C GLY D 124 7.25 -24.55 -1.06
N ILE D 125 7.46 -23.25 -0.88
CA ILE D 125 8.42 -22.73 0.07
C ILE D 125 7.90 -22.99 1.49
N PRO D 126 8.69 -23.70 2.32
CA PRO D 126 8.20 -24.02 3.68
C PRO D 126 8.10 -22.77 4.55
N VAL D 127 7.28 -22.84 5.59
CA VAL D 127 7.20 -21.75 6.54
C VAL D 127 8.60 -21.52 7.12
N SER D 128 9.03 -20.25 7.08
CA SER D 128 10.34 -19.82 7.53
C SER D 128 10.48 -18.30 7.49
N GLY D 129 11.67 -17.79 7.81
CA GLY D 129 11.89 -16.36 7.94
C GLY D 129 11.84 -15.94 9.38
N VAL D 130 11.13 -14.85 9.64
CA VAL D 130 11.09 -14.22 10.97
C VAL D 130 10.51 -15.12 12.06
N ASN D 131 11.33 -15.42 13.07
CA ASN D 131 10.85 -16.08 14.29
C ASN D 131 10.91 -15.17 15.52
N TYR D 132 10.01 -15.40 16.48
CA TYR D 132 10.04 -14.68 17.74
C TYR D 132 9.48 -15.55 18.83
N HIS D 133 10.31 -15.95 19.78
CA HIS D 133 9.88 -16.85 20.84
C HIS D 133 10.16 -16.29 22.20
N MET D 134 9.17 -16.42 23.10
CA MET D 134 9.27 -15.93 24.48
C MET D 134 8.18 -16.50 25.37
N PHE D 135 8.53 -16.73 26.62
CA PHE D 135 7.55 -17.09 27.63
C PHE D 135 7.97 -16.48 28.95
N ALA D 136 6.99 -16.31 29.84
CA ALA D 136 7.21 -15.72 31.15
C ALA D 136 6.29 -16.35 32.18
N ILE D 137 6.84 -16.57 33.38
CA ILE D 137 6.07 -16.97 34.57
C ILE D 137 6.30 -15.91 35.64
N GLY D 138 5.20 -15.44 36.25
CA GLY D 138 5.23 -14.37 37.24
C GLY D 138 4.11 -14.43 38.26
N GLY D 139 4.34 -13.77 39.41
CA GLY D 139 3.34 -13.69 40.46
C GLY D 139 2.40 -12.50 40.25
N GLU D 140 2.64 -11.75 39.18
CA GLU D 140 1.85 -10.58 38.83
C GLU D 140 1.97 -10.34 37.32
N PRO D 141 1.19 -9.38 36.77
CA PRO D 141 1.34 -9.19 35.31
C PRO D 141 2.76 -8.79 34.92
N LEU D 142 3.17 -9.19 33.71
CA LEU D 142 4.50 -8.86 33.18
C LEU D 142 4.59 -7.36 32.88
N ASP D 143 5.71 -6.75 33.23
CA ASP D 143 5.92 -5.33 32.96
C ASP D 143 6.44 -5.17 31.53
N LEU D 144 5.88 -4.21 30.79
CA LEU D 144 6.26 -3.95 29.40
C LEU D 144 6.91 -2.59 29.19
N GLN D 145 7.82 -2.54 28.23
CA GLN D 145 8.41 -1.29 27.73
C GLN D 145 8.02 -1.10 26.26
N GLY D 146 7.61 0.11 25.90
CA GLY D 146 7.28 0.44 24.51
C GLY D 146 8.51 0.90 23.75
N LEU D 147 8.65 0.41 22.52
CA LEU D 147 9.64 0.89 21.56
C LEU D 147 9.23 0.43 20.15
N VAL D 148 9.32 1.34 19.18
CA VAL D 148 8.87 1.04 17.80
C VAL D 148 9.94 1.33 16.75
N LEU D 149 9.82 0.66 15.61
CA LEU D 149 10.70 0.90 14.46
C LEU D 149 10.60 2.34 13.94
N ASP D 150 9.37 2.84 13.87
CA ASP D 150 9.07 4.16 13.32
C ASP D 150 8.01 4.86 14.15
N TYR D 151 8.32 6.05 14.64
CA TYR D 151 7.38 6.77 15.50
C TYR D 151 6.15 7.33 14.79
N GLN D 152 6.22 7.43 13.46
CA GLN D 152 5.14 8.06 12.69
C GLN D 152 4.02 7.09 12.32
N THR D 153 4.23 5.82 12.67
CA THR D 153 3.25 4.75 12.42
C THR D 153 1.90 4.99 13.14
N GLN D 154 0.82 4.97 12.38
CA GLN D 154 -0.52 5.21 12.91
C GLN D 154 -1.20 3.91 13.26
N TYR D 155 -1.10 3.55 14.53
CA TYR D 155 -1.69 2.32 15.03
C TYR D 155 -3.20 2.48 15.18
N PRO D 156 -3.98 1.37 15.06
CA PRO D 156 -5.43 1.45 15.24
C PRO D 156 -5.80 1.89 16.66
N LYS D 157 -6.83 2.71 16.77
CA LYS D 157 -7.25 3.26 18.06
C LYS D 157 -8.05 2.27 18.92
N THR D 158 -8.01 2.47 20.22
CA THR D 158 -8.74 1.63 21.18
C THR D 158 -10.18 2.14 21.33
N GLY D 162 -9.69 -1.75 20.73
CA GLY D 162 -8.77 -2.63 20.00
C GLY D 162 -7.41 -2.78 20.68
N PRO D 163 -6.31 -2.58 19.92
CA PRO D 163 -4.96 -2.75 20.45
C PRO D 163 -4.46 -1.57 21.30
N ILE D 164 -3.78 -1.91 22.40
CA ILE D 164 -3.18 -0.92 23.30
C ILE D 164 -1.75 -0.66 22.84
N THR D 165 -1.46 0.60 22.50
CA THR D 165 -0.13 0.96 22.02
C THR D 165 0.41 2.14 22.81
N ILE D 166 1.57 2.67 22.44
CA ILE D 166 2.23 3.75 23.18
C ILE D 166 1.36 5.02 23.30
N GLU D 167 0.65 5.38 22.24
CA GLU D 167 -0.28 6.51 22.26
C GLU D 167 -1.42 6.28 23.27
N THR D 168 -1.94 5.06 23.31
CA THR D 168 -2.99 4.69 24.25
C THR D 168 -2.58 5.04 25.68
N VAL D 169 -1.38 4.64 26.09
CA VAL D 169 -0.93 4.87 27.47
C VAL D 169 -0.45 6.31 27.71
N LEU D 170 -0.02 7.02 26.67
CA LEU D 170 0.46 8.39 26.83
C LEU D 170 -0.65 9.45 26.71
N GLY D 171 -1.73 9.10 26.03
CA GLY D 171 -2.79 10.05 25.74
C GLY D 171 -2.50 10.80 24.46
N ARG D 172 -1.34 11.46 24.40
CA ARG D 172 -0.91 12.16 23.19
C ARG D 172 -0.16 11.22 22.22
N LYS D 173 0.31 11.78 21.10
CA LYS D 173 0.97 11.00 20.04
C LYS D 173 2.46 10.75 20.30
N MET D 174 2.98 9.70 19.67
CA MET D 174 4.42 9.36 19.72
C MET D 174 5.30 10.49 19.19
N THR D 175 6.50 10.59 19.73
CA THR D 175 7.54 11.49 19.22
C THR D 175 8.80 10.67 18.90
N PRO D 176 9.84 11.31 18.32
CA PRO D 176 11.05 10.58 17.96
C PRO D 176 11.74 9.81 19.09
N LYS D 177 11.52 10.21 20.35
CA LYS D 177 12.14 9.48 21.47
C LYS D 177 11.64 8.04 21.60
N ASN D 178 10.42 7.79 21.11
CA ASN D 178 9.82 6.45 21.14
C ASN D 178 10.45 5.43 20.16
N GLN D 179 11.45 5.86 19.40
CA GLN D 179 12.27 4.95 18.61
C GLN D 179 13.43 4.40 19.45
N GLY D 180 13.73 5.10 20.55
CA GLY D 180 14.60 4.61 21.61
C GLY D 180 13.79 4.31 22.85
N LEU D 181 14.45 4.29 24.01
CA LEU D 181 13.77 4.01 25.29
C LEU D 181 13.21 5.31 25.90
N ASP D 182 11.89 5.33 26.12
CA ASP D 182 11.20 6.41 26.83
C ASP D 182 10.59 5.81 28.11
N PRO D 183 10.99 6.33 29.29
CA PRO D 183 10.56 5.72 30.56
C PRO D 183 9.07 5.94 30.84
N GLN D 184 8.44 6.80 30.05
CA GLN D 184 7.00 7.03 30.16
C GLN D 184 6.20 5.97 29.38
N ALA D 185 6.84 5.32 28.41
CA ALA D 185 6.15 4.31 27.60
C ALA D 185 6.21 2.94 28.28
N LYS D 186 5.35 2.76 29.29
CA LYS D 186 5.29 1.53 30.09
C LYS D 186 3.85 1.06 30.24
N ALA D 187 3.65 -0.26 30.29
CA ALA D 187 2.32 -0.86 30.40
C ALA D 187 2.41 -2.20 31.12
N LYS D 188 1.27 -2.79 31.43
CA LYS D 188 1.23 -4.10 32.06
C LYS D 188 0.44 -5.10 31.22
N LEU D 189 1.04 -6.26 30.98
CA LEU D 189 0.44 -7.29 30.15
C LEU D 189 -0.71 -7.97 30.88
N ASP D 190 -1.90 -7.36 30.79
CA ASP D 190 -3.09 -7.84 31.51
C ASP D 190 -4.23 -8.34 30.62
N LYS D 191 -4.05 -8.25 29.30
CA LYS D 191 -5.08 -8.70 28.35
C LYS D 191 -4.53 -9.51 27.18
N ASP D 192 -5.16 -10.67 26.97
CA ASP D 192 -4.78 -11.62 25.93
C ASP D 192 -5.11 -11.07 24.54
N GLY D 193 -4.12 -11.11 23.64
CA GLY D 193 -4.29 -10.60 22.27
C GLY D 193 -4.49 -9.10 22.11
N ASN D 194 -4.04 -8.33 23.10
CA ASN D 194 -4.27 -6.87 23.10
C ASN D 194 -3.01 -6.02 23.02
N TYR D 195 -1.84 -6.63 23.25
CA TYR D 195 -0.57 -5.90 23.25
C TYR D 195 0.34 -6.37 22.10
N PRO D 196 0.47 -5.54 21.05
CA PRO D 196 1.29 -5.85 19.88
C PRO D 196 2.77 -6.12 20.20
N ILE D 197 3.25 -7.27 19.74
CA ILE D 197 4.64 -7.68 19.92
C ILE D 197 5.61 -6.61 19.44
N GLU D 198 5.29 -5.96 18.32
CA GLU D 198 6.19 -5.01 17.68
C GLU D 198 6.24 -3.63 18.35
N VAL D 199 5.35 -3.41 19.33
CA VAL D 199 5.35 -2.20 20.14
C VAL D 199 5.95 -2.45 21.52
N TRP D 200 5.70 -3.64 22.08
CA TRP D 200 6.01 -3.94 23.48
C TRP D 200 7.04 -5.07 23.71
N CYS D 201 8.08 -4.79 24.49
CA CYS D 201 9.02 -5.83 24.95
C CYS D 201 9.04 -5.93 26.48
N PRO D 202 9.50 -7.08 27.04
CA PRO D 202 9.61 -7.14 28.50
C PRO D 202 10.52 -6.06 29.05
N ASP D 203 10.09 -5.42 30.14
CA ASP D 203 10.83 -4.34 30.76
C ASP D 203 11.83 -4.87 31.79
N PRO D 204 13.13 -4.72 31.50
CA PRO D 204 14.13 -5.28 32.41
C PRO D 204 14.39 -4.39 33.65
N SER D 205 13.84 -3.18 33.68
CA SER D 205 14.01 -2.34 34.86
C SER D 205 13.00 -2.65 35.96
N LYS D 206 11.99 -3.45 35.61
CA LYS D 206 11.01 -3.93 36.57
C LYS D 206 11.05 -5.45 36.53
N ASN D 207 9.90 -6.11 36.71
CA ASN D 207 9.77 -7.56 36.58
C ASN D 207 10.50 -8.42 37.63
N GLU D 208 10.78 -7.80 38.78
CA GLU D 208 11.44 -8.50 39.89
C GLU D 208 10.70 -9.76 40.34
N ASN D 209 9.37 -9.76 40.20
CA ASN D 209 8.57 -10.91 40.59
C ASN D 209 8.07 -11.77 39.39
N SER D 210 8.84 -11.75 38.30
CA SER D 210 8.59 -12.59 37.12
C SER D 210 9.92 -13.08 36.54
N ARG D 211 9.85 -14.22 35.84
CA ARG D 211 10.96 -14.75 35.04
C ARG D 211 10.55 -14.78 33.57
N TYR D 212 11.41 -14.30 32.68
CA TYR D 212 11.11 -14.32 31.24
C TYR D 212 12.30 -14.76 30.39
N TYR D 213 12.02 -15.27 29.18
CA TYR D 213 13.04 -15.85 28.32
C TYR D 213 12.60 -15.64 26.89
N GLY D 214 13.44 -15.04 26.06
CA GLY D 214 13.09 -14.84 24.67
C GLY D 214 14.23 -14.74 23.68
N SER D 215 13.88 -14.84 22.39
CA SER D 215 14.83 -14.69 21.29
C SER D 215 14.11 -14.28 20.01
N ILE D 216 14.88 -13.79 19.03
CA ILE D 216 14.38 -13.40 17.73
C ILE D 216 15.35 -13.86 16.68
N GLN D 217 14.85 -14.00 15.44
CA GLN D 217 15.65 -14.34 14.29
C GLN D 217 15.04 -13.59 13.09
N THR D 218 15.86 -12.81 12.39
CA THR D 218 15.36 -12.05 11.24
C THR D 218 15.75 -12.70 9.91
N GLY D 219 15.36 -12.09 8.79
CA GLY D 219 15.52 -12.72 7.47
C GLY D 219 14.17 -13.10 6.85
N SER D 220 14.20 -13.42 5.56
CA SER D 220 12.99 -13.74 4.82
C SER D 220 12.71 -15.24 4.70
N GLN D 221 13.75 -16.03 4.45
CA GLN D 221 13.60 -17.48 4.25
C GLN D 221 14.52 -18.25 5.18
N THR D 222 15.00 -17.56 6.22
CA THR D 222 15.82 -18.15 7.26
C THR D 222 15.12 -19.37 7.85
N PRO D 223 15.84 -20.49 7.95
CA PRO D 223 15.19 -21.69 8.46
C PRO D 223 14.59 -21.55 9.87
N THR D 224 13.42 -22.16 10.04
CA THR D 224 12.82 -22.31 11.35
C THR D 224 13.41 -23.57 11.97
N VAL D 225 14.13 -23.38 13.06
CA VAL D 225 14.83 -24.44 13.76
C VAL D 225 14.32 -24.47 15.20
N LEU D 226 13.57 -25.52 15.54
CA LEU D 226 12.93 -25.63 16.85
C LEU D 226 13.03 -27.05 17.43
N GLN D 227 13.11 -27.14 18.76
CA GLN D 227 13.22 -28.42 19.47
C GLN D 227 12.00 -28.68 20.35
N PHE D 228 11.75 -29.95 20.65
CA PHE D 228 10.67 -30.34 21.58
C PHE D 228 11.03 -31.62 22.31
N SER D 229 10.78 -31.65 23.62
CA SER D 229 11.08 -32.79 24.47
C SER D 229 10.34 -32.70 25.80
N ASN D 230 9.81 -33.82 26.28
CA ASN D 230 9.17 -33.79 27.60
C ASN D 230 10.13 -33.93 28.78
N THR D 231 11.42 -33.73 28.53
CA THR D 231 12.45 -33.92 29.55
C THR D 231 13.10 -32.63 30.03
N LEU D 232 12.76 -31.51 29.40
CA LEU D 232 13.36 -30.22 29.74
C LEU D 232 12.57 -29.46 30.81
N THR D 233 13.27 -29.02 31.86
CA THR D 233 12.68 -28.23 32.92
C THR D 233 13.43 -26.91 33.06
N THR D 234 12.70 -25.83 33.28
CA THR D 234 13.31 -24.55 33.65
C THR D 234 13.13 -24.33 35.18
N VAL D 235 14.24 -24.05 35.87
CA VAL D 235 14.22 -23.70 37.30
C VAL D 235 13.93 -22.19 37.41
N LEU D 236 12.92 -21.83 38.20
CA LEU D 236 12.43 -20.44 38.27
C LEU D 236 12.97 -19.66 39.47
N LEU D 237 13.65 -20.36 40.37
CA LEU D 237 14.24 -19.74 41.57
C LEU D 237 15.30 -18.70 41.17
N ASP D 238 15.35 -17.58 41.88
CA ASP D 238 16.46 -16.64 41.67
C ASP D 238 17.71 -17.06 42.46
N GLU D 239 18.72 -16.20 42.50
CA GLU D 239 20.01 -16.51 43.14
C GLU D 239 19.92 -16.71 44.65
N ASN D 240 18.88 -16.17 45.26
CA ASN D 240 18.60 -16.39 46.69
C ASN D 240 17.71 -17.61 46.95
N GLY D 241 17.34 -18.30 45.88
CA GLY D 241 16.50 -19.51 45.96
C GLY D 241 15.01 -19.22 46.08
N VAL D 242 14.56 -18.05 45.60
CA VAL D 242 13.13 -17.70 45.65
C VAL D 242 12.50 -17.60 44.27
N GLY D 243 11.40 -18.32 44.06
CA GLY D 243 10.62 -18.23 42.83
C GLY D 243 9.61 -17.10 42.90
N PRO D 244 8.93 -16.79 41.78
CA PRO D 244 7.89 -15.75 41.81
C PRO D 244 6.82 -16.05 42.85
N LEU D 245 6.32 -15.01 43.52
CA LEU D 245 5.32 -15.17 44.57
C LEU D 245 3.97 -14.60 44.11
N CYS D 246 2.96 -15.47 44.09
CA CYS D 246 1.67 -15.13 43.50
C CYS D 246 0.82 -14.27 44.43
N LYS D 247 0.81 -12.97 44.16
CA LYS D 247 -0.02 -11.99 44.87
C LYS D 247 -1.50 -12.27 44.60
N GLY D 248 -2.32 -12.15 45.64
CA GLY D 248 -3.76 -12.38 45.51
C GLY D 248 -4.11 -13.72 44.88
N ASP D 249 -3.21 -14.70 45.05
CA ASP D 249 -3.39 -16.09 44.58
C ASP D 249 -3.46 -16.24 43.06
N GLY D 250 -2.85 -15.29 42.33
CA GLY D 250 -2.93 -15.29 40.87
C GLY D 250 -1.60 -15.53 40.16
N LEU D 251 -1.56 -16.54 39.29
CA LEU D 251 -0.36 -16.89 38.55
C LEU D 251 -0.44 -16.38 37.10
N PHE D 252 0.54 -15.60 36.68
CA PHE D 252 0.54 -15.03 35.34
C PHE D 252 1.47 -15.74 34.34
N ILE D 253 0.87 -16.31 33.29
CA ILE D 253 1.59 -17.03 32.24
C ILE D 253 1.46 -16.32 30.91
N SER D 254 2.59 -16.04 30.27
CA SER D 254 2.63 -15.23 29.05
C SER D 254 3.56 -15.82 28.00
N CYS D 255 3.24 -15.64 26.71
CA CYS D 255 4.07 -16.18 25.65
C CYS D 255 3.81 -15.59 24.27
N ALA D 256 4.72 -15.91 23.35
CA ALA D 256 4.66 -15.51 21.94
C ALA D 256 5.52 -16.48 21.14
N ASP D 257 5.02 -16.90 19.97
CA ASP D 257 5.69 -17.91 19.15
C ASP D 257 5.39 -17.75 17.66
N ILE D 258 6.03 -16.76 17.05
CA ILE D 258 5.93 -16.54 15.61
C ILE D 258 6.87 -17.52 14.92
N VAL D 259 6.34 -18.37 14.03
CA VAL D 259 7.19 -19.38 13.37
C VAL D 259 7.61 -19.13 11.90
N GLY D 260 7.35 -17.92 11.39
CA GLY D 260 7.72 -17.61 10.00
C GLY D 260 6.59 -17.29 9.04
N PHE D 261 6.92 -17.23 7.76
CA PHE D 261 5.99 -16.77 6.72
C PHE D 261 5.29 -17.91 5.96
N LEU D 262 4.01 -17.71 5.68
CA LEU D 262 3.32 -18.50 4.67
C LEU D 262 3.43 -17.74 3.33
N PHE D 263 4.23 -18.27 2.41
CA PHE D 263 4.44 -17.68 1.07
C PHE D 263 3.32 -18.11 0.12
N LYS D 264 2.59 -17.14 -0.43
CA LYS D 264 1.46 -17.42 -1.33
C LYS D 264 1.81 -17.23 -2.80
N THR D 265 1.06 -17.89 -3.68
CA THR D 265 1.33 -17.86 -5.12
C THR D 265 1.52 -16.44 -5.69
N SER D 266 0.71 -15.48 -5.25
CA SER D 266 0.72 -14.11 -5.80
C SER D 266 1.96 -13.26 -5.52
N GLY D 267 2.74 -13.66 -4.51
CA GLY D 267 3.86 -12.84 -4.02
C GLY D 267 3.66 -12.46 -2.56
N LYS D 268 2.41 -12.45 -2.13
CA LYS D 268 2.03 -12.05 -0.78
C LYS D 268 2.50 -13.02 0.30
N MET D 269 2.71 -12.47 1.50
CA MET D 269 3.24 -13.24 2.63
C MET D 269 2.53 -12.86 3.92
N ALA D 270 2.20 -13.88 4.71
CA ALA D 270 1.59 -13.69 6.03
C ALA D 270 2.41 -14.41 7.11
N LEU D 271 2.43 -13.86 8.32
CA LEU D 271 3.11 -14.52 9.46
C LEU D 271 2.20 -15.56 10.11
N HIS D 272 2.82 -16.62 10.65
CA HIS D 272 2.13 -17.75 11.28
C HIS D 272 2.67 -17.96 12.71
N GLY D 273 1.79 -18.35 13.64
CA GLY D 273 2.18 -18.66 15.02
C GLY D 273 1.73 -20.05 15.48
N LEU D 274 2.39 -20.58 16.52
CA LEU D 274 1.96 -21.85 17.12
C LEU D 274 1.57 -21.71 18.60
N PRO D 275 0.80 -22.69 19.13
CA PRO D 275 0.45 -22.69 20.55
C PRO D 275 1.58 -23.17 21.47
N ARG D 276 1.46 -22.86 22.76
CA ARG D 276 2.47 -23.20 23.76
C ARG D 276 1.81 -23.80 25.00
N TYR D 277 2.37 -24.91 25.48
CA TYR D 277 1.84 -25.69 26.60
C TYR D 277 2.69 -25.50 27.85
N PHE D 278 2.05 -25.51 29.03
CA PHE D 278 2.78 -25.29 30.30
C PHE D 278 2.40 -26.27 31.41
N ASN D 279 3.42 -26.80 32.08
CA ASN D 279 3.23 -27.46 33.37
C ASN D 279 4.12 -26.79 34.43
N VAL D 280 3.50 -26.11 35.38
CA VAL D 280 4.19 -25.30 36.40
C VAL D 280 4.06 -25.95 37.78
N THR D 281 5.18 -26.07 38.50
CA THR D 281 5.19 -26.60 39.88
C THR D 281 5.27 -25.46 40.90
N LEU D 282 4.40 -25.53 41.90
CA LEU D 282 4.36 -24.51 42.97
C LEU D 282 4.40 -25.09 44.37
N ARG D 283 4.99 -24.34 45.30
CA ARG D 283 5.03 -24.72 46.71
C ARG D 283 4.57 -23.56 47.61
N LYS D 284 4.05 -23.90 48.78
CA LYS D 284 3.63 -22.90 49.76
C LYS D 284 4.83 -22.28 50.50
N ARG D 285 4.80 -20.96 50.64
CA ARG D 285 5.87 -20.19 51.28
C ARG D 285 5.29 -19.18 52.27
N TRP D 286 5.88 -19.06 53.45
CA TRP D 286 5.50 -18.03 54.43
C TRP D 286 6.13 -16.69 54.06
N VAL D 287 5.36 -15.60 54.15
CA VAL D 287 5.87 -14.23 53.93
C VAL D 287 5.32 -13.26 54.97
N LYS D 288 6.06 -12.18 55.23
CA LYS D 288 5.66 -11.21 56.25
C LYS D 288 4.83 -10.05 55.68
N VAL E 9 -0.23 -45.89 40.00
CA VAL E 9 1.08 -46.59 40.23
C VAL E 9 1.80 -46.08 41.49
N GLU E 10 2.35 -47.03 42.26
CA GLU E 10 3.21 -46.75 43.39
C GLU E 10 4.53 -47.46 43.14
N VAL E 11 5.58 -46.67 42.89
CA VAL E 11 6.90 -47.20 42.52
C VAL E 11 7.71 -47.57 43.76
N LEU E 12 8.09 -48.84 43.85
CA LEU E 12 8.88 -49.31 44.98
C LEU E 12 10.36 -49.43 44.63
N SER E 13 11.03 -50.44 45.18
CA SER E 13 12.47 -50.60 45.02
C SER E 13 12.87 -51.33 43.73
N VAL E 14 14.11 -51.09 43.32
CA VAL E 14 14.73 -51.78 42.20
C VAL E 14 15.08 -53.23 42.59
N VAL E 15 14.56 -54.20 41.85
CA VAL E 15 14.87 -55.61 42.05
C VAL E 15 16.38 -55.85 41.97
N THR E 16 16.90 -56.62 42.92
CA THR E 16 18.28 -57.14 42.83
C THR E 16 18.25 -58.67 42.77
N GLY E 17 19.11 -59.23 41.93
CA GLY E 17 19.15 -60.68 41.69
C GLY E 17 20.06 -61.01 40.53
N GLU E 18 19.89 -62.21 39.98
CA GLU E 18 20.75 -62.67 38.88
C GLU E 18 20.46 -61.93 37.56
N ASP E 19 19.25 -62.13 37.05
CA ASP E 19 18.87 -61.59 35.74
C ASP E 19 18.00 -60.35 35.88
N SER E 20 18.53 -59.31 36.52
CA SER E 20 17.74 -58.09 36.74
C SER E 20 17.86 -57.11 35.57
N ILE E 21 18.94 -57.23 34.79
CA ILE E 21 19.20 -56.34 33.67
C ILE E 21 19.03 -57.08 32.33
N THR E 22 18.36 -56.43 31.37
CA THR E 22 18.24 -56.95 29.99
C THR E 22 18.54 -55.86 28.94
N GLN E 23 18.76 -56.30 27.70
CA GLN E 23 19.02 -55.39 26.59
C GLN E 23 18.15 -55.72 25.37
N ILE E 24 17.73 -54.67 24.67
CA ILE E 24 16.90 -54.76 23.46
C ILE E 24 17.59 -54.12 22.26
N GLU E 25 17.63 -54.86 21.14
CA GLU E 25 18.11 -54.34 19.87
C GLU E 25 17.01 -54.37 18.82
N LEU E 26 16.91 -53.32 18.03
CA LEU E 26 16.09 -53.31 16.80
C LEU E 26 16.34 -52.07 15.94
N TYR E 27 15.82 -52.12 14.72
CA TYR E 27 15.85 -51.02 13.78
C TYR E 27 14.44 -50.78 13.26
N LEU E 28 14.17 -49.55 12.80
CA LEU E 28 12.90 -49.20 12.14
C LEU E 28 13.14 -48.50 10.80
N ASN E 29 12.60 -49.09 9.74
CA ASN E 29 12.72 -48.53 8.40
C ASN E 29 11.71 -47.40 8.20
N PRO E 30 12.08 -46.36 7.42
CA PRO E 30 11.24 -45.16 7.34
C PRO E 30 9.90 -45.39 6.64
N ARG E 31 8.90 -44.56 6.97
CA ARG E 31 7.58 -44.64 6.34
C ARG E 31 7.22 -43.30 5.70
N MET E 32 7.83 -43.02 4.55
CA MET E 32 7.72 -41.73 3.89
C MET E 32 6.49 -41.55 2.99
N GLY E 33 5.81 -42.65 2.67
CA GLY E 33 4.64 -42.61 1.79
C GLY E 33 4.56 -43.87 0.94
N VAL E 34 5.67 -44.24 0.33
CA VAL E 34 5.82 -45.54 -0.32
C VAL E 34 6.49 -46.45 0.71
N ASN E 35 5.66 -47.14 1.48
CA ASN E 35 6.09 -47.78 2.73
C ASN E 35 6.67 -49.18 2.62
N SER E 36 6.30 -49.91 1.57
CA SER E 36 6.79 -51.28 1.36
C SER E 36 7.83 -51.35 0.23
N PRO E 37 8.80 -52.27 0.34
CA PRO E 37 9.74 -52.53 -0.75
C PRO E 37 9.39 -53.78 -1.59
N ASP E 38 8.25 -54.41 -1.30
CA ASP E 38 7.88 -55.70 -1.91
C ASP E 38 6.75 -55.61 -2.95
N LEU E 39 6.23 -54.41 -3.17
CA LEU E 39 5.11 -54.19 -4.10
C LEU E 39 5.58 -54.21 -5.55
N PRO E 40 4.69 -54.69 -6.47
CA PRO E 40 5.03 -55.03 -7.87
C PRO E 40 5.84 -53.98 -8.63
N THR E 41 5.36 -52.74 -8.63
CA THR E 41 5.92 -51.70 -9.50
C THR E 41 6.20 -50.37 -8.77
N THR E 42 5.48 -50.12 -7.68
CA THR E 42 5.58 -48.85 -6.97
C THR E 42 6.81 -48.74 -6.05
N SER E 43 7.34 -49.89 -5.64
CA SER E 43 8.40 -49.98 -4.62
C SER E 43 9.76 -49.36 -4.99
N ASN E 44 9.85 -48.79 -6.17
CA ASN E 44 11.12 -48.18 -6.60
C ASN E 44 11.39 -46.87 -5.86
N TRP E 45 10.33 -46.27 -5.31
CA TRP E 45 10.43 -45.03 -4.52
C TRP E 45 10.30 -45.27 -3.00
N TYR E 46 10.45 -46.52 -2.58
CA TYR E 46 10.45 -46.88 -1.16
C TYR E 46 11.50 -46.07 -0.39
N THR E 47 11.07 -45.52 0.74
CA THR E 47 11.82 -44.52 1.56
C THR E 47 11.78 -43.10 0.97
N TYR E 48 10.87 -42.86 0.03
CA TYR E 48 10.57 -41.51 -0.50
C TYR E 48 9.06 -41.26 -0.54
N THR E 49 8.69 -40.00 -0.77
CA THR E 49 7.31 -39.61 -1.11
C THR E 49 7.20 -39.63 -2.65
N TYR E 50 6.00 -39.36 -3.18
CA TYR E 50 5.88 -38.97 -4.59
C TYR E 50 6.19 -37.46 -4.70
N ASP E 51 5.90 -36.87 -5.86
CA ASP E 51 6.22 -35.45 -6.08
C ASP E 51 5.30 -34.54 -5.28
N LEU E 52 5.89 -33.60 -4.55
CA LEU E 52 5.13 -32.70 -3.69
C LEU E 52 4.96 -31.36 -4.35
N GLN E 53 3.70 -30.99 -4.58
CA GLN E 53 3.32 -29.81 -5.37
C GLN E 53 2.10 -29.09 -4.81
N PRO E 54 2.14 -27.75 -4.75
CA PRO E 54 0.91 -26.98 -4.53
C PRO E 54 -0.05 -27.18 -5.71
N LYS E 55 -1.30 -27.51 -5.40
CA LYS E 55 -2.30 -27.80 -6.43
C LYS E 55 -2.67 -26.59 -7.32
N GLY E 56 -2.74 -25.39 -6.74
CA GLY E 56 -3.06 -24.16 -7.50
C GLY E 56 -4.51 -23.74 -7.37
N SER E 57 -5.36 -24.69 -7.00
CA SER E 57 -6.77 -24.44 -6.71
C SER E 57 -7.17 -25.20 -5.44
N SER E 58 -8.29 -24.80 -4.83
CA SER E 58 -8.76 -25.38 -3.57
C SER E 58 -9.79 -26.51 -3.78
N PRO E 59 -9.86 -27.47 -2.85
CA PRO E 59 -8.97 -27.65 -1.69
C PRO E 59 -7.84 -28.63 -1.98
N ASP E 60 -6.81 -28.62 -1.12
CA ASP E 60 -5.77 -29.63 -1.17
C ASP E 60 -6.42 -31.02 -0.97
N GLN E 61 -6.02 -31.97 -1.81
CA GLN E 61 -6.54 -33.34 -1.73
C GLN E 61 -5.38 -34.34 -1.88
N PRO E 62 -4.43 -34.34 -0.92
CA PRO E 62 -3.20 -35.10 -1.07
C PRO E 62 -3.38 -36.62 -1.00
N ILE E 63 -2.48 -37.34 -1.68
CA ILE E 63 -2.51 -38.80 -1.72
C ILE E 63 -1.64 -39.36 -0.61
N LYS E 64 -1.98 -40.56 -0.14
CA LYS E 64 -1.26 -41.16 0.99
C LYS E 64 0.24 -41.26 0.76
N GLU E 65 0.65 -41.30 -0.50
CA GLU E 65 2.07 -41.41 -0.85
C GLU E 65 2.82 -40.11 -0.61
N ASN E 66 2.09 -39.02 -0.43
CA ASN E 66 2.68 -37.73 -0.10
C ASN E 66 2.61 -37.37 1.40
N LEU E 67 2.41 -38.39 2.25
CA LEU E 67 2.22 -38.17 3.69
C LEU E 67 3.18 -39.01 4.53
N PRO E 68 4.41 -38.49 4.77
CA PRO E 68 5.33 -39.18 5.67
C PRO E 68 4.69 -39.45 7.03
N ALA E 69 4.89 -40.65 7.56
CA ALA E 69 4.24 -41.10 8.79
C ALA E 69 5.26 -41.59 9.83
N TYR E 70 4.84 -41.64 11.10
CA TYR E 70 5.69 -42.12 12.17
C TYR E 70 5.90 -43.63 12.09
N SER E 71 7.11 -44.07 12.44
CA SER E 71 7.40 -45.48 12.68
C SER E 71 7.06 -45.83 14.13
N VAL E 72 6.63 -47.08 14.36
CA VAL E 72 6.31 -47.59 15.68
C VAL E 72 6.64 -49.09 15.75
N ALA E 73 6.92 -49.59 16.95
CA ALA E 73 6.99 -51.02 17.21
C ALA E 73 6.71 -51.31 18.67
N ARG E 74 5.89 -52.32 18.91
CA ARG E 74 5.74 -52.88 20.24
C ARG E 74 6.71 -54.04 20.34
N VAL E 75 7.63 -53.95 21.30
CA VAL E 75 8.66 -54.95 21.54
C VAL E 75 8.21 -55.79 22.74
N SER E 76 8.30 -57.11 22.60
CA SER E 76 7.89 -58.07 23.64
C SER E 76 9.06 -58.37 24.57
N LEU E 77 8.85 -58.17 25.86
CA LEU E 77 9.88 -58.38 26.86
C LEU E 77 9.63 -59.70 27.60
N PRO E 78 10.67 -60.28 28.23
CA PRO E 78 10.49 -61.49 29.05
C PRO E 78 9.35 -61.32 30.05
N MET E 79 8.47 -62.32 30.12
CA MET E 79 7.34 -62.32 31.05
C MET E 79 7.81 -62.51 32.49
N LEU E 80 7.26 -61.70 33.40
CA LEU E 80 7.78 -61.60 34.77
C LEU E 80 6.88 -62.23 35.84
N ASN E 81 5.58 -62.29 35.58
CA ASN E 81 4.61 -62.74 36.59
C ASN E 81 3.58 -63.72 36.04
N ASP E 87 -1.61 -57.70 43.95
CA ASP E 87 -1.56 -56.36 43.36
C ASP E 87 -0.17 -55.70 43.45
N THR E 88 0.82 -56.46 43.94
CA THR E 88 2.22 -56.06 43.96
C THR E 88 2.99 -56.91 42.95
N LEU E 89 3.70 -56.28 42.03
CA LEU E 89 4.38 -57.02 40.94
C LEU E 89 5.66 -56.37 40.40
N GLN E 90 6.41 -57.15 39.62
CA GLN E 90 7.59 -56.66 38.91
C GLN E 90 7.22 -56.08 37.53
N MET E 91 7.87 -54.99 37.14
CA MET E 91 7.75 -54.44 35.79
C MET E 91 9.13 -54.10 35.24
N TRP E 92 9.28 -54.17 33.91
CA TRP E 92 10.51 -53.72 33.27
C TRP E 92 10.54 -52.19 33.21
N GLU E 93 11.66 -51.61 33.64
CA GLU E 93 11.91 -50.17 33.63
C GLU E 93 13.04 -49.85 32.65
N ALA E 94 12.75 -49.03 31.64
CA ALA E 94 13.79 -48.61 30.69
C ALA E 94 14.64 -47.49 31.30
N ILE E 95 15.95 -47.68 31.30
CA ILE E 95 16.81 -46.75 32.02
C ILE E 95 17.68 -45.91 31.10
N SER E 96 18.02 -46.45 29.94
CA SER E 96 18.88 -45.74 28.99
C SER E 96 18.72 -46.29 27.57
N VAL E 97 19.20 -45.52 26.59
CA VAL E 97 19.12 -45.92 25.19
C VAL E 97 20.30 -45.40 24.34
N LYS E 98 20.74 -46.24 23.41
CA LYS E 98 21.65 -45.81 22.35
C LYS E 98 20.88 -45.84 21.05
N THR E 99 20.88 -44.71 20.35
CA THR E 99 20.14 -44.64 19.10
C THR E 99 20.96 -43.88 18.06
N GLU E 100 20.68 -44.16 16.79
CA GLU E 100 21.50 -43.65 15.70
C GLU E 100 20.76 -43.77 14.37
N VAL E 101 20.92 -42.74 13.54
CA VAL E 101 20.34 -42.76 12.20
C VAL E 101 21.30 -43.53 11.30
N VAL E 102 20.74 -44.51 10.58
CA VAL E 102 21.53 -45.42 9.74
C VAL E 102 21.57 -44.93 8.27
N GLY E 103 22.75 -45.00 7.64
CA GLY E 103 22.89 -44.70 6.22
C GLY E 103 23.10 -43.23 5.90
N ILE E 104 23.67 -42.50 6.85
CA ILE E 104 23.94 -41.08 6.64
C ILE E 104 24.93 -40.86 5.50
N SER E 105 25.90 -41.77 5.38
CA SER E 105 26.91 -41.70 4.31
C SER E 105 26.35 -41.80 2.86
N SER E 106 25.18 -42.42 2.69
CA SER E 106 24.56 -42.54 1.36
C SER E 106 24.22 -41.17 0.77
N LEU E 107 24.10 -40.17 1.64
CA LEU E 107 23.71 -38.83 1.20
C LEU E 107 24.86 -38.02 0.59
N ILE E 108 26.02 -38.64 0.38
CA ILE E 108 27.11 -37.96 -0.35
C ILE E 108 26.98 -38.12 -1.87
N ASN E 109 26.06 -39.00 -2.29
CA ASN E 109 25.77 -39.25 -3.71
C ASN E 109 25.20 -38.01 -4.38
N VAL E 110 26.01 -37.39 -5.23
CA VAL E 110 25.60 -36.20 -6.01
C VAL E 110 25.64 -36.50 -7.52
N HIS E 111 25.49 -37.78 -7.85
CA HIS E 111 25.59 -38.21 -9.23
C HIS E 111 24.41 -39.08 -9.68
N TYR E 112 23.37 -39.14 -8.85
CA TYR E 112 22.14 -39.83 -9.19
C TYR E 112 21.64 -39.37 -10.57
N TRP E 113 21.22 -40.32 -11.41
CA TRP E 113 20.97 -40.05 -12.84
C TRP E 113 20.00 -38.91 -13.09
N ASP E 114 19.01 -38.75 -12.21
CA ASP E 114 17.96 -37.74 -12.38
C ASP E 114 18.08 -36.51 -11.47
N MET E 115 19.26 -36.29 -10.88
CA MET E 115 19.47 -35.11 -10.04
C MET E 115 19.60 -33.82 -10.82
N LYS E 116 18.82 -32.82 -10.40
CA LYS E 116 18.96 -31.48 -10.96
C LYS E 116 20.38 -30.99 -10.71
N ARG E 117 21.02 -30.52 -11.77
CA ARG E 117 22.37 -29.98 -11.66
C ARG E 117 22.34 -28.61 -10.98
N VAL E 118 23.34 -28.31 -10.14
CA VAL E 118 23.36 -27.05 -9.39
C VAL E 118 23.37 -25.85 -10.31
N HIS E 119 24.18 -25.97 -11.37
CA HIS E 119 24.21 -25.05 -12.50
C HIS E 119 24.54 -25.89 -13.73
N ASP E 120 24.74 -25.24 -14.88
CA ASP E 120 25.03 -25.95 -16.12
C ASP E 120 26.32 -26.77 -16.00
N TYR E 121 26.20 -28.07 -16.31
CA TYR E 121 27.33 -29.01 -16.35
C TYR E 121 27.97 -29.29 -14.96
N GLY E 122 27.20 -29.13 -13.90
CA GLY E 122 27.74 -29.32 -12.55
C GLY E 122 27.21 -30.57 -11.90
N ALA E 123 27.61 -30.78 -10.64
CA ALA E 123 27.12 -31.91 -9.85
C ALA E 123 25.67 -31.71 -9.44
N GLY E 124 25.02 -32.76 -8.95
CA GLY E 124 23.64 -32.68 -8.51
C GLY E 124 23.50 -31.94 -7.20
N ILE E 125 22.31 -31.37 -6.98
CA ILE E 125 21.96 -30.77 -5.69
C ILE E 125 21.73 -31.89 -4.69
N PRO E 126 22.53 -31.93 -3.60
CA PRO E 126 22.38 -33.04 -2.63
C PRO E 126 21.08 -33.00 -1.84
N VAL E 127 20.66 -34.16 -1.33
CA VAL E 127 19.52 -34.24 -0.40
C VAL E 127 19.72 -33.21 0.73
N SER E 128 18.82 -32.22 0.75
CA SER E 128 18.89 -31.07 1.64
C SER E 128 17.51 -30.44 1.75
N GLY E 129 17.38 -29.40 2.57
CA GLY E 129 16.09 -28.77 2.83
C GLY E 129 15.46 -29.16 4.16
N VAL E 130 14.19 -29.55 4.11
CA VAL E 130 13.36 -29.82 5.28
C VAL E 130 13.74 -31.10 6.03
N ASN E 131 14.17 -30.95 7.28
CA ASN E 131 14.46 -32.07 8.18
C ASN E 131 13.45 -32.14 9.33
N TYR E 132 13.14 -33.37 9.76
CA TYR E 132 12.35 -33.62 10.95
C TYR E 132 12.82 -34.93 11.58
N HIS E 133 13.24 -34.85 12.84
CA HIS E 133 13.79 -35.97 13.59
C HIS E 133 13.16 -36.07 14.97
N MET E 134 12.71 -37.26 15.32
CA MET E 134 12.24 -37.53 16.67
C MET E 134 12.32 -39.03 16.98
N PHE E 135 12.58 -39.33 18.24
CA PHE E 135 12.45 -40.69 18.71
C PHE E 135 11.79 -40.68 20.08
N ALA E 136 11.15 -41.78 20.45
CA ALA E 136 10.50 -41.89 21.73
C ALA E 136 10.56 -43.31 22.23
N ILE E 137 10.73 -43.44 23.55
CA ILE E 137 10.70 -44.72 24.27
C ILE E 137 9.68 -44.59 25.41
N GLY E 138 8.79 -45.56 25.51
CA GLY E 138 7.72 -45.51 26.51
C GLY E 138 7.25 -46.89 26.93
N GLY E 139 6.48 -46.93 28.02
CA GLY E 139 5.96 -48.19 28.53
C GLY E 139 4.54 -48.43 28.07
N GLU E 140 4.10 -47.57 27.15
CA GLU E 140 2.77 -47.60 26.53
C GLU E 140 2.83 -46.74 25.27
N PRO E 141 1.82 -46.87 24.37
CA PRO E 141 1.85 -46.07 23.13
C PRO E 141 1.97 -44.57 23.39
N LEU E 142 2.76 -43.89 22.55
CA LEU E 142 2.95 -42.43 22.63
C LEU E 142 1.62 -41.72 22.45
N ASP E 143 1.43 -40.63 23.18
CA ASP E 143 0.22 -39.82 23.05
C ASP E 143 0.43 -38.72 22.01
N LEU E 144 -0.57 -38.56 21.14
CA LEU E 144 -0.49 -37.60 20.04
C LEU E 144 -1.53 -36.51 20.12
N GLN E 145 -1.10 -35.29 19.79
CA GLN E 145 -1.99 -34.14 19.62
C GLN E 145 -2.14 -33.82 18.12
N GLY E 146 -3.37 -33.61 17.65
CA GLY E 146 -3.61 -33.19 16.26
C GLY E 146 -3.54 -31.68 16.05
N LEU E 147 -2.89 -31.24 14.97
CA LEU E 147 -2.85 -29.82 14.58
C LEU E 147 -2.31 -29.72 13.16
N VAL E 148 -3.02 -28.99 12.30
CA VAL E 148 -2.64 -28.86 10.88
C VAL E 148 -2.43 -27.40 10.42
N LEU E 149 -1.63 -27.24 9.36
CA LEU E 149 -1.41 -25.96 8.67
C LEU E 149 -2.70 -25.34 8.11
N ASP E 150 -3.58 -26.20 7.61
CA ASP E 150 -4.81 -25.79 6.93
C ASP E 150 -5.90 -26.82 7.18
N TYR E 151 -6.96 -26.40 7.85
CA TYR E 151 -8.08 -27.28 8.20
C TYR E 151 -8.97 -27.72 7.03
N GLN E 152 -8.84 -27.05 5.88
CA GLN E 152 -9.66 -27.37 4.69
C GLN E 152 -9.04 -28.47 3.82
N THR E 153 -7.82 -28.86 4.15
CA THR E 153 -7.17 -30.01 3.54
C THR E 153 -8.07 -31.24 3.61
N GLN E 154 -8.27 -31.88 2.47
CA GLN E 154 -9.02 -33.11 2.41
C GLN E 154 -8.10 -34.32 2.39
N TYR E 155 -7.85 -34.87 3.58
CA TYR E 155 -7.02 -36.06 3.75
C TYR E 155 -7.80 -37.32 3.37
N PRO E 156 -7.10 -38.39 2.94
CA PRO E 156 -7.78 -39.65 2.61
C PRO E 156 -8.46 -40.30 3.81
N LYS E 157 -9.47 -41.14 3.53
CA LYS E 157 -10.18 -41.89 4.57
C LYS E 157 -9.39 -43.12 5.01
N THR E 158 -9.85 -43.77 6.09
CA THR E 158 -9.24 -45.02 6.56
C THR E 158 -10.00 -46.24 6.04
N GLY E 162 -5.37 -47.31 5.16
CA GLY E 162 -5.45 -45.85 5.05
C GLY E 162 -4.90 -45.12 6.26
N PRO E 163 -4.56 -43.84 6.10
CA PRO E 163 -4.03 -43.06 7.21
C PRO E 163 -5.11 -42.51 8.13
N ILE E 164 -4.80 -42.43 9.42
CA ILE E 164 -5.66 -41.87 10.46
C ILE E 164 -5.35 -40.39 10.66
N THR E 165 -6.35 -39.53 10.51
CA THR E 165 -6.17 -38.09 10.66
C THR E 165 -7.16 -37.55 11.68
N ILE E 166 -7.30 -36.22 11.76
CA ILE E 166 -8.15 -35.59 12.78
C ILE E 166 -9.63 -35.94 12.61
N GLU E 167 -10.15 -35.82 11.38
CA GLU E 167 -11.56 -36.12 11.14
C GLU E 167 -11.89 -37.62 11.27
N THR E 168 -10.86 -38.46 11.26
CA THR E 168 -11.04 -39.89 11.54
C THR E 168 -11.32 -40.11 13.03
N VAL E 169 -10.76 -39.26 13.89
CA VAL E 169 -10.97 -39.40 15.33
C VAL E 169 -12.19 -38.63 15.85
N LEU E 170 -12.45 -37.47 15.24
CA LEU E 170 -13.61 -36.64 15.59
C LEU E 170 -14.93 -37.19 15.03
N GLY E 171 -14.84 -37.89 13.91
CA GLY E 171 -16.03 -38.42 13.22
C GLY E 171 -16.79 -37.34 12.47
N ARG E 172 -16.11 -36.23 12.18
CA ARG E 172 -16.71 -35.07 11.49
C ARG E 172 -15.61 -34.20 10.88
N LYS E 173 -15.99 -33.24 10.04
CA LYS E 173 -15.04 -32.33 9.40
C LYS E 173 -14.25 -31.51 10.42
N MET E 174 -12.99 -31.22 10.10
CA MET E 174 -12.22 -30.26 10.88
C MET E 174 -12.84 -28.87 10.77
N THR E 175 -12.66 -28.08 11.82
CA THR E 175 -13.08 -26.69 11.81
C THR E 175 -11.82 -25.84 11.95
N PRO E 176 -11.95 -24.49 11.89
CA PRO E 176 -10.73 -23.68 11.96
C PRO E 176 -9.93 -23.82 13.27
N LYS E 177 -10.59 -24.26 14.34
CA LYS E 177 -9.90 -24.44 15.62
C LYS E 177 -8.73 -25.43 15.51
N ASN E 178 -8.82 -26.37 14.57
CA ASN E 178 -7.74 -27.34 14.31
C ASN E 178 -6.45 -26.77 13.67
N GLN E 179 -6.45 -25.47 13.35
CA GLN E 179 -5.21 -24.78 13.00
C GLN E 179 -4.42 -24.41 14.28
N GLY E 180 -5.13 -24.41 15.41
CA GLY E 180 -4.54 -24.34 16.75
C GLY E 180 -4.76 -25.65 17.54
N LEU E 181 -4.61 -25.56 18.86
CA LEU E 181 -4.73 -26.71 19.75
C LEU E 181 -6.18 -26.94 20.18
N ASP E 182 -6.73 -28.08 19.76
CA ASP E 182 -8.07 -28.51 20.12
C ASP E 182 -7.93 -29.78 20.95
N PRO E 183 -8.38 -29.71 22.22
CA PRO E 183 -8.29 -30.81 23.19
C PRO E 183 -8.93 -32.10 22.71
N GLN E 184 -9.85 -32.01 21.76
CA GLN E 184 -10.51 -33.22 21.24
C GLN E 184 -9.64 -33.96 20.21
N ALA E 185 -8.70 -33.25 19.60
CA ALA E 185 -7.84 -33.84 18.57
C ALA E 185 -6.69 -34.64 19.20
N LYS E 186 -7.02 -35.83 19.68
CA LYS E 186 -6.06 -36.69 20.36
C LYS E 186 -6.11 -38.13 19.86
N ALA E 187 -4.96 -38.79 19.88
CA ALA E 187 -4.86 -40.18 19.43
C ALA E 187 -3.63 -40.84 20.01
N LYS E 188 -3.56 -42.16 19.86
CA LYS E 188 -2.46 -42.98 20.32
C LYS E 188 -1.67 -43.55 19.16
N LEU E 189 -0.35 -43.47 19.27
CA LEU E 189 0.54 -43.98 18.24
C LEU E 189 0.70 -45.51 18.33
N ASP E 190 -0.29 -46.24 17.83
CA ASP E 190 -0.28 -47.72 17.90
C ASP E 190 -0.07 -48.47 16.57
N LYS E 191 0.16 -47.74 15.48
CA LYS E 191 0.28 -48.37 14.16
C LYS E 191 1.40 -47.78 13.27
N ASP E 192 2.27 -48.66 12.79
CA ASP E 192 3.40 -48.27 11.95
C ASP E 192 2.93 -47.77 10.57
N GLY E 193 3.42 -46.59 10.18
CA GLY E 193 3.10 -45.99 8.87
C GLY E 193 1.69 -45.44 8.70
N ASN E 194 0.99 -45.21 9.80
CA ASN E 194 -0.43 -44.82 9.74
C ASN E 194 -0.79 -43.41 10.26
N TYR E 195 0.10 -42.79 11.00
CA TYR E 195 -0.15 -41.44 11.51
C TYR E 195 0.74 -40.42 10.82
N PRO E 196 0.14 -39.60 9.93
CA PRO E 196 0.89 -38.57 9.21
C PRO E 196 1.59 -37.57 10.14
N ILE E 197 2.84 -37.27 9.84
CA ILE E 197 3.64 -36.36 10.63
C ILE E 197 3.14 -34.91 10.57
N GLU E 198 2.56 -34.51 9.45
CA GLU E 198 2.08 -33.13 9.30
C GLU E 198 0.77 -32.89 10.07
N VAL E 199 0.16 -33.97 10.54
CA VAL E 199 -1.10 -33.89 11.30
C VAL E 199 -0.88 -34.08 12.81
N TRP E 200 0.09 -34.93 13.17
CA TRP E 200 0.29 -35.35 14.57
C TRP E 200 1.66 -34.97 15.18
N CYS E 201 1.62 -34.52 16.42
CA CYS E 201 2.83 -34.27 17.19
C CYS E 201 2.66 -34.88 18.58
N PRO E 202 3.76 -35.11 19.32
CA PRO E 202 3.62 -35.64 20.66
C PRO E 202 2.83 -34.69 21.55
N ASP E 203 1.93 -35.24 22.37
CA ASP E 203 1.10 -34.44 23.25
C ASP E 203 1.81 -34.22 24.59
N PRO E 204 2.20 -32.96 24.88
CA PRO E 204 2.94 -32.65 26.10
C PRO E 204 2.09 -32.72 27.37
N SER E 205 0.77 -32.67 27.23
CA SER E 205 -0.13 -32.76 28.39
C SER E 205 -0.35 -34.20 28.89
N LYS E 206 0.25 -35.17 28.20
CA LYS E 206 0.20 -36.57 28.63
C LYS E 206 1.62 -37.13 28.61
N ASN E 207 1.77 -38.40 28.21
CA ASN E 207 3.09 -39.02 28.02
C ASN E 207 3.94 -39.02 29.28
N GLU E 208 3.29 -39.26 30.42
CA GLU E 208 3.98 -39.31 31.68
C GLU E 208 4.88 -40.54 31.75
N ASN E 209 4.42 -41.64 31.14
CA ASN E 209 5.17 -42.88 31.05
C ASN E 209 5.99 -43.02 29.73
N SER E 210 6.33 -41.90 29.08
CA SER E 210 7.17 -41.89 27.86
C SER E 210 8.20 -40.76 27.88
N ARG E 211 9.28 -40.93 27.12
CA ARG E 211 10.26 -39.87 26.89
C ARG E 211 10.45 -39.66 25.40
N TYR E 212 10.28 -38.41 24.94
CA TYR E 212 10.50 -38.09 23.53
C TYR E 212 11.46 -36.92 23.35
N TYR E 213 12.16 -36.94 22.21
CA TYR E 213 13.12 -35.91 21.85
C TYR E 213 12.98 -35.71 20.35
N GLY E 214 12.86 -34.45 19.94
CA GLY E 214 12.62 -34.12 18.54
C GLY E 214 13.04 -32.73 18.13
N SER E 215 13.07 -32.52 16.81
CA SER E 215 13.39 -31.21 16.24
C SER E 215 12.94 -31.08 14.78
N ILE E 216 12.91 -29.84 14.30
CA ILE E 216 12.61 -29.55 12.91
C ILE E 216 13.62 -28.53 12.35
N GLN E 217 13.70 -28.51 11.02
CA GLN E 217 14.50 -27.55 10.27
C GLN E 217 13.73 -27.27 8.98
N THR E 218 13.39 -26.01 8.71
CA THR E 218 12.68 -25.69 7.46
C THR E 218 13.60 -25.06 6.41
N GLY E 219 13.04 -24.49 5.35
CA GLY E 219 13.84 -24.02 4.21
C GLY E 219 13.90 -25.07 3.11
N SER E 220 14.25 -24.63 1.90
CA SER E 220 14.21 -25.51 0.73
C SER E 220 15.51 -26.25 0.46
N GLN E 221 16.64 -25.56 0.56
CA GLN E 221 17.96 -26.15 0.30
C GLN E 221 18.88 -26.08 1.52
N THR E 222 18.29 -26.06 2.70
CA THR E 222 19.02 -25.98 3.96
C THR E 222 19.93 -27.20 4.09
N PRO E 223 21.20 -26.99 4.46
CA PRO E 223 22.08 -28.14 4.67
C PRO E 223 21.52 -29.15 5.69
N THR E 224 21.59 -30.43 5.32
CA THR E 224 21.34 -31.53 6.22
C THR E 224 22.63 -31.80 7.00
N VAL E 225 22.56 -31.60 8.31
CA VAL E 225 23.71 -31.72 9.22
C VAL E 225 23.38 -32.73 10.32
N LEU E 226 24.09 -33.86 10.29
CA LEU E 226 23.83 -35.02 11.16
C LEU E 226 25.11 -35.65 11.72
N GLN E 227 25.04 -36.11 12.98
CA GLN E 227 26.14 -36.86 13.61
C GLN E 227 25.78 -38.33 13.85
N PHE E 228 26.80 -39.18 13.89
CA PHE E 228 26.65 -40.59 14.28
C PHE E 228 27.84 -41.04 15.12
N SER E 229 27.56 -41.76 16.20
CA SER E 229 28.60 -42.22 17.10
C SER E 229 28.05 -43.34 17.95
N ASN E 230 28.84 -44.39 18.18
CA ASN E 230 28.39 -45.48 19.06
C ASN E 230 28.71 -45.26 20.54
N THR E 231 29.15 -44.04 20.88
CA THR E 231 29.57 -43.70 22.24
C THR E 231 28.55 -42.84 22.99
N LEU E 232 27.43 -42.53 22.33
CA LEU E 232 26.41 -41.64 22.90
C LEU E 232 25.23 -42.41 23.51
N THR E 233 24.89 -42.04 24.73
CA THR E 233 23.84 -42.72 25.51
C THR E 233 22.86 -41.66 26.02
N THR E 234 21.56 -41.92 25.87
CA THR E 234 20.52 -41.09 26.49
C THR E 234 19.96 -41.78 27.74
N VAL E 235 20.04 -41.08 28.87
CA VAL E 235 19.50 -41.55 30.16
C VAL E 235 18.00 -41.26 30.19
N LEU E 236 17.22 -42.28 30.55
CA LEU E 236 15.76 -42.22 30.44
C LEU E 236 15.03 -41.96 31.77
N LEU E 237 15.77 -42.02 32.88
CA LEU E 237 15.23 -41.74 34.21
C LEU E 237 14.73 -40.31 34.31
N ASP E 238 13.59 -40.10 34.99
CA ASP E 238 13.10 -38.74 35.21
C ASP E 238 13.81 -38.04 36.40
N GLU E 239 13.16 -37.03 36.98
CA GLU E 239 13.76 -36.28 38.09
C GLU E 239 13.69 -37.03 39.43
N ASN E 240 12.87 -38.08 39.49
CA ASN E 240 12.77 -38.94 40.67
C ASN E 240 13.55 -40.25 40.50
N GLY E 241 14.28 -40.36 39.40
CA GLY E 241 15.04 -41.56 39.07
C GLY E 241 14.20 -42.73 38.55
N VAL E 242 13.03 -42.44 37.98
CA VAL E 242 12.16 -43.47 37.42
C VAL E 242 12.11 -43.39 35.89
N GLY E 243 12.36 -44.54 35.25
CA GLY E 243 12.28 -44.65 33.80
C GLY E 243 10.89 -45.12 33.42
N PRO E 244 10.58 -45.14 32.12
CA PRO E 244 9.29 -45.65 31.67
C PRO E 244 9.07 -47.09 32.13
N LEU E 245 7.86 -47.37 32.62
CA LEU E 245 7.52 -48.70 33.12
C LEU E 245 6.62 -49.43 32.14
N CYS E 246 7.02 -50.66 31.80
CA CYS E 246 6.40 -51.40 30.72
C CYS E 246 5.18 -52.21 31.17
N LYS E 247 4.02 -51.74 30.75
CA LYS E 247 2.73 -52.40 31.01
C LYS E 247 2.45 -53.54 30.04
N GLY E 248 2.09 -54.69 30.60
CA GLY E 248 1.84 -55.89 29.81
C GLY E 248 3.10 -56.46 29.17
N ASP E 249 4.25 -56.11 29.73
CA ASP E 249 5.56 -56.57 29.24
C ASP E 249 5.87 -56.08 27.81
N GLY E 250 5.39 -54.88 27.48
CA GLY E 250 5.61 -54.28 26.16
C GLY E 250 6.35 -52.96 26.20
N LEU E 251 7.33 -52.82 25.31
CA LEU E 251 8.11 -51.58 25.17
C LEU E 251 7.78 -50.97 23.81
N PHE E 252 7.34 -49.72 23.83
CA PHE E 252 6.94 -49.01 22.62
C PHE E 252 8.04 -48.07 22.16
N ILE E 253 8.47 -48.23 20.91
CA ILE E 253 9.55 -47.42 20.33
C ILE E 253 9.05 -46.72 19.08
N SER E 254 9.34 -45.42 18.96
CA SER E 254 8.78 -44.56 17.92
C SER E 254 9.83 -43.60 17.39
N CYS E 255 9.72 -43.24 16.11
CA CYS E 255 10.65 -42.31 15.48
C CYS E 255 10.19 -41.77 14.13
N ALA E 256 10.95 -40.81 13.62
CA ALA E 256 10.74 -40.20 12.32
C ALA E 256 12.02 -39.48 11.93
N ASP E 257 12.51 -39.70 10.71
CA ASP E 257 13.74 -39.05 10.27
C ASP E 257 13.69 -38.64 8.82
N ILE E 258 13.24 -37.41 8.58
CA ILE E 258 13.18 -36.84 7.25
C ILE E 258 14.47 -36.09 7.11
N VAL E 259 15.19 -36.37 6.03
CA VAL E 259 16.55 -35.89 5.86
C VAL E 259 16.71 -34.91 4.70
N GLY E 260 15.62 -34.62 4.01
CA GLY E 260 15.60 -33.60 2.97
C GLY E 260 14.90 -33.99 1.68
N PHE E 261 15.12 -33.17 0.66
CA PHE E 261 14.48 -33.34 -0.64
C PHE E 261 15.44 -33.95 -1.65
N LEU E 262 14.92 -34.90 -2.42
CA LEU E 262 15.53 -35.25 -3.70
C LEU E 262 15.07 -34.24 -4.76
N PHE E 263 16.03 -33.56 -5.38
CA PHE E 263 15.73 -32.60 -6.45
C PHE E 263 15.85 -33.24 -7.82
N LYS E 264 14.74 -33.31 -8.56
CA LYS E 264 14.74 -33.97 -9.88
C LYS E 264 15.00 -32.99 -11.02
N THR E 265 15.56 -33.52 -12.12
CA THR E 265 15.90 -32.70 -13.29
C THR E 265 14.75 -31.82 -13.78
N SER E 266 13.52 -32.35 -13.73
CA SER E 266 12.33 -31.62 -14.16
C SER E 266 11.98 -30.42 -13.25
N GLY E 267 12.46 -30.43 -12.03
CA GLY E 267 12.17 -29.37 -11.06
C GLY E 267 11.31 -29.89 -9.93
N LYS E 268 10.77 -31.09 -10.14
CA LYS E 268 9.97 -31.77 -9.14
C LYS E 268 10.81 -32.16 -7.92
N MET E 269 10.13 -32.37 -6.80
CA MET E 269 10.78 -32.55 -5.50
C MET E 269 10.09 -33.61 -4.67
N ALA E 270 10.89 -34.52 -4.10
CA ALA E 270 10.36 -35.50 -3.17
C ALA E 270 11.17 -35.53 -1.85
N LEU E 271 10.48 -35.80 -0.74
CA LEU E 271 11.12 -35.95 0.58
C LEU E 271 11.64 -37.37 0.80
N HIS E 272 12.76 -37.47 1.52
CA HIS E 272 13.45 -38.75 1.74
C HIS E 272 13.66 -39.06 3.22
N GLY E 273 13.57 -40.34 3.58
CA GLY E 273 13.80 -40.78 4.94
C GLY E 273 15.01 -41.68 5.12
N LEU E 274 15.41 -41.90 6.37
CA LEU E 274 16.44 -42.86 6.74
C LEU E 274 15.98 -43.69 7.92
N PRO E 275 16.46 -44.95 8.04
CA PRO E 275 16.13 -45.81 9.18
C PRO E 275 16.91 -45.44 10.46
N ARG E 276 16.35 -45.83 11.60
CA ARG E 276 16.93 -45.57 12.91
C ARG E 276 17.08 -46.86 13.73
N TYR E 277 18.22 -46.97 14.41
CA TYR E 277 18.57 -48.12 15.23
C TYR E 277 18.41 -47.81 16.73
N PHE E 278 18.04 -48.83 17.50
CA PHE E 278 17.89 -48.70 18.96
C PHE E 278 18.56 -49.84 19.77
N ASN E 279 19.26 -49.44 20.82
CA ASN E 279 19.68 -50.36 21.89
C ASN E 279 19.21 -49.82 23.23
N VAL E 280 18.20 -50.48 23.82
CA VAL E 280 17.60 -50.06 25.08
C VAL E 280 17.99 -50.97 26.25
N THR E 281 18.46 -50.37 27.35
CA THR E 281 18.77 -51.13 28.57
C THR E 281 17.62 -51.01 29.56
N LEU E 282 17.13 -52.15 30.04
CA LEU E 282 16.04 -52.17 31.04
C LEU E 282 16.43 -52.89 32.32
N ARG E 283 15.65 -52.68 33.38
CA ARG E 283 15.85 -53.37 34.66
C ARG E 283 14.49 -53.68 35.29
N LYS E 284 14.47 -54.65 36.19
CA LYS E 284 13.24 -55.00 36.92
C LYS E 284 12.97 -54.04 38.07
N ARG E 285 11.70 -53.69 38.24
CA ARG E 285 11.29 -52.77 39.28
C ARG E 285 10.00 -53.25 39.95
N TRP E 286 9.99 -53.25 41.29
CA TRP E 286 8.79 -53.56 42.08
C TRP E 286 7.81 -52.40 42.03
N VAL E 287 6.56 -52.69 41.68
CA VAL E 287 5.48 -51.69 41.78
C VAL E 287 4.25 -52.28 42.46
N LYS E 288 3.37 -51.40 42.94
CA LYS E 288 2.09 -51.82 43.50
C LYS E 288 0.94 -51.05 42.85
N VAL F 9 -75.47 -48.17 83.23
CA VAL F 9 -74.16 -48.90 83.20
C VAL F 9 -73.15 -48.37 84.22
N GLU F 10 -72.73 -49.25 85.13
CA GLU F 10 -71.71 -48.90 86.12
C GLU F 10 -70.50 -49.79 85.92
N VAL F 11 -69.35 -49.16 85.69
CA VAL F 11 -68.12 -49.83 85.33
C VAL F 11 -67.32 -50.20 86.58
N LEU F 12 -66.96 -51.47 86.71
CA LEU F 12 -66.15 -51.93 87.83
C LEU F 12 -64.68 -52.11 87.42
N SER F 13 -64.04 -53.14 87.97
CA SER F 13 -62.60 -53.32 87.79
C SER F 13 -62.24 -54.05 86.50
N VAL F 14 -61.06 -53.74 85.97
CA VAL F 14 -60.46 -54.47 84.86
C VAL F 14 -60.20 -55.90 85.32
N VAL F 15 -60.67 -56.86 84.53
CA VAL F 15 -60.44 -58.29 84.80
C VAL F 15 -58.97 -58.61 84.54
N THR F 16 -58.34 -59.27 85.50
CA THR F 16 -56.97 -59.77 85.33
C THR F 16 -56.95 -61.30 85.37
N GLY F 17 -56.25 -61.89 84.42
CA GLY F 17 -56.14 -63.35 84.34
C GLY F 17 -55.25 -63.84 83.21
N GLU F 18 -55.59 -65.02 82.71
CA GLU F 18 -54.82 -65.70 81.67
C GLU F 18 -55.01 -65.06 80.30
N ASP F 19 -56.20 -65.21 79.74
CA ASP F 19 -56.51 -64.67 78.41
C ASP F 19 -57.39 -63.43 78.53
N SER F 20 -56.92 -62.44 79.29
CA SER F 20 -57.68 -61.21 79.54
C SER F 20 -57.63 -60.23 78.36
N ILE F 21 -56.57 -60.32 77.54
CA ILE F 21 -56.37 -59.44 76.39
C ILE F 21 -56.57 -60.19 75.06
N THR F 22 -57.30 -59.58 74.13
CA THR F 22 -57.45 -60.13 72.78
C THR F 22 -57.21 -59.06 71.71
N GLN F 23 -56.89 -59.51 70.49
CA GLN F 23 -56.65 -58.64 69.33
C GLN F 23 -57.62 -58.94 68.19
N ILE F 24 -58.19 -57.90 67.61
CA ILE F 24 -59.14 -58.05 66.52
C ILE F 24 -58.63 -57.35 65.27
N GLU F 25 -58.46 -58.13 64.20
CA GLU F 25 -57.90 -57.65 62.93
C GLU F 25 -58.92 -57.65 61.80
N LEU F 26 -58.96 -56.58 61.01
CA LEU F 26 -59.74 -56.58 59.77
C LEU F 26 -59.47 -55.39 58.87
N TYR F 27 -60.00 -55.46 57.65
CA TYR F 27 -59.91 -54.39 56.68
C TYR F 27 -61.30 -54.09 56.15
N LEU F 28 -61.48 -52.88 55.60
CA LEU F 28 -62.74 -52.48 55.00
C LEU F 28 -62.51 -51.82 53.65
N ASN F 29 -63.12 -52.40 52.62
CA ASN F 29 -63.07 -51.87 51.27
C ASN F 29 -64.04 -50.71 51.10
N PRO F 30 -63.69 -49.74 50.23
CA PRO F 30 -64.50 -48.51 50.10
C PRO F 30 -65.86 -48.72 49.46
N ARG F 31 -66.78 -47.81 49.73
CA ARG F 31 -68.13 -47.85 49.18
C ARG F 31 -68.45 -46.52 48.50
N MET F 32 -67.79 -46.28 47.37
CA MET F 32 -67.84 -44.99 46.68
C MET F 32 -69.09 -44.74 45.82
N GLY F 33 -69.81 -45.80 45.47
CA GLY F 33 -70.97 -45.70 44.60
C GLY F 33 -71.13 -46.97 43.80
N VAL F 34 -70.06 -47.37 43.13
CA VAL F 34 -69.94 -48.73 42.58
C VAL F 34 -69.33 -49.58 43.69
N ASN F 35 -70.18 -50.33 44.37
CA ASN F 35 -69.82 -50.93 45.67
C ASN F 35 -69.52 -52.42 45.67
N SER F 36 -69.47 -53.03 44.50
CA SER F 36 -69.14 -54.45 44.36
C SER F 36 -68.13 -54.67 43.22
N PRO F 37 -67.23 -55.66 43.38
CA PRO F 37 -66.31 -56.01 42.30
C PRO F 37 -66.76 -57.20 41.45
N ASP F 38 -67.95 -57.74 41.74
CA ASP F 38 -68.40 -59.01 41.17
C ASP F 38 -69.62 -58.88 40.24
N LEU F 39 -69.71 -57.78 39.50
CA LEU F 39 -70.82 -57.55 38.58
C LEU F 39 -70.36 -57.46 37.11
N PRO F 40 -71.15 -58.04 36.17
CA PRO F 40 -70.86 -58.15 34.74
C PRO F 40 -69.60 -57.40 34.23
N THR F 41 -69.76 -56.18 33.74
CA THR F 41 -68.61 -55.32 33.40
C THR F 41 -68.78 -53.89 33.94
N THR F 42 -69.87 -53.67 34.67
CA THR F 42 -70.08 -52.42 35.38
C THR F 42 -69.09 -52.26 36.55
N SER F 43 -68.54 -53.38 37.00
CA SER F 43 -67.57 -53.43 38.10
C SER F 43 -66.17 -52.89 37.75
N ASN F 44 -66.03 -52.36 36.54
CA ASN F 44 -64.78 -51.71 36.12
CA ASN F 44 -64.81 -51.69 36.10
C ASN F 44 -64.49 -50.47 36.96
N TRP F 45 -65.55 -49.80 37.44
CA TRP F 45 -65.42 -48.58 38.24
C TRP F 45 -65.57 -48.78 39.76
N TYR F 46 -65.36 -50.01 40.21
CA TYR F 46 -65.37 -50.37 41.63
C TYR F 46 -64.32 -49.55 42.39
N THR F 47 -64.74 -48.96 43.52
CA THR F 47 -63.94 -47.98 44.29
C THR F 47 -63.99 -46.54 43.70
N TYR F 48 -64.90 -46.33 42.74
CA TYR F 48 -65.16 -44.99 42.18
C TYR F 48 -66.64 -44.65 42.17
N THR F 49 -66.94 -43.38 41.89
CA THR F 49 -68.29 -42.94 41.56
C THR F 49 -68.42 -42.97 40.05
N TYR F 50 -69.63 -42.78 39.54
CA TYR F 50 -69.79 -42.41 38.13
C TYR F 50 -69.45 -40.91 37.99
N ASP F 51 -69.72 -40.33 36.83
CA ASP F 51 -69.30 -38.95 36.60
C ASP F 51 -70.15 -37.94 37.36
N LEU F 52 -69.47 -37.02 38.03
CA LEU F 52 -70.14 -36.05 38.89
C LEU F 52 -70.34 -34.73 38.17
N GLN F 53 -71.63 -34.40 37.98
CA GLN F 53 -72.04 -33.26 37.16
C GLN F 53 -73.20 -32.48 37.78
N PRO F 54 -73.12 -31.14 37.77
CA PRO F 54 -74.29 -30.32 38.09
C PRO F 54 -75.35 -30.39 36.96
N LYS F 55 -76.56 -30.80 37.33
CA LYS F 55 -77.65 -31.05 36.37
C LYS F 55 -77.96 -29.85 35.47
N GLY F 56 -78.01 -28.65 36.05
CA GLY F 56 -78.27 -27.43 35.28
C GLY F 56 -79.69 -26.91 35.40
N SER F 57 -80.58 -27.73 35.97
CA SER F 57 -81.98 -27.34 36.22
C SER F 57 -82.55 -28.06 37.46
N SER F 58 -83.57 -27.43 38.07
CA SER F 58 -84.13 -27.94 39.34
C SER F 58 -85.21 -28.98 39.12
N PRO F 59 -85.27 -30.01 39.99
CA PRO F 59 -84.34 -30.30 41.08
C PRO F 59 -83.32 -31.39 40.75
N ASP F 60 -82.21 -31.39 41.50
CA ASP F 60 -81.18 -32.42 41.41
C ASP F 60 -81.73 -33.78 41.84
N GLN F 61 -81.43 -34.83 41.07
CA GLN F 61 -81.90 -36.19 41.38
C GLN F 61 -80.75 -37.17 41.16
N PRO F 62 -79.78 -37.22 42.09
CA PRO F 62 -78.58 -38.02 41.86
C PRO F 62 -78.81 -39.52 41.95
N ILE F 63 -77.99 -40.29 41.23
CA ILE F 63 -78.08 -41.75 41.26
C ILE F 63 -77.19 -42.31 42.37
N LYS F 64 -77.48 -43.55 42.76
CA LYS F 64 -76.76 -44.21 43.86
C LYS F 64 -75.26 -44.38 43.61
N GLU F 65 -74.85 -44.45 42.35
CA GLU F 65 -73.44 -44.57 41.97
C GLU F 65 -72.66 -43.28 42.19
N ASN F 66 -73.37 -42.18 42.40
CA ASN F 66 -72.75 -40.88 42.67
C ASN F 66 -72.85 -40.41 44.14
N LEU F 67 -72.98 -41.37 45.05
CA LEU F 67 -73.14 -41.07 46.47
C LEU F 67 -72.26 -41.99 47.33
N PRO F 68 -70.97 -41.63 47.50
CA PRO F 68 -70.08 -42.35 48.42
C PRO F 68 -70.70 -42.51 49.79
N ALA F 69 -70.56 -43.71 50.37
CA ALA F 69 -71.18 -44.04 51.65
C ALA F 69 -70.17 -44.54 52.70
N TYR F 70 -70.64 -44.69 53.94
CA TYR F 70 -69.78 -45.20 55.01
C TYR F 70 -69.64 -46.73 54.95
N SER F 71 -68.48 -47.21 55.35
CA SER F 71 -68.25 -48.62 55.56
C SER F 71 -68.46 -48.94 57.03
N VAL F 72 -68.98 -50.13 57.32
CA VAL F 72 -69.21 -50.60 58.68
C VAL F 72 -69.15 -52.13 58.77
N ALA F 73 -68.53 -52.62 59.85
CA ALA F 73 -68.47 -54.05 60.16
C ALA F 73 -68.75 -54.30 61.64
N ARG F 74 -69.65 -55.24 61.91
CA ARG F 74 -69.90 -55.72 63.28
C ARG F 74 -69.20 -57.04 63.52
N VAL F 75 -68.16 -57.02 64.35
CA VAL F 75 -67.38 -58.23 64.63
C VAL F 75 -67.85 -58.85 65.94
N SER F 76 -68.33 -60.10 65.83
CA SER F 76 -68.69 -60.92 67.00
C SER F 76 -67.44 -61.28 67.79
N LEU F 77 -67.54 -61.14 69.11
CA LEU F 77 -66.41 -61.35 70.02
C LEU F 77 -66.60 -62.63 70.85
N PRO F 78 -65.50 -63.20 71.37
CA PRO F 78 -65.62 -64.40 72.21
C PRO F 78 -66.64 -64.25 73.34
N MET F 79 -67.37 -65.33 73.64
CA MET F 79 -68.34 -65.37 74.72
C MET F 79 -67.65 -65.20 76.07
N LEU F 80 -68.32 -64.54 77.01
CA LEU F 80 -67.71 -64.29 78.32
C LEU F 80 -68.50 -64.81 79.52
N ASN F 81 -69.82 -64.95 79.35
CA ASN F 81 -70.72 -65.37 80.43
C ASN F 81 -71.43 -66.69 80.15
N ASP F 87 -77.06 -59.99 86.87
CA ASP F 87 -76.98 -58.64 87.41
C ASP F 87 -75.62 -58.01 87.08
N THR F 88 -74.56 -58.81 87.24
CA THR F 88 -73.17 -58.36 87.08
C THR F 88 -72.41 -59.28 86.12
N LEU F 89 -71.73 -58.69 85.14
CA LEU F 89 -71.07 -59.48 84.08
C LEU F 89 -69.79 -58.86 83.49
N GLN F 90 -69.11 -59.63 82.66
CA GLN F 90 -67.91 -59.18 81.93
C GLN F 90 -68.25 -58.67 80.52
N MET F 91 -67.57 -57.60 80.11
CA MET F 91 -67.68 -57.08 78.75
C MET F 91 -66.29 -56.81 78.18
N TRP F 92 -66.19 -56.82 76.85
CA TRP F 92 -64.96 -56.44 76.18
C TRP F 92 -64.87 -54.92 76.10
N GLU F 93 -63.72 -54.39 76.50
CA GLU F 93 -63.44 -52.97 76.46
C GLU F 93 -62.31 -52.74 75.45
N ALA F 94 -62.59 -51.94 74.43
CA ALA F 94 -61.60 -51.59 73.41
C ALA F 94 -60.69 -50.46 73.93
N ILE F 95 -59.38 -50.69 73.92
CA ILE F 95 -58.46 -49.80 74.61
C ILE F 95 -57.46 -49.05 73.73
N SER F 96 -57.12 -49.63 72.58
CA SER F 96 -56.24 -48.98 71.63
C SER F 96 -56.46 -49.53 70.21
N VAL F 97 -56.04 -48.77 69.21
CA VAL F 97 -56.19 -49.17 67.81
C VAL F 97 -55.04 -48.71 66.94
N LYS F 98 -54.55 -49.62 66.09
CA LYS F 98 -53.70 -49.27 64.95
C LYS F 98 -54.52 -49.31 63.66
N THR F 99 -54.61 -48.17 62.98
CA THR F 99 -55.33 -48.10 61.72
C THR F 99 -54.48 -47.41 60.63
N GLU F 100 -54.78 -47.70 59.37
CA GLU F 100 -53.97 -47.24 58.26
C GLU F 100 -54.75 -47.33 56.96
N VAL F 101 -54.59 -46.31 56.12
CA VAL F 101 -55.18 -46.30 54.78
C VAL F 101 -54.25 -47.09 53.86
N VAL F 102 -54.82 -48.11 53.22
CA VAL F 102 -54.06 -49.05 52.40
C VAL F 102 -54.09 -48.63 50.93
N GLY F 103 -52.96 -48.75 50.25
CA GLY F 103 -52.89 -48.48 48.81
C GLY F 103 -52.57 -47.05 48.42
N ILE F 104 -51.96 -46.31 49.33
CA ILE F 104 -51.64 -44.90 49.08
C ILE F 104 -50.70 -44.74 47.88
N SER F 105 -49.73 -45.64 47.76
CA SER F 105 -48.72 -45.56 46.71
C SER F 105 -49.30 -45.67 45.28
N SER F 106 -50.48 -46.27 45.17
CA SER F 106 -51.14 -46.47 43.87
C SER F 106 -51.48 -45.13 43.22
N LEU F 107 -51.44 -44.07 44.02
CA LEU F 107 -51.83 -42.74 43.55
C LEU F 107 -50.66 -41.98 42.93
N ILE F 108 -49.53 -42.66 42.69
CA ILE F 108 -48.45 -42.02 41.96
C ILE F 108 -48.64 -42.18 40.44
N ASN F 109 -49.57 -43.05 40.04
CA ASN F 109 -49.90 -43.30 38.64
C ASN F 109 -50.38 -42.01 37.98
N VAL F 110 -49.60 -41.50 37.02
CA VAL F 110 -49.98 -40.30 36.25
C VAL F 110 -50.08 -40.62 34.75
N HIS F 111 -50.28 -41.90 34.43
CA HIS F 111 -50.28 -42.36 33.05
C HIS F 111 -51.52 -43.18 32.67
N TYR F 112 -52.53 -43.21 33.53
CA TYR F 112 -53.80 -43.88 33.22
C TYR F 112 -54.30 -43.41 31.86
N TRP F 113 -54.74 -44.35 31.01
CA TRP F 113 -54.98 -44.04 29.59
C TRP F 113 -55.98 -42.90 29.34
N ASP F 114 -56.96 -42.76 30.24
CA ASP F 114 -58.02 -41.75 30.06
C ASP F 114 -57.88 -40.49 30.93
N MET F 115 -56.71 -40.33 31.55
CA MET F 115 -56.44 -39.22 32.48
C MET F 115 -56.12 -37.94 31.73
N LYS F 116 -56.86 -36.86 32.04
CA LYS F 116 -56.62 -35.55 31.44
C LYS F 116 -55.17 -35.09 31.63
N ARG F 117 -54.54 -34.65 30.55
CA ARG F 117 -53.16 -34.16 30.64
C ARG F 117 -53.14 -32.78 31.31
N VAL F 118 -52.13 -32.52 32.12
CA VAL F 118 -52.08 -31.26 32.86
C VAL F 118 -52.09 -30.08 31.89
N HIS F 119 -51.19 -30.10 30.92
CA HIS F 119 -51.20 -29.16 29.80
C HIS F 119 -50.94 -30.01 28.55
N ASP F 120 -50.78 -29.35 27.39
CA ASP F 120 -50.54 -30.07 26.14
C ASP F 120 -49.30 -30.96 26.22
N TYR F 121 -49.53 -32.27 26.09
CA TYR F 121 -48.47 -33.29 26.00
C TYR F 121 -47.85 -33.71 27.34
N GLY F 122 -48.35 -33.16 28.44
CA GLY F 122 -47.82 -33.46 29.76
C GLY F 122 -48.37 -34.72 30.39
N ALA F 123 -47.96 -34.96 31.62
CA ALA F 123 -48.47 -36.05 32.44
C ALA F 123 -49.91 -35.80 32.85
N GLY F 124 -50.60 -36.84 33.27
CA GLY F 124 -51.97 -36.67 33.76
C GLY F 124 -52.03 -35.92 35.09
N ILE F 125 -53.17 -35.30 35.36
CA ILE F 125 -53.44 -34.68 36.65
C ILE F 125 -53.71 -35.80 37.66
N PRO F 126 -52.86 -35.91 38.71
CA PRO F 126 -53.04 -37.05 39.64
C PRO F 126 -54.30 -36.95 40.50
N VAL F 127 -54.76 -38.07 41.03
CA VAL F 127 -55.89 -38.08 41.97
C VAL F 127 -55.66 -37.02 43.05
N SER F 128 -56.55 -36.03 43.09
CA SER F 128 -56.44 -34.88 44.00
C SER F 128 -57.80 -34.18 44.13
N GLY F 129 -57.87 -33.12 44.94
CA GLY F 129 -59.13 -32.39 45.22
C GLY F 129 -59.80 -32.71 46.56
N VAL F 130 -61.10 -33.01 46.52
CA VAL F 130 -61.87 -33.27 47.73
C VAL F 130 -61.41 -34.52 48.50
N ASN F 131 -60.95 -34.32 49.74
CA ASN F 131 -60.66 -35.43 50.65
C ASN F 131 -61.60 -35.47 51.85
N TYR F 132 -61.92 -36.68 52.30
CA TYR F 132 -62.71 -36.89 53.49
C TYR F 132 -62.24 -38.19 54.15
N HIS F 133 -61.84 -38.10 55.42
CA HIS F 133 -61.29 -39.26 56.12
C HIS F 133 -61.84 -39.33 57.53
N MET F 134 -62.39 -40.49 57.88
CA MET F 134 -62.84 -40.73 59.23
C MET F 134 -62.83 -42.21 59.54
N PHE F 135 -62.51 -42.54 60.79
CA PHE F 135 -62.79 -43.87 61.30
C PHE F 135 -63.41 -43.76 62.69
N ALA F 136 -64.03 -44.86 63.12
CA ALA F 136 -64.71 -44.93 64.40
C ALA F 136 -64.69 -46.35 64.95
N ILE F 137 -64.48 -46.46 66.26
CA ILE F 137 -64.57 -47.71 67.01
C ILE F 137 -65.59 -47.52 68.13
N GLY F 138 -66.51 -48.48 68.27
CA GLY F 138 -67.53 -48.40 69.33
C GLY F 138 -68.09 -49.75 69.76
N GLY F 139 -68.84 -49.74 70.88
CA GLY F 139 -69.48 -50.93 71.42
C GLY F 139 -70.95 -51.01 71.05
N GLU F 140 -71.36 -50.12 70.16
CA GLU F 140 -72.68 -50.08 69.57
C GLU F 140 -72.55 -49.37 68.21
N PRO F 141 -73.62 -49.35 67.39
CA PRO F 141 -73.50 -48.64 66.10
C PRO F 141 -73.28 -47.15 66.29
N LEU F 142 -72.55 -46.52 65.38
CA LEU F 142 -72.29 -45.09 65.44
C LEU F 142 -73.60 -44.32 65.29
N ASP F 143 -73.69 -43.16 65.95
CA ASP F 143 -74.88 -42.29 65.87
C ASP F 143 -74.70 -41.21 64.80
N LEU F 144 -75.73 -41.01 63.98
CA LEU F 144 -75.65 -40.08 62.85
C LEU F 144 -76.60 -38.88 62.95
N GLN F 145 -76.14 -37.72 62.52
CA GLN F 145 -77.01 -36.54 62.39
C GLN F 145 -77.12 -36.19 60.91
N GLY F 146 -78.36 -36.02 60.44
CA GLY F 146 -78.62 -35.65 59.05
C GLY F 146 -78.50 -34.15 58.81
N LEU F 147 -77.82 -33.78 57.73
CA LEU F 147 -77.74 -32.37 57.30
C LEU F 147 -77.23 -32.33 55.88
N VAL F 148 -77.94 -31.61 55.00
CA VAL F 148 -77.57 -31.54 53.57
C VAL F 148 -77.28 -30.12 53.08
N LEU F 149 -76.63 -30.04 51.91
CA LEU F 149 -76.36 -28.75 51.25
C LEU F 149 -77.64 -28.09 50.74
N ASP F 150 -78.53 -28.91 50.19
CA ASP F 150 -79.76 -28.45 49.55
C ASP F 150 -80.92 -29.36 49.94
N TYR F 151 -81.92 -28.80 50.60
CA TYR F 151 -83.06 -29.58 51.08
C TYR F 151 -83.99 -30.09 49.96
N GLN F 152 -83.89 -29.49 48.78
CA GLN F 152 -84.75 -29.85 47.64
C GLN F 152 -84.23 -31.05 46.82
N THR F 153 -83.00 -31.48 47.13
CA THR F 153 -82.40 -32.67 46.50
C THR F 153 -83.31 -33.89 46.69
N GLN F 154 -83.51 -34.64 45.60
CA GLN F 154 -84.31 -35.86 45.65
C GLN F 154 -83.39 -37.06 45.56
N TYR F 155 -83.24 -37.78 46.68
CA TYR F 155 -82.38 -38.97 46.72
C TYR F 155 -83.18 -40.20 46.31
N PRO F 156 -82.51 -41.25 45.81
CA PRO F 156 -83.23 -42.49 45.44
C PRO F 156 -83.90 -43.18 46.64
N LYS F 157 -85.08 -43.75 46.42
CA LYS F 157 -85.80 -44.52 47.43
C LYS F 157 -85.00 -45.76 47.86
N THR F 158 -85.24 -46.23 49.10
CA THR F 158 -84.52 -47.36 49.66
C THR F 158 -84.67 -48.65 48.85
N GLY F 162 -80.22 -49.20 47.36
CA GLY F 162 -81.15 -48.30 48.03
C GLY F 162 -80.57 -47.67 49.28
N PRO F 163 -80.16 -46.39 49.19
CA PRO F 163 -79.56 -45.64 50.31
C PRO F 163 -80.58 -45.02 51.25
N ILE F 164 -80.22 -44.93 52.53
CA ILE F 164 -81.09 -44.36 53.56
C ILE F 164 -80.76 -42.88 53.80
N THR F 165 -81.72 -42.01 53.52
CA THR F 165 -81.53 -40.55 53.67
C THR F 165 -82.51 -39.97 54.69
N ILE F 166 -82.51 -38.65 54.85
CA ILE F 166 -83.35 -37.99 55.85
C ILE F 166 -84.83 -38.30 55.64
N GLU F 167 -85.27 -38.31 54.38
CA GLU F 167 -86.67 -38.61 54.05
C GLU F 167 -87.09 -40.05 54.40
N THR F 168 -86.11 -40.97 54.37
CA THR F 168 -86.34 -42.36 54.76
C THR F 168 -86.63 -42.53 56.27
N VAL F 169 -86.04 -41.70 57.12
CA VAL F 169 -86.30 -41.79 58.57
C VAL F 169 -87.46 -40.93 59.03
N LEU F 170 -87.59 -39.74 58.45
CA LEU F 170 -88.72 -38.86 58.75
C LEU F 170 -90.05 -39.44 58.25
N GLY F 171 -90.01 -40.04 57.05
CA GLY F 171 -91.20 -40.56 56.40
C GLY F 171 -91.98 -39.45 55.70
N ARG F 172 -91.30 -38.33 55.43
CA ARG F 172 -91.90 -37.17 54.77
C ARG F 172 -90.84 -36.32 54.05
N LYS F 173 -91.29 -35.35 53.26
CA LYS F 173 -90.40 -34.44 52.52
C LYS F 173 -89.51 -33.63 53.47
N MET F 174 -88.28 -33.33 53.03
CA MET F 174 -87.39 -32.46 53.79
C MET F 174 -87.90 -31.03 53.80
N THR F 175 -87.53 -30.29 54.84
CA THR F 175 -87.87 -28.90 54.99
C THR F 175 -86.56 -28.10 54.98
N PRO F 176 -86.64 -26.77 54.76
CA PRO F 176 -85.45 -25.91 54.88
C PRO F 176 -84.66 -26.09 56.18
N LYS F 177 -85.36 -26.47 57.26
CA LYS F 177 -84.72 -26.88 58.51
C LYS F 177 -83.50 -27.76 58.28
N ASN F 178 -83.60 -28.69 57.33
CA ASN F 178 -82.57 -29.70 57.12
C ASN F 178 -81.30 -29.23 56.41
N GLN F 179 -81.17 -27.92 56.21
CA GLN F 179 -79.90 -27.32 55.78
C GLN F 179 -79.07 -26.90 57.01
N GLY F 180 -79.75 -26.84 58.15
CA GLY F 180 -79.12 -26.74 59.45
C GLY F 180 -79.39 -28.02 60.24
N LEU F 181 -79.23 -27.94 61.55
CA LEU F 181 -79.37 -29.09 62.42
C LEU F 181 -80.81 -29.29 62.85
N ASP F 182 -81.36 -30.46 62.51
CA ASP F 182 -82.72 -30.86 62.90
C ASP F 182 -82.65 -32.11 63.75
N PRO F 183 -83.06 -32.00 65.03
CA PRO F 183 -83.12 -33.05 66.05
C PRO F 183 -83.81 -34.34 65.61
N GLN F 184 -84.76 -34.25 64.68
CA GLN F 184 -85.48 -35.43 64.19
C GLN F 184 -84.70 -36.21 63.12
N ALA F 185 -83.73 -35.55 62.49
CA ALA F 185 -82.90 -36.18 61.47
C ALA F 185 -81.75 -36.95 62.13
N LYS F 186 -82.08 -38.13 62.64
CA LYS F 186 -81.11 -38.97 63.34
C LYS F 186 -81.18 -40.42 62.87
N ALA F 187 -80.02 -41.08 62.86
CA ALA F 187 -79.92 -42.46 62.39
C ALA F 187 -78.77 -43.21 63.04
N LYS F 188 -78.72 -44.52 62.79
CA LYS F 188 -77.64 -45.37 63.30
C LYS F 188 -76.98 -46.10 62.14
N LEU F 189 -75.66 -46.09 62.13
CA LEU F 189 -74.89 -46.69 61.05
C LEU F 189 -74.81 -48.21 61.24
N ASP F 190 -75.77 -48.92 60.65
CA ASP F 190 -75.88 -50.37 60.84
C ASP F 190 -75.80 -51.23 59.56
N LYS F 191 -75.70 -50.57 58.40
CA LYS F 191 -75.54 -51.28 57.13
C LYS F 191 -74.41 -50.70 56.26
N ASP F 192 -73.57 -51.60 55.74
CA ASP F 192 -72.40 -51.25 54.93
C ASP F 192 -72.77 -50.63 53.57
N GLY F 193 -72.28 -49.41 53.34
CA GLY F 193 -72.50 -48.72 52.06
C GLY F 193 -73.90 -48.20 51.76
N ASN F 194 -74.70 -48.00 52.81
CA ASN F 194 -76.08 -47.54 52.66
C ASN F 194 -76.36 -46.11 53.12
N TYR F 195 -75.46 -45.53 53.91
CA TYR F 195 -75.66 -44.19 54.42
C TYR F 195 -74.73 -43.20 53.73
N PRO F 196 -75.27 -42.38 52.82
CA PRO F 196 -74.48 -41.41 52.05
C PRO F 196 -73.74 -40.41 52.93
N ILE F 197 -72.45 -40.23 52.65
CA ILE F 197 -71.59 -39.30 53.37
C ILE F 197 -72.09 -37.86 53.31
N GLU F 198 -72.61 -37.45 52.14
CA GLU F 198 -73.05 -36.06 51.96
C GLU F 198 -74.36 -35.73 52.71
N VAL F 199 -74.99 -36.76 53.28
CA VAL F 199 -76.23 -36.58 54.05
C VAL F 199 -76.02 -36.72 55.57
N TRP F 200 -75.10 -37.62 55.97
CA TRP F 200 -74.92 -38.01 57.38
C TRP F 200 -73.51 -37.73 57.92
N CYS F 201 -73.46 -37.16 59.12
CA CYS F 201 -72.20 -36.99 59.85
C CYS F 201 -72.36 -37.58 61.25
N PRO F 202 -71.24 -37.83 61.97
CA PRO F 202 -71.36 -38.33 63.34
C PRO F 202 -72.06 -37.34 64.25
N ASP F 203 -72.99 -37.85 65.06
CA ASP F 203 -73.76 -37.05 66.02
C ASP F 203 -73.00 -36.82 67.34
N PRO F 204 -72.55 -35.57 67.59
CA PRO F 204 -71.81 -35.25 68.81
C PRO F 204 -72.66 -35.24 70.08
N SER F 205 -73.96 -35.11 69.94
CA SER F 205 -74.86 -35.11 71.10
C SER F 205 -75.08 -36.52 71.66
N LYS F 206 -74.61 -37.54 70.95
CA LYS F 206 -74.70 -38.92 71.41
C LYS F 206 -73.31 -39.54 71.37
N ASN F 207 -73.21 -40.83 71.03
CA ASN F 207 -71.91 -41.49 70.83
C ASN F 207 -71.00 -41.49 72.06
N GLU F 208 -71.60 -41.69 73.24
CA GLU F 208 -70.86 -41.74 74.49
C GLU F 208 -70.08 -43.04 74.61
N ASN F 209 -70.53 -44.06 73.87
CA ASN F 209 -69.88 -45.38 73.85
C ASN F 209 -69.16 -45.69 72.53
N SER F 210 -68.69 -44.64 71.85
CA SER F 210 -67.86 -44.74 70.65
C SER F 210 -66.79 -43.64 70.59
N ARG F 211 -65.69 -43.91 69.89
CA ARG F 211 -64.69 -42.89 69.58
C ARG F 211 -64.60 -42.70 68.06
N TYR F 212 -64.74 -41.46 67.59
CA TYR F 212 -64.56 -41.14 66.15
C TYR F 212 -63.58 -39.99 65.91
N TYR F 213 -62.91 -40.03 64.76
CA TYR F 213 -61.89 -39.05 64.37
C TYR F 213 -61.99 -38.75 62.87
N GLY F 214 -62.13 -37.49 62.49
CA GLY F 214 -62.25 -37.18 61.07
C GLY F 214 -61.79 -35.80 60.61
N SER F 215 -61.66 -35.66 59.30
CA SER F 215 -61.33 -34.39 58.69
C SER F 215 -61.91 -34.29 57.28
N ILE F 216 -61.95 -33.07 56.75
CA ILE F 216 -62.33 -32.83 55.36
C ILE F 216 -61.36 -31.84 54.72
N GLN F 217 -61.34 -31.84 53.39
CA GLN F 217 -60.53 -30.91 52.62
C GLN F 217 -61.26 -30.62 51.30
N THR F 218 -61.57 -29.35 51.03
CA THR F 218 -62.24 -29.00 49.77
C THR F 218 -61.26 -28.43 48.73
N GLY F 219 -61.78 -27.86 47.63
CA GLY F 219 -60.96 -27.48 46.48
C GLY F 219 -61.03 -28.52 45.37
N SER F 220 -60.53 -28.15 44.18
CA SER F 220 -60.68 -28.98 42.98
C SER F 220 -59.47 -29.87 42.77
N GLN F 221 -58.29 -29.27 42.84
CA GLN F 221 -57.03 -29.96 42.56
C GLN F 221 -56.10 -29.93 43.77
N THR F 222 -56.70 -29.68 44.94
CA THR F 222 -55.95 -29.62 46.18
C THR F 222 -55.13 -30.89 46.33
N PRO F 223 -53.81 -30.75 46.57
CA PRO F 223 -52.94 -31.89 46.86
C PRO F 223 -53.52 -32.87 47.87
N THR F 224 -53.56 -34.14 47.51
CA THR F 224 -53.81 -35.19 48.46
C THR F 224 -52.50 -35.47 49.21
N VAL F 225 -52.54 -35.28 50.53
CA VAL F 225 -51.40 -35.43 51.42
C VAL F 225 -51.75 -36.44 52.50
N LEU F 226 -51.09 -37.59 52.50
CA LEU F 226 -51.45 -38.68 53.42
C LEU F 226 -50.22 -39.39 54.01
N GLN F 227 -50.35 -39.88 55.24
CA GLN F 227 -49.25 -40.64 55.89
C GLN F 227 -49.59 -42.11 56.16
N PHE F 228 -48.56 -42.93 56.32
CA PHE F 228 -48.72 -44.32 56.69
C PHE F 228 -47.52 -44.80 57.48
N SER F 229 -47.79 -45.45 58.61
CA SER F 229 -46.74 -45.98 59.47
C SER F 229 -47.32 -47.10 60.33
N ASN F 230 -46.56 -48.16 60.57
CA ASN F 230 -47.04 -49.20 61.51
C ASN F 230 -46.57 -48.97 62.96
N THR F 231 -46.16 -47.73 63.25
CA THR F 231 -45.67 -47.37 64.58
C THR F 231 -46.67 -46.51 65.36
N LEU F 232 -47.76 -46.10 64.72
CA LEU F 232 -48.69 -45.14 65.29
C LEU F 232 -49.95 -45.78 65.90
N THR F 233 -50.21 -45.42 67.16
CA THR F 233 -51.29 -46.02 67.93
C THR F 233 -52.22 -44.93 68.47
N THR F 234 -53.52 -45.18 68.37
CA THR F 234 -54.55 -44.35 68.99
C THR F 234 -55.10 -45.01 70.27
N VAL F 235 -55.03 -44.28 71.38
CA VAL F 235 -55.59 -44.74 72.67
C VAL F 235 -57.08 -44.43 72.69
N LEU F 236 -57.90 -45.39 73.14
CA LEU F 236 -59.37 -45.27 73.08
C LEU F 236 -60.06 -45.01 74.42
N LEU F 237 -59.29 -45.02 75.51
CA LEU F 237 -59.81 -44.70 76.85
C LEU F 237 -60.23 -43.23 76.93
N ASP F 238 -61.40 -42.97 77.53
CA ASP F 238 -61.82 -41.59 77.77
C ASP F 238 -61.07 -40.94 78.95
N GLU F 239 -61.61 -39.84 79.50
CA GLU F 239 -60.93 -39.13 80.61
C GLU F 239 -61.03 -39.84 81.96
N ASN F 240 -61.89 -40.85 82.07
CA ASN F 240 -61.97 -41.69 83.27
C ASN F 240 -61.23 -43.01 83.09
N GLY F 241 -60.53 -43.17 81.96
CA GLY F 241 -59.86 -44.43 81.66
C GLY F 241 -60.73 -45.55 81.10
N VAL F 242 -61.91 -45.21 80.59
CA VAL F 242 -62.83 -46.23 80.05
C VAL F 242 -62.90 -46.17 78.52
N GLY F 243 -62.67 -47.32 77.88
CA GLY F 243 -62.85 -47.45 76.44
C GLY F 243 -64.27 -47.89 76.12
N PRO F 244 -64.61 -47.98 74.83
CA PRO F 244 -65.91 -48.49 74.41
C PRO F 244 -66.18 -49.92 74.90
N LEU F 245 -67.33 -50.11 75.52
CA LEU F 245 -67.71 -51.41 76.04
C LEU F 245 -68.62 -52.10 75.04
N CYS F 246 -68.24 -53.32 74.66
CA CYS F 246 -68.92 -54.04 73.60
C CYS F 246 -70.17 -54.76 74.09
N LYS F 247 -71.29 -54.05 74.02
CA LYS F 247 -72.60 -54.58 74.42
C LYS F 247 -73.01 -55.77 73.56
N GLY F 248 -73.35 -56.87 74.23
CA GLY F 248 -73.80 -58.09 73.56
C GLY F 248 -72.77 -58.78 72.68
N ASP F 249 -71.50 -58.70 73.06
CA ASP F 249 -70.38 -59.31 72.35
C ASP F 249 -70.21 -58.85 70.88
N GLY F 250 -70.50 -57.58 70.61
CA GLY F 250 -70.31 -57.01 69.28
C GLY F 250 -69.44 -55.77 69.26
N LEU F 251 -68.45 -55.74 68.36
CA LEU F 251 -67.58 -54.57 68.16
C LEU F 251 -67.81 -53.89 66.81
N PHE F 252 -68.37 -52.68 66.85
CA PHE F 252 -68.70 -51.94 65.64
C PHE F 252 -67.53 -51.08 65.18
N ILE F 253 -67.29 -51.10 63.87
CA ILE F 253 -66.15 -50.41 63.25
C ILE F 253 -66.57 -49.71 61.97
N SER F 254 -66.34 -48.40 61.89
CA SER F 254 -66.78 -47.60 60.74
C SER F 254 -65.67 -46.71 60.19
N CYS F 255 -65.74 -46.42 58.90
CA CYS F 255 -64.78 -45.52 58.26
C CYS F 255 -65.28 -44.98 56.92
N ALA F 256 -64.47 -44.09 56.33
CA ALA F 256 -64.70 -43.48 55.02
C ALA F 256 -63.40 -42.81 54.64
N ASP F 257 -62.99 -42.94 53.39
CA ASP F 257 -61.70 -42.40 52.94
C ASP F 257 -61.69 -42.04 51.46
N ILE F 258 -62.23 -40.86 51.16
CA ILE F 258 -62.23 -40.30 49.81
C ILE F 258 -60.88 -39.63 49.60
N VAL F 259 -60.18 -39.98 48.52
CA VAL F 259 -58.82 -39.47 48.28
C VAL F 259 -58.69 -38.48 47.11
N GLY F 260 -59.80 -38.08 46.50
CA GLY F 260 -59.78 -37.11 45.42
C GLY F 260 -60.48 -37.53 44.13
N PHE F 261 -60.32 -36.69 43.11
CA PHE F 261 -60.94 -36.88 41.80
C PHE F 261 -60.02 -37.59 40.83
N LEU F 262 -60.60 -38.48 40.03
CA LEU F 262 -59.95 -38.92 38.81
C LEU F 262 -60.41 -37.99 37.69
N PHE F 263 -59.48 -37.21 37.15
CA PHE F 263 -59.77 -36.30 36.05
C PHE F 263 -59.70 -37.01 34.69
N LYS F 264 -60.84 -37.10 33.99
CA LYS F 264 -60.90 -37.75 32.67
C LYS F 264 -60.61 -36.79 31.51
N THR F 265 -60.17 -37.36 30.39
CA THR F 265 -59.82 -36.60 29.17
C THR F 265 -60.93 -35.63 28.72
N SER F 266 -62.18 -36.09 28.76
CA SER F 266 -63.31 -35.29 28.28
C SER F 266 -63.69 -34.13 29.19
N GLY F 267 -63.10 -34.10 30.40
CA GLY F 267 -63.42 -33.08 31.40
C GLY F 267 -64.23 -33.65 32.56
N LYS F 268 -64.84 -34.80 32.32
CA LYS F 268 -65.60 -35.51 33.36
C LYS F 268 -64.73 -35.89 34.56
N MET F 269 -65.36 -36.00 35.73
CA MET F 269 -64.66 -36.22 37.01
C MET F 269 -65.41 -37.22 37.89
N ALA F 270 -64.68 -38.20 38.42
CA ALA F 270 -65.24 -39.10 39.40
C ALA F 270 -64.40 -39.05 40.68
N LEU F 271 -65.03 -39.28 41.83
CA LEU F 271 -64.31 -39.40 43.10
C LEU F 271 -63.89 -40.85 43.33
N HIS F 272 -62.80 -41.00 44.09
CA HIS F 272 -62.14 -42.28 44.32
C HIS F 272 -61.89 -42.48 45.81
N GLY F 273 -62.04 -43.71 46.28
CA GLY F 273 -61.76 -44.06 47.66
C GLY F 273 -60.70 -45.15 47.78
N LEU F 274 -60.17 -45.30 49.00
CA LEU F 274 -59.16 -46.30 49.32
C LEU F 274 -59.60 -47.11 50.54
N PRO F 275 -59.12 -48.38 50.62
CA PRO F 275 -59.46 -49.22 51.79
C PRO F 275 -58.65 -48.84 53.03
N ARG F 276 -59.13 -49.30 54.20
CA ARG F 276 -58.50 -49.05 55.48
C ARG F 276 -58.42 -50.30 56.36
N TYR F 277 -57.27 -50.47 57.02
CA TYR F 277 -56.99 -51.60 57.89
C TYR F 277 -57.14 -51.28 59.37
N PHE F 278 -57.60 -52.26 60.16
CA PHE F 278 -57.81 -52.11 61.61
C PHE F 278 -57.20 -53.24 62.46
N ASN F 279 -56.45 -52.83 63.50
CA ASN F 279 -55.97 -53.74 64.54
C ASN F 279 -56.33 -53.18 65.92
N VAL F 280 -57.35 -53.76 66.54
CA VAL F 280 -57.89 -53.25 67.80
C VAL F 280 -57.52 -54.16 68.98
N THR F 281 -56.98 -53.56 70.04
CA THR F 281 -56.72 -54.28 71.28
C THR F 281 -57.87 -54.12 72.27
N LEU F 282 -58.32 -55.24 72.83
CA LEU F 282 -59.38 -55.25 73.82
C LEU F 282 -58.98 -55.96 75.12
N ARG F 283 -59.74 -55.71 76.18
CA ARG F 283 -59.58 -56.40 77.47
C ARG F 283 -60.95 -56.61 78.12
N LYS F 284 -61.01 -57.55 79.05
CA LYS F 284 -62.25 -57.85 79.75
C LYS F 284 -62.42 -56.87 80.90
N ARG F 285 -63.67 -56.48 81.16
CA ARG F 285 -63.99 -55.53 82.20
C ARG F 285 -65.27 -55.96 82.90
N TRP F 286 -65.27 -55.92 84.24
CA TRP F 286 -66.47 -56.17 85.03
C TRP F 286 -67.36 -54.93 85.00
N VAL F 287 -68.65 -55.14 84.72
CA VAL F 287 -69.63 -54.06 84.69
C VAL F 287 -70.93 -54.49 85.39
N LYS F 288 -71.72 -53.51 85.83
CA LYS F 288 -72.99 -53.77 86.49
C LYS F 288 -74.15 -53.22 85.66
N GLU G 10 -39.48 -66.12 71.24
CA GLU G 10 -39.73 -65.41 72.52
C GLU G 10 -38.50 -64.62 72.97
N VAL G 11 -38.73 -63.37 73.38
CA VAL G 11 -37.64 -62.42 73.65
C VAL G 11 -37.21 -62.39 75.12
N LEU G 12 -35.89 -62.48 75.34
CA LEU G 12 -35.33 -62.43 76.67
C LEU G 12 -34.53 -61.13 76.90
N SER G 13 -33.49 -61.21 77.72
CA SER G 13 -32.75 -60.04 78.18
C SER G 13 -31.71 -59.53 77.17
N VAL G 14 -31.55 -58.21 77.14
CA VAL G 14 -30.48 -57.54 76.41
C VAL G 14 -29.12 -58.02 76.91
N VAL G 15 -28.24 -58.36 75.99
CA VAL G 15 -26.90 -58.86 76.31
C VAL G 15 -26.03 -57.75 76.92
N THR G 16 -25.28 -58.11 77.96
CA THR G 16 -24.37 -57.19 78.63
C THR G 16 -22.92 -57.50 78.28
N GLY G 17 -22.24 -56.56 77.65
CA GLY G 17 -20.85 -56.78 77.22
C GLY G 17 -20.09 -55.55 76.77
N GLU G 18 -18.85 -55.75 76.34
CA GLU G 18 -18.00 -54.66 75.87
C GLU G 18 -18.40 -54.24 74.46
N ASP G 19 -18.50 -55.22 73.56
CA ASP G 19 -18.82 -54.95 72.16
C ASP G 19 -20.18 -55.52 71.75
N SER G 20 -21.22 -55.20 72.52
CA SER G 20 -22.56 -55.70 72.24
C SER G 20 -23.39 -54.72 71.41
N ILE G 21 -22.83 -53.55 71.15
CA ILE G 21 -23.44 -52.53 70.29
C ILE G 21 -22.63 -52.34 69.01
N THR G 22 -23.31 -52.27 67.85
CA THR G 22 -22.66 -52.03 66.56
C THR G 22 -23.45 -51.04 65.69
N GLN G 23 -22.80 -50.50 64.66
CA GLN G 23 -23.39 -49.50 63.78
C GLN G 23 -23.26 -49.90 62.31
N ILE G 24 -24.35 -49.74 61.55
CA ILE G 24 -24.37 -50.09 60.14
C ILE G 24 -24.64 -48.84 59.30
N GLU G 25 -23.70 -48.50 58.41
CA GLU G 25 -23.82 -47.38 57.48
C GLU G 25 -24.03 -47.83 56.03
N LEU G 26 -24.97 -47.20 55.33
CA LEU G 26 -25.13 -47.38 53.88
C LEU G 26 -25.95 -46.27 53.22
N TYR G 27 -25.94 -46.25 51.89
CA TYR G 27 -26.84 -45.43 51.09
C TYR G 27 -27.50 -46.31 50.03
N LEU G 28 -28.62 -45.84 49.47
CA LEU G 28 -29.30 -46.55 48.40
C LEU G 28 -29.68 -45.56 47.32
N ASN G 29 -29.23 -45.81 46.09
CA ASN G 29 -29.56 -44.95 44.96
C ASN G 29 -30.97 -45.22 44.41
N PRO G 30 -31.62 -44.18 43.85
CA PRO G 30 -33.01 -44.32 43.36
C PRO G 30 -33.20 -45.30 42.18
N ARG G 31 -34.32 -46.02 42.20
CA ARG G 31 -34.74 -46.89 41.08
C ARG G 31 -36.02 -46.35 40.41
N MET G 32 -35.84 -45.28 39.63
CA MET G 32 -36.96 -44.57 39.01
C MET G 32 -37.48 -45.20 37.71
N GLY G 33 -36.63 -45.94 37.02
CA GLY G 33 -36.97 -46.44 35.68
C GLY G 33 -35.71 -46.69 34.88
N VAL G 34 -34.88 -45.65 34.75
CA VAL G 34 -33.52 -45.82 34.28
C VAL G 34 -32.68 -46.04 35.52
N ASN G 35 -32.33 -47.30 35.74
CA ASN G 35 -31.85 -47.77 37.04
C ASN G 35 -30.35 -47.96 37.18
N SER G 36 -29.60 -47.70 36.10
CA SER G 36 -28.16 -47.90 36.11
C SER G 36 -27.43 -46.75 35.40
N PRO G 37 -26.28 -46.31 35.94
CA PRO G 37 -25.45 -45.28 35.29
C PRO G 37 -24.41 -45.84 34.31
N ASP G 38 -24.42 -47.17 34.13
CA ASP G 38 -23.36 -47.90 33.41
C ASP G 38 -23.73 -48.29 31.98
N LEU G 39 -25.02 -48.24 31.65
CA LEU G 39 -25.50 -48.63 30.32
C LEU G 39 -24.97 -47.70 29.21
N PRO G 40 -24.93 -48.19 27.95
CA PRO G 40 -24.34 -47.46 26.80
C PRO G 40 -24.70 -45.97 26.68
N THR G 41 -25.83 -45.66 26.05
CA THR G 41 -26.26 -44.27 25.84
C THR G 41 -27.49 -43.90 26.67
N THR G 42 -28.22 -44.92 27.12
CA THR G 42 -29.48 -44.72 27.84
C THR G 42 -29.32 -44.15 29.26
N SER G 43 -28.13 -44.32 29.84
CA SER G 43 -27.84 -43.92 31.22
C SER G 43 -27.86 -42.41 31.53
N ASN G 44 -27.99 -41.56 30.51
CA ASN G 44 -28.15 -40.12 30.69
C ASN G 44 -29.38 -39.73 31.54
N TRP G 45 -30.37 -40.63 31.60
CA TRP G 45 -31.58 -40.41 32.41
C TRP G 45 -31.63 -41.24 33.71
N TYR G 46 -30.45 -41.65 34.17
CA TYR G 46 -30.29 -42.29 35.48
C TYR G 46 -30.89 -41.40 36.57
N THR G 47 -31.75 -42.01 37.41
CA THR G 47 -32.55 -41.33 38.45
C THR G 47 -33.82 -40.61 37.93
N TYR G 48 -34.15 -40.86 36.67
CA TYR G 48 -35.43 -40.36 36.13
C TYR G 48 -36.26 -41.48 35.50
N THR G 49 -37.51 -41.15 35.20
CA THR G 49 -38.32 -42.01 34.35
C THR G 49 -38.16 -41.51 32.92
N TYR G 50 -38.80 -42.18 31.97
CA TYR G 50 -39.02 -41.58 30.66
C TYR G 50 -40.26 -40.68 30.75
N ASP G 51 -40.65 -40.09 29.63
CA ASP G 51 -41.78 -39.16 29.64
C ASP G 51 -43.08 -39.87 29.99
N LEU G 52 -43.79 -39.30 30.96
CA LEU G 52 -45.06 -39.87 31.42
C LEU G 52 -46.20 -39.14 30.71
N GLN G 53 -47.02 -39.90 29.99
CA GLN G 53 -48.03 -39.31 29.10
C GLN G 53 -49.24 -40.23 28.88
N PRO G 54 -50.40 -39.87 29.44
CA PRO G 54 -51.64 -40.59 29.16
C PRO G 54 -51.90 -40.61 27.66
N LYS G 55 -52.13 -41.82 27.14
CA LYS G 55 -52.18 -42.07 25.70
C LYS G 55 -53.42 -41.46 25.04
N GLY G 56 -54.55 -41.49 25.73
CA GLY G 56 -55.81 -41.01 25.18
C GLY G 56 -56.63 -42.15 24.62
N SER G 57 -56.02 -43.34 24.55
CA SER G 57 -56.62 -44.55 24.00
C SER G 57 -56.29 -45.76 24.85
N SER G 58 -57.26 -46.64 25.04
CA SER G 58 -57.04 -47.89 25.78
C SER G 58 -56.39 -48.95 24.89
N PRO G 59 -55.66 -49.91 25.49
CA PRO G 59 -55.33 -49.98 26.91
C PRO G 59 -54.03 -49.26 27.25
N ASP G 60 -53.74 -49.11 28.54
CA ASP G 60 -52.42 -48.63 28.97
C ASP G 60 -51.44 -49.81 29.03
N GLN G 61 -50.30 -49.63 28.37
CA GLN G 61 -49.22 -50.62 28.38
C GLN G 61 -47.93 -49.91 28.79
N PRO G 62 -47.77 -49.63 30.11
CA PRO G 62 -46.63 -48.80 30.53
C PRO G 62 -45.30 -49.52 30.37
N ILE G 63 -44.30 -48.79 29.86
CA ILE G 63 -42.96 -49.35 29.70
C ILE G 63 -42.22 -49.41 31.05
N LYS G 64 -41.15 -50.19 31.09
CA LYS G 64 -40.33 -50.40 32.29
C LYS G 64 -39.67 -49.12 32.83
N GLU G 65 -39.35 -48.18 31.93
CA GLU G 65 -38.69 -46.94 32.32
C GLU G 65 -39.64 -45.95 32.99
N ASN G 66 -40.93 -46.24 32.91
CA ASN G 66 -41.97 -45.42 33.53
C ASN G 66 -42.58 -46.01 34.82
N LEU G 67 -41.84 -46.92 35.47
CA LEU G 67 -42.34 -47.58 36.68
C LEU G 67 -41.33 -47.52 37.83
N PRO G 68 -41.25 -46.37 38.54
CA PRO G 68 -40.37 -46.27 39.71
C PRO G 68 -40.63 -47.40 40.69
N ALA G 69 -39.56 -47.98 41.21
CA ALA G 69 -39.69 -49.13 42.08
C ALA G 69 -38.97 -48.87 43.42
N TYR G 70 -39.22 -49.74 44.40
CA TYR G 70 -38.55 -49.65 45.69
C TYR G 70 -37.07 -50.07 45.60
N SER G 71 -36.23 -49.36 46.35
CA SER G 71 -34.83 -49.75 46.59
C SER G 71 -34.78 -50.65 47.80
N VAL G 72 -33.96 -51.70 47.74
CA VAL G 72 -33.78 -52.60 48.87
C VAL G 72 -32.37 -53.16 48.91
N ALA G 73 -31.88 -53.41 50.13
CA ALA G 73 -30.60 -54.08 50.38
C ALA G 73 -30.66 -54.98 51.62
N ARG G 74 -29.97 -56.12 51.56
CA ARG G 74 -29.76 -56.98 52.73
C ARG G 74 -28.32 -56.82 53.17
N VAL G 75 -28.11 -56.41 54.42
CA VAL G 75 -26.76 -56.22 54.96
C VAL G 75 -26.39 -57.39 55.87
N SER G 76 -25.24 -57.98 55.61
CA SER G 76 -24.70 -59.05 56.46
C SER G 76 -24.18 -58.51 57.79
N LEU G 77 -24.62 -59.13 58.87
CA LEU G 77 -24.20 -58.76 60.21
C LEU G 77 -23.20 -59.79 60.74
N PRO G 78 -22.29 -59.38 61.66
CA PRO G 78 -21.33 -60.31 62.28
C PRO G 78 -21.97 -61.59 62.81
N MET G 79 -21.21 -62.68 62.74
CA MET G 79 -21.65 -63.97 63.27
C MET G 79 -21.66 -63.95 64.79
N LEU G 80 -22.75 -64.47 65.38
CA LEU G 80 -22.90 -64.46 66.84
C LEU G 80 -22.85 -65.86 67.47
N ASN G 81 -23.34 -66.85 66.74
CA ASN G 81 -23.38 -68.24 67.22
C ASN G 81 -22.71 -69.18 66.23
N THR G 88 -31.87 -71.44 72.24
CA THR G 88 -31.55 -70.15 72.83
C THR G 88 -30.26 -69.57 72.27
N LEU G 89 -30.37 -68.42 71.60
CA LEU G 89 -29.23 -67.78 70.97
C LEU G 89 -29.26 -66.25 71.01
N GLN G 90 -28.17 -65.64 70.58
CA GLN G 90 -28.07 -64.19 70.43
C GLN G 90 -28.57 -63.75 69.03
N MET G 91 -29.30 -62.64 68.98
CA MET G 91 -29.75 -62.03 67.72
C MET G 91 -29.48 -60.53 67.75
N TRP G 92 -29.22 -59.95 66.59
CA TRP G 92 -29.10 -58.50 66.47
C TRP G 92 -30.48 -57.84 66.50
N GLU G 93 -30.57 -56.74 67.24
CA GLU G 93 -31.83 -56.02 67.44
C GLU G 93 -31.61 -54.55 67.08
N ALA G 94 -32.31 -54.10 66.04
CA ALA G 94 -32.21 -52.72 65.56
C ALA G 94 -32.97 -51.79 66.51
N ILE G 95 -32.28 -50.76 67.00
CA ILE G 95 -32.88 -49.91 68.05
C ILE G 95 -33.13 -48.46 67.63
N SER G 96 -32.27 -47.92 66.78
CA SER G 96 -32.47 -46.57 66.29
C SER G 96 -31.83 -46.38 64.92
N VAL G 97 -32.22 -45.32 64.23
CA VAL G 97 -31.72 -45.04 62.90
C VAL G 97 -31.67 -43.53 62.64
N LYS G 98 -30.56 -43.07 62.07
CA LYS G 98 -30.50 -41.75 61.44
C LYS G 98 -30.56 -41.94 59.94
N THR G 99 -31.59 -41.39 59.31
CA THR G 99 -31.70 -41.39 57.86
C THR G 99 -31.84 -39.96 57.29
N GLU G 100 -31.50 -39.80 56.01
CA GLU G 100 -31.47 -38.51 55.34
C GLU G 100 -31.57 -38.69 53.82
N VAL G 101 -32.32 -37.81 53.17
CA VAL G 101 -32.38 -37.75 51.71
C VAL G 101 -31.22 -36.88 51.24
N VAL G 102 -30.36 -37.44 50.40
CA VAL G 102 -29.14 -36.77 49.95
C VAL G 102 -29.36 -36.06 48.62
N GLY G 103 -28.74 -34.88 48.48
CA GLY G 103 -28.76 -34.15 47.23
C GLY G 103 -29.94 -33.20 47.10
N ILE G 104 -30.60 -32.92 48.22
CA ILE G 104 -31.79 -32.08 48.21
C ILE G 104 -31.51 -30.71 47.57
N SER G 105 -30.31 -30.18 47.82
CA SER G 105 -29.91 -28.86 47.31
C SER G 105 -29.76 -28.77 45.77
N SER G 106 -29.72 -29.93 45.12
CA SER G 106 -29.59 -29.97 43.65
C SER G 106 -30.87 -29.50 42.97
N LEU G 107 -31.94 -29.38 43.74
CA LEU G 107 -33.24 -29.00 43.19
C LEU G 107 -33.45 -27.49 43.08
N ILE G 108 -32.47 -26.68 43.50
CA ILE G 108 -32.56 -25.24 43.23
C ILE G 108 -32.16 -24.87 41.79
N ASN G 109 -31.78 -25.87 41.00
CA ASN G 109 -31.38 -25.67 39.59
C ASN G 109 -32.61 -25.35 38.73
N VAL G 110 -32.72 -24.10 38.28
CA VAL G 110 -33.84 -23.70 37.41
C VAL G 110 -33.40 -23.35 35.97
N HIS G 111 -32.27 -23.90 35.54
CA HIS G 111 -31.70 -23.59 34.25
C HIS G 111 -31.19 -24.85 33.52
N TYR G 112 -31.87 -25.98 33.70
CA TYR G 112 -31.64 -27.15 32.86
C TYR G 112 -31.91 -26.76 31.39
N TRP G 113 -31.04 -27.18 30.47
CA TRP G 113 -31.04 -26.64 29.10
C TRP G 113 -32.38 -26.72 28.38
N ASP G 114 -33.10 -27.83 28.58
CA ASP G 114 -34.40 -28.05 27.94
C ASP G 114 -35.55 -27.96 28.95
N MET G 115 -35.43 -27.05 29.92
CA MET G 115 -36.48 -26.89 30.94
C MET G 115 -37.56 -25.98 30.38
N LYS G 116 -38.82 -26.31 30.67
CA LYS G 116 -39.92 -25.44 30.28
C LYS G 116 -39.94 -24.20 31.17
N ARG G 117 -40.02 -23.03 30.53
CA ARG G 117 -40.05 -21.74 31.24
C ARG G 117 -41.38 -21.49 31.94
N VAL G 118 -41.35 -20.67 32.99
CA VAL G 118 -42.59 -20.28 33.68
C VAL G 118 -43.41 -19.30 32.82
N HIS G 119 -42.70 -18.49 32.04
CA HIS G 119 -43.26 -17.56 31.05
C HIS G 119 -42.11 -17.10 30.13
N ASP G 120 -42.43 -16.30 29.11
CA ASP G 120 -41.41 -15.83 28.17
C ASP G 120 -40.25 -15.14 28.87
N TYR G 121 -39.04 -15.61 28.60
CA TYR G 121 -37.79 -15.08 29.17
C TYR G 121 -37.59 -15.47 30.65
N GLY G 122 -38.50 -16.28 31.18
CA GLY G 122 -38.42 -16.70 32.56
C GLY G 122 -37.44 -17.83 32.80
N ALA G 123 -37.31 -18.20 34.08
CA ALA G 123 -36.53 -19.35 34.48
C ALA G 123 -37.35 -20.63 34.31
N GLY G 124 -36.71 -21.77 34.49
CA GLY G 124 -37.41 -23.04 34.37
C GLY G 124 -38.35 -23.31 35.53
N ILE G 125 -39.42 -24.04 35.25
CA ILE G 125 -40.24 -24.60 36.31
C ILE G 125 -39.33 -25.59 37.07
N PRO G 126 -39.11 -25.34 38.38
CA PRO G 126 -38.24 -26.24 39.14
C PRO G 126 -38.93 -27.57 39.37
N VAL G 127 -38.13 -28.57 39.73
CA VAL G 127 -38.65 -29.88 40.10
C VAL G 127 -39.67 -29.75 41.23
N SER G 128 -40.93 -29.95 40.87
CA SER G 128 -42.04 -29.88 41.80
C SER G 128 -43.14 -30.84 41.35
N GLY G 129 -44.16 -31.01 42.18
CA GLY G 129 -45.27 -31.90 41.86
C GLY G 129 -45.34 -33.09 42.78
N VAL G 130 -45.62 -34.26 42.22
CA VAL G 130 -45.81 -35.50 42.98
C VAL G 130 -44.59 -35.83 43.82
N ASN G 131 -44.82 -36.06 45.11
CA ASN G 131 -43.79 -36.58 46.03
C ASN G 131 -44.24 -37.88 46.68
N TYR G 132 -43.28 -38.79 46.86
CA TYR G 132 -43.52 -40.04 47.58
C TYR G 132 -42.24 -40.37 48.32
N HIS G 133 -42.39 -40.62 49.62
CA HIS G 133 -41.26 -40.85 50.53
C HIS G 133 -41.60 -41.93 51.53
N MET G 134 -40.76 -42.96 51.59
CA MET G 134 -40.88 -44.01 52.59
C MET G 134 -39.54 -44.68 52.87
N PHE G 135 -39.37 -45.15 54.10
CA PHE G 135 -38.25 -46.01 54.43
C PHE G 135 -38.71 -47.03 55.44
N ALA G 136 -37.94 -48.13 55.53
CA ALA G 136 -38.27 -49.26 56.38
C ALA G 136 -37.01 -49.96 56.85
N ILE G 137 -36.98 -50.33 58.13
CA ILE G 137 -35.89 -51.11 58.71
C ILE G 137 -36.54 -52.38 59.25
N GLY G 138 -35.93 -53.53 58.97
CA GLY G 138 -36.49 -54.82 59.40
C GLY G 138 -35.50 -55.98 59.45
N GLY G 139 -35.88 -57.03 60.16
CA GLY G 139 -35.06 -58.24 60.24
C GLY G 139 -35.54 -59.34 59.33
N GLU G 140 -36.43 -58.99 58.41
CA GLU G 140 -36.86 -59.88 57.33
C GLU G 140 -37.37 -58.99 56.19
N PRO G 141 -37.63 -59.57 54.99
CA PRO G 141 -38.11 -58.71 53.90
C PRO G 141 -39.45 -58.05 54.21
N LEU G 142 -39.61 -56.79 53.80
CA LEU G 142 -40.86 -56.06 54.00
C LEU G 142 -42.01 -56.76 53.30
N ASP G 143 -43.10 -56.99 54.03
CA ASP G 143 -44.32 -57.56 53.46
C ASP G 143 -45.07 -56.50 52.67
N LEU G 144 -45.48 -56.87 51.45
CA LEU G 144 -46.14 -55.95 50.52
C LEU G 144 -47.58 -56.34 50.17
N GLN G 145 -48.45 -55.34 50.07
CA GLN G 145 -49.82 -55.52 49.57
C GLN G 145 -49.97 -54.90 48.19
N GLY G 146 -50.72 -55.58 47.32
CA GLY G 146 -50.94 -55.10 45.96
C GLY G 146 -52.27 -54.40 45.79
N LEU G 147 -52.24 -53.24 45.13
CA LEU G 147 -53.43 -52.46 44.82
C LEU G 147 -53.07 -51.42 43.77
N VAL G 148 -53.87 -51.37 42.72
CA VAL G 148 -53.61 -50.50 41.58
C VAL G 148 -54.79 -49.56 41.31
N LEU G 149 -54.49 -48.44 40.66
CA LEU G 149 -55.51 -47.50 40.17
C LEU G 149 -56.49 -48.20 39.20
N ASP G 150 -55.93 -48.92 38.23
CA ASP G 150 -56.70 -49.54 37.14
C ASP G 150 -56.34 -51.02 36.93
N TYR G 151 -57.32 -51.91 37.11
CA TYR G 151 -57.07 -53.35 37.02
C TYR G 151 -56.80 -53.80 35.59
N GLN G 152 -57.20 -52.98 34.62
CA GLN G 152 -57.03 -53.27 33.19
C GLN G 152 -55.69 -52.80 32.62
N THR G 153 -54.89 -52.13 33.45
CA THR G 153 -53.53 -51.76 33.06
C THR G 153 -52.72 -53.04 32.79
N GLN G 154 -51.85 -53.00 31.79
CA GLN G 154 -51.05 -54.16 31.43
C GLN G 154 -49.56 -53.93 31.63
N TYR G 155 -49.07 -54.42 32.77
CA TYR G 155 -47.66 -54.31 33.11
C TYR G 155 -46.82 -55.31 32.30
N PRO G 156 -45.55 -54.95 32.01
CA PRO G 156 -44.62 -55.84 31.31
C PRO G 156 -44.46 -57.19 32.01
N LYS G 157 -44.47 -58.28 31.24
CA LYS G 157 -44.26 -59.62 31.78
C LYS G 157 -42.86 -59.75 32.37
N THR G 158 -42.73 -60.48 33.48
CA THR G 158 -41.45 -60.64 34.18
C THR G 158 -40.43 -61.44 33.36
N THR G 159 -39.50 -60.72 32.74
CA THR G 159 -38.34 -61.28 32.03
C THR G 159 -37.37 -60.17 31.64
N GLY G 162 -37.47 -57.16 34.01
CA GLY G 162 -38.74 -57.78 34.35
C GLY G 162 -39.28 -57.38 35.72
N PRO G 163 -40.21 -56.40 35.78
CA PRO G 163 -40.81 -56.00 37.05
C PRO G 163 -41.88 -56.99 37.53
N ILE G 164 -41.95 -57.17 38.85
CA ILE G 164 -42.93 -58.08 39.46
C ILE G 164 -44.20 -57.32 39.85
N THR G 165 -45.34 -57.77 39.31
CA THR G 165 -46.63 -57.17 39.61
C THR G 165 -47.64 -58.23 40.05
N ILE G 166 -48.90 -57.84 40.21
CA ILE G 166 -49.93 -58.72 40.78
C ILE G 166 -50.14 -59.99 39.96
N GLU G 167 -50.17 -59.83 38.63
CA GLU G 167 -50.30 -60.96 37.73
C GLU G 167 -49.21 -61.99 38.00
N THR G 168 -47.96 -61.53 38.10
CA THR G 168 -46.80 -62.38 38.38
C THR G 168 -47.05 -63.32 39.56
N VAL G 169 -47.57 -62.77 40.66
CA VAL G 169 -47.72 -63.56 41.87
C VAL G 169 -49.02 -64.37 41.89
N LEU G 170 -50.03 -63.90 41.17
CA LEU G 170 -51.33 -64.56 41.12
C LEU G 170 -51.40 -65.71 40.11
N GLY G 171 -50.50 -65.69 39.13
CA GLY G 171 -50.48 -66.67 38.04
C GLY G 171 -51.64 -66.54 37.05
N ARG G 172 -52.29 -65.38 37.05
CA ARG G 172 -53.45 -65.11 36.20
C ARG G 172 -53.68 -63.59 36.14
N LYS G 173 -54.63 -63.15 35.33
CA LYS G 173 -54.90 -61.73 35.14
C LYS G 173 -55.68 -61.10 36.30
N MET G 174 -55.50 -59.78 36.46
CA MET G 174 -56.20 -59.01 37.47
C MET G 174 -57.71 -58.92 37.21
N THR G 175 -58.48 -58.80 38.29
CA THR G 175 -59.92 -58.61 38.21
C THR G 175 -60.30 -57.31 38.94
N PRO G 176 -61.54 -56.80 38.73
CA PRO G 176 -61.96 -55.57 39.42
C PRO G 176 -61.59 -55.45 40.91
N LYS G 177 -61.51 -56.57 41.62
CA LYS G 177 -61.17 -56.54 43.06
C LYS G 177 -59.75 -56.02 43.38
N ASN G 178 -58.87 -55.96 42.39
CA ASN G 178 -57.50 -55.47 42.62
C ASN G 178 -57.36 -53.95 42.57
N GLN G 179 -58.48 -53.28 42.35
CA GLN G 179 -58.60 -51.85 42.58
C GLN G 179 -58.81 -51.59 44.08
N GLY G 180 -59.33 -52.61 44.77
CA GLY G 180 -59.46 -52.61 46.22
C GLY G 180 -58.40 -53.49 46.86
N LEU G 181 -58.65 -53.89 48.11
CA LEU G 181 -57.71 -54.75 48.83
C LEU G 181 -58.08 -56.21 48.63
N ASP G 182 -57.20 -56.93 47.91
CA ASP G 182 -57.34 -58.38 47.66
C ASP G 182 -56.32 -59.13 48.52
N PRO G 183 -56.80 -59.93 49.50
CA PRO G 183 -55.93 -60.66 50.42
C PRO G 183 -54.96 -61.64 49.76
N GLN G 184 -55.18 -61.99 48.49
CA GLN G 184 -54.24 -62.85 47.76
C GLN G 184 -53.13 -62.09 47.04
N ALA G 185 -53.31 -60.78 46.86
CA ALA G 185 -52.31 -59.94 46.20
C ALA G 185 -51.23 -59.52 47.21
N LYS G 186 -50.39 -60.47 47.59
CA LYS G 186 -49.36 -60.26 48.62
C LYS G 186 -48.00 -60.67 48.10
N ALA G 187 -46.96 -59.93 48.47
CA ALA G 187 -45.59 -60.24 48.05
C ALA G 187 -44.57 -59.84 49.12
N LYS G 188 -43.30 -60.01 48.81
CA LYS G 188 -42.20 -59.67 49.71
C LYS G 188 -41.13 -58.90 48.95
N LEU G 189 -40.74 -57.76 49.49
CA LEU G 189 -39.73 -56.92 48.84
C LEU G 189 -38.34 -57.51 49.03
N ASP G 190 -37.85 -58.22 48.01
CA ASP G 190 -36.53 -58.85 48.12
C ASP G 190 -35.57 -58.54 46.97
N LYS G 191 -36.07 -57.84 45.96
CA LYS G 191 -35.23 -57.45 44.82
C LYS G 191 -35.27 -55.94 44.57
N ASP G 192 -34.08 -55.36 44.42
CA ASP G 192 -33.89 -53.95 44.15
C ASP G 192 -34.38 -53.58 42.74
N GLY G 193 -35.20 -52.53 42.64
CA GLY G 193 -35.69 -52.03 41.35
C GLY G 193 -36.63 -52.94 40.55
N ASN G 194 -37.30 -53.87 41.23
CA ASN G 194 -38.17 -54.87 40.59
C ASN G 194 -39.64 -54.80 41.02
N TYR G 195 -39.92 -54.08 42.11
CA TYR G 195 -41.27 -53.92 42.64
C TYR G 195 -41.77 -52.48 42.45
N PRO G 196 -42.68 -52.28 41.50
CA PRO G 196 -43.11 -50.91 41.25
C PRO G 196 -43.96 -50.30 42.39
N ILE G 197 -43.66 -49.05 42.69
CA ILE G 197 -44.34 -48.29 43.73
C ILE G 197 -45.85 -48.20 43.50
N GLU G 198 -46.25 -48.01 42.25
CA GLU G 198 -47.66 -47.82 41.95
C GLU G 198 -48.50 -49.11 42.05
N VAL G 199 -47.83 -50.26 42.16
CA VAL G 199 -48.49 -51.55 42.31
C VAL G 199 -48.48 -52.01 43.77
N TRP G 200 -47.36 -51.76 44.46
CA TRP G 200 -47.11 -52.29 45.81
C TRP G 200 -46.97 -51.23 46.90
N CYS G 201 -47.63 -51.47 48.03
CA CYS G 201 -47.48 -50.67 49.25
C CYS G 201 -47.15 -51.61 50.43
N PRO G 202 -46.64 -51.07 51.55
CA PRO G 202 -46.40 -51.89 52.74
C PRO G 202 -47.68 -52.55 53.28
N ASP G 203 -47.59 -53.81 53.67
CA ASP G 203 -48.75 -54.55 54.16
C ASP G 203 -48.90 -54.39 55.70
N PRO G 204 -49.96 -53.66 56.13
CA PRO G 204 -50.14 -53.40 57.56
C PRO G 204 -50.67 -54.60 58.35
N SER G 205 -51.19 -55.61 57.65
CA SER G 205 -51.69 -56.81 58.33
C SER G 205 -50.55 -57.73 58.75
N LYS G 206 -49.36 -57.49 58.22
CA LYS G 206 -48.21 -58.32 58.58
C LYS G 206 -47.13 -57.42 59.18
N ASN G 207 -45.88 -57.55 58.73
CA ASN G 207 -44.78 -56.65 59.11
C ASN G 207 -44.50 -56.43 60.61
N GLU G 208 -44.71 -57.48 61.40
CA GLU G 208 -44.50 -57.44 62.84
C GLU G 208 -43.03 -57.15 63.20
N ASN G 209 -42.13 -57.55 62.30
CA ASN G 209 -40.69 -57.49 62.55
C ASN G 209 -39.95 -56.42 61.71
N SER G 210 -40.71 -55.46 61.17
CA SER G 210 -40.13 -54.29 60.50
C SER G 210 -40.82 -53.03 61.01
N ARG G 211 -40.15 -51.89 60.83
CA ARG G 211 -40.75 -50.59 61.10
C ARG G 211 -40.72 -49.75 59.82
N TYR G 212 -41.87 -49.25 59.37
CA TYR G 212 -41.91 -48.41 58.16
C TYR G 212 -42.65 -47.08 58.38
N TYR G 213 -42.22 -46.05 57.65
CA TYR G 213 -42.78 -44.71 57.75
C TYR G 213 -42.87 -44.12 56.34
N GLY G 214 -44.04 -43.61 55.96
CA GLY G 214 -44.24 -43.12 54.60
C GLY G 214 -45.22 -41.98 54.42
N SER G 215 -45.10 -41.30 53.28
CA SER G 215 -46.04 -40.23 52.93
C SER G 215 -46.12 -40.00 51.42
N ILE G 216 -47.25 -39.40 51.00
CA ILE G 216 -47.48 -39.01 49.60
C ILE G 216 -47.91 -37.54 49.51
N GLN G 217 -47.66 -36.94 48.34
CA GLN G 217 -48.15 -35.61 48.01
C GLN G 217 -48.48 -35.55 46.50
N THR G 218 -49.75 -35.37 46.13
CA THR G 218 -50.16 -35.24 44.71
C THR G 218 -50.16 -33.78 44.20
N GLY G 219 -50.85 -33.55 43.08
CA GLY G 219 -50.74 -32.28 42.35
C GLY G 219 -49.63 -32.36 41.33
N SER G 220 -49.48 -31.32 40.51
CA SER G 220 -48.52 -31.35 39.40
C SER G 220 -47.43 -30.29 39.54
N GLN G 221 -47.77 -29.15 40.13
CA GLN G 221 -46.79 -28.12 40.38
C GLN G 221 -46.67 -27.79 41.88
N THR G 222 -47.17 -28.69 42.73
CA THR G 222 -47.08 -28.59 44.20
C THR G 222 -45.62 -28.50 44.68
N PRO G 223 -45.31 -27.45 45.45
CA PRO G 223 -43.94 -27.28 45.94
C PRO G 223 -43.38 -28.55 46.59
N THR G 224 -42.13 -28.87 46.26
CA THR G 224 -41.36 -29.88 46.97
C THR G 224 -40.76 -29.19 48.19
N VAL G 225 -41.20 -29.67 49.36
CA VAL G 225 -40.82 -29.11 50.66
C VAL G 225 -40.14 -30.20 51.49
N LEU G 226 -38.84 -30.06 51.73
CA LEU G 226 -38.07 -31.12 52.40
C LEU G 226 -37.10 -30.58 53.44
N GLN G 227 -36.87 -31.37 54.49
CA GLN G 227 -35.91 -30.99 55.53
C GLN G 227 -34.71 -31.93 55.59
N PHE G 228 -33.59 -31.43 56.12
CA PHE G 228 -32.42 -32.28 56.40
C PHE G 228 -31.67 -31.78 57.62
N SER G 229 -31.21 -32.72 58.44
CA SER G 229 -30.44 -32.44 59.66
C SER G 229 -29.79 -33.71 60.19
N ASN G 230 -28.56 -33.57 60.70
CA ASN G 230 -27.86 -34.70 61.31
C ASN G 230 -28.12 -34.86 62.81
N THR G 231 -29.20 -34.23 63.30
CA THR G 231 -29.56 -34.29 64.72
C THR G 231 -30.83 -35.10 64.95
N LEU G 232 -31.42 -35.61 63.87
CA LEU G 232 -32.71 -36.30 63.98
C LEU G 232 -32.56 -37.81 64.03
N THR G 233 -33.25 -38.43 64.99
CA THR G 233 -33.16 -39.87 65.23
C THR G 233 -34.55 -40.50 65.38
N THR G 234 -34.74 -41.66 64.75
CA THR G 234 -35.94 -42.47 64.90
C THR G 234 -35.66 -43.67 65.81
N VAL G 235 -36.44 -43.81 66.88
CA VAL G 235 -36.34 -44.95 67.79
C VAL G 235 -37.10 -46.11 67.14
N LEU G 236 -36.50 -47.31 67.15
CA LEU G 236 -37.10 -48.45 66.44
C LEU G 236 -37.83 -49.41 67.34
N LEU G 237 -37.71 -49.21 68.65
CA LEU G 237 -38.38 -50.02 69.65
C LEU G 237 -39.90 -49.88 69.56
N ASP G 238 -40.62 -50.97 69.84
CA ASP G 238 -42.07 -50.95 69.91
C ASP G 238 -42.56 -50.66 71.34
N GLU G 239 -43.85 -50.91 71.58
CA GLU G 239 -44.47 -50.66 72.88
C GLU G 239 -43.98 -51.61 74.00
N ASN G 240 -43.04 -52.50 73.68
CA ASN G 240 -42.44 -53.39 74.69
C ASN G 240 -40.93 -53.18 74.85
N GLY G 241 -40.41 -52.16 74.17
CA GLY G 241 -38.97 -51.90 74.15
C GLY G 241 -38.18 -52.90 73.33
N VAL G 242 -38.83 -53.48 72.32
CA VAL G 242 -38.19 -54.46 71.42
C VAL G 242 -38.11 -53.91 69.98
N GLY G 243 -36.91 -53.92 69.40
CA GLY G 243 -36.70 -53.52 68.00
C GLY G 243 -36.88 -54.70 67.05
N PRO G 244 -36.66 -54.48 65.73
CA PRO G 244 -36.68 -55.60 64.79
C PRO G 244 -35.50 -56.56 65.01
N LEU G 245 -35.80 -57.86 64.97
CA LEU G 245 -34.82 -58.91 65.24
C LEU G 245 -34.37 -59.57 63.94
N CYS G 246 -33.06 -59.54 63.70
CA CYS G 246 -32.49 -60.01 62.44
C CYS G 246 -32.28 -61.52 62.42
N LYS G 247 -33.29 -62.25 61.93
CA LYS G 247 -33.21 -63.69 61.74
C LYS G 247 -32.15 -64.01 60.71
N GLY G 248 -31.21 -64.88 61.06
CA GLY G 248 -30.14 -65.28 60.15
C GLY G 248 -29.15 -64.19 59.79
N ASP G 249 -28.90 -63.28 60.73
CA ASP G 249 -27.84 -62.26 60.62
C ASP G 249 -27.96 -61.35 59.37
N GLY G 250 -29.19 -61.02 59.01
CA GLY G 250 -29.46 -60.10 57.90
C GLY G 250 -30.34 -58.92 58.28
N LEU G 251 -29.84 -57.71 58.02
CA LEU G 251 -30.61 -56.47 58.22
C LEU G 251 -31.20 -55.98 56.88
N PHE G 252 -32.53 -55.84 56.83
CA PHE G 252 -33.25 -55.44 55.61
C PHE G 252 -33.62 -53.97 55.62
N ILE G 253 -33.13 -53.24 54.62
CA ILE G 253 -33.35 -51.80 54.49
C ILE G 253 -34.02 -51.45 53.16
N SER G 254 -35.16 -50.78 53.23
CA SER G 254 -35.97 -50.42 52.06
C SER G 254 -36.31 -48.92 52.07
N CYS G 255 -36.44 -48.34 50.87
CA CYS G 255 -36.89 -46.93 50.72
C CYS G 255 -37.36 -46.54 49.30
N ALA G 256 -37.77 -45.28 49.17
CA ALA G 256 -38.27 -44.71 47.91
C ALA G 256 -38.40 -43.20 48.11
N ASP G 257 -37.86 -42.41 47.19
CA ASP G 257 -37.93 -40.95 47.35
C ASP G 257 -38.11 -40.18 46.04
N ILE G 258 -39.36 -40.09 45.59
CA ILE G 258 -39.76 -39.33 44.41
C ILE G 258 -39.94 -37.86 44.80
N VAL G 259 -39.20 -36.95 44.14
CA VAL G 259 -39.21 -35.53 44.52
C VAL G 259 -39.94 -34.60 43.53
N GLY G 260 -40.59 -35.19 42.52
CA GLY G 260 -41.42 -34.44 41.54
C GLY G 260 -40.97 -34.49 40.08
N PHE G 261 -41.61 -33.66 39.25
CA PHE G 261 -41.42 -33.67 37.80
C PHE G 261 -40.31 -32.78 37.30
N LEU G 262 -39.58 -33.26 36.29
CA LEU G 262 -38.78 -32.38 35.43
C LEU G 262 -39.66 -32.00 34.24
N PHE G 263 -39.91 -30.69 34.09
CA PHE G 263 -40.77 -30.13 33.03
C PHE G 263 -39.95 -29.75 31.78
N LYS G 264 -40.16 -30.47 30.68
CA LYS G 264 -39.41 -30.23 29.45
C LYS G 264 -40.13 -29.27 28.49
N THR G 265 -39.36 -28.62 27.61
CA THR G 265 -39.88 -27.62 26.66
C THR G 265 -41.07 -28.12 25.84
N SER G 266 -40.98 -29.36 25.36
CA SER G 266 -42.04 -29.95 24.53
C SER G 266 -43.39 -29.99 25.24
N GLY G 267 -43.35 -29.85 26.58
CA GLY G 267 -44.52 -30.00 27.42
C GLY G 267 -44.55 -31.37 28.07
N LYS G 268 -43.52 -32.17 27.78
CA LYS G 268 -43.41 -33.50 28.36
C LYS G 268 -42.84 -33.42 29.77
N MET G 269 -43.13 -34.46 30.57
CA MET G 269 -42.79 -34.49 32.00
C MET G 269 -42.26 -35.86 32.43
N ALA G 270 -41.17 -35.86 33.18
CA ALA G 270 -40.65 -37.10 33.77
C ALA G 270 -40.40 -36.95 35.28
N LEU G 271 -40.75 -37.99 36.04
CA LEU G 271 -40.51 -38.03 37.48
C LEU G 271 -39.00 -38.17 37.79
N HIS G 272 -38.63 -37.83 39.02
CA HIS G 272 -37.24 -37.82 39.46
C HIS G 272 -37.15 -38.36 40.91
N GLY G 273 -36.05 -39.04 41.22
CA GLY G 273 -35.81 -39.52 42.58
C GLY G 273 -34.43 -39.13 43.12
N LEU G 274 -34.28 -39.21 44.44
CA LEU G 274 -33.01 -38.91 45.13
C LEU G 274 -32.53 -40.04 46.05
N PRO G 275 -31.21 -40.17 46.27
CA PRO G 275 -30.75 -41.26 47.13
C PRO G 275 -31.01 -41.02 48.63
N ARG G 276 -30.98 -42.11 49.39
CA ARG G 276 -31.25 -42.05 50.83
C ARG G 276 -30.09 -42.69 51.63
N TYR G 277 -29.61 -41.97 52.63
CA TYR G 277 -28.58 -42.46 53.54
C TYR G 277 -29.16 -43.11 54.80
N PHE G 278 -28.46 -44.10 55.34
CA PHE G 278 -28.83 -44.73 56.62
C PHE G 278 -27.63 -44.93 57.55
N ASN G 279 -27.90 -44.84 58.85
CA ASN G 279 -26.96 -45.22 59.91
C ASN G 279 -27.78 -45.86 61.02
N VAL G 280 -27.72 -47.18 61.11
CA VAL G 280 -28.53 -47.96 62.04
C VAL G 280 -27.69 -48.42 63.25
N THR G 281 -28.23 -48.26 64.45
CA THR G 281 -27.62 -48.79 65.67
C THR G 281 -28.33 -50.06 66.09
N LEU G 282 -27.56 -51.13 66.27
CA LEU G 282 -28.08 -52.42 66.73
C LEU G 282 -27.40 -52.87 68.03
N ARG G 283 -28.08 -53.73 68.79
CA ARG G 283 -27.54 -54.30 70.02
C ARG G 283 -27.85 -55.79 70.07
N LYS G 284 -27.08 -56.54 70.87
CA LYS G 284 -27.29 -57.99 70.97
C LYS G 284 -28.42 -58.30 71.94
N ARG G 285 -29.18 -59.36 71.66
CA ARG G 285 -30.37 -59.71 72.43
C ARG G 285 -30.57 -61.23 72.50
N TRP G 286 -30.86 -61.73 73.70
CA TRP G 286 -31.15 -63.16 73.89
C TRP G 286 -32.57 -63.51 73.41
N VAL G 287 -32.69 -64.61 72.67
CA VAL G 287 -33.99 -65.14 72.25
C VAL G 287 -34.09 -66.64 72.48
N LYS G 288 -35.31 -67.15 72.51
CA LYS G 288 -35.57 -68.57 72.75
C LYS G 288 -35.73 -69.35 71.43
N VAL H 9 -9.77 -38.75 70.18
CA VAL H 9 -10.65 -37.77 70.88
C VAL H 9 -11.52 -38.45 71.94
N GLU H 10 -11.08 -38.40 73.19
CA GLU H 10 -11.85 -38.90 74.33
C GLU H 10 -12.32 -37.75 75.24
N VAL H 11 -13.64 -37.66 75.42
CA VAL H 11 -14.28 -36.55 76.13
C VAL H 11 -14.36 -36.80 77.63
N LEU H 12 -13.90 -35.82 78.42
CA LEU H 12 -13.91 -35.93 79.87
C LEU H 12 -14.92 -34.96 80.51
N SER H 13 -14.48 -34.22 81.53
CA SER H 13 -15.37 -33.35 82.30
C SER H 13 -15.43 -31.96 81.73
N VAL H 14 -16.54 -31.28 82.00
CA VAL H 14 -16.65 -29.85 81.77
C VAL H 14 -15.72 -29.13 82.75
N VAL H 15 -15.03 -28.11 82.27
CA VAL H 15 -14.21 -27.25 83.12
C VAL H 15 -15.12 -26.40 84.01
N THR H 16 -14.72 -26.24 85.26
CA THR H 16 -15.41 -25.36 86.21
C THR H 16 -14.55 -24.15 86.53
N GLY H 17 -15.17 -22.97 86.54
CA GLY H 17 -14.47 -21.74 86.87
C GLY H 17 -15.29 -20.48 86.61
N GLU H 18 -14.60 -19.35 86.58
CA GLU H 18 -15.23 -18.05 86.34
C GLU H 18 -15.44 -17.81 84.84
N ASP H 19 -14.34 -17.69 84.10
CA ASP H 19 -14.41 -17.42 82.66
C ASP H 19 -14.42 -18.70 81.83
N SER H 20 -15.24 -19.66 82.23
CA SER H 20 -15.35 -20.93 81.51
C SER H 20 -16.32 -20.86 80.32
N ILE H 21 -17.27 -19.94 80.39
CA ILE H 21 -18.28 -19.77 79.34
C ILE H 21 -18.08 -18.44 78.62
N THR H 22 -17.93 -18.51 77.29
CA THR H 22 -17.80 -17.32 76.46
C THR H 22 -18.76 -17.32 75.29
N GLN H 23 -18.99 -16.14 74.71
CA GLN H 23 -19.94 -15.97 73.61
C GLN H 23 -19.30 -15.30 72.41
N ILE H 24 -19.54 -15.84 71.22
CA ILE H 24 -19.05 -15.20 70.00
C ILE H 24 -20.21 -14.82 69.07
N GLU H 25 -20.11 -13.64 68.46
CA GLU H 25 -21.16 -13.20 67.54
C GLU H 25 -20.63 -12.70 66.20
N LEU H 26 -21.35 -13.06 65.12
CA LEU H 26 -20.97 -12.68 63.76
C LEU H 26 -22.17 -12.72 62.81
N TYR H 27 -21.98 -12.10 61.65
CA TYR H 27 -22.97 -12.16 60.59
C TYR H 27 -22.27 -12.55 59.30
N LEU H 28 -23.00 -13.20 58.41
CA LEU H 28 -22.46 -13.55 57.09
C LEU H 28 -23.36 -12.99 56.00
N ASN H 29 -22.78 -12.27 55.05
CA ASN H 29 -23.54 -11.80 53.89
C ASN H 29 -23.69 -12.87 52.82
N PRO H 30 -24.81 -12.86 52.06
CA PRO H 30 -25.07 -13.93 51.10
C PRO H 30 -24.08 -13.93 49.92
N ARG H 31 -23.87 -15.11 49.34
CA ARG H 31 -23.00 -15.26 48.17
C ARG H 31 -23.79 -15.84 47.00
N MET H 32 -24.58 -14.97 46.37
CA MET H 32 -25.60 -15.40 45.41
C MET H 32 -25.11 -15.50 43.97
N GLY H 33 -23.95 -14.90 43.69
CA GLY H 33 -23.42 -14.84 42.33
C GLY H 33 -22.60 -13.57 42.15
N VAL H 34 -23.21 -12.43 42.44
CA VAL H 34 -22.49 -11.18 42.61
C VAL H 34 -22.22 -11.08 44.11
N ASN H 35 -20.96 -11.32 44.49
CA ASN H 35 -20.59 -11.58 45.87
C ASN H 35 -19.81 -10.45 46.54
N SER H 36 -19.43 -9.44 45.77
CA SER H 36 -18.75 -8.28 46.33
C SER H 36 -19.50 -7.00 46.01
N PRO H 37 -19.56 -6.06 46.97
CA PRO H 37 -20.15 -4.76 46.68
C PRO H 37 -19.10 -3.72 46.29
N ASP H 38 -17.84 -4.16 46.14
CA ASP H 38 -16.73 -3.27 45.86
C ASP H 38 -16.39 -3.10 44.36
N LEU H 39 -16.89 -4.01 43.53
CA LEU H 39 -16.76 -3.91 42.07
C LEU H 39 -17.36 -2.60 41.55
N PRO H 40 -16.76 -2.00 40.51
CA PRO H 40 -17.08 -0.60 40.17
C PRO H 40 -18.41 -0.37 39.44
N THR H 41 -18.94 -1.41 38.79
CA THR H 41 -20.14 -1.28 37.96
C THR H 41 -21.20 -2.36 38.20
N THR H 42 -20.77 -3.63 38.21
CA THR H 42 -21.68 -4.77 38.32
C THR H 42 -22.20 -5.02 39.75
N SER H 43 -21.80 -4.16 40.69
CA SER H 43 -22.13 -4.34 42.11
C SER H 43 -23.57 -3.99 42.48
N ASN H 44 -24.32 -3.43 41.53
CA ASN H 44 -25.71 -3.07 41.73
CA ASN H 44 -25.71 -3.08 41.77
C ASN H 44 -26.62 -4.30 41.92
N TRP H 45 -26.08 -5.48 41.57
CA TRP H 45 -26.78 -6.76 41.80
C TRP H 45 -26.12 -7.58 42.92
N TYR H 46 -25.42 -6.90 43.82
CA TYR H 46 -24.97 -7.49 45.08
C TYR H 46 -26.15 -8.13 45.81
N THR H 47 -25.94 -9.37 46.27
CA THR H 47 -26.97 -10.24 46.90
C THR H 47 -28.01 -10.84 45.93
N TYR H 48 -27.69 -10.80 44.63
CA TYR H 48 -28.55 -11.35 43.58
C TYR H 48 -27.77 -12.22 42.61
N THR H 49 -28.47 -13.07 41.86
CA THR H 49 -27.88 -13.70 40.69
C THR H 49 -28.10 -12.81 39.45
N TYR H 50 -27.65 -13.29 38.30
CA TYR H 50 -28.01 -12.67 37.03
C TYR H 50 -29.32 -13.32 36.56
N ASP H 51 -29.67 -13.15 35.30
CA ASP H 51 -30.90 -13.75 34.79
C ASP H 51 -30.73 -15.26 34.54
N LEU H 52 -31.64 -16.05 35.10
CA LEU H 52 -31.55 -17.50 34.99
C LEU H 52 -32.44 -18.00 33.88
N GLN H 53 -31.84 -18.68 32.90
CA GLN H 53 -32.59 -19.21 31.75
C GLN H 53 -32.15 -20.59 31.29
N PRO H 54 -33.10 -21.42 30.82
CA PRO H 54 -32.74 -22.62 30.05
C PRO H 54 -32.17 -22.20 28.68
N LYS H 55 -30.97 -22.68 28.36
CA LYS H 55 -30.26 -22.32 27.13
C LYS H 55 -31.05 -22.67 25.87
N GLY H 56 -31.74 -23.81 25.90
CA GLY H 56 -32.51 -24.29 24.77
C GLY H 56 -31.78 -25.35 23.96
N SER H 57 -30.50 -25.56 24.26
CA SER H 57 -29.65 -26.49 23.52
C SER H 57 -28.48 -27.02 24.37
N SER H 58 -28.17 -28.30 24.19
CA SER H 58 -27.09 -28.99 24.89
C SER H 58 -25.71 -28.43 24.51
N PRO H 59 -24.81 -28.28 25.50
CA PRO H 59 -25.00 -28.45 26.94
C PRO H 59 -25.16 -27.12 27.71
N ASP H 60 -25.59 -27.20 28.96
CA ASP H 60 -25.70 -26.02 29.83
C ASP H 60 -24.30 -25.48 30.14
N GLN H 61 -24.12 -24.18 29.95
CA GLN H 61 -22.84 -23.54 30.25
C GLN H 61 -23.07 -22.34 31.16
N PRO H 62 -23.39 -22.59 32.44
CA PRO H 62 -23.77 -21.51 33.34
C PRO H 62 -22.58 -20.64 33.71
N ILE H 63 -22.81 -19.34 33.81
CA ILE H 63 -21.78 -18.41 34.28
C ILE H 63 -21.78 -18.42 35.81
N LYS H 64 -20.68 -17.96 36.41
CA LYS H 64 -20.53 -18.00 37.86
C LYS H 64 -21.53 -17.12 38.62
N GLU H 65 -21.94 -16.01 38.00
CA GLU H 65 -22.95 -15.10 38.57
C GLU H 65 -24.36 -15.72 38.76
N ASN H 66 -24.62 -16.86 38.11
CA ASN H 66 -25.88 -17.60 38.26
C ASN H 66 -25.74 -18.84 39.15
N LEU H 67 -24.69 -18.86 39.97
CA LEU H 67 -24.39 -20.01 40.84
C LEU H 67 -24.30 -19.62 42.31
N PRO H 68 -25.44 -19.65 43.03
CA PRO H 68 -25.40 -19.33 44.46
C PRO H 68 -24.55 -20.30 45.28
N ALA H 69 -23.72 -19.74 46.15
CA ALA H 69 -22.83 -20.56 46.98
C ALA H 69 -23.09 -20.41 48.48
N TYR H 70 -22.56 -21.33 49.26
CA TYR H 70 -22.65 -21.27 50.72
C TYR H 70 -21.75 -20.19 51.28
N SER H 71 -22.16 -19.59 52.40
CA SER H 71 -21.28 -18.69 53.15
C SER H 71 -20.58 -19.46 54.28
N VAL H 72 -19.33 -19.10 54.57
CA VAL H 72 -18.55 -19.77 55.61
C VAL H 72 -17.48 -18.85 56.20
N ALA H 73 -17.29 -18.93 57.51
CA ALA H 73 -16.23 -18.22 58.22
C ALA H 73 -15.62 -19.10 59.31
N ARG H 74 -14.31 -19.03 59.45
CA ARG H 74 -13.62 -19.64 60.58
C ARG H 74 -13.37 -18.56 61.62
N VAL H 75 -13.71 -18.86 62.86
CA VAL H 75 -13.54 -17.90 63.94
C VAL H 75 -12.50 -18.41 64.95
N SER H 76 -11.45 -17.62 65.14
CA SER H 76 -10.39 -17.91 66.12
C SER H 76 -10.86 -17.69 67.55
N LEU H 77 -10.70 -18.74 68.38
CA LEU H 77 -11.06 -18.67 69.79
C LEU H 77 -9.82 -18.39 70.63
N PRO H 78 -9.98 -17.70 71.78
CA PRO H 78 -8.85 -17.44 72.69
C PRO H 78 -8.17 -18.72 73.17
N MET H 79 -6.85 -18.68 73.30
CA MET H 79 -6.07 -19.87 73.61
C MET H 79 -6.21 -20.35 75.05
N LEU H 80 -6.33 -21.68 75.23
CA LEU H 80 -6.55 -22.29 76.54
C LEU H 80 -5.34 -23.04 77.07
N ASN H 81 -4.78 -23.91 76.22
CA ASN H 81 -3.61 -24.72 76.60
C ASN H 81 -2.30 -23.98 76.38
N GLU H 82 -1.65 -23.62 77.47
CA GLU H 82 -0.35 -22.97 77.41
C GLU H 82 0.80 -23.97 77.57
N ASP H 83 0.55 -25.19 77.08
CA ASP H 83 1.53 -26.26 76.95
C ASP H 83 0.90 -27.35 76.08
N ILE H 84 1.29 -27.43 74.82
CA ILE H 84 0.63 -28.28 73.83
C ILE H 84 1.07 -29.76 73.80
N THR H 85 2.08 -30.09 74.60
CA THR H 85 2.64 -31.46 74.62
C THR H 85 1.80 -32.45 75.44
N CYS H 86 0.88 -31.93 76.24
CA CYS H 86 0.08 -32.74 77.17
C CYS H 86 -0.87 -33.70 76.46
N ASP H 87 -1.14 -34.83 77.11
CA ASP H 87 -2.11 -35.81 76.61
C ASP H 87 -3.54 -35.32 76.86
N THR H 88 -3.70 -34.45 77.87
CA THR H 88 -5.00 -33.93 78.26
C THR H 88 -5.05 -32.41 78.14
N LEU H 89 -6.09 -31.95 77.43
CA LEU H 89 -6.18 -30.56 76.98
C LEU H 89 -7.59 -29.99 77.15
N GLN H 90 -7.68 -28.67 77.18
CA GLN H 90 -8.95 -27.95 77.18
C GLN H 90 -9.32 -27.51 75.76
N MET H 91 -10.52 -27.91 75.30
CA MET H 91 -11.09 -27.44 74.04
C MET H 91 -12.37 -26.64 74.30
N TRP H 92 -12.69 -25.72 73.39
CA TRP H 92 -13.98 -25.03 73.43
C TRP H 92 -15.07 -25.93 72.85
N GLU H 93 -16.21 -25.98 73.54
CA GLU H 93 -17.35 -26.80 73.16
C GLU H 93 -18.58 -25.91 72.93
N ALA H 94 -19.05 -25.88 71.68
CA ALA H 94 -20.25 -25.14 71.30
C ALA H 94 -21.49 -25.81 71.89
N ILE H 95 -22.28 -25.07 72.66
CA ILE H 95 -23.40 -25.71 73.36
C ILE H 95 -24.79 -25.22 72.95
N SER H 96 -24.84 -24.03 72.37
CA SER H 96 -26.09 -23.43 71.94
C SER H 96 -25.84 -22.27 71.00
N VAL H 97 -26.85 -21.94 70.20
CA VAL H 97 -26.76 -20.86 69.23
C VAL H 97 -28.08 -20.13 69.03
N LYS H 98 -28.03 -18.80 69.05
CA LYS H 98 -29.12 -17.97 68.55
C LYS H 98 -28.77 -17.57 67.12
N THR H 99 -29.65 -17.90 66.17
CA THR H 99 -29.43 -17.52 64.78
C THR H 99 -30.70 -16.93 64.16
N GLU H 100 -30.51 -15.97 63.26
CA GLU H 100 -31.62 -15.23 62.66
C GLU H 100 -31.24 -14.75 61.27
N VAL H 101 -32.21 -14.78 60.35
CA VAL H 101 -32.05 -14.17 59.03
C VAL H 101 -32.35 -12.67 59.11
N VAL H 102 -31.44 -11.86 58.59
CA VAL H 102 -31.53 -10.41 58.71
C VAL H 102 -32.06 -9.77 57.42
N GLY H 103 -32.98 -8.82 57.56
CA GLY H 103 -33.52 -8.07 56.43
C GLY H 103 -34.85 -8.58 55.90
N ILE H 104 -35.54 -9.41 56.67
CA ILE H 104 -36.79 -10.02 56.24
C ILE H 104 -37.86 -8.96 55.86
N SER H 105 -37.94 -7.89 56.65
CA SER H 105 -38.90 -6.81 56.38
C SER H 105 -38.71 -6.09 55.03
N SER H 106 -37.53 -6.23 54.43
CA SER H 106 -37.27 -5.56 53.15
C SER H 106 -38.08 -6.21 52.02
N LEU H 107 -38.53 -7.44 52.24
CA LEU H 107 -39.24 -8.17 51.21
C LEU H 107 -40.70 -7.73 51.02
N ILE H 108 -41.18 -6.81 51.86
CA ILE H 108 -42.52 -6.23 51.64
C ILE H 108 -42.54 -5.21 50.49
N ASN H 109 -41.36 -4.78 50.07
CA ASN H 109 -41.22 -3.84 48.93
C ASN H 109 -41.82 -4.44 47.65
N VAL H 110 -42.86 -3.80 47.14
CA VAL H 110 -43.50 -4.27 45.89
C VAL H 110 -43.49 -3.20 44.80
N HIS H 111 -42.55 -2.27 44.92
CA HIS H 111 -42.46 -1.11 44.01
C HIS H 111 -41.03 -0.91 43.48
N TYR H 112 -40.31 -2.01 43.29
CA TYR H 112 -39.05 -1.95 42.56
C TYR H 112 -39.37 -1.43 41.15
N TRP H 113 -38.59 -0.46 40.69
CA TRP H 113 -38.91 0.29 39.48
C TRP H 113 -39.07 -0.57 38.22
N ASP H 114 -38.53 -1.79 38.23
CA ASP H 114 -38.54 -2.66 37.05
C ASP H 114 -39.23 -4.00 37.33
N MET H 115 -40.10 -4.03 38.35
CA MET H 115 -40.85 -5.21 38.75
C MET H 115 -42.02 -5.52 37.81
N LYS H 116 -42.19 -6.79 37.49
CA LYS H 116 -43.32 -7.28 36.74
C LYS H 116 -44.58 -7.13 37.58
N ARG H 117 -45.69 -6.72 36.97
CA ARG H 117 -46.94 -6.56 37.70
C ARG H 117 -47.70 -7.88 37.80
N VAL H 118 -48.54 -8.01 38.84
CA VAL H 118 -49.40 -9.18 38.97
C VAL H 118 -50.48 -9.14 37.88
N HIS H 119 -50.95 -7.94 37.54
CA HIS H 119 -51.88 -7.67 36.44
C HIS H 119 -51.79 -6.18 36.10
N ASP H 120 -52.42 -5.75 35.01
CA ASP H 120 -52.40 -4.34 34.59
C ASP H 120 -52.69 -3.38 35.74
N TYR H 121 -51.82 -2.38 35.92
CA TYR H 121 -51.97 -1.30 36.91
C TYR H 121 -51.66 -1.70 38.36
N GLY H 122 -51.51 -3.00 38.62
CA GLY H 122 -51.27 -3.51 39.97
C GLY H 122 -49.85 -3.33 40.47
N ALA H 123 -49.62 -3.78 41.71
CA ALA H 123 -48.30 -3.77 42.34
C ALA H 123 -47.36 -4.82 41.75
N GLY H 124 -46.08 -4.71 42.11
CA GLY H 124 -45.06 -5.68 41.69
C GLY H 124 -45.33 -7.03 42.32
N ILE H 125 -44.93 -8.10 41.63
CA ILE H 125 -44.95 -9.44 42.24
C ILE H 125 -43.85 -9.46 43.30
N PRO H 126 -44.22 -9.79 44.56
CA PRO H 126 -43.23 -9.81 45.66
C PRO H 126 -42.22 -10.95 45.54
N VAL H 127 -41.04 -10.76 46.12
CA VAL H 127 -39.96 -11.78 46.07
C VAL H 127 -40.49 -13.10 46.62
N SER H 128 -40.38 -14.16 45.82
CA SER H 128 -41.05 -15.44 46.11
C SER H 128 -40.56 -16.56 45.20
N GLY H 129 -41.07 -17.77 45.39
CA GLY H 129 -40.60 -18.93 44.63
C GLY H 129 -39.68 -19.83 45.42
N VAL H 130 -38.51 -20.13 44.84
CA VAL H 130 -37.57 -21.08 45.43
C VAL H 130 -36.92 -20.55 46.70
N ASN H 131 -36.96 -21.39 47.74
CA ASN H 131 -36.25 -21.11 48.99
C ASN H 131 -35.32 -22.24 49.41
N TYR H 132 -34.13 -21.88 49.86
CA TYR H 132 -33.17 -22.82 50.43
C TYR H 132 -32.54 -22.17 51.65
N HIS H 133 -32.72 -22.82 52.80
CA HIS H 133 -32.20 -22.32 54.05
C HIS H 133 -31.47 -23.41 54.80
N MET H 134 -30.22 -23.12 55.17
CA MET H 134 -29.42 -24.00 56.01
C MET H 134 -28.45 -23.19 56.86
N PHE H 135 -28.13 -23.71 58.04
CA PHE H 135 -26.99 -23.23 58.81
C PHE H 135 -26.29 -24.40 59.48
N ALA H 136 -25.01 -24.18 59.82
CA ALA H 136 -24.19 -25.20 60.45
C ALA H 136 -23.16 -24.58 61.41
N ILE H 137 -22.94 -25.29 62.52
CA ILE H 137 -21.91 -24.97 63.52
C ILE H 137 -21.09 -26.24 63.73
N GLY H 138 -19.76 -26.12 63.60
CA GLY H 138 -18.84 -27.25 63.79
C GLY H 138 -17.49 -26.91 64.40
N GLY H 139 -16.77 -27.96 64.81
CA GLY H 139 -15.41 -27.79 65.33
C GLY H 139 -14.31 -27.97 64.27
N GLU H 140 -14.75 -27.94 63.00
CA GLU H 140 -13.94 -28.21 61.81
C GLU H 140 -14.87 -27.96 60.61
N PRO H 141 -14.32 -27.87 59.37
CA PRO H 141 -15.14 -27.57 58.19
C PRO H 141 -16.25 -28.59 57.93
N LEU H 142 -17.35 -28.13 57.34
CA LEU H 142 -18.47 -29.00 56.99
C LEU H 142 -18.11 -29.96 55.85
N ASP H 143 -18.43 -31.24 56.02
CA ASP H 143 -18.24 -32.25 54.97
C ASP H 143 -19.35 -32.17 53.92
N LEU H 144 -18.97 -32.19 52.65
CA LEU H 144 -19.91 -32.01 51.54
C LEU H 144 -20.01 -33.21 50.62
N GLN H 145 -21.22 -33.51 50.16
CA GLN H 145 -21.42 -34.56 49.14
C GLN H 145 -21.83 -33.89 47.84
N GLY H 146 -21.27 -34.33 46.72
CA GLY H 146 -21.61 -33.76 45.41
C GLY H 146 -22.73 -34.53 44.72
N LEU H 147 -23.71 -33.79 44.20
CA LEU H 147 -24.79 -34.36 43.41
C LEU H 147 -25.46 -33.30 42.55
N VAL H 148 -25.57 -33.55 41.25
CA VAL H 148 -26.16 -32.58 40.33
C VAL H 148 -27.41 -33.10 39.62
N LEU H 149 -28.26 -32.15 39.20
CA LEU H 149 -29.44 -32.45 38.38
C LEU H 149 -29.06 -33.07 37.02
N ASP H 150 -28.06 -32.47 36.37
CA ASP H 150 -27.59 -32.92 35.05
C ASP H 150 -26.07 -33.06 35.00
N TYR H 151 -25.58 -34.30 34.84
CA TYR H 151 -24.14 -34.59 34.86
C TYR H 151 -23.39 -33.92 33.70
N GLN H 152 -24.12 -33.56 32.66
CA GLN H 152 -23.56 -32.96 31.44
C GLN H 152 -23.35 -31.45 31.55
N THR H 153 -23.71 -30.85 32.68
CA THR H 153 -23.52 -29.42 32.89
C THR H 153 -22.03 -29.09 32.85
N GLN H 154 -21.67 -28.06 32.10
CA GLN H 154 -20.29 -27.60 32.07
C GLN H 154 -20.09 -26.37 32.96
N TYR H 155 -19.78 -26.62 34.24
CA TYR H 155 -19.48 -25.54 35.18
C TYR H 155 -18.16 -24.85 34.81
N PRO H 156 -18.06 -23.52 34.97
CA PRO H 156 -16.81 -22.80 34.67
C PRO H 156 -15.63 -23.37 35.45
N LYS H 157 -14.45 -23.41 34.83
CA LYS H 157 -13.28 -23.99 35.49
C LYS H 157 -12.70 -23.12 36.62
N THR H 158 -12.37 -23.78 37.74
CA THR H 158 -11.80 -23.12 38.92
C THR H 158 -10.55 -22.29 38.60
N THR H 159 -9.69 -22.83 37.73
CA THR H 159 -8.47 -22.15 37.31
C THR H 159 -8.71 -20.85 36.53
N ASN H 160 -9.92 -20.70 35.99
CA ASN H 160 -10.31 -19.46 35.28
C ASN H 160 -11.12 -18.48 36.14
N GLY H 161 -11.01 -18.62 37.46
CA GLY H 161 -11.76 -17.79 38.40
C GLY H 161 -13.13 -18.36 38.74
N GLY H 162 -13.34 -19.63 38.40
CA GLY H 162 -14.62 -20.32 38.65
C GLY H 162 -14.70 -21.01 40.02
N PRO H 163 -15.88 -21.57 40.33
CA PRO H 163 -16.12 -22.22 41.63
C PRO H 163 -15.53 -23.62 41.66
N ILE H 164 -15.67 -24.30 42.80
CA ILE H 164 -15.22 -25.67 42.95
C ILE H 164 -16.42 -26.59 42.78
N THR H 165 -16.31 -27.51 41.82
CA THR H 165 -17.40 -28.44 41.54
C THR H 165 -16.89 -29.88 41.50
N ILE H 166 -17.77 -30.82 41.20
CA ILE H 166 -17.42 -32.25 41.21
C ILE H 166 -16.20 -32.54 40.30
N GLU H 167 -16.15 -31.88 39.14
CA GLU H 167 -15.01 -32.03 38.23
C GLU H 167 -13.68 -31.62 38.86
N THR H 168 -13.67 -30.46 39.53
CA THR H 168 -12.47 -29.95 40.20
C THR H 168 -11.87 -30.96 41.18
N VAL H 169 -12.72 -31.65 41.94
CA VAL H 169 -12.21 -32.59 42.94
C VAL H 169 -11.89 -33.98 42.34
N LEU H 170 -12.66 -34.42 41.35
CA LEU H 170 -12.40 -35.69 40.66
C LEU H 170 -11.18 -35.64 39.71
N GLY H 171 -10.89 -34.47 39.16
CA GLY H 171 -9.81 -34.33 38.18
C GLY H 171 -10.23 -34.69 36.75
N ARG H 172 -11.36 -35.38 36.62
CA ARG H 172 -11.93 -35.77 35.32
C ARG H 172 -13.40 -35.33 35.23
N LYS H 173 -14.00 -35.51 34.06
CA LYS H 173 -15.38 -35.11 33.84
C LYS H 173 -16.36 -35.99 34.64
N MET H 174 -17.54 -35.44 34.92
CA MET H 174 -18.60 -36.17 35.60
C MET H 174 -19.11 -37.33 34.72
N THR H 175 -19.74 -38.31 35.36
CA THR H 175 -20.42 -39.37 34.64
C THR H 175 -21.87 -39.45 35.12
N PRO H 176 -22.74 -40.18 34.41
CA PRO H 176 -24.14 -40.35 34.80
C PRO H 176 -24.36 -40.69 36.28
N LYS H 177 -23.37 -41.28 36.94
CA LYS H 177 -23.51 -41.69 38.33
C LYS H 177 -23.50 -40.51 39.32
N ASN H 178 -23.08 -39.33 38.85
CA ASN H 178 -23.12 -38.09 39.64
C ASN H 178 -24.50 -37.39 39.63
N GLN H 179 -25.50 -38.07 39.07
CA GLN H 179 -26.90 -37.69 39.23
C GLN H 179 -27.43 -38.43 40.46
N GLY H 180 -26.64 -39.39 40.94
CA GLY H 180 -26.90 -40.13 42.18
C GLY H 180 -25.79 -39.90 43.19
N LEU H 181 -25.70 -40.77 44.19
CA LEU H 181 -24.68 -40.65 45.22
C LEU H 181 -23.40 -41.38 44.80
N ASP H 182 -22.35 -40.59 44.59
CA ASP H 182 -21.01 -41.09 44.23
C ASP H 182 -20.04 -40.82 45.37
N PRO H 183 -19.58 -41.89 46.05
CA PRO H 183 -18.69 -41.78 47.22
C PRO H 183 -17.40 -40.99 46.95
N GLN H 184 -16.98 -40.92 45.69
CA GLN H 184 -15.77 -40.16 45.34
C GLN H 184 -16.01 -38.65 45.23
N ALA H 185 -17.28 -38.26 45.10
CA ALA H 185 -17.63 -36.85 44.92
C ALA H 185 -17.79 -36.14 46.27
N LYS H 186 -16.67 -35.89 46.93
CA LYS H 186 -16.68 -35.32 48.28
C LYS H 186 -15.78 -34.09 48.42
N ALA H 187 -16.13 -33.20 49.35
CA ALA H 187 -15.34 -32.00 49.61
C ALA H 187 -15.60 -31.42 51.01
N LYS H 188 -14.94 -30.30 51.29
CA LYS H 188 -15.06 -29.63 52.58
C LYS H 188 -15.31 -28.15 52.33
N LEU H 189 -16.25 -27.59 53.06
CA LEU H 189 -16.62 -26.19 52.89
C LEU H 189 -15.56 -25.32 53.57
N ASP H 190 -14.53 -24.93 52.80
CA ASP H 190 -13.40 -24.17 53.34
C ASP H 190 -13.25 -22.74 52.78
N LYS H 191 -13.98 -22.41 51.72
CA LYS H 191 -14.00 -21.04 51.20
C LYS H 191 -15.41 -20.50 50.96
N ASP H 192 -15.58 -19.24 51.35
CA ASP H 192 -16.81 -18.48 51.14
C ASP H 192 -17.04 -18.21 49.65
N GLY H 193 -18.28 -18.39 49.19
CA GLY H 193 -18.62 -18.18 47.77
C GLY H 193 -17.68 -18.89 46.80
N ASN H 194 -17.72 -20.22 46.82
CA ASN H 194 -16.87 -21.07 45.97
C ASN H 194 -17.47 -22.43 45.75
N TYR H 195 -18.32 -22.86 46.67
CA TYR H 195 -19.02 -24.14 46.61
C TYR H 195 -20.52 -23.93 46.30
N PRO H 196 -20.92 -24.08 45.02
CA PRO H 196 -22.31 -23.86 44.63
C PRO H 196 -23.29 -24.77 45.36
N ILE H 197 -24.41 -24.17 45.77
CA ILE H 197 -25.49 -24.88 46.45
C ILE H 197 -26.05 -26.03 45.58
N GLU H 198 -26.14 -25.81 44.26
CA GLU H 198 -26.75 -26.80 43.36
C GLU H 198 -25.84 -28.01 43.10
N VAL H 199 -24.58 -27.92 43.51
CA VAL H 199 -23.63 -29.02 43.37
C VAL H 199 -23.41 -29.78 44.69
N TRP H 200 -23.28 -29.02 45.78
CA TRP H 200 -22.92 -29.59 47.08
C TRP H 200 -24.01 -29.52 48.18
N CYS H 201 -24.32 -30.68 48.77
CA CYS H 201 -25.14 -30.73 49.98
C CYS H 201 -24.27 -31.20 51.15
N PRO H 202 -24.75 -31.08 52.39
CA PRO H 202 -23.92 -31.58 53.51
C PRO H 202 -23.89 -33.12 53.58
N ASP H 203 -22.72 -33.66 53.89
CA ASP H 203 -22.49 -35.12 53.85
C ASP H 203 -22.93 -35.84 55.15
N PRO H 204 -24.03 -36.61 55.07
CA PRO H 204 -24.57 -37.28 56.27
C PRO H 204 -23.77 -38.51 56.71
N SER H 205 -22.79 -38.94 55.92
CA SER H 205 -21.97 -40.08 56.30
C SER H 205 -20.76 -39.65 57.12
N LYS H 206 -20.55 -38.34 57.23
CA LYS H 206 -19.45 -37.78 58.02
C LYS H 206 -20.00 -36.82 59.07
N ASN H 207 -19.41 -35.63 59.18
CA ASN H 207 -19.90 -34.53 60.04
C ASN H 207 -20.26 -34.93 61.50
N GLU H 208 -19.38 -35.66 62.16
CA GLU H 208 -19.66 -36.09 63.53
C GLU H 208 -19.41 -34.96 64.52
N ASN H 209 -18.60 -33.99 64.10
CA ASN H 209 -18.22 -32.86 64.93
C ASN H 209 -18.83 -31.55 64.43
N SER H 210 -19.98 -31.66 63.74
CA SER H 210 -20.73 -30.49 63.26
C SER H 210 -22.23 -30.71 63.45
N ARG H 211 -22.99 -29.62 63.54
CA ARG H 211 -24.45 -29.73 63.54
C ARG H 211 -25.00 -28.86 62.42
N TYR H 212 -25.84 -29.45 61.57
CA TYR H 212 -26.46 -28.69 60.46
C TYR H 212 -27.98 -28.88 60.40
N TYR H 213 -28.67 -27.84 59.93
CA TYR H 213 -30.13 -27.83 59.84
C TYR H 213 -30.53 -27.12 58.55
N GLY H 214 -31.33 -27.77 57.73
CA GLY H 214 -31.82 -27.14 56.51
C GLY H 214 -33.16 -27.57 55.94
N SER H 215 -33.63 -26.79 54.98
CA SER H 215 -34.85 -27.08 54.23
C SER H 215 -34.81 -26.49 52.81
N ILE H 216 -35.73 -26.99 51.99
CA ILE H 216 -36.00 -26.44 50.66
C ILE H 216 -37.49 -26.29 50.40
N GLN H 217 -37.81 -25.36 49.50
CA GLN H 217 -39.15 -25.14 48.98
C GLN H 217 -39.01 -24.80 47.48
N THR H 218 -39.56 -25.65 46.60
CA THR H 218 -39.54 -25.39 45.15
C THR H 218 -40.88 -24.80 44.69
N GLY H 219 -41.06 -24.59 43.38
CA GLY H 219 -42.21 -23.87 42.85
C GLY H 219 -41.85 -22.47 42.37
N SER H 220 -42.72 -21.86 41.57
CA SER H 220 -42.40 -20.63 40.83
C SER H 220 -42.66 -19.33 41.61
N GLN H 221 -43.83 -19.24 42.24
CA GLN H 221 -44.24 -18.04 42.95
C GLN H 221 -44.71 -18.37 44.36
N THR H 222 -44.22 -19.50 44.87
CA THR H 222 -44.55 -20.00 46.20
C THR H 222 -44.20 -18.96 47.29
N PRO H 223 -45.15 -18.72 48.23
CA PRO H 223 -44.94 -17.72 49.26
C PRO H 223 -43.67 -17.98 50.03
N THR H 224 -42.87 -16.93 50.25
CA THR H 224 -41.74 -16.98 51.15
C THR H 224 -42.29 -16.77 52.56
N VAL H 225 -42.20 -17.79 53.41
CA VAL H 225 -42.72 -17.71 54.78
C VAL H 225 -41.58 -17.88 55.81
N LEU H 226 -41.22 -16.77 56.46
CA LEU H 226 -40.08 -16.77 57.38
C LEU H 226 -40.42 -16.14 58.73
N GLN H 227 -39.76 -16.62 59.78
CA GLN H 227 -39.91 -16.09 61.15
C GLN H 227 -38.61 -15.48 61.68
N PHE H 228 -38.76 -14.61 62.66
CA PHE H 228 -37.61 -14.08 63.40
C PHE H 228 -38.02 -13.75 64.83
N SER H 229 -37.14 -14.09 65.77
CA SER H 229 -37.35 -13.82 67.18
C SER H 229 -36.04 -14.02 67.93
N ASN H 230 -35.70 -13.07 68.80
CA ASN H 230 -34.48 -13.18 69.62
C ASN H 230 -34.68 -14.02 70.87
N THR H 231 -35.76 -14.79 70.92
CA THR H 231 -36.02 -15.72 72.03
C THR H 231 -35.83 -17.19 71.63
N LEU H 232 -35.42 -17.44 70.39
CA LEU H 232 -35.25 -18.82 69.91
C LEU H 232 -33.81 -19.32 70.02
N THR H 233 -33.62 -20.46 70.68
CA THR H 233 -32.29 -21.00 70.91
C THR H 233 -32.19 -22.45 70.41
N THR H 234 -31.13 -22.74 69.67
CA THR H 234 -30.84 -24.10 69.25
C THR H 234 -29.82 -24.74 70.18
N VAL H 235 -30.17 -25.85 70.81
CA VAL H 235 -29.23 -26.60 71.64
C VAL H 235 -28.37 -27.47 70.73
N LEU H 236 -27.05 -27.37 70.88
CA LEU H 236 -26.09 -28.03 69.97
C LEU H 236 -25.53 -29.36 70.48
N LEU H 237 -25.94 -29.78 71.68
CA LEU H 237 -25.45 -31.03 72.27
C LEU H 237 -26.03 -32.26 71.58
N ASP H 238 -25.22 -33.30 71.40
CA ASP H 238 -25.72 -34.56 70.90
C ASP H 238 -26.41 -35.34 72.02
N GLU H 239 -26.79 -36.57 71.70
CA GLU H 239 -27.52 -37.46 72.62
C GLU H 239 -26.73 -37.84 73.88
N ASN H 240 -25.40 -37.80 73.79
CA ASN H 240 -24.53 -37.95 74.96
C ASN H 240 -24.19 -36.63 75.67
N GLY H 241 -24.81 -35.53 75.25
CA GLY H 241 -24.61 -34.24 75.90
C GLY H 241 -23.30 -33.57 75.57
N VAL H 242 -22.76 -33.87 74.40
CA VAL H 242 -21.50 -33.32 73.94
C VAL H 242 -21.72 -32.54 72.64
N GLY H 243 -21.29 -31.28 72.62
CA GLY H 243 -21.39 -30.45 71.44
C GLY H 243 -20.15 -30.56 70.55
N PRO H 244 -20.13 -29.79 69.44
CA PRO H 244 -18.92 -29.72 68.62
C PRO H 244 -17.70 -29.23 69.42
N LEU H 245 -16.57 -29.93 69.26
CA LEU H 245 -15.31 -29.58 69.93
C LEU H 245 -14.36 -28.91 68.93
N CYS H 246 -13.88 -27.72 69.28
CA CYS H 246 -13.08 -26.91 68.37
C CYS H 246 -11.62 -27.30 68.34
N LYS H 247 -11.23 -27.98 67.26
CA LYS H 247 -9.85 -28.41 67.04
C LYS H 247 -9.02 -27.22 66.60
N GLY H 248 -7.87 -27.01 67.25
CA GLY H 248 -7.00 -25.89 66.95
C GLY H 248 -7.65 -24.53 67.21
N ASP H 249 -8.60 -24.50 68.15
CA ASP H 249 -9.26 -23.27 68.58
C ASP H 249 -9.95 -22.54 67.43
N GLY H 250 -10.51 -23.33 66.52
CA GLY H 250 -11.21 -22.82 65.35
C GLY H 250 -12.67 -23.25 65.34
N LEU H 251 -13.55 -22.26 65.17
CA LEU H 251 -14.99 -22.49 65.10
C LEU H 251 -15.54 -22.18 63.71
N PHE H 252 -16.12 -23.20 63.08
CA PHE H 252 -16.61 -23.12 61.70
C PHE H 252 -18.11 -22.89 61.60
N ILE H 253 -18.48 -21.77 60.98
CA ILE H 253 -19.88 -21.37 60.81
C ILE H 253 -20.21 -21.30 59.32
N SER H 254 -21.33 -21.94 58.94
CA SER H 254 -21.75 -22.10 57.55
C SER H 254 -23.25 -21.86 57.37
N CYS H 255 -23.65 -21.34 56.21
CA CYS H 255 -25.07 -21.11 55.92
C CYS H 255 -25.39 -20.78 54.46
N ALA H 256 -26.68 -20.73 54.16
CA ALA H 256 -27.22 -20.37 52.86
C ALA H 256 -28.67 -19.98 53.08
N ASP H 257 -29.06 -18.82 52.53
CA ASP H 257 -30.44 -18.32 52.69
C ASP H 257 -31.00 -17.69 51.43
N ILE H 258 -31.48 -18.53 50.53
CA ILE H 258 -32.16 -18.09 49.31
C ILE H 258 -33.64 -17.84 49.62
N VAL H 259 -34.10 -16.61 49.38
CA VAL H 259 -35.47 -16.19 49.73
C VAL H 259 -36.44 -16.00 48.54
N GLY H 260 -35.99 -16.24 47.32
CA GLY H 260 -36.91 -16.21 46.17
C GLY H 260 -36.39 -15.50 44.94
N PHE H 261 -37.28 -15.30 43.98
CA PHE H 261 -36.97 -14.61 42.71
C PHE H 261 -37.37 -13.13 42.74
N LEU H 262 -36.56 -12.29 42.13
CA LEU H 262 -37.00 -10.94 41.75
C LEU H 262 -37.54 -11.00 40.31
N PHE H 263 -38.84 -10.73 40.15
CA PHE H 263 -39.48 -10.76 38.83
C PHE H 263 -39.36 -9.44 38.11
N LYS H 264 -38.69 -9.45 36.96
CA LYS H 264 -38.43 -8.25 36.16
C LYS H 264 -39.45 -8.07 35.05
N THR H 265 -39.67 -6.81 34.65
CA THR H 265 -40.68 -6.42 33.63
C THR H 265 -40.71 -7.30 32.36
N SER H 266 -39.53 -7.67 31.85
CA SER H 266 -39.44 -8.43 30.60
C SER H 266 -39.80 -9.92 30.77
N GLY H 267 -39.88 -10.37 32.01
CA GLY H 267 -40.12 -11.78 32.32
C GLY H 267 -38.89 -12.49 32.81
N LYS H 268 -37.74 -11.81 32.76
CA LYS H 268 -36.49 -12.34 33.31
C LYS H 268 -36.53 -12.40 34.83
N MET H 269 -35.80 -13.37 35.39
CA MET H 269 -35.84 -13.67 36.82
C MET H 269 -34.44 -13.85 37.42
N ALA H 270 -34.26 -13.39 38.65
CA ALA H 270 -33.01 -13.57 39.39
C ALA H 270 -33.30 -14.01 40.82
N LEU H 271 -32.55 -14.98 41.32
CA LEU H 271 -32.65 -15.39 42.71
C LEU H 271 -32.07 -14.35 43.64
N HIS H 272 -32.63 -14.25 44.84
CA HIS H 272 -32.21 -13.29 45.86
C HIS H 272 -31.87 -13.97 47.17
N GLY H 273 -30.95 -13.39 47.93
CA GLY H 273 -30.54 -13.94 49.22
C GLY H 273 -30.42 -12.90 50.31
N LEU H 274 -30.51 -13.37 51.56
CA LEU H 274 -30.42 -12.52 52.74
C LEU H 274 -29.30 -12.96 53.70
N PRO H 275 -28.72 -12.01 54.44
CA PRO H 275 -27.67 -12.33 55.42
C PRO H 275 -28.20 -13.03 56.66
N ARG H 276 -27.30 -13.65 57.43
CA ARG H 276 -27.68 -14.37 58.64
C ARG H 276 -26.79 -14.00 59.84
N TYR H 277 -27.42 -13.78 61.00
CA TYR H 277 -26.69 -13.49 62.25
C TYR H 277 -26.51 -14.72 63.14
N PHE H 278 -25.40 -14.75 63.89
CA PHE H 278 -25.09 -15.86 64.79
C PHE H 278 -24.59 -15.38 66.17
N ASN H 279 -25.05 -16.06 67.22
CA ASN H 279 -24.50 -15.93 68.56
C ASN H 279 -24.33 -17.29 69.23
N VAL H 280 -23.09 -17.77 69.25
CA VAL H 280 -22.77 -19.09 69.76
C VAL H 280 -22.24 -18.99 71.18
N THR H 281 -22.80 -19.80 72.08
CA THR H 281 -22.27 -19.96 73.43
C THR H 281 -21.39 -21.22 73.45
N LEU H 282 -20.17 -21.07 73.95
CA LEU H 282 -19.26 -22.19 74.12
C LEU H 282 -18.82 -22.33 75.56
N ARG H 283 -18.47 -23.55 75.96
CA ARG H 283 -17.88 -23.80 77.27
C ARG H 283 -16.56 -24.57 77.12
N LYS H 284 -15.78 -24.64 78.20
CA LYS H 284 -14.52 -25.37 78.17
C LYS H 284 -14.73 -26.83 78.56
N ARG H 285 -14.03 -27.74 77.87
CA ARG H 285 -14.15 -29.17 78.14
C ARG H 285 -12.79 -29.85 78.12
N TRP H 286 -12.57 -30.77 79.05
CA TRP H 286 -11.35 -31.56 79.07
C TRP H 286 -11.47 -32.72 78.09
N VAL H 287 -10.37 -33.00 77.39
CA VAL H 287 -10.30 -34.10 76.41
C VAL H 287 -8.95 -34.84 76.45
N LYS H 288 -8.98 -36.11 76.10
CA LYS H 288 -7.76 -36.91 75.97
C LYS H 288 -7.65 -37.51 74.57
N VAL I 9 -26.39 -3.96 84.29
CA VAL I 9 -26.52 -3.98 85.78
C VAL I 9 -26.67 -5.42 86.32
N GLU I 10 -26.35 -5.60 87.60
CA GLU I 10 -26.51 -6.88 88.29
C GLU I 10 -27.94 -7.03 88.86
N VAL I 11 -28.60 -8.15 88.51
CA VAL I 11 -29.97 -8.40 88.92
C VAL I 11 -30.01 -9.11 90.27
N LEU I 12 -30.88 -8.65 91.16
CA LEU I 12 -31.04 -9.28 92.47
C LEU I 12 -32.39 -10.00 92.60
N SER I 13 -32.99 -9.95 93.78
CA SER I 13 -34.20 -10.72 94.06
C SER I 13 -35.49 -9.98 93.68
N VAL I 14 -36.54 -10.75 93.44
CA VAL I 14 -37.89 -10.27 93.23
C VAL I 14 -38.40 -9.64 94.52
N VAL I 15 -39.00 -8.46 94.41
CA VAL I 15 -39.62 -7.79 95.56
C VAL I 15 -40.94 -8.47 95.92
N THR I 16 -41.13 -8.71 97.22
CA THR I 16 -42.37 -9.29 97.74
C THR I 16 -43.16 -8.28 98.57
N GLY I 17 -44.49 -8.36 98.49
CA GLY I 17 -45.37 -7.42 99.17
C GLY I 17 -46.77 -7.39 98.57
N GLU I 18 -47.56 -6.38 98.95
CA GLU I 18 -48.95 -6.26 98.46
C GLU I 18 -48.99 -5.78 97.01
N ASP I 19 -48.36 -4.65 96.73
CA ASP I 19 -48.43 -4.02 95.41
C ASP I 19 -47.13 -4.21 94.60
N SER I 20 -46.66 -5.45 94.52
CA SER I 20 -45.45 -5.78 93.78
C SER I 20 -45.75 -6.15 92.32
N ILE I 21 -47.03 -6.31 91.99
CA ILE I 21 -47.48 -6.67 90.64
C ILE I 21 -48.38 -5.58 90.05
N THR I 22 -48.12 -5.18 88.81
CA THR I 22 -48.98 -4.23 88.12
C THR I 22 -49.27 -4.64 86.67
N GLN I 23 -50.33 -4.07 86.10
CA GLN I 23 -50.69 -4.31 84.71
C GLN I 23 -50.81 -3.04 83.88
N ILE I 24 -50.24 -3.10 82.68
CA ILE I 24 -50.28 -2.01 81.71
C ILE I 24 -51.04 -2.52 80.49
N GLU I 25 -52.13 -1.83 80.15
CA GLU I 25 -52.86 -2.15 78.92
C GLU I 25 -52.96 -0.94 77.99
N LEU I 26 -52.96 -1.21 76.68
CA LEU I 26 -53.07 -0.18 75.65
C LEU I 26 -53.25 -0.82 74.29
N TYR I 27 -53.36 0.02 73.27
CA TYR I 27 -53.44 -0.43 71.89
C TYR I 27 -52.63 0.52 70.99
N LEU I 28 -52.20 -0.01 69.84
CA LEU I 28 -51.54 0.80 68.81
C LEU I 28 -52.27 0.67 67.47
N ASN I 29 -52.69 1.81 66.90
CA ASN I 29 -53.32 1.84 65.58
C ASN I 29 -52.28 1.81 64.45
N PRO I 30 -52.61 1.15 63.32
CA PRO I 30 -51.62 0.95 62.25
C PRO I 30 -51.10 2.25 61.64
N ARG I 31 -49.88 2.20 61.11
CA ARG I 31 -49.28 3.33 60.43
C ARG I 31 -48.87 2.93 59.01
N MET I 32 -49.86 2.83 58.12
CA MET I 32 -49.68 2.24 56.79
C MET I 32 -49.18 3.21 55.72
N GLY I 33 -49.47 4.50 55.90
CA GLY I 33 -49.09 5.51 54.92
C GLY I 33 -49.92 6.78 55.11
N VAL I 34 -51.23 6.60 55.21
CA VAL I 34 -52.13 7.64 55.68
C VAL I 34 -52.37 7.30 57.15
N ASN I 35 -51.68 8.02 58.03
CA ASN I 35 -51.54 7.65 59.44
C ASN I 35 -52.41 8.44 60.41
N SER I 36 -53.30 9.28 59.86
CA SER I 36 -54.16 10.14 60.68
C SER I 36 -55.62 10.04 60.22
N PRO I 37 -56.56 9.93 61.19
CA PRO I 37 -57.99 9.94 60.88
C PRO I 37 -58.63 11.33 60.88
N ASP I 38 -57.84 12.38 61.12
CA ASP I 38 -58.39 13.71 61.42
C ASP I 38 -58.33 14.71 60.26
N LEU I 39 -58.88 14.33 59.10
CA LEU I 39 -58.91 15.20 57.92
C LEU I 39 -60.24 15.09 57.16
N THR I 42 -58.68 14.24 53.71
CA THR I 42 -58.44 12.99 52.98
C THR I 42 -57.97 11.84 53.90
N SER I 43 -58.66 11.72 55.04
CA SER I 43 -58.42 10.62 55.97
C SER I 43 -59.23 9.39 55.56
N ASN I 44 -59.74 9.41 54.33
CA ASN I 44 -60.57 8.32 53.83
CA ASN I 44 -60.56 8.34 53.78
C ASN I 44 -59.82 7.01 53.75
N TRP I 45 -58.50 7.08 53.59
CA TRP I 45 -57.65 5.90 53.44
C TRP I 45 -56.74 5.60 54.65
N TYR I 46 -57.18 6.04 55.82
CA TYR I 46 -56.48 5.75 57.07
C TYR I 46 -56.53 4.23 57.33
N THR I 47 -55.36 3.67 57.67
CA THR I 47 -55.10 2.21 57.77
C THR I 47 -54.76 1.54 56.42
N TYR I 48 -54.52 2.36 55.41
CA TYR I 48 -54.13 1.88 54.08
C TYR I 48 -52.93 2.68 53.56
N THR I 49 -52.31 2.17 52.51
CA THR I 49 -51.32 2.92 51.74
C THR I 49 -52.05 3.55 50.57
N TYR I 50 -51.35 4.33 49.74
CA TYR I 50 -51.86 4.67 48.42
C TYR I 50 -51.62 3.49 47.47
N ASP I 51 -51.93 3.66 46.18
CA ASP I 51 -51.72 2.60 45.20
C ASP I 51 -50.22 2.30 45.00
N LEU I 52 -49.90 1.01 44.96
CA LEU I 52 -48.52 0.58 44.81
C LEU I 52 -48.27 0.11 43.37
N GLN I 53 -47.28 0.72 42.73
CA GLN I 53 -47.00 0.53 41.30
C GLN I 53 -45.50 0.65 41.01
N PRO I 54 -44.94 -0.31 40.26
CA PRO I 54 -43.55 -0.15 39.79
C PRO I 54 -43.45 1.01 38.80
N LYS I 55 -42.54 1.95 39.08
CA LYS I 55 -42.46 3.22 38.34
C LYS I 55 -42.29 3.06 36.82
N GLY I 56 -41.55 2.02 36.40
CA GLY I 56 -41.30 1.77 34.98
C GLY I 56 -39.91 2.22 34.54
N SER I 57 -39.44 3.34 35.11
CA SER I 57 -38.11 3.85 34.82
C SER I 57 -37.29 4.03 36.11
N SER I 58 -35.96 4.02 35.96
CA SER I 58 -35.03 4.27 37.05
C SER I 58 -34.79 5.78 37.24
N PRO I 59 -34.67 6.24 38.50
CA PRO I 59 -34.80 5.49 39.75
C PRO I 59 -36.17 5.62 40.41
N ASP I 60 -36.48 4.70 41.33
CA ASP I 60 -37.72 4.72 42.10
C ASP I 60 -37.72 5.85 43.14
N GLN I 61 -38.85 6.55 43.25
CA GLN I 61 -39.00 7.68 44.18
C GLN I 61 -40.34 7.62 44.91
N PRO I 62 -40.48 6.68 45.86
CA PRO I 62 -41.78 6.47 46.52
C PRO I 62 -42.21 7.64 47.40
N ILE I 63 -43.51 7.94 47.36
CA ILE I 63 -44.12 8.97 48.21
C ILE I 63 -44.34 8.39 49.61
N LYS I 64 -44.50 9.27 50.61
CA LYS I 64 -44.60 8.83 52.01
C LYS I 64 -45.81 7.93 52.31
N GLU I 65 -46.91 8.16 51.60
CA GLU I 65 -48.14 7.39 51.78
C GLU I 65 -47.99 5.94 51.32
N ASN I 66 -46.87 5.63 50.68
CA ASN I 66 -46.57 4.28 50.20
C ASN I 66 -45.54 3.52 51.04
N LEU I 67 -45.19 4.07 52.21
CA LEU I 67 -44.23 3.42 53.10
C LEU I 67 -44.83 3.14 54.48
N PRO I 68 -45.48 1.96 54.67
CA PRO I 68 -45.87 1.47 55.99
C PRO I 68 -44.71 1.54 56.99
N ALA I 69 -45.01 1.83 58.25
CA ALA I 69 -43.99 2.06 59.28
C ALA I 69 -44.38 1.43 60.62
N TYR I 70 -43.41 1.30 61.52
CA TYR I 70 -43.65 0.68 62.83
C TYR I 70 -44.47 1.57 63.76
N SER I 71 -45.45 0.97 64.44
CA SER I 71 -46.12 1.61 65.58
C SER I 71 -45.22 1.50 66.82
N VAL I 72 -45.10 2.59 67.58
CA VAL I 72 -44.27 2.61 68.81
C VAL I 72 -44.84 3.55 69.89
N ALA I 73 -44.87 3.08 71.13
CA ALA I 73 -45.37 3.88 72.25
C ALA I 73 -44.63 3.64 73.56
N ARG I 74 -44.15 4.73 74.17
CA ARG I 74 -43.57 4.69 75.51
C ARG I 74 -44.69 4.87 76.55
N VAL I 75 -44.63 4.10 77.62
CA VAL I 75 -45.61 4.24 78.70
C VAL I 75 -44.89 4.54 80.01
N SER I 76 -45.41 5.52 80.76
CA SER I 76 -44.89 5.89 82.08
C SER I 76 -45.34 4.92 83.17
N LEU I 77 -44.38 4.41 83.93
CA LEU I 77 -44.65 3.50 85.02
C LEU I 77 -44.53 4.20 86.38
N PRO I 78 -45.29 3.73 87.40
CA PRO I 78 -45.21 4.26 88.77
C PRO I 78 -43.78 4.36 89.29
N MET I 79 -43.49 5.45 90.00
CA MET I 79 -42.17 5.72 90.58
C MET I 79 -41.86 4.72 91.69
N LEU I 80 -40.59 4.37 91.84
CA LEU I 80 -40.18 3.38 92.84
C LEU I 80 -39.17 3.90 93.86
N ASN I 81 -38.28 4.78 93.42
CA ASN I 81 -37.19 5.24 94.29
C ASN I 81 -37.20 6.75 94.52
N THR I 88 -27.87 0.27 94.27
CA THR I 88 -28.99 -0.65 94.47
C THR I 88 -30.33 0.09 94.49
N LEU I 89 -31.29 -0.42 93.72
CA LEU I 89 -32.65 0.15 93.63
C LEU I 89 -33.69 -0.80 93.01
N GLN I 90 -34.94 -0.36 92.96
CA GLN I 90 -36.05 -1.13 92.39
C GLN I 90 -36.37 -0.73 90.94
N MET I 91 -36.65 -1.73 90.12
CA MET I 91 -37.09 -1.53 88.73
C MET I 91 -38.27 -2.42 88.40
N TRP I 92 -39.11 -1.95 87.49
CA TRP I 92 -40.20 -2.76 86.97
C TRP I 92 -39.66 -3.78 85.97
N GLU I 93 -40.15 -5.01 86.07
CA GLU I 93 -39.68 -6.12 85.24
C GLU I 93 -40.87 -6.74 84.53
N ALA I 94 -40.87 -6.67 83.20
CA ALA I 94 -41.95 -7.25 82.39
C ALA I 94 -41.87 -8.77 82.30
N ILE I 95 -42.87 -9.47 82.84
CA ILE I 95 -42.78 -10.93 82.91
C ILE I 95 -43.59 -11.70 81.87
N SER I 96 -44.70 -11.12 81.42
CA SER I 96 -45.57 -11.76 80.43
C SER I 96 -46.41 -10.73 79.69
N VAL I 97 -47.04 -11.16 78.59
CA VAL I 97 -47.94 -10.29 77.82
C VAL I 97 -49.05 -11.10 77.16
N LYS I 98 -50.26 -10.51 77.14
CA LYS I 98 -51.34 -10.97 76.26
C LYS I 98 -51.51 -9.93 75.15
N THR I 99 -51.33 -10.35 73.90
CA THR I 99 -51.45 -9.44 72.76
C THR I 99 -52.35 -10.03 71.67
N GLU I 100 -52.96 -9.15 70.88
CA GLU I 100 -53.98 -9.59 69.93
C GLU I 100 -54.16 -8.58 68.80
N VAL I 101 -54.28 -9.08 67.58
CA VAL I 101 -54.61 -8.21 66.45
C VAL I 101 -56.11 -7.97 66.50
N VAL I 102 -56.48 -6.69 66.45
CA VAL I 102 -57.87 -6.27 66.60
C VAL I 102 -58.48 -6.03 65.23
N GLY I 103 -59.72 -6.48 65.05
CA GLY I 103 -60.49 -6.19 63.83
C GLY I 103 -60.36 -7.23 62.73
N ILE I 104 -59.94 -8.44 63.08
CA ILE I 104 -59.71 -9.52 62.13
C ILE I 104 -60.98 -9.86 61.34
N SER I 105 -62.10 -9.93 62.03
CA SER I 105 -63.40 -10.25 61.41
C SER I 105 -63.85 -9.27 60.31
N SER I 106 -63.34 -8.03 60.33
CA SER I 106 -63.69 -7.04 59.31
C SER I 106 -63.27 -7.50 57.91
N LEU I 107 -62.36 -8.46 57.85
CA LEU I 107 -61.80 -8.95 56.59
C LEU I 107 -62.66 -10.01 55.88
N ILE I 108 -63.83 -10.33 56.43
CA ILE I 108 -64.78 -11.16 55.69
C ILE I 108 -65.59 -10.34 54.68
N ASN I 109 -65.43 -9.02 54.73
CA ASN I 109 -66.07 -8.11 53.78
C ASN I 109 -65.63 -8.37 52.33
N VAL I 110 -66.51 -8.95 51.52
CA VAL I 110 -66.23 -9.17 50.09
C VAL I 110 -67.22 -8.45 49.17
N HIS I 111 -67.84 -7.39 49.68
CA HIS I 111 -68.84 -6.64 48.91
C HIS I 111 -68.53 -5.15 48.88
N TYR I 112 -67.37 -4.75 49.36
CA TYR I 112 -66.94 -3.37 49.23
C TYR I 112 -67.06 -2.92 47.77
N TRP I 113 -67.69 -1.76 47.55
CA TRP I 113 -68.14 -1.32 46.23
C TRP I 113 -67.03 -1.25 45.18
N ASP I 114 -65.81 -0.97 45.65
CA ASP I 114 -64.65 -0.80 44.76
C ASP I 114 -63.73 -2.04 44.68
N MET I 115 -64.20 -3.17 45.20
CA MET I 115 -63.42 -4.41 45.12
C MET I 115 -63.50 -5.07 43.75
N LYS I 116 -62.35 -5.49 43.25
CA LYS I 116 -62.28 -6.25 42.00
C LYS I 116 -62.99 -7.59 42.18
N ARG I 117 -63.90 -7.90 41.26
CA ARG I 117 -64.61 -9.18 41.27
C ARG I 117 -63.65 -10.28 40.87
N VAL I 118 -63.74 -11.43 41.53
CA VAL I 118 -62.86 -12.58 41.25
C VAL I 118 -63.08 -13.15 39.83
N HIS I 119 -64.31 -13.06 39.35
CA HIS I 119 -64.66 -13.34 37.97
C HIS I 119 -65.97 -12.59 37.70
N ASP I 120 -66.42 -12.57 36.45
CA ASP I 120 -67.66 -11.88 36.08
C ASP I 120 -68.81 -12.26 37.01
N TYR I 121 -69.41 -11.24 37.62
CA TYR I 121 -70.61 -11.40 38.47
C TYR I 121 -70.39 -12.05 39.84
N GLY I 122 -69.13 -12.18 40.26
CA GLY I 122 -68.81 -12.81 41.54
C GLY I 122 -68.46 -11.84 42.66
N ALA I 123 -68.07 -12.38 43.81
CA ALA I 123 -67.69 -11.57 44.96
C ALA I 123 -66.31 -10.93 44.76
N GLY I 124 -65.98 -9.95 45.59
CA GLY I 124 -64.68 -9.31 45.56
C GLY I 124 -63.57 -10.23 46.02
N ILE I 125 -62.36 -10.02 45.49
CA ILE I 125 -61.16 -10.68 46.00
C ILE I 125 -60.93 -10.17 47.43
N PRO I 126 -61.01 -11.08 48.42
CA PRO I 126 -60.83 -10.65 49.82
C PRO I 126 -59.42 -10.13 50.10
N VAL I 127 -59.26 -9.38 51.19
CA VAL I 127 -57.94 -8.86 51.56
C VAL I 127 -57.01 -10.04 51.82
N SER I 128 -55.91 -10.09 51.07
CA SER I 128 -55.01 -11.24 51.05
C SER I 128 -53.71 -10.82 50.41
N GLY I 129 -52.71 -11.69 50.46
CA GLY I 129 -51.39 -11.42 49.91
C GLY I 129 -50.29 -11.20 50.93
N VAL I 130 -49.52 -10.15 50.74
CA VAL I 130 -48.37 -9.82 51.59
C VAL I 130 -48.77 -9.52 53.03
N ASN I 131 -48.23 -10.31 53.95
CA ASN I 131 -48.42 -10.13 55.40
C ASN I 131 -47.10 -9.88 56.12
N TYR I 132 -47.15 -8.98 57.10
CA TYR I 132 -46.01 -8.73 57.98
C TYR I 132 -46.54 -8.52 59.40
N HIS I 133 -46.06 -9.32 60.35
CA HIS I 133 -46.54 -9.23 61.73
C HIS I 133 -45.38 -9.28 62.72
N MET I 134 -45.31 -8.28 63.59
CA MET I 134 -44.31 -8.28 64.67
C MET I 134 -44.78 -7.48 65.88
N PHE I 135 -44.38 -7.92 67.06
CA PHE I 135 -44.55 -7.14 68.28
C PHE I 135 -43.32 -7.25 69.17
N ALA I 136 -43.02 -6.15 69.86
CA ALA I 136 -41.88 -6.13 70.78
C ALA I 136 -42.19 -5.45 72.13
N ILE I 137 -41.51 -5.93 73.17
CA ILE I 137 -41.59 -5.37 74.51
C ILE I 137 -40.17 -5.15 75.04
N GLY I 138 -39.91 -3.94 75.53
CA GLY I 138 -38.57 -3.59 75.99
C GLY I 138 -38.54 -2.60 77.14
N GLY I 139 -37.37 -2.49 77.77
CA GLY I 139 -37.15 -1.47 78.80
C GLY I 139 -36.39 -0.27 78.24
N GLU I 140 -36.26 -0.24 76.91
CA GLU I 140 -35.59 0.83 76.16
C GLU I 140 -36.01 0.68 74.69
N PRO I 141 -35.70 1.67 73.82
CA PRO I 141 -36.12 1.57 72.42
C PRO I 141 -35.62 0.31 71.71
N LEU I 142 -36.36 -0.14 70.70
CA LEU I 142 -35.97 -1.32 69.95
C LEU I 142 -34.84 -0.99 68.96
N ASP I 143 -33.77 -1.78 69.01
CA ASP I 143 -32.59 -1.60 68.14
C ASP I 143 -32.86 -2.06 66.69
N LEU I 144 -32.64 -1.15 65.74
CA LEU I 144 -33.00 -1.40 64.34
C LEU I 144 -31.79 -1.57 63.41
N GLN I 145 -31.91 -2.48 62.44
CA GLN I 145 -30.91 -2.66 61.38
C GLN I 145 -31.50 -2.27 60.03
N GLY I 146 -30.68 -1.64 59.19
CA GLY I 146 -31.12 -1.20 57.87
C GLY I 146 -30.67 -2.12 56.75
N LEU I 147 -31.62 -2.47 55.89
CA LEU I 147 -31.38 -3.33 54.72
C LEU I 147 -32.49 -3.11 53.70
N VAL I 148 -32.11 -2.82 52.45
CA VAL I 148 -33.08 -2.52 51.40
C VAL I 148 -32.95 -3.47 50.21
N LEU I 149 -34.07 -3.66 49.50
CA LEU I 149 -34.10 -4.46 48.27
C LEU I 149 -33.17 -3.85 47.21
N ASP I 150 -33.21 -2.51 47.11
CA ASP I 150 -32.52 -1.76 46.07
C ASP I 150 -31.89 -0.49 46.65
N TYR I 151 -30.57 -0.40 46.60
CA TYR I 151 -29.83 0.73 47.20
C TYR I 151 -30.01 2.04 46.43
N GLN I 152 -30.38 1.92 45.15
CA GLN I 152 -30.57 3.07 44.26
C GLN I 152 -31.89 3.79 44.50
N THR I 153 -32.71 3.27 45.42
CA THR I 153 -34.01 3.86 45.73
C THR I 153 -33.84 5.19 46.47
N GLN I 154 -34.69 6.16 46.12
CA GLN I 154 -34.62 7.50 46.70
C GLN I 154 -35.85 7.77 47.55
N TYR I 155 -35.67 7.68 48.87
CA TYR I 155 -36.74 7.92 49.83
C TYR I 155 -36.94 9.41 50.11
N PRO I 156 -38.18 9.82 50.44
CA PRO I 156 -38.45 11.20 50.86
C PRO I 156 -37.75 11.54 52.17
N LYS I 157 -37.41 12.82 52.36
CA LYS I 157 -36.60 13.24 53.50
C LYS I 157 -37.42 13.60 54.75
N GLY I 162 -40.22 14.16 57.60
CA GLY I 162 -40.61 12.95 56.87
C GLY I 162 -40.10 11.66 57.50
N PRO I 163 -40.11 10.55 56.74
CA PRO I 163 -39.67 9.25 57.28
C PRO I 163 -38.15 9.15 57.38
N ILE I 164 -37.68 8.36 58.35
CA ILE I 164 -36.26 8.21 58.62
C ILE I 164 -35.71 6.93 57.97
N THR I 165 -34.71 7.09 57.11
CA THR I 165 -34.09 5.97 56.39
C THR I 165 -32.58 5.99 56.57
N ILE I 166 -31.88 5.09 55.87
CA ILE I 166 -30.43 4.94 55.99
C ILE I 166 -29.65 6.22 55.61
N GLU I 167 -30.08 6.91 54.55
CA GLU I 167 -29.48 8.19 54.16
C GLU I 167 -29.61 9.25 55.27
N THR I 168 -30.72 9.20 56.02
CA THR I 168 -30.96 10.12 57.14
C THR I 168 -29.96 9.88 58.27
N VAL I 169 -29.68 8.61 58.56
CA VAL I 169 -28.79 8.28 59.68
C VAL I 169 -27.30 8.33 59.33
N LEU I 170 -26.97 8.11 58.07
CA LEU I 170 -25.56 8.03 57.66
C LEU I 170 -24.94 9.35 57.20
N GLY I 171 -25.79 10.28 56.75
CA GLY I 171 -25.33 11.52 56.12
C GLY I 171 -25.14 11.31 54.63
N ARG I 172 -24.15 10.50 54.28
CA ARG I 172 -23.89 10.06 52.90
C ARG I 172 -25.07 9.30 52.28
N LYS I 173 -25.00 9.07 50.97
CA LYS I 173 -26.03 8.28 50.28
C LYS I 173 -25.82 6.79 50.44
N MET I 174 -26.83 6.01 50.07
CA MET I 174 -26.75 4.54 50.08
C MET I 174 -25.74 4.02 49.05
N THR I 175 -25.02 2.97 49.44
CA THR I 175 -24.16 2.23 48.50
C THR I 175 -24.68 0.79 48.35
N PRO I 176 -24.14 0.03 47.38
CA PRO I 176 -24.57 -1.36 47.17
C PRO I 176 -24.54 -2.25 48.40
N LYS I 177 -23.64 -1.98 49.36
CA LYS I 177 -23.57 -2.82 50.56
C LYS I 177 -24.81 -2.75 51.46
N ASN I 178 -25.61 -1.71 51.27
CA ASN I 178 -26.87 -1.58 52.00
C ASN I 178 -27.96 -2.51 51.46
N GLN I 179 -27.61 -3.30 50.45
CA GLN I 179 -28.42 -4.43 50.03
C GLN I 179 -28.02 -5.68 50.83
N GLY I 180 -26.84 -5.62 51.46
CA GLY I 180 -26.41 -6.63 52.42
C GLY I 180 -26.55 -6.10 53.84
N LEU I 181 -25.71 -6.57 54.75
CA LEU I 181 -25.69 -6.07 56.12
C LEU I 181 -24.51 -5.13 56.33
N ASP I 182 -24.79 -3.83 56.37
CA ASP I 182 -23.80 -2.81 56.73
C ASP I 182 -23.92 -2.48 58.22
N PRO I 183 -22.83 -2.71 58.99
CA PRO I 183 -22.82 -2.45 60.44
C PRO I 183 -23.19 -1.01 60.82
N GLN I 184 -22.84 -0.04 59.98
CA GLN I 184 -23.11 1.38 60.26
C GLN I 184 -24.58 1.75 60.10
N ALA I 185 -25.33 0.93 59.39
CA ALA I 185 -26.75 1.20 59.12
C ALA I 185 -27.62 0.74 60.29
N LYS I 186 -27.57 1.51 61.38
CA LYS I 186 -28.32 1.19 62.60
C LYS I 186 -29.12 2.37 63.11
N ALA I 187 -30.14 2.08 63.94
CA ALA I 187 -30.97 3.12 64.55
C ALA I 187 -31.77 2.58 65.74
N LYS I 188 -32.43 3.49 66.47
CA LYS I 188 -33.33 3.13 67.56
C LYS I 188 -34.75 3.55 67.18
N LEU I 189 -35.73 2.68 67.45
CA LEU I 189 -37.13 2.99 67.18
C LEU I 189 -37.74 3.82 68.32
N ASP I 190 -37.73 5.15 68.16
CA ASP I 190 -38.18 6.05 69.22
C ASP I 190 -39.28 7.02 68.81
N LYS I 191 -39.78 6.87 67.60
CA LYS I 191 -40.80 7.78 67.06
C LYS I 191 -41.85 7.02 66.24
N ASP I 192 -43.12 7.34 66.48
CA ASP I 192 -44.26 6.64 65.86
C ASP I 192 -44.41 6.98 64.37
N GLY I 193 -44.51 5.94 63.54
CA GLY I 193 -44.78 6.09 62.09
C GLY I 193 -43.69 6.71 61.23
N ASN I 194 -42.46 6.78 61.76
CA ASN I 194 -41.34 7.40 61.05
C ASN I 194 -40.25 6.45 60.54
N TYR I 195 -40.37 5.17 60.90
CA TYR I 195 -39.42 4.16 60.44
C TYR I 195 -40.10 3.16 59.51
N PRO I 196 -39.83 3.27 58.19
CA PRO I 196 -40.39 2.38 57.18
C PRO I 196 -40.04 0.91 57.43
N ILE I 197 -41.05 0.05 57.33
CA ILE I 197 -40.87 -1.38 57.55
C ILE I 197 -39.90 -1.98 56.53
N GLU I 198 -40.08 -1.63 55.25
CA GLU I 198 -39.25 -2.19 54.18
C GLU I 198 -37.77 -1.80 54.28
N VAL I 199 -37.48 -0.80 55.11
CA VAL I 199 -36.12 -0.30 55.28
C VAL I 199 -35.46 -0.89 56.52
N TRP I 200 -36.22 -0.96 57.62
CA TRP I 200 -35.69 -1.31 58.94
C TRP I 200 -36.20 -2.65 59.48
N CYS I 201 -35.31 -3.46 60.03
CA CYS I 201 -35.69 -4.68 60.77
C CYS I 201 -35.12 -4.67 62.21
N PRO I 202 -35.65 -5.54 63.10
CA PRO I 202 -35.07 -5.63 64.44
C PRO I 202 -33.65 -6.17 64.41
N ASP I 203 -32.74 -5.50 65.10
CA ASP I 203 -31.31 -5.86 65.10
C ASP I 203 -31.02 -6.95 66.12
N PRO I 204 -30.70 -8.17 65.62
CA PRO I 204 -30.46 -9.30 66.51
C PRO I 204 -29.12 -9.23 67.26
N SER I 205 -28.22 -8.34 66.83
CA SER I 205 -26.92 -8.18 67.50
C SER I 205 -27.02 -7.33 68.75
N LYS I 206 -28.21 -6.79 69.00
CA LYS I 206 -28.44 -5.94 70.16
C LYS I 206 -29.70 -6.39 70.91
N ASN I 207 -30.57 -5.46 71.30
CA ASN I 207 -31.85 -5.82 71.95
C ASN I 207 -31.79 -6.85 73.10
N GLU I 208 -30.74 -6.79 73.92
CA GLU I 208 -30.63 -7.65 75.11
C GLU I 208 -31.74 -7.36 76.11
N ASN I 209 -32.15 -6.10 76.18
CA ASN I 209 -33.23 -5.64 77.04
C ASN I 209 -34.61 -5.61 76.36
N SER I 210 -34.80 -6.43 75.32
CA SER I 210 -36.09 -6.54 74.63
C SER I 210 -36.44 -7.97 74.22
N ARG I 211 -37.72 -8.21 73.94
CA ARG I 211 -38.19 -9.46 73.36
C ARG I 211 -39.01 -9.16 72.13
N TYR I 212 -38.58 -9.69 70.97
CA TYR I 212 -39.35 -9.49 69.73
C TYR I 212 -39.67 -10.80 69.01
N TYR I 213 -40.80 -10.79 68.32
CA TYR I 213 -41.42 -11.96 67.70
C TYR I 213 -42.08 -11.50 66.39
N GLY I 214 -41.60 -12.00 65.25
CA GLY I 214 -42.16 -11.59 63.96
C GLY I 214 -42.21 -12.65 62.87
N SER I 215 -43.00 -12.40 61.84
CA SER I 215 -43.02 -13.25 60.64
C SER I 215 -43.42 -12.46 59.42
N ILE I 216 -43.08 -13.02 58.24
CA ILE I 216 -43.53 -12.50 56.95
C ILE I 216 -44.19 -13.62 56.13
N GLN I 217 -45.01 -13.18 55.16
CA GLN I 217 -45.65 -14.05 54.18
C GLN I 217 -45.73 -13.28 52.86
N THR I 218 -44.99 -13.70 51.83
CA THR I 218 -45.09 -13.02 50.52
C THR I 218 -46.15 -13.68 49.63
N GLY I 219 -46.16 -13.35 48.34
CA GLY I 219 -47.20 -13.82 47.41
C GLY I 219 -48.22 -12.72 47.12
N SER I 220 -48.90 -12.81 45.97
CA SER I 220 -49.86 -11.77 45.61
C SER I 220 -51.27 -11.99 46.15
N GLN I 221 -51.75 -13.24 46.12
CA GLN I 221 -53.09 -13.57 46.63
C GLN I 221 -53.14 -14.63 47.73
N THR I 222 -52.00 -14.82 48.39
CA THR I 222 -51.87 -15.73 49.51
C THR I 222 -52.91 -15.46 50.61
N PRO I 223 -53.68 -16.51 50.99
CA PRO I 223 -54.60 -16.42 52.12
C PRO I 223 -54.02 -15.70 53.35
N THR I 224 -54.77 -14.74 53.88
CA THR I 224 -54.46 -14.21 55.19
C THR I 224 -55.06 -15.16 56.22
N VAL I 225 -54.20 -15.69 57.09
CA VAL I 225 -54.61 -16.69 58.09
C VAL I 225 -54.16 -16.23 59.47
N LEU I 226 -55.11 -15.84 60.31
CA LEU I 226 -54.79 -15.30 61.64
C LEU I 226 -55.69 -15.89 62.72
N GLN I 227 -55.13 -16.08 63.91
CA GLN I 227 -55.86 -16.59 65.06
C GLN I 227 -56.03 -15.50 66.10
N PHE I 228 -57.07 -15.65 66.93
CA PHE I 228 -57.29 -14.77 68.06
C PHE I 228 -57.89 -15.54 69.23
N SER I 229 -57.38 -15.25 70.41
CA SER I 229 -57.84 -15.88 71.65
C SER I 229 -57.36 -15.08 72.84
N ASN I 230 -58.18 -14.98 73.89
CA ASN I 230 -57.76 -14.29 75.12
C ASN I 230 -57.15 -15.21 76.17
N THR I 231 -56.75 -16.41 75.74
CA THR I 231 -56.11 -17.39 76.61
C THR I 231 -54.62 -17.56 76.29
N LEU I 232 -54.15 -16.86 75.26
CA LEU I 232 -52.77 -17.00 74.80
C LEU I 232 -51.88 -15.98 75.50
N THR I 233 -50.83 -16.49 76.13
CA THR I 233 -49.90 -15.66 76.91
C THR I 233 -48.49 -15.92 76.41
N THR I 234 -47.75 -14.84 76.18
CA THR I 234 -46.32 -14.93 75.91
C THR I 234 -45.53 -14.59 77.18
N VAL I 235 -44.61 -15.48 77.56
CA VAL I 235 -43.74 -15.30 78.72
C VAL I 235 -42.49 -14.54 78.27
N LEU I 236 -42.15 -13.46 78.99
CA LEU I 236 -41.05 -12.58 78.56
C LEU I 236 -39.72 -12.82 79.28
N LEU I 237 -39.71 -13.80 80.18
CA LEU I 237 -38.50 -14.18 80.91
C LEU I 237 -37.48 -14.80 79.98
N ASP I 238 -36.20 -14.51 80.21
CA ASP I 238 -35.13 -15.17 79.45
C ASP I 238 -34.77 -16.55 80.06
N GLU I 239 -33.64 -17.12 79.63
CA GLU I 239 -33.23 -18.44 80.12
C GLU I 239 -32.75 -18.45 81.56
N ASN I 240 -32.40 -17.25 82.07
CA ASN I 240 -32.02 -17.05 83.50
C ASN I 240 -33.18 -16.63 84.39
N GLY I 241 -34.35 -16.41 83.79
CA GLY I 241 -35.56 -16.03 84.52
C GLY I 241 -35.78 -14.53 84.65
N VAL I 242 -35.14 -13.75 83.78
CA VAL I 242 -35.26 -12.29 83.85
C VAL I 242 -35.97 -11.70 82.62
N GLY I 243 -37.05 -10.96 82.85
CA GLY I 243 -37.72 -10.22 81.77
C GLY I 243 -37.06 -8.88 81.53
N PRO I 244 -37.52 -8.11 80.51
CA PRO I 244 -37.03 -6.75 80.26
C PRO I 244 -37.21 -5.81 81.47
N LEU I 245 -36.17 -5.03 81.74
CA LEU I 245 -36.12 -4.16 82.92
C LEU I 245 -36.28 -2.70 82.52
N CYS I 246 -37.33 -2.08 83.04
CA CYS I 246 -37.69 -0.71 82.66
C CYS I 246 -36.83 0.37 83.32
N LYS I 247 -35.72 0.69 82.66
CA LYS I 247 -34.86 1.82 83.03
C LYS I 247 -35.64 3.12 82.77
N GLY I 248 -35.48 4.08 83.67
CA GLY I 248 -36.20 5.36 83.56
C GLY I 248 -37.71 5.24 83.74
N ASP I 249 -38.16 4.10 84.27
CA ASP I 249 -39.58 3.77 84.46
C ASP I 249 -40.40 3.98 83.19
N GLY I 250 -39.92 3.40 82.10
CA GLY I 250 -40.60 3.46 80.81
C GLY I 250 -40.68 2.10 80.15
N LEU I 251 -41.89 1.70 79.76
CA LEU I 251 -42.11 0.46 79.01
C LEU I 251 -42.33 0.77 77.54
N PHE I 252 -41.39 0.32 76.70
CA PHE I 252 -41.47 0.51 75.25
C PHE I 252 -42.20 -0.66 74.58
N ILE I 253 -43.21 -0.31 73.76
CA ILE I 253 -44.03 -1.29 73.05
C ILE I 253 -44.07 -0.99 71.55
N SER I 254 -43.62 -1.93 70.73
CA SER I 254 -43.57 -1.74 69.28
C SER I 254 -44.30 -2.85 68.51
N CYS I 255 -44.80 -2.51 67.33
CA CYS I 255 -45.46 -3.52 66.48
C CYS I 255 -45.62 -3.13 65.00
N ALA I 256 -46.18 -4.07 64.23
CA ALA I 256 -46.59 -3.85 62.83
C ALA I 256 -47.47 -5.02 62.41
N ASP I 257 -48.55 -4.73 61.68
CA ASP I 257 -49.51 -5.77 61.25
C ASP I 257 -50.14 -5.50 59.88
N ILE I 258 -49.36 -5.74 58.82
CA ILE I 258 -49.86 -5.69 57.44
C ILE I 258 -50.64 -6.97 57.16
N VAL I 259 -51.85 -6.84 56.60
CA VAL I 259 -52.77 -7.98 56.51
C VAL I 259 -53.18 -8.35 55.08
N GLY I 260 -52.54 -7.72 54.08
CA GLY I 260 -52.81 -8.02 52.68
C GLY I 260 -53.15 -6.81 51.82
N PHE I 261 -53.63 -7.07 50.60
CA PHE I 261 -53.94 -6.01 49.64
C PHE I 261 -55.43 -5.79 49.54
N LEU I 262 -55.82 -4.52 49.39
CA LEU I 262 -57.12 -4.17 48.85
C LEU I 262 -57.02 -4.16 47.32
N PHE I 263 -57.70 -5.11 46.69
CA PHE I 263 -57.74 -5.24 45.24
C PHE I 263 -58.84 -4.36 44.68
N LYS I 264 -58.45 -3.24 44.07
CA LYS I 264 -59.42 -2.29 43.52
C LYS I 264 -59.91 -2.70 42.12
N THR I 265 -61.11 -2.24 41.76
CA THR I 265 -61.76 -2.56 40.49
C THR I 265 -60.88 -2.22 39.28
N SER I 266 -60.18 -1.08 39.32
CA SER I 266 -59.32 -0.65 38.23
C SER I 266 -58.08 -1.51 38.00
N GLY I 267 -57.73 -2.32 38.99
CA GLY I 267 -56.49 -3.12 38.94
C GLY I 267 -55.43 -2.68 39.94
N LYS I 268 -55.54 -1.42 40.39
CA LYS I 268 -54.61 -0.87 41.36
C LYS I 268 -54.73 -1.58 42.71
N MET I 269 -53.63 -1.60 43.46
CA MET I 269 -53.55 -2.33 44.71
C MET I 269 -52.93 -1.49 45.81
N ALA I 270 -53.46 -1.64 47.03
CA ALA I 270 -52.89 -0.98 48.20
C ALA I 270 -52.90 -1.90 49.42
N LEU I 271 -51.86 -1.80 50.25
CA LEU I 271 -51.75 -2.59 51.46
C LEU I 271 -52.62 -2.06 52.60
N HIS I 272 -53.02 -2.96 53.48
CA HIS I 272 -53.92 -2.65 54.59
C HIS I 272 -53.27 -3.11 55.90
N GLY I 273 -53.56 -2.40 56.99
CA GLY I 273 -53.06 -2.76 58.32
C GLY I 273 -54.16 -2.78 59.36
N LEU I 274 -53.93 -3.50 60.46
CA LEU I 274 -54.88 -3.57 61.58
C LEU I 274 -54.20 -3.21 62.90
N PRO I 275 -55.01 -2.78 63.90
CA PRO I 275 -54.47 -2.39 65.22
C PRO I 275 -54.09 -3.59 66.07
N ARG I 276 -53.21 -3.36 67.03
CA ARG I 276 -52.81 -4.38 68.00
C ARG I 276 -53.03 -3.92 69.46
N TYR I 277 -53.55 -4.83 70.28
CA TYR I 277 -53.78 -4.56 71.71
C TYR I 277 -52.75 -5.26 72.60
N PHE I 278 -52.38 -4.61 73.70
CA PHE I 278 -51.43 -5.19 74.66
C PHE I 278 -51.93 -5.21 76.10
N ASN I 279 -51.56 -6.27 76.82
CA ASN I 279 -51.73 -6.34 78.28
C ASN I 279 -50.47 -6.93 78.89
N VAL I 280 -49.60 -6.05 79.38
CA VAL I 280 -48.28 -6.44 79.89
C VAL I 280 -48.30 -6.47 81.42
N THR I 281 -47.89 -7.60 81.99
CA THR I 281 -47.79 -7.78 83.44
C THR I 281 -46.33 -7.53 83.86
N LEU I 282 -46.15 -6.72 84.90
CA LEU I 282 -44.81 -6.39 85.41
C LEU I 282 -44.72 -6.67 86.91
N ARG I 283 -43.49 -6.85 87.41
CA ARG I 283 -43.26 -7.02 88.85
C ARG I 283 -42.06 -6.20 89.31
N LYS I 284 -42.02 -5.89 90.60
CA LYS I 284 -40.87 -5.15 91.16
C LYS I 284 -39.68 -6.08 91.32
N ARG I 285 -38.49 -5.57 91.02
CA ARG I 285 -37.27 -6.36 91.12
C ARG I 285 -36.13 -5.48 91.64
N TRP I 286 -35.34 -6.03 92.56
CA TRP I 286 -34.15 -5.34 93.05
C TRP I 286 -33.01 -5.49 92.04
N VAL I 287 -32.32 -4.38 91.77
CA VAL I 287 -31.18 -4.38 90.83
C VAL I 287 -30.00 -3.54 91.35
N LYS I 288 -28.81 -3.88 90.89
CA LYS I 288 -27.62 -3.05 91.09
C LYS I 288 -26.96 -2.71 89.75
N GLU J 10 -64.10 -11.65 94.41
CA GLU J 10 -63.26 -12.52 95.29
C GLU J 10 -63.78 -13.96 95.31
N VAL J 11 -62.92 -14.88 94.85
CA VAL J 11 -63.27 -16.28 94.66
C VAL J 11 -62.79 -17.13 95.83
N LEU J 12 -63.67 -17.96 96.34
CA LEU J 12 -63.34 -18.85 97.45
C LEU J 12 -63.19 -20.30 96.98
N SER J 13 -63.49 -21.26 97.86
CA SER J 13 -63.22 -22.67 97.60
C SER J 13 -64.27 -23.33 96.71
N VAL J 14 -63.90 -24.46 96.13
CA VAL J 14 -64.80 -25.28 95.31
C VAL J 14 -65.72 -26.11 96.21
N VAL J 15 -67.02 -26.03 95.92
CA VAL J 15 -68.02 -26.78 96.68
C VAL J 15 -67.82 -28.28 96.50
N THR J 16 -68.07 -29.04 97.56
CA THR J 16 -67.95 -30.50 97.54
C THR J 16 -69.30 -31.16 97.79
N GLY J 17 -69.54 -32.28 97.12
CA GLY J 17 -70.79 -33.02 97.27
C GLY J 17 -71.04 -34.01 96.15
N GLU J 18 -72.27 -34.50 96.08
CA GLU J 18 -72.67 -35.41 95.00
C GLU J 18 -73.12 -34.59 93.79
N ASP J 19 -73.97 -33.60 94.04
CA ASP J 19 -74.49 -32.74 92.98
C ASP J 19 -73.76 -31.40 92.92
N SER J 20 -72.44 -31.47 92.77
CA SER J 20 -71.61 -30.27 92.60
C SER J 20 -71.34 -29.97 91.12
N ILE J 21 -71.38 -31.03 90.30
CA ILE J 21 -71.09 -30.94 88.87
C ILE J 21 -72.36 -31.11 88.02
N THR J 22 -72.50 -30.26 87.01
CA THR J 22 -73.57 -30.40 86.01
C THR J 22 -73.07 -30.18 84.58
N GLN J 23 -73.73 -30.84 83.61
CA GLN J 23 -73.41 -30.77 82.19
C GLN J 23 -74.54 -30.08 81.41
N ILE J 24 -74.17 -29.17 80.50
CA ILE J 24 -75.13 -28.48 79.64
C ILE J 24 -74.86 -28.81 78.17
N GLU J 25 -75.86 -29.42 77.51
CA GLU J 25 -75.81 -29.73 76.06
C GLU J 25 -76.71 -28.78 75.26
N LEU J 26 -76.19 -28.26 74.14
CA LEU J 26 -77.00 -27.48 73.18
C LEU J 26 -76.28 -27.24 71.85
N TYR J 27 -77.05 -26.83 70.84
CA TYR J 27 -76.51 -26.47 69.53
C TYR J 27 -76.99 -25.07 69.12
N LEU J 28 -76.31 -24.49 68.14
CA LEU J 28 -76.73 -23.22 67.58
C LEU J 28 -76.65 -23.28 66.05
N ASN J 29 -77.77 -23.02 65.40
CA ASN J 29 -77.79 -22.94 63.94
C ASN J 29 -77.19 -21.62 63.46
N PRO J 30 -76.66 -21.60 62.22
CA PRO J 30 -75.94 -20.41 61.79
C PRO J 30 -76.87 -19.27 61.42
N ARG J 31 -76.37 -18.04 61.55
CA ARG J 31 -77.11 -16.83 61.18
C ARG J 31 -76.35 -16.10 60.07
N MET J 32 -76.49 -16.63 58.86
CA MET J 32 -75.70 -16.16 57.72
C MET J 32 -76.28 -14.93 57.02
N GLY J 33 -77.59 -14.74 57.15
CA GLY J 33 -78.29 -13.66 56.46
C GLY J 33 -79.75 -14.02 56.29
N VAL J 34 -80.00 -15.20 55.72
CA VAL J 34 -81.31 -15.83 55.74
C VAL J 34 -81.34 -16.70 56.98
N ASN J 35 -81.84 -16.13 58.07
CA ASN J 35 -81.66 -16.68 59.42
C ASN J 35 -82.82 -17.48 59.98
N SER J 36 -83.80 -17.80 59.14
CA SER J 36 -84.97 -18.58 59.57
C SER J 36 -85.39 -19.60 58.54
N PRO J 37 -85.79 -20.81 58.99
CA PRO J 37 -86.28 -21.86 58.08
C PRO J 37 -87.80 -21.87 57.94
N ASP J 38 -88.46 -20.91 58.61
CA ASP J 38 -89.93 -20.89 58.71
C ASP J 38 -90.61 -19.81 57.87
N LEU J 39 -89.82 -18.93 57.25
CA LEU J 39 -90.36 -17.86 56.41
C LEU J 39 -90.49 -18.30 54.95
N THR J 41 -91.22 -19.24 50.89
CA THR J 41 -90.70 -17.90 50.67
C THR J 41 -89.15 -17.91 50.66
N THR J 42 -88.54 -16.96 51.36
CA THR J 42 -87.08 -16.75 51.34
C THR J 42 -86.25 -17.88 51.98
N SER J 43 -86.89 -18.66 52.85
CA SER J 43 -86.24 -19.71 53.65
C SER J 43 -85.51 -20.81 52.88
N ASN J 44 -85.64 -20.82 51.56
CA ASN J 44 -84.91 -21.76 50.69
C ASN J 44 -83.40 -21.60 50.86
N TRP J 45 -82.97 -20.37 51.16
CA TRP J 45 -81.55 -20.05 51.28
C TRP J 45 -81.03 -19.97 52.73
N TYR J 46 -81.75 -20.64 53.63
CA TYR J 46 -81.39 -20.74 55.04
C TYR J 46 -80.01 -21.37 55.20
N THR J 47 -79.17 -20.70 56.00
CA THR J 47 -77.72 -21.00 56.21
C THR J 47 -76.81 -20.42 55.12
N TYR J 48 -77.37 -19.57 54.27
CA TYR J 48 -76.60 -18.87 53.22
C TYR J 48 -76.88 -17.37 53.27
N THR J 49 -76.03 -16.58 52.62
CA THR J 49 -76.31 -15.18 52.38
C THR J 49 -77.00 -15.10 51.02
N TYR J 50 -77.32 -13.88 50.58
CA TYR J 50 -77.70 -13.70 49.20
C TYR J 50 -76.42 -13.53 48.40
N ASP J 51 -76.52 -12.98 47.20
CA ASP J 51 -75.37 -12.88 46.32
C ASP J 51 -74.48 -11.70 46.70
N LEU J 52 -73.20 -11.98 46.92
CA LEU J 52 -72.23 -10.95 47.29
C LEU J 52 -71.52 -10.45 46.03
N GLN J 53 -71.71 -9.17 45.73
CA GLN J 53 -71.29 -8.59 44.47
C GLN J 53 -70.94 -7.13 44.61
N PRO J 54 -69.63 -6.80 44.61
CA PRO J 54 -69.19 -5.40 44.60
C PRO J 54 -69.85 -4.66 43.45
N LYS J 55 -70.55 -3.58 43.78
CA LYS J 55 -71.40 -2.91 42.81
C LYS J 55 -70.61 -2.21 41.72
N GLY J 56 -69.35 -1.86 42.01
CA GLY J 56 -68.51 -1.15 41.06
C GLY J 56 -68.54 0.37 41.22
N SER J 57 -69.59 0.88 41.87
CA SER J 57 -69.69 2.32 42.18
C SER J 57 -70.32 2.57 43.55
N SER J 58 -69.85 3.63 44.22
CA SER J 58 -70.26 3.96 45.59
C SER J 58 -71.71 4.47 45.65
N PRO J 59 -72.36 4.34 46.83
CA PRO J 59 -71.85 3.72 48.05
C PRO J 59 -72.25 2.24 48.18
N ASP J 60 -71.66 1.56 49.16
CA ASP J 60 -72.07 0.21 49.50
C ASP J 60 -73.20 0.29 50.50
N GLN J 61 -74.35 -0.25 50.11
CA GLN J 61 -75.51 -0.33 50.99
C GLN J 61 -75.89 -1.80 51.12
N PRO J 62 -75.18 -2.56 51.98
CA PRO J 62 -75.51 -3.97 52.05
C PRO J 62 -76.88 -4.23 52.68
N ILE J 63 -77.63 -5.13 52.06
CA ILE J 63 -78.89 -5.61 52.60
C ILE J 63 -78.60 -6.55 53.77
N LYS J 64 -79.60 -6.78 54.63
CA LYS J 64 -79.42 -7.60 55.83
C LYS J 64 -79.13 -9.07 55.56
N GLU J 65 -79.46 -9.54 54.35
CA GLU J 65 -79.22 -10.93 53.97
C GLU J 65 -77.78 -11.17 53.48
N ASN J 66 -77.01 -10.09 53.36
CA ASN J 66 -75.59 -10.17 53.01
C ASN J 66 -74.68 -9.91 54.21
N LEU J 67 -75.22 -10.08 55.41
CA LEU J 67 -74.49 -9.79 56.64
C LEU J 67 -74.60 -10.93 57.66
N PRO J 68 -73.72 -11.95 57.54
CA PRO J 68 -73.64 -13.03 58.54
C PRO J 68 -73.36 -12.46 59.93
N ALA J 69 -74.09 -12.98 60.91
CA ALA J 69 -74.00 -12.47 62.27
C ALA J 69 -73.66 -13.59 63.26
N TYR J 70 -73.25 -13.20 64.46
CA TYR J 70 -72.92 -14.14 65.53
C TYR J 70 -74.19 -14.83 66.04
N SER J 71 -74.08 -16.13 66.31
CA SER J 71 -75.09 -16.88 67.06
C SER J 71 -74.85 -16.71 68.56
N VAL J 72 -75.93 -16.46 69.31
CA VAL J 72 -75.86 -16.31 70.77
C VAL J 72 -76.97 -17.12 71.44
N ALA J 73 -76.66 -17.65 72.62
CA ALA J 73 -77.69 -18.13 73.54
C ALA J 73 -77.31 -17.83 74.99
N ARG J 74 -78.33 -17.44 75.76
CA ARG J 74 -78.23 -17.35 77.21
C ARG J 74 -78.86 -18.62 77.73
N VAL J 75 -78.08 -19.41 78.47
CA VAL J 75 -78.57 -20.65 79.08
C VAL J 75 -78.86 -20.42 80.57
N SER J 76 -80.11 -20.63 80.97
CA SER J 76 -80.52 -20.51 82.37
C SER J 76 -80.13 -21.75 83.17
N LEU J 77 -79.29 -21.52 84.18
CA LEU J 77 -78.77 -22.59 85.02
C LEU J 77 -79.64 -22.74 86.27
N PRO J 78 -79.60 -23.91 86.95
CA PRO J 78 -80.37 -24.06 88.20
C PRO J 78 -80.01 -23.02 89.26
N MET J 79 -81.02 -22.53 89.98
CA MET J 79 -80.84 -21.62 91.13
C MET J 79 -80.02 -22.29 92.24
N LEU J 80 -79.22 -21.50 92.95
CA LEU J 80 -78.35 -22.03 93.99
C LEU J 80 -78.59 -21.44 95.38
N ASN J 81 -79.22 -20.27 95.42
CA ASN J 81 -79.49 -19.57 96.68
C ASN J 81 -80.98 -19.22 96.81
N ASP J 87 -74.41 -12.15 100.93
CA ASP J 87 -73.02 -11.70 100.86
C ASP J 87 -72.09 -12.78 100.31
N THR J 88 -72.16 -13.97 100.91
CA THR J 88 -71.41 -15.14 100.44
C THR J 88 -72.36 -16.16 99.82
N LEU J 89 -72.23 -16.33 98.50
CA LEU J 89 -73.13 -17.22 97.77
C LEU J 89 -72.40 -18.12 96.79
N GLN J 90 -73.10 -19.13 96.30
CA GLN J 90 -72.56 -20.04 95.30
C GLN J 90 -72.80 -19.49 93.88
N MET J 91 -71.85 -19.77 92.99
CA MET J 91 -72.01 -19.49 91.56
C MET J 91 -71.54 -20.69 90.76
N TRP J 92 -72.14 -20.87 89.59
CA TRP J 92 -71.70 -21.90 88.68
C TRP J 92 -70.43 -21.43 87.98
N GLU J 93 -69.45 -22.32 87.94
CA GLU J 93 -68.15 -22.06 87.31
C GLU J 93 -68.02 -23.02 86.14
N ALA J 94 -67.75 -22.49 84.94
CA ALA J 94 -67.52 -23.34 83.76
C ALA J 94 -66.06 -23.76 83.68
N ILE J 95 -65.80 -25.06 83.65
CA ILE J 95 -64.42 -25.59 83.70
C ILE J 95 -63.92 -26.19 82.38
N SER J 96 -64.82 -26.79 81.60
CA SER J 96 -64.44 -27.44 80.35
C SER J 96 -65.58 -27.51 79.34
N VAL J 97 -65.22 -27.67 78.07
CA VAL J 97 -66.20 -27.75 76.99
C VAL J 97 -65.75 -28.68 75.88
N LYS J 98 -66.67 -29.52 75.41
CA LYS J 98 -66.50 -30.21 74.14
C LYS J 98 -67.34 -29.49 73.09
N THR J 99 -66.70 -29.07 72.01
CA THR J 99 -67.40 -28.38 70.93
C THR J 99 -67.06 -28.99 69.57
N GLU J 100 -67.91 -28.75 68.58
CA GLU J 100 -67.79 -29.45 67.30
C GLU J 100 -68.65 -28.76 66.24
N VAL J 101 -68.05 -28.55 65.06
CA VAL J 101 -68.83 -28.11 63.88
C VAL J 101 -69.56 -29.34 63.31
N VAL J 102 -70.87 -29.19 63.16
CA VAL J 102 -71.76 -30.29 62.76
C VAL J 102 -72.08 -30.17 61.28
N GLY J 103 -72.16 -31.30 60.58
CA GLY J 103 -72.55 -31.29 59.16
C GLY J 103 -71.42 -31.01 58.18
N ILE J 104 -70.20 -31.39 58.55
CA ILE J 104 -69.03 -31.13 57.71
C ILE J 104 -69.04 -32.01 56.45
N SER J 105 -69.48 -33.25 56.59
CA SER J 105 -69.52 -34.17 55.46
C SER J 105 -70.50 -33.75 54.34
N SER J 106 -71.40 -32.80 54.63
CA SER J 106 -72.31 -32.29 53.61
C SER J 106 -71.55 -31.46 52.55
N LEU J 107 -70.32 -31.06 52.86
CA LEU J 107 -69.51 -30.27 51.94
C LEU J 107 -68.79 -31.08 50.85
N ILE J 108 -68.94 -32.41 50.87
CA ILE J 108 -68.40 -33.23 49.77
C ILE J 108 -69.29 -33.20 48.52
N ASN J 109 -70.52 -32.71 48.66
CA ASN J 109 -71.47 -32.54 47.56
C ASN J 109 -70.92 -31.57 46.52
N VAL J 110 -70.62 -32.09 45.33
CA VAL J 110 -70.15 -31.25 44.22
C VAL J 110 -71.11 -31.28 43.03
N HIS J 111 -72.36 -31.68 43.30
CA HIS J 111 -73.38 -31.81 42.27
C HIS J 111 -74.66 -31.04 42.64
N TYR J 112 -74.48 -29.86 43.26
CA TYR J 112 -75.60 -28.94 43.43
C TYR J 112 -76.11 -28.55 42.04
N TRP J 113 -77.43 -28.44 41.88
CA TRP J 113 -78.01 -28.29 40.53
C TRP J 113 -77.54 -27.05 39.76
N ASP J 114 -77.36 -25.94 40.47
CA ASP J 114 -76.94 -24.70 39.83
C ASP J 114 -75.48 -24.38 40.17
N MET J 115 -74.67 -25.41 40.32
CA MET J 115 -73.27 -25.22 40.68
C MET J 115 -72.43 -24.88 39.45
N LYS J 116 -71.62 -23.82 39.56
CA LYS J 116 -70.61 -23.51 38.53
C LYS J 116 -69.59 -24.65 38.44
N ARG J 117 -69.19 -24.98 37.22
CA ARG J 117 -68.28 -26.11 36.98
C ARG J 117 -66.81 -25.69 37.03
N VAL J 118 -65.96 -26.60 37.48
CA VAL J 118 -64.52 -26.30 37.53
C VAL J 118 -63.99 -26.05 36.11
N HIS J 119 -64.53 -26.81 35.15
CA HIS J 119 -64.31 -26.65 33.70
C HIS J 119 -65.45 -27.39 32.95
N ASP J 120 -65.51 -27.23 31.63
CA ASP J 120 -66.55 -27.86 30.80
C ASP J 120 -66.68 -29.36 31.06
N TYR J 121 -67.91 -29.81 31.27
CA TYR J 121 -68.26 -31.22 31.53
C TYR J 121 -67.83 -31.71 32.92
N GLY J 122 -67.23 -30.81 33.70
CA GLY J 122 -66.71 -31.16 35.02
C GLY J 122 -67.69 -31.13 36.18
N ALA J 123 -67.17 -31.41 37.37
CA ALA J 123 -67.93 -31.29 38.63
C ALA J 123 -68.03 -29.84 39.06
N GLY J 124 -68.94 -29.56 39.98
CA GLY J 124 -69.05 -28.23 40.58
C GLY J 124 -67.83 -27.86 41.39
N ILE J 125 -67.57 -26.55 41.51
CA ILE J 125 -66.56 -26.05 42.43
C ILE J 125 -67.09 -26.29 43.83
N PRO J 126 -66.33 -27.04 44.67
CA PRO J 126 -66.82 -27.32 46.04
C PRO J 126 -66.82 -26.07 46.92
N VAL J 127 -67.62 -26.10 47.99
CA VAL J 127 -67.68 -24.98 48.93
C VAL J 127 -66.28 -24.74 49.48
N SER J 128 -65.78 -23.52 49.31
CA SER J 128 -64.43 -23.17 49.70
C SER J 128 -64.24 -21.65 49.65
N GLY J 129 -63.06 -21.19 50.03
CA GLY J 129 -62.78 -19.76 50.08
C GLY J 129 -62.75 -19.22 51.50
N VAL J 130 -63.38 -18.08 51.72
CA VAL J 130 -63.36 -17.40 53.01
C VAL J 130 -63.91 -18.27 54.16
N ASN J 131 -63.05 -18.58 55.13
CA ASN J 131 -63.51 -19.19 56.38
C ASN J 131 -63.40 -18.28 57.60
N TYR J 132 -64.33 -18.43 58.55
CA TYR J 132 -64.28 -17.69 59.81
C TYR J 132 -64.87 -18.54 60.92
N HIS J 133 -64.04 -18.88 61.92
CA HIS J 133 -64.50 -19.73 63.01
C HIS J 133 -64.15 -19.15 64.37
N MET J 134 -65.14 -19.16 65.27
CA MET J 134 -64.96 -18.69 66.62
C MET J 134 -66.05 -19.25 67.51
N PHE J 135 -65.70 -19.52 68.76
CA PHE J 135 -66.67 -19.86 69.79
C PHE J 135 -66.22 -19.25 71.12
N ALA J 136 -67.19 -19.00 72.00
CA ALA J 136 -66.94 -18.37 73.29
C ALA J 136 -67.86 -18.90 74.36
N ILE J 137 -67.32 -19.00 75.59
CA ILE J 137 -68.09 -19.35 76.79
C ILE J 137 -67.86 -18.25 77.83
N GLY J 138 -68.94 -17.77 78.43
CA GLY J 138 -68.86 -16.72 79.44
C GLY J 138 -69.90 -16.77 80.54
N GLY J 139 -69.65 -16.00 81.59
CA GLY J 139 -70.61 -15.78 82.67
C GLY J 139 -71.39 -14.49 82.50
N GLU J 140 -71.17 -13.82 81.37
CA GLU J 140 -71.85 -12.58 81.02
C GLU J 140 -71.72 -12.42 79.50
N PRO J 141 -72.44 -11.45 78.89
CA PRO J 141 -72.31 -11.31 77.43
C PRO J 141 -70.86 -11.04 76.99
N LEU J 142 -70.50 -11.55 75.81
CA LEU J 142 -69.20 -11.28 75.20
C LEU J 142 -69.06 -9.81 74.77
N ASP J 143 -68.03 -9.15 75.28
CA ASP J 143 -67.76 -7.75 74.92
C ASP J 143 -67.25 -7.62 73.48
N LEU J 144 -67.82 -6.68 72.73
CA LEU J 144 -67.46 -6.49 71.33
C LEU J 144 -66.77 -5.16 71.06
N GLN J 145 -65.85 -5.18 70.09
CA GLN J 145 -65.22 -3.97 69.58
C GLN J 145 -65.63 -3.79 68.10
N GLY J 146 -65.90 -2.56 67.71
CA GLY J 146 -66.27 -2.24 66.34
C GLY J 146 -65.09 -1.77 65.51
N LEU J 147 -64.98 -2.30 64.29
CA LEU J 147 -63.96 -1.90 63.30
C LEU J 147 -64.41 -2.42 61.94
N VAL J 148 -64.46 -1.54 60.95
CA VAL J 148 -64.92 -1.90 59.60
C VAL J 148 -63.85 -1.66 58.54
N LEU J 149 -64.01 -2.31 57.39
CA LEU J 149 -63.13 -2.11 56.25
C LEU J 149 -63.24 -0.68 55.72
N ASP J 150 -64.47 -0.18 55.60
CA ASP J 150 -64.75 1.14 55.03
C ASP J 150 -65.78 1.87 55.90
N TYR J 151 -65.39 3.04 56.42
CA TYR J 151 -66.26 3.86 57.28
C TYR J 151 -67.47 4.46 56.57
N GLN J 152 -67.39 4.57 55.24
CA GLN J 152 -68.46 5.16 54.45
C GLN J 152 -69.57 4.16 54.11
N THR J 153 -69.44 2.92 54.58
CA THR J 153 -70.43 1.88 54.32
C THR J 153 -71.75 2.19 55.04
N GLN J 154 -72.84 2.19 54.27
CA GLN J 154 -74.18 2.44 54.80
C GLN J 154 -74.92 1.15 55.17
N TYR J 155 -74.79 0.77 56.44
CA TYR J 155 -75.49 -0.39 56.98
C TYR J 155 -76.99 -0.09 57.18
N PRO J 156 -77.85 -1.12 57.18
CA PRO J 156 -79.29 -0.89 57.35
C PRO J 156 -79.61 -0.39 58.76
N LYS J 157 -80.72 0.35 58.88
CA LYS J 157 -81.18 0.89 60.15
C LYS J 157 -81.82 -0.19 61.04
N THR J 158 -81.75 0.03 62.36
CA THR J 158 -82.37 -0.86 63.35
C THR J 158 -83.85 -0.49 63.53
N GLY J 162 -83.57 -3.99 62.55
CA GLY J 162 -82.58 -4.82 61.84
C GLY J 162 -81.32 -5.06 62.66
N PRO J 163 -80.14 -4.85 62.04
CA PRO J 163 -78.86 -5.15 62.69
C PRO J 163 -78.25 -3.98 63.45
N ILE J 164 -77.58 -4.29 64.56
CA ILE J 164 -76.91 -3.30 65.38
C ILE J 164 -75.49 -3.07 64.86
N THR J 165 -75.18 -1.85 64.48
CA THR J 165 -73.83 -1.51 64.00
C THR J 165 -73.24 -0.35 64.81
N ILE J 166 -72.05 0.09 64.42
CA ILE J 166 -71.35 1.19 65.08
C ILE J 166 -72.22 2.45 65.17
N GLU J 167 -72.94 2.76 64.08
CA GLU J 167 -73.84 3.93 64.04
C GLU J 167 -74.97 3.86 65.08
N THR J 168 -75.48 2.66 65.31
CA THR J 168 -76.48 2.42 66.33
C THR J 168 -75.95 2.88 67.69
N VAL J 169 -74.79 2.37 68.10
CA VAL J 169 -74.28 2.64 69.44
C VAL J 169 -73.68 4.05 69.62
N LEU J 170 -73.34 4.71 68.51
CA LEU J 170 -72.84 6.08 68.58
C LEU J 170 -73.95 7.12 68.44
N GLY J 171 -75.03 6.75 67.74
CA GLY J 171 -76.11 7.69 67.43
C GLY J 171 -75.78 8.54 66.22
N ARG J 172 -74.48 8.82 66.04
CA ARG J 172 -73.98 9.67 64.94
C ARG J 172 -73.33 8.85 63.82
N LYS J 173 -72.88 9.52 62.77
CA LYS J 173 -72.24 8.86 61.64
C LYS J 173 -70.83 8.39 61.99
N MET J 174 -70.40 7.28 61.34
CA MET J 174 -69.03 6.78 61.46
C MET J 174 -68.04 7.78 60.87
N THR J 175 -66.85 7.84 61.46
CA THR J 175 -65.75 8.66 60.95
C THR J 175 -64.57 7.75 60.60
N PRO J 176 -63.57 8.29 59.88
CA PRO J 176 -62.38 7.53 59.51
C PRO J 176 -61.66 6.79 60.64
N LYS J 177 -61.84 7.24 61.88
CA LYS J 177 -61.22 6.58 63.03
C LYS J 177 -61.79 5.17 63.28
N ASN J 178 -62.97 4.91 62.72
CA ASN J 178 -63.62 3.61 62.84
C ASN J 178 -63.04 2.54 61.89
N GLN J 179 -62.13 2.95 61.00
CA GLN J 179 -61.35 1.99 60.21
C GLN J 179 -60.21 1.42 61.06
N GLY J 180 -59.99 2.04 62.22
CA GLY J 180 -59.08 1.55 63.25
C GLY J 180 -59.80 1.32 64.57
N LEU J 181 -59.05 1.33 65.67
CA LEU J 181 -59.64 1.14 67.00
C LEU J 181 -60.15 2.47 67.58
N ASP J 182 -61.47 2.54 67.76
CA ASP J 182 -62.12 3.65 68.43
C ASP J 182 -62.77 3.10 69.71
N PRO J 183 -62.23 3.50 70.90
CA PRO J 183 -62.70 2.97 72.19
C PRO J 183 -64.17 3.28 72.49
N GLN J 184 -64.72 4.29 71.82
CA GLN J 184 -66.15 4.58 71.91
C GLN J 184 -67.01 3.52 71.21
N ALA J 185 -66.46 2.90 70.16
CA ALA J 185 -67.19 1.88 69.38
C ALA J 185 -67.22 0.52 70.08
N LYS J 186 -68.04 0.40 71.13
CA LYS J 186 -68.17 -0.83 71.92
C LYS J 186 -69.63 -1.27 72.05
N ALA J 187 -69.82 -2.56 72.29
CA ALA J 187 -71.14 -3.17 72.46
C ALA J 187 -71.07 -4.49 73.24
N LYS J 188 -72.23 -4.98 73.66
CA LYS J 188 -72.32 -6.30 74.30
C LYS J 188 -73.12 -7.25 73.42
N LEU J 189 -72.62 -8.47 73.27
CA LEU J 189 -73.30 -9.47 72.44
C LEU J 189 -74.46 -10.13 73.19
N ASP J 190 -75.66 -9.59 72.99
CA ASP J 190 -76.85 -10.05 73.73
C ASP J 190 -77.98 -10.57 72.85
N LYS J 191 -77.85 -10.40 71.52
CA LYS J 191 -78.92 -10.75 70.58
C LYS J 191 -78.45 -11.62 69.41
N ASP J 192 -79.07 -12.80 69.31
CA ASP J 192 -78.78 -13.81 68.28
C ASP J 192 -79.08 -13.29 66.87
N GLY J 193 -78.04 -13.16 66.05
CA GLY J 193 -78.21 -12.74 64.65
C GLY J 193 -78.38 -11.25 64.42
N ASN J 194 -78.13 -10.44 65.43
CA ASN J 194 -78.29 -8.98 65.31
C ASN J 194 -76.97 -8.21 65.18
N TYR J 195 -75.85 -8.91 65.37
CA TYR J 195 -74.52 -8.29 65.29
C TYR J 195 -73.67 -8.84 64.12
N PRO J 196 -73.48 -8.02 63.06
CA PRO J 196 -72.70 -8.43 61.89
C PRO J 196 -71.22 -8.76 62.21
N ILE J 197 -70.79 -9.92 61.76
CA ILE J 197 -69.42 -10.38 61.98
C ILE J 197 -68.41 -9.37 61.41
N GLU J 198 -68.72 -8.75 60.27
CA GLU J 198 -67.79 -7.82 59.63
C GLU J 198 -67.69 -6.46 60.32
N VAL J 199 -68.56 -6.21 61.29
CA VAL J 199 -68.51 -4.97 62.05
C VAL J 199 -67.89 -5.21 63.45
N TRP J 200 -68.23 -6.35 64.05
CA TRP J 200 -67.88 -6.63 65.45
C TRP J 200 -66.88 -7.79 65.67
N CYS J 201 -65.84 -7.54 66.46
CA CYS J 201 -64.92 -8.60 66.87
C CYS J 201 -64.80 -8.59 68.41
N PRO J 202 -64.39 -9.73 69.02
CA PRO J 202 -64.25 -9.76 70.49
C PRO J 202 -63.33 -8.65 71.01
N ASP J 203 -63.65 -8.10 72.18
CA ASP J 203 -62.86 -7.01 72.76
C ASP J 203 -61.83 -7.58 73.73
N PRO J 204 -60.53 -7.52 73.38
CA PRO J 204 -59.51 -8.08 74.25
C PRO J 204 -59.16 -7.16 75.44
N SER J 205 -59.67 -5.92 75.43
CA SER J 205 -59.44 -5.03 76.57
C SER J 205 -60.45 -5.29 77.70
N LYS J 206 -61.43 -6.16 77.42
CA LYS J 206 -62.42 -6.53 78.42
C LYS J 206 -62.51 -8.06 78.48
N ASN J 207 -63.71 -8.62 78.59
CA ASN J 207 -63.90 -10.08 78.55
C ASN J 207 -63.15 -10.92 79.60
N GLU J 208 -63.00 -10.41 80.81
CA GLU J 208 -62.30 -11.12 81.89
C GLU J 208 -63.06 -12.36 82.37
N ASN J 209 -64.39 -12.32 82.26
CA ASN J 209 -65.25 -13.44 82.66
C ASN J 209 -65.76 -14.31 81.49
N SER J 210 -65.04 -14.26 80.36
CA SER J 210 -65.30 -15.15 79.22
C SER J 210 -64.01 -15.67 78.61
N ARG J 211 -64.08 -16.84 77.97
CA ARG J 211 -62.99 -17.38 77.14
C ARG J 211 -63.41 -17.43 75.67
N TYR J 212 -62.54 -16.99 74.76
CA TYR J 212 -62.86 -17.04 73.31
C TYR J 212 -61.71 -17.52 72.41
N TYR J 213 -62.07 -18.09 71.26
CA TYR J 213 -61.12 -18.75 70.37
C TYR J 213 -61.58 -18.60 68.92
N GLY J 214 -60.73 -18.05 68.07
CA GLY J 214 -61.12 -17.86 66.69
C GLY J 214 -60.01 -17.80 65.69
N SER J 215 -60.37 -17.91 64.41
CA SER J 215 -59.44 -17.81 63.30
C SER J 215 -60.16 -17.36 62.04
N ILE J 216 -59.39 -16.89 61.06
CA ILE J 216 -59.92 -16.48 59.77
C ILE J 216 -59.02 -17.06 58.68
N GLN J 217 -59.56 -17.11 57.46
CA GLN J 217 -58.84 -17.54 56.30
C GLN J 217 -59.46 -16.79 55.11
N THR J 218 -58.65 -16.02 54.39
CA THR J 218 -59.12 -15.29 53.20
C THR J 218 -58.67 -15.99 51.92
N GLY J 219 -59.10 -15.47 50.78
CA GLY J 219 -58.93 -16.15 49.49
C GLY J 219 -60.31 -16.50 48.92
N SER J 220 -60.38 -16.71 47.61
CA SER J 220 -61.67 -17.01 47.00
C SER J 220 -61.92 -18.52 46.84
N GLN J 221 -60.86 -19.29 46.68
CA GLN J 221 -61.05 -20.71 46.41
C GLN J 221 -60.24 -21.59 47.37
N THR J 222 -59.63 -20.94 48.35
CA THR J 222 -58.85 -21.60 49.40
C THR J 222 -59.61 -22.78 49.98
N PRO J 223 -58.94 -23.94 50.10
CA PRO J 223 -59.61 -25.13 50.63
C PRO J 223 -60.16 -24.94 52.05
N THR J 224 -61.38 -25.43 52.27
CA THR J 224 -61.92 -25.53 53.61
C THR J 224 -61.37 -26.81 54.21
N VAL J 225 -60.65 -26.66 55.32
CA VAL J 225 -59.94 -27.75 55.99
C VAL J 225 -60.42 -27.81 57.44
N LEU J 226 -61.20 -28.82 57.79
CA LEU J 226 -61.82 -28.88 59.11
C LEU J 226 -61.71 -30.27 59.72
N GLN J 227 -61.62 -30.32 61.05
CA GLN J 227 -61.53 -31.58 61.80
C GLN J 227 -62.75 -31.73 62.70
N PHE J 228 -63.03 -32.96 63.10
CA PHE J 228 -64.09 -33.30 64.04
C PHE J 228 -63.71 -34.57 64.80
N SER J 229 -64.04 -34.64 66.08
CA SER J 229 -63.74 -35.79 66.94
C SER J 229 -64.39 -35.58 68.27
N ASN J 230 -64.96 -36.64 68.84
CA ASN J 230 -65.59 -36.55 70.17
C ASN J 230 -64.63 -36.80 71.33
N THR J 231 -63.33 -36.66 71.06
CA THR J 231 -62.29 -36.88 72.06
C THR J 231 -61.57 -35.58 72.46
N LEU J 232 -61.88 -34.47 71.79
CA LEU J 232 -61.23 -33.19 72.06
C LEU J 232 -61.98 -32.41 73.13
N THR J 233 -61.22 -31.79 74.04
CA THR J 233 -61.78 -31.03 75.15
C THR J 233 -60.99 -29.75 75.36
N THR J 234 -61.68 -28.61 75.42
CA THR J 234 -61.05 -27.35 75.80
C THR J 234 -61.20 -27.12 77.33
N VAL J 235 -60.08 -26.86 77.99
CA VAL J 235 -60.08 -26.47 79.41
C VAL J 235 -60.28 -24.95 79.51
N LEU J 236 -61.25 -24.54 80.33
CA LEU J 236 -61.68 -23.13 80.38
C LEU J 236 -61.08 -22.34 81.55
N LEU J 237 -60.35 -23.04 82.42
CA LEU J 237 -59.73 -22.42 83.59
C LEU J 237 -58.62 -21.46 83.18
N ASP J 238 -58.55 -20.31 83.85
CA ASP J 238 -57.45 -19.38 83.61
C ASP J 238 -56.19 -19.80 84.38
N GLU J 239 -55.18 -18.92 84.40
CA GLU J 239 -53.90 -19.18 85.07
C GLU J 239 -54.01 -19.43 86.58
N ASN J 240 -55.05 -18.89 87.21
CA ASN J 240 -55.32 -19.12 88.64
C ASN J 240 -56.15 -20.39 88.90
N GLY J 241 -56.61 -21.02 87.83
CA GLY J 241 -57.47 -22.19 87.97
C GLY J 241 -58.94 -21.83 88.18
N VAL J 242 -59.36 -20.69 87.67
CA VAL J 242 -60.76 -20.27 87.78
C VAL J 242 -61.42 -20.15 86.40
N GLY J 243 -62.57 -20.80 86.23
CA GLY J 243 -63.36 -20.66 85.02
C GLY J 243 -64.27 -19.44 85.03
N PRO J 244 -65.03 -19.22 83.94
CA PRO J 244 -66.08 -18.19 83.93
C PRO J 244 -67.14 -18.43 84.99
N LEU J 245 -67.54 -17.35 85.68
CA LEU J 245 -68.50 -17.43 86.78
C LEU J 245 -69.84 -16.84 86.35
N CYS J 246 -70.89 -17.64 86.44
CA CYS J 246 -72.18 -17.27 85.85
C CYS J 246 -73.01 -16.33 86.73
N LYS J 247 -72.86 -15.04 86.46
CA LYS J 247 -73.60 -13.98 87.15
C LYS J 247 -75.10 -14.10 86.86
N GLY J 248 -75.91 -14.10 87.92
CA GLY J 248 -77.35 -14.25 87.78
C GLY J 248 -77.77 -15.60 87.20
N ASP J 249 -76.92 -16.61 87.40
CA ASP J 249 -77.16 -18.00 86.99
C ASP J 249 -77.31 -18.17 85.47
N GLY J 250 -76.64 -17.31 84.69
CA GLY J 250 -76.75 -17.33 83.24
C GLY J 250 -75.45 -17.62 82.49
N LEU J 251 -75.48 -18.64 81.64
CA LEU J 251 -74.32 -19.08 80.85
C LEU J 251 -74.39 -18.56 79.40
N PHE J 252 -73.35 -17.84 78.98
CA PHE J 252 -73.33 -17.22 77.64
C PHE J 252 -72.47 -17.98 76.65
N ILE J 253 -73.11 -18.44 75.57
CA ILE J 253 -72.46 -19.25 74.52
C ILE J 253 -72.62 -18.55 73.17
N SER J 254 -71.49 -18.31 72.49
CA SER J 254 -71.44 -17.54 71.27
C SER J 254 -70.59 -18.26 70.23
N CYS J 255 -70.91 -18.05 68.95
CA CYS J 255 -70.11 -18.63 67.86
C CYS J 255 -70.40 -18.07 66.46
N ALA J 256 -69.53 -18.44 65.52
CA ALA J 256 -69.68 -18.18 64.10
C ALA J 256 -68.86 -19.23 63.36
N ASP J 257 -69.43 -19.78 62.28
CA ASP J 257 -68.76 -20.81 61.48
C ASP J 257 -69.02 -20.69 59.98
N ILE J 258 -68.41 -19.67 59.36
CA ILE J 258 -68.47 -19.45 57.91
C ILE J 258 -67.55 -20.46 57.21
N VAL J 259 -68.10 -21.24 56.27
CA VAL J 259 -67.33 -22.35 55.64
C VAL J 259 -66.99 -22.17 54.14
N GLY J 260 -67.11 -20.95 53.64
CA GLY J 260 -66.79 -20.67 52.23
C GLY J 260 -67.96 -20.33 51.32
N PHE J 261 -67.66 -20.20 50.04
CA PHE J 261 -68.62 -19.79 49.01
C PHE J 261 -69.32 -20.95 48.31
N LEU J 262 -70.61 -20.76 48.03
CA LEU J 262 -71.33 -21.56 47.05
C LEU J 262 -71.25 -20.85 45.68
N PHE J 263 -70.57 -21.48 44.71
CA PHE J 263 -70.37 -20.91 43.36
C PHE J 263 -71.51 -21.27 42.42
N LYS J 264 -72.18 -20.25 41.90
CA LYS J 264 -73.36 -20.44 41.05
C LYS J 264 -73.04 -20.31 39.56
N THR J 265 -73.76 -21.08 38.75
CA THR J 265 -73.58 -21.10 37.29
C THR J 265 -73.40 -19.71 36.66
N SER J 266 -74.18 -18.73 37.11
CA SER J 266 -74.15 -17.38 36.56
C SER J 266 -72.89 -16.55 36.86
N GLY J 267 -72.08 -17.02 37.81
CA GLY J 267 -70.91 -16.27 38.28
C GLY J 267 -71.10 -15.80 39.71
N LYS J 268 -72.35 -15.67 40.12
CA LYS J 268 -72.72 -15.24 41.47
C LYS J 268 -72.15 -16.16 42.56
N MET J 269 -71.87 -15.57 43.72
CA MET J 269 -71.31 -16.30 44.87
C MET J 269 -72.03 -15.91 46.14
N ALA J 270 -72.34 -16.90 46.96
CA ALA J 270 -72.96 -16.68 48.27
C ALA J 270 -72.14 -17.40 49.35
N LEU J 271 -72.10 -16.82 50.55
CA LEU J 271 -71.40 -17.49 51.68
C LEU J 271 -72.33 -18.47 52.39
N HIS J 272 -71.74 -19.46 53.05
CA HIS J 272 -72.47 -20.58 53.64
C HIS J 272 -71.92 -20.87 55.05
N GLY J 273 -72.81 -21.14 56.01
CA GLY J 273 -72.39 -21.44 57.38
C GLY J 273 -72.90 -22.78 57.89
N LEU J 274 -72.18 -23.35 58.85
CA LEU J 274 -72.57 -24.61 59.50
C LEU J 274 -72.93 -24.42 60.99
N PRO J 275 -73.71 -25.35 61.57
CA PRO J 275 -74.06 -25.26 63.00
C PRO J 275 -72.93 -25.71 63.92
N ARG J 276 -73.00 -25.34 65.19
CA ARG J 276 -72.02 -25.76 66.19
C ARG J 276 -72.68 -26.36 67.42
N TYR J 277 -72.07 -27.39 67.97
CA TYR J 277 -72.58 -28.10 69.14
C TYR J 277 -71.71 -27.86 70.36
N PHE J 278 -72.33 -27.79 71.54
CA PHE J 278 -71.61 -27.59 72.79
C PHE J 278 -71.99 -28.58 73.88
N ASN J 279 -70.99 -29.02 74.65
CA ASN J 279 -71.21 -29.73 75.89
C ASN J 279 -70.31 -29.11 76.96
N VAL J 280 -70.90 -28.36 77.88
CA VAL J 280 -70.15 -27.60 78.89
C VAL J 280 -70.26 -28.26 80.27
N THR J 281 -69.12 -28.47 80.93
CA THR J 281 -69.06 -28.97 82.31
C THR J 281 -68.87 -27.81 83.31
N LEU J 282 -69.70 -27.82 84.36
CA LEU J 282 -69.71 -26.77 85.38
C LEU J 282 -69.66 -27.33 86.79
N ARG J 283 -69.01 -26.60 87.69
CA ARG J 283 -69.00 -26.95 89.10
C ARG J 283 -69.50 -25.79 89.98
N LYS J 284 -69.91 -26.09 91.21
CA LYS J 284 -70.31 -25.07 92.16
C LYS J 284 -69.07 -24.46 92.86
N ARG J 285 -69.10 -23.15 93.05
CA ARG J 285 -67.98 -22.41 93.62
C ARG J 285 -68.48 -21.34 94.60
N TRP J 286 -67.84 -21.24 95.77
CA TRP J 286 -68.15 -20.19 96.74
C TRP J 286 -67.50 -18.88 96.31
N VAL J 287 -68.24 -17.79 96.40
CA VAL J 287 -67.70 -16.47 96.05
C VAL J 287 -68.12 -15.38 97.05
N LYS J 288 -67.31 -14.32 97.11
CA LYS J 288 -67.65 -13.10 97.83
C LYS J 288 -68.45 -12.17 96.91
N VAL K 9 -54.60 3.87 -41.01
CA VAL K 9 -55.28 5.04 -41.62
C VAL K 9 -54.30 5.90 -42.45
N GLU K 10 -54.70 6.23 -43.67
CA GLU K 10 -53.91 7.13 -44.53
C GLU K 10 -54.27 8.59 -44.22
N VAL K 11 -53.25 9.39 -43.91
CA VAL K 11 -53.45 10.78 -43.48
C VAL K 11 -53.61 11.70 -44.68
N LEU K 12 -54.76 12.36 -44.78
CA LEU K 12 -55.03 13.27 -45.89
C LEU K 12 -54.82 14.74 -45.48
N SER K 13 -55.69 15.63 -45.94
CA SER K 13 -55.44 17.06 -45.77
C SER K 13 -56.12 17.66 -44.55
N VAL K 14 -55.51 18.73 -44.04
CA VAL K 14 -56.10 19.52 -42.98
C VAL K 14 -57.39 20.15 -43.51
N VAL K 15 -58.45 20.05 -42.70
CA VAL K 15 -59.73 20.66 -43.03
C VAL K 15 -59.66 22.19 -42.88
N THR K 16 -60.34 22.90 -43.77
CA THR K 16 -60.56 24.34 -43.64
C THR K 16 -62.02 24.62 -43.37
N GLY K 17 -62.27 25.41 -42.33
CA GLY K 17 -63.62 25.82 -41.94
C GLY K 17 -63.55 26.94 -40.92
N GLU K 18 -64.70 27.41 -40.47
CA GLU K 18 -64.73 28.43 -39.41
C GLU K 18 -64.33 27.81 -38.08
N ASP K 19 -64.96 26.68 -37.73
CA ASP K 19 -64.73 26.04 -36.44
C ASP K 19 -63.94 24.73 -36.57
N SER K 20 -62.74 24.82 -37.15
CA SER K 20 -61.88 23.65 -37.34
C SER K 20 -60.79 23.52 -36.26
N ILE K 21 -60.64 24.55 -35.44
CA ILE K 21 -59.70 24.54 -34.31
C ILE K 21 -60.46 24.60 -32.97
N THR K 22 -60.07 23.73 -32.04
CA THR K 22 -60.65 23.70 -30.70
C THR K 22 -59.56 23.63 -29.62
N GLN K 23 -59.94 23.84 -28.36
CA GLN K 23 -59.03 23.86 -27.22
C GLN K 23 -59.55 22.98 -26.09
N ILE K 24 -58.69 22.11 -25.55
CA ILE K 24 -59.06 21.27 -24.41
C ILE K 24 -58.23 21.68 -23.19
N GLU K 25 -58.92 21.99 -22.08
CA GLU K 25 -58.27 22.34 -20.80
C GLU K 25 -58.58 21.30 -19.75
N LEU K 26 -57.59 21.00 -18.91
CA LEU K 26 -57.78 20.13 -17.76
C LEU K 26 -56.57 20.16 -16.84
N TYR K 27 -56.79 19.79 -15.58
CA TYR K 27 -55.70 19.54 -14.64
C TYR K 27 -55.78 18.08 -14.21
N LEU K 28 -54.70 17.58 -13.61
CA LEU K 28 -54.69 16.22 -13.07
C LEU K 28 -53.96 16.18 -11.73
N ASN K 29 -54.69 15.81 -10.67
CA ASN K 29 -54.14 15.75 -9.33
C ASN K 29 -53.26 14.51 -9.17
N PRO K 30 -52.20 14.59 -8.36
CA PRO K 30 -51.25 13.47 -8.24
C PRO K 30 -51.85 12.21 -7.61
N ARG K 31 -51.27 11.05 -7.93
CA ARG K 31 -51.69 9.78 -7.32
C ARG K 31 -50.52 9.09 -6.57
N MET K 32 -50.07 9.72 -5.50
CA MET K 32 -48.86 9.30 -4.77
C MET K 32 -49.00 8.03 -3.92
N GLY K 33 -50.23 7.68 -3.55
CA GLY K 33 -50.49 6.51 -2.69
C GLY K 33 -51.78 6.72 -1.94
N VAL K 34 -51.89 7.89 -1.33
CA VAL K 34 -53.15 8.38 -0.78
C VAL K 34 -53.78 9.23 -1.88
N ASN K 35 -54.67 8.62 -2.65
CA ASN K 35 -55.14 9.16 -3.93
C ASN K 35 -56.46 9.92 -3.88
N SER K 36 -57.01 10.08 -2.68
CA SER K 36 -58.34 10.68 -2.50
C SER K 36 -58.38 11.57 -1.24
N PRO K 37 -58.95 12.78 -1.36
CA PRO K 37 -59.04 13.67 -0.20
C PRO K 37 -60.36 13.54 0.57
N ASP K 38 -61.12 12.48 0.28
CA ASP K 38 -62.46 12.32 0.84
C ASP K 38 -62.59 11.05 1.67
N LEU K 39 -61.67 10.90 2.62
CA LEU K 39 -61.71 9.82 3.59
C LEU K 39 -61.46 10.41 4.98
N PRO K 40 -62.36 10.13 5.94
CA PRO K 40 -62.16 10.66 7.30
C PRO K 40 -60.96 10.00 8.00
N THR K 41 -60.61 8.81 7.55
CA THR K 41 -59.55 8.01 8.16
C THR K 41 -58.13 8.58 7.93
N THR K 42 -57.72 8.69 6.66
CA THR K 42 -56.30 8.92 6.32
C THR K 42 -56.03 9.96 5.23
N SER K 43 -57.08 10.67 4.79
CA SER K 43 -56.98 11.64 3.69
C SER K 43 -56.14 12.88 4.00
N ASN K 44 -55.55 12.94 5.19
CA ASN K 44 -54.67 14.04 5.53
C ASN K 44 -53.35 13.96 4.77
N TRP K 45 -53.03 12.77 4.25
CA TRP K 45 -51.83 12.55 3.45
C TRP K 45 -52.03 12.49 1.92
N TYR K 46 -53.14 13.04 1.45
CA TYR K 46 -53.42 13.18 0.03
C TYR K 46 -52.33 14.00 -0.66
N THR K 47 -51.86 13.49 -1.80
CA THR K 47 -50.67 13.99 -2.55
C THR K 47 -49.32 13.57 -1.94
N TYR K 48 -49.38 12.64 -0.97
CA TYR K 48 -48.17 12.06 -0.37
C TYR K 48 -48.26 10.53 -0.35
N THR K 49 -47.11 9.89 -0.11
CA THR K 49 -47.07 8.46 0.18
C THR K 49 -47.09 8.29 1.70
N TYR K 50 -47.10 7.05 2.18
CA TYR K 50 -46.79 6.79 3.58
C TYR K 50 -45.27 6.77 3.75
N ASP K 51 -44.81 6.22 4.86
CA ASP K 51 -43.39 6.19 5.17
C ASP K 51 -42.67 5.12 4.36
N LEU K 52 -41.58 5.54 3.71
CA LEU K 52 -40.81 4.66 2.86
C LEU K 52 -39.60 4.11 3.59
N GLN K 53 -39.54 2.78 3.69
CA GLN K 53 -38.51 2.09 4.46
C GLN K 53 -38.10 0.76 3.81
N PRO K 54 -36.80 0.43 3.89
CA PRO K 54 -36.38 -0.95 3.59
C PRO K 54 -36.81 -1.90 4.71
N LYS K 55 -37.51 -2.97 4.33
CA LYS K 55 -38.02 -3.97 5.29
C LYS K 55 -36.92 -4.46 6.23
N GLY K 56 -35.76 -4.80 5.66
CA GLY K 56 -34.65 -5.36 6.44
C GLY K 56 -34.53 -6.87 6.27
N SER K 57 -35.56 -7.48 5.69
CA SER K 57 -35.56 -8.93 5.46
C SER K 57 -36.34 -9.31 4.19
N SER K 58 -36.16 -10.56 3.77
CA SER K 58 -36.76 -11.04 2.52
C SER K 58 -38.16 -11.64 2.75
N PRO K 59 -39.10 -11.39 1.82
CA PRO K 59 -39.02 -10.44 0.72
C PRO K 59 -39.83 -9.17 0.98
N ASP K 60 -39.56 -8.11 0.23
CA ASP K 60 -40.28 -6.84 0.36
C ASP K 60 -41.76 -7.02 0.01
N GLN K 61 -42.63 -6.44 0.82
CA GLN K 61 -44.08 -6.53 0.63
C GLN K 61 -44.72 -5.14 0.76
N PRO K 62 -44.51 -4.27 -0.25
CA PRO K 62 -44.94 -2.87 -0.16
C PRO K 62 -46.44 -2.70 -0.18
N ILE K 63 -46.94 -1.75 0.61
CA ILE K 63 -48.36 -1.41 0.65
C ILE K 63 -48.68 -0.43 -0.47
N LYS K 64 -49.96 -0.34 -0.85
CA LYS K 64 -50.36 0.50 -1.98
C LYS K 64 -50.25 2.01 -1.71
N GLU K 65 -50.09 2.38 -0.45
CA GLU K 65 -49.87 3.78 -0.07
C GLU K 65 -48.45 4.24 -0.39
N ASN K 66 -47.56 3.27 -0.61
CA ASN K 66 -46.16 3.54 -0.91
C ASN K 66 -45.75 3.38 -2.39
N LEU K 67 -46.74 3.43 -3.29
CA LEU K 67 -46.50 3.23 -4.71
C LEU K 67 -47.14 4.33 -5.56
N PRO K 68 -46.45 5.49 -5.71
CA PRO K 68 -46.97 6.53 -6.61
C PRO K 68 -47.29 5.94 -7.98
N ALA K 69 -48.40 6.39 -8.56
CA ALA K 69 -48.86 5.86 -9.84
C ALA K 69 -49.09 6.97 -10.88
N TYR K 70 -49.21 6.55 -12.15
CA TYR K 70 -49.49 7.49 -13.23
C TYR K 70 -50.93 8.03 -13.17
N SER K 71 -51.06 9.36 -13.34
CA SER K 71 -52.36 10.00 -13.55
C SER K 71 -52.79 9.94 -15.01
N VAL K 72 -54.04 9.56 -15.26
CA VAL K 72 -54.55 9.51 -16.62
C VAL K 72 -55.99 9.98 -16.73
N ALA K 73 -56.27 10.72 -17.81
CA ALA K 73 -57.61 11.11 -18.17
C ALA K 73 -57.88 10.88 -19.65
N ARG K 74 -59.10 10.42 -19.96
CA ARG K 74 -59.61 10.40 -21.34
C ARG K 74 -60.61 11.52 -21.51
N VAL K 75 -60.36 12.43 -22.44
CA VAL K 75 -61.28 13.53 -22.66
C VAL K 75 -62.13 13.26 -23.91
N SER K 76 -63.44 13.46 -23.77
CA SER K 76 -64.39 13.29 -24.87
C SER K 76 -64.46 14.54 -25.73
N LEU K 77 -64.42 14.32 -27.04
CA LEU K 77 -64.25 15.39 -28.00
C LEU K 77 -65.51 15.58 -28.85
N PRO K 78 -65.74 16.81 -29.36
CA PRO K 78 -66.86 17.03 -30.28
C PRO K 78 -66.88 15.97 -31.39
N MET K 79 -68.03 15.32 -31.55
CA MET K 79 -68.24 14.30 -32.58
C MET K 79 -68.16 14.94 -33.98
N LEU K 80 -67.78 14.15 -34.99
CA LEU K 80 -67.44 14.70 -36.31
C LEU K 80 -68.13 14.04 -37.51
N ASN K 81 -68.43 12.75 -37.41
CA ASN K 81 -68.88 11.94 -38.55
C ASN K 81 -70.34 11.46 -38.51
N GLU K 82 -70.70 10.62 -39.49
CA GLU K 82 -72.02 9.99 -39.58
C GLU K 82 -71.91 8.46 -39.62
N ASP K 87 -66.22 5.83 -44.90
CA ASP K 87 -64.89 5.30 -45.16
C ASP K 87 -63.78 6.36 -45.02
N THR K 88 -63.99 7.52 -45.64
CA THR K 88 -63.15 8.69 -45.42
C THR K 88 -63.79 9.56 -44.33
N LEU K 89 -63.03 9.79 -43.27
CA LEU K 89 -63.54 10.43 -42.07
C LEU K 89 -62.75 11.68 -41.68
N GLN K 90 -63.32 12.49 -40.80
CA GLN K 90 -62.59 13.54 -40.10
C GLN K 90 -62.17 13.03 -38.71
N MET K 91 -60.92 13.32 -38.33
CA MET K 91 -60.40 13.00 -36.99
C MET K 91 -59.73 14.23 -36.37
N TRP K 92 -59.83 14.33 -35.04
CA TRP K 92 -59.15 15.37 -34.29
C TRP K 92 -57.65 15.08 -34.23
N GLU K 93 -56.85 16.10 -34.53
CA GLU K 93 -55.39 16.01 -34.54
C GLU K 93 -54.84 16.96 -33.47
N ALA K 94 -54.13 16.42 -32.49
CA ALA K 94 -53.51 17.27 -31.45
C ALA K 94 -52.22 17.87 -31.98
N ILE K 95 -52.13 19.20 -31.99
CA ILE K 95 -50.99 19.85 -32.67
C ILE K 95 -50.03 20.60 -31.76
N SER K 96 -50.51 21.06 -30.61
CA SER K 96 -49.66 21.75 -29.64
C SER K 96 -50.25 21.69 -28.24
N VAL K 97 -49.41 21.92 -27.22
CA VAL K 97 -49.83 21.86 -25.82
C VAL K 97 -49.07 22.85 -24.93
N LYS K 98 -49.78 23.55 -24.07
CA LYS K 98 -49.18 24.33 -22.99
C LYS K 98 -49.40 23.57 -21.70
N THR K 99 -48.33 23.21 -21.02
CA THR K 99 -48.47 22.43 -19.80
C THR K 99 -47.63 23.02 -18.67
N GLU K 100 -48.10 22.82 -17.43
CA GLU K 100 -47.45 23.42 -16.27
C GLU K 100 -47.67 22.60 -15.00
N VAL K 101 -46.62 22.51 -14.19
CA VAL K 101 -46.74 21.99 -12.83
C VAL K 101 -47.27 23.11 -11.93
N VAL K 102 -48.33 22.79 -11.19
CA VAL K 102 -49.02 23.78 -10.35
C VAL K 102 -48.62 23.66 -8.89
N GLY K 103 -48.51 24.79 -8.21
CA GLY K 103 -48.30 24.79 -6.77
C GLY K 103 -46.83 24.72 -6.38
N ILE K 104 -45.96 25.03 -7.33
CA ILE K 104 -44.51 24.99 -7.12
C ILE K 104 -44.06 25.85 -5.93
N SER K 105 -44.69 27.02 -5.76
CA SER K 105 -44.33 28.00 -4.73
C SER K 105 -44.62 27.51 -3.31
N SER K 106 -45.47 26.49 -3.20
CA SER K 106 -45.82 25.89 -1.92
C SER K 106 -44.62 25.21 -1.28
N LEU K 107 -43.57 24.98 -2.07
CA LEU K 107 -42.41 24.26 -1.57
C LEU K 107 -41.35 25.14 -0.88
N ILE K 108 -41.57 26.46 -0.84
CA ILE K 108 -40.75 27.36 0.00
C ILE K 108 -41.08 27.21 1.50
N ASN K 109 -42.13 26.45 1.82
CA ASN K 109 -42.54 26.19 3.20
C ASN K 109 -41.51 25.31 3.91
N VAL K 110 -40.72 25.90 4.81
CA VAL K 110 -39.76 25.14 5.64
C VAL K 110 -40.13 25.06 7.14
N HIS K 111 -41.42 25.10 7.44
CA HIS K 111 -41.89 25.13 8.83
C HIS K 111 -43.09 24.19 9.08
N TYR K 112 -43.18 23.12 8.31
CA TYR K 112 -44.13 22.06 8.64
C TYR K 112 -43.91 21.60 10.10
N TRP K 113 -44.99 21.49 10.88
CA TRP K 113 -44.86 21.27 12.34
C TRP K 113 -43.98 20.07 12.71
N ASP K 114 -44.09 18.96 11.96
CA ASP K 114 -43.29 17.75 12.22
C ASP K 114 -42.07 17.57 11.30
N MET K 115 -41.51 18.69 10.82
CA MET K 115 -40.39 18.63 9.88
C MET K 115 -39.06 18.45 10.59
N LYS K 116 -38.29 17.45 10.15
CA LYS K 116 -36.91 17.28 10.59
C LYS K 116 -36.11 18.55 10.30
N ARG K 117 -35.30 19.00 11.24
CA ARG K 117 -34.50 20.24 11.08
C ARG K 117 -33.20 20.00 10.34
N VAL K 118 -32.69 21.03 9.68
CA VAL K 118 -31.37 20.94 9.02
C VAL K 118 -30.22 20.77 10.04
N HIS K 119 -30.41 21.33 11.24
CA HIS K 119 -29.49 21.21 12.37
C HIS K 119 -30.20 21.78 13.60
N ASP K 120 -29.51 21.88 14.74
CA ASP K 120 -30.13 22.45 15.95
C ASP K 120 -30.54 23.90 15.76
N TYR K 121 -31.80 24.20 16.12
CA TYR K 121 -32.40 25.53 16.00
C TYR K 121 -32.64 25.98 14.57
N GLY K 122 -32.60 25.05 13.62
CA GLY K 122 -32.70 25.39 12.21
C GLY K 122 -34.10 25.32 11.64
N ALA K 123 -34.25 25.79 10.41
CA ALA K 123 -35.45 25.54 9.60
C ALA K 123 -35.56 24.05 9.23
N GLY K 124 -36.71 23.65 8.72
CA GLY K 124 -36.85 22.27 8.22
C GLY K 124 -36.06 22.04 6.95
N ILE K 125 -35.84 20.77 6.62
CA ILE K 125 -35.26 20.41 5.33
C ILE K 125 -36.39 20.54 4.30
N PRO K 126 -36.19 21.42 3.28
CA PRO K 126 -37.25 21.58 2.27
C PRO K 126 -37.51 20.30 1.49
N VAL K 127 -38.69 20.21 0.85
CA VAL K 127 -38.99 19.10 -0.03
C VAL K 127 -37.91 19.06 -1.12
N SER K 128 -37.25 17.91 -1.26
CA SER K 128 -36.05 17.72 -2.09
C SER K 128 -35.71 16.24 -2.18
N GLY K 129 -34.84 15.89 -3.13
CA GLY K 129 -34.50 14.48 -3.37
C GLY K 129 -34.97 13.95 -4.73
N VAL K 130 -35.51 12.74 -4.70
CA VAL K 130 -36.00 12.07 -5.89
C VAL K 130 -37.08 12.88 -6.61
N ASN K 131 -36.82 13.19 -7.87
CA ASN K 131 -37.83 13.79 -8.72
C ASN K 131 -38.11 12.90 -9.93
N TYR K 132 -39.35 12.88 -10.37
CA TYR K 132 -39.73 12.17 -11.59
C TYR K 132 -40.83 12.95 -12.28
N HIS K 133 -40.57 13.37 -13.51
CA HIS K 133 -41.49 14.20 -14.26
C HIS K 133 -41.72 13.61 -15.65
N MET K 134 -42.99 13.41 -16.00
CA MET K 134 -43.37 12.95 -17.32
C MET K 134 -44.77 13.42 -17.69
N PHE K 135 -45.00 13.66 -18.99
CA PHE K 135 -46.36 13.88 -19.49
C PHE K 135 -46.50 13.34 -20.91
N ALA K 136 -47.72 12.99 -21.29
CA ALA K 136 -47.97 12.41 -22.61
C ALA K 136 -49.33 12.84 -23.17
N ILE K 137 -49.37 13.11 -24.48
CA ILE K 137 -50.58 13.45 -25.23
C ILE K 137 -50.72 12.43 -26.35
N GLY K 138 -51.92 11.89 -26.55
CA GLY K 138 -52.13 10.81 -27.52
C GLY K 138 -53.58 10.56 -27.91
N GLY K 139 -53.76 9.91 -29.06
CA GLY K 139 -55.10 9.53 -29.55
C GLY K 139 -55.49 8.11 -29.17
N GLU K 140 -54.69 7.50 -28.31
CA GLU K 140 -54.99 6.20 -27.73
C GLU K 140 -54.25 6.10 -26.38
N PRO K 141 -54.48 5.02 -25.60
CA PRO K 141 -53.78 4.97 -24.31
C PRO K 141 -52.27 4.86 -24.50
N LEU K 142 -51.50 5.36 -23.54
CA LEU K 142 -50.04 5.25 -23.56
C LEU K 142 -49.64 3.78 -23.42
N ASP K 143 -48.62 3.37 -24.18
CA ASP K 143 -48.13 2.00 -24.11
C ASP K 143 -47.02 1.91 -23.06
N LEU K 144 -47.04 0.82 -22.27
CA LEU K 144 -46.14 0.69 -21.11
C LEU K 144 -45.29 -0.57 -21.14
N GLN K 145 -44.03 -0.40 -20.74
CA GLN K 145 -43.10 -1.51 -20.59
C GLN K 145 -42.82 -1.69 -19.09
N GLY K 146 -42.96 -2.93 -18.62
CA GLY K 146 -42.65 -3.30 -17.24
C GLY K 146 -41.18 -3.62 -17.01
N LEU K 147 -40.59 -2.99 -15.98
CA LEU K 147 -39.23 -3.27 -15.53
C LEU K 147 -39.07 -2.81 -14.09
N VAL K 148 -38.53 -3.69 -13.24
CA VAL K 148 -38.42 -3.44 -11.79
C VAL K 148 -37.00 -3.58 -11.26
N LEU K 149 -36.70 -2.86 -10.18
CA LEU K 149 -35.42 -2.95 -9.48
C LEU K 149 -35.15 -4.36 -8.93
N ASP K 150 -36.18 -4.98 -8.36
CA ASP K 150 -36.05 -6.30 -7.74
C ASP K 150 -37.18 -7.24 -8.15
N TYR K 151 -36.84 -8.32 -8.84
CA TYR K 151 -37.84 -9.27 -9.35
C TYR K 151 -38.59 -10.01 -8.24
N GLN K 152 -37.98 -10.05 -7.06
CA GLN K 152 -38.50 -10.83 -5.92
C GLN K 152 -39.54 -10.09 -5.09
N THR K 153 -39.71 -8.79 -5.36
CA THR K 153 -40.69 -7.94 -4.68
C THR K 153 -42.10 -8.51 -4.85
N GLN K 154 -42.84 -8.59 -3.74
CA GLN K 154 -44.21 -9.10 -3.74
C GLN K 154 -45.23 -7.96 -3.64
N TYR K 155 -45.76 -7.54 -4.78
CA TYR K 155 -46.65 -6.39 -4.86
C TYR K 155 -48.06 -6.74 -4.39
N PRO K 156 -48.86 -5.74 -3.94
CA PRO K 156 -50.24 -6.01 -3.58
C PRO K 156 -50.99 -6.60 -4.77
N LYS K 157 -51.71 -7.70 -4.56
CA LYS K 157 -52.43 -8.39 -5.63
C LYS K 157 -53.63 -7.58 -6.14
N THR K 158 -53.98 -7.79 -7.42
CA THR K 158 -55.10 -7.12 -8.08
C THR K 158 -56.43 -7.72 -7.61
N GLY K 162 -56.16 -2.29 -5.43
CA GLY K 162 -55.21 -3.23 -6.01
C GLY K 162 -54.61 -2.69 -7.30
N PRO K 163 -53.29 -2.43 -7.29
CA PRO K 163 -52.59 -1.90 -8.47
C PRO K 163 -52.28 -3.00 -9.50
N ILE K 164 -52.06 -2.60 -10.75
CA ILE K 164 -51.73 -3.54 -11.81
C ILE K 164 -50.22 -3.62 -11.99
N THR K 165 -49.66 -4.82 -11.85
CA THR K 165 -48.21 -5.01 -12.02
C THR K 165 -47.93 -6.16 -12.98
N ILE K 166 -46.65 -6.52 -13.10
CA ILE K 166 -46.21 -7.52 -14.07
C ILE K 166 -46.88 -8.90 -13.88
N GLU K 167 -47.00 -9.34 -12.62
CA GLU K 167 -47.64 -10.60 -12.31
C GLU K 167 -49.10 -10.65 -12.80
N THR K 168 -49.82 -9.55 -12.60
CA THR K 168 -51.19 -9.38 -13.11
C THR K 168 -51.26 -9.72 -14.59
N VAL K 169 -50.38 -9.08 -15.36
CA VAL K 169 -50.40 -9.16 -16.81
C VAL K 169 -49.93 -10.53 -17.31
N LEU K 170 -48.92 -11.09 -16.64
CA LEU K 170 -48.31 -12.36 -17.05
C LEU K 170 -49.11 -13.60 -16.62
N GLY K 171 -49.90 -13.46 -15.56
CA GLY K 171 -50.60 -14.59 -14.95
C GLY K 171 -49.65 -15.57 -14.30
N ARG K 172 -48.45 -15.09 -13.93
CA ARG K 172 -47.39 -15.91 -13.30
C ARG K 172 -46.30 -15.02 -12.69
N LYS K 173 -45.54 -15.59 -11.74
CA LYS K 173 -44.48 -14.85 -11.03
C LYS K 173 -43.44 -14.21 -11.94
N MET K 174 -42.82 -13.14 -11.45
CA MET K 174 -41.67 -12.54 -12.13
C MET K 174 -40.44 -13.41 -11.96
N THR K 175 -39.55 -13.37 -12.95
CA THR K 175 -38.26 -14.06 -12.84
C THR K 175 -37.17 -12.99 -13.04
N PRO K 176 -35.88 -13.38 -12.91
CA PRO K 176 -34.79 -12.43 -13.11
C PRO K 176 -34.89 -11.58 -14.39
N LYS K 177 -35.43 -12.15 -15.48
CA LYS K 177 -35.49 -11.41 -16.75
C LYS K 177 -36.24 -10.08 -16.61
N ASN K 178 -37.11 -10.00 -15.61
CA ASN K 178 -37.89 -8.79 -15.35
C ASN K 178 -37.15 -7.63 -14.68
N GLN K 179 -35.90 -7.87 -14.29
CA GLN K 179 -35.02 -6.78 -13.90
C GLN K 179 -34.40 -6.15 -15.14
N GLY K 180 -34.63 -6.78 -16.29
CA GLY K 180 -34.27 -6.25 -17.61
C GLY K 180 -35.50 -6.12 -18.50
N LEU K 181 -35.29 -6.02 -19.80
CA LEU K 181 -36.43 -5.86 -20.73
C LEU K 181 -36.99 -7.23 -21.10
N ASP K 182 -38.27 -7.41 -20.80
CA ASP K 182 -39.01 -8.61 -21.17
C ASP K 182 -40.21 -8.22 -22.03
N PRO K 183 -40.19 -8.63 -23.31
CA PRO K 183 -41.19 -8.32 -24.35
C PRO K 183 -42.63 -8.66 -23.98
N GLN K 184 -42.82 -9.59 -23.04
CA GLN K 184 -44.17 -10.00 -22.64
C GLN K 184 -44.73 -9.09 -21.56
N ALA K 185 -43.84 -8.37 -20.88
CA ALA K 185 -44.21 -7.47 -19.79
C ALA K 185 -44.70 -6.11 -20.31
N LYS K 186 -45.93 -6.11 -20.83
CA LYS K 186 -46.50 -4.91 -21.47
C LYS K 186 -47.93 -4.64 -21.01
N ALA K 187 -48.33 -3.37 -21.06
CA ALA K 187 -49.65 -2.94 -20.61
C ALA K 187 -50.08 -1.63 -21.29
N LYS K 188 -51.36 -1.30 -21.15
CA LYS K 188 -51.90 -0.02 -21.61
C LYS K 188 -52.33 0.80 -20.40
N LEU K 189 -51.86 2.04 -20.34
CA LEU K 189 -52.22 2.95 -19.27
C LEU K 189 -53.65 3.46 -19.51
N ASP K 190 -54.62 2.75 -18.95
CA ASP K 190 -56.03 3.08 -19.19
C ASP K 190 -56.79 3.45 -17.92
N LYS K 191 -56.11 3.37 -16.78
CA LYS K 191 -56.74 3.57 -15.48
C LYS K 191 -55.89 4.43 -14.55
N ASP K 192 -56.51 5.47 -14.00
CA ASP K 192 -55.85 6.51 -13.20
C ASP K 192 -55.55 6.02 -11.76
N GLY K 193 -54.28 6.13 -11.35
CA GLY K 193 -53.84 5.77 -10.00
C GLY K 193 -53.71 4.29 -9.72
N ASN K 194 -53.50 3.49 -10.78
CA ASN K 194 -53.45 2.01 -10.69
C ASN K 194 -52.19 1.37 -11.27
N TYR K 195 -51.46 2.12 -12.09
CA TYR K 195 -50.20 1.65 -12.66
C TYR K 195 -49.02 2.34 -11.95
N PRO K 196 -48.35 1.62 -11.02
CA PRO K 196 -47.21 2.16 -10.26
C PRO K 196 -46.03 2.57 -11.15
N ILE K 197 -45.42 3.69 -10.80
CA ILE K 197 -44.30 4.24 -11.54
C ILE K 197 -43.07 3.33 -11.47
N GLU K 198 -42.78 2.79 -10.30
CA GLU K 198 -41.57 1.96 -10.11
C GLU K 198 -41.65 0.61 -10.84
N VAL K 199 -42.79 0.33 -11.45
CA VAL K 199 -42.95 -0.88 -12.25
C VAL K 199 -43.05 -0.59 -13.76
N TRP K 200 -43.78 0.47 -14.11
CA TRP K 200 -44.10 0.74 -15.51
C TRP K 200 -43.44 2.04 -16.05
N CYS K 201 -42.88 1.95 -17.26
CA CYS K 201 -42.37 3.09 -18.02
C CYS K 201 -43.01 3.10 -19.43
N PRO K 202 -42.90 4.22 -20.16
CA PRO K 202 -43.46 4.28 -21.52
C PRO K 202 -42.71 3.37 -22.47
N ASP K 203 -43.44 2.69 -23.36
CA ASP K 203 -42.82 1.75 -24.30
C ASP K 203 -42.31 2.44 -25.58
N PRO K 204 -40.99 2.54 -25.75
CA PRO K 204 -40.45 3.16 -26.95
C PRO K 204 -40.65 2.34 -28.22
N SER K 205 -40.98 1.06 -28.08
CA SER K 205 -41.20 0.21 -29.25
C SER K 205 -42.57 0.43 -29.86
N LYS K 206 -43.50 0.99 -29.08
CA LYS K 206 -44.83 1.31 -29.59
C LYS K 206 -45.08 2.84 -29.60
N ASN K 207 -46.26 3.28 -29.15
CA ASN K 207 -46.56 4.72 -28.99
C ASN K 207 -46.36 5.63 -30.21
N GLU K 208 -46.64 5.11 -31.40
CA GLU K 208 -46.46 5.90 -32.63
C GLU K 208 -47.53 6.99 -32.76
N ASN K 209 -48.67 6.75 -32.11
CA ASN K 209 -49.77 7.71 -32.03
C ASN K 209 -49.79 8.46 -30.67
N SER K 210 -48.63 8.56 -30.02
CA SER K 210 -48.46 9.34 -28.78
C SER K 210 -47.16 10.15 -28.76
N ARG K 211 -47.14 11.25 -28.01
CA ARG K 211 -45.90 11.99 -27.72
C ARG K 211 -45.70 12.02 -26.21
N TYR K 212 -44.53 11.55 -25.75
CA TYR K 212 -44.18 11.59 -24.31
C TYR K 212 -42.83 12.23 -24.05
N TYR K 213 -42.71 12.83 -22.86
CA TYR K 213 -41.50 13.58 -22.46
C TYR K 213 -41.30 13.39 -20.98
N GLY K 214 -40.07 13.09 -20.58
CA GLY K 214 -39.81 12.82 -19.17
C GLY K 214 -38.38 12.90 -18.69
N SER K 215 -38.22 12.73 -17.38
CA SER K 215 -36.91 12.81 -16.75
C SER K 215 -36.98 12.31 -15.30
N ILE K 216 -35.82 11.92 -14.78
CA ILE K 216 -35.69 11.50 -13.39
C ILE K 216 -34.52 12.22 -12.78
N GLN K 217 -34.48 12.29 -11.45
CA GLN K 217 -33.35 12.83 -10.70
C GLN K 217 -33.25 12.05 -9.39
N THR K 218 -32.11 11.41 -9.13
CA THR K 218 -31.93 10.69 -7.85
C THR K 218 -31.09 11.46 -6.83
N GLY K 219 -30.82 10.84 -5.69
CA GLY K 219 -30.17 11.48 -4.54
C GLY K 219 -31.14 11.66 -3.39
N SER K 220 -30.62 11.89 -2.18
CA SER K 220 -31.46 12.02 -0.99
C SER K 220 -32.04 13.43 -0.82
N GLN K 221 -31.21 14.44 -1.03
CA GLN K 221 -31.55 15.81 -0.73
C GLN K 221 -31.14 16.71 -1.89
N THR K 222 -31.08 16.11 -3.08
CA THR K 222 -30.84 16.84 -4.32
C THR K 222 -31.91 17.94 -4.43
N PRO K 223 -31.46 19.18 -4.69
CA PRO K 223 -32.39 20.31 -4.87
C PRO K 223 -33.48 20.03 -5.91
N THR K 224 -34.73 20.35 -5.56
CA THR K 224 -35.82 20.43 -6.53
C THR K 224 -35.74 21.77 -7.23
N VAL K 225 -35.67 21.71 -8.56
CA VAL K 225 -35.42 22.86 -9.43
C VAL K 225 -36.44 22.81 -10.56
N LEU K 226 -37.38 23.75 -10.56
CA LEU K 226 -38.50 23.71 -11.50
C LEU K 226 -38.79 25.12 -12.00
N GLN K 227 -39.21 25.21 -13.27
CA GLN K 227 -39.56 26.49 -13.88
C GLN K 227 -41.05 26.50 -14.19
N PHE K 228 -41.61 27.71 -14.33
CA PHE K 228 -43.01 27.89 -14.74
C PHE K 228 -43.18 29.19 -15.52
N SER K 229 -43.93 29.09 -16.63
CA SER K 229 -44.21 30.22 -17.50
C SER K 229 -45.45 29.90 -18.34
N ASN K 230 -46.30 30.90 -18.57
CA ASN K 230 -47.45 30.74 -19.49
C ASN K 230 -47.11 31.07 -20.94
N THR K 231 -45.82 31.18 -21.26
CA THR K 231 -45.32 31.49 -22.63
C THR K 231 -44.71 30.26 -23.33
N LEU K 232 -44.82 29.09 -22.72
CA LEU K 232 -44.09 27.91 -23.20
C LEU K 232 -45.00 26.86 -23.84
N THR K 233 -44.73 26.59 -25.12
CA THR K 233 -45.52 25.67 -25.94
C THR K 233 -44.68 24.49 -26.46
N THR K 234 -45.20 23.27 -26.32
CA THR K 234 -44.64 22.11 -27.00
C THR K 234 -45.45 21.82 -28.28
N VAL K 235 -44.76 21.78 -29.43
CA VAL K 235 -45.36 21.34 -30.70
C VAL K 235 -45.43 19.80 -30.73
N LEU K 236 -46.59 19.27 -31.09
CA LEU K 236 -46.83 17.80 -31.05
C LEU K 236 -46.74 17.12 -32.41
N LEU K 237 -46.47 17.91 -33.46
CA LEU K 237 -46.27 17.40 -34.82
C LEU K 237 -45.03 16.53 -34.90
N ASP K 238 -45.16 15.38 -35.55
CA ASP K 238 -44.00 14.53 -35.82
C ASP K 238 -43.18 15.07 -37.00
N GLU K 239 -42.25 14.25 -37.46
CA GLU K 239 -41.33 14.62 -38.55
C GLU K 239 -42.02 14.88 -39.90
N ASN K 240 -43.21 14.33 -40.09
CA ASN K 240 -44.02 14.59 -41.30
C ASN K 240 -45.04 15.72 -41.18
N GLY K 241 -45.14 16.33 -40.00
CA GLY K 241 -46.15 17.36 -39.74
C GLY K 241 -47.50 16.82 -39.27
N VAL K 242 -47.53 15.59 -38.77
CA VAL K 242 -48.74 14.96 -38.28
C VAL K 242 -48.68 14.82 -36.75
N GLY K 243 -49.75 15.23 -36.07
CA GLY K 243 -49.87 15.05 -34.62
C GLY K 243 -50.70 13.83 -34.26
N PRO K 244 -50.78 13.47 -32.97
CA PRO K 244 -51.57 12.30 -32.56
C PRO K 244 -52.99 12.40 -33.09
N LEU K 245 -53.55 11.25 -33.49
CA LEU K 245 -54.88 11.22 -34.08
C LEU K 245 -55.88 10.49 -33.19
N CYS K 246 -56.99 11.19 -32.89
CA CYS K 246 -57.92 10.75 -31.86
C CYS K 246 -58.99 9.81 -32.40
N LYS K 247 -58.68 8.52 -32.40
CA LYS K 247 -59.65 7.49 -32.78
C LYS K 247 -60.69 7.34 -31.67
N GLY K 248 -61.93 7.08 -32.07
CA GLY K 248 -63.03 6.98 -31.11
C GLY K 248 -63.34 8.29 -30.41
N ASP K 249 -62.90 9.41 -31.00
CA ASP K 249 -63.13 10.77 -30.46
C ASP K 249 -62.64 10.99 -29.02
N GLY K 250 -61.57 10.29 -28.64
CA GLY K 250 -61.05 10.40 -27.29
C GLY K 250 -59.61 10.85 -27.23
N LEU K 251 -59.34 11.89 -26.43
CA LEU K 251 -57.98 12.40 -26.20
C LEU K 251 -57.42 11.87 -24.88
N PHE K 252 -56.25 11.25 -24.95
CA PHE K 252 -55.63 10.63 -23.78
C PHE K 252 -54.52 11.49 -23.20
N ILE K 253 -54.64 11.81 -21.91
CA ILE K 253 -53.65 12.66 -21.23
C ILE K 253 -53.08 11.94 -20.01
N SER K 254 -51.75 11.81 -19.98
CA SER K 254 -51.05 11.11 -18.91
C SER K 254 -49.93 11.95 -18.30
N CYS K 255 -49.64 11.75 -17.01
CA CYS K 255 -48.53 12.47 -16.35
C CYS K 255 -48.09 11.86 -15.00
N ALA K 256 -47.04 12.44 -14.43
CA ALA K 256 -46.47 12.07 -13.12
C ALA K 256 -45.51 13.18 -12.71
N ASP K 257 -45.65 13.68 -11.49
CA ASP K 257 -44.75 14.73 -10.99
C ASP K 257 -44.39 14.56 -9.51
N ILE K 258 -43.45 13.67 -9.23
CA ILE K 258 -42.88 13.51 -7.89
C ILE K 258 -41.88 14.65 -7.69
N VAL K 259 -42.00 15.39 -6.59
CA VAL K 259 -41.11 16.56 -6.34
C VAL K 259 -40.16 16.39 -5.15
N GLY K 260 -40.15 15.19 -4.54
CA GLY K 260 -39.20 14.91 -3.46
C GLY K 260 -39.79 14.46 -2.14
N PHE K 261 -38.94 14.47 -1.10
CA PHE K 261 -39.31 13.93 0.21
C PHE K 261 -39.78 14.98 1.19
N LEU K 262 -40.84 14.65 1.93
CA LEU K 262 -41.11 15.31 3.20
C LEU K 262 -40.33 14.56 4.29
N PHE K 263 -39.41 15.28 4.92
CA PHE K 263 -38.58 14.73 5.99
C PHE K 263 -39.20 15.01 7.36
N LYS K 264 -39.50 13.95 8.10
CA LYS K 264 -40.14 14.10 9.42
C LYS K 264 -39.13 14.01 10.57
N THR K 265 -39.49 14.64 11.70
CA THR K 265 -38.68 14.68 12.93
C THR K 265 -38.06 13.34 13.31
N SER K 266 -38.88 12.29 13.32
CA SER K 266 -38.47 10.94 13.69
C SER K 266 -37.36 10.33 12.82
N GLY K 267 -37.18 10.89 11.61
CA GLY K 267 -36.30 10.31 10.59
C GLY K 267 -37.04 9.74 9.39
N LYS K 268 -38.32 9.47 9.56
CA LYS K 268 -39.13 8.86 8.50
C LYS K 268 -39.31 9.82 7.32
N MET K 269 -39.58 9.27 6.14
CA MET K 269 -39.64 10.04 4.90
C MET K 269 -40.79 9.56 4.02
N ALA K 270 -41.47 10.52 3.40
CA ALA K 270 -42.56 10.22 2.46
C ALA K 270 -42.39 11.04 1.19
N LEU K 271 -42.72 10.45 0.05
CA LEU K 271 -42.63 11.17 -1.21
C LEU K 271 -43.87 12.04 -1.45
N HIS K 272 -43.67 13.15 -2.15
CA HIS K 272 -44.70 14.15 -2.41
C HIS K 272 -44.86 14.46 -3.91
N GLY K 273 -46.09 14.68 -4.35
CA GLY K 273 -46.40 15.05 -5.74
C GLY K 273 -47.11 16.39 -5.89
N LEU K 274 -47.04 16.98 -7.10
CA LEU K 274 -47.84 18.17 -7.44
C LEU K 274 -48.70 17.92 -8.68
N PRO K 275 -49.80 18.69 -8.84
CA PRO K 275 -50.70 18.55 -10.01
C PRO K 275 -50.13 19.19 -11.29
N ARG K 276 -50.71 18.81 -12.42
CA ARG K 276 -50.29 19.32 -13.73
C ARG K 276 -51.49 19.88 -14.53
N TYR K 277 -51.29 21.05 -15.12
CA TYR K 277 -52.27 21.70 -16.00
C TYR K 277 -51.97 21.47 -17.49
N PHE K 278 -53.01 21.35 -18.32
CA PHE K 278 -52.85 21.17 -19.77
C PHE K 278 -53.82 22.05 -20.57
N ASN K 279 -53.30 22.65 -21.64
CA ASN K 279 -54.14 23.30 -22.64
C ASN K 279 -53.69 22.78 -24.01
N VAL K 280 -54.52 21.93 -24.62
CA VAL K 280 -54.19 21.25 -25.87
C VAL K 280 -54.94 21.87 -27.06
N THR K 281 -54.22 22.20 -28.12
CA THR K 281 -54.85 22.69 -29.36
C THR K 281 -55.02 21.57 -30.37
N LEU K 282 -56.24 21.42 -30.90
CA LEU K 282 -56.54 20.40 -31.91
C LEU K 282 -57.14 20.97 -33.21
N ARG K 283 -56.79 20.37 -34.35
CA ARG K 283 -57.45 20.69 -35.61
C ARG K 283 -58.10 19.44 -36.22
N LYS K 284 -59.00 19.69 -37.17
CA LYS K 284 -59.69 18.62 -37.90
C LYS K 284 -58.85 18.19 -39.10
N ARG K 285 -58.80 16.87 -39.33
CA ARG K 285 -57.97 16.28 -40.37
C ARG K 285 -58.71 15.15 -41.06
N TRP K 286 -58.69 15.14 -42.40
CA TRP K 286 -59.25 14.04 -43.19
C TRP K 286 -58.35 12.80 -43.15
N VAL K 287 -58.95 11.64 -42.91
CA VAL K 287 -58.25 10.35 -42.96
C VAL K 287 -59.06 9.29 -43.73
N LYS K 288 -58.36 8.31 -44.31
CA LYS K 288 -58.99 7.30 -45.15
C LYS K 288 -59.57 6.13 -44.32
N VAL L 9 -63.52 40.72 -27.53
CA VAL L 9 -62.53 41.83 -27.70
C VAL L 9 -61.69 41.59 -28.95
N GLU L 10 -61.86 42.45 -29.95
CA GLU L 10 -61.15 42.34 -31.22
C GLU L 10 -59.96 43.29 -31.34
N VAL L 11 -58.79 42.72 -31.60
CA VAL L 11 -57.55 43.49 -31.71
C VAL L 11 -57.32 43.88 -33.15
N LEU L 12 -57.19 45.18 -33.39
CA LEU L 12 -56.99 45.70 -34.74
C LEU L 12 -55.53 46.03 -35.02
N SER L 13 -55.28 47.17 -35.66
CA SER L 13 -53.95 47.52 -36.13
C SER L 13 -53.20 48.40 -35.14
N VAL L 14 -51.88 48.38 -35.27
CA VAL L 14 -51.00 49.18 -34.44
C VAL L 14 -51.07 50.64 -34.89
N VAL L 15 -51.20 51.54 -33.91
CA VAL L 15 -51.28 52.97 -34.15
C VAL L 15 -49.97 53.52 -34.72
N THR L 16 -50.07 54.24 -35.84
CA THR L 16 -48.92 54.95 -36.40
C THR L 16 -49.04 56.44 -36.15
N GLY L 17 -47.96 57.01 -35.63
CA GLY L 17 -47.92 58.42 -35.22
C GLY L 17 -46.61 58.76 -34.54
N GLU L 18 -46.49 60.00 -34.08
CA GLU L 18 -45.26 60.52 -33.48
C GLU L 18 -44.96 59.90 -32.11
N ASP L 19 -45.89 60.09 -31.16
CA ASP L 19 -45.67 59.63 -29.79
C ASP L 19 -46.59 58.45 -29.48
N SER L 20 -46.37 57.35 -30.20
CA SER L 20 -47.19 56.14 -30.01
C SER L 20 -46.44 55.07 -29.21
N ILE L 21 -45.20 55.39 -28.81
CA ILE L 21 -44.40 54.51 -27.96
C ILE L 21 -44.03 55.21 -26.64
N THR L 22 -44.19 54.49 -25.53
CA THR L 22 -43.83 55.01 -24.20
C THR L 22 -43.03 54.00 -23.37
N GLN L 23 -42.25 54.53 -22.40
CA GLN L 23 -41.41 53.72 -21.50
C GLN L 23 -41.86 53.91 -20.05
N ILE L 24 -41.94 52.81 -19.30
CA ILE L 24 -42.29 52.89 -17.88
C ILE L 24 -41.20 52.26 -17.01
N GLU L 25 -40.58 53.06 -16.12
CA GLU L 25 -39.61 52.56 -15.13
C GLU L 25 -40.20 52.47 -13.71
N LEU L 26 -39.80 51.44 -12.97
CA LEU L 26 -40.07 51.33 -11.53
C LEU L 26 -39.25 50.23 -10.90
N TYR L 27 -39.16 50.27 -9.57
CA TYR L 27 -38.57 49.19 -8.78
C TYR L 27 -39.60 48.77 -7.72
N LEU L 28 -39.49 47.53 -7.27
CA LEU L 28 -40.33 47.04 -6.20
C LEU L 28 -39.47 46.46 -5.08
N ASN L 29 -39.59 47.01 -3.88
CA ASN L 29 -38.88 46.44 -2.74
C ASN L 29 -39.48 45.11 -2.27
N PRO L 30 -38.65 44.22 -1.71
CA PRO L 30 -39.19 42.91 -1.35
C PRO L 30 -40.07 42.93 -0.10
N ARG L 31 -41.00 41.97 -0.01
CA ARG L 31 -41.95 41.86 1.10
C ARG L 31 -41.81 40.50 1.80
N MET L 32 -40.76 40.38 2.61
CA MET L 32 -40.35 39.08 3.15
C MET L 32 -41.03 38.68 4.45
N GLY L 33 -41.62 39.65 5.14
CA GLY L 33 -42.22 39.39 6.45
C GLY L 33 -42.13 40.63 7.33
N VAL L 34 -40.97 41.28 7.29
CA VAL L 34 -40.82 42.62 7.83
C VAL L 34 -40.79 43.51 6.60
N ASN L 35 -41.93 44.12 6.31
CA ASN L 35 -42.18 44.75 5.01
C ASN L 35 -41.94 46.26 4.96
N SER L 36 -41.60 46.88 6.08
CA SER L 36 -41.39 48.33 6.11
C SER L 36 -40.09 48.72 6.80
N PRO L 37 -39.42 49.78 6.31
CA PRO L 37 -38.20 50.27 6.95
C PRO L 37 -38.42 51.42 7.93
N ASP L 38 -39.67 51.85 8.10
CA ASP L 38 -39.97 53.08 8.84
C ASP L 38 -40.54 52.89 10.27
N LEU L 39 -40.36 51.69 10.82
CA LEU L 39 -40.80 51.40 12.19
C LEU L 39 -39.58 51.10 13.08
N PRO L 40 -39.04 52.12 13.78
CA PRO L 40 -37.80 51.98 14.57
C PRO L 40 -37.69 50.69 15.42
N THR L 41 -38.80 50.25 16.01
CA THR L 41 -38.77 49.14 16.95
C THR L 41 -38.66 47.74 16.33
N THR L 42 -38.98 47.60 15.04
CA THR L 42 -38.90 46.30 14.34
C THR L 42 -38.16 46.30 12.98
N SER L 43 -37.87 47.49 12.44
CA SER L 43 -37.39 47.64 11.05
C SER L 43 -35.95 47.20 10.72
N ASN L 44 -35.18 46.80 11.73
CA ASN L 44 -33.83 46.31 11.49
CA ASN L 44 -33.83 46.26 11.55
C ASN L 44 -33.81 45.03 10.64
N TRP L 45 -34.89 44.25 10.69
CA TRP L 45 -34.99 43.03 9.87
C TRP L 45 -35.75 43.26 8.55
N TYR L 46 -35.75 44.51 8.09
CA TYR L 46 -36.34 44.84 6.81
C TYR L 46 -35.59 44.11 5.69
N THR L 47 -36.37 43.46 4.81
CA THR L 47 -35.92 42.54 3.73
C THR L 47 -35.59 41.09 4.17
N TYR L 48 -36.09 40.71 5.34
CA TYR L 48 -35.90 39.35 5.91
C TYR L 48 -37.18 38.88 6.59
N THR L 49 -37.30 37.56 6.77
CA THR L 49 -38.27 37.02 7.71
C THR L 49 -37.66 37.02 9.13
N TYR L 50 -38.44 36.56 10.11
CA TYR L 50 -37.87 36.15 11.38
C TYR L 50 -37.43 34.68 11.25
N ASP L 51 -37.08 34.04 12.37
CA ASP L 51 -36.51 32.70 12.35
C ASP L 51 -37.55 31.63 12.02
N LEU L 52 -37.23 30.80 11.04
CA LEU L 52 -38.16 29.79 10.56
C LEU L 52 -37.86 28.47 11.24
N GLN L 53 -38.87 27.92 11.91
CA GLN L 53 -38.69 26.73 12.73
C GLN L 53 -39.88 25.80 12.67
N PRO L 54 -39.63 24.49 12.67
CA PRO L 54 -40.74 23.56 12.89
C PRO L 54 -41.20 23.61 14.35
N LYS L 55 -42.51 23.65 14.55
CA LYS L 55 -43.09 23.83 15.88
C LYS L 55 -42.81 22.64 16.82
N GLY L 56 -42.97 21.42 16.30
CA GLY L 56 -42.83 20.21 17.13
C GLY L 56 -44.16 19.63 17.60
N SER L 57 -45.22 20.42 17.50
CA SER L 57 -46.57 19.97 17.88
C SER L 57 -47.65 20.54 16.97
N SER L 58 -48.76 19.81 16.88
CA SER L 58 -49.90 20.18 16.04
C SER L 58 -50.76 21.29 16.68
N PRO L 59 -51.30 22.21 15.85
CA PRO L 59 -50.99 22.45 14.45
C PRO L 59 -50.06 23.65 14.30
N ASP L 60 -49.49 23.81 13.10
CA ASP L 60 -48.61 24.96 12.80
C ASP L 60 -49.44 26.25 12.82
N GLN L 61 -48.89 27.28 13.46
CA GLN L 61 -49.56 28.56 13.55
C GLN L 61 -48.58 29.69 13.26
N PRO L 62 -48.26 29.89 11.97
CA PRO L 62 -47.18 30.79 11.58
C PRO L 62 -47.57 32.25 11.71
N ILE L 63 -46.60 33.08 12.10
CA ILE L 63 -46.80 34.51 12.24
C ILE L 63 -46.54 35.22 10.92
N LYS L 64 -47.12 36.40 10.74
CA LYS L 64 -47.00 37.16 9.50
C LYS L 64 -45.55 37.43 9.06
N GLU L 65 -44.63 37.56 10.02
CA GLU L 65 -43.23 37.85 9.73
C GLU L 65 -42.50 36.67 9.10
N ASN L 66 -43.07 35.48 9.21
CA ASN L 66 -42.53 34.29 8.57
C ASN L 66 -43.23 33.90 7.26
N LEU L 67 -43.95 34.84 6.66
CA LEU L 67 -44.66 34.60 5.40
C LEU L 67 -44.30 35.63 4.29
N PRO L 68 -43.25 35.33 3.49
CA PRO L 68 -42.92 36.17 2.33
C PRO L 68 -44.06 36.22 1.32
N ALA L 69 -44.32 37.42 0.82
CA ALA L 69 -45.46 37.68 -0.05
C ALA L 69 -45.02 38.33 -1.36
N TYR L 70 -45.91 38.37 -2.35
CA TYR L 70 -45.58 38.95 -3.64
C TYR L 70 -45.56 40.48 -3.55
N SER L 71 -44.71 41.08 -4.37
CA SER L 71 -44.78 42.51 -4.62
C SER L 71 -45.70 42.73 -5.84
N VAL L 72 -46.40 43.86 -5.84
CA VAL L 72 -47.31 44.23 -6.92
C VAL L 72 -47.51 45.74 -6.91
N ALA L 73 -47.42 46.34 -8.10
CA ALA L 73 -47.78 47.75 -8.28
C ALA L 73 -48.60 47.92 -9.55
N ARG L 74 -49.53 48.87 -9.50
CA ARG L 74 -50.30 49.28 -10.66
C ARG L 74 -49.83 50.67 -11.06
N VAL L 75 -49.39 50.81 -12.30
CA VAL L 75 -48.92 52.08 -12.83
C VAL L 75 -49.98 52.66 -13.77
N SER L 76 -50.31 53.94 -13.55
CA SER L 76 -51.26 54.66 -14.40
C SER L 76 -50.58 55.21 -15.64
N LEU L 77 -51.21 54.97 -16.78
CA LEU L 77 -50.66 55.31 -18.09
C LEU L 77 -51.46 56.48 -18.65
N PRO L 78 -50.85 57.30 -19.52
CA PRO L 78 -51.52 58.44 -20.15
C PRO L 78 -52.95 58.16 -20.63
N MET L 79 -53.83 59.15 -20.45
CA MET L 79 -55.20 59.15 -20.96
C MET L 79 -55.15 59.06 -22.49
N LEU L 80 -56.00 58.21 -23.07
CA LEU L 80 -55.98 58.00 -24.53
C LEU L 80 -57.23 58.46 -25.28
N ASN L 81 -58.39 58.31 -24.65
CA ASN L 81 -59.65 58.61 -25.31
C ASN L 81 -60.51 59.63 -24.55
N ASP L 87 -67.21 52.53 -29.53
CA ASP L 87 -66.93 51.09 -29.61
C ASP L 87 -65.49 50.76 -30.03
N THR L 88 -64.85 51.67 -30.75
CA THR L 88 -63.46 51.51 -31.18
C THR L 88 -62.54 52.50 -30.47
N LEU L 89 -61.47 51.99 -29.87
CA LEU L 89 -60.60 52.81 -29.05
C LEU L 89 -59.16 52.31 -29.00
N GLN L 90 -58.26 53.21 -28.59
CA GLN L 90 -56.85 52.88 -28.40
C GLN L 90 -56.60 52.32 -27.01
N MET L 91 -55.68 51.37 -26.92
CA MET L 91 -55.23 50.82 -25.63
C MET L 91 -53.72 50.72 -25.64
N TRP L 92 -53.08 50.80 -24.47
CA TRP L 92 -51.65 50.55 -24.39
C TRP L 92 -51.38 49.05 -24.46
N GLU L 93 -50.35 48.68 -25.21
CA GLU L 93 -49.93 47.30 -25.38
C GLU L 93 -48.49 47.19 -24.93
N ALA L 94 -48.26 46.38 -23.90
CA ALA L 94 -46.91 46.06 -23.44
C ALA L 94 -46.24 45.09 -24.40
N ILE L 95 -45.11 45.49 -24.97
CA ILE L 95 -44.45 44.68 -26.02
C ILE L 95 -43.10 44.09 -25.63
N SER L 96 -42.35 44.75 -24.73
CA SER L 96 -41.08 44.22 -24.21
C SER L 96 -40.71 44.80 -22.83
N VAL L 97 -39.80 44.12 -22.13
CA VAL L 97 -39.40 44.52 -20.78
C VAL L 97 -37.96 44.18 -20.48
N LYS L 98 -37.24 45.14 -19.92
CA LYS L 98 -35.93 44.89 -19.32
C LYS L 98 -36.05 44.81 -17.80
N THR L 99 -35.85 43.62 -17.24
CA THR L 99 -35.91 43.45 -15.77
C THR L 99 -34.62 42.88 -15.18
N GLU L 100 -34.35 43.26 -13.92
CA GLU L 100 -33.11 42.92 -13.24
C GLU L 100 -33.27 42.96 -11.72
N VAL L 101 -32.71 41.95 -11.05
CA VAL L 101 -32.67 41.90 -9.58
C VAL L 101 -31.53 42.78 -9.09
N VAL L 102 -31.86 43.76 -8.26
CA VAL L 102 -30.90 44.76 -7.76
C VAL L 102 -30.25 44.32 -6.45
N GLY L 103 -28.95 44.58 -6.32
CA GLY L 103 -28.22 44.36 -5.08
C GLY L 103 -27.58 42.99 -4.92
N ILE L 104 -27.29 42.32 -6.02
CA ILE L 104 -26.84 40.92 -5.99
C ILE L 104 -25.44 40.86 -5.36
N SER L 105 -24.64 41.88 -5.64
CA SER L 105 -23.29 41.96 -5.08
C SER L 105 -23.25 42.09 -3.54
N SER L 106 -24.37 42.44 -2.93
CA SER L 106 -24.42 42.54 -1.47
C SER L 106 -24.21 41.17 -0.81
N LEU L 107 -24.52 40.11 -1.55
CA LEU L 107 -24.41 38.74 -1.05
C LEU L 107 -23.00 38.18 -0.95
N ILE L 108 -21.99 38.97 -1.32
CA ILE L 108 -20.59 38.52 -1.13
C ILE L 108 -20.10 38.70 0.31
N ASN L 109 -20.89 39.38 1.13
CA ASN L 109 -20.60 39.63 2.55
C ASN L 109 -20.63 38.32 3.31
N VAL L 110 -19.49 37.94 3.88
CA VAL L 110 -19.40 36.74 4.72
C VAL L 110 -18.89 37.10 6.12
N HIS L 111 -19.18 38.34 6.54
CA HIS L 111 -18.78 38.85 7.86
C HIS L 111 -19.91 39.59 8.60
N TYR L 112 -21.15 39.14 8.43
CA TYR L 112 -22.25 39.61 9.27
C TYR L 112 -21.93 39.21 10.73
N TRP L 113 -21.96 40.19 11.63
CA TRP L 113 -21.51 39.99 13.03
C TRP L 113 -22.02 38.69 13.69
N ASP L 114 -23.26 38.31 13.43
CA ASP L 114 -23.82 37.11 14.05
C ASP L 114 -23.97 35.94 13.05
N MET L 115 -23.01 35.82 12.13
CA MET L 115 -23.05 34.76 11.11
C MET L 115 -22.50 33.44 11.60
N LYS L 116 -23.18 32.35 11.25
CA LYS L 116 -22.68 31.00 11.51
C LYS L 116 -21.47 30.72 10.63
N ARG L 117 -20.43 30.18 11.26
CA ARG L 117 -19.16 29.89 10.57
C ARG L 117 -19.21 28.56 9.85
N VAL L 118 -18.43 28.46 8.78
CA VAL L 118 -18.26 27.21 8.04
C VAL L 118 -17.56 26.18 8.91
N HIS L 119 -16.57 26.65 9.67
CA HIS L 119 -15.82 25.87 10.65
C HIS L 119 -15.11 26.87 11.56
N ASP L 120 -14.50 26.39 12.64
CA ASP L 120 -13.83 27.27 13.61
C ASP L 120 -12.83 28.20 12.94
N TYR L 121 -13.02 29.51 13.16
CA TYR L 121 -12.11 30.56 12.69
C TYR L 121 -12.37 30.98 11.23
N GLY L 122 -13.38 30.36 10.63
CA GLY L 122 -13.69 30.60 9.23
C GLY L 122 -14.63 31.76 9.00
N ALA L 123 -14.83 32.08 7.73
CA ALA L 123 -15.85 33.03 7.27
C ALA L 123 -17.25 32.52 7.59
N GLY L 124 -18.23 33.43 7.52
CA GLY L 124 -19.62 33.05 7.63
C GLY L 124 -20.08 32.25 6.43
N ILE L 125 -21.16 31.48 6.61
CA ILE L 125 -21.83 30.80 5.51
C ILE L 125 -22.62 31.86 4.73
N PRO L 126 -22.30 32.09 3.43
CA PRO L 126 -22.98 33.15 2.65
C PRO L 126 -24.47 32.87 2.42
N VAL L 127 -25.24 33.91 2.07
CA VAL L 127 -26.65 33.72 1.78
C VAL L 127 -26.79 32.67 0.67
N SER L 128 -27.57 31.63 0.93
CA SER L 128 -27.69 30.46 0.05
C SER L 128 -28.84 29.56 0.52
N GLY L 129 -29.25 28.60 -0.31
CA GLY L 129 -30.37 27.72 0.03
C GLY L 129 -31.60 27.92 -0.85
N VAL L 130 -32.77 27.91 -0.24
CA VAL L 130 -34.05 28.14 -0.95
C VAL L 130 -34.05 29.41 -1.77
N ASN L 131 -34.32 29.27 -3.07
CA ASN L 131 -34.52 30.41 -3.97
C ASN L 131 -35.91 30.38 -4.64
N TYR L 132 -36.53 31.54 -4.79
CA TYR L 132 -37.79 31.65 -5.54
C TYR L 132 -37.77 32.95 -6.31
N HIS L 133 -37.88 32.85 -7.64
CA HIS L 133 -37.84 34.02 -8.50
C HIS L 133 -38.97 34.03 -9.50
N MET L 134 -39.71 35.14 -9.54
CA MET L 134 -40.80 35.33 -10.46
C MET L 134 -41.03 36.80 -10.81
N PHE L 135 -41.42 37.06 -12.06
CA PHE L 135 -42.02 38.34 -12.42
C PHE L 135 -43.15 38.16 -13.44
N ALA L 136 -44.01 39.17 -13.52
CA ALA L 136 -45.16 39.15 -14.42
C ALA L 136 -45.49 40.56 -14.88
N ILE L 137 -45.99 40.66 -16.11
CA ILE L 137 -46.49 41.90 -16.68
C ILE L 137 -47.86 41.58 -17.26
N GLY L 138 -48.83 42.45 -16.98
CA GLY L 138 -50.21 42.22 -17.40
C GLY L 138 -50.98 43.52 -17.48
N GLY L 139 -52.08 43.49 -18.24
CA GLY L 139 -52.99 44.62 -18.35
C GLY L 139 -54.12 44.56 -17.34
N GLU L 140 -54.05 43.56 -16.46
CA GLU L 140 -54.98 43.38 -15.35
C GLU L 140 -54.23 42.63 -14.21
N PRO L 141 -54.86 42.49 -13.03
CA PRO L 141 -54.16 41.80 -11.93
C PRO L 141 -53.85 40.35 -12.25
N LEU L 142 -52.77 39.83 -11.67
CA LEU L 142 -52.38 38.44 -11.90
C LEU L 142 -53.34 37.47 -11.20
N ASP L 143 -53.80 36.47 -11.94
CA ASP L 143 -54.67 35.43 -11.40
C ASP L 143 -53.87 34.45 -10.57
N LEU L 144 -54.36 34.12 -9.38
CA LEU L 144 -53.66 33.19 -8.48
C LEU L 144 -54.41 31.89 -8.18
N GLN L 145 -53.69 30.79 -8.05
CA GLN L 145 -54.25 29.52 -7.59
C GLN L 145 -53.72 29.19 -6.20
N GLY L 146 -54.58 28.73 -5.31
CA GLY L 146 -54.17 28.38 -3.96
C GLY L 146 -53.82 26.90 -3.81
N LEU L 147 -52.63 26.64 -3.25
CA LEU L 147 -52.19 25.27 -2.90
C LEU L 147 -51.12 25.33 -1.81
N VAL L 148 -51.29 24.53 -0.77
CA VAL L 148 -50.35 24.51 0.35
C VAL L 148 -49.75 23.14 0.63
N LEU L 149 -48.61 23.15 1.32
CA LEU L 149 -47.95 21.93 1.76
C LEU L 149 -48.81 21.14 2.76
N ASP L 150 -49.40 21.87 3.72
CA ASP L 150 -50.25 21.29 4.78
C ASP L 150 -51.58 22.06 4.96
N TYR L 151 -52.69 21.34 4.78
CA TYR L 151 -54.04 21.92 4.88
C TYR L 151 -54.45 22.30 6.31
N GLN L 152 -53.76 21.78 7.31
CA GLN L 152 -54.12 22.00 8.71
C GLN L 152 -53.39 23.19 9.31
N THR L 153 -52.55 23.83 8.51
CA THR L 153 -51.84 25.03 8.94
C THR L 153 -52.84 26.12 9.28
N GLN L 154 -52.69 26.73 10.45
CA GLN L 154 -53.54 27.83 10.85
C GLN L 154 -52.87 29.17 10.55
N TYR L 155 -53.15 29.70 9.36
CA TYR L 155 -52.60 30.99 8.92
C TYR L 155 -53.28 32.13 9.69
N PRO L 156 -52.55 33.25 9.92
CA PRO L 156 -53.11 34.32 10.74
C PRO L 156 -54.17 35.14 10.02
N LYS L 157 -55.30 35.38 10.70
CA LYS L 157 -56.39 36.19 10.13
C LYS L 157 -56.03 37.68 10.05
N THR L 158 -56.87 38.47 9.37
CA THR L 158 -56.62 39.90 9.15
C THR L 158 -56.60 40.74 10.43
N GLY L 162 -53.42 42.41 7.16
CA GLY L 162 -53.22 40.97 7.36
C GLY L 162 -53.08 40.18 6.06
N PRO L 163 -52.42 39.02 6.12
CA PRO L 163 -52.24 38.19 4.92
C PRO L 163 -53.53 37.50 4.46
N ILE L 164 -53.76 37.51 3.15
CA ILE L 164 -54.90 36.82 2.56
C ILE L 164 -54.49 35.38 2.20
N THR L 165 -55.20 34.40 2.76
CA THR L 165 -54.98 32.99 2.42
C THR L 165 -56.27 32.32 1.93
N ILE L 166 -56.20 31.01 1.68
CA ILE L 166 -57.34 30.27 1.12
C ILE L 166 -58.58 30.45 2.00
N GLU L 167 -58.39 30.30 3.31
CA GLU L 167 -59.44 30.52 4.31
C GLU L 167 -60.07 31.91 4.19
N THR L 168 -59.23 32.94 4.01
CA THR L 168 -59.67 34.32 3.85
C THR L 168 -60.62 34.49 2.67
N VAL L 169 -60.31 33.85 1.54
CA VAL L 169 -61.18 34.03 0.37
C VAL L 169 -62.38 33.08 0.36
N LEU L 170 -62.19 31.85 0.81
CA LEU L 170 -63.28 30.87 0.85
C LEU L 170 -64.29 31.12 1.99
N GLY L 171 -63.85 31.81 3.04
CA GLY L 171 -64.68 32.06 4.24
C GLY L 171 -65.04 30.80 5.00
N ARG L 172 -64.17 29.79 4.91
CA ARG L 172 -64.34 28.48 5.57
C ARG L 172 -63.01 27.76 5.60
N LYS L 173 -62.88 26.78 6.49
CA LYS L 173 -61.63 26.03 6.69
C LYS L 173 -61.16 25.31 5.43
N MET L 174 -59.84 25.22 5.28
CA MET L 174 -59.23 24.37 4.26
C MET L 174 -59.52 22.89 4.56
N THR L 175 -59.58 22.07 3.51
CA THR L 175 -59.69 20.62 3.66
C THR L 175 -58.50 19.95 2.93
N PRO L 176 -58.43 18.59 2.96
CA PRO L 176 -57.31 17.89 2.31
C PRO L 176 -57.15 18.16 0.81
N LYS L 177 -58.25 18.45 0.11
CA LYS L 177 -58.16 18.78 -1.32
C LYS L 177 -57.36 20.06 -1.61
N ASN L 178 -57.04 20.84 -0.58
CA ASN L 178 -56.17 22.01 -0.79
C ASN L 178 -54.66 21.67 -0.77
N GLN L 179 -54.35 20.39 -0.63
CA GLN L 179 -52.99 19.89 -0.84
C GLN L 179 -52.77 19.50 -2.30
N GLY L 180 -53.87 19.46 -3.06
CA GLY L 180 -53.86 19.37 -4.51
C GLY L 180 -54.49 20.60 -5.14
N LEU L 181 -54.96 20.47 -6.38
CA LEU L 181 -55.60 21.59 -7.07
C LEU L 181 -57.11 21.61 -6.82
N ASP L 182 -57.56 22.69 -6.22
CA ASP L 182 -58.97 22.92 -5.90
C ASP L 182 -59.36 24.21 -6.62
N PRO L 183 -60.23 24.09 -7.65
CA PRO L 183 -60.59 25.19 -8.56
C PRO L 183 -61.29 26.36 -7.87
N GLN L 184 -61.76 26.15 -6.64
CA GLN L 184 -62.40 27.20 -5.87
C GLN L 184 -61.40 28.06 -5.10
N ALA L 185 -60.20 27.52 -4.90
CA ALA L 185 -59.14 28.22 -4.19
C ALA L 185 -58.42 29.18 -5.14
N LYS L 186 -59.11 30.26 -5.50
CA LYS L 186 -58.60 31.23 -6.48
C LYS L 186 -58.62 32.64 -5.91
N ALA L 187 -57.79 33.52 -6.46
CA ALA L 187 -57.75 34.92 -6.05
C ALA L 187 -57.02 35.75 -7.09
N LYS L 188 -56.98 37.06 -6.84
CA LYS L 188 -56.27 38.01 -7.70
C LYS L 188 -55.22 38.71 -6.88
N LEU L 189 -54.04 38.90 -7.46
CA LEU L 189 -52.98 39.62 -6.80
C LEU L 189 -53.20 41.13 -6.97
N ASP L 190 -53.96 41.71 -6.05
CA ASP L 190 -54.26 43.16 -6.10
C ASP L 190 -53.66 44.01 -4.97
N LYS L 191 -52.99 43.36 -4.01
CA LYS L 191 -52.42 44.05 -2.85
C LYS L 191 -50.97 43.64 -2.57
N ASP L 192 -50.10 44.64 -2.43
CA ASP L 192 -48.68 44.49 -2.12
C ASP L 192 -48.48 43.92 -0.70
N GLY L 193 -47.56 42.96 -0.56
CA GLY L 193 -47.22 42.35 0.73
C GLY L 193 -48.30 41.54 1.45
N ASN L 194 -49.34 41.15 0.72
CA ASN L 194 -50.51 40.52 1.34
C ASN L 194 -50.79 39.08 0.93
N TYR L 195 -50.15 38.61 -0.14
CA TYR L 195 -50.39 37.26 -0.64
C TYR L 195 -49.16 36.36 -0.45
N PRO L 196 -49.19 35.51 0.57
CA PRO L 196 -48.07 34.62 0.84
C PRO L 196 -47.67 33.74 -0.36
N ILE L 197 -46.38 33.69 -0.63
CA ILE L 197 -45.84 32.87 -1.70
C ILE L 197 -46.12 31.39 -1.45
N GLU L 198 -46.10 30.96 -0.19
CA GLU L 198 -46.28 29.54 0.11
C GLU L 198 -47.74 29.08 -0.01
N VAL L 199 -48.65 30.04 -0.19
CA VAL L 199 -50.05 29.70 -0.41
C VAL L 199 -50.50 29.91 -1.87
N TRP L 200 -49.92 30.92 -2.54
CA TRP L 200 -50.38 31.33 -3.88
C TRP L 200 -49.36 31.22 -5.04
N CYS L 201 -49.76 30.56 -6.12
CA CYS L 201 -48.97 30.52 -7.36
C CYS L 201 -49.78 31.10 -8.51
N PRO L 202 -49.16 31.45 -9.65
CA PRO L 202 -49.95 31.97 -10.78
C PRO L 202 -50.89 30.90 -11.37
N ASP L 203 -52.09 31.32 -11.77
CA ASP L 203 -53.10 30.40 -12.32
C ASP L 203 -52.86 30.19 -13.81
N PRO L 204 -52.48 28.95 -14.21
CA PRO L 204 -52.22 28.69 -15.61
C PRO L 204 -53.50 28.58 -16.44
N SER L 205 -54.61 28.28 -15.79
CA SER L 205 -55.89 28.20 -16.47
C SER L 205 -56.50 29.57 -16.76
N LYS L 206 -55.84 30.64 -16.32
CA LYS L 206 -56.30 32.01 -16.60
C LYS L 206 -55.15 32.83 -17.15
N ASN L 207 -55.01 34.09 -16.70
CA ASN L 207 -53.90 34.96 -17.10
C ASN L 207 -53.68 35.11 -18.61
N GLU L 208 -54.76 35.19 -19.36
CA GLU L 208 -54.70 35.34 -20.81
C GLU L 208 -54.05 36.67 -21.20
N ASN L 209 -54.24 37.69 -20.37
CA ASN L 209 -53.75 39.03 -20.63
C ASN L 209 -52.56 39.39 -19.70
N SER L 210 -51.81 38.35 -19.29
CA SER L 210 -50.54 38.53 -18.56
C SER L 210 -49.46 37.54 -19.01
N ARG L 211 -48.20 37.95 -18.88
CA ARG L 211 -47.05 37.03 -19.05
C ARG L 211 -46.31 36.86 -17.72
N TYR L 212 -46.05 35.62 -17.32
CA TYR L 212 -45.27 35.40 -16.10
C TYR L 212 -44.15 34.37 -16.27
N TYR L 213 -43.05 34.61 -15.57
CA TYR L 213 -41.87 33.77 -15.65
C TYR L 213 -41.37 33.51 -14.23
N GLY L 214 -41.07 32.25 -13.92
CA GLY L 214 -40.61 31.88 -12.59
C GLY L 214 -39.87 30.55 -12.45
N SER L 215 -39.19 30.40 -11.32
CA SER L 215 -38.43 29.20 -10.96
C SER L 215 -38.27 29.05 -9.45
N ILE L 216 -38.05 27.81 -8.99
CA ILE L 216 -37.70 27.50 -7.61
C ILE L 216 -36.40 26.69 -7.54
N GLN L 217 -35.80 26.65 -6.35
CA GLN L 217 -34.62 25.87 -6.05
C GLN L 217 -34.73 25.49 -4.57
N THR L 218 -34.79 24.19 -4.27
CA THR L 218 -34.90 23.78 -2.85
C THR L 218 -33.54 23.34 -2.30
N GLY L 219 -33.53 22.75 -1.11
CA GLY L 219 -32.27 22.44 -0.41
C GLY L 219 -31.85 23.54 0.56
N SER L 220 -31.06 23.15 1.57
CA SER L 220 -30.70 24.06 2.67
C SER L 220 -29.55 25.02 2.37
N GLN L 221 -28.50 24.52 1.73
CA GLN L 221 -27.31 25.34 1.46
C GLN L 221 -26.94 25.46 -0.01
N THR L 222 -27.85 25.01 -0.87
CA THR L 222 -27.70 25.10 -2.31
C THR L 222 -27.19 26.50 -2.70
N PRO L 223 -26.17 26.56 -3.58
CA PRO L 223 -25.65 27.88 -3.99
C PRO L 223 -26.70 28.76 -4.69
N THR L 224 -26.70 30.03 -4.32
CA THR L 224 -27.45 31.06 -5.01
C THR L 224 -26.63 31.46 -6.23
N VAL L 225 -27.22 31.29 -7.41
CA VAL L 225 -26.58 31.55 -8.70
C VAL L 225 -27.49 32.46 -9.52
N LEU L 226 -27.05 33.71 -9.70
CA LEU L 226 -27.85 34.75 -10.34
C LEU L 226 -27.03 35.52 -11.36
N GLN L 227 -27.69 36.05 -12.40
CA GLN L 227 -27.03 36.83 -13.45
C GLN L 227 -27.61 38.24 -13.51
N PHE L 228 -26.80 39.19 -13.97
CA PHE L 228 -27.30 40.55 -14.17
C PHE L 228 -26.65 41.20 -15.39
N SER L 229 -27.47 41.75 -16.27
CA SER L 229 -27.00 42.42 -17.49
C SER L 229 -28.02 43.43 -17.99
N ASN L 230 -27.58 44.61 -18.40
CA ASN L 230 -28.49 45.58 -19.06
C ASN L 230 -28.69 45.40 -20.58
N THR L 231 -28.42 44.20 -21.08
CA THR L 231 -28.54 43.92 -22.50
C THR L 231 -29.61 42.85 -22.78
N LEU L 232 -30.29 42.41 -21.74
CA LEU L 232 -31.24 41.29 -21.82
C LEU L 232 -32.71 41.73 -21.85
N THR L 233 -33.40 41.46 -22.94
CA THR L 233 -34.81 41.84 -23.14
C THR L 233 -35.72 40.62 -23.26
N THR L 234 -36.88 40.69 -22.58
CA THR L 234 -37.96 39.74 -22.79
C THR L 234 -39.02 40.38 -23.69
N VAL L 235 -39.32 39.71 -24.79
CA VAL L 235 -40.39 40.11 -25.71
C VAL L 235 -41.69 39.59 -25.13
N LEU L 236 -42.71 40.45 -25.04
CA LEU L 236 -43.96 40.09 -24.36
C LEU L 236 -45.13 39.72 -25.29
N LEU L 237 -44.88 39.74 -26.60
CA LEU L 237 -45.91 39.41 -27.59
C LEU L 237 -46.22 37.91 -27.58
N ASP L 238 -47.50 37.57 -27.72
CA ASP L 238 -47.87 36.17 -27.84
C ASP L 238 -47.60 35.63 -29.26
N GLU L 239 -47.96 34.37 -29.47
CA GLU L 239 -47.79 33.68 -30.75
C GLU L 239 -48.55 34.33 -31.92
N ASN L 240 -49.55 35.15 -31.61
CA ASN L 240 -50.23 36.00 -32.61
C ASN L 240 -49.64 37.40 -32.76
N GLY L 241 -48.70 37.77 -31.89
CA GLY L 241 -48.02 39.06 -32.01
C GLY L 241 -48.62 40.17 -31.16
N VAL L 242 -49.48 39.76 -30.23
CA VAL L 242 -50.18 40.69 -29.36
C VAL L 242 -49.65 40.57 -27.92
N GLY L 243 -49.26 41.69 -27.33
CA GLY L 243 -48.84 41.75 -25.94
C GLY L 243 -50.02 41.95 -25.00
N PRO L 244 -49.78 42.09 -23.68
CA PRO L 244 -50.86 42.43 -22.76
C PRO L 244 -51.46 43.82 -23.06
N LEU L 245 -52.81 43.88 -23.03
CA LEU L 245 -53.55 45.11 -23.29
C LEU L 245 -54.05 45.74 -22.00
N CYS L 246 -53.80 47.04 -21.85
CA CYS L 246 -54.03 47.70 -20.57
C CYS L 246 -55.45 48.22 -20.40
N LYS L 247 -56.28 47.38 -19.80
CA LYS L 247 -57.68 47.69 -19.50
C LYS L 247 -57.79 48.78 -18.44
N GLY L 248 -58.36 49.91 -18.82
CA GLY L 248 -58.51 51.04 -17.91
C GLY L 248 -57.24 51.84 -17.70
N ASP L 249 -56.31 51.74 -18.65
CA ASP L 249 -55.02 52.47 -18.63
C ASP L 249 -54.18 52.14 -17.40
N GLY L 250 -54.16 50.85 -17.04
CA GLY L 250 -53.38 50.36 -15.90
C GLY L 250 -52.46 49.20 -16.23
N LEU L 251 -51.19 49.37 -15.90
CA LEU L 251 -50.17 48.34 -16.09
C LEU L 251 -49.83 47.70 -14.75
N PHE L 252 -49.99 46.38 -14.70
CA PHE L 252 -49.84 45.61 -13.47
C PHE L 252 -48.52 44.89 -13.45
N ILE L 253 -47.73 45.12 -12.40
CA ILE L 253 -46.38 44.54 -12.29
C ILE L 253 -46.20 43.80 -10.97
N SER L 254 -45.78 42.54 -11.08
CA SER L 254 -45.73 41.62 -9.95
C SER L 254 -44.38 40.89 -9.88
N CYS L 255 -43.93 40.57 -8.67
CA CYS L 255 -42.69 39.81 -8.49
C CYS L 255 -42.44 39.20 -7.09
N ALA L 256 -41.33 38.48 -7.00
CA ALA L 256 -40.91 37.75 -5.81
C ALA L 256 -39.48 37.33 -6.06
N ASP L 257 -38.57 37.63 -5.12
CA ASP L 257 -37.16 37.27 -5.25
C ASP L 257 -36.51 36.88 -3.92
N ILE L 258 -36.77 35.65 -3.52
CA ILE L 258 -36.15 35.04 -2.35
C ILE L 258 -34.80 34.49 -2.81
N VAL L 259 -33.73 34.91 -2.15
CA VAL L 259 -32.36 34.57 -2.53
C VAL L 259 -31.63 33.65 -1.53
N GLY L 260 -32.35 33.17 -0.52
CA GLY L 260 -31.72 32.29 0.46
C GLY L 260 -31.79 32.67 1.93
N PHE L 261 -31.04 31.90 2.73
CA PHE L 261 -31.06 31.99 4.18
C PHE L 261 -29.87 32.78 4.71
N LEU L 262 -30.14 33.58 5.74
CA LEU L 262 -29.08 34.10 6.60
C LEU L 262 -28.90 33.06 7.70
N PHE L 263 -27.69 32.50 7.82
CA PHE L 263 -27.38 31.51 8.86
C PHE L 263 -26.79 32.18 10.08
N LYS L 264 -27.47 32.01 11.21
CA LYS L 264 -27.09 32.72 12.44
C LYS L 264 -26.28 31.80 13.33
N THR L 265 -25.40 32.37 14.16
CA THR L 265 -24.51 31.58 15.04
C THR L 265 -25.20 30.43 15.79
N SER L 266 -26.39 30.70 16.33
CA SER L 266 -27.10 29.74 17.18
C SER L 266 -27.59 28.50 16.44
N GLY L 267 -27.75 28.62 15.12
CA GLY L 267 -28.42 27.60 14.32
C GLY L 267 -29.69 28.15 13.66
N LYS L 268 -30.21 29.24 14.21
CA LYS L 268 -31.43 29.88 13.69
C LYS L 268 -31.23 30.42 12.26
N MET L 269 -32.28 30.34 11.45
CA MET L 269 -32.18 30.72 10.02
C MET L 269 -33.35 31.60 9.54
N ALA L 270 -33.04 32.57 8.70
CA ALA L 270 -34.06 33.49 8.19
C ALA L 270 -33.97 33.63 6.66
N LEU L 271 -35.11 33.75 5.96
CA LEU L 271 -35.09 34.01 4.51
C LEU L 271 -34.87 35.48 4.17
N HIS L 272 -34.21 35.74 3.05
CA HIS L 272 -33.82 37.08 2.64
C HIS L 272 -34.29 37.32 1.19
N GLY L 273 -34.60 38.58 0.88
CA GLY L 273 -35.12 38.96 -0.42
C GLY L 273 -34.41 40.17 -1.00
N LEU L 274 -34.49 40.33 -2.32
CA LEU L 274 -33.84 41.41 -3.01
C LEU L 274 -34.86 42.14 -3.88
N PRO L 275 -34.68 43.45 -4.09
CA PRO L 275 -35.61 44.22 -4.92
C PRO L 275 -35.44 43.95 -6.42
N ARG L 276 -36.41 44.36 -7.23
CA ARG L 276 -36.37 44.15 -8.67
C ARG L 276 -36.76 45.41 -9.45
N TYR L 277 -36.02 45.67 -10.53
CA TYR L 277 -36.22 46.81 -11.41
C TYR L 277 -36.92 46.43 -12.72
N PHE L 278 -37.68 47.37 -13.27
CA PHE L 278 -38.46 47.18 -14.50
C PHE L 278 -38.39 48.40 -15.44
N ASN L 279 -38.28 48.11 -16.74
CA ASN L 279 -38.35 49.09 -17.82
C ASN L 279 -39.18 48.47 -18.93
N VAL L 280 -40.45 48.86 -18.99
CA VAL L 280 -41.42 48.28 -19.91
C VAL L 280 -41.67 49.23 -21.07
N THR L 281 -41.55 48.73 -22.30
CA THR L 281 -41.94 49.47 -23.50
C THR L 281 -43.37 49.15 -23.90
N LEU L 282 -44.16 50.20 -24.16
CA LEU L 282 -45.54 50.06 -24.63
C LEU L 282 -45.81 50.84 -25.92
N ARG L 283 -46.77 50.36 -26.71
CA ARG L 283 -47.24 51.07 -27.89
C ARG L 283 -48.76 51.12 -27.87
N LYS L 284 -49.33 52.02 -28.68
CA LYS L 284 -50.78 52.17 -28.77
C LYS L 284 -51.34 51.18 -29.79
N ARG L 285 -52.51 50.63 -29.50
CA ARG L 285 -53.14 49.64 -30.35
C ARG L 285 -54.63 49.89 -30.48
N TRP L 286 -55.14 49.88 -31.72
CA TRP L 286 -56.57 49.99 -31.97
C TRP L 286 -57.25 48.70 -31.58
N VAL L 287 -58.38 48.81 -30.86
CA VAL L 287 -59.20 47.66 -30.46
C VAL L 287 -60.70 47.96 -30.58
N LYS L 288 -61.47 46.92 -30.87
CA LYS L 288 -62.90 47.02 -31.14
C LYS L 288 -63.75 46.65 -29.93
N VAL M 9 -28.07 64.02 -27.77
CA VAL M 9 -27.15 63.53 -28.85
C VAL M 9 -27.86 62.67 -29.91
N GLU M 10 -28.00 63.22 -31.12
CA GLU M 10 -28.58 62.48 -32.26
C GLU M 10 -27.50 61.74 -33.03
N VAL M 11 -27.69 60.43 -33.17
CA VAL M 11 -26.73 59.56 -33.86
C VAL M 11 -26.97 59.59 -35.38
N LEU M 12 -25.95 59.96 -36.13
CA LEU M 12 -26.03 59.93 -37.59
C LEU M 12 -25.37 58.64 -38.11
N SER M 13 -24.68 58.72 -39.24
CA SER M 13 -24.14 57.53 -39.90
C SER M 13 -22.69 57.23 -39.53
N VAL M 14 -22.31 55.97 -39.72
CA VAL M 14 -20.92 55.51 -39.54
C VAL M 14 -20.00 56.18 -40.56
N VAL M 15 -18.86 56.68 -40.08
CA VAL M 15 -17.84 57.29 -40.93
C VAL M 15 -17.19 56.23 -41.82
N THR M 16 -16.98 56.60 -43.10
CA THR M 16 -16.27 55.76 -44.08
C THR M 16 -14.89 56.35 -44.36
N GLY M 17 -13.89 55.48 -44.45
CA GLY M 17 -12.52 55.93 -44.68
C GLY M 17 -11.50 54.83 -44.44
N GLU M 18 -10.24 55.22 -44.30
CA GLU M 18 -9.15 54.26 -44.12
C GLU M 18 -8.92 53.98 -42.64
N ASP M 19 -8.85 55.03 -41.84
CA ASP M 19 -8.53 54.92 -40.42
C ASP M 19 -9.77 55.01 -39.53
N SER M 20 -10.90 54.54 -40.04
CA SER M 20 -12.18 54.65 -39.36
C SER M 20 -12.33 53.69 -38.17
N ILE M 21 -11.56 52.60 -38.20
CA ILE M 21 -11.62 51.56 -37.17
C ILE M 21 -10.33 51.53 -36.33
N THR M 22 -10.49 51.40 -35.01
CA THR M 22 -9.33 51.28 -34.11
C THR M 22 -9.52 50.18 -33.05
N GLN M 23 -8.42 49.78 -32.41
CA GLN M 23 -8.47 48.76 -31.36
C GLN M 23 -7.68 49.16 -30.11
N ILE M 24 -8.26 48.90 -28.95
CA ILE M 24 -7.69 49.25 -27.66
C ILE M 24 -7.48 47.99 -26.80
N GLU M 25 -6.24 47.79 -26.35
CA GLU M 25 -5.84 46.70 -25.47
C GLU M 25 -5.54 47.18 -24.05
N LEU M 26 -5.89 46.35 -23.08
CA LEU M 26 -5.75 46.68 -21.67
C LEU M 26 -5.93 45.44 -20.80
N TYR M 27 -5.29 45.45 -19.65
CA TYR M 27 -5.57 44.51 -18.58
C TYR M 27 -5.79 45.29 -17.27
N LEU M 28 -6.61 44.72 -16.38
CA LEU M 28 -6.84 45.30 -15.06
C LEU M 28 -6.56 44.26 -13.98
N ASN M 29 -5.76 44.65 -12.99
CA ASN M 29 -5.41 43.77 -11.88
C ASN M 29 -6.44 43.84 -10.75
N PRO M 30 -6.70 42.71 -10.08
CA PRO M 30 -7.75 42.71 -9.05
C PRO M 30 -7.47 43.66 -7.88
N ARG M 31 -8.53 44.19 -7.29
CA ARG M 31 -8.42 45.04 -6.11
C ARG M 31 -9.15 44.40 -4.94
N MET M 32 -8.56 43.35 -4.38
CA MET M 32 -9.24 42.53 -3.38
C MET M 32 -9.23 43.08 -1.95
N GLY M 33 -8.39 44.07 -1.70
CA GLY M 33 -8.24 44.63 -0.35
C GLY M 33 -6.80 45.04 -0.10
N VAL M 34 -5.86 44.11 -0.37
CA VAL M 34 -4.46 44.47 -0.53
C VAL M 34 -4.27 44.84 -2.00
N ASN M 35 -4.26 46.14 -2.28
CA ASN M 35 -4.46 46.62 -3.66
C ASN M 35 -3.23 47.03 -4.45
N SER M 36 -2.06 46.83 -3.85
CA SER M 36 -0.79 47.19 -4.49
C SER M 36 0.25 46.12 -4.16
N PRO M 37 1.17 45.85 -5.09
CA PRO M 37 2.24 44.89 -4.81
C PRO M 37 3.46 45.52 -4.15
N ASP M 38 3.47 46.84 -4.02
CA ASP M 38 4.68 47.59 -3.67
C ASP M 38 4.82 47.90 -2.17
N LEU M 39 4.69 46.85 -1.35
CA LEU M 39 4.91 46.95 0.10
C LEU M 39 5.48 45.65 0.68
N PRO M 40 6.55 45.77 1.49
CA PRO M 40 7.15 44.60 2.17
C PRO M 40 6.22 43.95 3.19
N THR M 41 6.14 42.63 3.13
CA THR M 41 5.24 41.80 3.97
C THR M 41 3.74 42.07 3.77
N THR M 42 3.34 43.34 3.88
CA THR M 42 1.96 43.76 3.61
C THR M 42 1.49 43.20 2.28
N SER M 43 2.30 43.44 1.25
CA SER M 43 1.94 43.14 -0.13
C SER M 43 2.15 41.69 -0.53
N ASN M 44 2.45 40.82 0.42
CA ASN M 44 2.52 39.38 0.14
CA ASN M 44 2.52 39.39 0.09
C ASN M 44 1.12 38.79 -0.07
N TRP M 45 0.09 39.56 0.28
CA TRP M 45 -1.31 39.18 0.11
C TRP M 45 -1.99 39.99 -1.00
N TYR M 46 -1.16 40.62 -1.84
CA TYR M 46 -1.60 41.20 -3.11
C TYR M 46 -2.51 40.21 -3.87
N THR M 47 -3.68 40.69 -4.28
CA THR M 47 -4.80 39.90 -4.91
C THR M 47 -5.60 39.02 -3.94
N TYR M 48 -5.45 39.27 -2.64
CA TYR M 48 -6.25 38.62 -1.61
C TYR M 48 -6.83 39.64 -0.64
N THR M 49 -7.82 39.20 0.15
CA THR M 49 -8.26 39.92 1.34
C THR M 49 -7.39 39.52 2.53
N TYR M 50 -7.71 40.06 3.71
CA TYR M 50 -7.21 39.52 4.97
C TYR M 50 -8.22 38.48 5.42
N ASP M 51 -8.07 37.98 6.65
CA ASP M 51 -8.96 36.90 7.11
C ASP M 51 -10.37 37.43 7.41
N LEU M 52 -11.37 36.73 6.86
CA LEU M 52 -12.76 37.12 6.99
C LEU M 52 -13.50 36.36 8.09
N GLN M 53 -14.06 37.09 9.04
CA GLN M 53 -14.68 36.50 10.23
C GLN M 53 -15.92 37.24 10.70
N PRO M 54 -16.99 36.49 11.06
CA PRO M 54 -18.04 37.14 11.85
C PRO M 54 -17.46 37.51 13.23
N LYS M 55 -17.63 38.78 13.60
CA LYS M 55 -17.01 39.30 14.81
C LYS M 55 -17.53 38.61 16.08
N GLY M 56 -18.81 38.24 16.08
CA GLY M 56 -19.43 37.56 17.22
C GLY M 56 -20.25 38.49 18.10
N SER M 57 -19.96 39.77 17.99
CA SER M 57 -20.67 40.82 18.71
C SER M 57 -20.98 41.98 17.75
N SER M 58 -22.10 42.63 17.99
CA SER M 58 -22.51 43.84 17.26
C SER M 58 -21.69 45.05 17.75
N PRO M 59 -21.37 46.02 16.87
CA PRO M 59 -21.57 46.09 15.42
C PRO M 59 -20.34 45.60 14.65
N ASP M 60 -20.54 45.24 13.39
CA ASP M 60 -19.44 44.88 12.49
C ASP M 60 -18.65 46.13 12.08
N GLN M 61 -17.33 46.07 12.24
CA GLN M 61 -16.44 47.19 11.90
C GLN M 61 -15.33 46.68 10.98
N PRO M 62 -15.64 46.46 9.69
CA PRO M 62 -14.71 45.81 8.77
C PRO M 62 -13.54 46.70 8.37
N ILE M 63 -12.35 46.12 8.31
CA ILE M 63 -11.15 46.85 7.88
C ILE M 63 -11.11 46.91 6.35
N LYS M 64 -10.35 47.87 5.80
CA LYS M 64 -10.30 48.06 4.35
C LYS M 64 -9.77 46.86 3.54
N GLU M 65 -8.83 46.11 4.12
CA GLU M 65 -8.24 44.92 3.49
C GLU M 65 -9.23 43.78 3.31
N ASN M 66 -10.39 43.89 3.96
CA ASN M 66 -11.47 42.91 3.87
C ASN M 66 -12.63 43.35 2.96
N LEU M 67 -12.36 44.32 2.10
CA LEU M 67 -13.40 44.87 1.23
C LEU M 67 -13.00 44.88 -0.25
N PRO M 68 -13.17 43.74 -0.94
CA PRO M 68 -12.95 43.68 -2.40
C PRO M 68 -13.72 44.78 -3.13
N ALA M 69 -13.04 45.42 -4.07
CA ALA M 69 -13.56 46.60 -4.75
C ALA M 69 -13.53 46.45 -6.28
N TYR M 70 -14.29 47.30 -6.99
CA TYR M 70 -14.26 47.30 -8.46
C TYR M 70 -12.96 47.83 -9.04
N SER M 71 -12.54 47.23 -10.16
CA SER M 71 -11.42 47.74 -10.95
C SER M 71 -11.95 48.69 -12.01
N VAL M 72 -11.28 49.83 -12.19
CA VAL M 72 -11.68 50.78 -13.24
C VAL M 72 -10.50 51.51 -13.91
N ALA M 73 -10.64 51.74 -15.21
CA ALA M 73 -9.69 52.55 -15.96
C ALA M 73 -10.39 53.31 -17.08
N ARG M 74 -9.93 54.54 -17.31
CA ARG M 74 -10.38 55.36 -18.42
C ARG M 74 -9.26 55.40 -19.46
N VAL M 75 -9.52 54.87 -20.65
CA VAL M 75 -8.52 54.88 -21.72
C VAL M 75 -8.72 56.08 -22.66
N SER M 76 -7.63 56.81 -22.92
CA SER M 76 -7.64 57.93 -23.86
C SER M 76 -7.67 57.44 -25.30
N LEU M 77 -8.38 58.17 -26.15
CA LEU M 77 -8.58 57.79 -27.55
C LEU M 77 -8.09 58.88 -28.52
N PRO M 78 -7.74 58.51 -29.77
CA PRO M 78 -7.34 59.51 -30.78
C PRO M 78 -8.33 60.66 -30.89
N MET M 79 -7.83 61.90 -30.83
CA MET M 79 -8.67 63.10 -30.95
C MET M 79 -9.32 63.18 -32.34
N LEU M 80 -10.52 63.75 -32.39
CA LEU M 80 -11.32 63.73 -33.62
C LEU M 80 -11.80 65.10 -34.13
N ASN M 81 -11.76 66.12 -33.28
CA ASN M 81 -12.27 67.44 -33.68
C ASN M 81 -11.38 68.61 -33.24
N THR M 88 -21.85 69.40 -35.22
CA THR M 88 -21.67 68.09 -35.82
C THR M 88 -20.25 67.61 -35.61
N LEU M 89 -20.11 66.44 -34.99
CA LEU M 89 -18.79 65.92 -34.66
C LEU M 89 -18.70 64.40 -34.75
N GLN M 90 -17.46 63.92 -34.82
CA GLN M 90 -17.16 62.49 -34.82
C GLN M 90 -16.89 61.99 -33.40
N MET M 91 -17.36 60.79 -33.10
CA MET M 91 -17.12 60.14 -31.81
C MET M 91 -16.78 58.66 -32.00
N TRP M 92 -15.98 58.12 -31.09
CA TRP M 92 -15.66 56.70 -31.09
C TRP M 92 -16.83 55.90 -30.54
N GLU M 93 -17.16 54.82 -31.25
CA GLU M 93 -18.25 53.93 -30.87
C GLU M 93 -17.69 52.53 -30.68
N ALA M 94 -17.77 52.04 -29.44
CA ALA M 94 -17.33 50.69 -29.12
C ALA M 94 -18.34 49.68 -29.68
N ILE M 95 -17.88 48.75 -30.50
CA ILE M 95 -18.82 47.87 -31.19
C ILE M 95 -18.74 46.41 -30.76
N SER M 96 -17.56 45.99 -30.33
CA SER M 96 -17.36 44.64 -29.83
C SER M 96 -16.16 44.57 -28.89
N VAL M 97 -16.06 43.46 -28.17
CA VAL M 97 -14.98 43.25 -27.19
C VAL M 97 -14.69 41.76 -27.01
N LYS M 98 -13.41 41.41 -26.99
CA LYS M 98 -12.98 40.10 -26.49
C LYS M 98 -12.41 40.31 -25.08
N THR M 99 -12.92 39.52 -24.14
CA THR M 99 -12.43 39.63 -22.78
C THR M 99 -12.15 38.26 -22.20
N GLU M 100 -11.20 38.22 -21.28
CA GLU M 100 -10.74 36.97 -20.70
C GLU M 100 -10.20 37.16 -19.28
N VAL M 101 -10.59 36.25 -18.38
CA VAL M 101 -9.96 36.14 -17.05
C VAL M 101 -8.60 35.42 -17.20
N VAL M 102 -7.56 36.07 -16.68
CA VAL M 102 -6.18 35.61 -16.82
C VAL M 102 -5.73 34.87 -15.56
N GLY M 103 -4.97 33.79 -15.73
CA GLY M 103 -4.41 33.06 -14.60
C GLY M 103 -5.29 31.96 -14.03
N ILE M 104 -6.34 31.59 -14.76
CA ILE M 104 -7.24 30.51 -14.34
C ILE M 104 -6.47 29.24 -13.97
N SER M 105 -5.50 28.86 -14.81
CA SER M 105 -4.70 27.65 -14.59
C SER M 105 -3.94 27.57 -13.25
N SER M 106 -3.63 28.73 -12.68
CA SER M 106 -2.91 28.80 -11.40
C SER M 106 -3.72 28.19 -10.26
N LEU M 107 -5.04 28.16 -10.42
CA LEU M 107 -5.91 27.66 -9.39
C LEU M 107 -5.91 26.13 -9.28
N ILE M 108 -5.09 25.44 -10.07
CA ILE M 108 -4.92 23.98 -9.84
C ILE M 108 -3.97 23.64 -8.67
N ASN M 109 -3.24 24.64 -8.18
CA ASN M 109 -2.29 24.51 -7.05
C ASN M 109 -3.03 24.14 -5.75
N VAL M 110 -2.89 22.87 -5.32
CA VAL M 110 -3.48 22.38 -4.07
C VAL M 110 -2.42 22.04 -3.00
N HIS M 111 -1.30 22.77 -3.05
CA HIS M 111 -0.16 22.54 -2.17
C HIS M 111 0.48 23.84 -1.71
N TYR M 112 -0.33 24.89 -1.53
CA TYR M 112 0.12 26.08 -0.84
C TYR M 112 0.57 25.67 0.58
N TRP M 113 1.69 26.20 1.06
CA TRP M 113 2.34 25.66 2.26
C TRP M 113 1.48 25.71 3.52
N ASP M 114 0.56 26.66 3.58
CA ASP M 114 -0.33 26.82 4.73
C ASP M 114 -1.80 26.50 4.39
N MET M 115 -2.01 25.61 3.42
CA MET M 115 -3.36 25.28 2.97
C MET M 115 -3.97 24.25 3.92
N LYS M 116 -5.22 24.47 4.31
CA LYS M 116 -5.95 23.50 5.10
C LYS M 116 -6.24 22.27 4.23
N ARG M 117 -6.11 21.07 4.80
CA ARG M 117 -6.29 19.81 4.07
C ARG M 117 -7.75 19.37 3.99
N VAL M 118 -8.14 18.77 2.87
CA VAL M 118 -9.51 18.27 2.75
C VAL M 118 -9.78 17.14 3.76
N HIS M 119 -8.76 16.37 4.09
CA HIS M 119 -8.77 15.47 5.26
C HIS M 119 -7.34 15.13 5.67
N ASP M 120 -7.18 14.34 6.75
CA ASP M 120 -5.85 13.86 7.21
C ASP M 120 -5.04 13.29 6.05
N TYR M 121 -3.85 13.84 5.85
CA TYR M 121 -2.89 13.40 4.82
C TYR M 121 -3.23 13.83 3.38
N GLY M 122 -4.35 14.52 3.22
CA GLY M 122 -4.82 14.90 1.89
C GLY M 122 -4.19 16.16 1.34
N ALA M 123 -4.63 16.53 0.14
CA ALA M 123 -4.19 17.76 -0.51
C ALA M 123 -4.92 18.95 0.10
N GLY M 124 -4.46 20.15 -0.24
CA GLY M 124 -5.16 21.36 0.17
C GLY M 124 -6.56 21.43 -0.41
N ILE M 125 -7.47 22.11 0.29
CA ILE M 125 -8.76 22.48 -0.28
C ILE M 125 -8.54 23.55 -1.36
N PRO M 126 -8.98 23.26 -2.61
CA PRO M 126 -8.69 24.21 -3.69
C PRO M 126 -9.42 25.53 -3.53
N VAL M 127 -8.94 26.58 -4.19
CA VAL M 127 -9.69 27.84 -4.22
C VAL M 127 -11.07 27.56 -4.81
N SER M 128 -12.09 27.77 -3.98
CA SER M 128 -13.49 27.49 -4.32
C SER M 128 -14.39 28.29 -3.40
N GLY M 129 -15.70 28.22 -3.63
CA GLY M 129 -16.68 28.98 -2.82
C GLY M 129 -17.27 30.17 -3.56
N VAL M 130 -17.44 31.28 -2.85
CA VAL M 130 -18.03 32.52 -3.41
C VAL M 130 -17.32 32.96 -4.70
N ASN M 131 -18.07 33.09 -5.79
CA ASN M 131 -17.56 33.75 -7.00
C ASN M 131 -18.42 34.99 -7.32
N TYR M 132 -17.77 36.02 -7.86
CA TYR M 132 -18.48 37.19 -8.40
C TYR M 132 -17.68 37.68 -9.60
N HIS M 133 -18.32 37.77 -10.76
CA HIS M 133 -17.69 38.17 -12.04
C HIS M 133 -18.52 39.19 -12.76
N MET M 134 -17.92 40.33 -13.10
CA MET M 134 -18.58 41.34 -13.91
C MET M 134 -17.58 42.12 -14.76
N PHE M 135 -18.02 42.54 -15.94
CA PHE M 135 -17.28 43.54 -16.71
C PHE M 135 -18.26 44.52 -17.38
N ALA M 136 -17.74 45.69 -17.73
CA ALA M 136 -18.56 46.72 -18.35
C ALA M 136 -17.75 47.63 -19.25
N ILE M 137 -18.32 47.98 -20.40
CA ILE M 137 -17.73 48.93 -21.36
C ILE M 137 -18.69 50.11 -21.52
N GLY M 138 -18.17 51.34 -21.46
CA GLY M 138 -19.04 52.52 -21.57
C GLY M 138 -18.34 53.80 -22.02
N GLY M 139 -19.13 54.78 -22.44
CA GLY M 139 -18.58 56.06 -22.89
C GLY M 139 -18.51 57.10 -21.79
N GLU M 140 -18.68 56.64 -20.56
CA GLU M 140 -18.75 57.46 -19.35
C GLU M 140 -18.72 56.49 -18.16
N PRO M 141 -18.48 56.99 -16.94
CA PRO M 141 -18.37 56.07 -15.79
C PRO M 141 -19.62 55.23 -15.54
N LEU M 142 -19.44 54.02 -15.01
CA LEU M 142 -20.56 53.16 -14.68
C LEU M 142 -21.40 53.74 -13.55
N ASP M 143 -22.72 53.70 -13.70
CA ASP M 143 -23.64 54.16 -12.65
C ASP M 143 -23.87 53.06 -11.59
N LEU M 144 -23.79 53.46 -10.32
CA LEU M 144 -23.84 52.53 -9.20
C LEU M 144 -25.04 52.75 -8.29
N GLN M 145 -25.62 51.66 -7.81
CA GLN M 145 -26.68 51.71 -6.82
C GLN M 145 -26.14 51.05 -5.54
N GLY M 146 -26.47 51.64 -4.40
CA GLY M 146 -26.03 51.10 -3.11
C GLY M 146 -27.09 50.26 -2.42
N LEU M 147 -26.65 49.11 -1.92
CA LEU M 147 -27.48 48.19 -1.16
C LEU M 147 -26.57 47.27 -0.33
N VAL M 148 -26.90 47.09 0.95
CA VAL M 148 -26.05 46.28 1.84
C VAL M 148 -26.82 45.20 2.59
N LEU M 149 -26.10 44.16 3.02
CA LEU M 149 -26.69 43.08 3.82
C LEU M 149 -27.22 43.60 5.17
N ASP M 150 -26.45 44.52 5.77
CA ASP M 150 -26.70 45.05 7.12
C ASP M 150 -26.37 46.56 7.19
N TYR M 151 -27.41 47.36 7.42
CA TYR M 151 -27.28 48.81 7.54
C TYR M 151 -26.46 49.31 8.74
N GLN M 152 -26.31 48.47 9.78
CA GLN M 152 -25.54 48.82 10.98
C GLN M 152 -24.03 48.57 10.84
N THR M 153 -23.59 48.10 9.67
CA THR M 153 -22.17 47.91 9.41
C THR M 153 -21.48 49.28 9.43
N GLN M 154 -20.40 49.38 10.19
CA GLN M 154 -19.66 50.62 10.29
C GLN M 154 -18.44 50.52 9.40
N TYR M 155 -18.60 50.91 8.13
CA TYR M 155 -17.50 50.92 7.16
C TYR M 155 -16.49 52.03 7.54
N PRO M 156 -15.20 51.83 7.19
CA PRO M 156 -14.16 52.85 7.46
C PRO M 156 -14.46 54.17 6.78
N LYS M 157 -14.20 55.28 7.48
CA LYS M 157 -14.44 56.63 6.95
C LYS M 157 -13.49 56.98 5.81
N THR M 158 -13.85 58.01 5.05
CA THR M 158 -13.04 58.45 3.89
C THR M 158 -12.09 59.58 4.29
N GLY M 162 -9.82 55.99 3.19
CA GLY M 162 -10.89 54.99 3.19
C GLY M 162 -11.70 54.85 1.89
N PRO M 163 -12.55 53.80 1.81
CA PRO M 163 -13.41 53.57 0.64
C PRO M 163 -14.67 54.42 0.67
N ILE M 164 -15.27 54.61 -0.50
CA ILE M 164 -16.51 55.34 -0.65
C ILE M 164 -17.68 54.37 -0.44
N THR M 165 -18.50 54.65 0.58
CA THR M 165 -19.70 53.84 0.85
C THR M 165 -20.94 54.72 0.88
N ILE M 166 -22.08 54.15 1.27
CA ILE M 166 -23.34 54.89 1.22
C ILE M 166 -23.34 56.12 2.13
N GLU M 167 -22.78 55.97 3.34
CA GLU M 167 -22.64 57.08 4.29
C GLU M 167 -21.89 58.25 3.64
N THR M 168 -20.77 57.97 2.97
CA THR M 168 -20.01 59.00 2.26
C THR M 168 -20.90 59.84 1.33
N VAL M 169 -21.74 59.20 0.53
CA VAL M 169 -22.53 59.94 -0.47
C VAL M 169 -23.74 60.64 0.14
N LEU M 170 -24.34 60.05 1.17
CA LEU M 170 -25.47 60.67 1.88
C LEU M 170 -25.05 61.77 2.87
N GLY M 171 -23.81 61.70 3.35
CA GLY M 171 -23.31 62.63 4.36
C GLY M 171 -23.93 62.43 5.74
N ARG M 172 -24.63 61.30 5.92
CA ARG M 172 -25.28 60.92 7.19
C ARG M 172 -25.25 59.39 7.30
N LYS M 173 -25.67 58.86 8.45
CA LYS M 173 -25.61 57.42 8.66
C LYS M 173 -26.71 56.68 7.91
N MET M 174 -26.42 55.45 7.48
CA MET M 174 -27.41 54.57 6.85
C MET M 174 -28.62 54.31 7.73
N THR M 175 -29.76 53.99 7.11
CA THR M 175 -30.96 53.58 7.84
C THR M 175 -31.41 52.19 7.34
N PRO M 176 -32.38 51.55 8.03
CA PRO M 176 -32.82 50.24 7.55
C PRO M 176 -33.15 50.18 6.05
N LYS M 177 -33.54 51.30 5.46
CA LYS M 177 -34.00 51.29 4.06
C LYS M 177 -32.90 50.97 3.05
N ASN M 178 -31.64 51.06 3.48
CA ASN M 178 -30.49 50.70 2.64
C ASN M 178 -30.20 49.19 2.60
N GLN M 179 -31.04 48.40 3.28
CA GLN M 179 -31.06 46.96 3.08
C GLN M 179 -31.93 46.65 1.86
N GLY M 180 -32.67 47.66 1.39
CA GLY M 180 -33.39 47.66 0.12
C GLY M 180 -32.86 48.72 -0.84
N LEU M 181 -33.63 49.02 -1.88
CA LEU M 181 -33.25 49.99 -2.88
C LEU M 181 -33.65 51.41 -2.43
N ASP M 182 -32.66 52.19 -1.99
CA ASP M 182 -32.91 53.60 -1.66
C ASP M 182 -32.47 54.46 -2.83
N PRO M 183 -33.41 55.20 -3.46
CA PRO M 183 -33.13 56.06 -4.61
C PRO M 183 -31.98 57.06 -4.40
N GLN M 184 -31.68 57.41 -3.16
CA GLN M 184 -30.65 58.43 -2.93
C GLN M 184 -29.24 57.86 -2.78
N ALA M 185 -29.15 56.53 -2.64
CA ALA M 185 -27.87 55.83 -2.54
C ALA M 185 -27.28 55.50 -3.91
N LYS M 186 -26.66 56.51 -4.52
CA LYS M 186 -26.15 56.40 -5.90
C LYS M 186 -24.78 57.02 -6.04
N ALA M 187 -23.94 56.40 -6.87
CA ALA M 187 -22.58 56.88 -7.11
C ALA M 187 -22.18 56.63 -8.56
N LYS M 188 -20.99 57.08 -8.94
CA LYS M 188 -20.42 56.80 -10.25
C LYS M 188 -19.03 56.21 -10.11
N LEU M 189 -18.82 55.03 -10.69
CA LEU M 189 -17.54 54.33 -10.59
C LEU M 189 -16.43 55.10 -11.31
N ASP M 190 -15.72 55.94 -10.55
CA ASP M 190 -14.74 56.84 -11.14
C ASP M 190 -13.33 56.72 -10.56
N LYS M 191 -13.14 55.78 -9.65
CA LYS M 191 -11.84 55.59 -9.03
C LYS M 191 -11.56 54.12 -8.72
N ASP M 192 -10.34 53.68 -9.08
CA ASP M 192 -9.92 52.30 -8.93
C ASP M 192 -9.71 51.90 -7.45
N GLY M 193 -10.33 50.79 -7.04
CA GLY M 193 -10.16 50.23 -5.70
C GLY M 193 -10.82 50.98 -4.55
N ASN M 194 -11.84 51.79 -4.86
CA ASN M 194 -12.52 52.61 -3.86
C ASN M 194 -14.00 52.30 -3.63
N TYR M 195 -14.63 51.62 -4.59
CA TYR M 195 -16.03 51.25 -4.43
C TYR M 195 -16.17 49.75 -4.12
N PRO M 196 -16.43 49.41 -2.85
CA PRO M 196 -16.55 48.00 -2.44
C PRO M 196 -17.72 47.27 -3.10
N ILE M 197 -17.46 46.04 -3.54
CA ILE M 197 -18.45 45.18 -4.21
C ILE M 197 -19.69 44.88 -3.34
N GLU M 198 -19.51 44.72 -2.04
CA GLU M 198 -20.61 44.34 -1.16
C GLU M 198 -21.54 45.50 -0.84
N VAL M 199 -21.12 46.70 -1.20
CA VAL M 199 -21.93 47.92 -1.01
C VAL M 199 -22.60 48.33 -2.32
N TRP M 200 -21.87 48.27 -3.44
CA TRP M 200 -22.35 48.81 -4.73
C TRP M 200 -22.58 47.76 -5.82
N CYS M 201 -23.73 47.85 -6.49
CA CYS M 201 -23.98 47.11 -7.76
C CYS M 201 -24.14 48.07 -8.96
N PRO M 202 -24.18 47.53 -10.21
CA PRO M 202 -24.51 48.44 -11.32
C PRO M 202 -25.97 48.87 -11.26
N ASP M 203 -26.22 50.13 -11.59
CA ASP M 203 -27.56 50.72 -11.50
C ASP M 203 -28.32 50.48 -12.82
N PRO M 204 -29.34 49.60 -12.79
CA PRO M 204 -30.07 49.36 -14.04
C PRO M 204 -30.96 50.51 -14.43
N SER M 205 -31.19 51.46 -13.51
CA SER M 205 -32.09 52.58 -13.78
C SER M 205 -31.42 53.63 -14.67
N LYS M 206 -30.12 53.45 -14.89
CA LYS M 206 -29.37 54.38 -15.72
C LYS M 206 -28.54 53.61 -16.75
N ASN M 207 -27.23 53.90 -16.82
CA ASN M 207 -26.29 53.20 -17.70
C ASN M 207 -26.74 53.00 -19.14
N GLU M 208 -27.30 54.04 -19.75
CA GLU M 208 -27.85 53.97 -21.10
C GLU M 208 -26.74 53.98 -22.15
N ASN M 209 -25.57 54.47 -21.74
CA ASN M 209 -24.38 54.54 -22.58
C ASN M 209 -23.25 53.58 -22.11
N SER M 210 -23.65 52.45 -21.53
CA SER M 210 -22.72 51.38 -21.15
C SER M 210 -23.36 50.02 -21.34
N ARG M 211 -22.53 48.99 -21.51
CA ARG M 211 -23.00 47.61 -21.42
C ARG M 211 -22.31 46.91 -20.25
N TYR M 212 -23.08 46.25 -19.38
CA TYR M 212 -22.51 45.44 -18.28
C TYR M 212 -23.07 44.02 -18.24
N TYR M 213 -22.23 43.07 -17.81
CA TYR M 213 -22.56 41.64 -17.72
C TYR M 213 -21.98 41.07 -16.43
N GLY M 214 -22.81 40.41 -15.62
CA GLY M 214 -22.34 39.84 -14.36
C GLY M 214 -23.06 38.59 -13.86
N SER M 215 -22.44 37.94 -12.87
CA SER M 215 -23.06 36.82 -12.18
C SER M 215 -22.46 36.64 -10.79
N ILE M 216 -23.19 35.92 -9.95
CA ILE M 216 -22.71 35.54 -8.62
C ILE M 216 -22.95 34.05 -8.39
N GLN M 217 -22.11 33.46 -7.53
CA GLN M 217 -22.30 32.12 -7.03
C GLN M 217 -21.94 32.10 -5.51
N THR M 218 -22.88 31.68 -4.68
CA THR M 218 -22.62 31.59 -3.25
C THR M 218 -22.34 30.13 -2.80
N GLY M 219 -22.47 29.82 -1.51
CA GLY M 219 -21.99 28.53 -0.97
C GLY M 219 -20.53 28.66 -0.51
N SER M 220 -20.06 27.70 0.27
CA SER M 220 -18.74 27.84 0.94
C SER M 220 -17.58 27.18 0.19
N GLN M 221 -17.82 25.95 -0.28
CA GLN M 221 -16.83 25.20 -1.05
C GLN M 221 -17.35 24.87 -2.46
N THR M 222 -18.23 25.70 -3.00
CA THR M 222 -18.79 25.51 -4.33
C THR M 222 -17.70 25.56 -5.42
N PRO M 223 -17.68 24.56 -6.31
CA PRO M 223 -16.68 24.55 -7.38
C PRO M 223 -16.58 25.86 -8.18
N THR M 224 -15.36 26.35 -8.32
CA THR M 224 -15.09 27.43 -9.26
C THR M 224 -15.01 26.79 -10.65
N VAL M 225 -15.96 27.17 -11.52
CA VAL M 225 -16.05 26.67 -12.89
C VAL M 225 -15.92 27.83 -13.90
N LEU M 226 -14.79 27.92 -14.59
CA LEU M 226 -14.55 29.02 -15.53
C LEU M 226 -14.07 28.52 -16.89
N GLN M 227 -14.28 29.32 -17.93
CA GLN M 227 -13.81 29.00 -19.29
C GLN M 227 -12.88 30.08 -19.82
N PHE M 228 -12.07 29.70 -20.80
CA PHE M 228 -11.25 30.68 -21.53
C PHE M 228 -11.02 30.22 -22.96
N SER M 229 -11.18 31.16 -23.91
CA SER M 229 -10.95 30.94 -25.33
C SER M 229 -10.73 32.28 -26.03
N ASN M 230 -9.78 32.35 -26.95
CA ASN M 230 -9.60 33.61 -27.73
C ASN M 230 -10.52 33.70 -28.96
N THR M 231 -11.50 32.81 -29.02
CA THR M 231 -12.47 32.80 -30.12
C THR M 231 -13.82 33.43 -29.74
N LEU M 232 -13.95 33.90 -28.50
CA LEU M 232 -15.22 34.41 -28.01
C LEU M 232 -15.31 35.95 -28.06
N THR M 233 -16.35 36.44 -28.75
CA THR M 233 -16.56 37.86 -28.93
C THR M 233 -17.95 38.25 -28.40
N THR M 234 -18.01 39.41 -27.73
CA THR M 234 -19.27 39.99 -27.28
C THR M 234 -19.57 41.24 -28.10
N VAL M 235 -20.75 41.26 -28.72
CA VAL M 235 -21.22 42.38 -29.54
C VAL M 235 -21.81 43.45 -28.62
N LEU M 236 -21.37 44.70 -28.78
CA LEU M 236 -21.78 45.78 -27.87
C LEU M 236 -22.90 46.69 -28.37
N LEU M 237 -23.34 46.48 -29.60
CA LEU M 237 -24.43 47.26 -30.17
C LEU M 237 -25.75 46.95 -29.48
N ASP M 238 -26.54 47.99 -29.21
CA ASP M 238 -27.91 47.79 -28.69
C ASP M 238 -28.86 47.31 -29.79
N GLU M 239 -30.16 47.30 -29.48
CA GLU M 239 -31.19 46.82 -30.42
C GLU M 239 -31.35 47.73 -31.65
N ASN M 240 -31.01 49.01 -31.49
CA ASN M 240 -31.02 49.97 -32.58
C ASN M 240 -29.74 49.97 -33.40
N GLY M 241 -28.81 49.07 -33.08
CA GLY M 241 -27.51 49.00 -33.75
C GLY M 241 -26.46 50.01 -33.29
N VAL M 242 -26.67 50.64 -32.14
CA VAL M 242 -25.70 51.63 -31.61
C VAL M 242 -24.95 51.14 -30.35
N GLY M 243 -23.62 51.14 -30.44
CA GLY M 243 -22.78 50.81 -29.30
C GLY M 243 -22.46 52.04 -28.45
N PRO M 244 -21.84 51.84 -27.27
CA PRO M 244 -21.43 52.92 -26.37
C PRO M 244 -20.69 54.04 -27.11
N LEU M 245 -21.09 55.28 -26.87
CA LEU M 245 -20.48 56.45 -27.51
C LEU M 245 -19.58 57.21 -26.54
N CYS M 246 -18.34 57.47 -26.97
CA CYS M 246 -17.35 58.09 -26.10
C CYS M 246 -17.33 59.63 -26.17
N LYS M 247 -18.38 60.27 -25.68
CA LYS M 247 -18.35 61.72 -25.50
C LYS M 247 -17.38 62.01 -24.37
N GLY M 248 -16.57 63.06 -24.52
CA GLY M 248 -15.46 63.25 -23.59
C GLY M 248 -14.21 62.54 -24.06
N ASP M 249 -14.34 61.80 -25.17
CA ASP M 249 -13.20 61.15 -25.85
C ASP M 249 -12.47 60.09 -25.01
N GLY M 250 -13.15 59.52 -24.02
CA GLY M 250 -12.55 58.48 -23.17
C GLY M 250 -13.34 57.18 -23.14
N LEU M 251 -12.65 56.05 -23.07
CA LEU M 251 -13.31 54.73 -22.93
C LEU M 251 -13.24 54.22 -21.48
N PHE M 252 -14.40 53.88 -20.92
CA PHE M 252 -14.48 53.43 -19.54
C PHE M 252 -14.65 51.91 -19.42
N ILE M 253 -13.65 51.27 -18.84
CA ILE M 253 -13.64 49.83 -18.63
C ILE M 253 -13.68 49.50 -17.14
N SER M 254 -14.59 48.60 -16.74
CA SER M 254 -14.79 48.24 -15.34
C SER M 254 -14.97 46.73 -15.17
N CYS M 255 -14.44 46.18 -14.07
CA CYS M 255 -14.59 44.73 -13.82
C CYS M 255 -14.36 44.31 -12.35
N ALA M 256 -14.67 43.04 -12.08
CA ALA M 256 -14.43 42.38 -10.80
C ALA M 256 -14.45 40.87 -11.02
N ASP M 257 -13.48 40.16 -10.46
CA ASP M 257 -13.43 38.69 -10.61
C ASP M 257 -12.95 37.94 -9.39
N ILE M 258 -13.87 37.68 -8.47
CA ILE M 258 -13.60 36.90 -7.24
C ILE M 258 -13.79 35.40 -7.53
N VAL M 259 -12.76 34.62 -7.23
CA VAL M 259 -12.69 33.21 -7.65
C VAL M 259 -12.81 32.18 -6.51
N GLY M 260 -13.01 32.66 -5.28
CA GLY M 260 -13.17 31.77 -4.12
C GLY M 260 -12.19 32.04 -2.99
N PHE M 261 -12.26 31.17 -1.98
CA PHE M 261 -11.49 31.27 -0.73
C PHE M 261 -10.17 30.48 -0.76
N LEU M 262 -9.09 31.13 -0.30
CA LEU M 262 -7.90 30.41 0.15
C LEU M 262 -8.13 29.94 1.59
N PHE M 263 -8.21 28.63 1.78
CA PHE M 263 -8.44 28.02 3.08
C PHE M 263 -7.11 27.73 3.81
N LYS M 264 -6.85 28.45 4.90
CA LYS M 264 -5.64 28.27 5.70
C LYS M 264 -5.75 27.18 6.79
N THR M 265 -4.59 26.64 7.19
CA THR M 265 -4.47 25.55 8.19
C THR M 265 -5.29 25.78 9.46
N SER M 266 -5.19 26.99 10.01
CA SER M 266 -5.84 27.30 11.27
C SER M 266 -7.37 27.31 11.20
N GLY M 267 -7.91 27.32 9.98
CA GLY M 267 -9.35 27.46 9.75
C GLY M 267 -9.71 28.82 9.18
N LYS M 268 -8.79 29.78 9.23
CA LYS M 268 -9.03 31.10 8.65
C LYS M 268 -9.20 31.05 7.12
N MET M 269 -9.78 32.12 6.56
CA MET M 269 -10.23 32.14 5.17
C MET M 269 -10.11 33.51 4.56
N ALA M 270 -9.57 33.58 3.33
CA ALA M 270 -9.41 34.84 2.60
C ALA M 270 -9.92 34.72 1.16
N LEU M 271 -10.65 35.72 0.68
CA LEU M 271 -11.11 35.74 -0.72
C LEU M 271 -10.00 36.11 -1.68
N HIS M 272 -10.11 35.63 -2.92
CA HIS M 272 -9.05 35.77 -3.93
C HIS M 272 -9.63 36.27 -5.26
N GLY M 273 -8.85 37.06 -6.00
CA GLY M 273 -9.27 37.55 -7.31
C GLY M 273 -8.22 37.34 -8.40
N LEU M 274 -8.66 37.39 -9.66
CA LEU M 274 -7.79 37.24 -10.82
C LEU M 274 -7.89 38.47 -11.74
N PRO M 275 -6.84 38.76 -12.53
CA PRO M 275 -6.91 39.89 -13.46
C PRO M 275 -7.78 39.62 -14.70
N ARG M 276 -8.18 40.68 -15.40
CA ARG M 276 -8.99 40.52 -16.60
C ARG M 276 -8.38 41.26 -17.80
N TYR M 277 -8.46 40.65 -18.97
CA TYR M 277 -7.97 41.23 -20.23
C TYR M 277 -9.09 41.71 -21.16
N PHE M 278 -8.87 42.85 -21.83
CA PHE M 278 -9.83 43.39 -22.80
C PHE M 278 -9.19 43.78 -24.13
N ASN M 279 -9.90 43.46 -25.21
CA ASN M 279 -9.61 43.96 -26.55
C ASN M 279 -10.90 44.53 -27.13
N VAL M 280 -10.96 45.87 -27.22
CA VAL M 280 -12.17 46.56 -27.69
C VAL M 280 -11.97 47.15 -29.10
N THR M 281 -12.90 46.84 -30.01
CA THR M 281 -12.93 47.41 -31.35
C THR M 281 -13.88 48.60 -31.38
N LEU M 282 -13.41 49.73 -31.90
CA LEU M 282 -14.24 50.93 -32.02
C LEU M 282 -14.30 51.44 -33.45
N ARG M 283 -15.34 52.22 -33.77
CA ARG M 283 -15.44 52.90 -35.07
C ARG M 283 -15.87 54.34 -34.89
N LYS M 284 -15.58 55.17 -35.89
CA LYS M 284 -16.01 56.58 -35.88
C LYS M 284 -17.48 56.71 -36.28
N ARG M 285 -18.20 57.59 -35.60
CA ARG M 285 -19.61 57.76 -35.85
C ARG M 285 -19.90 59.24 -35.90
N TRP M 286 -20.68 59.66 -36.89
CA TRP M 286 -21.12 61.05 -36.98
C TRP M 286 -22.23 61.28 -35.95
N VAL M 287 -22.11 62.36 -35.19
CA VAL M 287 -23.11 62.74 -34.20
C VAL M 287 -23.35 64.24 -34.27
N LYS M 288 -24.59 64.66 -33.99
CA LYS M 288 -24.96 66.08 -33.98
C LYS M 288 -25.45 66.53 -32.59
N VAL N 9 1.79 40.42 -42.91
CA VAL N 9 1.24 39.14 -43.44
C VAL N 9 -0.15 39.34 -44.05
N GLU N 10 -0.23 39.42 -45.38
CA GLU N 10 -1.51 39.65 -46.05
C GLU N 10 -2.06 38.42 -46.78
N VAL N 11 -3.27 38.05 -46.40
CA VAL N 11 -3.89 36.81 -46.85
C VAL N 11 -4.56 37.01 -48.20
N LEU N 12 -4.14 36.22 -49.18
CA LEU N 12 -4.74 36.30 -50.51
C LEU N 12 -5.78 35.19 -50.66
N SER N 13 -5.87 34.61 -51.86
CA SER N 13 -6.91 33.62 -52.13
C SER N 13 -6.50 32.20 -51.78
N VAL N 14 -7.50 31.35 -51.58
CA VAL N 14 -7.31 29.93 -51.35
C VAL N 14 -6.84 29.32 -52.65
N VAL N 15 -5.90 28.38 -52.54
CA VAL N 15 -5.35 27.67 -53.70
C VAL N 15 -6.37 26.64 -54.20
N THR N 16 -6.67 26.71 -55.50
CA THR N 16 -7.49 25.67 -56.15
C THR N 16 -6.56 24.65 -56.80
N GLY N 17 -6.97 23.39 -56.81
CA GLY N 17 -6.15 22.32 -57.41
C GLY N 17 -6.60 20.92 -57.06
N GLU N 18 -5.69 19.96 -57.21
CA GLU N 18 -6.01 18.55 -56.98
C GLU N 18 -5.76 18.10 -55.53
N ASP N 19 -4.57 18.42 -55.00
CA ASP N 19 -4.22 18.03 -53.65
C ASP N 19 -4.02 19.23 -52.75
N SER N 20 -4.98 20.14 -52.75
CA SER N 20 -4.88 21.37 -51.97
C SER N 20 -5.36 21.19 -50.52
N ILE N 21 -5.89 20.01 -50.21
CA ILE N 21 -6.40 19.71 -48.88
C ILE N 21 -5.71 18.46 -48.30
N THR N 22 -5.12 18.61 -47.12
CA THR N 22 -4.47 17.49 -46.43
C THR N 22 -5.03 17.32 -45.01
N GLN N 23 -4.69 16.18 -44.39
CA GLN N 23 -5.18 15.85 -43.04
C GLN N 23 -4.10 15.27 -42.13
N ILE N 24 -3.83 15.98 -41.04
CA ILE N 24 -2.83 15.58 -40.04
C ILE N 24 -3.50 14.96 -38.83
N GLU N 25 -2.98 13.83 -38.36
CA GLU N 25 -3.53 13.19 -37.18
C GLU N 25 -2.45 12.79 -36.17
N LEU N 26 -2.79 12.85 -34.89
CA LEU N 26 -1.87 12.51 -33.81
C LEU N 26 -2.57 12.40 -32.47
N TYR N 27 -1.82 11.96 -31.47
CA TYR N 27 -2.26 11.92 -30.09
C TYR N 27 -1.13 12.42 -29.20
N LEU N 28 -1.48 12.85 -28.00
CA LEU N 28 -0.48 13.27 -27.03
C LEU N 28 -0.81 12.65 -25.69
N ASN N 29 0.16 11.95 -25.10
CA ASN N 29 -0.04 11.37 -23.79
C ASN N 29 0.18 12.46 -22.73
N PRO N 30 -0.48 12.32 -21.56
CA PRO N 30 -0.40 13.38 -20.56
C PRO N 30 0.96 13.49 -19.88
N ARG N 31 1.34 14.71 -19.49
CA ARG N 31 2.58 14.96 -18.75
C ARG N 31 2.28 15.45 -17.31
N MET N 32 1.83 14.53 -16.47
CA MET N 32 1.37 14.85 -15.11
C MET N 32 2.48 15.08 -14.08
N GLY N 33 3.66 14.51 -14.30
CA GLY N 33 4.76 14.66 -13.36
C GLY N 33 5.69 13.49 -13.47
N VAL N 34 5.12 12.29 -13.47
CA VAL N 34 5.81 11.13 -13.99
C VAL N 34 5.39 11.09 -15.47
N ASN N 35 6.33 11.44 -16.34
CA ASN N 35 6.06 11.75 -17.75
C ASN N 35 6.41 10.62 -18.73
N SER N 36 7.32 9.74 -18.30
CA SER N 36 7.78 8.66 -19.17
C SER N 36 7.40 7.30 -18.59
N PRO N 37 6.94 6.37 -19.45
CA PRO N 37 6.63 5.01 -19.04
C PRO N 37 7.83 4.06 -19.14
N ASP N 38 8.95 4.57 -19.66
CA ASP N 38 10.12 3.74 -19.97
C ASP N 38 11.24 3.86 -18.92
N LEU N 39 10.87 3.77 -17.64
CA LEU N 39 11.83 3.77 -16.53
C LEU N 39 11.37 2.79 -15.44
N PRO N 40 11.76 1.51 -15.54
CA PRO N 40 11.32 0.49 -14.57
C PRO N 40 11.40 0.93 -13.10
N THR N 41 12.31 1.86 -12.81
CA THR N 41 12.49 2.42 -11.47
C THR N 41 11.29 3.23 -10.93
N THR N 42 10.75 4.14 -11.76
CA THR N 42 9.73 5.11 -11.31
C THR N 42 8.43 5.13 -12.12
N SER N 43 8.43 4.42 -13.25
CA SER N 43 7.36 4.55 -14.24
C SER N 43 5.97 4.05 -13.84
N ASN N 44 5.87 3.30 -12.75
CA ASN N 44 4.58 2.79 -12.32
C ASN N 44 3.48 3.86 -12.19
N TRP N 45 3.87 5.08 -11.84
CA TRP N 45 2.96 6.22 -11.70
C TRP N 45 2.89 7.13 -12.93
N TYR N 46 3.24 6.57 -14.09
CA TYR N 46 3.02 7.24 -15.38
C TYR N 46 1.54 7.68 -15.54
N THR N 47 1.35 8.95 -15.90
CA THR N 47 0.02 9.64 -16.00
C THR N 47 -0.56 10.16 -14.69
N TYR N 48 0.20 10.03 -13.61
CA TYR N 48 -0.14 10.57 -12.28
C TYR N 48 0.95 11.51 -11.77
N THR N 49 0.59 12.38 -10.82
CA THR N 49 1.60 13.07 -10.02
C THR N 49 2.04 12.17 -8.87
N TYR N 50 2.90 12.71 -8.02
CA TYR N 50 3.15 12.11 -6.73
C TYR N 50 2.08 12.63 -5.78
N ASP N 51 2.14 12.26 -4.50
CA ASP N 51 1.20 12.78 -3.50
C ASP N 51 1.32 14.29 -3.30
N LEU N 52 0.17 14.94 -3.20
CA LEU N 52 0.09 16.40 -3.12
C LEU N 52 -0.30 16.81 -1.70
N GLN N 53 0.53 17.68 -1.10
CA GLN N 53 0.42 18.04 0.31
C GLN N 53 0.83 19.49 0.59
N PRO N 54 0.13 20.18 1.51
CA PRO N 54 0.73 21.41 2.06
C PRO N 54 1.93 21.07 2.95
N LYS N 55 3.03 21.79 2.78
CA LYS N 55 4.27 21.51 3.50
C LYS N 55 4.06 21.68 5.02
N GLY N 56 3.33 22.71 5.40
CA GLY N 56 3.10 23.01 6.82
C GLY N 56 4.05 24.08 7.32
N SER N 57 5.05 24.42 6.51
CA SER N 57 5.96 25.52 6.83
C SER N 57 6.49 26.21 5.58
N SER N 58 7.01 27.42 5.76
CA SER N 58 7.51 28.27 4.69
C SER N 58 8.96 27.93 4.34
N PRO N 59 9.36 28.03 3.05
CA PRO N 59 8.51 28.20 1.87
C PRO N 59 8.15 26.84 1.25
N ASP N 60 7.24 26.85 0.29
CA ASP N 60 6.92 25.66 -0.50
C ASP N 60 8.05 25.38 -1.50
N GLN N 61 8.44 24.12 -1.63
CA GLN N 61 9.51 23.71 -2.55
C GLN N 61 9.08 22.46 -3.31
N PRO N 62 8.15 22.62 -4.27
CA PRO N 62 7.52 21.47 -4.92
C PRO N 62 8.49 20.70 -5.84
N ILE N 63 8.45 19.38 -5.75
CA ILE N 63 9.25 18.53 -6.62
C ILE N 63 8.60 18.46 -8.01
N LYS N 64 9.39 18.17 -9.03
CA LYS N 64 8.90 18.16 -10.42
C LYS N 64 7.77 17.14 -10.68
N GLU N 65 7.72 16.06 -9.91
CA GLU N 65 6.68 15.05 -10.05
C GLU N 65 5.32 15.56 -9.60
N ASN N 66 5.32 16.70 -8.89
CA ASN N 66 4.07 17.30 -8.45
C ASN N 66 3.64 18.52 -9.28
N LEU N 67 4.21 18.63 -10.49
CA LEU N 67 3.97 19.78 -11.35
C LEU N 67 3.50 19.40 -12.77
N PRO N 68 2.20 19.07 -12.93
CA PRO N 68 1.69 18.71 -14.27
C PRO N 68 1.93 19.81 -15.32
N ALA N 69 2.32 19.41 -16.52
CA ALA N 69 2.65 20.38 -17.56
C ALA N 69 1.88 20.17 -18.87
N TYR N 70 1.94 21.17 -19.74
CA TYR N 70 1.27 21.10 -21.03
C TYR N 70 1.97 20.11 -21.97
N SER N 71 1.19 19.35 -22.72
CA SER N 71 1.76 18.56 -23.81
C SER N 71 1.84 19.45 -25.05
N VAL N 72 2.87 19.25 -25.88
CA VAL N 72 3.03 20.03 -27.11
C VAL N 72 3.74 19.22 -28.19
N ALA N 73 3.42 19.50 -29.46
CA ALA N 73 4.10 18.89 -30.60
C ALA N 73 4.09 19.84 -31.79
N ARG N 74 5.24 19.96 -32.47
CA ARG N 74 5.31 20.63 -33.75
C ARG N 74 5.27 19.55 -34.82
N VAL N 75 4.20 19.53 -35.61
CA VAL N 75 4.07 18.56 -36.71
C VAL N 75 4.56 19.19 -38.01
N SER N 76 5.47 18.48 -38.68
CA SER N 76 6.04 18.89 -39.96
C SER N 76 5.12 18.63 -41.14
N LEU N 77 4.90 19.68 -41.94
CA LEU N 77 3.96 19.63 -43.05
C LEU N 77 4.69 19.61 -44.40
N PRO N 78 4.09 19.00 -45.43
CA PRO N 78 4.68 18.96 -46.79
C PRO N 78 5.10 20.35 -47.28
N MET N 79 6.34 20.45 -47.75
CA MET N 79 6.90 21.70 -48.27
C MET N 79 6.12 22.19 -49.50
N LEU N 80 5.89 23.50 -49.57
CA LEU N 80 5.04 24.08 -50.61
C LEU N 80 5.74 25.09 -51.55
N ASN N 81 6.88 25.63 -51.12
CA ASN N 81 7.57 26.67 -51.89
C ASN N 81 8.99 26.26 -52.33
N GLU N 82 9.13 25.85 -53.59
CA GLU N 82 10.43 25.52 -54.19
C GLU N 82 11.27 26.78 -54.31
N ASP N 83 10.71 27.78 -54.97
CA ASP N 83 11.37 29.07 -55.11
C ASP N 83 10.35 30.17 -54.82
N ILE N 84 10.83 31.26 -54.23
CA ILE N 84 9.99 32.42 -53.95
C ILE N 84 10.56 33.61 -54.73
N THR N 85 9.78 34.09 -55.69
CA THR N 85 10.22 35.14 -56.60
C THR N 85 10.34 36.48 -55.89
N CYS N 86 9.31 36.86 -55.14
CA CYS N 86 9.34 38.10 -54.36
C CYS N 86 8.94 37.88 -52.91
N ASP N 87 7.72 38.27 -52.57
CA ASP N 87 7.20 38.03 -51.23
C ASP N 87 5.89 37.24 -51.23
N THR N 88 5.53 36.67 -52.38
CA THR N 88 4.35 35.82 -52.49
C THR N 88 4.72 34.36 -52.30
N LEU N 89 3.97 33.67 -51.44
CA LEU N 89 4.18 32.25 -51.22
C LEU N 89 2.88 31.57 -50.76
N GLN N 90 2.92 30.25 -50.70
CA GLN N 90 1.84 29.43 -50.13
C GLN N 90 2.11 29.04 -48.66
N MET N 91 1.04 28.81 -47.90
CA MET N 91 1.08 28.34 -46.51
C MET N 91 -0.11 27.42 -46.24
N TRP N 92 0.10 26.40 -45.43
CA TRP N 92 -1.01 25.60 -44.91
C TRP N 92 -1.84 26.39 -43.90
N GLU N 93 -3.15 26.38 -44.10
CA GLU N 93 -4.12 27.04 -43.23
C GLU N 93 -5.00 25.99 -42.58
N ALA N 94 -4.99 25.94 -41.24
CA ALA N 94 -5.82 24.99 -40.48
C ALA N 94 -7.26 25.50 -40.42
N ILE N 95 -8.21 24.66 -40.82
CA ILE N 95 -9.60 25.11 -40.94
C ILE N 95 -10.60 24.45 -39.98
N SER N 96 -10.23 23.28 -39.46
CA SER N 96 -11.09 22.56 -38.54
C SER N 96 -10.35 21.44 -37.85
N VAL N 97 -10.91 20.98 -36.72
CA VAL N 97 -10.27 19.94 -35.92
C VAL N 97 -11.32 19.05 -35.25
N LYS N 98 -11.08 17.74 -35.32
CA LYS N 98 -11.81 16.77 -34.50
C LYS N 98 -10.86 16.32 -33.38
N THR N 99 -11.27 16.56 -32.13
CA THR N 99 -10.40 16.27 -30.99
C THR N 99 -11.19 15.54 -29.93
N GLU N 100 -10.51 14.67 -29.19
CA GLU N 100 -11.18 13.80 -28.22
C GLU N 100 -10.23 13.40 -27.10
N VAL N 101 -10.76 13.33 -25.88
CA VAL N 101 -10.04 12.76 -24.75
C VAL N 101 -10.22 11.24 -24.73
N VAL N 102 -9.08 10.54 -24.69
CA VAL N 102 -9.03 9.11 -24.86
C VAL N 102 -8.97 8.41 -23.51
N GLY N 103 -9.64 7.26 -23.41
CA GLY N 103 -9.59 6.45 -22.21
C GLY N 103 -10.50 6.96 -21.11
N ILE N 104 -11.59 7.62 -21.49
CA ILE N 104 -12.54 8.15 -20.50
C ILE N 104 -13.20 6.99 -19.74
N SER N 105 -13.53 5.93 -20.45
CA SER N 105 -14.14 4.74 -19.84
C SER N 105 -13.31 4.08 -18.71
N SER N 106 -11.99 4.30 -18.68
CA SER N 106 -11.16 3.74 -17.61
C SER N 106 -11.55 4.23 -16.21
N LEU N 107 -12.23 5.38 -16.14
CA LEU N 107 -12.52 6.03 -14.87
C LEU N 107 -13.70 5.43 -14.08
N ILE N 108 -14.33 4.39 -14.63
CA ILE N 108 -15.39 3.69 -13.88
C ILE N 108 -14.83 2.67 -12.89
N ASN N 109 -13.52 2.45 -12.94
CA ASN N 109 -12.81 1.58 -11.99
C ASN N 109 -12.90 2.14 -10.56
N VAL N 110 -13.63 1.43 -9.70
CA VAL N 110 -13.71 1.79 -8.29
C VAL N 110 -13.21 0.67 -7.38
N HIS N 111 -12.20 -0.05 -7.85
CA HIS N 111 -11.64 -1.20 -7.12
C HIS N 111 -10.12 -1.21 -7.26
N TYR N 112 -9.53 -0.03 -7.38
CA TYR N 112 -8.08 0.12 -7.29
C TYR N 112 -7.69 -0.42 -5.92
N TRP N 113 -6.61 -1.20 -5.87
CA TRP N 113 -6.27 -1.97 -4.66
C TRP N 113 -6.10 -1.11 -3.41
N ASP N 114 -5.59 0.10 -3.58
CA ASP N 114 -5.32 1.01 -2.45
C ASP N 114 -6.27 2.23 -2.42
N MET N 115 -7.44 2.11 -3.07
CA MET N 115 -8.43 3.20 -3.07
C MET N 115 -9.12 3.40 -1.71
N LYS N 116 -9.14 4.65 -1.25
CA LYS N 116 -9.97 5.09 -0.15
C LYS N 116 -11.43 4.72 -0.38
N ARG N 117 -12.08 4.18 0.64
CA ARG N 117 -13.48 3.80 0.55
C ARG N 117 -14.40 4.97 0.87
N VAL N 118 -15.56 4.98 0.24
CA VAL N 118 -16.63 5.94 0.55
C VAL N 118 -17.18 5.76 1.98
N HIS N 119 -17.29 4.49 2.40
CA HIS N 119 -17.61 4.10 3.78
C HIS N 119 -17.16 2.65 3.96
N ASP N 120 -17.21 2.16 5.20
CA ASP N 120 -16.82 0.79 5.53
C ASP N 120 -17.51 -0.22 4.62
N TYR N 121 -16.71 -1.13 4.06
CA TYR N 121 -17.18 -2.19 3.15
C TYR N 121 -17.64 -1.73 1.76
N GLY N 122 -17.55 -0.43 1.51
CA GLY N 122 -18.01 0.11 0.23
C GLY N 122 -16.99 0.03 -0.89
N ALA N 123 -17.42 0.41 -2.09
CA ALA N 123 -16.50 0.61 -3.21
C ALA N 123 -15.62 1.85 -2.98
N GLY N 124 -14.60 2.02 -3.83
CA GLY N 124 -13.68 3.13 -3.71
C GLY N 124 -14.21 4.43 -4.29
N ILE N 125 -13.68 5.54 -3.79
CA ILE N 125 -13.98 6.85 -4.33
C ILE N 125 -13.39 6.92 -5.73
N PRO N 126 -14.24 7.14 -6.76
CA PRO N 126 -13.74 7.24 -8.14
C PRO N 126 -12.93 8.50 -8.39
N VAL N 127 -12.11 8.49 -9.44
CA VAL N 127 -11.34 9.67 -9.82
C VAL N 127 -12.30 10.85 -10.02
N SER N 128 -12.10 11.90 -9.24
CA SER N 128 -12.97 13.09 -9.27
C SER N 128 -12.23 14.24 -8.60
N GLY N 129 -12.84 15.43 -8.60
CA GLY N 129 -12.23 16.64 -8.02
C GLY N 129 -11.75 17.63 -9.09
N VAL N 130 -10.61 18.25 -8.85
CA VAL N 130 -9.98 19.18 -9.79
C VAL N 130 -9.87 18.64 -11.23
N ASN N 131 -10.51 19.34 -12.17
CA ASN N 131 -10.30 19.14 -13.61
C ASN N 131 -9.74 20.40 -14.28
N TYR N 132 -8.89 20.19 -15.28
CA TYR N 132 -8.43 21.28 -16.15
C TYR N 132 -8.29 20.70 -17.55
N HIS N 133 -8.83 21.41 -18.54
CA HIS N 133 -8.91 20.94 -19.92
C HIS N 133 -8.64 22.05 -20.91
N MET N 134 -7.62 21.90 -21.72
CA MET N 134 -7.40 22.86 -22.79
C MET N 134 -6.79 22.22 -24.03
N PHE N 135 -7.08 22.81 -25.20
CA PHE N 135 -6.33 22.49 -26.41
C PHE N 135 -6.12 23.72 -27.26
N ALA N 136 -5.07 23.68 -28.06
CA ALA N 136 -4.78 24.74 -29.01
C ALA N 136 -4.26 24.18 -30.33
N ILE N 137 -4.59 24.89 -31.40
CA ILE N 137 -4.11 24.62 -32.73
C ILE N 137 -3.61 25.98 -33.20
N GLY N 138 -2.36 26.04 -33.66
CA GLY N 138 -1.77 27.28 -34.14
C GLY N 138 -0.71 27.10 -35.20
N GLY N 139 -0.24 28.22 -35.75
CA GLY N 139 0.77 28.22 -36.81
C GLY N 139 2.14 28.66 -36.31
N GLU N 140 2.29 28.60 -34.99
CA GLU N 140 3.49 29.03 -34.28
C GLU N 140 3.24 28.62 -32.82
N PRO N 141 4.29 28.64 -31.97
CA PRO N 141 4.12 28.25 -30.56
C PRO N 141 3.08 29.08 -29.80
N LEU N 142 2.32 28.43 -28.90
CA LEU N 142 1.36 29.14 -28.07
C LEU N 142 2.07 30.14 -27.14
N ASP N 143 1.60 31.38 -27.14
CA ASP N 143 2.12 32.43 -26.27
C ASP N 143 1.60 32.21 -24.85
N LEU N 144 2.49 32.31 -23.85
CA LEU N 144 2.13 32.05 -22.45
C LEU N 144 2.30 33.27 -21.55
N GLN N 145 1.42 33.39 -20.56
CA GLN N 145 1.51 34.43 -19.54
C GLN N 145 1.66 33.73 -18.19
N GLY N 146 2.50 34.29 -17.33
CA GLY N 146 2.80 33.68 -16.02
C GLY N 146 2.05 34.31 -14.86
N LEU N 147 1.51 33.48 -13.97
CA LEU N 147 0.77 33.92 -12.78
C LEU N 147 0.67 32.77 -11.81
N VAL N 148 1.04 33.03 -10.56
CA VAL N 148 1.06 32.00 -9.53
C VAL N 148 0.18 32.35 -8.33
N LEU N 149 -0.32 31.31 -7.69
CA LEU N 149 -1.03 31.44 -6.41
C LEU N 149 -0.15 32.12 -5.34
N ASP N 150 1.12 31.71 -5.26
CA ASP N 150 2.05 32.19 -4.24
C ASP N 150 3.40 32.54 -4.88
N TYR N 151 3.77 33.83 -4.84
CA TYR N 151 5.01 34.30 -5.45
C TYR N 151 6.27 33.79 -4.72
N GLN N 152 6.09 33.39 -3.48
CA GLN N 152 7.21 32.89 -2.66
C GLN N 152 7.52 31.41 -2.85
N THR N 153 6.73 30.72 -3.67
CA THR N 153 7.00 29.31 -4.02
C THR N 153 8.38 29.21 -4.67
N GLN N 154 9.17 28.21 -4.25
CA GLN N 154 10.49 27.97 -4.82
C GLN N 154 10.46 26.76 -5.75
N TYR N 155 10.27 27.02 -7.04
CA TYR N 155 10.15 25.96 -8.05
C TYR N 155 11.53 25.35 -8.37
N PRO N 156 11.58 24.05 -8.72
CA PRO N 156 12.89 23.41 -8.94
C PRO N 156 13.67 24.13 -10.04
N LYS N 157 15.00 24.16 -9.94
CA LYS N 157 15.81 24.89 -10.92
C LYS N 157 15.90 24.22 -12.28
N THR N 158 16.21 25.03 -13.29
CA THR N 158 16.22 24.62 -14.67
C THR N 158 17.54 23.96 -15.07
N GLY N 162 15.21 20.79 -15.76
CA GLY N 162 13.84 20.55 -15.28
C GLY N 162 12.78 21.44 -15.91
N PRO N 163 11.91 22.05 -15.08
CA PRO N 163 10.80 22.87 -15.57
C PRO N 163 11.10 24.37 -15.73
N ILE N 164 10.41 25.00 -16.68
CA ILE N 164 10.59 26.41 -16.98
C ILE N 164 9.49 27.22 -16.30
N THR N 165 9.90 28.14 -15.44
CA THR N 165 8.97 28.93 -14.64
C THR N 165 9.33 30.41 -14.76
N ILE N 166 8.62 31.26 -14.03
CA ILE N 166 8.82 32.70 -14.18
C ILE N 166 10.28 33.13 -13.94
N GLU N 167 10.88 32.64 -12.86
CA GLU N 167 12.28 32.97 -12.52
C GLU N 167 13.24 32.58 -13.64
N THR N 168 13.08 31.37 -14.17
CA THR N 168 13.83 30.90 -15.36
C THR N 168 13.78 31.95 -16.47
N VAL N 169 12.58 32.41 -16.79
CA VAL N 169 12.40 33.32 -17.90
C VAL N 169 12.94 34.72 -17.60
N LEU N 170 12.70 35.20 -16.37
CA LEU N 170 13.09 36.55 -16.00
C LEU N 170 14.57 36.70 -15.61
N GLY N 171 15.21 35.61 -15.21
CA GLY N 171 16.58 35.67 -14.70
C GLY N 171 16.71 36.39 -13.36
N ARG N 172 15.62 36.42 -12.60
CA ARG N 172 15.59 36.98 -11.24
C ARG N 172 14.34 36.51 -10.51
N LYS N 173 14.27 36.78 -9.21
CA LYS N 173 13.19 36.26 -8.35
C LYS N 173 11.83 36.90 -8.62
N MET N 174 10.78 36.11 -8.40
CA MET N 174 9.39 36.56 -8.40
C MET N 174 9.14 37.60 -7.31
N THR N 175 8.26 38.55 -7.58
CA THR N 175 7.82 39.51 -6.59
C THR N 175 6.30 39.42 -6.42
N PRO N 176 5.71 40.14 -5.45
CA PRO N 176 4.26 40.05 -5.27
C PRO N 176 3.43 40.35 -6.53
N LYS N 177 3.96 41.12 -7.47
CA LYS N 177 3.23 41.40 -8.71
C LYS N 177 2.94 40.15 -9.56
N ASN N 178 3.68 39.07 -9.33
CA ASN N 178 3.46 37.83 -10.07
C ASN N 178 2.29 37.02 -9.52
N GLN N 179 1.59 37.60 -8.55
CA GLN N 179 0.29 37.08 -8.13
C GLN N 179 -0.84 37.67 -8.98
N GLY N 180 -0.58 38.82 -9.58
CA GLY N 180 -1.43 39.39 -10.61
C GLY N 180 -0.71 39.32 -11.96
N LEU N 181 -1.11 40.15 -12.90
CA LEU N 181 -0.52 40.12 -14.25
C LEU N 181 0.70 41.03 -14.36
N ASP N 182 1.87 40.40 -14.47
CA ASP N 182 3.14 41.09 -14.76
C ASP N 182 3.42 40.91 -16.25
N PRO N 183 3.52 42.02 -17.01
CA PRO N 183 3.67 41.97 -18.47
C PRO N 183 5.00 41.37 -18.93
N GLN N 184 5.98 41.31 -18.04
CA GLN N 184 7.27 40.73 -18.36
C GLN N 184 7.28 39.21 -18.24
N ALA N 185 6.30 38.65 -17.54
CA ALA N 185 6.27 37.21 -17.30
C ALA N 185 5.60 36.47 -18.47
N LYS N 186 6.33 36.41 -19.58
CA LYS N 186 5.83 35.84 -20.82
C LYS N 186 6.80 34.80 -21.37
N ALA N 187 6.26 33.76 -21.99
CA ALA N 187 7.05 32.69 -22.60
C ALA N 187 6.33 32.05 -23.78
N LYS N 188 6.96 31.06 -24.40
CA LYS N 188 6.40 30.38 -25.56
C LYS N 188 6.36 28.89 -25.32
N LEU N 189 5.24 28.25 -25.62
CA LEU N 189 5.09 26.82 -25.33
C LEU N 189 5.83 26.00 -26.39
N ASP N 190 7.12 25.76 -26.13
CA ASP N 190 8.00 25.10 -27.10
C ASP N 190 8.55 23.75 -26.66
N LYS N 191 8.17 23.29 -25.48
CA LYS N 191 8.69 22.02 -24.96
C LYS N 191 7.70 21.16 -24.19
N ASP N 192 7.58 19.92 -24.64
CA ASP N 192 6.73 18.89 -24.04
C ASP N 192 7.14 18.60 -22.58
N GLY N 193 6.21 18.76 -21.65
CA GLY N 193 6.45 18.46 -20.23
C GLY N 193 7.34 19.39 -19.43
N ASN N 194 7.60 20.59 -19.95
CA ASN N 194 8.53 21.57 -19.36
C ASN N 194 7.88 22.82 -18.74
N TYR N 195 6.64 23.12 -19.14
CA TYR N 195 5.92 24.31 -18.65
C TYR N 195 4.75 23.93 -17.74
N PRO N 196 4.91 24.14 -16.42
CA PRO N 196 3.88 23.75 -15.46
C PRO N 196 2.56 24.49 -15.60
N ILE N 197 1.47 23.74 -15.57
CA ILE N 197 0.13 24.30 -15.71
C ILE N 197 -0.17 25.38 -14.65
N GLU N 198 0.26 25.15 -13.40
CA GLU N 198 0.00 26.08 -12.30
C GLU N 198 0.77 27.40 -12.39
N VAL N 199 1.70 27.49 -13.33
CA VAL N 199 2.49 28.70 -13.54
C VAL N 199 2.09 29.45 -14.80
N TRP N 200 1.77 28.73 -15.88
CA TRP N 200 1.53 29.34 -17.19
C TRP N 200 0.11 29.13 -17.71
N CYS N 201 -0.51 30.23 -18.16
CA CYS N 201 -1.79 30.20 -18.88
C CYS N 201 -1.60 30.76 -20.32
N PRO N 202 -2.57 30.50 -21.23
CA PRO N 202 -2.43 31.10 -22.55
C PRO N 202 -2.59 32.61 -22.47
N ASP N 203 -1.85 33.33 -23.32
CA ASP N 203 -1.78 34.80 -23.28
C ASP N 203 -2.77 35.44 -24.27
N PRO N 204 -3.91 35.95 -23.77
CA PRO N 204 -4.92 36.58 -24.66
C PRO N 204 -4.45 37.88 -25.33
N SER N 205 -3.32 38.44 -24.89
CA SER N 205 -2.83 39.68 -25.49
C SER N 205 -2.03 39.41 -26.76
N LYS N 206 -1.77 38.13 -27.03
CA LYS N 206 -1.07 37.71 -28.25
C LYS N 206 -1.90 36.60 -28.93
N ASN N 207 -1.25 35.52 -29.35
CA ASN N 207 -1.96 34.37 -29.94
C ASN N 207 -2.91 34.68 -31.11
N GLU N 208 -2.54 35.66 -31.93
CA GLU N 208 -3.34 36.08 -33.07
C GLU N 208 -3.46 34.96 -34.11
N ASN N 209 -2.46 34.09 -34.12
CA ASN N 209 -2.37 33.02 -35.10
C ASN N 209 -2.54 31.62 -34.48
N SER N 210 -3.26 31.56 -33.36
CA SER N 210 -3.63 30.30 -32.69
C SER N 210 -5.07 30.36 -32.24
N ARG N 211 -5.71 29.20 -32.13
CA ARG N 211 -7.02 29.12 -31.53
C ARG N 211 -6.92 28.22 -30.29
N TYR N 212 -7.36 28.71 -29.13
CA TYR N 212 -7.36 27.86 -27.92
C TYR N 212 -8.71 27.88 -27.20
N TYR N 213 -9.02 26.75 -26.58
CA TYR N 213 -10.26 26.55 -25.84
C TYR N 213 -9.92 25.88 -24.50
N GLY N 214 -10.44 26.39 -23.39
CA GLY N 214 -10.15 25.84 -22.07
C GLY N 214 -11.22 26.01 -21.00
N SER N 215 -11.08 25.24 -19.92
CA SER N 215 -11.99 25.29 -18.76
C SER N 215 -11.32 24.71 -17.50
N ILE N 216 -11.83 25.10 -16.33
CA ILE N 216 -11.38 24.60 -15.03
C ILE N 216 -12.60 24.27 -14.19
N GLN N 217 -12.41 23.36 -13.24
CA GLN N 217 -13.42 23.00 -12.27
C GLN N 217 -12.65 22.69 -10.97
N THR N 218 -12.91 23.45 -9.91
CA THR N 218 -12.26 23.17 -8.62
C THR N 218 -13.16 22.35 -7.70
N GLY N 219 -12.77 22.19 -6.45
CA GLY N 219 -13.50 21.32 -5.53
C GLY N 219 -12.74 20.05 -5.22
N SER N 220 -13.05 19.42 -4.09
CA SER N 220 -12.33 18.25 -3.59
C SER N 220 -12.77 17.00 -4.32
N GLN N 221 -14.09 16.83 -4.43
CA GLN N 221 -14.69 15.59 -4.91
C GLN N 221 -15.73 15.82 -5.99
N THR N 222 -15.69 17.00 -6.60
CA THR N 222 -16.55 17.33 -7.71
C THR N 222 -16.57 16.26 -8.80
N PRO N 223 -17.76 15.84 -9.25
CA PRO N 223 -17.84 14.85 -10.33
C PRO N 223 -17.02 15.24 -11.57
N THR N 224 -16.28 14.28 -12.12
CA THR N 224 -15.70 14.44 -13.44
C THR N 224 -16.80 14.13 -14.47
N VAL N 225 -17.10 15.10 -15.30
CA VAL N 225 -18.19 15.03 -16.27
C VAL N 225 -17.65 15.36 -17.67
N LEU N 226 -17.48 14.34 -18.50
CA LEU N 226 -16.84 14.50 -19.82
C LEU N 226 -17.63 13.78 -20.91
N GLN N 227 -17.53 14.32 -22.13
CA GLN N 227 -18.23 13.73 -23.30
C GLN N 227 -17.24 13.25 -24.38
N PHE N 228 -17.70 12.32 -25.21
CA PHE N 228 -16.90 11.87 -26.35
C PHE N 228 -17.81 11.42 -27.49
N SER N 229 -17.44 11.82 -28.70
CA SER N 229 -18.17 11.51 -29.93
C SER N 229 -17.28 11.84 -31.11
N ASN N 230 -17.23 10.93 -32.09
CA ASN N 230 -16.51 11.20 -33.34
C ASN N 230 -17.31 12.02 -34.35
N THR N 231 -18.39 12.68 -33.90
CA THR N 231 -19.16 13.58 -34.78
C THR N 231 -18.98 15.09 -34.48
N LEU N 232 -18.08 15.45 -33.57
CA LEU N 232 -17.93 16.86 -33.19
C LEU N 232 -16.77 17.53 -33.90
N THR N 233 -17.06 18.63 -34.59
CA THR N 233 -16.01 19.41 -35.25
C THR N 233 -15.91 20.85 -34.68
N THR N 234 -14.68 21.27 -34.41
CA THR N 234 -14.41 22.67 -34.12
C THR N 234 -13.91 23.38 -35.37
N VAL N 235 -14.60 24.43 -35.76
CA VAL N 235 -14.20 25.26 -36.89
C VAL N 235 -13.13 26.26 -36.43
N LEU N 236 -11.99 26.29 -37.11
CA LEU N 236 -10.83 27.08 -36.68
C LEU N 236 -10.72 28.47 -37.31
N LEU N 237 -11.66 28.82 -38.19
CA LEU N 237 -11.65 30.10 -38.90
C LEU N 237 -12.05 31.26 -38.00
N ASP N 238 -11.43 32.42 -38.21
CA ASP N 238 -11.80 33.62 -37.45
C ASP N 238 -13.01 34.36 -38.06
N GLU N 239 -13.27 35.57 -37.57
CA GLU N 239 -14.43 36.35 -38.06
C GLU N 239 -14.29 36.68 -39.55
N ASN N 240 -13.06 36.81 -40.02
CA ASN N 240 -12.79 37.08 -41.43
C ASN N 240 -12.68 35.83 -42.31
N GLY N 241 -12.86 34.66 -41.71
CA GLY N 241 -12.82 33.39 -42.46
C GLY N 241 -11.42 32.86 -42.69
N VAL N 242 -10.47 33.26 -41.85
CA VAL N 242 -9.07 32.84 -41.97
C VAL N 242 -8.64 32.00 -40.75
N GLY N 243 -8.22 30.76 -41.00
CA GLY N 243 -7.66 29.90 -39.96
C GLY N 243 -6.19 30.20 -39.69
N PRO N 244 -5.57 29.49 -38.71
CA PRO N 244 -4.14 29.63 -38.41
C PRO N 244 -3.24 29.26 -39.60
N LEU N 245 -2.31 30.15 -39.91
CA LEU N 245 -1.37 30.00 -41.03
C LEU N 245 -0.02 29.46 -40.56
N CYS N 246 0.36 28.31 -41.11
CA CYS N 246 1.56 27.58 -40.66
C CYS N 246 2.87 28.13 -41.22
N LYS N 247 3.37 29.18 -40.57
CA LYS N 247 4.63 29.82 -40.95
C LYS N 247 5.79 28.85 -40.79
N GLY N 248 6.63 28.75 -41.81
CA GLY N 248 7.71 27.75 -41.81
C GLY N 248 7.24 26.28 -41.87
N ASP N 249 6.02 26.06 -42.36
CA ASP N 249 5.46 24.71 -42.58
C ASP N 249 5.38 23.83 -41.33
N GLY N 250 5.15 24.45 -40.18
CA GLY N 250 4.96 23.72 -38.92
C GLY N 250 3.61 23.94 -38.25
N LEU N 251 2.93 22.85 -37.90
CA LEU N 251 1.66 22.93 -37.16
C LEU N 251 1.83 22.62 -35.67
N PHE N 252 1.50 23.60 -34.84
CA PHE N 252 1.67 23.51 -33.39
C PHE N 252 0.41 23.06 -32.66
N ILE N 253 0.53 21.95 -31.94
CA ILE N 253 -0.60 21.37 -31.22
C ILE N 253 -0.25 21.23 -29.74
N SER N 254 -1.15 21.71 -28.88
CA SER N 254 -0.91 21.81 -27.43
C SER N 254 -2.17 21.40 -26.68
N CYS N 255 -2.00 20.92 -25.44
CA CYS N 255 -3.12 20.59 -24.57
C CYS N 255 -2.75 20.22 -23.12
N ALA N 256 -3.79 20.01 -22.31
CA ALA N 256 -3.70 19.47 -20.96
C ALA N 256 -5.07 18.92 -20.61
N ASP N 257 -5.09 17.77 -19.95
CA ASP N 257 -6.35 17.14 -19.55
C ASP N 257 -6.29 16.43 -18.19
N ILE N 258 -6.34 17.21 -17.11
CA ILE N 258 -6.39 16.69 -15.72
C ILE N 258 -7.83 16.28 -15.38
N VAL N 259 -8.03 15.01 -14.99
CA VAL N 259 -9.38 14.45 -14.78
C VAL N 259 -9.83 14.16 -13.32
N GLY N 260 -9.08 14.65 -12.33
CA GLY N 260 -9.41 14.40 -10.93
C GLY N 260 -8.33 13.73 -10.11
N PHE N 261 -8.63 13.51 -8.82
CA PHE N 261 -7.70 12.89 -7.90
C PHE N 261 -7.91 11.37 -7.82
N LEU N 262 -6.81 10.65 -7.63
CA LEU N 262 -6.85 9.30 -7.10
C LEU N 262 -6.75 9.37 -5.56
N PHE N 263 -7.75 8.82 -4.88
CA PHE N 263 -7.86 8.83 -3.43
C PHE N 263 -7.34 7.54 -2.82
N LYS N 264 -6.20 7.64 -2.16
CA LYS N 264 -5.53 6.50 -1.54
C LYS N 264 -6.02 6.26 -0.11
N THR N 265 -5.96 5.00 0.33
CA THR N 265 -6.53 4.54 1.61
C THR N 265 -6.12 5.40 2.81
N SER N 266 -4.86 5.81 2.83
CA SER N 266 -4.32 6.60 3.93
C SER N 266 -4.81 8.03 3.96
N GLY N 267 -5.55 8.45 2.93
CA GLY N 267 -5.91 9.87 2.79
C GLY N 267 -5.04 10.70 1.85
N LYS N 268 -3.92 10.13 1.38
CA LYS N 268 -3.07 10.79 0.37
C LYS N 268 -3.78 10.91 -0.99
N MET N 269 -3.43 11.95 -1.74
CA MET N 269 -4.13 12.23 -3.00
C MET N 269 -3.14 12.60 -4.10
N ALA N 270 -3.39 12.07 -5.31
CA ALA N 270 -2.58 12.39 -6.50
C ALA N 270 -3.48 12.74 -7.68
N LEU N 271 -3.04 13.71 -8.49
CA LEU N 271 -3.75 14.10 -9.71
C LEU N 271 -3.47 13.15 -10.88
N HIS N 272 -4.39 13.11 -11.85
CA HIS N 272 -4.38 12.13 -12.95
C HIS N 272 -4.82 12.76 -14.27
N GLY N 273 -4.07 12.47 -15.33
CA GLY N 273 -4.35 12.99 -16.68
C GLY N 273 -4.71 11.89 -17.69
N LEU N 274 -5.43 12.29 -18.75
CA LEU N 274 -5.75 11.39 -19.86
C LEU N 274 -5.18 11.92 -21.17
N PRO N 275 -4.94 11.04 -22.16
CA PRO N 275 -4.42 11.51 -23.45
C PRO N 275 -5.50 12.18 -24.31
N ARG N 276 -5.05 12.96 -25.30
CA ARG N 276 -5.91 13.64 -26.25
C ARG N 276 -5.51 13.30 -27.69
N TYR N 277 -6.52 13.00 -28.50
CA TYR N 277 -6.37 12.73 -29.94
C TYR N 277 -6.78 13.94 -30.77
N PHE N 278 -6.02 14.21 -31.84
CA PHE N 278 -6.34 15.27 -32.80
C PHE N 278 -6.40 14.76 -34.23
N ASN N 279 -7.30 15.34 -35.02
CA ASN N 279 -7.34 15.17 -36.48
C ASN N 279 -7.63 16.53 -37.10
N VAL N 280 -6.61 17.13 -37.71
CA VAL N 280 -6.70 18.50 -38.23
C VAL N 280 -6.76 18.56 -39.77
N THR N 281 -7.72 19.32 -40.29
CA THR N 281 -7.88 19.55 -41.72
C THR N 281 -7.29 20.90 -42.10
N LEU N 282 -6.40 20.87 -43.11
CA LEU N 282 -5.74 22.07 -43.61
C LEU N 282 -5.89 22.22 -45.12
N ARG N 283 -5.82 23.46 -45.59
CA ARG N 283 -5.88 23.76 -47.02
C ARG N 283 -4.74 24.70 -47.42
N LYS N 284 -4.44 24.79 -48.71
CA LYS N 284 -3.39 25.68 -49.19
C LYS N 284 -3.93 27.08 -49.42
N ARG N 285 -3.19 28.08 -48.98
CA ARG N 285 -3.61 29.48 -49.07
C ARG N 285 -2.47 30.37 -49.58
N TRP N 286 -2.75 31.25 -50.53
CA TRP N 286 -1.75 32.22 -50.98
C TRP N 286 -1.61 33.35 -49.97
N VAL N 287 -0.36 33.70 -49.65
CA VAL N 287 -0.09 34.84 -48.76
C VAL N 287 1.01 35.74 -49.31
N LYS N 288 0.93 37.02 -48.97
CA LYS N 288 1.96 38.00 -49.31
C LYS N 288 2.76 38.38 -48.05
N ASN N 289 4.07 38.20 -48.11
CA ASN N 289 5.00 38.50 -47.00
C ASN N 289 5.37 39.98 -46.87
N VAL O 9 -13.00 3.22 -51.41
CA VAL O 9 -14.47 3.05 -51.55
C VAL O 9 -15.15 4.34 -52.02
N GLU O 10 -15.72 4.32 -53.21
CA GLU O 10 -16.36 5.51 -53.80
C GLU O 10 -17.89 5.47 -53.71
N VAL O 11 -18.45 6.50 -53.10
CA VAL O 11 -19.89 6.61 -52.89
C VAL O 11 -20.54 7.32 -54.09
N LEU O 12 -21.64 6.76 -54.58
CA LEU O 12 -22.39 7.36 -55.68
C LEU O 12 -23.74 7.87 -55.18
N SER O 13 -24.79 7.67 -55.97
CA SER O 13 -26.10 8.25 -55.71
C SER O 13 -27.01 7.38 -54.85
N VAL O 14 -27.99 8.02 -54.22
CA VAL O 14 -29.03 7.35 -53.47
C VAL O 14 -29.97 6.65 -54.45
N VAL O 15 -30.27 5.38 -54.17
CA VAL O 15 -31.18 4.60 -55.01
C VAL O 15 -32.59 5.18 -54.93
N THR O 16 -33.16 5.47 -56.08
CA THR O 16 -34.51 6.05 -56.16
C THR O 16 -35.53 4.99 -56.54
N GLY O 17 -35.56 3.90 -55.77
CA GLY O 17 -36.52 2.82 -55.99
C GLY O 17 -37.84 3.07 -55.28
N GLU O 18 -38.57 1.98 -55.05
CA GLU O 18 -39.89 2.04 -54.43
C GLU O 18 -39.79 1.67 -52.94
N ASP O 19 -39.23 0.50 -52.66
CA ASP O 19 -38.94 0.07 -51.29
C ASP O 19 -37.47 0.36 -50.96
N SER O 20 -37.08 1.63 -51.10
CA SER O 20 -35.67 2.01 -50.92
C SER O 20 -35.32 2.35 -49.47
N ILE O 21 -36.33 2.52 -48.64
CA ILE O 21 -36.16 2.90 -47.24
C ILE O 21 -36.69 1.81 -46.33
N THR O 22 -35.84 1.33 -45.41
CA THR O 22 -36.28 0.36 -44.40
C THR O 22 -35.95 0.81 -42.99
N GLN O 23 -36.64 0.22 -42.02
CA GLN O 23 -36.46 0.51 -40.61
C GLN O 23 -36.26 -0.77 -39.82
N ILE O 24 -35.29 -0.79 -38.92
CA ILE O 24 -35.14 -1.93 -38.01
C ILE O 24 -35.14 -1.55 -36.52
N GLU O 25 -35.86 -2.36 -35.73
CA GLU O 25 -36.05 -2.13 -34.30
C GLU O 25 -35.31 -3.18 -33.48
N LEU O 26 -34.86 -2.79 -32.29
CA LEU O 26 -33.98 -3.63 -31.48
C LEU O 26 -33.86 -3.08 -30.07
N TYR O 27 -33.68 -3.97 -29.09
CA TYR O 27 -33.27 -3.55 -27.75
C TYR O 27 -32.07 -4.38 -27.33
N LEU O 28 -31.24 -3.85 -26.44
CA LEU O 28 -30.12 -4.61 -25.90
C LEU O 28 -30.17 -4.60 -24.38
N ASN O 29 -30.16 -5.78 -23.78
CA ASN O 29 -30.12 -5.91 -22.33
C ASN O 29 -28.70 -5.70 -21.80
N PRO O 30 -28.57 -5.11 -20.59
CA PRO O 30 -27.24 -4.75 -20.07
C PRO O 30 -26.37 -5.95 -19.72
N ARG O 31 -25.05 -5.73 -19.73
CA ARG O 31 -24.07 -6.78 -19.46
C ARG O 31 -23.12 -6.30 -18.37
N MET O 32 -23.58 -6.36 -17.12
CA MET O 32 -22.92 -5.71 -15.99
C MET O 32 -21.89 -6.56 -15.27
N GLY O 33 -22.00 -7.88 -15.41
CA GLY O 33 -21.12 -8.82 -14.72
C GLY O 33 -21.85 -10.13 -14.50
N VAL O 34 -23.07 -10.02 -13.97
CA VAL O 34 -24.02 -11.11 -14.04
C VAL O 34 -24.84 -10.85 -15.30
N ASN O 35 -24.41 -11.49 -16.38
CA ASN O 35 -24.85 -11.18 -17.74
C ASN O 35 -26.01 -12.03 -18.28
N SER O 36 -26.52 -12.93 -17.43
CA SER O 36 -27.55 -13.86 -17.84
C SER O 36 -28.65 -14.00 -16.77
N PRO O 37 -29.92 -14.03 -17.19
CA PRO O 37 -31.03 -14.28 -16.26
C PRO O 37 -31.22 -15.78 -15.97
N ASP O 38 -30.36 -16.61 -16.55
CA ASP O 38 -30.52 -18.07 -16.51
C ASP O 38 -29.31 -18.77 -15.86
N LEU O 39 -29.57 -19.45 -14.74
CA LEU O 39 -28.55 -20.30 -14.10
C LEU O 39 -29.18 -21.37 -13.20
N THR O 41 -29.65 -19.41 -10.17
CA THR O 41 -28.76 -19.72 -9.07
C THR O 41 -28.10 -18.45 -8.53
N THR O 42 -27.41 -17.73 -9.42
CA THR O 42 -26.84 -16.42 -9.12
C THR O 42 -27.56 -15.35 -9.97
N SER O 43 -28.59 -15.80 -10.69
CA SER O 43 -29.34 -15.01 -11.65
C SER O 43 -30.11 -13.84 -11.04
N ASN O 44 -30.29 -13.85 -9.73
CA ASN O 44 -30.97 -12.75 -9.04
C ASN O 44 -30.24 -11.42 -9.20
N TRP O 45 -28.93 -11.50 -9.44
CA TRP O 45 -28.11 -10.29 -9.64
C TRP O 45 -27.96 -9.86 -11.11
N TYR O 46 -28.80 -10.43 -11.96
CA TYR O 46 -28.89 -10.05 -13.36
C TYR O 46 -29.20 -8.57 -13.52
N THR O 47 -28.33 -7.86 -14.26
CA THR O 47 -28.29 -6.37 -14.42
C THR O 47 -27.45 -5.59 -13.36
N TYR O 48 -26.69 -6.34 -12.58
CA TYR O 48 -25.80 -5.82 -11.52
C TYR O 48 -24.42 -6.48 -11.58
N THR O 49 -23.44 -5.85 -10.93
CA THR O 49 -22.19 -6.49 -10.59
C THR O 49 -22.38 -7.23 -9.26
N TYR O 50 -21.31 -7.89 -8.80
CA TYR O 50 -21.21 -8.30 -7.41
C TYR O 50 -20.69 -7.09 -6.61
N ASP O 51 -20.27 -7.31 -5.38
CA ASP O 51 -19.87 -6.21 -4.52
C ASP O 51 -18.49 -5.70 -4.92
N LEU O 52 -18.40 -4.40 -5.15
CA LEU O 52 -17.15 -3.79 -5.57
C LEU O 52 -16.38 -3.24 -4.37
N GLN O 53 -15.12 -3.65 -4.22
CA GLN O 53 -14.25 -3.13 -3.16
C GLN O 53 -12.75 -3.25 -3.42
N PRO O 54 -11.99 -2.17 -3.09
CA PRO O 54 -10.53 -2.21 -3.02
C PRO O 54 -10.07 -3.34 -2.08
N LYS O 55 -9.13 -4.15 -2.54
CA LYS O 55 -8.66 -5.28 -1.73
C LYS O 55 -7.84 -4.82 -0.51
N GLY O 56 -7.09 -3.74 -0.66
CA GLY O 56 -6.25 -3.24 0.44
C GLY O 56 -4.80 -3.63 0.26
N SER O 57 -4.56 -4.71 -0.47
CA SER O 57 -3.20 -5.15 -0.80
C SER O 57 -3.01 -5.35 -2.32
N SER O 58 -1.78 -5.11 -2.79
CA SER O 58 -1.40 -5.29 -4.19
C SER O 58 -1.04 -6.76 -4.50
N PRO O 59 -1.48 -7.29 -5.67
CA PRO O 59 -2.16 -6.65 -6.79
C PRO O 59 -3.66 -6.97 -6.86
N ASP O 60 -4.43 -6.05 -7.46
CA ASP O 60 -5.85 -6.27 -7.73
C ASP O 60 -6.05 -7.50 -8.62
N GLN O 61 -6.95 -8.39 -8.21
CA GLN O 61 -7.37 -9.53 -9.04
C GLN O 61 -8.90 -9.55 -9.14
N PRO O 62 -9.47 -8.69 -10.00
CA PRO O 62 -10.92 -8.59 -10.05
C PRO O 62 -11.58 -9.79 -10.74
N ILE O 63 -12.70 -10.26 -10.18
CA ILE O 63 -13.48 -11.35 -10.75
C ILE O 63 -14.40 -10.86 -11.89
N LYS O 64 -14.91 -11.77 -12.71
CA LYS O 64 -15.65 -11.37 -13.93
C LYS O 64 -17.04 -10.74 -13.67
N GLU O 65 -17.61 -11.00 -12.50
CA GLU O 65 -18.91 -10.42 -12.14
C GLU O 65 -18.80 -8.95 -11.71
N ASN O 66 -17.58 -8.43 -11.67
CA ASN O 66 -17.30 -7.05 -11.31
C ASN O 66 -16.74 -6.23 -12.47
N LEU O 67 -16.90 -6.72 -13.69
CA LEU O 67 -16.44 -6.00 -14.87
C LEU O 67 -17.60 -5.82 -15.85
N PRO O 68 -18.33 -4.68 -15.73
CA PRO O 68 -19.36 -4.36 -16.72
C PRO O 68 -18.75 -4.21 -18.10
N ALA O 69 -19.47 -4.70 -19.10
CA ALA O 69 -18.99 -4.77 -20.48
C ALA O 69 -19.99 -4.22 -21.51
N TYR O 70 -19.51 -3.94 -22.72
CA TYR O 70 -20.37 -3.44 -23.80
C TYR O 70 -21.42 -4.45 -24.30
N SER O 71 -22.59 -3.96 -24.65
CA SER O 71 -23.60 -4.75 -25.35
C SER O 71 -23.40 -4.56 -26.86
N VAL O 72 -23.50 -5.66 -27.62
CA VAL O 72 -23.31 -5.64 -29.10
C VAL O 72 -24.40 -6.46 -29.79
N ALA O 73 -24.77 -6.07 -31.01
CA ALA O 73 -25.59 -6.88 -31.91
C ALA O 73 -25.32 -6.53 -33.36
N ARG O 74 -25.15 -7.57 -34.19
CA ARG O 74 -25.08 -7.41 -35.64
C ARG O 74 -26.42 -7.87 -36.21
N VAL O 75 -27.11 -6.96 -36.89
CA VAL O 75 -28.42 -7.29 -37.46
C VAL O 75 -28.29 -7.63 -38.95
N SER O 76 -28.85 -8.79 -39.32
CA SER O 76 -28.94 -9.24 -40.72
C SER O 76 -29.85 -8.34 -41.55
N LEU O 77 -29.30 -7.75 -42.61
CA LEU O 77 -30.09 -6.89 -43.49
C LEU O 77 -30.58 -7.64 -44.76
N PRO O 78 -31.62 -7.11 -45.43
CA PRO O 78 -32.09 -7.74 -46.67
C PRO O 78 -31.00 -7.77 -47.74
N MET O 79 -30.85 -8.92 -48.39
CA MET O 79 -29.92 -9.11 -49.50
C MET O 79 -30.33 -8.22 -50.65
N LEU O 80 -29.37 -7.50 -51.23
CA LEU O 80 -29.68 -6.43 -52.17
C LEU O 80 -29.39 -6.75 -53.64
N ASN O 81 -28.20 -7.30 -53.89
CA ASN O 81 -27.66 -7.41 -55.25
C ASN O 81 -28.11 -8.64 -56.06
N ASP O 87 -18.48 -4.76 -59.35
CA ASP O 87 -17.80 -3.81 -58.46
C ASP O 87 -18.66 -2.58 -58.14
N THR O 88 -19.72 -2.37 -58.93
CA THR O 88 -20.76 -1.38 -58.62
C THR O 88 -22.00 -2.09 -58.05
N LEU O 89 -22.34 -1.77 -56.80
CA LEU O 89 -23.43 -2.45 -56.12
C LEU O 89 -24.18 -1.56 -55.12
N GLN O 90 -25.32 -2.05 -54.66
CA GLN O 90 -26.14 -1.37 -53.66
C GLN O 90 -25.76 -1.77 -52.24
N MET O 91 -25.68 -0.79 -51.35
CA MET O 91 -25.42 -1.01 -49.92
C MET O 91 -26.45 -0.27 -49.06
N TRP O 92 -26.78 -0.85 -47.91
CA TRP O 92 -27.61 -0.15 -46.91
C TRP O 92 -26.81 0.95 -46.19
N GLU O 93 -27.41 2.14 -46.13
CA GLU O 93 -26.81 3.31 -45.49
C GLU O 93 -27.70 3.75 -44.33
N ALA O 94 -27.17 3.69 -43.11
CA ALA O 94 -27.92 4.14 -41.93
C ALA O 94 -27.96 5.68 -41.86
N ILE O 95 -29.15 6.28 -41.74
CA ILE O 95 -29.26 7.75 -41.85
C ILE O 95 -29.73 8.49 -40.59
N SER O 96 -30.45 7.78 -39.73
CA SER O 96 -30.98 8.36 -38.51
C SER O 96 -31.33 7.26 -37.52
N VAL O 97 -31.35 7.62 -36.23
CA VAL O 97 -31.69 6.68 -35.16
C VAL O 97 -32.49 7.37 -34.06
N LYS O 98 -33.50 6.65 -33.56
CA LYS O 98 -34.19 7.00 -32.32
C LYS O 98 -33.73 5.99 -31.26
N THR O 99 -33.14 6.50 -30.19
CA THR O 99 -32.67 5.61 -29.13
C THR O 99 -33.11 6.13 -27.77
N GLU O 100 -33.33 5.22 -26.83
CA GLU O 100 -33.86 5.55 -25.52
C GLU O 100 -33.43 4.51 -24.49
N VAL O 101 -33.13 4.98 -23.27
CA VAL O 101 -32.87 4.08 -22.14
C VAL O 101 -34.20 3.62 -21.50
N VAL O 102 -34.40 2.31 -21.45
CA VAL O 102 -35.65 1.72 -21.00
C VAL O 102 -35.63 1.40 -19.50
N GLY O 103 -36.73 1.69 -18.80
CA GLY O 103 -36.85 1.41 -17.36
C GLY O 103 -36.34 2.46 -16.40
N ILE O 104 -36.19 3.70 -16.87
CA ILE O 104 -35.72 4.81 -16.04
C ILE O 104 -36.59 4.96 -14.78
N SER O 105 -37.90 4.89 -14.97
CA SER O 105 -38.86 5.05 -13.87
C SER O 105 -38.64 4.08 -12.71
N SER O 106 -38.03 2.92 -12.98
CA SER O 106 -37.80 1.91 -11.94
C SER O 106 -36.86 2.40 -10.84
N LEU O 107 -36.13 3.49 -11.10
CA LEU O 107 -35.15 3.98 -10.15
C LEU O 107 -35.72 4.83 -9.01
N ILE O 108 -37.03 5.05 -9.01
CA ILE O 108 -37.68 5.75 -7.87
C ILE O 108 -37.88 4.84 -6.65
N ASN O 109 -37.67 3.53 -6.82
CA ASN O 109 -37.78 2.57 -5.71
C ASN O 109 -36.73 2.85 -4.63
N VAL O 110 -37.17 3.28 -3.45
CA VAL O 110 -36.24 3.56 -2.33
C VAL O 110 -36.53 2.68 -1.11
N HIS O 111 -37.04 1.49 -1.40
CA HIS O 111 -37.45 0.52 -0.39
C HIS O 111 -37.07 -0.91 -0.82
N TYR O 112 -35.93 -1.05 -1.48
CA TYR O 112 -35.32 -2.36 -1.70
C TYR O 112 -35.06 -2.97 -0.32
N TRP O 113 -35.45 -4.24 -0.13
CA TRP O 113 -35.52 -4.81 1.22
C TRP O 113 -34.20 -4.69 1.99
N ASP O 114 -33.07 -4.79 1.29
CA ASP O 114 -31.74 -4.72 1.90
C ASP O 114 -31.02 -3.39 1.62
N MET O 115 -31.79 -2.32 1.43
CA MET O 115 -31.22 -1.03 1.05
C MET O 115 -30.65 -0.28 2.26
N LYS O 116 -29.42 0.20 2.15
CA LYS O 116 -28.86 1.11 3.15
C LYS O 116 -29.75 2.34 3.30
N ARG O 117 -30.02 2.74 4.54
CA ARG O 117 -30.82 3.93 4.81
C ARG O 117 -29.97 5.20 4.74
N VAL O 118 -30.62 6.30 4.37
CA VAL O 118 -30.02 7.64 4.41
C VAL O 118 -29.68 8.10 5.84
N HIS O 119 -30.58 7.84 6.77
CA HIS O 119 -30.38 8.05 8.21
C HIS O 119 -31.41 7.17 8.93
N ASP O 120 -31.30 7.04 10.25
CA ASP O 120 -32.21 6.21 11.04
C ASP O 120 -33.67 6.41 10.68
N TYR O 121 -34.38 5.30 10.48
CA TYR O 121 -35.82 5.28 10.12
C TYR O 121 -36.16 5.87 8.74
N GLY O 122 -35.13 6.27 7.99
CA GLY O 122 -35.33 6.88 6.67
C GLY O 122 -35.54 5.92 5.50
N ALA O 123 -35.67 6.51 4.31
CA ALA O 123 -35.75 5.74 3.08
C ALA O 123 -34.37 5.24 2.69
N GLY O 124 -34.32 4.28 1.77
CA GLY O 124 -33.05 3.77 1.26
C GLY O 124 -32.38 4.83 0.40
N ILE O 125 -31.06 4.78 0.32
CA ILE O 125 -30.31 5.63 -0.61
C ILE O 125 -30.64 5.18 -2.03
N PRO O 126 -31.15 6.11 -2.88
CA PRO O 126 -31.51 5.70 -4.24
C PRO O 126 -30.29 5.38 -5.10
N VAL O 127 -30.49 4.52 -6.12
CA VAL O 127 -29.46 4.23 -7.10
C VAL O 127 -28.93 5.54 -7.67
N SER O 128 -27.62 5.75 -7.51
CA SER O 128 -26.91 6.99 -7.87
C SER O 128 -25.40 6.74 -7.78
N GLY O 129 -24.62 7.75 -8.17
CA GLY O 129 -23.16 7.62 -8.25
C GLY O 129 -22.64 7.63 -9.68
N VAL O 130 -21.68 6.75 -9.95
CA VAL O 130 -21.05 6.63 -11.26
C VAL O 130 -22.08 6.29 -12.35
N ASN O 131 -22.06 7.07 -13.42
CA ASN O 131 -22.84 6.81 -14.62
C ASN O 131 -21.91 6.74 -15.83
N TYR O 132 -22.23 5.82 -16.75
CA TYR O 132 -21.54 5.75 -18.04
C TYR O 132 -22.56 5.41 -19.13
N HIS O 133 -22.59 6.22 -20.18
CA HIS O 133 -23.59 6.09 -21.24
C HIS O 133 -22.95 6.31 -22.60
N MET O 134 -23.16 5.33 -23.48
CA MET O 134 -22.68 5.39 -24.84
C MET O 134 -23.54 4.54 -25.77
N PHE O 135 -23.67 4.97 -27.02
CA PHE O 135 -24.23 4.12 -28.09
C PHE O 135 -23.50 4.38 -29.41
N ALA O 136 -23.50 3.37 -30.27
CA ALA O 136 -22.88 3.48 -31.57
C ALA O 136 -23.65 2.71 -32.65
N ILE O 137 -23.54 3.21 -33.87
CA ILE O 137 -24.16 2.64 -35.05
C ILE O 137 -23.11 2.66 -36.13
N GLY O 138 -22.88 1.50 -36.75
CA GLY O 138 -21.89 1.40 -37.83
C GLY O 138 -22.16 0.24 -38.78
N GLY O 139 -21.45 0.25 -39.91
CA GLY O 139 -21.54 -0.83 -40.91
C GLY O 139 -20.44 -1.87 -40.74
N GLU O 140 -19.69 -1.74 -39.65
CA GLU O 140 -18.70 -2.71 -39.24
C GLU O 140 -18.55 -2.61 -37.71
N PRO O 141 -17.86 -3.58 -37.07
CA PRO O 141 -17.64 -3.52 -35.62
C PRO O 141 -16.98 -2.22 -35.17
N LEU O 142 -17.27 -1.82 -33.94
CA LEU O 142 -16.64 -0.65 -33.32
C LEU O 142 -15.15 -0.90 -33.06
N ASP O 143 -14.32 0.07 -33.42
CA ASP O 143 -12.90 -0.01 -33.12
C ASP O 143 -12.65 0.40 -31.65
N LEU O 144 -11.78 -0.34 -30.96
CA LEU O 144 -11.52 -0.11 -29.54
C LEU O 144 -10.07 0.21 -29.21
N GLN O 145 -9.87 1.07 -28.22
CA GLN O 145 -8.53 1.41 -27.71
C GLN O 145 -8.49 1.01 -26.25
N GLY O 146 -7.40 0.37 -25.86
CA GLY O 146 -7.22 -0.09 -24.48
C GLY O 146 -6.47 0.91 -23.63
N LEU O 147 -6.99 1.19 -22.43
CA LEU O 147 -6.32 2.08 -21.48
C LEU O 147 -6.88 1.78 -20.09
N VAL O 148 -6.00 1.55 -19.13
CA VAL O 148 -6.45 1.16 -17.79
C VAL O 148 -5.93 2.11 -16.71
N LEU O 149 -6.68 2.15 -15.61
CA LEU O 149 -6.31 2.92 -14.44
C LEU O 149 -5.01 2.41 -13.84
N ASP O 150 -4.86 1.08 -13.84
CA ASP O 150 -3.70 0.46 -13.23
C ASP O 150 -3.21 -0.73 -14.06
N TYR O 151 -1.97 -0.61 -14.56
CA TYR O 151 -1.38 -1.63 -15.44
C TYR O 151 -1.10 -2.97 -14.75
N GLN O 152 -0.85 -2.93 -13.43
CA GLN O 152 -0.55 -4.11 -12.62
C GLN O 152 -1.77 -4.99 -12.32
N THR O 153 -2.97 -4.49 -12.60
CA THR O 153 -4.21 -5.25 -12.41
C THR O 153 -4.17 -6.58 -13.15
N GLN O 154 -4.55 -7.66 -12.48
CA GLN O 154 -4.55 -8.97 -13.11
C GLN O 154 -5.98 -9.40 -13.47
N TYR O 155 -6.36 -9.15 -14.72
CA TYR O 155 -7.69 -9.49 -15.19
C TYR O 155 -7.80 -11.00 -15.37
N PRO O 156 -9.01 -11.57 -15.24
CA PRO O 156 -9.15 -13.02 -15.41
C PRO O 156 -8.85 -13.43 -16.86
N LYS O 157 -8.38 -14.66 -17.02
CA LYS O 157 -8.06 -15.22 -18.34
C LYS O 157 -9.33 -15.69 -19.10
N THR O 158 -9.14 -16.06 -20.36
CA THR O 158 -10.22 -16.56 -21.20
C THR O 158 -10.20 -18.09 -21.25
N GLY O 162 -14.33 -16.08 -21.26
CA GLY O 162 -13.83 -15.06 -20.34
C GLY O 162 -13.68 -13.70 -21.02
N PRO O 163 -13.36 -12.65 -20.24
CA PRO O 163 -13.26 -11.31 -20.83
C PRO O 163 -12.01 -11.12 -21.65
N ILE O 164 -12.13 -10.31 -22.71
CA ILE O 164 -10.99 -10.01 -23.55
C ILE O 164 -10.38 -8.68 -23.09
N THR O 165 -9.11 -8.73 -22.70
CA THR O 165 -8.43 -7.56 -22.17
C THR O 165 -7.12 -7.30 -22.92
N ILE O 166 -6.39 -6.26 -22.54
CA ILE O 166 -5.16 -5.87 -23.21
C ILE O 166 -4.12 -7.00 -23.30
N GLU O 167 -3.96 -7.77 -22.21
CA GLU O 167 -3.02 -8.91 -22.20
C GLU O 167 -3.43 -9.96 -23.23
N THR O 168 -4.74 -10.15 -23.44
CA THR O 168 -5.27 -11.06 -24.44
C THR O 168 -4.79 -10.73 -25.86
N VAL O 169 -4.73 -9.45 -26.21
CA VAL O 169 -4.44 -9.08 -27.61
C VAL O 169 -2.95 -8.84 -27.90
N LEU O 170 -2.17 -8.53 -26.88
CA LEU O 170 -0.73 -8.36 -27.02
C LEU O 170 0.01 -9.70 -26.86
N GLY O 171 -0.67 -10.67 -26.24
CA GLY O 171 -0.08 -11.98 -25.97
C GLY O 171 0.99 -11.92 -24.90
N ARG O 172 1.06 -10.81 -24.18
CA ARG O 172 2.05 -10.56 -23.13
C ARG O 172 1.48 -9.58 -22.10
N LYS O 173 2.09 -9.50 -20.92
CA LYS O 173 1.60 -8.63 -19.85
C LYS O 173 1.65 -7.14 -20.20
N MET O 174 0.72 -6.40 -19.61
CA MET O 174 0.72 -4.94 -19.71
C MET O 174 2.01 -4.39 -19.14
N THR O 175 2.35 -3.17 -19.57
CA THR O 175 3.46 -2.42 -19.02
C THR O 175 2.88 -1.03 -18.66
N PRO O 176 3.66 -0.17 -17.95
CA PRO O 176 3.16 1.16 -17.54
C PRO O 176 2.60 2.01 -18.68
N LYS O 177 3.10 1.82 -19.90
CA LYS O 177 2.59 2.60 -21.05
C LYS O 177 1.10 2.38 -21.37
N ASN O 178 0.51 1.31 -20.84
CA ASN O 178 -0.93 1.03 -20.98
C ASN O 178 -1.83 1.84 -20.02
N GLN O 179 -1.21 2.70 -19.23
CA GLN O 179 -1.93 3.66 -18.42
C GLN O 179 -2.21 4.91 -19.26
N GLY O 180 -1.46 5.06 -20.36
CA GLY O 180 -1.74 6.03 -21.40
C GLY O 180 -2.16 5.34 -22.70
N LEU O 181 -1.89 5.97 -23.85
CA LEU O 181 -2.29 5.37 -25.13
C LEU O 181 -1.12 4.64 -25.79
N ASP O 182 -1.28 3.32 -25.91
CA ASP O 182 -0.34 2.46 -26.60
C ASP O 182 -1.05 1.96 -27.86
N PRO O 183 -0.56 2.40 -29.05
CA PRO O 183 -1.15 2.12 -30.36
C PRO O 183 -1.33 0.64 -30.65
N GLN O 184 -0.67 -0.20 -29.87
CA GLN O 184 -0.75 -1.65 -30.05
C GLN O 184 -1.93 -2.27 -29.31
N ALA O 185 -2.47 -1.55 -28.33
CA ALA O 185 -3.64 -2.04 -27.59
C ALA O 185 -4.93 -1.66 -28.31
N LYS O 186 -5.36 -2.53 -29.21
CA LYS O 186 -6.48 -2.25 -30.11
C LYS O 186 -7.27 -3.51 -30.33
N ALA O 187 -8.59 -3.37 -30.43
CA ALA O 187 -9.48 -4.51 -30.70
C ALA O 187 -10.78 -4.06 -31.39
N LYS O 188 -11.56 -5.03 -31.83
CA LYS O 188 -12.86 -4.75 -32.43
C LYS O 188 -13.98 -5.32 -31.55
N LEU O 189 -15.12 -4.63 -31.54
CA LEU O 189 -16.22 -4.99 -30.67
C LEU O 189 -17.15 -6.00 -31.36
N ASP O 190 -16.70 -7.25 -31.38
CA ASP O 190 -17.38 -8.31 -32.11
C ASP O 190 -18.23 -9.26 -31.26
N LYS O 191 -18.09 -9.15 -29.93
CA LYS O 191 -18.71 -10.12 -29.02
C LYS O 191 -19.43 -9.47 -27.83
N ASP O 192 -20.64 -9.96 -27.54
CA ASP O 192 -21.55 -9.42 -26.52
C ASP O 192 -21.12 -9.81 -25.10
N GLY O 193 -20.99 -8.80 -24.23
CA GLY O 193 -20.64 -9.01 -22.82
C GLY O 193 -19.22 -9.47 -22.53
N ASN O 194 -18.33 -9.31 -23.50
CA ASN O 194 -16.95 -9.81 -23.41
C ASN O 194 -15.85 -8.75 -23.27
N TYR O 195 -16.15 -7.52 -23.66
CA TYR O 195 -15.16 -6.45 -23.60
C TYR O 195 -15.49 -5.48 -22.48
N PRO O 196 -14.69 -5.51 -21.40
CA PRO O 196 -14.96 -4.71 -20.20
C PRO O 196 -14.81 -3.21 -20.45
N ILE O 197 -15.74 -2.46 -19.92
CA ILE O 197 -15.80 -1.00 -20.08
C ILE O 197 -14.62 -0.25 -19.48
N GLU O 198 -14.01 -0.80 -18.43
CA GLU O 198 -12.89 -0.11 -17.77
C GLU O 198 -11.55 -0.36 -18.46
N VAL O 199 -11.56 -1.21 -19.48
CA VAL O 199 -10.38 -1.55 -20.25
C VAL O 199 -10.39 -0.86 -21.62
N TRP O 200 -11.58 -0.75 -22.20
CA TRP O 200 -11.76 -0.39 -23.61
C TRP O 200 -12.67 0.82 -23.82
N CYS O 201 -12.20 1.77 -24.64
CA CYS O 201 -12.98 2.91 -25.08
C CYS O 201 -13.01 2.93 -26.63
N PRO O 202 -13.95 3.67 -27.26
CA PRO O 202 -13.95 3.77 -28.72
C PRO O 202 -12.68 4.42 -29.25
N ASP O 203 -12.24 3.99 -30.44
CA ASP O 203 -10.96 4.46 -31.00
C ASP O 203 -11.17 5.62 -31.97
N PRO O 204 -10.84 6.85 -31.53
CA PRO O 204 -11.07 8.03 -32.37
C PRO O 204 -10.17 8.08 -33.61
N SER O 205 -9.05 7.37 -33.58
CA SER O 205 -8.14 7.32 -34.75
C SER O 205 -8.68 6.44 -35.89
N LYS O 206 -9.72 5.66 -35.62
CA LYS O 206 -10.36 4.84 -36.65
C LYS O 206 -11.85 5.18 -36.78
N ASN O 207 -12.72 4.18 -36.86
CA ASN O 207 -14.17 4.36 -36.87
C ASN O 207 -14.73 5.35 -37.92
N GLU O 208 -14.17 5.35 -39.12
CA GLU O 208 -14.67 6.19 -40.21
C GLU O 208 -16.09 5.79 -40.66
N ASN O 209 -16.42 4.51 -40.50
CA ASN O 209 -17.69 3.95 -40.93
C ASN O 209 -18.60 3.58 -39.74
N SER O 210 -18.43 4.31 -38.62
CA SER O 210 -19.30 4.22 -37.44
C SER O 210 -19.55 5.61 -36.83
N ARG O 211 -20.68 5.77 -36.13
CA ARG O 211 -20.96 6.96 -35.34
C ARG O 211 -21.18 6.54 -33.88
N TYR O 212 -20.45 7.15 -32.95
CA TYR O 212 -20.62 6.91 -31.50
C TYR O 212 -20.77 8.21 -30.67
N TYR O 213 -21.54 8.10 -29.58
CA TYR O 213 -21.79 9.20 -28.66
C TYR O 213 -21.71 8.71 -27.21
N GLY O 214 -20.97 9.42 -26.37
CA GLY O 214 -20.84 8.97 -24.98
C GLY O 214 -20.59 10.03 -23.94
N SER O 215 -20.82 9.65 -22.68
CA SER O 215 -20.54 10.51 -21.53
C SER O 215 -20.18 9.73 -20.27
N ILE O 216 -19.50 10.40 -19.33
CA ILE O 216 -19.24 9.84 -18.00
C ILE O 216 -19.56 10.85 -16.93
N GLN O 217 -19.99 10.32 -15.78
CA GLN O 217 -20.12 11.12 -14.56
C GLN O 217 -19.50 10.34 -13.38
N THR O 218 -18.52 10.94 -12.70
CA THR O 218 -17.97 10.31 -11.47
C THR O 218 -18.61 10.87 -10.18
N GLY O 219 -17.95 10.70 -9.04
CA GLY O 219 -18.53 11.08 -7.74
C GLY O 219 -19.17 9.85 -7.16
N SER O 220 -19.44 9.86 -5.85
CA SER O 220 -19.89 8.63 -5.19
C SER O 220 -21.40 8.49 -5.04
N GLN O 221 -22.06 9.63 -4.81
CA GLN O 221 -23.53 9.66 -4.66
C GLN O 221 -24.16 10.70 -5.56
N THR O 222 -23.47 11.01 -6.66
CA THR O 222 -23.93 11.98 -7.62
C THR O 222 -25.31 11.58 -8.15
N PRO O 223 -26.24 12.55 -8.20
CA PRO O 223 -27.58 12.27 -8.77
C PRO O 223 -27.51 11.68 -10.17
N THR O 224 -28.21 10.58 -10.38
CA THR O 224 -28.47 10.07 -11.70
C THR O 224 -29.56 10.92 -12.35
N VAL O 225 -29.23 11.58 -13.47
CA VAL O 225 -30.13 12.53 -14.13
C VAL O 225 -30.30 12.15 -15.60
N LEU O 226 -31.49 11.67 -15.96
CA LEU O 226 -31.72 11.13 -17.30
C LEU O 226 -33.03 11.60 -17.88
N GLN O 227 -33.05 11.78 -19.21
CA GLN O 227 -34.29 12.13 -19.93
C GLN O 227 -34.77 10.99 -20.83
N PHE O 228 -36.05 11.02 -21.20
CA PHE O 228 -36.61 10.09 -22.18
C PHE O 228 -37.74 10.78 -22.93
N SER O 229 -37.84 10.52 -24.23
CA SER O 229 -38.86 11.10 -25.10
C SER O 229 -38.86 10.38 -26.43
N ASN O 230 -40.04 10.13 -27.00
CA ASN O 230 -40.11 9.51 -28.34
C ASN O 230 -40.11 10.52 -29.51
N THR O 231 -39.68 11.75 -29.22
CA THR O 231 -39.63 12.81 -30.23
C THR O 231 -38.21 13.15 -30.65
N LEU O 232 -37.22 12.47 -30.05
CA LEU O 232 -35.82 12.78 -30.29
C LEU O 232 -35.14 11.87 -31.32
N THR O 233 -34.61 12.48 -32.37
CA THR O 233 -33.91 11.78 -33.44
C THR O 233 -32.46 12.26 -33.59
N THR O 234 -31.55 11.29 -33.74
CA THR O 234 -30.16 11.57 -34.10
C THR O 234 -29.90 11.31 -35.59
N VAL O 235 -29.36 12.30 -36.27
CA VAL O 235 -28.98 12.21 -37.70
C VAL O 235 -27.57 11.61 -37.84
N LEU O 236 -27.44 10.57 -38.66
CA LEU O 236 -26.18 9.80 -38.73
C LEU O 236 -25.26 10.17 -39.90
N LEU O 237 -25.70 11.07 -40.76
CA LEU O 237 -24.92 11.50 -41.91
C LEU O 237 -23.67 12.28 -41.47
N ASP O 238 -22.60 12.17 -42.24
CA ASP O 238 -21.37 12.93 -41.94
C ASP O 238 -21.45 14.33 -42.56
N GLU O 239 -20.33 15.04 -42.60
CA GLU O 239 -20.29 16.38 -43.20
C GLU O 239 -20.49 16.36 -44.73
N ASN O 240 -20.35 15.18 -45.33
CA ASN O 240 -20.57 14.97 -46.78
C ASN O 240 -21.95 14.44 -47.14
N GLY O 241 -22.76 14.15 -46.12
CA GLY O 241 -24.10 13.62 -46.35
C GLY O 241 -24.15 12.10 -46.46
N VAL O 242 -23.13 11.42 -45.95
CA VAL O 242 -23.06 9.96 -46.02
C VAL O 242 -23.15 9.32 -44.64
N GLY O 243 -24.11 8.42 -44.47
CA GLY O 243 -24.21 7.61 -43.27
C GLY O 243 -23.26 6.41 -43.33
N PRO O 244 -23.16 5.64 -42.23
CA PRO O 244 -22.44 4.37 -42.21
C PRO O 244 -22.99 3.43 -43.27
N LEU O 245 -22.09 2.76 -44.00
CA LEU O 245 -22.46 1.86 -45.08
C LEU O 245 -22.24 0.43 -44.64
N CYS O 246 -23.30 -0.37 -44.72
CA CYS O 246 -23.30 -1.71 -44.14
C CYS O 246 -22.60 -2.72 -45.02
N LYS O 247 -21.30 -2.89 -44.77
CA LYS O 247 -20.48 -3.88 -45.46
C LYS O 247 -20.98 -5.27 -45.11
N GLY O 248 -21.26 -6.07 -46.14
CA GLY O 248 -21.71 -7.44 -45.96
C GLY O 248 -23.12 -7.56 -45.44
N ASP O 249 -23.91 -6.50 -45.62
CA ASP O 249 -25.34 -6.49 -45.25
C ASP O 249 -25.56 -6.78 -43.76
N GLY O 250 -24.70 -6.20 -42.93
CA GLY O 250 -24.80 -6.29 -41.49
C GLY O 250 -24.67 -4.93 -40.82
N LEU O 251 -25.59 -4.63 -39.90
CA LEU O 251 -25.57 -3.37 -39.17
C LEU O 251 -25.16 -3.63 -37.72
N PHE O 252 -24.14 -2.90 -37.27
CA PHE O 252 -23.58 -3.07 -35.92
C PHE O 252 -24.08 -2.01 -34.95
N ILE O 253 -24.66 -2.49 -33.86
CA ILE O 253 -25.23 -1.65 -32.80
C ILE O 253 -24.57 -1.96 -31.46
N SER O 254 -24.01 -0.92 -30.83
CA SER O 254 -23.33 -1.06 -29.54
C SER O 254 -23.77 -0.02 -28.52
N CYS O 255 -23.71 -0.39 -27.23
CA CYS O 255 -24.05 0.50 -26.11
C CYS O 255 -23.57 0.03 -24.74
N ALA O 256 -23.83 0.88 -23.75
CA ALA O 256 -23.47 0.67 -22.34
C ALA O 256 -24.18 1.77 -21.56
N ASP O 257 -24.89 1.38 -20.50
CA ASP O 257 -25.64 2.35 -19.68
C ASP O 257 -25.61 2.01 -18.19
N ILE O 258 -24.55 2.46 -17.51
CA ILE O 258 -24.42 2.33 -16.05
C ILE O 258 -25.09 3.52 -15.38
N VAL O 259 -26.02 3.23 -14.47
CA VAL O 259 -26.90 4.25 -13.88
C VAL O 259 -26.64 4.49 -12.38
N GLY O 260 -25.58 3.86 -11.84
CA GLY O 260 -25.20 4.07 -10.44
C GLY O 260 -25.21 2.83 -9.57
N PHE O 261 -25.00 3.06 -8.27
CA PHE O 261 -24.86 1.99 -7.29
C PHE O 261 -26.14 1.61 -6.55
N LEU O 262 -26.32 0.31 -6.32
CA LEU O 262 -27.23 -0.18 -5.30
C LEU O 262 -26.44 -0.22 -3.98
N PHE O 263 -26.91 0.50 -2.98
CA PHE O 263 -26.24 0.57 -1.68
C PHE O 263 -26.88 -0.45 -0.74
N LYS O 264 -26.06 -1.40 -0.26
CA LYS O 264 -26.55 -2.45 0.63
C LYS O 264 -26.39 -2.11 2.12
N THR O 265 -27.20 -2.76 2.97
CA THR O 265 -27.23 -2.48 4.42
C THR O 265 -25.85 -2.62 5.07
N SER O 266 -25.10 -3.64 4.68
CA SER O 266 -23.76 -3.89 5.23
C SER O 266 -22.70 -2.82 4.87
N GLY O 267 -23.02 -1.96 3.91
CA GLY O 267 -22.05 -0.99 3.38
C GLY O 267 -21.49 -1.37 2.02
N LYS O 268 -21.73 -2.61 1.60
CA LYS O 268 -21.32 -3.09 0.29
C LYS O 268 -22.12 -2.43 -0.82
N MET O 269 -21.49 -2.30 -2.00
CA MET O 269 -22.02 -1.54 -3.14
C MET O 269 -21.90 -2.30 -4.46
N ALA O 270 -22.91 -2.19 -5.31
CA ALA O 270 -22.90 -2.88 -6.60
C ALA O 270 -23.37 -1.95 -7.72
N LEU O 271 -22.68 -1.97 -8.86
CA LEU O 271 -23.13 -1.17 -10.01
C LEU O 271 -24.32 -1.79 -10.73
N HIS O 272 -25.16 -0.92 -11.30
CA HIS O 272 -26.41 -1.31 -11.97
C HIS O 272 -26.51 -0.76 -13.40
N GLY O 273 -27.20 -1.49 -14.28
CA GLY O 273 -27.42 -1.07 -15.66
C GLY O 273 -28.88 -1.14 -16.10
N LEU O 274 -29.19 -0.52 -17.24
CA LEU O 274 -30.54 -0.56 -17.83
C LEU O 274 -30.48 -0.89 -19.32
N PRO O 275 -31.60 -1.36 -19.91
CA PRO O 275 -31.53 -1.68 -21.34
C PRO O 275 -31.71 -0.46 -22.23
N ARG O 276 -31.35 -0.59 -23.51
CA ARG O 276 -31.48 0.49 -24.49
C ARG O 276 -32.21 0.02 -25.76
N TYR O 277 -33.16 0.83 -26.22
CA TYR O 277 -33.94 0.55 -27.43
C TYR O 277 -33.41 1.36 -28.61
N PHE O 278 -33.46 0.77 -29.80
CA PHE O 278 -33.05 1.46 -31.04
C PHE O 278 -34.09 1.33 -32.14
N ASN O 279 -34.32 2.44 -32.84
CA ASN O 279 -35.00 2.40 -34.12
C ASN O 279 -34.13 3.11 -35.15
N VAL O 280 -33.53 2.32 -36.04
CA VAL O 280 -32.61 2.83 -37.07
C VAL O 280 -33.29 2.86 -38.44
N THR O 281 -33.16 3.99 -39.13
CA THR O 281 -33.68 4.15 -40.50
C THR O 281 -32.55 4.04 -41.53
N LEU O 282 -32.75 3.17 -42.53
CA LEU O 282 -31.76 2.97 -43.60
C LEU O 282 -32.31 3.16 -45.01
N ARG O 283 -31.43 3.53 -45.93
CA ARG O 283 -31.79 3.65 -47.35
C ARG O 283 -30.79 2.90 -48.25
N LYS O 284 -31.17 2.69 -49.50
CA LYS O 284 -30.27 2.06 -50.46
C LYS O 284 -29.34 3.10 -51.10
N ARG O 285 -28.07 2.74 -51.25
CA ARG O 285 -27.07 3.63 -51.82
C ARG O 285 -26.19 2.90 -52.83
N TRP O 286 -25.95 3.52 -53.98
CA TRP O 286 -25.03 2.99 -55.00
C TRP O 286 -23.58 3.28 -54.62
N VAL O 287 -22.74 2.25 -54.60
CA VAL O 287 -21.31 2.39 -54.28
C VAL O 287 -20.42 1.64 -55.27
N LYS O 288 -19.19 2.12 -55.43
CA LYS O 288 -18.25 1.52 -56.37
C LYS O 288 -17.21 0.65 -55.66
N VAL P 9 11.95 45.24 -68.49
CA VAL P 9 12.40 46.43 -69.27
C VAL P 9 13.11 46.02 -70.57
N GLU P 10 12.97 46.83 -71.62
CA GLU P 10 13.67 46.60 -72.87
C GLU P 10 14.91 47.49 -73.02
N VAL P 11 16.06 46.86 -73.27
CA VAL P 11 17.33 47.57 -73.44
C VAL P 11 17.51 47.97 -74.90
N LEU P 12 17.79 49.26 -75.11
CA LEU P 12 17.99 49.79 -76.44
C LEU P 12 19.48 50.08 -76.72
N SER P 13 19.77 51.22 -77.32
CA SER P 13 21.13 51.51 -77.79
C SER P 13 21.93 52.41 -76.86
N VAL P 14 23.25 52.29 -76.96
CA VAL P 14 24.18 53.12 -76.22
C VAL P 14 24.10 54.57 -76.71
N VAL P 15 23.95 55.50 -75.77
CA VAL P 15 23.87 56.93 -76.06
C VAL P 15 25.19 57.45 -76.65
N THR P 16 25.09 58.08 -77.82
CA THR P 16 26.23 58.79 -78.41
C THR P 16 26.13 60.26 -78.03
N GLY P 17 27.18 60.78 -77.40
CA GLY P 17 27.20 62.15 -76.91
C GLY P 17 28.53 62.56 -76.32
N GLU P 18 28.57 63.78 -75.81
CA GLU P 18 29.80 64.35 -75.25
C GLU P 18 30.11 63.72 -73.88
N ASP P 19 29.20 63.89 -72.93
CA ASP P 19 29.39 63.39 -71.58
C ASP P 19 28.55 62.13 -71.35
N SER P 20 28.77 61.12 -72.19
CA SER P 20 28.04 59.86 -72.08
C SER P 20 28.80 58.81 -71.26
N ILE P 21 30.03 59.16 -70.87
CA ILE P 21 30.89 58.28 -70.10
C ILE P 21 31.33 58.95 -68.79
N THR P 22 31.08 58.29 -67.67
CA THR P 22 31.48 58.79 -66.35
C THR P 22 32.32 57.78 -65.56
N GLN P 23 33.09 58.28 -64.61
CA GLN P 23 33.88 57.44 -63.72
C GLN P 23 33.54 57.68 -62.25
N ILE P 24 33.45 56.60 -61.48
CA ILE P 24 33.07 56.68 -60.07
C ILE P 24 34.12 56.06 -59.14
N GLU P 25 34.76 56.90 -58.33
CA GLU P 25 35.78 56.44 -57.36
C GLU P 25 35.30 56.48 -55.91
N LEU P 26 35.55 55.39 -55.19
CA LEU P 26 35.30 55.32 -53.74
C LEU P 26 36.14 54.24 -53.07
N TYR P 27 36.12 54.22 -51.74
CA TYR P 27 36.76 53.17 -50.96
C TYR P 27 35.82 52.77 -49.83
N LEU P 28 35.94 51.52 -49.38
CA LEU P 28 35.13 51.05 -48.26
C LEU P 28 36.03 50.48 -47.17
N ASN P 29 35.92 51.01 -45.96
CA ASN P 29 36.67 50.48 -44.83
C ASN P 29 35.96 49.23 -44.30
N PRO P 30 36.74 48.28 -43.74
CA PRO P 30 36.16 46.97 -43.38
C PRO P 30 35.27 47.05 -42.12
N ARG P 31 34.36 46.09 -41.97
CA ARG P 31 33.41 46.08 -40.84
C ARG P 31 33.53 44.74 -40.10
N MET P 32 34.58 44.59 -39.31
CA MET P 32 34.93 43.28 -38.76
C MET P 32 34.22 42.95 -37.45
N GLY P 33 33.69 43.96 -36.78
CA GLY P 33 33.05 43.76 -35.49
C GLY P 33 33.17 45.04 -34.69
N VAL P 34 34.39 45.58 -34.67
CA VAL P 34 34.65 46.91 -34.17
C VAL P 34 34.70 47.81 -35.40
N ASN P 35 33.59 48.47 -35.67
CA ASN P 35 33.36 49.07 -36.97
C ASN P 35 33.71 50.56 -37.09
N SER P 36 33.96 51.21 -35.97
CA SER P 36 34.21 52.64 -35.99
C SER P 36 35.54 53.01 -35.37
N PRO P 37 36.28 53.94 -35.98
CA PRO P 37 37.53 54.48 -35.44
C PRO P 37 37.33 55.64 -34.45
N ASP P 38 36.08 56.09 -34.31
CA ASP P 38 35.73 57.35 -33.63
C ASP P 38 35.11 57.18 -32.24
N LEU P 39 35.36 56.05 -31.59
CA LEU P 39 34.83 55.80 -30.25
C LEU P 39 35.93 55.90 -29.19
N PRO P 40 35.56 56.17 -27.92
CA PRO P 40 36.62 56.35 -26.93
C PRO P 40 37.28 55.04 -26.49
N THR P 41 36.47 54.10 -26.00
CA THR P 41 36.97 52.96 -25.24
C THR P 41 37.38 51.76 -26.10
N THR P 42 36.85 51.68 -27.32
CA THR P 42 36.93 50.45 -28.12
C THR P 42 37.73 50.53 -29.43
N SER P 43 38.01 51.75 -29.89
CA SER P 43 38.50 51.97 -31.25
C SER P 43 39.94 51.52 -31.57
N ASN P 44 40.72 51.12 -30.58
CA ASN P 44 42.05 50.60 -30.86
CA ASN P 44 42.05 50.59 -30.83
C ASN P 44 41.99 49.27 -31.63
N TRP P 45 40.88 48.53 -31.49
CA TRP P 45 40.65 47.30 -32.25
C TRP P 45 39.80 47.49 -33.54
N TYR P 46 39.75 48.73 -34.03
CA TYR P 46 39.14 49.04 -35.31
C TYR P 46 39.80 48.23 -36.42
N THR P 47 38.96 47.55 -37.21
CA THR P 47 39.32 46.62 -38.30
C THR P 47 39.71 45.22 -37.84
N TYR P 48 39.33 44.88 -36.60
CA TYR P 48 39.51 43.54 -36.03
C TYR P 48 38.21 43.06 -35.37
N THR P 49 38.11 41.77 -35.10
CA THR P 49 37.07 41.26 -34.21
C THR P 49 37.65 41.26 -32.79
N TYR P 50 36.83 40.90 -31.79
CA TYR P 50 37.37 40.55 -30.48
C TYR P 50 37.89 39.10 -30.56
N ASP P 51 38.29 38.50 -29.43
CA ASP P 51 38.84 37.13 -29.43
C ASP P 51 37.76 36.09 -29.74
N LEU P 52 38.07 35.21 -30.69
CA LEU P 52 37.14 34.18 -31.14
C LEU P 52 37.43 32.85 -30.48
N GLN P 53 36.40 32.24 -29.91
CA GLN P 53 36.55 31.06 -29.04
C GLN P 53 35.31 30.17 -29.08
N PRO P 54 35.50 28.84 -29.05
CA PRO P 54 34.35 27.99 -28.80
C PRO P 54 33.94 28.10 -27.32
N LYS P 55 32.67 28.44 -27.09
CA LYS P 55 32.15 28.68 -25.74
C LYS P 55 32.42 27.52 -24.78
N GLY P 56 32.22 26.30 -25.26
CA GLY P 56 32.44 25.12 -24.44
C GLY P 56 31.14 24.46 -23.99
N SER P 57 30.06 25.24 -23.95
CA SER P 57 28.73 24.71 -23.62
C SER P 57 27.63 25.35 -24.46
N SER P 58 26.46 24.73 -24.42
CA SER P 58 25.30 25.10 -25.26
C SER P 58 24.44 26.21 -24.63
N PRO P 59 23.91 27.14 -25.46
CA PRO P 59 24.17 27.31 -26.88
C PRO P 59 25.19 28.41 -27.12
N ASP P 60 25.59 28.61 -28.37
CA ASP P 60 26.48 29.71 -28.72
C ASP P 60 25.69 31.03 -28.63
N GLN P 61 26.33 32.04 -28.07
CA GLN P 61 25.75 33.37 -27.95
C GLN P 61 26.79 34.42 -28.33
N PRO P 62 27.04 34.56 -29.65
CA PRO P 62 28.09 35.45 -30.14
C PRO P 62 27.74 36.92 -29.98
N ILE P 63 28.74 37.73 -29.70
CA ILE P 63 28.56 39.17 -29.56
C ILE P 63 28.81 39.82 -30.93
N LYS P 64 28.32 41.05 -31.11
CA LYS P 64 28.43 41.70 -32.41
C LYS P 64 29.89 41.96 -32.81
N GLU P 65 30.77 42.16 -31.83
CA GLU P 65 32.19 42.40 -32.09
C GLU P 65 32.91 41.15 -32.63
N ASN P 66 32.20 40.02 -32.70
CA ASN P 66 32.73 38.79 -33.25
C ASN P 66 32.03 38.34 -34.54
N LEU P 67 31.37 39.29 -35.21
CA LEU P 67 30.62 39.00 -36.44
C LEU P 67 30.95 39.99 -37.57
N PRO P 68 32.04 39.72 -38.33
CA PRO P 68 32.36 40.50 -39.52
C PRO P 68 31.19 40.57 -40.47
N ALA P 69 30.94 41.77 -40.99
CA ALA P 69 29.80 42.04 -41.85
C ALA P 69 30.21 42.60 -43.23
N TYR P 70 29.28 42.61 -44.18
CA TYR P 70 29.57 43.21 -45.49
C TYR P 70 29.63 44.74 -45.43
N SER P 71 30.56 45.31 -46.18
CA SER P 71 30.54 46.75 -46.46
C SER P 71 29.57 47.03 -47.62
N VAL P 72 28.89 48.18 -47.58
CA VAL P 72 28.03 48.67 -48.67
C VAL P 72 28.05 50.19 -48.78
N ALA P 73 27.92 50.68 -50.02
CA ALA P 73 27.61 52.09 -50.27
C ALA P 73 26.72 52.22 -51.51
N ARG P 74 25.79 53.17 -51.45
CA ARG P 74 24.97 53.56 -52.59
C ARG P 74 25.48 54.91 -53.06
N VAL P 75 25.91 54.99 -54.30
CA VAL P 75 26.45 56.23 -54.84
C VAL P 75 25.46 56.89 -55.80
N SER P 76 25.13 58.14 -55.49
CA SER P 76 24.20 58.95 -56.28
C SER P 76 24.83 59.37 -57.59
N LEU P 77 24.15 59.03 -58.69
CA LEU P 77 24.64 59.33 -60.03
C LEU P 77 23.94 60.57 -60.58
N PRO P 78 24.65 61.37 -61.39
CA PRO P 78 24.07 62.55 -62.04
C PRO P 78 22.73 62.25 -62.70
N MET P 79 21.71 63.05 -62.37
CA MET P 79 20.35 62.90 -62.90
C MET P 79 20.36 63.00 -64.42
N LEU P 80 19.39 62.34 -65.07
CA LEU P 80 19.43 62.21 -66.53
C LEU P 80 18.20 62.72 -67.30
N ASN P 81 17.07 62.83 -66.62
CA ASN P 81 15.80 63.15 -67.28
C ASN P 81 15.02 64.28 -66.61
N ASP P 87 8.54 58.08 -70.93
CA ASP P 87 8.24 56.65 -71.01
C ASP P 87 9.43 55.79 -71.49
N THR P 88 10.33 56.41 -72.24
CA THR P 88 11.57 55.81 -72.70
C THR P 88 12.72 56.73 -72.29
N LEU P 89 13.69 56.20 -71.55
CA LEU P 89 14.67 57.06 -70.87
C LEU P 89 16.10 56.51 -70.75
N GLN P 90 17.01 57.41 -70.41
CA GLN P 90 18.44 57.12 -70.22
C GLN P 90 18.75 56.57 -68.82
N MET P 91 19.53 55.50 -68.77
CA MET P 91 20.02 54.93 -67.51
C MET P 91 21.54 54.81 -67.56
N TRP P 92 22.18 54.93 -66.40
CA TRP P 92 23.60 54.64 -66.31
C TRP P 92 23.82 53.12 -66.34
N GLU P 93 24.82 52.69 -67.10
CA GLU P 93 25.15 51.29 -67.26
C GLU P 93 26.61 51.07 -66.86
N ALA P 94 26.84 50.25 -65.84
CA ALA P 94 28.20 49.94 -65.40
C ALA P 94 28.86 48.90 -66.33
N ILE P 95 30.00 49.26 -66.91
CA ILE P 95 30.64 48.43 -67.93
C ILE P 95 31.99 47.80 -67.53
N SER P 96 32.66 48.39 -66.55
CA SER P 96 33.92 47.86 -66.07
C SER P 96 34.31 48.46 -64.72
N VAL P 97 35.29 47.84 -64.07
CA VAL P 97 35.75 48.29 -62.76
C VAL P 97 37.19 47.87 -62.54
N LYS P 98 37.99 48.79 -62.02
CA LYS P 98 39.29 48.45 -61.42
C LYS P 98 39.14 48.39 -59.89
N THR P 99 39.38 47.24 -59.30
CA THR P 99 39.29 47.10 -57.84
C THR P 99 40.57 46.50 -57.23
N GLU P 100 40.83 46.84 -55.96
CA GLU P 100 42.12 46.54 -55.32
C GLU P 100 41.98 46.57 -53.79
N VAL P 101 42.49 45.53 -53.13
CA VAL P 101 42.57 45.53 -51.67
C VAL P 101 43.71 46.49 -51.25
N VAL P 102 43.41 47.42 -50.35
CA VAL P 102 44.40 48.42 -49.88
C VAL P 102 45.13 47.98 -48.60
N GLY P 103 46.44 48.22 -48.56
CA GLY P 103 47.25 48.01 -47.35
C GLY P 103 47.76 46.60 -47.15
N ILE P 104 47.95 45.89 -48.26
CA ILE P 104 48.41 44.50 -48.20
C ILE P 104 49.82 44.44 -47.62
N SER P 105 50.65 45.42 -47.94
CA SER P 105 52.01 45.50 -47.40
C SER P 105 52.10 45.63 -45.88
N SER P 106 51.05 46.13 -45.24
CA SER P 106 51.02 46.26 -43.78
C SER P 106 51.22 44.91 -43.10
N LEU P 107 50.86 43.84 -43.81
CA LEU P 107 50.89 42.49 -43.26
C LEU P 107 52.29 41.84 -43.18
N ILE P 108 53.34 42.58 -43.56
CA ILE P 108 54.70 42.07 -43.33
C ILE P 108 55.18 42.33 -41.89
N ASN P 109 54.39 43.07 -41.11
CA ASN P 109 54.65 43.34 -39.69
C ASN P 109 54.57 42.05 -38.87
N VAL P 110 55.73 41.58 -38.44
CA VAL P 110 55.81 40.40 -37.58
C VAL P 110 56.32 40.74 -36.18
N HIS P 111 56.10 42.00 -35.77
CA HIS P 111 56.58 42.53 -34.49
C HIS P 111 55.52 43.36 -33.77
N TYR P 112 54.26 42.93 -33.89
CA TYR P 112 53.19 43.51 -33.08
C TYR P 112 53.51 43.17 -31.62
N TRP P 113 53.36 44.14 -30.72
CA TRP P 113 53.88 44.01 -29.35
C TRP P 113 53.40 42.74 -28.62
N ASP P 114 52.16 42.32 -28.87
CA ASP P 114 51.59 41.13 -28.21
C ASP P 114 51.37 39.95 -29.16
N MET P 115 52.27 39.80 -30.12
CA MET P 115 52.23 38.69 -31.08
C MET P 115 52.79 37.38 -30.55
N LYS P 116 52.06 36.29 -30.79
CA LYS P 116 52.60 34.95 -30.55
C LYS P 116 53.86 34.67 -31.40
N ARG P 117 54.91 34.14 -30.77
CA ARG P 117 56.14 33.77 -31.46
C ARG P 117 56.05 32.42 -32.14
N VAL P 118 56.71 32.28 -33.29
CA VAL P 118 56.79 30.97 -33.97
C VAL P 118 57.58 29.94 -33.14
N HIS P 119 58.57 30.43 -32.39
CA HIS P 119 59.33 29.65 -31.41
C HIS P 119 60.08 30.65 -30.52
N ASP P 120 60.69 30.16 -29.44
CA ASP P 120 61.39 31.02 -28.51
C ASP P 120 62.40 31.92 -29.20
N TYR P 121 62.30 33.22 -28.92
CA TYR P 121 63.22 34.26 -29.44
C TYR P 121 63.02 34.62 -30.92
N GLY P 122 61.99 34.03 -31.53
CA GLY P 122 61.71 34.27 -32.94
C GLY P 122 60.70 35.38 -33.20
N ALA P 123 60.34 35.53 -34.46
CA ALA P 123 59.37 36.53 -34.89
C ALA P 123 57.94 36.12 -34.55
N GLY P 124 57.03 37.08 -34.64
CA GLY P 124 55.61 36.79 -34.48
C GLY P 124 55.07 35.98 -35.64
N ILE P 125 54.01 35.20 -35.40
CA ILE P 125 53.28 34.55 -36.48
C ILE P 125 52.50 35.63 -37.25
N PRO P 126 52.73 35.75 -38.57
CA PRO P 126 52.04 36.82 -39.35
C PRO P 126 50.57 36.51 -39.56
N VAL P 127 49.81 37.55 -39.89
CA VAL P 127 48.39 37.39 -40.19
C VAL P 127 48.20 36.34 -41.28
N SER P 128 47.47 35.28 -40.95
CA SER P 128 47.28 34.13 -41.85
C SER P 128 46.11 33.29 -41.38
N GLY P 129 45.72 32.28 -42.16
CA GLY P 129 44.59 31.43 -41.79
C GLY P 129 43.38 31.74 -42.66
N VAL P 130 42.21 31.76 -42.05
CA VAL P 130 40.93 31.99 -42.74
C VAL P 130 40.92 33.25 -43.60
N ASN P 131 40.56 33.10 -44.87
CA ASN P 131 40.43 34.26 -45.78
C ASN P 131 39.06 34.28 -46.43
N TYR P 132 38.48 35.46 -46.61
CA TYR P 132 37.20 35.58 -47.33
C TYR P 132 37.23 36.86 -48.14
N HIS P 133 37.05 36.74 -49.46
CA HIS P 133 37.06 37.90 -50.36
C HIS P 133 35.89 37.86 -51.32
N MET P 134 35.14 38.95 -51.37
CA MET P 134 34.08 39.14 -52.34
C MET P 134 33.93 40.62 -52.68
N PHE P 135 33.58 40.90 -53.95
CA PHE P 135 33.00 42.19 -54.29
C PHE P 135 31.82 42.03 -55.28
N ALA P 136 30.96 43.05 -55.28
CA ALA P 136 29.79 43.12 -56.17
C ALA P 136 29.59 44.55 -56.67
N ILE P 137 29.13 44.67 -57.92
CA ILE P 137 28.65 45.92 -58.49
C ILE P 137 27.26 45.65 -59.06
N GLY P 138 26.32 46.56 -58.80
CA GLY P 138 24.92 46.37 -59.19
C GLY P 138 24.14 47.67 -59.28
N GLY P 139 23.00 47.62 -59.98
CA GLY P 139 22.08 48.76 -60.09
C GLY P 139 20.97 48.76 -59.04
N GLU P 140 20.97 47.73 -58.20
CA GLU P 140 20.08 47.62 -57.06
C GLU P 140 20.83 46.87 -55.94
N PRO P 141 20.27 46.82 -54.71
CA PRO P 141 20.94 46.11 -53.62
C PRO P 141 21.22 44.64 -53.92
N LEU P 142 22.35 44.15 -53.41
CA LEU P 142 22.74 42.75 -53.57
C LEU P 142 21.76 41.82 -52.85
N ASP P 143 21.29 40.79 -53.55
CA ASP P 143 20.39 39.81 -52.99
C ASP P 143 21.15 38.77 -52.18
N LEU P 144 20.67 38.50 -50.96
CA LEU P 144 21.35 37.57 -50.04
C LEU P 144 20.52 36.34 -49.69
N GLN P 145 21.20 35.20 -49.50
CA GLN P 145 20.59 33.98 -49.00
C GLN P 145 21.18 33.65 -47.62
N GLY P 146 20.33 33.23 -46.68
CA GLY P 146 20.79 32.87 -45.35
C GLY P 146 21.10 31.39 -45.23
N LEU P 147 22.27 31.08 -44.66
CA LEU P 147 22.63 29.72 -44.29
C LEU P 147 23.73 29.77 -43.22
N VAL P 148 23.51 29.04 -42.12
CA VAL P 148 24.45 29.03 -40.98
C VAL P 148 24.99 27.64 -40.67
N LEU P 149 26.17 27.59 -40.06
CA LEU P 149 26.82 26.34 -39.65
C LEU P 149 26.00 25.59 -38.59
N ASP P 150 25.49 26.34 -37.60
CA ASP P 150 24.65 25.77 -36.50
C ASP P 150 23.33 26.58 -36.31
N TYR P 151 22.20 25.92 -36.51
CA TYR P 151 20.89 26.59 -36.40
C TYR P 151 20.51 27.01 -34.98
N GLN P 152 21.12 26.38 -33.98
CA GLN P 152 20.84 26.68 -32.56
C GLN P 152 21.55 27.95 -32.05
N THR P 153 22.46 28.50 -32.83
CA THR P 153 23.15 29.75 -32.48
C THR P 153 22.15 30.85 -32.14
N GLN P 154 22.38 31.54 -31.02
CA GLN P 154 21.53 32.66 -30.64
C GLN P 154 22.25 33.97 -30.95
N TYR P 155 21.91 34.54 -32.11
CA TYR P 155 22.50 35.80 -32.56
C TYR P 155 21.88 36.98 -31.80
N PRO P 156 22.68 38.04 -31.55
CA PRO P 156 22.15 39.20 -30.85
C PRO P 156 20.91 39.75 -31.56
N LYS P 157 19.88 40.11 -30.80
CA LYS P 157 18.69 40.74 -31.36
C LYS P 157 19.01 42.19 -31.73
N THR P 158 18.38 42.68 -32.79
CA THR P 158 18.64 44.02 -33.36
C THR P 158 18.95 45.12 -32.32
N PRO P 163 22.70 44.04 -35.84
CA PRO P 163 22.99 42.93 -36.76
C PRO P 163 21.74 42.21 -37.20
N ILE P 164 21.51 42.19 -38.51
CA ILE P 164 20.35 41.52 -39.09
C ILE P 164 20.68 40.07 -39.47
N THR P 165 19.94 39.13 -38.89
CA THR P 165 20.12 37.70 -39.16
C THR P 165 18.80 37.04 -39.57
N ILE P 166 18.79 35.72 -39.69
CA ILE P 166 17.65 35.00 -40.26
C ILE P 166 16.38 35.14 -39.40
N GLU P 167 16.57 35.03 -38.08
CA GLU P 167 15.49 35.23 -37.11
C GLU P 167 14.94 36.67 -37.20
N THR P 168 15.84 37.63 -37.39
CA THR P 168 15.46 39.03 -37.60
C THR P 168 14.55 39.18 -38.83
N VAL P 169 14.80 38.39 -39.86
CA VAL P 169 14.02 38.50 -41.09
C VAL P 169 12.75 37.64 -41.05
N LEU P 170 12.85 36.41 -40.55
CA LEU P 170 11.70 35.52 -40.54
C LEU P 170 10.65 35.87 -39.48
N GLY P 171 11.10 36.46 -38.37
CA GLY P 171 10.22 36.78 -37.25
C GLY P 171 9.87 35.56 -36.43
N ARG P 172 10.77 34.57 -36.44
CA ARG P 172 10.60 33.31 -35.73
C ARG P 172 11.94 32.59 -35.67
N LYS P 173 12.01 31.54 -34.85
CA LYS P 173 13.24 30.79 -34.60
C LYS P 173 13.72 29.98 -35.81
N MET P 174 15.04 29.97 -36.03
CA MET P 174 15.68 29.08 -37.00
C MET P 174 15.39 27.62 -36.63
N THR P 175 15.22 26.79 -37.63
CA THR P 175 14.98 25.35 -37.46
C THR P 175 16.09 24.58 -38.20
N PRO P 176 16.14 23.24 -38.04
CA PRO P 176 17.22 22.49 -38.69
C PRO P 176 17.42 22.79 -40.18
N LYS P 177 16.36 23.18 -40.88
CA LYS P 177 16.45 23.46 -42.31
C LYS P 177 17.34 24.65 -42.66
N ASN P 178 17.62 25.53 -41.70
CA ASN P 178 18.53 26.67 -41.97
C ASN P 178 20.03 26.30 -41.99
N GLN P 179 20.32 25.01 -41.85
CA GLN P 179 21.68 24.53 -42.03
C GLN P 179 21.92 24.15 -43.50
N GLY P 180 20.83 24.04 -44.25
CA GLY P 180 20.87 23.91 -45.71
C GLY P 180 20.17 25.12 -46.32
N LEU P 181 19.81 25.03 -47.60
CA LEU P 181 19.14 26.13 -48.28
C LEU P 181 17.62 26.16 -48.02
N ASP P 182 17.16 27.27 -47.43
CA ASP P 182 15.75 27.53 -47.16
C ASP P 182 15.34 28.81 -47.91
N PRO P 183 14.47 28.66 -48.91
CA PRO P 183 14.11 29.75 -49.82
C PRO P 183 13.41 30.94 -49.16
N GLN P 184 13.00 30.79 -47.91
CA GLN P 184 12.37 31.90 -47.19
C GLN P 184 13.39 32.78 -46.47
N ALA P 185 14.62 32.28 -46.36
CA ALA P 185 15.67 32.97 -45.63
C ALA P 185 16.48 33.84 -46.58
N LYS P 186 15.90 34.98 -46.94
CA LYS P 186 16.49 35.89 -47.93
C LYS P 186 16.39 37.30 -47.42
N ALA P 187 17.20 38.19 -47.98
CA ALA P 187 17.24 39.59 -47.57
C ALA P 187 18.05 40.34 -48.59
N LYS P 188 18.30 41.62 -48.31
CA LYS P 188 18.95 42.53 -49.22
C LYS P 188 20.06 43.32 -48.54
N LEU P 189 21.21 43.41 -49.19
CA LEU P 189 22.33 44.12 -48.60
C LEU P 189 22.14 45.63 -48.76
N ASP P 190 21.41 46.24 -47.82
CA ASP P 190 21.12 47.67 -47.86
C ASP P 190 21.74 48.51 -46.73
N LYS P 191 22.40 47.84 -45.77
CA LYS P 191 23.02 48.53 -44.62
C LYS P 191 24.47 48.12 -44.36
N ASP P 192 25.34 49.12 -44.18
CA ASP P 192 26.78 48.92 -43.92
C ASP P 192 27.00 48.32 -42.52
N GLY P 193 27.90 47.34 -42.45
CA GLY P 193 28.24 46.68 -41.18
C GLY P 193 27.08 46.07 -40.41
N ASN P 194 26.04 45.65 -41.12
CA ASN P 194 24.85 45.10 -40.48
C ASN P 194 24.52 43.64 -40.80
N TYR P 195 25.05 43.11 -41.91
CA TYR P 195 24.76 41.73 -42.28
C TYR P 195 25.99 40.81 -42.08
N PRO P 196 25.93 39.94 -41.06
CA PRO P 196 27.06 39.05 -40.80
C PRO P 196 27.39 38.10 -41.96
N ILE P 197 28.68 38.01 -42.28
CA ILE P 197 29.19 37.14 -43.33
C ILE P 197 28.87 35.66 -43.10
N GLU P 198 28.98 35.21 -41.85
CA GLU P 198 28.74 33.80 -41.53
C GLU P 198 27.28 33.41 -41.67
N VAL P 199 26.41 34.41 -41.76
CA VAL P 199 24.98 34.15 -41.92
C VAL P 199 24.52 34.28 -43.38
N TRP P 200 25.08 35.25 -44.10
CA TRP P 200 24.58 35.61 -45.43
C TRP P 200 25.63 35.43 -46.54
N CYS P 201 25.20 34.85 -47.66
CA CYS P 201 26.00 34.76 -48.89
C CYS P 201 25.17 35.35 -50.04
N PRO P 202 25.82 35.66 -51.19
CA PRO P 202 25.03 36.17 -52.32
C PRO P 202 24.06 35.11 -52.84
N ASP P 203 22.87 35.56 -53.23
CA ASP P 203 21.83 34.68 -53.71
C ASP P 203 21.96 34.46 -55.23
N PRO P 204 22.30 33.22 -55.64
CA PRO P 204 22.50 32.92 -57.06
C PRO P 204 21.18 32.82 -57.84
N SER P 205 20.07 32.63 -57.14
CA SER P 205 18.77 32.53 -57.80
C SER P 205 18.20 33.90 -58.18
N LYS P 206 18.91 34.97 -57.83
CA LYS P 206 18.48 36.33 -58.13
C LYS P 206 19.65 37.09 -58.72
N ASN P 207 19.82 38.36 -58.32
CA ASN P 207 20.99 39.14 -58.69
C ASN P 207 21.22 39.29 -60.20
N GLU P 208 20.11 39.31 -60.94
CA GLU P 208 20.11 39.46 -62.38
C GLU P 208 20.72 40.81 -62.80
N ASN P 209 20.61 41.82 -61.94
CA ASN P 209 21.11 43.16 -62.22
C ASN P 209 22.33 43.52 -61.33
N SER P 210 23.10 42.51 -60.95
CA SER P 210 24.39 42.67 -60.23
C SER P 210 25.43 41.62 -60.67
N ARG P 211 26.71 41.99 -60.56
CA ARG P 211 27.79 41.03 -60.77
C ARG P 211 28.57 40.85 -59.46
N TYR P 212 28.75 39.61 -59.04
CA TYR P 212 29.54 39.36 -57.83
C TYR P 212 30.63 38.31 -58.06
N TYR P 213 31.77 38.49 -57.39
CA TYR P 213 32.92 37.60 -57.48
C TYR P 213 33.47 37.39 -56.06
N GLY P 214 33.71 36.14 -55.68
CA GLY P 214 34.22 35.84 -54.33
C GLY P 214 34.95 34.51 -54.18
N SER P 215 35.61 34.32 -53.03
CA SER P 215 36.31 33.07 -52.67
C SER P 215 36.51 32.90 -51.16
N ILE P 216 36.63 31.64 -50.73
CA ILE P 216 37.04 31.30 -49.37
C ILE P 216 38.32 30.42 -49.31
N GLN P 217 38.95 30.43 -48.13
CA GLN P 217 40.17 29.68 -47.82
C GLN P 217 40.13 29.37 -46.32
N THR P 218 40.11 28.09 -45.95
CA THR P 218 40.09 27.75 -44.51
C THR P 218 41.43 27.26 -43.99
N GLY P 219 41.44 26.71 -42.77
CA GLY P 219 42.69 26.32 -42.11
C GLY P 219 43.16 27.39 -41.13
N SER P 220 44.02 26.98 -40.21
CA SER P 220 44.40 27.84 -39.09
C SER P 220 45.45 28.86 -39.45
N GLN P 221 46.53 28.40 -40.09
CA GLN P 221 47.72 29.22 -40.39
C GLN P 221 48.07 29.22 -41.88
N THR P 222 47.07 28.92 -42.71
CA THR P 222 47.20 28.91 -44.15
C THR P 222 47.72 30.27 -44.66
N PRO P 223 48.75 30.26 -45.52
CA PRO P 223 49.31 31.53 -45.96
C PRO P 223 48.27 32.45 -46.59
N THR P 224 48.37 33.75 -46.27
CA THR P 224 47.58 34.73 -46.97
C THR P 224 48.38 35.12 -48.22
N VAL P 225 47.75 34.94 -49.38
CA VAL P 225 48.34 35.18 -50.69
C VAL P 225 47.44 36.12 -51.49
N LEU P 226 47.91 37.33 -51.74
CA LEU P 226 47.11 38.36 -52.44
C LEU P 226 47.96 39.10 -53.46
N GLN P 227 47.33 39.54 -54.55
CA GLN P 227 48.01 40.31 -55.59
C GLN P 227 47.45 41.72 -55.64
N PHE P 228 48.26 42.66 -56.10
CA PHE P 228 47.80 44.02 -56.36
C PHE P 228 48.47 44.63 -57.60
N SER P 229 47.67 45.27 -58.43
CA SER P 229 48.14 45.85 -59.70
C SER P 229 47.09 46.83 -60.22
N ASN P 230 47.51 48.03 -60.64
CA ASN P 230 46.59 49.00 -61.30
C ASN P 230 46.29 48.71 -62.79
N THR P 231 46.61 47.51 -63.27
CA THR P 231 46.42 47.16 -64.68
C THR P 231 45.30 46.16 -64.89
N LEU P 232 44.72 45.66 -63.81
CA LEU P 232 43.67 44.62 -63.90
C LEU P 232 42.25 45.17 -63.90
N THR P 233 41.54 44.93 -64.99
CA THR P 233 40.17 45.42 -65.19
C THR P 233 39.19 44.24 -65.27
N THR P 234 38.03 44.39 -64.63
CA THR P 234 36.96 43.43 -64.74
C THR P 234 35.82 44.00 -65.57
N VAL P 235 35.57 43.37 -66.70
CA VAL P 235 34.46 43.71 -67.60
C VAL P 235 33.13 43.26 -66.97
N LEU P 236 32.17 44.18 -66.87
CA LEU P 236 30.91 43.89 -66.19
C LEU P 236 29.73 43.55 -67.10
N LEU P 237 29.93 43.58 -68.42
CA LEU P 237 28.88 43.21 -69.37
C LEU P 237 28.56 41.72 -69.27
N ASP P 238 27.28 41.37 -69.43
CA ASP P 238 26.88 39.97 -69.51
C ASP P 238 27.07 39.40 -70.91
N GLU P 239 26.57 38.19 -71.12
CA GLU P 239 26.70 37.46 -72.38
C GLU P 239 25.98 38.12 -73.56
N ASN P 240 25.13 39.11 -73.28
CA ASN P 240 24.44 39.89 -74.33
C ASN P 240 25.01 41.28 -74.51
N GLY P 241 26.00 41.62 -73.68
CA GLY P 241 26.70 42.89 -73.80
C GLY P 241 26.08 44.01 -72.99
N VAL P 242 25.27 43.64 -71.99
CA VAL P 242 24.64 44.62 -71.12
C VAL P 242 25.19 44.53 -69.68
N GLY P 243 25.61 45.67 -69.13
CA GLY P 243 26.05 45.76 -67.75
C GLY P 243 24.87 45.95 -66.80
N PRO P 244 25.14 46.07 -65.49
CA PRO P 244 24.06 46.40 -64.54
C PRO P 244 23.48 47.79 -64.83
N LEU P 245 22.15 47.89 -64.73
CA LEU P 245 21.44 49.13 -65.02
C LEU P 245 20.96 49.82 -63.74
N CYS P 246 21.41 51.06 -63.55
CA CYS P 246 21.12 51.78 -62.34
C CYS P 246 19.70 52.35 -62.36
N LYS P 247 18.75 51.53 -61.91
CA LYS P 247 17.34 51.93 -61.81
C LYS P 247 17.14 52.85 -60.63
N GLY P 248 17.03 54.14 -60.90
CA GLY P 248 16.91 55.13 -59.84
C GLY P 248 18.18 55.93 -59.58
N ASP P 249 19.10 55.92 -60.54
CA ASP P 249 20.35 56.71 -60.47
C ASP P 249 21.26 56.41 -59.27
N GLY P 250 21.24 55.17 -58.81
CA GLY P 250 22.10 54.75 -57.70
C GLY P 250 22.91 53.51 -58.01
N LEU P 251 24.22 53.61 -57.80
CA LEU P 251 25.14 52.48 -57.96
C LEU P 251 25.44 51.80 -56.62
N PHE P 252 25.23 50.50 -56.57
CA PHE P 252 25.40 49.72 -55.33
C PHE P 252 26.70 48.92 -55.33
N ILE P 253 27.57 49.25 -54.37
CA ILE P 253 28.88 48.61 -54.26
C ILE P 253 28.98 47.85 -52.93
N SER P 254 29.40 46.59 -52.99
CA SER P 254 29.43 45.70 -51.83
C SER P 254 30.75 44.91 -51.79
N CYS P 255 31.28 44.66 -50.59
CA CYS P 255 32.51 43.85 -50.46
C CYS P 255 32.77 43.32 -49.06
N ALA P 256 33.67 42.34 -48.99
CA ALA P 256 34.19 41.81 -47.75
C ALA P 256 35.63 41.38 -48.02
N ASP P 257 36.52 41.57 -47.05
CA ASP P 257 37.94 41.18 -47.20
C ASP P 257 38.60 40.79 -45.88
N ILE P 258 38.31 39.56 -45.44
CA ILE P 258 38.98 38.99 -44.29
C ILE P 258 40.32 38.44 -44.75
N VAL P 259 41.41 38.84 -44.08
CA VAL P 259 42.78 38.48 -44.50
C VAL P 259 43.54 37.59 -43.51
N GLY P 260 42.88 37.14 -42.44
CA GLY P 260 43.51 36.21 -41.49
C GLY P 260 43.39 36.53 -40.01
N PHE P 261 44.16 35.80 -39.19
CA PHE P 261 44.12 35.93 -37.73
C PHE P 261 45.31 36.69 -37.20
N LEU P 262 45.08 37.56 -36.22
CA LEU P 262 46.14 38.07 -35.38
C LEU P 262 46.28 37.06 -34.25
N PHE P 263 47.46 36.47 -34.13
CA PHE P 263 47.76 35.46 -33.10
C PHE P 263 48.40 36.15 -31.91
N LYS P 264 47.76 36.06 -30.74
CA LYS P 264 48.23 36.78 -29.55
C LYS P 264 49.05 35.88 -28.65
N THR P 265 49.99 36.49 -27.92
CA THR P 265 50.92 35.76 -27.03
C THR P 265 50.22 34.66 -26.21
N SER P 266 49.02 34.94 -25.73
CA SER P 266 48.29 34.03 -24.86
C SER P 266 47.70 32.79 -25.55
N GLY P 267 47.57 32.84 -26.88
CA GLY P 267 46.85 31.82 -27.63
C GLY P 267 45.51 32.33 -28.18
N LYS P 268 45.09 33.50 -27.71
CA LYS P 268 43.87 34.14 -28.23
C LYS P 268 44.05 34.52 -29.71
N MET P 269 42.94 34.51 -30.47
CA MET P 269 42.99 34.78 -31.92
C MET P 269 41.85 35.68 -32.40
N ALA P 270 42.17 36.66 -33.23
CA ALA P 270 41.16 37.56 -33.77
C ALA P 270 41.32 37.72 -35.29
N LEU P 271 40.20 37.90 -35.99
CA LEU P 271 40.20 38.11 -37.45
C LEU P 271 40.41 39.59 -37.77
N HIS P 272 40.99 39.83 -38.94
CA HIS P 272 41.42 41.15 -39.40
C HIS P 272 40.93 41.33 -40.85
N GLY P 273 40.60 42.56 -41.21
CA GLY P 273 40.14 42.86 -42.56
C GLY P 273 40.86 44.06 -43.12
N LEU P 274 40.79 44.22 -44.43
CA LEU P 274 41.42 45.37 -45.10
C LEU P 274 40.42 46.11 -45.98
N PRO P 275 40.67 47.42 -46.23
CA PRO P 275 39.81 48.24 -47.08
C PRO P 275 39.93 47.90 -48.58
N ARG P 276 38.91 48.27 -49.34
CA ARG P 276 38.90 48.04 -50.79
C ARG P 276 38.59 49.32 -51.57
N TYR P 277 39.31 49.48 -52.68
CA TYR P 277 39.10 50.62 -53.59
C TYR P 277 38.36 50.17 -54.85
N PHE P 278 37.54 51.08 -55.38
CA PHE P 278 36.78 50.86 -56.60
C PHE P 278 36.89 52.06 -57.55
N ASN P 279 37.04 51.76 -58.85
CA ASN P 279 36.97 52.75 -59.91
C ASN P 279 36.11 52.16 -61.02
N VAL P 280 34.85 52.60 -61.07
CA VAL P 280 33.83 52.03 -61.96
C VAL P 280 33.55 52.95 -63.15
N THR P 281 33.56 52.37 -64.34
CA THR P 281 33.24 53.12 -65.57
C THR P 281 31.79 52.87 -65.96
N LEU P 282 31.06 53.96 -66.20
CA LEU P 282 29.67 53.90 -66.64
C LEU P 282 29.41 54.68 -67.92
N ARG P 283 28.44 54.21 -68.70
CA ARG P 283 27.94 54.93 -69.88
C ARG P 283 26.41 55.02 -69.84
N LYS P 284 25.86 55.96 -70.62
CA LYS P 284 24.41 56.13 -70.72
C LYS P 284 23.81 55.13 -71.71
N ARG P 285 22.65 54.58 -71.36
CA ARG P 285 21.98 53.60 -72.19
C ARG P 285 20.49 53.94 -72.30
N TRP P 286 19.95 53.91 -73.52
CA TRP P 286 18.51 54.06 -73.74
C TRP P 286 17.76 52.81 -73.27
N VAL P 287 16.67 53.02 -72.54
CA VAL P 287 15.80 51.92 -72.09
C VAL P 287 14.31 52.29 -72.18
N LYS P 288 13.48 51.28 -72.34
CA LYS P 288 12.03 51.47 -72.41
C LYS P 288 11.34 50.94 -71.15
N VAL Q 9 47.37 67.37 -70.30
CA VAL Q 9 48.18 66.37 -71.07
C VAL Q 9 47.34 65.59 -72.09
N GLU Q 10 47.53 65.90 -73.37
CA GLU Q 10 46.85 65.17 -74.44
C GLU Q 10 47.84 64.46 -75.37
N VAL Q 11 47.55 63.20 -75.66
CA VAL Q 11 48.46 62.32 -76.39
C VAL Q 11 48.19 62.31 -77.90
N LEU Q 12 49.24 62.55 -78.67
CA LEU Q 12 49.17 62.55 -80.13
C LEU Q 12 49.87 61.31 -80.73
N SER Q 13 50.47 61.47 -81.90
CA SER Q 13 51.00 60.34 -82.66
C SER Q 13 52.40 59.90 -82.21
N VAL Q 14 52.66 58.60 -82.36
CA VAL Q 14 53.99 58.01 -82.16
C VAL Q 14 54.95 58.57 -83.22
N VAL Q 15 56.12 59.01 -82.77
CA VAL Q 15 57.13 59.57 -83.67
C VAL Q 15 57.69 58.47 -84.57
N THR Q 16 57.99 58.84 -85.81
CA THR Q 16 58.65 57.96 -86.76
C THR Q 16 60.05 58.49 -87.05
N GLY Q 17 61.03 57.60 -87.13
CA GLY Q 17 62.41 58.01 -87.40
C GLY Q 17 63.48 57.01 -87.05
N GLU Q 18 64.73 57.49 -87.05
CA GLU Q 18 65.90 56.67 -86.81
C GLU Q 18 66.06 56.33 -85.33
N ASP Q 19 66.26 57.35 -84.50
CA ASP Q 19 66.58 57.17 -83.09
C ASP Q 19 65.34 57.12 -82.18
N SER Q 20 64.19 56.79 -82.76
CA SER Q 20 62.90 56.89 -82.05
C SER Q 20 62.65 55.85 -80.95
N ILE Q 21 63.37 54.73 -81.00
CA ILE Q 21 63.31 53.70 -79.98
C ILE Q 21 64.59 53.67 -79.14
N THR Q 22 64.44 53.56 -77.83
CA THR Q 22 65.58 53.49 -76.90
C THR Q 22 65.43 52.33 -75.90
N GLN Q 23 66.54 51.96 -75.27
CA GLN Q 23 66.54 50.92 -74.24
C GLN Q 23 67.33 51.35 -73.01
N ILE Q 24 66.76 51.11 -71.82
CA ILE Q 24 67.37 51.49 -70.54
C ILE Q 24 67.57 50.27 -69.60
N GLU Q 25 68.81 50.09 -69.14
CA GLU Q 25 69.19 49.00 -68.22
C GLU Q 25 69.54 49.53 -66.84
N LEU Q 26 69.11 48.79 -65.82
CA LEU Q 26 69.58 49.02 -64.45
C LEU Q 26 69.23 47.90 -63.49
N TYR Q 27 69.79 48.01 -62.29
CA TYR Q 27 69.53 47.09 -61.20
C TYR Q 27 69.38 47.91 -59.94
N LEU Q 28 68.53 47.43 -59.03
CA LEU Q 28 68.34 48.06 -57.73
C LEU Q 28 68.64 47.07 -56.63
N ASN Q 29 69.56 47.44 -55.74
CA ASN Q 29 69.86 46.64 -54.56
C ASN Q 29 68.79 46.83 -53.45
N PRO Q 30 68.43 45.74 -52.75
CA PRO Q 30 67.36 45.85 -51.74
C PRO Q 30 67.72 46.81 -50.60
N ARG Q 31 66.69 47.37 -49.96
CA ARG Q 31 66.87 48.19 -48.77
C ARG Q 31 66.08 47.59 -47.59
N MET Q 32 66.68 46.59 -46.94
CA MET Q 32 66.02 45.80 -45.91
C MET Q 32 66.09 46.38 -44.50
N GLY Q 33 66.93 47.40 -44.30
CA GLY Q 33 67.17 47.92 -42.97
C GLY Q 33 68.63 48.26 -42.79
N VAL Q 34 69.49 47.28 -43.07
CA VAL Q 34 70.92 47.53 -43.22
C VAL Q 34 71.15 47.78 -44.71
N ASN Q 35 71.16 49.06 -45.07
CA ASN Q 35 71.00 49.49 -46.46
C ASN Q 35 72.28 49.83 -47.21
N SER Q 36 73.43 49.70 -46.55
CA SER Q 36 74.70 50.01 -47.20
C SER Q 36 75.76 48.96 -46.95
N PRO Q 37 76.57 48.65 -47.99
CA PRO Q 37 77.74 47.78 -47.80
C PRO Q 37 78.98 48.59 -47.46
N ASP Q 38 78.82 49.91 -47.31
CA ASP Q 38 79.94 50.84 -47.11
C ASP Q 38 80.30 51.11 -45.64
N LEU Q 39 79.35 50.89 -44.73
CA LEU Q 39 79.56 51.18 -43.31
C LEU Q 39 80.44 50.13 -42.61
N PRO Q 40 81.50 50.60 -41.91
CA PRO Q 40 82.59 49.76 -41.38
C PRO Q 40 82.13 48.51 -40.60
N THR Q 41 81.20 48.70 -39.65
CA THR Q 41 80.84 47.64 -38.71
C THR Q 41 79.56 46.89 -39.07
N THR Q 42 78.51 47.63 -39.41
CA THR Q 42 77.17 47.09 -39.59
C THR Q 42 76.94 46.32 -40.89
N SER Q 43 77.69 46.69 -41.93
CA SER Q 43 77.49 46.22 -43.30
C SER Q 43 77.55 44.70 -43.54
N ASN Q 44 77.80 43.92 -42.50
CA ASN Q 44 77.84 42.46 -42.65
CA ASN Q 44 77.84 42.46 -42.61
C ASN Q 44 76.44 41.87 -42.77
N TRP Q 45 75.43 42.64 -42.38
CA TRP Q 45 74.02 42.24 -42.49
C TRP Q 45 73.32 43.01 -43.60
N TYR Q 46 74.12 43.49 -44.55
CA TYR Q 46 73.62 44.09 -45.79
C TYR Q 46 72.66 43.13 -46.51
N THR Q 47 71.50 43.66 -46.92
CA THR Q 47 70.37 42.91 -47.54
C THR Q 47 69.57 42.08 -46.53
N TYR Q 48 69.75 42.39 -45.25
CA TYR Q 48 68.99 41.80 -44.15
C TYR Q 48 68.46 42.88 -43.21
N THR Q 49 67.43 42.53 -42.42
CA THR Q 49 67.03 43.31 -41.25
C THR Q 49 67.89 42.89 -40.06
N TYR Q 50 67.67 43.49 -38.89
CA TYR Q 50 68.21 42.93 -37.65
C TYR Q 50 67.25 41.85 -37.18
N ASP Q 51 67.32 41.48 -35.90
CA ASP Q 51 66.45 40.43 -35.39
C ASP Q 51 65.07 40.99 -35.08
N LEU Q 52 64.04 40.28 -35.54
CA LEU Q 52 62.65 40.71 -35.40
C LEU Q 52 61.97 39.92 -34.31
N GLN Q 53 61.47 40.63 -33.31
CA GLN Q 53 60.73 39.98 -32.23
C GLN Q 53 59.65 40.89 -31.67
N PRO Q 54 58.49 40.31 -31.28
CA PRO Q 54 57.49 41.05 -30.50
C PRO Q 54 58.09 41.41 -29.13
N LYS Q 55 57.95 42.67 -28.75
CA LYS Q 55 58.54 43.21 -27.53
C LYS Q 55 57.99 42.53 -26.27
N GLY Q 56 56.69 42.18 -26.27
CA GLY Q 56 56.05 41.57 -25.11
C GLY Q 56 55.32 42.57 -24.22
N SER Q 57 55.65 43.86 -24.38
CA SER Q 57 55.00 44.96 -23.65
C SER Q 57 54.70 46.16 -24.56
N SER Q 58 53.65 46.91 -24.24
CA SER Q 58 53.24 48.12 -24.97
C SER Q 58 54.10 49.34 -24.64
N PRO Q 59 54.39 50.19 -25.64
CA PRO Q 59 54.08 50.05 -27.05
C PRO Q 59 55.27 49.50 -27.83
N ASP Q 60 55.03 49.08 -29.08
CA ASP Q 60 56.12 48.65 -29.96
C ASP Q 60 56.97 49.87 -30.36
N GLN Q 61 58.28 49.76 -30.16
CA GLN Q 61 59.22 50.82 -30.55
C GLN Q 61 60.31 50.27 -31.48
N PRO Q 62 59.99 50.10 -32.78
CA PRO Q 62 60.89 49.44 -33.72
C PRO Q 62 62.06 50.31 -34.17
N ILE Q 63 63.22 49.69 -34.35
CA ILE Q 63 64.43 50.38 -34.83
C ILE Q 63 64.51 50.41 -36.37
N LYS Q 64 65.24 51.39 -36.90
CA LYS Q 64 65.33 51.59 -38.35
C LYS Q 64 65.83 50.37 -39.13
N GLU Q 65 66.67 49.56 -38.49
CA GLU Q 65 67.22 48.34 -39.10
C GLU Q 65 66.21 47.20 -39.26
N ASN Q 66 65.03 47.35 -38.65
CA ASN Q 66 63.97 46.33 -38.73
C ASN Q 66 62.79 46.75 -39.60
N LEU Q 67 63.01 47.73 -40.46
CA LEU Q 67 61.96 48.22 -41.32
C LEU Q 67 62.42 48.19 -42.78
N PRO Q 68 62.13 47.08 -43.49
CA PRO Q 68 62.42 47.04 -44.94
C PRO Q 68 61.72 48.18 -45.67
N ALA Q 69 62.44 48.83 -46.59
CA ALA Q 69 61.91 49.96 -47.35
C ALA Q 69 61.91 49.75 -48.88
N TYR Q 70 61.20 50.59 -49.62
CA TYR Q 70 61.14 50.49 -51.08
C TYR Q 70 62.43 50.98 -51.74
N SER Q 71 62.83 50.34 -52.83
CA SER Q 71 63.96 50.78 -53.63
C SER Q 71 63.41 51.71 -54.69
N VAL Q 72 64.16 52.77 -54.99
CA VAL Q 72 63.77 53.70 -56.07
C VAL Q 72 64.95 54.37 -56.76
N ALA Q 73 64.77 54.67 -58.04
CA ALA Q 73 65.76 55.38 -58.84
C ALA Q 73 65.11 56.12 -59.99
N ARG Q 74 65.62 57.33 -60.26
CA ARG Q 74 65.23 58.08 -61.42
C ARG Q 74 66.33 57.89 -62.46
N VAL Q 75 65.95 57.54 -63.69
CA VAL Q 75 66.92 57.39 -64.77
C VAL Q 75 66.78 58.55 -65.75
N SER Q 76 67.90 59.21 -65.99
CA SER Q 76 67.95 60.34 -66.93
C SER Q 76 67.92 59.82 -68.36
N LEU Q 77 66.98 60.35 -69.16
CA LEU Q 77 66.77 59.90 -70.53
C LEU Q 77 67.25 60.96 -71.55
N PRO Q 78 67.65 60.52 -72.77
CA PRO Q 78 68.14 61.44 -73.81
C PRO Q 78 67.21 62.64 -74.03
N MET Q 79 67.78 63.84 -73.92
CA MET Q 79 67.01 65.08 -74.06
C MET Q 79 66.36 65.18 -75.43
N LEU Q 80 65.09 65.60 -75.45
CA LEU Q 80 64.33 65.65 -76.71
C LEU Q 80 64.07 67.06 -77.21
N ASN Q 81 64.16 68.03 -76.30
CA ASN Q 81 63.93 69.43 -76.64
C ASN Q 81 65.07 70.33 -76.15
N THR Q 88 53.09 71.73 -77.38
CA THR Q 88 53.32 70.57 -78.24
C THR Q 88 54.81 70.22 -78.32
N LEU Q 89 55.14 69.01 -77.83
CA LEU Q 89 56.53 68.54 -77.75
C LEU Q 89 56.64 67.01 -77.79
N GLN Q 90 57.87 66.50 -77.80
CA GLN Q 90 58.16 65.07 -77.75
C GLN Q 90 58.43 64.57 -76.33
N MET Q 91 58.02 63.34 -76.05
CA MET Q 91 58.19 62.71 -74.75
C MET Q 91 58.50 61.22 -74.89
N TRP Q 92 59.24 60.68 -73.92
CA TRP Q 92 59.52 59.25 -73.87
C TRP Q 92 58.34 58.50 -73.28
N GLU Q 93 57.97 57.41 -73.95
CA GLU Q 93 56.85 56.59 -73.55
C GLU Q 93 57.40 55.19 -73.28
N ALA Q 94 57.22 54.70 -72.06
CA ALA Q 94 57.66 53.34 -71.74
C ALA Q 94 56.63 52.35 -72.26
N ILE Q 95 57.08 51.37 -73.04
CA ILE Q 95 56.12 50.49 -73.73
C ILE Q 95 56.20 49.04 -73.28
N SER Q 96 57.37 48.62 -72.83
CA SER Q 96 57.51 47.29 -72.24
C SER Q 96 58.74 47.20 -71.34
N VAL Q 97 58.79 46.14 -70.54
CA VAL Q 97 59.89 45.89 -69.61
C VAL Q 97 60.15 44.39 -69.43
N LYS Q 98 61.43 44.05 -69.38
CA LYS Q 98 61.91 42.75 -68.93
C LYS Q 98 62.51 42.97 -67.56
N THR Q 99 62.00 42.24 -66.57
CA THR Q 99 62.47 42.39 -65.20
C THR Q 99 62.74 41.03 -64.59
N GLU Q 100 63.67 40.98 -63.64
CA GLU Q 100 64.07 39.73 -63.06
C GLU Q 100 64.64 39.94 -61.66
N VAL Q 101 64.32 39.03 -60.76
CA VAL Q 101 64.94 39.01 -59.44
C VAL Q 101 66.25 38.25 -59.54
N VAL Q 102 67.32 38.88 -59.07
CA VAL Q 102 68.69 38.37 -59.26
C VAL Q 102 69.19 37.63 -58.01
N GLY Q 103 69.88 36.52 -58.21
CA GLY Q 103 70.47 35.78 -57.11
C GLY Q 103 69.54 34.77 -56.45
N ILE Q 104 68.52 34.35 -57.19
CA ILE Q 104 67.58 33.36 -56.67
C ILE Q 104 68.30 32.07 -56.28
N SER Q 105 69.26 31.67 -57.09
CA SER Q 105 70.05 30.45 -56.85
C SER Q 105 70.82 30.45 -55.52
N SER Q 106 71.12 31.64 -54.99
CA SER Q 106 71.85 31.73 -53.74
C SER Q 106 71.05 31.15 -52.57
N LEU Q 107 69.73 31.02 -52.76
CA LEU Q 107 68.86 30.54 -51.69
C LEU Q 107 68.81 29.01 -51.56
N ILE Q 108 69.66 28.29 -52.30
CA ILE Q 108 69.80 26.84 -52.02
C ILE Q 108 70.76 26.52 -50.85
N ASN Q 109 71.50 27.53 -50.39
CA ASN Q 109 72.47 27.37 -49.28
C ASN Q 109 71.77 27.02 -47.97
N VAL Q 110 71.88 25.77 -47.54
CA VAL Q 110 71.31 25.32 -46.26
C VAL Q 110 72.40 24.99 -45.21
N HIS Q 111 73.51 25.72 -45.30
CA HIS Q 111 74.67 25.50 -44.44
C HIS Q 111 75.32 26.83 -44.06
N TYR Q 112 74.51 27.85 -43.79
CA TYR Q 112 75.01 29.08 -43.18
C TYR Q 112 75.54 28.71 -41.79
N TRP Q 113 76.66 29.29 -41.38
CA TRP Q 113 77.37 28.82 -40.18
C TRP Q 113 76.54 28.87 -38.90
N ASP Q 114 75.65 29.85 -38.80
CA ASP Q 114 74.80 30.05 -37.63
C ASP Q 114 73.35 29.70 -37.90
N MET Q 115 73.10 28.87 -38.91
CA MET Q 115 71.72 28.49 -39.26
C MET Q 115 71.11 27.56 -38.23
N LYS Q 116 69.85 27.82 -37.87
CA LYS Q 116 69.08 26.89 -37.05
C LYS Q 116 68.76 25.66 -37.90
N ARG Q 117 68.94 24.48 -37.31
CA ARG Q 117 68.71 23.22 -38.02
C ARG Q 117 67.23 22.91 -38.08
N VAL Q 118 66.81 22.12 -39.09
CA VAL Q 118 65.41 21.67 -39.18
C VAL Q 118 65.10 20.65 -38.09
N HIS Q 119 66.07 19.79 -37.78
CA HIS Q 119 66.03 18.92 -36.61
C HIS Q 119 67.46 18.49 -36.24
N ASP Q 120 67.59 17.70 -35.17
CA ASP Q 120 68.91 17.21 -34.72
C ASP Q 120 69.71 16.63 -35.89
N TYR Q 121 70.90 17.18 -36.11
CA TYR Q 121 71.86 16.71 -37.14
C TYR Q 121 71.53 17.12 -38.58
N GLY Q 122 70.36 17.72 -38.79
CA GLY Q 122 69.90 18.05 -40.14
C GLY Q 122 70.54 19.30 -40.71
N ALA Q 123 70.16 19.61 -41.95
CA ALA Q 123 70.56 20.85 -42.60
C ALA Q 123 69.84 22.05 -42.00
N GLY Q 124 70.32 23.25 -42.33
CA GLY Q 124 69.67 24.48 -41.88
C GLY Q 124 68.29 24.66 -42.49
N ILE Q 125 67.42 25.37 -41.78
CA ILE Q 125 66.13 25.77 -42.35
C ILE Q 125 66.37 26.78 -43.47
N PRO Q 126 65.90 26.46 -44.71
CA PRO Q 126 66.10 27.37 -45.84
C PRO Q 126 65.42 28.72 -45.64
N VAL Q 127 65.96 29.76 -46.27
CA VAL Q 127 65.27 31.05 -46.35
C VAL Q 127 63.86 30.85 -46.92
N SER Q 128 62.86 31.16 -46.12
CA SER Q 128 61.46 30.91 -46.45
C SER Q 128 60.59 31.72 -45.51
N GLY Q 129 59.28 31.67 -45.72
CA GLY Q 129 58.32 32.44 -44.92
C GLY Q 129 57.74 33.61 -45.68
N VAL Q 130 57.62 34.75 -45.01
CA VAL Q 130 57.03 35.97 -45.58
C VAL Q 130 57.75 36.42 -46.86
N ASN Q 131 57.00 36.54 -47.95
CA ASN Q 131 57.50 37.13 -49.20
C ASN Q 131 56.65 38.34 -49.56
N TYR Q 132 57.27 39.30 -50.23
CA TYR Q 132 56.60 40.48 -50.76
C TYR Q 132 57.38 40.96 -51.98
N HIS Q 133 56.67 41.07 -53.10
CA HIS Q 133 57.30 41.40 -54.38
C HIS Q 133 56.46 42.43 -55.07
N MET Q 134 57.10 43.52 -55.46
CA MET Q 134 56.44 44.55 -56.24
C MET Q 134 57.46 45.23 -57.14
N PHE Q 135 57.02 45.63 -58.32
CA PHE Q 135 57.80 46.53 -59.14
C PHE Q 135 56.87 47.53 -59.79
N ALA Q 136 57.42 48.69 -60.13
CA ALA Q 136 56.65 49.76 -60.74
C ALA Q 136 57.51 50.53 -61.75
N ILE Q 137 56.89 50.89 -62.89
CA ILE Q 137 57.51 51.74 -63.89
C ILE Q 137 56.56 52.90 -64.10
N GLY Q 138 57.10 54.12 -64.05
CA GLY Q 138 56.29 55.33 -64.18
C GLY Q 138 57.05 56.52 -64.72
N GLY Q 139 56.31 57.52 -65.18
CA GLY Q 139 56.88 58.78 -65.69
C GLY Q 139 57.06 59.85 -64.61
N GLU Q 140 56.54 59.55 -63.41
CA GLU Q 140 56.66 60.42 -62.25
C GLU Q 140 56.69 59.51 -61.00
N PRO Q 141 57.21 60.02 -59.87
CA PRO Q 141 57.29 59.18 -58.66
C PRO Q 141 55.98 58.45 -58.33
N LEU Q 142 56.12 57.26 -57.76
CA LEU Q 142 54.97 56.44 -57.33
C LEU Q 142 54.18 57.10 -56.21
N ASP Q 143 52.85 57.02 -56.29
CA ASP Q 143 51.94 57.53 -55.26
C ASP Q 143 51.68 56.48 -54.18
N LEU Q 144 51.93 56.86 -52.93
CA LEU Q 144 51.81 55.94 -51.77
C LEU Q 144 50.62 56.26 -50.86
N GLN Q 145 50.01 55.21 -50.32
CA GLN Q 145 48.96 55.33 -49.31
C GLN Q 145 49.45 54.64 -48.05
N GLY Q 146 49.22 55.27 -46.90
CA GLY Q 146 49.71 54.74 -45.63
C GLY Q 146 48.64 54.01 -44.87
N LEU Q 147 49.02 52.89 -44.27
CA LEU Q 147 48.13 52.06 -43.44
C LEU Q 147 49.01 51.11 -42.64
N VAL Q 148 48.69 50.94 -41.36
CA VAL Q 148 49.51 50.10 -40.46
C VAL Q 148 48.71 49.04 -39.72
N LEU Q 149 49.40 48.00 -39.25
CA LEU Q 149 48.74 46.95 -38.46
C LEU Q 149 48.25 47.49 -37.11
N ASP Q 150 49.07 48.33 -36.48
CA ASP Q 150 48.78 48.89 -35.17
C ASP Q 150 49.14 50.38 -35.11
N TYR Q 151 48.14 51.21 -34.82
CA TYR Q 151 48.31 52.66 -34.81
C TYR Q 151 49.17 53.21 -33.66
N GLN Q 152 49.36 52.37 -32.62
CA GLN Q 152 50.16 52.76 -31.44
C GLN Q 152 51.67 52.55 -31.57
N THR Q 153 52.13 52.14 -32.74
CA THR Q 153 53.56 51.89 -32.97
C THR Q 153 54.34 53.21 -32.98
N GLN Q 154 55.48 53.24 -32.31
CA GLN Q 154 56.30 54.45 -32.27
C GLN Q 154 57.50 54.32 -33.21
N TYR Q 155 57.28 54.71 -34.47
CA TYR Q 155 58.35 54.70 -35.47
C TYR Q 155 59.32 55.86 -35.21
N PRO Q 156 60.63 55.66 -35.49
CA PRO Q 156 61.63 56.69 -35.27
C PRO Q 156 61.40 57.93 -36.15
N LYS Q 157 61.85 59.10 -35.68
CA LYS Q 157 61.79 60.33 -36.47
C LYS Q 157 63.00 60.44 -37.40
N THR Q 158 62.98 61.44 -38.29
CA THR Q 158 64.08 61.67 -39.24
C THR Q 158 65.34 62.24 -38.56
N GLY Q 162 66.30 59.36 -40.69
CA GLY Q 162 65.78 58.00 -40.60
C GLY Q 162 64.73 57.72 -41.66
N PRO Q 163 63.59 57.10 -41.25
CA PRO Q 163 62.48 56.81 -42.17
C PRO Q 163 61.34 57.82 -42.13
N ILE Q 164 60.58 57.89 -43.23
CA ILE Q 164 59.39 58.71 -43.34
C ILE Q 164 58.15 57.84 -43.13
N THR Q 165 57.41 58.09 -42.05
CA THR Q 165 56.18 57.34 -41.75
C THR Q 165 54.96 58.28 -41.75
N ILE Q 166 53.81 57.82 -41.24
CA ILE Q 166 52.57 58.61 -41.34
C ILE Q 166 52.57 59.87 -40.45
N GLU Q 167 53.16 59.74 -39.26
CA GLU Q 167 53.34 60.86 -38.33
C GLU Q 167 54.13 61.97 -39.05
N THR Q 168 55.22 61.56 -39.70
CA THR Q 168 56.06 62.45 -40.50
C THR Q 168 55.28 63.33 -41.48
N VAL Q 169 54.27 62.76 -42.15
CA VAL Q 169 53.49 63.52 -43.14
C VAL Q 169 52.33 64.30 -42.50
N LEU Q 170 51.65 63.67 -41.54
CA LEU Q 170 50.53 64.32 -40.85
C LEU Q 170 50.99 65.50 -40.01
N GLY Q 171 52.12 65.33 -39.32
CA GLY Q 171 52.66 66.34 -38.42
C GLY Q 171 52.09 66.23 -37.01
N ARG Q 172 51.36 65.13 -36.77
CA ARG Q 172 50.73 64.83 -35.49
C ARG Q 172 50.72 63.32 -35.31
N LYS Q 173 50.41 62.83 -34.12
CA LYS Q 173 50.39 61.39 -33.86
C LYS Q 173 49.27 60.69 -34.61
N MET Q 174 49.50 59.41 -34.95
CA MET Q 174 48.49 58.55 -35.56
C MET Q 174 47.29 58.37 -34.64
N THR Q 175 46.16 58.02 -35.22
CA THR Q 175 44.92 57.68 -34.49
C THR Q 175 44.42 56.31 -35.01
N PRO Q 176 43.36 55.73 -34.39
CA PRO Q 176 42.85 54.44 -34.87
C PRO Q 176 42.42 54.38 -36.34
N LYS Q 177 42.13 55.53 -36.95
CA LYS Q 177 41.68 55.51 -38.35
C LYS Q 177 42.80 55.12 -39.34
N ASN Q 178 44.06 55.28 -38.91
CA ASN Q 178 45.21 54.82 -39.66
C ASN Q 178 45.41 53.28 -39.68
N GLN Q 179 44.46 52.55 -39.11
CA GLN Q 179 44.44 51.08 -39.25
C GLN Q 179 43.57 50.72 -40.45
N GLY Q 180 42.78 51.69 -40.92
CA GLY Q 180 42.03 51.60 -42.16
C GLY Q 180 42.57 52.61 -43.14
N LEU Q 181 41.75 53.01 -44.10
CA LEU Q 181 42.17 53.96 -45.12
C LEU Q 181 41.90 55.42 -44.69
N ASP Q 182 42.97 56.17 -44.44
CA ASP Q 182 42.87 57.60 -44.13
C ASP Q 182 43.36 58.41 -45.33
N PRO Q 183 42.44 59.16 -45.98
CA PRO Q 183 42.76 59.93 -47.19
C PRO Q 183 43.91 60.91 -46.99
N GLN Q 184 44.21 61.26 -45.74
CA GLN Q 184 45.27 62.21 -45.46
C GLN Q 184 46.65 61.56 -45.42
N ALA Q 185 46.67 60.24 -45.25
CA ALA Q 185 47.92 59.48 -45.16
C ALA Q 185 48.48 59.13 -46.54
N LYS Q 186 49.11 60.12 -47.17
CA LYS Q 186 49.58 60.02 -48.56
C LYS Q 186 50.99 60.57 -48.73
N ALA Q 187 51.77 59.95 -49.63
CA ALA Q 187 53.15 60.38 -49.91
C ALA Q 187 53.59 60.00 -51.31
N LYS Q 188 54.75 60.51 -51.71
CA LYS Q 188 55.35 60.17 -53.01
C LYS Q 188 56.68 59.48 -52.76
N LEU Q 189 56.94 58.42 -53.53
CA LEU Q 189 58.14 57.63 -53.35
C LEU Q 189 59.32 58.34 -54.02
N ASP Q 190 59.99 59.19 -53.24
CA ASP Q 190 61.00 60.08 -53.80
C ASP Q 190 62.39 59.86 -53.22
N LYS Q 191 62.53 58.86 -52.36
CA LYS Q 191 63.81 58.63 -51.66
C LYS Q 191 64.08 57.15 -51.43
N ASP Q 192 65.30 56.74 -51.78
CA ASP Q 192 65.72 55.35 -51.67
C ASP Q 192 65.99 54.95 -50.23
N GLY Q 193 65.22 53.98 -49.74
CA GLY Q 193 65.39 53.44 -48.38
C GLY Q 193 64.75 54.25 -47.26
N ASN Q 194 63.78 55.09 -47.59
CA ASN Q 194 63.11 55.91 -46.60
C ASN Q 194 61.65 55.56 -46.30
N TYR Q 195 60.96 54.91 -47.23
CA TYR Q 195 59.54 54.63 -47.04
C TYR Q 195 59.30 53.14 -46.73
N PRO Q 196 59.03 52.83 -45.44
CA PRO Q 196 58.90 51.45 -44.97
C PRO Q 196 57.76 50.71 -45.65
N ILE Q 197 58.01 49.47 -46.04
CA ILE Q 197 57.02 48.62 -46.71
C ILE Q 197 55.77 48.40 -45.84
N GLU Q 198 55.96 48.21 -44.54
CA GLU Q 198 54.85 47.89 -43.63
C GLU Q 198 53.94 49.07 -43.33
N VAL Q 199 54.39 50.28 -43.70
CA VAL Q 199 53.63 51.51 -43.52
C VAL Q 199 52.93 51.94 -44.82
N TRP Q 200 53.61 51.76 -45.95
CA TRP Q 200 53.12 52.30 -47.22
C TRP Q 200 52.82 51.23 -48.28
N CYS Q 201 51.68 51.38 -48.96
CA CYS Q 201 51.36 50.58 -50.15
C CYS Q 201 51.11 51.48 -51.38
N PRO Q 202 51.11 50.92 -52.60
CA PRO Q 202 50.82 51.81 -53.73
C PRO Q 202 49.38 52.30 -53.66
N ASP Q 203 49.18 53.58 -54.00
CA ASP Q 203 47.87 54.22 -53.93
C ASP Q 203 47.03 53.96 -55.20
N PRO Q 204 45.99 53.11 -55.10
CA PRO Q 204 45.17 52.81 -56.29
C PRO Q 204 44.31 53.99 -56.73
N SER Q 205 44.14 54.99 -55.87
CA SER Q 205 43.31 56.15 -56.21
C SER Q 205 44.08 57.14 -57.11
N LYS Q 206 45.36 56.90 -57.30
CA LYS Q 206 46.19 57.75 -58.16
C LYS Q 206 46.98 56.91 -59.19
N ASN Q 207 48.27 57.20 -59.38
CA ASN Q 207 49.16 56.42 -60.25
C ASN Q 207 48.69 56.22 -61.71
N GLU Q 208 48.05 57.23 -62.28
CA GLU Q 208 47.57 57.17 -63.68
C GLU Q 208 48.71 57.20 -64.70
N ASN Q 209 49.89 57.62 -64.28
CA ASN Q 209 51.08 57.65 -65.15
C ASN Q 209 52.16 56.65 -64.69
N SER Q 210 51.72 55.58 -64.00
CA SER Q 210 52.63 54.50 -63.58
C SER Q 210 51.96 53.12 -63.73
N ARG Q 211 52.75 52.07 -63.86
CA ARG Q 211 52.20 50.71 -63.78
C ARG Q 211 52.90 49.96 -62.65
N TYR Q 212 52.12 49.44 -61.69
CA TYR Q 212 52.69 48.60 -60.61
C TYR Q 212 52.08 47.20 -60.55
N TYR Q 213 52.89 46.23 -60.12
CA TYR Q 213 52.47 44.82 -60.00
C TYR Q 213 53.11 44.26 -58.72
N GLY Q 214 52.30 43.63 -57.88
CA GLY Q 214 52.79 43.08 -56.63
C GLY Q 214 51.99 41.92 -56.07
N SER Q 215 52.61 41.23 -55.12
CA SER Q 215 51.95 40.18 -54.35
C SER Q 215 52.53 40.02 -52.94
N ILE Q 216 51.78 39.35 -52.07
CA ILE Q 216 52.26 38.99 -50.76
C ILE Q 216 51.98 37.53 -50.47
N GLN Q 217 52.83 36.94 -49.63
CA GLN Q 217 52.62 35.59 -49.10
C GLN Q 217 53.06 35.59 -47.62
N THR Q 218 52.15 35.23 -46.74
CA THR Q 218 52.44 35.13 -45.31
C THR Q 218 52.63 33.67 -44.85
N GLY Q 219 52.38 33.37 -43.59
CA GLY Q 219 52.88 32.13 -43.00
C GLY Q 219 54.35 32.25 -42.62
N SER Q 220 54.84 31.33 -41.80
CA SER Q 220 56.16 31.47 -41.16
C SER Q 220 57.31 30.73 -41.84
N GLN Q 221 57.03 29.51 -42.32
CA GLN Q 221 58.00 28.70 -43.04
C GLN Q 221 57.50 28.32 -44.43
N THR Q 222 56.62 29.18 -44.97
CA THR Q 222 56.04 28.98 -46.29
C THR Q 222 57.11 28.98 -47.39
N PRO Q 223 57.08 27.94 -48.26
CA PRO Q 223 58.03 27.85 -49.38
C PRO Q 223 58.19 29.14 -50.18
N THR Q 224 59.43 29.55 -50.40
CA THR Q 224 59.74 30.61 -51.35
C THR Q 224 59.79 29.96 -52.73
N VAL Q 225 58.92 30.43 -53.62
CA VAL Q 225 58.72 29.88 -54.96
C VAL Q 225 58.83 31.00 -56.01
N LEU Q 226 59.94 31.06 -56.75
CA LEU Q 226 60.16 32.13 -57.72
C LEU Q 226 60.63 31.58 -59.07
N GLN Q 227 60.42 32.35 -60.14
CA GLN Q 227 60.84 31.98 -61.49
C GLN Q 227 61.80 33.02 -62.07
N PHE Q 228 62.58 32.60 -63.05
CA PHE Q 228 63.47 33.51 -63.78
C PHE Q 228 63.63 33.05 -65.22
N SER Q 229 63.46 33.99 -66.15
CA SER Q 229 63.63 33.72 -67.58
C SER Q 229 63.84 35.02 -68.35
N ASN Q 230 64.83 35.04 -69.26
CA ASN Q 230 65.03 36.22 -70.10
C ASN Q 230 64.06 36.30 -71.27
N THR Q 231 63.07 35.42 -71.30
CA THR Q 231 62.08 35.39 -72.38
C THR Q 231 60.75 36.05 -71.99
N LEU Q 232 60.67 36.59 -70.77
CA LEU Q 232 59.42 37.14 -70.26
C LEU Q 232 59.37 38.67 -70.34
N THR Q 233 58.31 39.19 -70.98
CA THR Q 233 58.14 40.63 -71.18
C THR Q 233 56.76 41.06 -70.65
N THR Q 234 56.72 42.24 -70.03
CA THR Q 234 55.48 42.87 -69.58
C THR Q 234 55.16 44.09 -70.43
N VAL Q 235 53.97 44.12 -71.01
CA VAL Q 235 53.50 45.22 -71.84
C VAL Q 235 52.97 46.33 -70.94
N LEU Q 236 53.45 47.55 -71.14
CA LEU Q 236 53.13 48.66 -70.23
C LEU Q 236 52.05 49.60 -70.73
N LEU Q 237 51.49 49.31 -71.90
CA LEU Q 237 50.43 50.14 -72.48
C LEU Q 237 49.13 49.91 -71.75
N ASP Q 238 48.36 50.97 -71.53
CA ASP Q 238 47.01 50.80 -71.00
C ASP Q 238 46.06 50.32 -72.10
N GLU Q 239 44.75 50.43 -71.89
CA GLU Q 239 43.78 49.90 -72.88
C GLU Q 239 43.59 50.83 -74.08
N ASN Q 240 43.93 52.11 -73.88
CA ASN Q 240 43.96 53.10 -74.96
C ASN Q 240 45.27 53.02 -75.77
N GLY Q 241 46.18 52.14 -75.35
CA GLY Q 241 47.43 51.92 -76.06
C GLY Q 241 48.57 52.85 -75.67
N VAL Q 242 48.44 53.50 -74.53
CA VAL Q 242 49.44 54.47 -74.07
C VAL Q 242 50.21 53.96 -72.84
N GLY Q 243 51.54 53.97 -72.94
CA GLY Q 243 52.41 53.69 -71.79
C GLY Q 243 52.65 54.95 -70.95
N PRO Q 244 53.35 54.80 -69.80
CA PRO Q 244 53.75 55.96 -68.97
C PRO Q 244 54.56 56.98 -69.78
N LEU Q 245 54.29 58.26 -69.58
CA LEU Q 245 55.00 59.33 -70.26
C LEU Q 245 55.92 60.09 -69.31
N CYS Q 246 57.21 60.12 -69.65
CA CYS Q 246 58.25 60.67 -68.77
C CYS Q 246 58.30 62.18 -68.84
N LYS Q 247 57.58 62.81 -67.91
CA LYS Q 247 57.25 64.24 -67.98
C LYS Q 247 58.43 65.23 -67.98
N GLY Q 248 59.58 64.82 -67.44
CA GLY Q 248 60.77 65.66 -67.46
C GLY Q 248 62.03 64.92 -67.85
N ASP Q 249 61.93 64.11 -68.91
CA ASP Q 249 63.05 63.26 -69.38
C ASP Q 249 63.53 62.23 -68.36
N GLY Q 250 62.69 61.93 -67.36
CA GLY Q 250 63.06 61.02 -66.28
C GLY Q 250 62.12 59.85 -66.13
N LEU Q 251 62.69 58.64 -66.05
CA LEU Q 251 61.93 57.41 -65.86
C LEU Q 251 62.07 56.93 -64.41
N PHE Q 252 60.94 56.68 -63.76
CA PHE Q 252 60.93 56.27 -62.36
C PHE Q 252 60.71 54.77 -62.18
N ILE Q 253 61.67 54.10 -61.55
CA ILE Q 253 61.62 52.65 -61.32
C ILE Q 253 61.65 52.29 -59.82
N SER Q 254 60.62 51.58 -59.37
CA SER Q 254 60.46 51.22 -57.95
C SER Q 254 60.27 49.71 -57.76
N CYS Q 255 60.85 49.18 -56.69
CA CYS Q 255 60.60 47.77 -56.36
C CYS Q 255 60.82 47.43 -54.89
N ALA Q 256 60.48 46.19 -54.55
CA ALA Q 256 60.69 45.58 -53.25
C ALA Q 256 60.59 44.07 -53.42
N ASP Q 257 61.53 43.34 -52.84
CA ASP Q 257 61.57 41.87 -52.98
C ASP Q 257 62.08 41.17 -51.73
N ILE Q 258 61.18 40.91 -50.78
CA ILE Q 258 61.49 40.13 -49.59
C ILE Q 258 61.26 38.64 -49.90
N VAL Q 259 62.25 37.82 -49.58
CA VAL Q 259 62.26 36.42 -49.97
C VAL Q 259 62.14 35.43 -48.80
N GLY Q 260 62.16 35.95 -47.58
CA GLY Q 260 61.98 35.09 -46.40
C GLY Q 260 62.88 35.40 -45.21
N PHE Q 261 62.80 34.54 -44.20
CA PHE Q 261 63.60 34.64 -42.98
C PHE Q 261 64.87 33.80 -43.04
N LEU Q 262 65.98 34.40 -42.59
CA LEU Q 262 67.16 33.63 -42.19
C LEU Q 262 66.94 33.20 -40.74
N PHE Q 263 66.84 31.89 -40.53
CA PHE Q 263 66.64 31.31 -39.20
C PHE Q 263 67.99 31.04 -38.49
N LYS Q 264 68.26 31.77 -37.41
CA LYS Q 264 69.51 31.64 -36.67
C LYS Q 264 69.43 30.60 -35.54
N THR Q 265 70.59 30.07 -35.15
CA THR Q 265 70.70 29.01 -34.12
C THR Q 265 69.87 29.28 -32.85
N SER Q 266 70.00 30.50 -32.32
CA SER Q 266 69.34 30.90 -31.07
C SER Q 266 67.81 30.92 -31.12
N GLY Q 267 67.25 30.96 -32.33
CA GLY Q 267 65.82 31.09 -32.51
C GLY Q 267 65.47 32.43 -33.14
N LYS Q 268 66.42 33.36 -33.10
CA LYS Q 268 66.28 34.67 -33.72
C LYS Q 268 66.11 34.56 -35.25
N MET Q 269 65.51 35.60 -35.83
CA MET Q 269 65.07 35.57 -37.23
C MET Q 269 65.19 36.97 -37.84
N ALA Q 270 65.73 37.04 -39.05
CA ALA Q 270 65.86 38.30 -39.79
C ALA Q 270 65.28 38.16 -41.19
N LEU Q 271 64.63 39.21 -41.69
CA LEU Q 271 64.11 39.20 -43.07
C LEU Q 271 65.22 39.48 -44.08
N HIS Q 272 65.07 38.95 -45.28
CA HIS Q 272 66.12 38.98 -46.32
C HIS Q 272 65.56 39.40 -47.67
N GLY Q 273 66.33 40.18 -48.42
CA GLY Q 273 65.93 40.66 -49.74
C GLY Q 273 66.91 40.36 -50.86
N LEU Q 274 66.41 40.38 -52.10
CA LEU Q 274 67.26 40.19 -53.29
C LEU Q 274 67.18 41.41 -54.22
N PRO Q 275 68.21 41.60 -55.08
CA PRO Q 275 68.16 42.71 -56.03
C PRO Q 275 67.26 42.42 -57.24
N ARG Q 276 66.85 43.48 -57.94
CA ARG Q 276 66.02 43.34 -59.13
C ARG Q 276 66.62 44.06 -60.35
N TYR Q 277 66.54 43.39 -61.50
CA TYR Q 277 67.02 43.94 -62.78
C TYR Q 277 65.88 44.45 -63.65
N PHE Q 278 66.17 45.47 -64.46
CA PHE Q 278 65.20 46.05 -65.40
C PHE Q 278 65.83 46.29 -66.76
N ASN Q 279 65.03 46.06 -67.81
CA ASN Q 279 65.34 46.43 -69.17
C ASN Q 279 64.06 47.01 -69.77
N VAL Q 280 64.00 48.34 -69.84
CA VAL Q 280 62.82 49.07 -70.32
C VAL Q 280 62.98 49.60 -71.76
N THR Q 281 62.00 49.29 -72.63
CA THR Q 281 61.94 49.84 -73.98
C THR Q 281 61.06 51.09 -74.06
N LEU Q 282 61.59 52.17 -74.60
CA LEU Q 282 60.81 53.41 -74.77
C LEU Q 282 60.78 53.89 -76.23
N ARG Q 283 59.66 54.52 -76.62
CA ARG Q 283 59.58 55.21 -77.91
C ARG Q 283 59.25 56.70 -77.71
N LYS Q 284 59.56 57.51 -78.73
CA LYS Q 284 59.22 58.93 -78.70
C LYS Q 284 57.74 59.08 -79.05
N ARG Q 285 57.05 60.00 -78.39
CA ARG Q 285 55.63 60.25 -78.61
C ARG Q 285 55.37 61.76 -78.64
N TRP Q 286 54.57 62.21 -79.60
CA TRP Q 286 54.12 63.61 -79.63
C TRP Q 286 53.04 63.85 -78.58
N VAL Q 287 53.20 64.93 -77.83
CA VAL Q 287 52.28 65.34 -76.76
C VAL Q 287 52.01 66.83 -76.88
N LYS Q 288 50.80 67.25 -76.50
CA LYS Q 288 50.43 68.67 -76.46
C LYS Q 288 50.21 69.13 -75.02
N GLU R 10 73.59 41.52 -87.44
CA GLU R 10 72.70 41.84 -88.60
C GLU R 10 72.16 40.57 -89.27
N VAL R 11 70.93 40.23 -88.95
CA VAL R 11 70.35 38.95 -89.36
C VAL R 11 69.65 39.04 -90.72
N LEU R 12 70.02 38.15 -91.64
CA LEU R 12 69.43 38.12 -92.98
C LEU R 12 68.39 36.99 -93.09
N SER R 13 68.29 36.37 -94.26
CA SER R 13 67.23 35.40 -94.50
C SER R 13 67.57 33.98 -94.07
N VAL R 14 66.54 33.20 -93.78
CA VAL R 14 66.65 31.76 -93.60
C VAL R 14 67.08 31.13 -94.92
N VAL R 15 68.07 30.26 -94.86
CA VAL R 15 68.57 29.53 -96.02
C VAL R 15 67.55 28.51 -96.50
N THR R 16 67.31 28.46 -97.81
CA THR R 16 66.54 27.38 -98.42
C THR R 16 67.47 26.40 -99.15
N GLY R 17 67.23 25.11 -98.95
CA GLY R 17 68.11 24.05 -99.45
C GLY R 17 67.58 22.67 -99.11
N GLU R 18 68.44 21.65 -99.20
CA GLU R 18 68.02 20.28 -98.90
C GLU R 18 68.20 19.95 -97.42
N ASP R 19 69.45 19.91 -96.96
CA ASP R 19 69.73 19.66 -95.55
C ASP R 19 69.93 20.98 -94.81
N SER R 20 68.90 21.82 -94.79
CA SER R 20 68.99 23.11 -94.07
C SER R 20 68.47 23.03 -92.63
N ILE R 21 67.94 21.85 -92.27
CA ILE R 21 67.38 21.58 -90.95
C ILE R 21 68.06 20.37 -90.31
N THR R 22 68.55 20.54 -89.09
CA THR R 22 69.23 19.47 -88.36
C THR R 22 68.70 19.32 -86.94
N GLN R 23 68.96 18.17 -86.32
CA GLN R 23 68.55 17.88 -84.95
C GLN R 23 69.70 17.37 -84.07
N ILE R 24 69.89 18.03 -82.93
CA ILE R 24 70.91 17.65 -81.95
C ILE R 24 70.28 16.99 -80.72
N GLU R 25 70.82 15.85 -80.34
CA GLU R 25 70.29 15.06 -79.24
C GLU R 25 71.39 14.78 -78.22
N LEU R 26 71.10 15.01 -76.94
CA LEU R 26 72.03 14.70 -75.84
C LEU R 26 71.34 14.60 -74.49
N TYR R 27 72.12 14.21 -73.49
CA TYR R 27 71.69 14.18 -72.09
C TYR R 27 72.85 14.64 -71.20
N LEU R 28 72.52 15.19 -70.04
CA LEU R 28 73.53 15.66 -69.09
C LEU R 28 73.24 15.12 -67.69
N ASN R 29 74.22 14.40 -67.13
CA ASN R 29 74.10 13.84 -65.81
C ASN R 29 74.36 14.95 -64.78
N PRO R 30 73.73 14.87 -63.59
CA PRO R 30 73.84 15.93 -62.59
C PRO R 30 75.23 16.01 -61.94
N ARG R 31 75.62 17.24 -61.58
CA ARG R 31 76.87 17.49 -60.86
C ARG R 31 76.60 18.03 -59.44
N MET R 32 76.23 17.13 -58.53
CA MET R 32 75.79 17.51 -57.18
C MET R 32 76.91 17.73 -56.15
N GLY R 33 78.11 17.20 -56.43
CA GLY R 33 79.22 17.26 -55.50
C GLY R 33 80.09 16.05 -55.69
N VAL R 34 79.47 14.88 -55.63
CA VAL R 34 80.08 13.65 -56.11
C VAL R 34 79.71 13.55 -57.59
N ASN R 35 80.64 13.97 -58.45
CA ASN R 35 80.37 14.23 -59.88
C ASN R 35 80.65 13.06 -60.82
N SER R 36 81.65 12.25 -60.48
CA SER R 36 82.03 11.11 -61.28
C SER R 36 81.57 9.79 -60.64
N PRO R 37 81.05 8.85 -61.45
CA PRO R 37 80.68 7.52 -60.96
C PRO R 37 81.82 6.50 -61.05
N ASP R 38 82.96 6.92 -61.57
CA ASP R 38 84.02 5.99 -61.97
C ASP R 38 85.11 5.73 -60.94
N LEU R 39 85.04 6.41 -59.80
CA LEU R 39 86.05 6.27 -58.75
C LEU R 39 85.56 5.33 -57.64
N PRO R 40 86.07 4.08 -57.61
CA PRO R 40 85.56 3.06 -56.68
C PRO R 40 85.51 3.47 -55.21
N THR R 41 86.30 4.47 -54.84
CA THR R 41 86.39 4.96 -53.46
C THR R 41 85.24 5.90 -53.04
N THR R 42 84.89 6.86 -53.89
CA THR R 42 83.94 7.94 -53.56
C THR R 42 82.54 7.72 -54.16
N SER R 43 82.51 7.02 -55.28
CA SER R 43 81.40 7.11 -56.24
C SER R 43 80.04 6.51 -55.84
N ASN R 44 79.93 5.93 -54.66
CA ASN R 44 78.64 5.39 -54.21
C ASN R 44 77.58 6.49 -54.06
N TRP R 45 78.05 7.71 -53.80
CA TRP R 45 77.18 8.87 -53.61
C TRP R 45 77.05 9.73 -54.85
N TYR R 46 77.40 9.17 -56.00
CA TYR R 46 77.16 9.78 -57.30
C TYR R 46 75.69 10.21 -57.43
N THR R 47 75.48 11.49 -57.80
CA THR R 47 74.16 12.19 -57.91
C THR R 47 73.62 12.79 -56.60
N TYR R 48 74.43 12.70 -55.54
CA TYR R 48 74.12 13.30 -54.24
C TYR R 48 75.24 14.21 -53.74
N THR R 49 74.92 15.11 -52.81
CA THR R 49 75.94 15.82 -52.05
C THR R 49 76.42 14.92 -50.91
N TYR R 50 77.37 15.44 -50.14
CA TYR R 50 77.68 14.89 -48.84
C TYR R 50 76.67 15.49 -47.87
N ASP R 51 76.75 15.17 -46.58
CA ASP R 51 75.79 15.71 -45.60
C ASP R 51 75.94 17.22 -45.38
N LEU R 52 74.80 17.91 -45.34
CA LEU R 52 74.77 19.37 -45.27
C LEU R 52 74.42 19.81 -43.86
N GLN R 53 75.22 20.74 -43.33
CA GLN R 53 75.17 21.12 -41.91
C GLN R 53 75.58 22.58 -41.67
N PRO R 54 74.91 23.27 -40.75
CA PRO R 54 75.50 24.49 -40.21
C PRO R 54 76.72 24.14 -39.32
N LYS R 55 77.84 24.84 -39.53
CA LYS R 55 79.09 24.57 -38.83
C LYS R 55 79.02 24.83 -37.31
N GLY R 56 78.37 25.93 -36.94
CA GLY R 56 78.28 26.29 -35.53
C GLY R 56 79.20 27.43 -35.14
N SER R 57 80.18 27.76 -36.00
CA SER R 57 81.08 28.89 -35.75
C SER R 57 81.61 29.52 -37.04
N SER R 58 82.14 30.74 -36.90
CA SER R 58 82.70 31.49 -38.01
C SER R 58 84.14 31.06 -38.38
N PRO R 59 84.46 31.01 -39.69
CA PRO R 59 83.51 31.12 -40.80
C PRO R 59 83.17 29.74 -41.39
N ASP R 60 82.18 29.71 -42.28
CA ASP R 60 81.81 28.51 -43.02
C ASP R 60 82.93 28.18 -44.02
N GLN R 61 83.28 26.90 -44.13
CA GLN R 61 84.31 26.45 -45.07
C GLN R 61 83.86 25.16 -45.75
N PRO R 62 82.90 25.26 -46.70
CA PRO R 62 82.26 24.10 -47.30
C PRO R 62 83.21 23.27 -48.15
N ILE R 63 83.01 21.95 -48.15
CA ILE R 63 83.80 21.03 -48.96
C ILE R 63 83.16 20.86 -50.34
N LYS R 64 83.97 20.53 -51.35
CA LYS R 64 83.50 20.49 -52.75
C LYS R 64 82.33 19.52 -52.99
N GLU R 65 82.22 18.49 -52.16
CA GLU R 65 81.13 17.52 -52.25
C GLU R 65 79.80 18.13 -51.78
N ASN R 66 79.87 19.30 -51.16
CA ASN R 66 78.67 20.00 -50.67
C ASN R 66 78.25 21.19 -51.53
N LEU R 67 78.76 21.24 -52.76
CA LEU R 67 78.48 22.36 -53.65
C LEU R 67 77.99 21.92 -55.04
N PRO R 68 76.67 21.70 -55.19
CA PRO R 68 76.12 21.33 -56.51
C PRO R 68 76.42 22.40 -57.57
N ALA R 69 76.74 21.96 -58.77
CA ALA R 69 77.10 22.88 -59.85
C ALA R 69 76.25 22.67 -61.09
N TYR R 70 76.28 23.65 -61.99
CA TYR R 70 75.59 23.55 -63.27
C TYR R 70 76.27 22.53 -64.19
N SER R 71 75.46 21.71 -64.86
CA SER R 71 75.97 20.86 -65.95
C SER R 71 76.05 21.70 -67.24
N VAL R 72 77.10 21.47 -68.03
CA VAL R 72 77.26 22.17 -69.32
C VAL R 72 77.96 21.31 -70.38
N ALA R 73 77.59 21.53 -71.65
CA ALA R 73 78.28 20.91 -72.79
C ALA R 73 78.23 21.79 -74.03
N ARG R 74 79.35 21.86 -74.74
CA ARG R 74 79.43 22.49 -76.06
C ARG R 74 79.36 21.38 -77.10
N VAL R 75 78.41 21.49 -78.02
CA VAL R 75 78.19 20.47 -79.04
C VAL R 75 78.64 21.00 -80.40
N SER R 76 79.52 20.25 -81.07
CA SER R 76 80.01 20.60 -82.40
C SER R 76 78.96 20.40 -83.49
N LEU R 77 78.72 21.46 -84.25
CA LEU R 77 77.75 21.42 -85.35
C LEU R 77 78.47 21.45 -86.71
N PRO R 78 77.90 20.75 -87.73
CA PRO R 78 78.50 20.73 -89.07
C PRO R 78 79.00 22.10 -89.54
N MET R 79 80.22 22.13 -90.06
CA MET R 79 80.82 23.36 -90.61
C MET R 79 80.03 23.80 -91.84
N LEU R 80 79.79 25.11 -91.95
CA LEU R 80 78.89 25.67 -92.96
C LEU R 80 79.57 26.57 -93.99
N ASN R 81 80.65 27.23 -93.58
CA ASN R 81 81.32 28.21 -94.42
C ASN R 81 82.72 27.78 -94.87
N GLU R 82 82.82 27.29 -96.10
CA GLU R 82 84.08 26.90 -96.73
C GLU R 82 85.06 28.08 -96.82
N ASP R 83 84.57 29.19 -97.38
CA ASP R 83 85.32 30.44 -97.45
C ASP R 83 84.38 31.61 -97.19
N ILE R 84 84.93 32.72 -96.71
CA ILE R 84 84.15 33.92 -96.41
C ILE R 84 84.75 35.16 -97.07
N THR R 85 84.03 35.68 -98.07
CA THR R 85 84.47 36.82 -98.89
C THR R 85 84.54 38.12 -98.10
N CYS R 86 83.49 38.44 -97.36
CA CYS R 86 83.45 39.65 -96.56
C CYS R 86 83.02 39.38 -95.11
N ASP R 87 81.81 39.79 -94.76
CA ASP R 87 81.27 39.54 -93.43
C ASP R 87 80.01 38.68 -93.48
N THR R 88 79.66 38.23 -94.68
CA THR R 88 78.45 37.45 -94.91
C THR R 88 78.71 35.94 -94.82
N LEU R 89 78.07 35.30 -93.87
CA LEU R 89 78.21 33.84 -93.67
C LEU R 89 76.89 33.20 -93.21
N GLN R 90 76.85 31.86 -93.27
CA GLN R 90 75.74 31.06 -92.74
C GLN R 90 76.02 30.62 -91.29
N MET R 91 74.98 30.64 -90.46
CA MET R 91 75.05 30.20 -89.07
C MET R 91 73.87 29.30 -88.71
N TRP R 92 74.12 28.34 -87.82
CA TRP R 92 73.05 27.52 -87.27
C TRP R 92 72.21 28.34 -86.28
N GLU R 93 70.89 28.19 -86.39
CA GLU R 93 69.92 28.94 -85.59
C GLU R 93 69.03 27.95 -84.84
N ALA R 94 69.09 27.97 -83.51
CA ALA R 94 68.25 27.09 -82.69
C ALA R 94 66.86 27.69 -82.62
N ILE R 95 65.86 26.89 -82.95
CA ILE R 95 64.49 27.41 -83.07
C ILE R 95 63.49 26.78 -82.09
N SER R 96 63.77 25.55 -81.68
CA SER R 96 62.94 24.88 -80.70
C SER R 96 63.71 23.80 -79.96
N VAL R 97 63.17 23.38 -78.81
CA VAL R 97 63.76 22.31 -78.01
C VAL R 97 62.69 21.46 -77.32
N LYS R 98 62.90 20.14 -77.32
CA LYS R 98 62.20 19.24 -76.42
C LYS R 98 63.20 18.83 -75.32
N THR R 99 62.79 18.98 -74.06
CA THR R 99 63.66 18.70 -72.92
C THR R 99 62.87 18.06 -71.79
N GLU R 100 63.54 17.23 -71.01
CA GLU R 100 62.87 16.39 -70.01
C GLU R 100 63.85 16.00 -68.90
N VAL R 101 63.35 15.92 -67.68
CA VAL R 101 64.13 15.37 -66.58
C VAL R 101 63.86 13.86 -66.49
N VAL R 102 64.94 13.09 -66.41
CA VAL R 102 64.89 11.63 -66.49
C VAL R 102 64.97 10.95 -65.12
N GLY R 103 64.19 9.88 -64.95
CA GLY R 103 64.28 9.05 -63.76
C GLY R 103 63.41 9.58 -62.63
N ILE R 104 62.41 10.37 -63.02
CA ILE R 104 61.47 10.98 -62.09
C ILE R 104 60.80 9.89 -61.27
N SER R 105 60.38 8.82 -61.93
CA SER R 105 59.76 7.66 -61.27
C SER R 105 60.61 6.99 -60.16
N SER R 106 61.93 7.10 -60.23
CA SER R 106 62.78 6.52 -59.17
C SER R 106 62.46 7.10 -57.78
N LEU R 107 61.89 8.31 -57.77
CA LEU R 107 61.61 9.01 -56.53
C LEU R 107 60.43 8.46 -55.72
N ILE R 108 59.77 7.41 -56.20
CA ILE R 108 58.70 6.77 -55.41
C ILE R 108 59.25 5.81 -54.36
N ASN R 109 60.55 5.52 -54.43
CA ASN R 109 61.24 4.66 -53.46
C ASN R 109 61.19 5.29 -52.06
N VAL R 110 60.43 4.65 -51.17
CA VAL R 110 60.34 5.08 -49.77
C VAL R 110 60.90 4.01 -48.83
N HIS R 111 61.84 3.21 -49.33
CA HIS R 111 62.41 2.11 -48.59
C HIS R 111 63.92 2.01 -48.81
N TYR R 112 64.57 3.16 -48.93
CA TYR R 112 66.02 3.23 -48.90
C TYR R 112 66.46 2.75 -47.51
N TRP R 113 67.54 1.97 -47.47
CA TRP R 113 67.92 1.23 -46.25
C TRP R 113 68.14 2.09 -45.01
N ASP R 114 68.70 3.29 -45.20
CA ASP R 114 68.99 4.21 -44.11
C ASP R 114 68.06 5.44 -44.10
N MET R 115 66.82 5.26 -44.55
CA MET R 115 65.90 6.39 -44.70
C MET R 115 65.20 6.71 -43.38
N LYS R 116 65.17 8.00 -43.03
CA LYS R 116 64.40 8.50 -41.90
C LYS R 116 62.93 8.17 -42.08
N ARG R 117 62.30 7.66 -41.01
CA ARG R 117 60.88 7.30 -41.03
C ARG R 117 60.00 8.50 -40.71
N VAL R 118 58.79 8.50 -41.26
CA VAL R 118 57.80 9.53 -40.95
C VAL R 118 57.33 9.41 -39.49
N HIS R 119 57.23 8.17 -39.03
CA HIS R 119 56.91 7.82 -37.64
C HIS R 119 57.28 6.35 -37.47
N ASP R 120 57.25 5.87 -36.22
CA ASP R 120 57.58 4.48 -35.90
C ASP R 120 56.83 3.50 -36.81
N TYR R 121 57.54 2.46 -37.27
CA TYR R 121 56.98 1.39 -38.09
C TYR R 121 56.50 1.81 -39.51
N GLY R 122 56.70 3.07 -39.86
CA GLY R 122 56.22 3.58 -41.14
C GLY R 122 57.25 3.56 -42.25
N ALA R 123 56.83 3.96 -43.45
CA ALA R 123 57.73 4.07 -44.59
C ALA R 123 58.65 5.29 -44.44
N GLY R 124 59.61 5.44 -45.36
CA GLY R 124 60.56 6.53 -45.28
C GLY R 124 60.03 7.85 -45.82
N ILE R 125 60.58 8.95 -45.34
CA ILE R 125 60.33 10.27 -45.92
C ILE R 125 60.92 10.27 -47.33
N PRO R 126 60.07 10.47 -48.36
CA PRO R 126 60.56 10.46 -49.73
C PRO R 126 61.39 11.70 -50.03
N VAL R 127 62.18 11.65 -51.10
CA VAL R 127 62.94 12.82 -51.53
C VAL R 127 61.99 13.99 -51.72
N SER R 128 62.27 15.07 -50.99
CA SER R 128 61.46 16.27 -51.07
C SER R 128 62.22 17.44 -50.45
N GLY R 129 61.61 18.64 -50.45
CA GLY R 129 62.27 19.84 -49.96
C GLY R 129 62.78 20.75 -51.06
N VAL R 130 63.97 21.30 -50.87
CA VAL R 130 64.58 22.28 -51.78
C VAL R 130 64.66 21.75 -53.22
N ASN R 131 64.05 22.48 -54.15
CA ASN R 131 64.18 22.20 -55.60
C ASN R 131 64.76 23.40 -56.33
N TYR R 132 65.61 23.13 -57.31
CA TYR R 132 66.12 24.18 -58.20
C TYR R 132 66.29 23.62 -59.61
N HIS R 133 65.52 24.17 -60.54
CA HIS R 133 65.46 23.69 -61.92
C HIS R 133 65.74 24.78 -62.95
N MET R 134 66.67 24.50 -63.86
CA MET R 134 66.96 25.44 -64.94
C MET R 134 67.56 24.74 -66.15
N PHE R 135 67.27 25.28 -67.33
CA PHE R 135 67.97 24.87 -68.54
C PHE R 135 68.19 26.08 -69.44
N ALA R 136 69.23 26.02 -70.26
CA ALA R 136 69.52 27.10 -71.19
C ALA R 136 70.02 26.51 -72.50
N ILE R 137 69.63 27.17 -73.59
CA ILE R 137 70.10 26.87 -74.93
C ILE R 137 70.62 28.19 -75.49
N GLY R 138 71.88 28.18 -75.90
CA GLY R 138 72.54 29.39 -76.42
C GLY R 138 73.57 29.15 -77.52
N GLY R 139 74.02 30.25 -78.12
CA GLY R 139 75.02 30.20 -79.20
C GLY R 139 76.41 30.58 -78.74
N GLU R 140 76.52 30.77 -77.43
CA GLU R 140 77.77 31.09 -76.75
C GLU R 140 77.57 30.68 -75.29
N PRO R 141 78.63 30.64 -74.48
CA PRO R 141 78.46 30.23 -73.09
C PRO R 141 77.50 31.14 -72.33
N LEU R 142 76.75 30.55 -71.39
CA LEU R 142 75.82 31.29 -70.54
C LEU R 142 76.56 32.28 -69.66
N ASP R 143 76.07 33.52 -69.62
CA ASP R 143 76.65 34.59 -68.81
C ASP R 143 76.14 34.46 -67.39
N LEU R 144 77.04 34.52 -66.40
CA LEU R 144 76.68 34.31 -64.99
C LEU R 144 76.89 35.56 -64.12
N GLN R 145 75.99 35.75 -63.16
CA GLN R 145 76.13 36.79 -62.14
C GLN R 145 76.39 36.14 -60.79
N GLY R 146 77.35 36.69 -60.05
CA GLY R 146 77.68 36.19 -58.71
C GLY R 146 76.89 36.86 -57.60
N LEU R 147 76.35 36.07 -56.68
CA LEU R 147 75.70 36.57 -55.45
C LEU R 147 75.60 35.46 -54.42
N VAL R 148 76.02 35.75 -53.19
CA VAL R 148 76.01 34.77 -52.12
C VAL R 148 75.17 35.16 -50.89
N LEU R 149 74.70 34.15 -50.16
CA LEU R 149 73.98 34.36 -48.91
C LEU R 149 74.88 35.06 -47.86
N ASP R 150 76.12 34.61 -47.75
CA ASP R 150 77.05 35.10 -46.74
C ASP R 150 78.42 35.34 -47.36
N TYR R 151 78.82 36.61 -47.40
CA TYR R 151 80.05 36.99 -48.08
C TYR R 151 81.32 36.49 -47.37
N GLN R 152 81.18 36.15 -46.09
CA GLN R 152 82.31 35.67 -45.29
C GLN R 152 82.69 34.20 -45.55
N THR R 153 81.85 33.49 -46.31
CA THR R 153 82.10 32.07 -46.63
C THR R 153 83.47 31.88 -47.32
N GLN R 154 84.25 30.91 -46.84
CA GLN R 154 85.54 30.57 -47.44
C GLN R 154 85.40 29.33 -48.32
N TYR R 155 85.23 29.57 -49.63
CA TYR R 155 85.08 28.50 -50.60
C TYR R 155 86.45 27.90 -50.95
N PRO R 156 86.50 26.60 -51.30
CA PRO R 156 87.78 25.99 -51.64
C PRO R 156 88.47 26.71 -52.81
N LYS R 157 89.79 26.86 -52.72
CA LYS R 157 90.58 27.44 -53.79
C LYS R 157 90.60 26.51 -55.00
N THR R 158 90.78 27.08 -56.20
CA THR R 158 90.74 26.31 -57.45
C THR R 158 91.91 25.32 -57.57
N THR R 159 91.61 24.03 -57.35
CA THR R 159 92.59 22.94 -57.44
C THR R 159 92.11 21.86 -58.41
N GLY R 162 89.13 22.07 -57.40
CA GLY R 162 88.54 23.32 -56.92
C GLY R 162 87.50 23.90 -57.87
N PRO R 163 86.43 24.49 -57.30
CA PRO R 163 85.40 25.17 -58.08
C PRO R 163 85.71 26.65 -58.27
N ILE R 164 84.99 27.28 -59.19
CA ILE R 164 85.18 28.69 -59.52
C ILE R 164 84.11 29.51 -58.83
N THR R 165 84.54 30.43 -57.97
CA THR R 165 83.65 31.25 -57.16
C THR R 165 84.03 32.71 -57.35
N ILE R 166 83.37 33.61 -56.62
CA ILE R 166 83.58 35.05 -56.82
C ILE R 166 85.05 35.44 -56.58
N GLU R 167 85.63 34.92 -55.51
CA GLU R 167 87.05 35.14 -55.19
C GLU R 167 87.97 34.81 -56.37
N THR R 168 87.71 33.66 -57.02
CA THR R 168 88.47 33.23 -58.19
C THR R 168 88.50 34.27 -59.30
N VAL R 169 87.36 34.91 -59.57
CA VAL R 169 87.31 35.90 -60.67
C VAL R 169 87.75 37.30 -60.24
N LEU R 170 87.54 37.65 -58.98
CA LEU R 170 87.92 38.97 -58.49
C LEU R 170 89.41 39.07 -58.18
N GLY R 171 90.05 37.92 -57.95
CA GLY R 171 91.47 37.87 -57.59
C GLY R 171 91.75 38.31 -56.17
N ARG R 172 90.69 38.65 -55.43
CA ARG R 172 90.76 39.01 -54.02
C ARG R 172 89.47 38.57 -53.29
N LYS R 173 89.47 38.70 -51.96
CA LYS R 173 88.36 38.27 -51.12
C LYS R 173 87.06 39.07 -51.37
N MET R 174 85.93 38.44 -51.09
CA MET R 174 84.60 39.06 -51.18
C MET R 174 84.45 40.18 -50.15
N THR R 175 83.54 41.11 -50.43
CA THR R 175 83.13 42.15 -49.49
C THR R 175 81.59 42.13 -49.34
N PRO R 176 81.03 42.89 -48.38
CA PRO R 176 79.58 42.85 -48.16
C PRO R 176 78.72 43.06 -49.42
N LYS R 177 79.16 43.91 -50.34
CA LYS R 177 78.38 44.21 -51.54
C LYS R 177 78.09 42.98 -52.41
N ASN R 178 78.89 41.92 -52.20
CA ASN R 178 78.67 40.63 -52.84
C ASN R 178 77.50 39.84 -52.26
N GLN R 179 76.79 40.43 -51.29
CA GLN R 179 75.52 39.86 -50.85
C GLN R 179 74.36 40.40 -51.67
N GLY R 180 74.62 41.50 -52.38
CA GLY R 180 73.73 42.03 -53.41
C GLY R 180 74.38 41.92 -54.78
N LEU R 181 74.02 42.82 -55.69
CA LEU R 181 74.56 42.77 -57.05
C LEU R 181 75.80 43.64 -57.18
N ASP R 182 76.95 42.99 -57.30
CA ASP R 182 78.21 43.66 -57.61
C ASP R 182 78.54 43.40 -59.09
N PRO R 183 78.53 44.47 -59.92
CA PRO R 183 78.66 44.37 -61.37
C PRO R 183 80.03 43.85 -61.83
N GLN R 184 80.93 43.58 -60.90
CA GLN R 184 82.23 43.03 -61.24
C GLN R 184 82.26 41.50 -61.13
N ALA R 185 81.33 40.94 -60.36
CA ALA R 185 81.27 39.50 -60.14
C ALA R 185 80.52 38.81 -61.29
N LYS R 186 81.14 38.80 -62.46
CA LYS R 186 80.57 38.19 -63.66
C LYS R 186 81.50 37.10 -64.17
N ALA R 187 80.93 36.10 -64.82
CA ALA R 187 81.69 34.95 -65.34
C ALA R 187 80.95 34.28 -66.48
N LYS R 188 81.56 33.25 -67.06
CA LYS R 188 80.98 32.52 -68.17
C LYS R 188 80.96 31.03 -67.85
N LEU R 189 79.84 30.39 -68.14
CA LEU R 189 79.66 28.98 -67.79
C LEU R 189 80.32 28.08 -68.84
N ASP R 190 81.58 27.76 -68.60
CA ASP R 190 82.42 27.08 -69.59
C ASP R 190 82.98 25.73 -69.13
N LYS R 191 82.65 25.33 -67.91
CA LYS R 191 83.09 24.04 -67.40
C LYS R 191 82.02 23.31 -66.59
N ASP R 192 81.93 22.01 -66.86
CA ASP R 192 80.97 21.09 -66.26
C ASP R 192 81.41 20.69 -64.84
N GLY R 193 80.55 20.93 -63.85
CA GLY R 193 80.86 20.63 -62.45
C GLY R 193 81.79 21.61 -61.73
N ASN R 194 81.97 22.79 -62.33
CA ASN R 194 82.94 23.78 -61.85
C ASN R 194 82.37 25.06 -61.26
N TYR R 195 81.15 25.40 -61.67
CA TYR R 195 80.47 26.61 -61.19
C TYR R 195 79.31 26.30 -60.24
N PRO R 196 79.50 26.55 -58.94
CA PRO R 196 78.50 26.24 -57.91
C PRO R 196 77.22 27.05 -58.03
N ILE R 197 76.10 26.37 -57.82
CA ILE R 197 74.78 26.97 -57.98
C ILE R 197 74.51 28.08 -56.96
N GLU R 198 74.98 27.89 -55.72
CA GLU R 198 74.71 28.85 -54.64
C GLU R 198 75.48 30.17 -54.77
N VAL R 199 76.43 30.20 -55.70
CA VAL R 199 77.26 31.37 -55.96
C VAL R 199 76.87 32.07 -57.27
N TRP R 200 76.49 31.29 -58.29
CA TRP R 200 76.25 31.84 -59.63
C TRP R 200 74.81 31.65 -60.11
N CYS R 201 74.23 32.71 -60.66
CA CYS R 201 72.93 32.64 -61.31
C CYS R 201 73.04 33.25 -62.72
N PRO R 202 72.03 33.02 -63.59
CA PRO R 202 72.16 33.61 -64.92
C PRO R 202 72.07 35.12 -64.86
N ASP R 203 72.92 35.78 -65.65
CA ASP R 203 73.01 37.23 -65.69
C ASP R 203 71.99 37.80 -66.68
N PRO R 204 70.91 38.42 -66.16
CA PRO R 204 69.86 38.96 -67.03
C PRO R 204 70.28 40.22 -67.78
N SER R 205 71.43 40.78 -67.46
CA SER R 205 71.90 42.00 -68.14
C SER R 205 72.65 41.70 -69.44
N LYS R 206 73.00 40.43 -69.64
CA LYS R 206 73.61 40.01 -70.90
C LYS R 206 72.75 38.89 -71.54
N ASN R 207 73.35 37.75 -71.89
CA ASN R 207 72.61 36.59 -72.43
C ASN R 207 71.65 36.86 -73.62
N GLU R 208 72.04 37.80 -74.48
CA GLU R 208 71.22 38.20 -75.62
C GLU R 208 71.07 37.06 -76.64
N ASN R 209 72.07 36.19 -76.68
CA ASN R 209 72.14 35.08 -77.62
C ASN R 209 71.89 33.70 -76.96
N SER R 210 71.20 33.71 -75.81
CA SER R 210 70.82 32.48 -75.10
C SER R 210 69.38 32.61 -74.59
N ARG R 211 68.70 31.48 -74.44
CA ARG R 211 67.40 31.47 -73.75
C ARG R 211 67.51 30.62 -72.49
N TYR R 212 67.13 31.17 -71.34
CA TYR R 212 67.12 30.37 -70.10
C TYR R 212 65.76 30.39 -69.44
N TYR R 213 65.44 29.28 -68.78
CA TYR R 213 64.19 29.10 -68.06
C TYR R 213 64.50 28.47 -66.69
N GLY R 214 64.02 29.10 -65.62
CA GLY R 214 64.35 28.65 -64.26
C GLY R 214 63.30 28.85 -63.18
N SER R 215 63.41 28.05 -62.12
CA SER R 215 62.59 28.21 -60.92
C SER R 215 63.30 27.70 -59.66
N ILE R 216 62.79 28.09 -58.48
CA ILE R 216 63.25 27.56 -57.18
C ILE R 216 62.06 27.32 -56.28
N GLN R 217 62.22 26.38 -55.36
CA GLN R 217 61.25 26.11 -54.30
C GLN R 217 62.02 25.79 -53.02
N THR R 218 61.76 26.55 -51.95
CA THR R 218 62.45 26.28 -50.67
C THR R 218 61.58 25.45 -49.70
N GLY R 219 61.94 25.45 -48.42
CA GLY R 219 61.25 24.59 -47.45
C GLY R 219 62.01 23.28 -47.26
N SER R 220 61.74 22.61 -46.15
CA SER R 220 62.47 21.40 -45.79
C SER R 220 61.84 20.12 -46.35
N GLN R 221 60.52 20.01 -46.27
CA GLN R 221 59.83 18.80 -46.71
C GLN R 221 58.77 19.08 -47.76
N THR R 222 58.89 20.25 -48.41
CA THR R 222 58.01 20.64 -49.51
C THR R 222 57.98 19.54 -50.59
N PRO R 223 56.77 19.13 -51.03
CA PRO R 223 56.62 18.10 -52.06
C PRO R 223 57.39 18.42 -53.34
N THR R 224 58.11 17.43 -53.87
CA THR R 224 58.66 17.52 -55.21
C THR R 224 57.53 17.21 -56.20
N VAL R 225 57.22 18.19 -57.05
CA VAL R 225 56.12 18.10 -58.03
C VAL R 225 56.68 18.38 -59.43
N LEU R 226 56.82 17.32 -60.22
CA LEU R 226 57.38 17.40 -61.58
C LEU R 226 56.51 16.65 -62.59
N GLN R 227 56.55 17.13 -63.84
CA GLN R 227 55.85 16.49 -64.96
C GLN R 227 56.83 16.12 -66.07
N PHE R 228 56.44 15.14 -66.88
CA PHE R 228 57.24 14.69 -68.00
C PHE R 228 56.32 14.26 -69.14
N SER R 229 56.67 14.69 -70.36
CA SER R 229 55.91 14.38 -71.57
C SER R 229 56.73 14.64 -72.83
N ASN R 230 56.68 13.71 -73.79
CA ASN R 230 57.35 13.88 -75.08
C ASN R 230 56.61 14.75 -76.10
N THR R 231 55.48 15.33 -75.69
CA THR R 231 54.71 16.23 -76.58
C THR R 231 54.91 17.71 -76.25
N LEU R 232 55.91 18.03 -75.43
CA LEU R 232 56.10 19.42 -74.99
C LEU R 232 57.30 20.10 -75.65
N THR R 233 57.02 21.18 -76.39
CA THR R 233 58.04 21.94 -77.10
C THR R 233 58.19 23.37 -76.59
N THR R 234 59.43 23.79 -76.36
CA THR R 234 59.74 25.20 -76.10
C THR R 234 60.26 25.86 -77.38
N VAL R 235 59.68 26.99 -77.72
CA VAL R 235 60.04 27.76 -78.91
C VAL R 235 61.10 28.80 -78.52
N LEU R 236 62.23 28.76 -79.21
CA LEU R 236 63.43 29.52 -78.81
C LEU R 236 63.59 30.87 -79.53
N LEU R 237 62.66 31.18 -80.42
CA LEU R 237 62.67 32.43 -81.18
C LEU R 237 62.32 33.63 -80.31
N ASP R 238 63.05 34.74 -80.48
CA ASP R 238 62.70 35.99 -79.76
C ASP R 238 61.48 36.69 -80.38
N GLU R 239 61.23 37.93 -79.98
CA GLU R 239 60.05 38.68 -80.50
C GLU R 239 60.21 39.10 -81.97
N ASN R 240 61.44 39.06 -82.48
CA ASN R 240 61.71 39.35 -83.89
C ASN R 240 61.71 38.09 -84.75
N GLY R 241 61.59 36.92 -84.13
CA GLY R 241 61.56 35.65 -84.83
C GLY R 241 62.93 35.03 -85.02
N VAL R 242 63.88 35.47 -84.20
CA VAL R 242 65.27 35.00 -84.28
C VAL R 242 65.66 34.16 -83.07
N GLY R 243 66.11 32.94 -83.33
CA GLY R 243 66.65 32.07 -82.29
C GLY R 243 68.10 32.39 -82.00
N PRO R 244 68.70 31.70 -81.00
CA PRO R 244 70.12 31.87 -80.71
C PRO R 244 70.96 31.44 -81.91
N LEU R 245 72.01 32.20 -82.19
CA LEU R 245 72.85 31.98 -83.37
C LEU R 245 74.23 31.44 -82.98
N CYS R 246 74.52 30.22 -83.40
CA CYS R 246 75.74 29.50 -83.00
C CYS R 246 77.02 30.02 -83.66
N LYS R 247 77.58 31.05 -83.04
CA LYS R 247 78.81 31.66 -83.49
C LYS R 247 79.94 30.65 -83.32
N GLY R 248 80.62 30.33 -84.42
CA GLY R 248 81.70 29.34 -84.38
C GLY R 248 81.24 27.90 -84.38
N ASP R 249 80.06 27.64 -84.94
CA ASP R 249 79.53 26.27 -85.14
C ASP R 249 79.40 25.39 -83.87
N GLY R 250 79.13 26.03 -82.73
CA GLY R 250 78.97 25.35 -81.45
C GLY R 250 77.67 25.68 -80.70
N LEU R 251 77.00 24.64 -80.23
CA LEU R 251 75.75 24.81 -79.47
C LEU R 251 75.97 24.60 -77.97
N PHE R 252 75.61 25.61 -77.19
CA PHE R 252 75.83 25.59 -75.74
C PHE R 252 74.58 25.20 -74.93
N ILE R 253 74.69 24.07 -74.21
CA ILE R 253 73.58 23.57 -73.42
C ILE R 253 73.94 23.49 -71.94
N SER R 254 73.12 24.11 -71.10
CA SER R 254 73.36 24.17 -69.65
C SER R 254 72.10 23.83 -68.86
N CYS R 255 72.28 23.22 -67.68
CA CYS R 255 71.14 22.91 -66.81
C CYS R 255 71.51 22.64 -65.35
N ALA R 256 70.49 22.45 -64.53
CA ALA R 256 70.62 22.06 -63.12
C ALA R 256 69.27 21.57 -62.64
N ASP R 257 69.24 20.42 -61.98
CA ASP R 257 67.98 19.86 -61.49
C ASP R 257 68.07 19.19 -60.14
N ILE R 258 68.04 19.99 -59.09
CA ILE R 258 68.00 19.52 -57.71
C ILE R 258 66.57 19.18 -57.33
N VAL R 259 66.35 17.96 -56.84
CA VAL R 259 64.99 17.44 -56.65
C VAL R 259 64.56 17.16 -55.19
N GLY R 260 65.36 17.62 -54.22
CA GLY R 260 65.04 17.43 -52.82
C GLY R 260 66.15 16.85 -51.96
N PHE R 261 65.83 16.60 -50.68
CA PHE R 261 66.73 15.98 -49.73
C PHE R 261 66.51 14.48 -49.63
N LEU R 262 67.61 13.77 -49.43
CA LEU R 262 67.58 12.41 -48.92
C LEU R 262 67.73 12.46 -47.40
N PHE R 263 66.69 11.98 -46.70
CA PHE R 263 66.61 12.01 -45.25
C PHE R 263 67.10 10.73 -44.60
N LYS R 264 68.25 10.81 -43.93
CA LYS R 264 68.89 9.67 -43.27
C LYS R 264 68.42 9.52 -41.84
N THR R 265 68.51 8.29 -41.32
CA THR R 265 67.95 7.91 -40.01
C THR R 265 68.43 8.83 -38.88
N SER R 266 69.71 9.19 -38.92
CA SER R 266 70.33 10.01 -37.89
C SER R 266 69.84 11.45 -37.87
N GLY R 267 69.08 11.83 -38.89
CA GLY R 267 68.69 13.23 -39.06
C GLY R 267 69.55 13.99 -40.07
N LYS R 268 70.55 13.31 -40.62
CA LYS R 268 71.42 13.92 -41.63
C LYS R 268 70.72 14.01 -42.98
N MET R 269 71.09 15.02 -43.78
CA MET R 269 70.38 15.31 -45.02
C MET R 269 71.34 15.65 -46.16
N ALA R 270 71.08 15.05 -47.33
CA ALA R 270 71.88 15.32 -48.52
C ALA R 270 70.97 15.71 -49.67
N LEU R 271 71.44 16.63 -50.52
CA LEU R 271 70.70 17.01 -51.73
C LEU R 271 70.92 15.99 -52.87
N HIS R 272 69.92 15.85 -53.74
CA HIS R 272 69.90 14.86 -54.83
C HIS R 272 69.55 15.53 -56.16
N GLY R 273 70.17 15.07 -57.24
CA GLY R 273 69.95 15.63 -58.57
C GLY R 273 69.58 14.54 -59.56
N LEU R 274 68.86 14.94 -60.61
CA LEU R 274 68.46 14.05 -61.68
C LEU R 274 69.03 14.54 -63.02
N PRO R 275 69.16 13.63 -64.02
CA PRO R 275 69.67 14.03 -65.34
C PRO R 275 68.62 14.66 -66.25
N ARG R 276 69.08 15.38 -67.27
CA ARG R 276 68.19 16.07 -68.21
C ARG R 276 68.49 15.72 -69.67
N TYR R 277 67.45 15.34 -70.40
CA TYR R 277 67.51 15.07 -71.84
C TYR R 277 67.16 16.30 -72.66
N PHE R 278 67.82 16.45 -73.81
CA PHE R 278 67.56 17.53 -74.76
C PHE R 278 67.45 17.01 -76.19
N ASN R 279 66.48 17.54 -76.92
CA ASN R 279 66.44 17.40 -78.38
C ASN R 279 66.19 18.77 -79.00
N VAL R 280 67.23 19.35 -79.59
CA VAL R 280 67.17 20.70 -80.17
C VAL R 280 67.03 20.64 -81.68
N THR R 281 66.17 21.51 -82.23
CA THR R 281 66.02 21.68 -83.69
C THR R 281 66.72 22.97 -84.15
N LEU R 282 67.55 22.87 -85.18
CA LEU R 282 68.24 24.02 -85.73
C LEU R 282 68.06 24.18 -87.25
N ARG R 283 68.09 25.43 -87.72
CA ARG R 283 68.03 25.72 -89.15
C ARG R 283 69.18 26.61 -89.62
N LYS R 284 69.46 26.61 -90.92
CA LYS R 284 70.55 27.42 -91.47
C LYS R 284 70.08 28.85 -91.70
N ARG R 285 70.93 29.83 -91.36
CA ARG R 285 70.55 31.24 -91.42
C ARG R 285 71.69 32.13 -91.94
N TRP R 286 71.37 33.02 -92.87
CA TRP R 286 72.33 34.01 -93.37
C TRP R 286 72.53 35.15 -92.37
N VAL R 287 73.78 35.49 -92.07
CA VAL R 287 74.08 36.65 -91.24
C VAL R 287 75.23 37.48 -91.82
N LYS R 288 75.22 38.78 -91.53
CA LYS R 288 76.26 39.70 -91.99
C LYS R 288 77.18 40.12 -90.83
N GLU S 10 57.65 6.79 -94.67
CA GLU S 10 56.95 8.00 -95.20
C GLU S 10 55.43 7.92 -95.10
N VAL S 11 54.84 8.96 -94.52
CA VAL S 11 53.39 9.02 -94.32
C VAL S 11 52.74 9.72 -95.50
N LEU S 12 51.71 9.09 -96.07
CA LEU S 12 50.99 9.68 -97.18
C LEU S 12 49.69 10.34 -96.72
N SER S 13 48.58 10.03 -97.38
CA SER S 13 47.34 10.76 -97.14
C SER S 13 46.33 9.99 -96.28
N VAL S 14 45.43 10.72 -95.64
CA VAL S 14 44.38 10.10 -94.86
C VAL S 14 43.37 9.46 -95.81
N VAL S 15 43.07 8.19 -95.55
CA VAL S 15 42.12 7.41 -96.34
C VAL S 15 40.72 8.03 -96.23
N THR S 16 40.02 8.07 -97.35
CA THR S 16 38.65 8.56 -97.39
C THR S 16 37.65 7.41 -97.56
N GLY S 17 36.37 7.72 -97.40
CA GLY S 17 35.29 6.73 -97.56
C GLY S 17 34.62 6.35 -96.26
N GLU S 18 33.68 5.41 -96.37
CA GLU S 18 32.98 4.88 -95.20
C GLU S 18 33.89 4.01 -94.33
N ASP S 19 33.55 3.93 -93.04
CA ASP S 19 34.21 3.01 -92.10
C ASP S 19 35.74 3.20 -91.97
N SER S 20 36.21 4.44 -92.10
CA SER S 20 37.63 4.75 -92.00
C SER S 20 38.04 5.13 -90.56
N ILE S 21 37.05 5.31 -89.69
CA ILE S 21 37.28 5.67 -88.30
C ILE S 21 36.75 4.58 -87.36
N THR S 22 37.59 4.14 -86.43
CA THR S 22 37.17 3.19 -85.40
C THR S 22 37.51 3.68 -83.98
N GLN S 23 36.85 3.10 -82.99
CA GLN S 23 37.05 3.46 -81.58
C GLN S 23 37.34 2.24 -80.72
N ILE S 24 38.25 2.39 -79.75
CA ILE S 24 38.70 1.28 -78.92
C ILE S 24 38.58 1.62 -77.43
N GLU S 25 37.78 0.84 -76.72
CA GLU S 25 37.52 1.01 -75.29
C GLU S 25 38.22 -0.06 -74.47
N LEU S 26 38.82 0.32 -73.35
CA LEU S 26 39.35 -0.65 -72.37
C LEU S 26 39.62 -0.04 -71.00
N TYR S 27 39.74 -0.89 -69.99
CA TYR S 27 40.22 -0.47 -68.69
C TYR S 27 41.44 -1.28 -68.31
N LEU S 28 42.23 -0.75 -67.39
CA LEU S 28 43.43 -1.43 -66.88
C LEU S 28 43.45 -1.34 -65.36
N ASN S 29 43.34 -2.47 -64.69
CA ASN S 29 43.43 -2.52 -63.23
C ASN S 29 44.89 -2.37 -62.76
N PRO S 30 45.10 -1.78 -61.58
CA PRO S 30 46.47 -1.44 -61.15
C PRO S 30 47.32 -2.64 -60.75
N ARG S 31 48.63 -2.52 -60.91
CA ARG S 31 49.57 -3.58 -60.55
C ARG S 31 50.51 -3.08 -59.47
N MET S 32 50.03 -3.09 -58.23
CA MET S 32 50.72 -2.43 -57.11
C MET S 32 51.70 -3.33 -56.36
N GLY S 33 51.57 -4.65 -56.51
CA GLY S 33 52.41 -5.59 -55.80
C GLY S 33 51.65 -6.85 -55.49
N VAL S 34 50.41 -6.70 -55.03
CA VAL S 34 49.45 -7.80 -55.00
C VAL S 34 48.58 -7.66 -56.26
N ASN S 35 48.97 -8.36 -57.31
CA ASN S 35 48.44 -8.14 -58.67
C ASN S 35 47.21 -8.96 -59.05
N SER S 36 46.88 -9.97 -58.23
CA SER S 36 45.71 -10.79 -58.49
C SER S 36 44.63 -10.66 -57.41
N PRO S 37 43.35 -10.66 -57.83
CA PRO S 37 42.21 -10.76 -56.91
C PRO S 37 41.77 -12.21 -56.65
N ASP S 38 42.62 -13.19 -57.01
CA ASP S 38 42.22 -14.60 -57.00
C ASP S 38 42.99 -15.51 -56.04
N LEU S 39 44.09 -15.00 -55.49
CA LEU S 39 45.00 -15.79 -54.64
C LEU S 39 44.35 -16.24 -53.31
N PRO S 40 44.91 -17.29 -52.68
CA PRO S 40 44.34 -17.86 -51.45
C PRO S 40 44.11 -16.86 -50.31
N THR S 41 45.18 -16.42 -49.65
CA THR S 41 45.06 -15.58 -48.45
C THR S 41 45.68 -14.18 -48.58
N THR S 42 46.33 -13.92 -49.72
CA THR S 42 47.01 -12.63 -49.96
C THR S 42 46.12 -11.63 -50.73
N SER S 43 45.09 -12.14 -51.39
CA SER S 43 44.22 -11.35 -52.27
C SER S 43 43.38 -10.24 -51.60
N ASN S 44 43.47 -10.13 -50.28
CA ASN S 44 42.82 -9.06 -49.55
C ASN S 44 43.49 -7.73 -49.86
N TRP S 45 44.77 -7.81 -50.19
CA TRP S 45 45.58 -6.63 -50.45
C TRP S 45 45.70 -6.28 -51.93
N TYR S 46 44.78 -6.81 -52.73
CA TYR S 46 44.66 -6.46 -54.14
C TYR S 46 44.49 -4.95 -54.30
N THR S 47 45.28 -4.37 -55.22
CA THR S 47 45.40 -2.91 -55.47
C THR S 47 46.18 -2.13 -54.38
N TYR S 48 46.91 -2.85 -53.54
CA TYR S 48 47.79 -2.27 -52.52
C TYR S 48 49.16 -2.97 -52.56
N THR S 49 50.14 -2.41 -51.86
CA THR S 49 51.40 -3.11 -51.60
C THR S 49 51.33 -3.82 -50.26
N TYR S 50 52.46 -4.37 -49.82
CA TYR S 50 52.62 -4.76 -48.42
C TYR S 50 53.17 -3.55 -47.68
N ASP S 51 53.71 -3.76 -46.49
CA ASP S 51 54.20 -2.66 -45.68
C ASP S 51 55.60 -2.23 -46.11
N LEU S 52 55.74 -0.94 -46.40
CA LEU S 52 56.99 -0.37 -46.88
C LEU S 52 57.81 0.13 -45.71
N GLN S 53 59.05 -0.35 -45.61
CA GLN S 53 59.92 -0.06 -44.47
C GLN S 53 61.38 0.04 -44.87
N PRO S 54 62.05 1.14 -44.51
CA PRO S 54 63.51 1.15 -44.53
C PRO S 54 64.05 0.07 -43.56
N LYS S 55 64.93 -0.79 -44.07
CA LYS S 55 65.43 -1.95 -43.33
C LYS S 55 66.20 -1.56 -42.06
N GLY S 56 67.02 -0.52 -42.17
CA GLY S 56 67.88 -0.10 -41.07
C GLY S 56 69.35 -0.44 -41.31
N SER S 57 69.59 -1.45 -42.15
CA SER S 57 70.94 -1.92 -42.45
C SER S 57 71.15 -2.25 -43.94
N SER S 58 72.36 -1.98 -44.43
CA SER S 58 72.71 -2.21 -45.82
C SER S 58 73.01 -3.69 -46.10
N PRO S 59 72.54 -4.23 -47.24
CA PRO S 59 71.80 -3.52 -48.30
C PRO S 59 70.29 -3.82 -48.30
N ASP S 60 69.55 -3.02 -49.05
CA ASP S 60 68.11 -3.22 -49.24
C ASP S 60 67.85 -4.51 -50.03
N GLN S 61 66.86 -5.28 -49.59
CA GLN S 61 66.45 -6.50 -50.28
C GLN S 61 64.92 -6.58 -50.36
N PRO S 62 64.31 -5.73 -51.21
CA PRO S 62 62.85 -5.61 -51.24
C PRO S 62 62.13 -6.80 -51.90
N ILE S 63 60.99 -7.18 -51.33
CA ILE S 63 60.12 -8.25 -51.88
C ILE S 63 59.27 -7.73 -53.06
N LYS S 64 58.74 -8.65 -53.85
CA LYS S 64 57.99 -8.29 -55.06
C LYS S 64 56.65 -7.59 -54.81
N GLU S 65 56.09 -7.78 -53.61
CA GLU S 65 54.82 -7.16 -53.23
C GLU S 65 54.97 -5.67 -52.90
N ASN S 66 56.21 -5.23 -52.68
CA ASN S 66 56.50 -3.82 -52.41
C ASN S 66 57.07 -3.07 -53.62
N LEU S 67 56.75 -3.55 -54.81
CA LEU S 67 57.19 -2.93 -56.06
C LEU S 67 56.02 -2.77 -57.04
N PRO S 68 55.38 -1.57 -57.03
CA PRO S 68 54.32 -1.27 -57.99
C PRO S 68 54.89 -1.21 -59.41
N ALA S 69 54.15 -1.78 -60.36
CA ALA S 69 54.61 -1.93 -61.73
C ALA S 69 53.62 -1.28 -62.71
N TYR S 70 54.07 -1.05 -63.95
CA TYR S 70 53.23 -0.43 -64.99
C TYR S 70 52.15 -1.41 -65.46
N SER S 71 50.96 -0.88 -65.72
CA SER S 71 49.95 -1.64 -66.41
C SER S 71 50.19 -1.49 -67.91
N VAL S 72 49.95 -2.55 -68.67
CA VAL S 72 50.06 -2.51 -70.13
C VAL S 72 49.16 -3.52 -70.86
N ALA S 73 48.67 -3.13 -72.03
CA ALA S 73 47.87 -4.02 -72.86
C ALA S 73 48.07 -3.72 -74.33
N ARG S 74 47.96 -4.77 -75.14
CA ARG S 74 48.01 -4.67 -76.60
C ARG S 74 46.65 -5.01 -77.15
N VAL S 75 46.09 -4.14 -77.97
CA VAL S 75 44.79 -4.39 -78.58
C VAL S 75 44.97 -4.69 -80.07
N SER S 76 44.49 -5.86 -80.47
CA SER S 76 44.45 -6.30 -81.87
C SER S 76 43.53 -5.37 -82.68
N LEU S 77 44.07 -4.82 -83.74
CA LEU S 77 43.28 -3.96 -84.63
C LEU S 77 42.96 -4.71 -85.94
N PRO S 78 41.74 -4.51 -86.48
CA PRO S 78 41.30 -5.13 -87.74
C PRO S 78 42.36 -5.05 -88.85
N MET S 79 42.64 -6.18 -89.48
CA MET S 79 43.60 -6.25 -90.58
C MET S 79 43.14 -5.36 -91.73
N LEU S 80 44.09 -4.72 -92.38
CA LEU S 80 43.76 -3.75 -93.43
C LEU S 80 44.24 -4.15 -94.84
N ASN S 81 45.21 -5.06 -94.89
CA ASN S 81 45.82 -5.48 -96.15
C ASN S 81 45.82 -6.99 -96.28
N THR S 88 53.64 0.18 -99.95
CA THR S 88 52.56 1.15 -99.83
C THR S 88 51.23 0.49 -99.38
N LEU S 89 50.96 0.59 -98.08
CA LEU S 89 49.74 0.02 -97.52
C LEU S 89 49.07 0.95 -96.49
N GLN S 90 47.94 0.49 -95.96
CA GLN S 90 47.19 1.22 -94.93
C GLN S 90 47.64 0.82 -93.53
N MET S 91 47.71 1.79 -92.62
CA MET S 91 47.90 1.53 -91.20
C MET S 91 46.84 2.26 -90.38
N TRP S 92 46.58 1.78 -89.17
CA TRP S 92 45.78 2.52 -88.20
C TRP S 92 46.61 3.62 -87.51
N GLU S 93 46.04 4.82 -87.45
CA GLU S 93 46.68 5.96 -86.83
C GLU S 93 45.80 6.48 -85.68
N ALA S 94 46.33 6.44 -84.46
CA ALA S 94 45.59 6.96 -83.29
C ALA S 94 45.64 8.51 -83.26
N ILE S 95 44.49 9.15 -83.09
CA ILE S 95 44.43 10.62 -83.20
C ILE S 95 43.97 11.41 -81.97
N SER S 96 43.28 10.72 -81.06
CA SER S 96 42.76 11.31 -79.83
C SER S 96 42.38 10.24 -78.82
N VAL S 97 42.28 10.63 -77.55
CA VAL S 97 41.92 9.70 -76.47
C VAL S 97 41.18 10.41 -75.34
N LYS S 98 40.14 9.75 -74.83
CA LYS S 98 39.52 10.13 -73.56
C LYS S 98 40.02 9.16 -72.50
N THR S 99 40.58 9.69 -71.43
CA THR S 99 41.09 8.83 -70.36
C THR S 99 40.75 9.39 -68.99
N GLU S 100 40.57 8.50 -68.02
CA GLU S 100 40.04 8.87 -66.71
C GLU S 100 40.47 7.88 -65.65
N VAL S 101 40.83 8.38 -64.46
CA VAL S 101 41.08 7.51 -63.34
C VAL S 101 39.75 7.16 -62.66
N VAL S 102 39.50 5.85 -62.51
CA VAL S 102 38.22 5.34 -62.02
C VAL S 102 38.22 5.14 -60.49
N GLY S 103 37.10 5.42 -59.85
CA GLY S 103 36.95 5.16 -58.40
C GLY S 103 37.59 6.18 -57.46
N ILE S 104 37.85 7.39 -57.96
CA ILE S 104 38.38 8.50 -57.15
C ILE S 104 37.53 8.68 -55.88
N SER S 105 36.21 8.73 -56.08
CA SER S 105 35.25 8.85 -54.99
C SER S 105 35.48 7.89 -53.81
N SER S 106 36.02 6.70 -54.07
CA SER S 106 36.28 5.69 -53.02
C SER S 106 37.20 6.20 -51.92
N LEU S 107 38.01 7.20 -52.26
CA LEU S 107 39.00 7.71 -51.33
C LEU S 107 38.46 8.64 -50.22
N ILE S 108 37.14 8.90 -50.19
CA ILE S 108 36.57 9.65 -49.07
C ILE S 108 36.38 8.79 -47.79
N ASN S 109 36.56 7.49 -47.93
CA ASN S 109 36.44 6.56 -46.81
C ASN S 109 37.54 6.83 -45.79
N VAL S 110 37.16 7.26 -44.59
CA VAL S 110 38.12 7.60 -43.53
C VAL S 110 37.83 6.79 -42.25
N HIS S 111 37.20 5.64 -42.46
CA HIS S 111 36.76 4.77 -41.39
C HIS S 111 37.03 3.30 -41.73
N TYR S 112 38.11 3.07 -42.49
CA TYR S 112 38.64 1.73 -42.66
C TYR S 112 38.93 1.16 -41.26
N TRP S 113 38.54 -0.09 -41.01
CA TRP S 113 38.56 -0.64 -39.64
C TRP S 113 39.93 -0.57 -38.96
N ASP S 114 41.01 -0.68 -39.74
CA ASP S 114 42.38 -0.66 -39.19
C ASP S 114 43.20 0.60 -39.52
N MET S 115 42.54 1.76 -39.60
CA MET S 115 43.18 2.99 -40.06
C MET S 115 43.76 3.80 -38.91
N LYS S 116 45.02 4.24 -39.03
CA LYS S 116 45.57 5.17 -38.06
C LYS S 116 44.68 6.41 -37.97
N ARG S 117 44.45 6.89 -36.76
CA ARG S 117 43.63 8.08 -36.51
C ARG S 117 44.47 9.34 -36.61
N VAL S 118 43.83 10.48 -36.87
CA VAL S 118 44.53 11.77 -36.89
C VAL S 118 44.93 12.20 -35.48
N HIS S 119 44.06 11.89 -34.51
CA HIS S 119 44.26 12.11 -33.09
C HIS S 119 43.21 11.26 -32.37
N ASP S 120 43.30 11.18 -31.05
CA ASP S 120 42.38 10.36 -30.24
C ASP S 120 40.92 10.66 -30.55
N TYR S 121 40.14 9.59 -30.72
CA TYR S 121 38.69 9.65 -31.02
C TYR S 121 38.37 10.27 -32.38
N GLY S 122 39.40 10.47 -33.18
CA GLY S 122 39.26 11.10 -34.49
C GLY S 122 38.99 10.15 -35.64
N ALA S 123 38.86 10.72 -36.85
CA ALA S 123 38.71 9.92 -38.06
C ALA S 123 40.07 9.37 -38.45
N GLY S 124 40.06 8.37 -39.32
CA GLY S 124 41.31 7.81 -39.83
C GLY S 124 41.95 8.79 -40.80
N ILE S 125 43.27 8.72 -40.93
CA ILE S 125 44.01 9.54 -41.91
C ILE S 125 43.59 9.08 -43.31
N PRO S 126 43.15 10.01 -44.18
CA PRO S 126 42.78 9.61 -45.55
C PRO S 126 43.97 9.15 -46.39
N VAL S 127 43.70 8.38 -47.45
CA VAL S 127 44.72 8.03 -48.44
C VAL S 127 45.31 9.29 -49.05
N SER S 128 46.63 9.42 -48.95
CA SER S 128 47.37 10.62 -49.30
C SER S 128 48.88 10.33 -49.28
N GLY S 129 49.67 11.33 -49.65
CA GLY S 129 51.12 11.18 -49.73
C GLY S 129 51.59 11.11 -51.17
N VAL S 130 52.53 10.20 -51.42
CA VAL S 130 53.13 10.00 -52.74
C VAL S 130 52.08 9.63 -53.80
N ASN S 131 52.06 10.41 -54.88
CA ASN S 131 51.27 10.10 -56.07
C ASN S 131 52.19 10.01 -57.28
N TYR S 132 51.84 9.10 -58.18
CA TYR S 132 52.50 8.96 -59.48
C TYR S 132 51.44 8.60 -60.54
N HIS S 133 51.36 9.41 -61.61
CA HIS S 133 50.34 9.22 -62.63
C HIS S 133 50.91 9.40 -64.03
N MET S 134 50.84 8.33 -64.83
CA MET S 134 51.18 8.42 -66.25
C MET S 134 50.27 7.55 -67.11
N PHE S 135 50.19 7.90 -68.39
CA PHE S 135 49.54 7.06 -69.39
C PHE S 135 50.23 7.26 -70.73
N ALA S 136 50.20 6.24 -71.57
CA ALA S 136 50.86 6.30 -72.87
C ALA S 136 50.08 5.54 -73.94
N ILE S 137 50.17 6.04 -75.18
CA ILE S 137 49.54 5.44 -76.35
C ILE S 137 50.56 5.43 -77.48
N GLY S 138 50.74 4.26 -78.10
CA GLY S 138 51.66 4.09 -79.22
C GLY S 138 51.35 2.90 -80.13
N GLY S 139 52.01 2.87 -81.28
CA GLY S 139 51.88 1.75 -82.24
C GLY S 139 52.90 0.63 -82.01
N GLU S 140 53.64 0.73 -80.91
CA GLU S 140 54.64 -0.23 -80.49
C GLU S 140 54.87 -0.10 -78.98
N PRO S 141 55.44 -1.14 -78.33
CA PRO S 141 55.74 -1.07 -76.89
C PRO S 141 56.47 0.20 -76.48
N LEU S 142 56.18 0.68 -75.28
CA LEU S 142 56.81 1.90 -74.76
C LEU S 142 58.28 1.66 -74.41
N ASP S 143 59.16 2.54 -74.88
CA ASP S 143 60.59 2.47 -74.56
C ASP S 143 60.87 2.98 -73.14
N LEU S 144 61.71 2.25 -72.42
CA LEU S 144 61.98 2.54 -71.02
C LEU S 144 63.46 2.81 -70.76
N GLN S 145 63.72 3.71 -69.81
CA GLN S 145 65.07 3.98 -69.32
C GLN S 145 65.14 3.61 -67.84
N GLY S 146 66.24 2.97 -67.45
CA GLY S 146 66.43 2.51 -66.07
C GLY S 146 67.28 3.45 -65.24
N LEU S 147 66.80 3.76 -64.04
CA LEU S 147 67.51 4.62 -63.08
C LEU S 147 66.95 4.38 -61.68
N VAL S 148 67.84 4.19 -60.71
CA VAL S 148 67.40 3.90 -59.36
C VAL S 148 67.95 4.90 -58.35
N LEU S 149 67.24 5.04 -57.24
CA LEU S 149 67.71 5.85 -56.11
C LEU S 149 69.04 5.31 -55.58
N ASP S 150 69.14 3.99 -55.51
CA ASP S 150 70.31 3.33 -54.92
C ASP S 150 70.72 2.06 -55.68
N TYR S 151 71.94 2.06 -56.23
CA TYR S 151 72.44 0.98 -57.08
C TYR S 151 72.73 -0.35 -56.35
N GLN S 152 72.99 -0.25 -55.05
CA GLN S 152 73.29 -1.42 -54.21
C GLN S 152 72.05 -2.26 -53.88
N THR S 153 70.87 -1.76 -54.26
CA THR S 153 69.62 -2.48 -54.06
C THR S 153 69.63 -3.86 -54.75
N GLN S 154 69.16 -4.87 -54.02
CA GLN S 154 69.10 -6.23 -54.54
C GLN S 154 67.66 -6.64 -54.82
N TYR S 155 67.21 -6.34 -56.05
CA TYR S 155 65.86 -6.67 -56.50
C TYR S 155 65.73 -8.17 -56.71
N PRO S 156 64.52 -8.73 -56.52
CA PRO S 156 64.42 -10.19 -56.64
C PRO S 156 64.73 -10.65 -58.06
N LYS S 157 65.21 -11.88 -58.19
CA LYS S 157 65.58 -12.47 -59.47
C LYS S 157 64.36 -12.79 -60.31
N THR S 158 64.57 -12.96 -61.62
CA THR S 158 63.51 -13.37 -62.54
C THR S 158 63.51 -14.90 -62.71
N GLY S 162 58.92 -12.77 -60.42
CA GLY S 162 60.13 -12.33 -61.08
C GLY S 162 59.99 -11.04 -61.89
N PRO S 163 60.26 -9.87 -61.26
CA PRO S 163 60.26 -8.59 -61.95
C PRO S 163 61.53 -8.37 -62.78
N ILE S 164 61.40 -7.61 -63.87
CA ILE S 164 62.52 -7.32 -64.75
C ILE S 164 63.14 -5.98 -64.38
N THR S 165 64.41 -6.00 -63.99
CA THR S 165 65.14 -4.80 -63.59
C THR S 165 66.41 -4.61 -64.41
N ILE S 166 67.19 -3.58 -64.07
CA ILE S 166 68.43 -3.26 -64.77
C ILE S 166 69.37 -4.48 -64.89
N GLU S 167 69.58 -5.17 -63.77
CA GLU S 167 70.41 -6.38 -63.73
C GLU S 167 69.98 -7.43 -64.77
N THR S 168 68.66 -7.66 -64.90
CA THR S 168 68.09 -8.61 -65.87
C THR S 168 68.50 -8.30 -67.31
N VAL S 169 68.58 -7.03 -67.67
CA VAL S 169 68.90 -6.67 -69.05
C VAL S 169 70.41 -6.50 -69.27
N LEU S 170 71.15 -6.23 -68.21
CA LEU S 170 72.61 -6.10 -68.31
C LEU S 170 73.34 -7.42 -68.16
N GLY S 171 72.65 -8.41 -67.58
CA GLY S 171 73.26 -9.69 -67.19
C GLY S 171 74.01 -9.52 -65.88
N ARG S 172 74.99 -8.62 -65.89
CA ARG S 172 75.79 -8.27 -64.72
C ARG S 172 75.03 -7.37 -63.73
N LYS S 173 75.67 -7.06 -62.61
CA LYS S 173 75.09 -6.21 -61.58
C LYS S 173 75.27 -4.71 -61.86
N MET S 174 74.39 -3.90 -61.27
CA MET S 174 74.42 -2.44 -61.38
C MET S 174 75.71 -1.84 -60.83
N THR S 175 76.05 -0.65 -61.30
CA THR S 175 77.18 0.11 -60.78
C THR S 175 76.67 1.51 -60.42
N PRO S 176 77.52 2.35 -59.77
CA PRO S 176 77.13 3.71 -59.42
C PRO S 176 76.53 4.53 -60.56
N LYS S 177 76.95 4.28 -61.79
CA LYS S 177 76.40 5.01 -62.95
C LYS S 177 74.87 4.86 -63.11
N ASN S 178 74.33 3.72 -62.69
CA ASN S 178 72.87 3.49 -62.68
C ASN S 178 72.04 4.37 -61.72
N GLN S 179 72.72 5.26 -60.99
CA GLN S 179 72.05 6.28 -60.18
C GLN S 179 71.88 7.55 -61.02
N GLY S 180 72.55 7.59 -62.17
CA GLY S 180 72.33 8.58 -63.22
C GLY S 180 71.83 7.89 -64.48
N LEU S 181 72.09 8.48 -65.65
CA LEU S 181 71.63 7.87 -66.93
C LEU S 181 72.73 7.05 -67.59
N ASP S 182 72.49 5.74 -67.67
CA ASP S 182 73.37 4.82 -68.38
C ASP S 182 72.64 4.31 -69.62
N PRO S 183 73.16 4.64 -70.82
CA PRO S 183 72.53 4.33 -72.11
C PRO S 183 72.35 2.82 -72.36
N GLN S 184 73.08 2.00 -71.63
CA GLN S 184 72.96 0.55 -71.74
C GLN S 184 71.74 -0.02 -71.00
N ALA S 185 71.15 0.78 -70.10
CA ALA S 185 70.02 0.33 -69.28
C ALA S 185 68.67 0.68 -69.92
N LYS S 186 68.23 -0.16 -70.86
CA LYS S 186 67.03 0.10 -71.65
C LYS S 186 66.19 -1.15 -71.83
N ALA S 187 64.88 -0.95 -71.95
CA ALA S 187 63.95 -2.04 -72.13
C ALA S 187 62.70 -1.57 -72.86
N LYS S 188 61.80 -2.50 -73.12
CA LYS S 188 60.54 -2.20 -73.75
C LYS S 188 59.37 -2.70 -72.88
N LEU S 189 58.29 -1.93 -72.81
CA LEU S 189 57.18 -2.28 -71.94
C LEU S 189 56.25 -3.31 -72.59
N ASP S 190 56.62 -4.58 -72.49
CA ASP S 190 55.89 -5.64 -73.16
C ASP S 190 55.07 -6.55 -72.24
N LYS S 191 55.36 -6.51 -70.94
CA LYS S 191 54.66 -7.39 -69.98
C LYS S 191 53.99 -6.69 -68.79
N ASP S 192 52.71 -7.02 -68.61
CA ASP S 192 51.86 -6.44 -67.56
C ASP S 192 52.34 -6.85 -66.17
N GLY S 193 52.57 -5.87 -65.30
CA GLY S 193 52.96 -6.12 -63.91
C GLY S 193 54.36 -6.66 -63.71
N ASN S 194 55.23 -6.45 -64.71
CA ASN S 194 56.58 -6.98 -64.70
C ASN S 194 57.68 -5.94 -64.51
N TYR S 195 57.39 -4.69 -64.86
CA TYR S 195 58.40 -3.63 -64.80
C TYR S 195 58.15 -2.64 -63.64
N PRO S 196 59.01 -2.69 -62.60
CA PRO S 196 58.85 -1.80 -61.44
C PRO S 196 58.96 -0.31 -61.77
N ILE S 197 58.04 0.47 -61.25
CA ILE S 197 58.02 1.91 -61.49
C ILE S 197 59.27 2.63 -60.95
N GLU S 198 59.82 2.15 -59.84
CA GLU S 198 60.96 2.83 -59.20
C GLU S 198 62.27 2.55 -59.92
N VAL S 199 62.22 1.69 -60.93
CA VAL S 199 63.40 1.34 -61.71
C VAL S 199 63.34 1.93 -63.12
N TRP S 200 62.14 2.02 -63.67
CA TRP S 200 61.97 2.41 -65.07
C TRP S 200 61.11 3.68 -65.26
N CYS S 201 61.58 4.56 -66.15
CA CYS S 201 60.82 5.71 -66.63
C CYS S 201 60.79 5.69 -68.18
N PRO S 202 59.82 6.40 -68.81
CA PRO S 202 59.80 6.45 -70.28
C PRO S 202 61.08 7.04 -70.85
N ASP S 203 61.56 6.48 -71.96
CA ASP S 203 62.81 6.92 -72.58
C ASP S 203 62.55 8.09 -73.53
N PRO S 204 63.02 9.29 -73.17
CA PRO S 204 62.80 10.47 -74.04
C PRO S 204 63.67 10.48 -75.29
N SER S 205 64.70 9.63 -75.33
CA SER S 205 65.57 9.56 -76.50
C SER S 205 64.99 8.67 -77.61
N LYS S 206 63.91 7.95 -77.30
CA LYS S 206 63.22 7.14 -78.30
C LYS S 206 61.73 7.53 -78.32
N ASN S 207 60.84 6.54 -78.38
CA ASN S 207 59.38 6.75 -78.29
C ASN S 207 58.77 7.68 -79.37
N GLU S 208 59.42 7.76 -80.52
CA GLU S 208 59.00 8.64 -81.60
C GLU S 208 57.61 8.29 -82.14
N ASN S 209 57.21 7.03 -81.97
CA ASN S 209 55.92 6.50 -82.39
C ASN S 209 55.01 6.20 -81.18
N SER S 210 55.24 6.96 -80.10
CA SER S 210 54.39 6.95 -78.90
C SER S 210 54.19 8.34 -78.32
N ARG S 211 53.06 8.52 -77.63
CA ARG S 211 52.80 9.72 -76.83
C ARG S 211 52.59 9.36 -75.36
N TYR S 212 53.38 9.96 -74.47
CA TYR S 212 53.21 9.73 -73.03
C TYR S 212 53.11 11.03 -72.22
N TYR S 213 52.35 10.96 -71.12
CA TYR S 213 52.10 12.09 -70.24
C TYR S 213 52.23 11.62 -68.79
N GLY S 214 52.95 12.39 -67.97
CA GLY S 214 53.19 11.96 -66.58
C GLY S 214 53.51 13.04 -65.56
N SER S 215 53.41 12.65 -64.29
CA SER S 215 53.65 13.56 -63.17
C SER S 215 53.93 12.79 -61.87
N ILE S 216 54.70 13.41 -60.97
CA ILE S 216 54.92 12.88 -59.63
C ILE S 216 54.60 13.93 -58.57
N GLN S 217 54.19 13.45 -57.40
CA GLN S 217 54.03 14.24 -56.19
C GLN S 217 54.71 13.52 -54.99
N THR S 218 55.63 14.19 -54.31
CA THR S 218 56.22 13.61 -53.08
C THR S 218 55.74 14.28 -51.80
N GLY S 219 56.42 14.01 -50.69
CA GLY S 219 55.91 14.36 -49.36
C GLY S 219 55.17 13.15 -48.79
N SER S 220 54.89 13.17 -47.49
CA SER S 220 54.38 11.97 -46.81
C SER S 220 52.88 11.96 -46.57
N GLN S 221 52.31 13.12 -46.28
CA GLN S 221 50.87 13.28 -46.10
C GLN S 221 50.29 14.36 -47.01
N THR S 222 50.93 14.53 -48.16
CA THR S 222 50.48 15.47 -49.17
C THR S 222 49.10 15.09 -49.70
N PRO S 223 48.19 16.07 -49.78
CA PRO S 223 46.86 15.81 -50.33
C PRO S 223 46.90 15.20 -51.73
N THR S 224 46.08 14.19 -51.92
CA THR S 224 45.78 13.66 -53.23
C THR S 224 44.73 14.58 -53.86
N VAL S 225 45.06 15.17 -55.00
CA VAL S 225 44.15 16.07 -55.70
C VAL S 225 43.99 15.60 -57.14
N LEU S 226 42.79 15.17 -57.50
CA LEU S 226 42.54 14.57 -58.82
C LEU S 226 41.24 15.09 -59.40
N GLN S 227 41.19 15.25 -60.72
CA GLN S 227 39.96 15.69 -61.41
C GLN S 227 39.40 14.57 -62.28
N PHE S 228 38.10 14.65 -62.60
CA PHE S 228 37.47 13.69 -63.52
C PHE S 228 36.29 14.32 -64.26
N SER S 229 36.30 14.16 -65.58
CA SER S 229 35.27 14.70 -66.45
C SER S 229 35.26 13.94 -67.77
N ASN S 230 34.09 13.75 -68.35
CA ASN S 230 33.99 13.09 -69.67
C ASN S 230 33.98 14.09 -70.82
N THR S 231 34.37 15.32 -70.54
CA THR S 231 34.46 16.37 -71.58
C THR S 231 35.89 16.62 -72.00
N LEU S 232 36.84 15.91 -71.39
CA LEU S 232 38.26 16.16 -71.65
C LEU S 232 38.85 15.18 -72.64
N THR S 233 39.39 15.71 -73.75
CA THR S 233 40.03 14.91 -74.78
C THR S 233 41.50 15.32 -74.93
N THR S 234 42.38 14.33 -75.04
CA THR S 234 43.78 14.59 -75.43
C THR S 234 43.99 14.27 -76.92
N VAL S 235 44.50 15.24 -77.67
CA VAL S 235 44.78 15.07 -79.10
C VAL S 235 46.18 14.48 -79.31
N LEU S 236 46.26 13.36 -80.00
CA LEU S 236 47.51 12.59 -80.11
C LEU S 236 48.43 12.93 -81.31
N LEU S 237 47.99 13.85 -82.17
CA LEU S 237 48.78 14.28 -83.34
C LEU S 237 50.05 15.01 -82.94
N ASP S 238 51.12 14.82 -83.73
CA ASP S 238 52.35 15.56 -83.51
C ASP S 238 52.29 16.92 -84.22
N GLU S 239 53.40 17.65 -84.24
CA GLU S 239 53.46 18.99 -84.84
C GLU S 239 53.28 18.99 -86.36
N ASN S 240 53.27 17.81 -86.98
CA ASN S 240 53.04 17.65 -88.42
C ASN S 240 51.66 17.05 -88.77
N GLY S 241 50.89 16.68 -87.76
CA GLY S 241 49.54 16.14 -87.95
C GLY S 241 49.48 14.62 -87.98
N VAL S 242 50.54 13.97 -87.49
CA VAL S 242 50.61 12.50 -87.51
C VAL S 242 50.48 11.93 -86.10
N GLY S 243 49.51 11.05 -85.90
CA GLY S 243 49.43 10.25 -84.67
C GLY S 243 50.36 9.04 -84.70
N PRO S 244 50.39 8.26 -83.60
CA PRO S 244 51.14 7.01 -83.59
C PRO S 244 50.58 6.07 -84.66
N LEU S 245 51.48 5.36 -85.33
CA LEU S 245 51.10 4.44 -86.39
C LEU S 245 51.29 3.00 -85.92
N CYS S 246 50.24 2.20 -86.08
CA CYS S 246 50.20 0.86 -85.50
C CYS S 246 50.83 -0.21 -86.38
N LYS S 247 52.16 -0.25 -86.34
CA LYS S 247 52.94 -1.30 -86.98
C LYS S 247 52.44 -2.66 -86.51
N GLY S 248 52.11 -3.52 -87.47
CA GLY S 248 51.62 -4.86 -87.17
C GLY S 248 50.24 -4.87 -86.53
N ASP S 249 49.47 -3.80 -86.78
CA ASP S 249 48.07 -3.69 -86.35
C ASP S 249 47.83 -3.89 -84.85
N GLY S 250 48.79 -3.41 -84.04
CA GLY S 250 48.66 -3.47 -82.59
C GLY S 250 48.71 -2.08 -81.96
N LEU S 251 47.76 -1.81 -81.07
CA LEU S 251 47.71 -0.57 -80.31
C LEU S 251 48.20 -0.83 -78.88
N PHE S 252 49.20 -0.06 -78.45
CA PHE S 252 49.76 -0.23 -77.11
C PHE S 252 49.35 0.88 -76.12
N ILE S 253 48.78 0.45 -75.01
CA ILE S 253 48.26 1.32 -73.97
C ILE S 253 48.94 1.01 -72.62
N SER S 254 49.50 2.03 -72.00
CA SER S 254 50.29 1.85 -70.78
C SER S 254 49.93 2.91 -69.75
N CYS S 255 50.05 2.57 -68.46
CA CYS S 255 49.74 3.51 -67.38
C CYS S 255 50.24 3.07 -65.99
N ALA S 256 50.15 3.99 -65.05
CA ALA S 256 50.41 3.77 -63.63
C ALA S 256 49.77 4.92 -62.85
N ASP S 257 49.01 4.57 -61.81
CA ASP S 257 48.32 5.58 -60.99
C ASP S 257 48.34 5.23 -59.51
N ILE S 258 49.40 5.66 -58.83
CA ILE S 258 49.51 5.56 -57.38
C ILE S 258 48.89 6.81 -56.77
N VAL S 259 47.98 6.61 -55.81
CA VAL S 259 47.18 7.69 -55.24
C VAL S 259 47.44 7.97 -53.74
N GLY S 260 48.51 7.38 -53.19
CA GLY S 260 48.85 7.63 -51.78
C GLY S 260 49.00 6.41 -50.90
N PHE S 261 49.22 6.65 -49.61
CA PHE S 261 49.40 5.60 -48.60
C PHE S 261 48.12 5.27 -47.83
N LEU S 262 47.93 3.98 -47.55
CA LEU S 262 47.00 3.56 -46.50
C LEU S 262 47.77 3.51 -45.18
N PHE S 263 47.31 4.26 -44.18
CA PHE S 263 48.00 4.40 -42.90
C PHE S 263 47.39 3.45 -41.88
N LYS S 264 48.15 2.41 -41.49
CA LYS S 264 47.64 1.38 -40.57
C LYS S 264 47.85 1.77 -39.10
N THR S 265 47.03 1.20 -38.21
CA THR S 265 47.03 1.53 -36.78
C THR S 265 48.40 1.43 -36.11
N SER S 266 49.12 0.36 -36.44
CA SER S 266 50.45 0.09 -35.87
C SER S 266 51.52 1.13 -36.27
N GLY S 267 51.30 1.82 -37.38
CA GLY S 267 52.31 2.72 -37.93
C GLY S 267 52.78 2.30 -39.32
N LYS S 268 52.45 1.07 -39.70
CA LYS S 268 52.82 0.54 -41.01
C LYS S 268 52.03 1.26 -42.09
N MET S 269 52.62 1.33 -43.29
CA MET S 269 52.07 2.09 -44.40
C MET S 269 52.13 1.29 -45.70
N ALA S 270 51.05 1.31 -46.46
CA ALA S 270 51.00 0.63 -47.76
C ALA S 270 50.61 1.60 -48.88
N LEU S 271 51.25 1.49 -50.04
CA LEU S 271 50.85 2.26 -51.21
C LEU S 271 49.58 1.68 -51.86
N HIS S 272 48.88 2.51 -52.63
CA HIS S 272 47.57 2.17 -53.20
C HIS S 272 47.41 2.74 -54.59
N GLY S 273 46.88 1.92 -55.50
CA GLY S 273 46.63 2.33 -56.87
C GLY S 273 45.16 2.30 -57.24
N LEU S 274 44.83 2.91 -58.37
CA LEU S 274 43.47 2.94 -58.90
C LEU S 274 43.48 2.57 -60.39
N PRO S 275 42.36 2.05 -60.91
CA PRO S 275 42.35 1.68 -62.33
C PRO S 275 42.07 2.87 -63.26
N ARG S 276 42.45 2.72 -64.53
CA ARG S 276 42.26 3.75 -65.56
C ARG S 276 41.49 3.24 -66.81
N TYR S 277 40.58 4.09 -67.28
CA TYR S 277 39.78 3.84 -68.47
C TYR S 277 40.33 4.59 -69.68
N PHE S 278 40.15 4.00 -70.87
CA PHE S 278 40.61 4.56 -72.13
C PHE S 278 39.56 4.47 -73.24
N ASN S 279 39.37 5.57 -73.97
CA ASN S 279 38.64 5.50 -75.24
C ASN S 279 39.45 6.15 -76.36
N VAL S 280 39.98 5.32 -77.25
CA VAL S 280 40.91 5.78 -78.29
C VAL S 280 40.24 5.87 -79.65
N THR S 281 40.43 6.99 -80.36
CA THR S 281 39.93 7.18 -81.73
C THR S 281 41.05 6.97 -82.76
N LEU S 282 40.80 6.10 -83.74
CA LEU S 282 41.77 5.81 -84.80
C LEU S 282 41.17 5.99 -86.19
N ARG S 283 42.01 6.37 -87.14
CA ARG S 283 41.62 6.47 -88.54
C ARG S 283 42.59 5.68 -89.41
N LYS S 284 42.26 5.54 -90.70
CA LYS S 284 43.11 4.82 -91.65
C LYS S 284 44.02 5.80 -92.37
N ARG S 285 45.28 5.41 -92.55
CA ARG S 285 46.30 6.26 -93.17
C ARG S 285 47.16 5.47 -94.16
N TRP S 286 47.36 6.01 -95.35
CA TRP S 286 48.29 5.44 -96.34
C TRP S 286 49.72 5.71 -95.92
N VAL S 287 50.56 4.67 -95.93
CA VAL S 287 52.01 4.82 -95.67
C VAL S 287 52.88 4.17 -96.75
N LYS S 288 54.06 4.74 -96.95
CA LYS S 288 54.97 4.32 -98.01
C LYS S 288 55.99 3.29 -97.50
N VAL T 9 18.09 7.41 -82.98
CA VAL T 9 18.47 8.67 -82.28
C VAL T 9 19.42 9.52 -83.14
N GLU T 10 18.92 9.96 -84.30
CA GLU T 10 19.68 10.79 -85.23
C GLU T 10 19.35 12.27 -85.05
N VAL T 11 20.40 13.08 -84.86
CA VAL T 11 20.25 14.50 -84.50
C VAL T 11 20.11 15.38 -85.75
N LEU T 12 18.96 16.06 -85.86
CA LEU T 12 18.73 16.98 -86.97
C LEU T 12 18.98 18.44 -86.57
N SER T 13 18.16 19.36 -87.07
CA SER T 13 18.42 20.78 -86.89
C SER T 13 17.78 21.37 -85.63
N VAL T 14 18.39 22.46 -85.15
CA VAL T 14 17.84 23.27 -84.08
C VAL T 14 16.57 23.96 -84.57
N VAL T 15 15.50 23.85 -83.79
CA VAL T 15 14.24 24.50 -84.13
C VAL T 15 14.38 26.03 -84.13
N THR T 16 13.69 26.67 -85.06
CA THR T 16 13.58 28.13 -85.08
C THR T 16 12.21 28.51 -84.52
N GLY T 17 12.13 29.65 -83.84
CA GLY T 17 10.85 30.12 -83.31
C GLY T 17 10.93 31.11 -82.17
N GLU T 18 9.75 31.53 -81.71
CA GLU T 18 9.62 32.50 -80.62
C GLU T 18 9.84 31.85 -79.26
N ASP T 19 9.31 30.64 -79.10
CA ASP T 19 9.35 29.94 -77.82
C ASP T 19 10.23 28.70 -77.87
N SER T 20 11.46 28.86 -78.36
CA SER T 20 12.34 27.72 -78.56
C SER T 20 13.42 27.59 -77.48
N ILE T 21 13.52 28.59 -76.60
CA ILE T 21 14.52 28.62 -75.53
C ILE T 21 13.88 28.75 -74.14
N THR T 22 14.28 27.85 -73.24
CA THR T 22 13.75 27.80 -71.88
C THR T 22 14.89 27.71 -70.85
N GLN T 23 14.59 28.06 -69.59
CA GLN T 23 15.55 28.02 -68.49
C GLN T 23 14.95 27.25 -67.32
N ILE T 24 15.75 26.38 -66.69
CA ILE T 24 15.32 25.61 -65.52
C ILE T 24 16.16 25.98 -64.30
N GLU T 25 15.49 26.41 -63.23
CA GLU T 25 16.17 26.72 -61.97
C GLU T 25 15.80 25.71 -60.89
N LEU T 26 16.79 25.32 -60.10
CA LEU T 26 16.58 24.51 -58.91
C LEU T 26 17.83 24.52 -58.05
N TYR T 27 17.69 24.00 -56.84
CA TYR T 27 18.81 23.78 -55.92
C TYR T 27 18.69 22.36 -55.39
N LEU T 28 19.80 21.82 -54.87
CA LEU T 28 19.77 20.52 -54.22
C LEU T 28 20.55 20.51 -52.90
N ASN T 29 19.84 20.21 -51.81
CA ASN T 29 20.42 20.15 -50.48
C ASN T 29 21.27 18.88 -50.28
N PRO T 30 22.36 18.96 -49.49
CA PRO T 30 23.29 17.86 -49.34
C PRO T 30 22.69 16.64 -48.66
N ARG T 31 23.18 15.44 -48.99
CA ARG T 31 22.69 14.20 -48.37
C ARG T 31 23.84 13.46 -47.68
N MET T 32 24.25 13.99 -46.53
CA MET T 32 25.50 13.55 -45.88
C MET T 32 25.34 12.35 -44.95
N GLY T 33 24.12 11.93 -44.69
CA GLY T 33 23.84 10.85 -43.73
C GLY T 33 22.59 11.19 -42.93
N VAL T 34 22.55 12.41 -42.40
CA VAL T 34 21.34 12.96 -41.80
C VAL T 34 20.63 13.77 -42.89
N ASN T 35 19.73 13.09 -43.60
CA ASN T 35 19.19 13.58 -44.87
C ASN T 35 17.98 14.50 -44.82
N SER T 36 17.24 14.45 -43.71
CA SER T 36 16.03 15.26 -43.56
C SER T 36 16.12 16.23 -42.38
N PRO T 37 15.59 17.46 -42.54
CA PRO T 37 15.55 18.40 -41.43
C PRO T 37 14.29 18.25 -40.57
N ASP T 38 13.47 17.25 -40.87
CA ASP T 38 12.12 17.11 -40.33
C ASP T 38 11.94 15.94 -39.36
N LEU T 39 13.04 15.30 -38.99
CA LEU T 39 13.01 14.11 -38.14
C LEU T 39 12.98 14.47 -36.64
N PRO T 40 12.45 13.55 -35.81
CA PRO T 40 12.33 13.82 -34.37
C PRO T 40 13.60 13.53 -33.57
N THR T 41 14.37 12.53 -34.02
CA THR T 41 15.47 11.97 -33.24
C THR T 41 16.87 12.55 -33.57
N THR T 42 17.06 13.00 -34.81
CA THR T 42 18.40 13.17 -35.36
C THR T 42 18.68 14.49 -36.12
N SER T 43 17.61 15.20 -36.47
CA SER T 43 17.65 16.31 -37.43
C SER T 43 18.48 17.56 -37.13
N ASN T 44 19.00 17.70 -35.92
CA ASN T 44 19.88 18.83 -35.58
CA ASN T 44 19.87 18.84 -35.63
C ASN T 44 21.22 18.72 -36.33
N TRP T 45 21.53 17.51 -36.81
CA TRP T 45 22.75 17.23 -37.57
C TRP T 45 22.52 17.13 -39.09
N TYR T 46 21.43 17.74 -39.55
CA TYR T 46 21.15 17.87 -40.98
C TYR T 46 22.31 18.57 -41.68
N THR T 47 22.70 18.02 -42.84
CA THR T 47 23.87 18.45 -43.65
C THR T 47 25.23 17.94 -43.10
N TYR T 48 25.19 17.10 -42.06
CA TYR T 48 26.39 16.47 -41.51
C TYR T 48 26.24 14.94 -41.46
N THR T 49 27.36 14.23 -41.29
CA THR T 49 27.34 12.80 -40.95
C THR T 49 27.31 12.70 -39.44
N TYR T 50 27.31 11.48 -38.91
CA TYR T 50 27.59 11.28 -37.49
C TYR T 50 29.11 11.31 -37.28
N ASP T 51 29.56 10.74 -36.16
CA ASP T 51 31.00 10.64 -35.90
C ASP T 51 31.64 9.51 -36.71
N LEU T 52 32.74 9.85 -37.38
CA LEU T 52 33.47 8.94 -38.25
C LEU T 52 34.71 8.41 -37.56
N GLN T 53 34.77 7.09 -37.38
CA GLN T 53 35.84 6.45 -36.62
C GLN T 53 36.22 5.10 -37.21
N PRO T 54 37.50 4.72 -37.10
CA PRO T 54 37.88 3.32 -37.37
C PRO T 54 37.40 2.43 -36.23
N LYS T 55 36.65 1.38 -36.57
CA LYS T 55 36.11 0.44 -35.57
C LYS T 55 37.20 -0.13 -34.67
N GLY T 56 38.38 -0.39 -35.24
CA GLY T 56 39.49 -1.00 -34.51
C GLY T 56 39.52 -2.52 -34.60
N SER T 57 38.45 -3.12 -35.11
CA SER T 57 38.38 -4.58 -35.29
C SER T 57 37.54 -4.97 -36.51
N SER T 58 37.82 -6.16 -37.04
CA SER T 58 37.17 -6.66 -38.25
C SER T 58 35.75 -7.17 -37.98
N PRO T 59 34.81 -6.92 -38.92
CA PRO T 59 34.92 -6.07 -40.10
C PRO T 59 34.25 -4.71 -39.91
N ASP T 60 34.45 -3.79 -40.84
CA ASP T 60 33.75 -2.50 -40.84
C ASP T 60 32.24 -2.70 -40.99
N GLN T 61 31.47 -2.04 -40.14
CA GLN T 61 30.00 -2.14 -40.17
C GLN T 61 29.35 -0.75 -40.06
N PRO T 62 29.57 0.11 -41.07
CA PRO T 62 29.13 1.50 -41.00
C PRO T 62 27.60 1.71 -40.99
N ILE T 63 27.16 2.73 -40.26
CA ILE T 63 25.74 3.11 -40.20
C ILE T 63 25.39 4.06 -41.35
N LYS T 64 24.11 4.12 -41.69
CA LYS T 64 23.64 4.94 -42.82
C LYS T 64 23.91 6.44 -42.60
N GLU T 65 24.05 6.84 -41.33
CA GLU T 65 24.35 8.22 -40.98
C GLU T 65 25.81 8.61 -41.28
N ASN T 66 26.66 7.62 -41.56
CA ASN T 66 28.07 7.85 -41.88
C ASN T 66 28.42 7.67 -43.37
N LEU T 67 27.41 7.72 -44.24
CA LEU T 67 27.63 7.51 -45.68
C LEU T 67 27.03 8.63 -46.54
N PRO T 68 27.79 9.74 -46.72
CA PRO T 68 27.33 10.78 -47.65
C PRO T 68 26.98 10.20 -49.02
N ALA T 69 25.90 10.69 -49.61
CA ALA T 69 25.38 10.13 -50.86
C ALA T 69 25.15 11.20 -51.93
N TYR T 70 24.96 10.78 -53.18
CA TYR T 70 24.73 11.74 -54.26
C TYR T 70 23.33 12.37 -54.18
N SER T 71 23.27 13.68 -54.43
CA SER T 71 22.01 14.39 -54.60
C SER T 71 21.55 14.21 -56.06
N VAL T 72 20.25 14.02 -56.25
CA VAL T 72 19.69 13.94 -57.62
C VAL T 72 18.23 14.38 -57.70
N ALA T 73 17.88 14.96 -58.85
CA ALA T 73 16.50 15.32 -59.15
C ALA T 73 16.21 15.16 -60.64
N ARG T 74 15.00 14.67 -60.96
CA ARG T 74 14.49 14.66 -62.32
C ARG T 74 13.49 15.80 -62.49
N VAL T 75 13.84 16.80 -63.31
CA VAL T 75 12.92 17.88 -63.58
C VAL T 75 12.11 17.57 -64.85
N SER T 76 10.80 17.81 -64.77
CA SER T 76 9.87 17.61 -65.89
C SER T 76 9.79 18.83 -66.78
N LEU T 77 9.97 18.61 -68.07
CA LEU T 77 10.05 19.68 -69.04
C LEU T 77 8.74 19.81 -69.82
N PRO T 78 8.42 21.03 -70.32
CA PRO T 78 7.21 21.23 -71.10
C PRO T 78 7.07 20.22 -72.24
N MET T 79 5.91 19.57 -72.31
CA MET T 79 5.61 18.56 -73.33
C MET T 79 5.66 19.17 -74.74
N LEU T 80 6.26 18.44 -75.68
CA LEU T 80 6.55 18.99 -77.01
C LEU T 80 5.72 18.37 -78.14
N ASN T 81 5.35 17.10 -77.97
CA ASN T 81 4.61 16.36 -79.01
C ASN T 81 3.35 15.70 -78.45
N THR T 88 10.35 10.67 -85.87
CA THR T 88 10.84 12.05 -85.97
C THR T 88 10.04 12.99 -85.10
N LEU T 89 10.71 13.61 -84.13
CA LEU T 89 10.06 14.64 -83.27
C LEU T 89 11.02 15.67 -82.65
N GLN T 90 10.48 16.49 -81.75
CA GLN T 90 11.24 17.54 -81.08
C GLN T 90 11.68 17.14 -79.67
N MET T 91 12.90 17.51 -79.29
CA MET T 91 13.46 17.24 -77.96
C MET T 91 14.17 18.46 -77.37
N TRP T 92 14.17 18.54 -76.04
CA TRP T 92 14.92 19.57 -75.34
C TRP T 92 16.40 19.19 -75.29
N GLU T 93 17.25 20.16 -75.61
CA GLU T 93 18.68 19.97 -75.64
C GLU T 93 19.27 20.93 -74.62
N ALA T 94 20.06 20.39 -73.69
CA ALA T 94 20.71 21.19 -72.66
C ALA T 94 22.00 21.74 -73.26
N ILE T 95 22.14 23.05 -73.30
CA ILE T 95 23.28 23.67 -74.00
C ILE T 95 24.29 24.36 -73.10
N SER T 96 23.84 24.82 -71.92
CA SER T 96 24.73 25.46 -70.95
C SER T 96 24.16 25.39 -69.53
N VAL T 97 25.01 25.64 -68.54
CA VAL T 97 24.57 25.72 -67.16
C VAL T 97 25.36 26.73 -66.33
N LYS T 98 24.66 27.48 -65.48
CA LYS T 98 25.29 28.24 -64.41
C LYS T 98 25.07 27.48 -63.10
N THR T 99 26.15 27.14 -62.40
CA THR T 99 26.01 26.40 -61.16
C THR T 99 26.92 26.97 -60.09
N GLU T 100 26.58 26.73 -58.84
CA GLU T 100 27.23 27.39 -57.71
C GLU T 100 26.96 26.67 -56.39
N VAL T 101 28.01 26.52 -55.59
CA VAL T 101 27.89 26.00 -54.24
C VAL T 101 27.39 27.15 -53.35
N VAL T 102 26.35 26.89 -52.55
CA VAL T 102 25.71 27.94 -51.75
C VAL T 102 26.05 27.85 -50.26
N GLY T 103 26.22 29.01 -49.61
CA GLY T 103 26.48 29.04 -48.17
C GLY T 103 27.94 28.90 -47.81
N ILE T 104 28.81 29.17 -48.78
CA ILE T 104 30.26 29.06 -48.61
C ILE T 104 30.72 29.92 -47.43
N SER T 105 30.12 31.10 -47.31
CA SER T 105 30.53 32.08 -46.32
C SER T 105 30.26 31.64 -44.87
N SER T 106 29.35 30.68 -44.70
CA SER T 106 29.03 30.16 -43.38
C SER T 106 30.23 29.51 -42.75
N LEU T 107 31.25 29.21 -43.58
CA LEU T 107 32.43 28.48 -43.11
C LEU T 107 33.51 29.37 -42.52
N ILE T 108 33.29 30.67 -42.45
CA ILE T 108 34.18 31.53 -41.65
C ILE T 108 33.91 31.38 -40.13
N ASN T 109 32.87 30.62 -39.76
CA ASN T 109 32.50 30.41 -38.35
C ASN T 109 33.50 29.51 -37.63
N VAL T 110 34.30 30.11 -36.75
CA VAL T 110 35.30 29.36 -35.95
C VAL T 110 34.96 29.36 -34.45
N HIS T 111 33.66 29.34 -34.14
CA HIS T 111 33.18 29.50 -32.77
C HIS T 111 31.91 28.70 -32.53
N TYR T 112 31.77 27.58 -33.22
CA TYR T 112 30.79 26.56 -32.86
C TYR T 112 31.05 26.14 -31.39
N TRP T 113 29.99 26.05 -30.58
CA TRP T 113 30.14 25.86 -29.11
C TRP T 113 30.98 24.65 -28.71
N ASP T 114 30.88 23.55 -29.48
CA ASP T 114 31.65 22.32 -29.20
C ASP T 114 32.85 22.10 -30.16
N MET T 115 33.51 23.17 -30.58
CA MET T 115 34.62 23.07 -31.55
C MET T 115 35.97 22.83 -30.88
N LYS T 116 36.71 21.84 -31.39
CA LYS T 116 38.08 21.61 -30.96
C LYS T 116 38.93 22.84 -31.28
N ARG T 117 39.73 23.27 -30.33
CA ARG T 117 40.58 24.46 -30.52
C ARG T 117 41.84 24.15 -31.32
N VAL T 118 42.38 25.14 -32.03
CA VAL T 118 43.68 24.98 -32.71
C VAL T 118 44.86 24.85 -31.72
N HIS T 119 44.77 25.54 -30.59
CA HIS T 119 45.68 25.41 -29.44
C HIS T 119 44.95 26.00 -28.23
N ASP T 120 45.55 25.95 -27.04
CA ASP T 120 44.92 26.48 -25.83
C ASP T 120 44.55 27.95 -26.03
N TYR T 121 43.31 28.30 -25.67
CA TYR T 121 42.80 29.68 -25.76
C TYR T 121 42.54 30.19 -27.20
N GLY T 122 42.69 29.31 -28.19
CA GLY T 122 42.57 29.70 -29.59
C GLY T 122 41.15 29.65 -30.13
N ALA T 123 41.00 29.92 -31.43
CA ALA T 123 39.71 29.76 -32.11
C ALA T 123 39.49 28.29 -32.45
N GLY T 124 38.32 27.96 -32.95
CA GLY T 124 38.05 26.58 -33.33
C GLY T 124 38.80 26.24 -34.59
N ILE T 125 39.01 24.94 -34.81
CA ILE T 125 39.56 24.47 -36.07
C ILE T 125 38.48 24.67 -37.14
N PRO T 126 38.81 25.37 -38.24
CA PRO T 126 37.80 25.63 -39.28
C PRO T 126 37.42 24.36 -40.00
N VAL T 127 36.22 24.36 -40.59
CA VAL T 127 35.81 23.29 -41.49
C VAL T 127 36.83 23.18 -42.63
N SER T 128 37.30 21.96 -42.87
CA SER T 128 38.52 21.71 -43.65
C SER T 128 38.88 20.22 -43.67
N GLY T 129 39.82 19.85 -44.52
CA GLY T 129 40.14 18.47 -44.75
C GLY T 129 39.60 17.99 -46.08
N VAL T 130 39.11 16.76 -46.09
CA VAL T 130 38.58 16.10 -47.27
C VAL T 130 37.49 16.92 -47.96
N ASN T 131 37.68 17.19 -49.25
CA ASN T 131 36.63 17.76 -50.08
C ASN T 131 36.29 16.82 -51.24
N TYR T 132 35.06 16.90 -51.73
CA TYR T 132 34.66 16.19 -52.93
C TYR T 132 33.60 17.03 -53.64
N HIS T 133 33.84 17.32 -54.91
CA HIS T 133 32.89 18.13 -55.65
C HIS T 133 32.62 17.51 -57.01
N MET T 134 31.34 17.41 -57.34
CA MET T 134 30.92 16.88 -58.63
C MET T 134 29.54 17.37 -58.99
N PHE T 135 29.31 17.63 -60.26
CA PHE T 135 27.94 17.86 -60.74
C PHE T 135 27.77 17.28 -62.13
N ALA T 136 26.53 16.98 -62.49
CA ALA T 136 26.22 16.34 -63.76
C ALA T 136 24.86 16.78 -64.31
N ILE T 137 24.80 16.98 -65.63
CA ILE T 137 23.60 17.37 -66.37
C ILE T 137 23.40 16.37 -67.49
N GLY T 138 22.21 15.80 -67.57
CA GLY T 138 21.93 14.73 -68.52
C GLY T 138 20.47 14.61 -68.90
N GLY T 139 20.21 13.91 -70.00
CA GLY T 139 18.85 13.67 -70.48
C GLY T 139 18.33 12.34 -69.97
N GLU T 140 19.21 11.61 -69.28
CA GLU T 140 18.87 10.33 -68.65
C GLU T 140 19.63 10.24 -67.31
N PRO T 141 19.26 9.27 -66.45
CA PRO T 141 19.98 9.09 -65.18
C PRO T 141 21.49 8.94 -65.41
N LEU T 142 22.28 9.33 -64.41
CA LEU T 142 23.73 9.19 -64.50
C LEU T 142 24.10 7.72 -64.30
N ASP T 143 25.10 7.26 -65.05
CA ASP T 143 25.58 5.89 -64.97
C ASP T 143 26.72 5.81 -63.97
N LEU T 144 26.68 4.80 -63.10
CA LEU T 144 27.66 4.66 -62.02
C LEU T 144 28.46 3.36 -62.06
N GLN T 145 29.69 3.43 -61.56
CA GLN T 145 30.58 2.30 -61.43
C GLN T 145 30.87 2.09 -59.94
N GLY T 146 30.73 0.85 -59.47
CA GLY T 146 31.05 0.49 -58.09
C GLY T 146 32.52 0.15 -57.88
N LEU T 147 33.16 0.82 -56.91
CA LEU T 147 34.53 0.50 -56.50
C LEU T 147 34.75 0.99 -55.06
N VAL T 148 35.17 0.07 -54.18
CA VAL T 148 35.35 0.35 -52.74
C VAL T 148 36.78 0.17 -52.22
N LEU T 149 37.13 0.91 -51.17
CA LEU T 149 38.46 0.81 -50.55
C LEU T 149 38.71 -0.59 -49.99
N ASP T 150 37.70 -1.13 -49.31
CA ASP T 150 37.79 -2.47 -48.69
C ASP T 150 36.52 -3.27 -48.98
N TYR T 151 36.69 -4.41 -49.64
CA TYR T 151 35.56 -5.24 -50.08
C TYR T 151 34.88 -5.99 -48.93
N GLN T 152 35.55 -6.04 -47.78
CA GLN T 152 35.05 -6.74 -46.60
C GLN T 152 34.02 -5.93 -45.80
N THR T 153 33.97 -4.62 -46.06
CA THR T 153 33.02 -3.72 -45.41
C THR T 153 31.57 -4.22 -45.56
N GLN T 154 30.89 -4.35 -44.43
CA GLN T 154 29.49 -4.78 -44.41
C GLN T 154 28.56 -3.56 -44.38
N TYR T 155 28.07 -3.20 -45.57
CA TYR T 155 27.21 -2.03 -45.74
C TYR T 155 25.78 -2.34 -45.30
N PRO T 156 25.03 -1.32 -44.81
CA PRO T 156 23.65 -1.55 -44.34
C PRO T 156 22.77 -2.13 -45.43
N LYS T 157 21.88 -3.04 -45.06
CA LYS T 157 20.98 -3.68 -46.01
C LYS T 157 19.66 -2.91 -46.09
N THR T 158 18.94 -3.08 -47.21
CA THR T 158 17.60 -2.48 -47.36
C THR T 158 16.53 -3.39 -46.75
N GLY T 162 17.52 0.87 -46.67
CA GLY T 162 18.68 1.74 -46.48
C GLY T 162 19.34 2.17 -47.79
N PRO T 163 20.68 2.23 -47.82
CA PRO T 163 21.40 2.64 -49.05
C PRO T 163 21.64 1.50 -50.04
N ILE T 164 21.82 1.86 -51.31
CA ILE T 164 22.08 0.89 -52.38
C ILE T 164 23.58 0.76 -52.62
N THR T 165 24.09 -0.46 -52.54
CA THR T 165 25.52 -0.70 -52.78
C THR T 165 25.73 -1.86 -53.76
N ILE T 166 26.98 -2.25 -53.95
CA ILE T 166 27.33 -3.31 -54.89
C ILE T 166 26.58 -4.61 -54.57
N GLU T 167 26.63 -5.03 -53.31
CA GLU T 167 25.90 -6.20 -52.84
C GLU T 167 24.41 -6.18 -53.23
N THR T 168 23.79 -5.00 -53.16
CA THR T 168 22.39 -4.82 -53.56
C THR T 168 22.18 -5.07 -55.05
N VAL T 169 23.14 -4.66 -55.88
CA VAL T 169 23.00 -4.88 -57.33
C VAL T 169 23.44 -6.27 -57.79
N LEU T 170 24.40 -6.86 -57.08
CA LEU T 170 24.89 -8.20 -57.43
C LEU T 170 23.94 -9.30 -56.93
N GLY T 171 23.53 -9.22 -55.67
CA GLY T 171 22.75 -10.28 -55.03
C GLY T 171 23.64 -11.30 -54.37
N ARG T 172 24.84 -10.84 -53.98
CA ARG T 172 25.82 -11.64 -53.24
C ARG T 172 26.84 -10.71 -52.61
N LYS T 173 27.68 -11.27 -51.74
CA LYS T 173 28.76 -10.52 -51.12
C LYS T 173 29.84 -10.12 -52.13
N MET T 174 30.44 -8.95 -51.90
CA MET T 174 31.57 -8.46 -52.68
C MET T 174 32.76 -9.40 -52.53
N THR T 175 33.48 -9.56 -53.64
CA THR T 175 34.73 -10.32 -53.67
C THR T 175 35.86 -9.31 -53.84
N PRO T 176 37.13 -9.76 -53.78
CA PRO T 176 38.27 -8.84 -53.86
C PRO T 176 38.38 -8.01 -55.13
N LYS T 177 37.80 -8.47 -56.24
CA LYS T 177 37.88 -7.72 -57.51
C LYS T 177 37.22 -6.35 -57.38
N ASN T 178 36.25 -6.25 -56.49
CA ASN T 178 35.53 -4.99 -56.22
C ASN T 178 36.40 -3.88 -55.61
N GLN T 179 37.67 -4.18 -55.36
CA GLN T 179 38.63 -3.18 -54.94
C GLN T 179 39.35 -2.57 -56.15
N GLY T 180 39.08 -3.18 -57.31
CA GLY T 180 39.41 -2.62 -58.62
C GLY T 180 38.14 -2.47 -59.45
N LEU T 181 38.28 -2.45 -60.77
CA LEU T 181 37.12 -2.30 -61.65
C LEU T 181 36.51 -3.66 -61.99
N ASP T 182 35.29 -3.87 -61.50
CA ASP T 182 34.47 -5.04 -61.83
C ASP T 182 33.34 -4.59 -62.75
N PRO T 183 33.36 -5.04 -64.03
CA PRO T 183 32.41 -4.58 -65.05
C PRO T 183 30.95 -4.88 -64.75
N GLN T 184 30.68 -5.73 -63.78
CA GLN T 184 29.29 -6.05 -63.44
C GLN T 184 28.74 -5.17 -62.33
N ALA T 185 29.64 -4.49 -61.61
CA ALA T 185 29.25 -3.55 -60.57
C ALA T 185 28.81 -2.21 -61.18
N LYS T 186 27.55 -2.16 -61.61
CA LYS T 186 27.03 -0.99 -62.31
C LYS T 186 25.62 -0.65 -61.88
N ALA T 187 25.32 0.64 -61.85
CA ALA T 187 24.03 1.15 -61.38
C ALA T 187 23.66 2.48 -62.03
N LYS T 188 22.42 2.90 -61.80
CA LYS T 188 21.87 4.11 -62.37
C LYS T 188 21.38 5.06 -61.28
N LEU T 189 22.03 6.20 -61.16
CA LEU T 189 21.67 7.20 -60.14
C LEU T 189 20.25 7.74 -60.35
N ASP T 190 19.27 7.10 -59.72
CA ASP T 190 17.86 7.44 -59.89
C ASP T 190 17.11 7.75 -58.59
N LYS T 191 17.82 7.75 -57.46
CA LYS T 191 17.23 8.12 -56.17
C LYS T 191 18.13 9.02 -55.30
N ASP T 192 17.52 10.04 -54.70
CA ASP T 192 18.21 11.04 -53.86
C ASP T 192 18.67 10.44 -52.53
N GLY T 193 19.93 10.71 -52.17
CA GLY T 193 20.53 10.21 -50.92
C GLY T 193 20.46 8.71 -50.64
N ASN T 194 20.64 7.89 -51.68
CA ASN T 194 20.64 6.41 -51.53
C ASN T 194 21.85 5.72 -52.16
N TYR T 195 22.68 6.48 -52.87
CA TYR T 195 23.91 5.96 -53.46
C TYR T 195 25.12 6.62 -52.79
N PRO T 196 25.82 5.87 -51.92
CA PRO T 196 26.96 6.43 -51.18
C PRO T 196 28.17 6.75 -52.08
N ILE T 197 28.74 7.94 -51.87
CA ILE T 197 29.87 8.43 -52.62
C ILE T 197 31.10 7.51 -52.55
N GLU T 198 31.40 6.99 -51.37
CA GLU T 198 32.56 6.11 -51.17
C GLU T 198 32.45 4.75 -51.88
N VAL T 199 31.27 4.44 -52.42
CA VAL T 199 31.07 3.18 -53.13
C VAL T 199 30.97 3.38 -54.66
N TRP T 200 30.36 4.50 -55.09
CA TRP T 200 30.02 4.70 -56.50
C TRP T 200 30.64 5.96 -57.10
N CYS T 201 31.20 5.80 -58.30
CA CYS T 201 31.71 6.93 -59.09
C CYS T 201 31.04 6.98 -60.47
N PRO T 202 31.16 8.12 -61.18
CA PRO T 202 30.59 8.19 -62.54
C PRO T 202 31.26 7.16 -63.45
N ASP T 203 30.46 6.50 -64.30
CA ASP T 203 31.01 5.51 -65.24
C ASP T 203 31.46 6.18 -66.55
N PRO T 204 32.78 6.23 -66.79
CA PRO T 204 33.31 6.81 -68.01
C PRO T 204 33.07 5.97 -69.27
N SER T 205 32.75 4.68 -69.09
CA SER T 205 32.50 3.80 -70.22
C SER T 205 31.09 3.95 -70.80
N LYS T 206 30.27 4.76 -70.13
CA LYS T 206 28.92 5.10 -70.62
C LYS T 206 28.71 6.61 -70.59
N ASN T 207 27.52 7.05 -70.16
CA ASN T 207 27.20 8.49 -70.03
C ASN T 207 27.45 9.33 -71.28
N GLU T 208 27.13 8.78 -72.45
CA GLU T 208 27.27 9.49 -73.73
C GLU T 208 26.31 10.68 -73.82
N ASN T 209 25.19 10.56 -73.10
CA ASN T 209 24.12 11.57 -73.05
C ASN T 209 24.14 12.41 -71.75
N SER T 210 25.29 12.44 -71.07
CA SER T 210 25.51 13.26 -69.86
C SER T 210 26.86 13.95 -69.89
N ARG T 211 26.95 15.07 -69.18
CA ARG T 211 28.19 15.80 -68.95
C ARG T 211 28.44 15.84 -67.46
N TYR T 212 29.60 15.36 -67.01
CA TYR T 212 29.95 15.39 -65.59
C TYR T 212 31.33 15.99 -65.32
N TYR T 213 31.45 16.68 -64.19
CA TYR T 213 32.69 17.37 -63.79
C TYR T 213 32.91 17.18 -62.29
N GLY T 214 34.11 16.72 -61.90
CA GLY T 214 34.41 16.47 -60.50
C GLY T 214 35.87 16.53 -60.08
N SER T 215 36.09 16.53 -58.77
CA SER T 215 37.44 16.56 -58.19
C SER T 215 37.43 16.15 -56.73
N ILE T 216 38.59 15.74 -56.23
CA ILE T 216 38.74 15.34 -54.83
C ILE T 216 39.97 16.01 -54.26
N GLN T 217 39.99 16.14 -52.93
CA GLN T 217 41.15 16.62 -52.20
C GLN T 217 41.18 15.86 -50.89
N THR T 218 42.30 15.20 -50.58
CA THR T 218 42.41 14.47 -49.29
C THR T 218 43.24 15.26 -48.27
N GLY T 219 43.66 14.60 -47.19
CA GLY T 219 44.25 15.31 -46.04
C GLY T 219 43.22 15.53 -44.93
N SER T 220 43.70 15.70 -43.70
CA SER T 220 42.78 15.89 -42.57
C SER T 220 42.42 17.36 -42.32
N GLN T 221 43.40 18.26 -42.46
CA GLN T 221 43.17 19.68 -42.19
C GLN T 221 43.48 20.54 -43.41
N THR T 222 43.45 19.92 -44.59
CA THR T 222 43.71 20.62 -45.86
C THR T 222 42.69 21.77 -46.03
N PRO T 223 43.19 22.98 -46.34
CA PRO T 223 42.35 24.17 -46.54
C PRO T 223 41.25 23.94 -47.58
N THR T 224 40.03 24.33 -47.23
CA THR T 224 38.93 24.37 -48.17
C THR T 224 39.03 25.68 -48.94
N VAL T 225 39.15 25.53 -50.26
CA VAL T 225 39.32 26.63 -51.20
C VAL T 225 38.19 26.50 -52.23
N LEU T 226 37.25 27.44 -52.19
CA LEU T 226 36.14 27.47 -53.16
C LEU T 226 35.93 28.89 -53.69
N GLN T 227 35.45 28.97 -54.92
CA GLN T 227 35.08 30.25 -55.52
C GLN T 227 33.57 30.27 -55.79
N PHE T 228 33.04 31.48 -55.97
CA PHE T 228 31.64 31.70 -56.36
C PHE T 228 31.56 33.01 -57.14
N SER T 229 30.77 32.99 -58.22
CA SER T 229 30.52 34.15 -59.08
C SER T 229 29.24 33.92 -59.87
N ASN T 230 28.47 34.97 -60.15
CA ASN T 230 27.29 34.84 -61.03
C ASN T 230 27.58 35.07 -62.52
N THR T 231 28.86 35.12 -62.88
CA THR T 231 29.30 35.36 -64.26
C THR T 231 29.87 34.09 -64.95
N LEU T 232 29.80 32.95 -64.28
CA LEU T 232 30.48 31.75 -64.76
C LEU T 232 29.53 30.72 -65.35
N THR T 233 29.77 30.42 -66.63
CA THR T 233 28.93 29.51 -67.42
C THR T 233 29.74 28.30 -67.91
N THR T 234 29.15 27.11 -67.83
CA THR T 234 29.71 25.92 -68.44
C THR T 234 28.92 25.56 -69.70
N VAL T 235 29.62 25.49 -70.85
CA VAL T 235 29.02 25.01 -72.10
C VAL T 235 28.89 23.47 -72.09
N LEU T 236 27.72 22.97 -72.47
CA LEU T 236 27.41 21.53 -72.37
C LEU T 236 27.48 20.75 -73.70
N LEU T 237 27.71 21.46 -74.80
CA LEU T 237 27.79 20.86 -76.14
C LEU T 237 29.03 19.98 -76.30
N ASP T 238 28.86 18.77 -76.84
CA ASP T 238 30.01 17.94 -77.18
C ASP T 238 30.76 18.50 -78.40
N GLU T 239 31.78 17.79 -78.88
CA GLU T 239 32.64 18.28 -79.95
C GLU T 239 31.95 18.30 -81.33
N ASN T 240 30.70 17.83 -81.38
CA ASN T 240 29.88 17.89 -82.60
C ASN T 240 28.82 19.00 -82.57
N GLY T 241 28.71 19.70 -81.44
CA GLY T 241 27.71 20.76 -81.30
C GLY T 241 26.40 20.29 -80.67
N VAL T 242 26.42 19.11 -80.05
CA VAL T 242 25.21 18.56 -79.44
C VAL T 242 25.34 18.47 -77.92
N GLY T 243 24.30 18.92 -77.23
CA GLY T 243 24.22 18.77 -75.78
C GLY T 243 23.36 17.58 -75.42
N PRO T 244 23.25 17.26 -74.11
CA PRO T 244 22.43 16.14 -73.69
C PRO T 244 20.98 16.30 -74.18
N LEU T 245 20.38 15.19 -74.59
CA LEU T 245 19.03 15.21 -75.16
C LEU T 245 18.02 14.55 -74.23
N CYS T 246 17.01 15.33 -73.85
CA CYS T 246 16.07 14.92 -72.80
C CYS T 246 14.98 13.99 -73.31
N LYS T 247 15.25 12.69 -73.22
CA LYS T 247 14.31 11.63 -73.58
C LYS T 247 13.18 11.56 -72.55
N GLY T 248 11.95 11.54 -73.03
CA GLY T 248 10.79 11.50 -72.14
C GLY T 248 10.54 12.80 -71.40
N ASP T 249 11.13 13.89 -71.88
CA ASP T 249 10.94 15.25 -71.34
C ASP T 249 11.44 15.42 -69.90
N GLY T 250 12.48 14.66 -69.54
CA GLY T 250 13.06 14.72 -68.20
C GLY T 250 14.53 15.09 -68.19
N LEU T 251 14.87 16.11 -67.41
CA LEU T 251 16.25 16.56 -67.22
C LEU T 251 16.79 16.07 -65.89
N PHE T 252 17.91 15.35 -65.92
CA PHE T 252 18.47 14.75 -64.71
C PHE T 252 19.66 15.54 -64.17
N ILE T 253 19.55 15.97 -62.91
CA ILE T 253 20.59 16.80 -62.29
C ILE T 253 21.15 16.15 -61.03
N SER T 254 22.48 16.06 -60.96
CA SER T 254 23.19 15.36 -59.88
C SER T 254 24.38 16.16 -59.34
N CYS T 255 24.62 16.07 -58.04
CA CYS T 255 25.81 16.68 -57.42
C CYS T 255 26.25 16.03 -56.10
N ALA T 256 27.37 16.52 -55.57
CA ALA T 256 27.93 16.16 -54.27
C ALA T 256 28.86 17.29 -53.90
N ASP T 257 28.77 17.78 -52.68
CA ASP T 257 29.68 18.84 -52.23
C ASP T 257 30.08 18.68 -50.77
N ILE T 258 31.09 17.85 -50.53
CA ILE T 258 31.65 17.66 -49.21
C ILE T 258 32.66 18.78 -48.99
N VAL T 259 32.56 19.51 -47.88
CA VAL T 259 33.43 20.70 -47.67
C VAL T 259 34.46 20.54 -46.53
N GLY T 260 34.49 19.36 -45.92
CA GLY T 260 35.48 19.09 -44.88
C GLY T 260 34.87 18.63 -43.57
N PHE T 261 35.72 18.59 -42.54
CA PHE T 261 35.36 18.09 -41.21
C PHE T 261 34.96 19.18 -40.24
N LEU T 262 33.93 18.88 -39.45
CA LEU T 262 33.66 19.59 -38.19
C LEU T 262 34.41 18.86 -37.08
N PHE T 263 35.35 19.57 -36.46
CA PHE T 263 36.20 19.01 -35.40
C PHE T 263 35.60 19.34 -34.04
N LYS T 264 35.14 18.30 -33.34
CA LYS T 264 34.54 18.47 -32.00
C LYS T 264 35.57 18.39 -30.86
N THR T 265 35.21 18.97 -29.71
CA THR T 265 36.08 19.04 -28.53
C THR T 265 36.68 17.70 -28.08
N SER T 266 35.87 16.64 -28.11
CA SER T 266 36.31 15.32 -27.67
C SER T 266 37.35 14.65 -28.56
N GLY T 267 37.50 15.13 -29.79
CA GLY T 267 38.34 14.47 -30.80
C GLY T 267 37.52 13.91 -31.95
N LYS T 268 36.22 13.71 -31.69
CA LYS T 268 35.30 13.22 -32.73
C LYS T 268 35.29 14.15 -33.94
N MET T 269 35.02 13.59 -35.12
CA MET T 269 35.02 14.33 -36.38
C MET T 269 33.86 13.90 -37.25
N ALA T 270 33.18 14.88 -37.83
CA ALA T 270 32.05 14.60 -38.72
C ALA T 270 32.20 15.37 -40.01
N LEU T 271 31.79 14.75 -41.12
CA LEU T 271 31.86 15.41 -42.42
C LEU T 271 30.61 16.26 -42.69
N HIS T 272 30.80 17.37 -43.41
CA HIS T 272 29.77 18.37 -43.65
C HIS T 272 29.60 18.60 -45.15
N GLY T 273 28.38 18.92 -45.59
CA GLY T 273 28.13 19.26 -46.99
C GLY T 273 27.39 20.58 -47.16
N LEU T 274 27.57 21.21 -48.32
CA LEU T 274 26.82 22.41 -48.69
C LEU T 274 25.87 22.11 -49.87
N PRO T 275 24.82 22.95 -50.07
CA PRO T 275 23.92 22.79 -51.22
C PRO T 275 24.45 23.43 -52.52
N ARG T 276 23.83 23.06 -53.64
CA ARG T 276 24.21 23.54 -54.98
C ARG T 276 23.00 24.09 -55.77
N TYR T 277 23.22 25.21 -56.46
CA TYR T 277 22.20 25.86 -57.28
C TYR T 277 22.47 25.64 -58.77
N PHE T 278 21.40 25.55 -59.56
CA PHE T 278 21.50 25.35 -61.02
C PHE T 278 20.60 26.28 -61.83
N ASN T 279 21.14 26.79 -62.91
CA ASN T 279 20.34 27.43 -63.94
C ASN T 279 20.77 26.86 -65.29
N VAL T 280 19.89 26.03 -65.88
CA VAL T 280 20.21 25.35 -67.13
C VAL T 280 19.44 25.95 -68.31
N THR T 281 20.17 26.27 -69.39
CA THR T 281 19.57 26.76 -70.63
C THR T 281 19.36 25.61 -71.62
N LEU T 282 18.13 25.46 -72.08
CA LEU T 282 17.75 24.40 -73.02
C LEU T 282 17.10 24.98 -74.28
N ARG T 283 17.35 24.31 -75.41
CA ARG T 283 16.69 24.68 -76.67
C ARG T 283 15.98 23.47 -77.28
N LYS T 284 15.18 23.73 -78.32
CA LYS T 284 14.42 22.67 -79.01
C LYS T 284 15.18 22.15 -80.21
N ARG T 285 15.23 20.83 -80.35
CA ARG T 285 16.03 20.18 -81.39
C ARG T 285 15.21 19.11 -82.11
N TRP T 286 15.31 19.07 -83.44
CA TRP T 286 14.66 18.01 -84.23
C TRP T 286 15.49 16.73 -84.16
N VAL T 287 14.83 15.60 -83.90
CA VAL T 287 15.48 14.29 -83.95
C VAL T 287 14.65 13.31 -84.75
N LYS T 288 15.32 12.32 -85.36
CA LYS T 288 14.64 11.25 -86.06
C LYS T 288 14.43 10.05 -85.13
#